data_3WU2
#
_entry.id   3WU2
#
_cell.length_a   122.190
_cell.length_b   228.510
_cell.length_c   286.400
_cell.angle_alpha   90.000
_cell.angle_beta   90.000
_cell.angle_gamma   90.000
#
_symmetry.space_group_name_H-M   'P 21 21 21'
#
loop_
_entity.id
_entity.type
_entity.pdbx_description
1 polymer 'Photosystem Q(B) protein'
2 polymer 'Photosystem II CP47 chlorophyll apoprotein'
3 polymer 'Photosystem II 44 kDa reaction center protein'
4 polymer 'Photosystem II D2 protein'
5 polymer 'Cytochrome b559 subunit alpha'
6 polymer 'Cytochrome b559 subunit beta'
7 polymer 'Photosystem II reaction center protein H'
8 polymer 'Photosystem II reaction center protein I'
9 polymer 'Photosystem II reaction center protein J'
10 polymer 'Photosystem II reaction center protein K'
11 polymer 'Photosystem II reaction center protein L'
12 polymer 'Photosystem II reaction center protein M'
13 polymer 'Photosystem II manganese-stabilizing polypeptide'
14 polymer 'Photosystem II reaction center protein T'
15 polymer 'Photosystem II 12 kDa extrinsic protein'
16 polymer 'Cytochrome c-550'
17 polymer 'Photosystem II reaction center protein Ycf12'
18 polymer 'Photosystem II reaction center protein X'
19 polymer 'Photosystem II reaction center protein Z'
20 non-polymer 'CA-MN4-O5 CLUSTER'
21 non-polymer 'FE (II) ION'
22 non-polymer 'CHLORIDE ION'
23 non-polymer 'CHLOROPHYLL A'
24 non-polymer 'PHEOPHYTIN A'
25 non-polymer BETA-CAROTENE
26 non-polymer 1,2-DI-O-ACYL-3-O-[6-DEOXY-6-SULFO-ALPHA-D-GLUCOPYRANOSYL]-SN-GLYCEROL
27 non-polymer 1,2-DISTEAROYL-MONOGALACTOSYL-DIGLYCERIDE
28 non-polymer 2,3-DIMETHYL-5-(3,7,11,15,19,23,27,31,35-NONAMETHYL-2,6,10,14,18,22,26,30,34-HEXATRIACONTANONAENYL-2,5-CYCLOHEXADIENE-1,4-DIONE-2,3-DIMETHYL-5-SOLANESYL-1,4-BENZOQUINONE
29 non-polymer 'UNKNOWN LIGAND'
30 non-polymer DODECYL-BETA-D-MALTOSIDE
31 non-polymer GLYCEROL
32 non-polymer 'CALCIUM ION'
33 non-polymer 'heptyl 1-thio-beta-D-glucopyranoside'
34 non-polymer 'DIGALACTOSYL DIACYL GLYCEROL (DGDG)'
35 non-polymer 'BICARBONATE ION'
36 non-polymer 1,2-DIPALMITOYL-PHOSPHATIDYL-GLYCEROLE
37 non-polymer 'PROTOPORPHYRIN IX CONTAINING FE'
38 non-polymer (3R)-beta,beta-caroten-3-ol
39 non-polymer 'MAGNESIUM ION'
40 non-polymer 'SULFATE ION'
41 water water
#
loop_
_entity_poly.entity_id
_entity_poly.type
_entity_poly.pdbx_seq_one_letter_code
_entity_poly.pdbx_strand_id
1 'polypeptide(L)'
;MTTTLQRRESANLWERFCNWVTSTDNRLYVGWFGVIMIPTLLAATICFVIAFIAAPPVDIDGIREPVSGSLLYGNNIITG
AVVPSSNAIGLHFYPIWEAASLDEWLYNGGPYQLIIFHFLLGASCYMGRQWELSYRLGMRPWICVAYSAPLASAFAVFLI
YPIGQGSFSDGMPLGISGTFNFMIVFQAEHNILMHPFHQLGVAGVFGGALFCAMHGSLVTSSLIRETTETESANYGYKFG
QEEETYNIVAAHGYFGRLIFQYASFNNSRSLHFFLAAWPVVGVWFAALGISTMAFNLNGFNFNHSVIDAKGNVINTWADI
INRANLGMEVMHERNAHNFPLDLA
;
A,a
2 'polypeptide(L)'
;GLPWYRVHTVLINDPGRLIAAHLMHTALVAGWAGSMALYELATFDPSDPVLNPMWRQGMFVLPFMARLGVTGSWSGWSIT
GETGIDPGFWSFEGVALAHIVLSGLLFLAACWHWVYWDLELFRDPRTGEPALDLPKMFGIHLFLAGLLCFGFGAFHLTGL
FGPGMWVSDPYGLTGSVQPVAPEWGPDGFNPYNPGGVVAHHIAAGIVGIIAGLFHILVRPPQRLYKALRMGNIETVLSSS
IAAVFFAAFVVAGTMWYGSATTPIELFGPTRYQWDSSYFQQEINRRVQASLASGATLEEAWSAIPEKLAFYDYIGNNPAK
GGLFRTGPMNKGDGIAQAWKGHAVFRNKEGEELFVRRMPAFFESFPVILTDKNGVVKADIPFRRAESKYSFEQQGVTVSF
YGGELNGQTFTDPPTVKSYARKAIFGEIFEFDTETLNSDGIFRTSPRGWFTFAHAVFALLFFFGHIWHGARTLFRDVFSG
IDPELSPEQVEWGFYQKVGDVTTR
;
B,b
3 'polypeptide(L)'
;NSIFATNRDQESSGFAWWAGNARLINLSGKLLGAHVAHAGLIVFWAGAMTLFELAHFIPEKPMYEQGLILIPHIATLGWG
VGPGGEVVDTFPFFVVGVVHLISSAVLGFGGVYHAIRGPETLEEYSSFFGYDWKDKNKMTTILGFHLIVLGIGALLLVAK
AMFFGGLYDTWAPGGGDVRVITNPTLDPRVIFGYLLKSPFGGEGWIVSVNNLEDVVGGHIWIGLICIAGGIWHILTTPFG
WARRAFIWSGEAYLSYSLGALSMMGFIATCFVWFNNTVYPSEFYGPTGPEASQAQAMTFLIRDQKLGANVGSAQGPTGLG
KYLMRSPTGEIIFGGETMRFWDFRGPWLEPLRGPNGLDLNKIKNDIQPWQERRAAEYMTHAPLGSLNSVGGVATEINSVN
FVSPRSWLATSHFVLAFFFLVGHLWHAGRARAAAAGFEKGIDRESEPVLSMPSLD
;
C,c
4 'polypeptide(L)'
;ERGWFDILDDWLKRDRFVFVGWSGILLFPCAYLALGGWLTGTTFVTSWYTHGLASSYLEGCNFLTVAVSTPANSMGHSLL
LLWGPEAQGDFTRWCQLGGLWTFIALHGAFGLIGFMLRQFEIARLVGVRPYNAIAFSAPIAVFVSVFLIYPLGQSSWFFA
PSFGVAAIFRFLLFFQGFHNWTLNPFHMMGVAGVLGGALLCAIHGATVENTLFQDGEGASTFRAFNPTQAEETYSMVTAN
RFWSQIFGIAFSNKRWLHFFMLFVPVTGLWMSAIGVVGLALNLRSYDFISQEIRAAEDPEFETFYTKNLLLNEGIRAWMA
PQDQP(HSK)ENFVFPEEVLPRGNAL
;
D,d
5 'polypeptide(L)'
;AGTTGERPFSDIITSVRYWVIHSITIPALFIAGWLFVSTGLAYDVFGTPRPDSYYAQEQRSIPLVTDRFEAKQQVETFLE
QLK
;
E,e
6 'polypeptide(L)' TSNTPNQEPVSYPIFTVRWVAVHTLAVPTIFFLGAIAAMQFIQR F,f
7 'polypeptide(L)' ARRTWLGDILRPLNSEYGKVAPGWGTTPLMAVFMGLFLVFLLIILEIYNSTLILDGVNVSWKA H,h
8 'polypeptide(L)' (FME)ETLKITVYIVVTFFVLLFVFGFLSGDPARNPKRKDLE I,i
9 'polypeptide(L)' MMSEGGRIPLWIVATVAGMGVIVIVGLFFYGAYAGLGSSL J,j
10 'polypeptide(L)' KLPEAYAIFDPLVDVLPVIPVLFLALAFVWQAAVGFR K,k
11 'polypeptide(L)' MEPNPNRQPVELNRTSLYLGLLLILVLALLFSSYFFN L,l
12 'polypeptide(L)' (FME)EVNQLGLIATALFVLVPSVFLIILYVQTESQQKSS M,m
13 'polypeptide(L)'
;QTLTYDDIVGTGLANKCPTLDDTARGAYPIDSSQTYRIARLCLQPTTFLVKEEPKNKRQEAEFVPTKLVTRETTSLDQIQ
GELKVNSDGSLTFVEEDGIDFQPVTVQMAGGERIPLLFTVKNLVASTQPNVTSITTSTDFKGEFNVPSYRTANFLDPKGR
GLASGYDSAIALPQAKEEELARANVKRFSLTKGQISLNVAKVDGRTGEIAGTFESEQLSDDDMGAHEPHEVKIQGVFYAS
IEPA
;
O,o
14 'polypeptide(L)' (FME)ETITYVFIFACIIALFFFAIFFREPPRITKK T,t
15 'polypeptide(L)'
;ATASTEEELVNVVDEKLGTAYGEKIDLNNTNIAAFIQYRGLYPTLAKLIVKNAPYESVEDVLNIPGLTERQKQILRENLE
HFTVTEVETALVEGGDRYNNGLYK
;
U,u
16 'polypeptide(L)'
;AELTPEVLTVPLNSEGKTITLTEKQYLEGKRLFQYACASCHVGGITKTNPSLDLRTETLALATPPRDNIEGLVDYMKNPT
TYDGEQEIAEVHPSLRSADIFPKMRNLTEKDLVAIAGHILVEPKILGDKWGGGKVYY
;
V,v
17 'polypeptide(L)' EVIAQLTMIAMIGIAGPMIIFLLAVRRGNL Y,y
18 'polypeptide(L)' TITPSLKGFFIGLLSGAVVLGLTFAVLIAISQIDKVQRSL X,x
19 'polypeptide(L)' MTILFQLALAALVILSFVMVIGVPVAYASPQDWDRSKQLIFLGSGLWIALVLVVGVLNFFVV Z,z
#
loop_
_chem_comp.id
_chem_comp.type
_chem_comp.name
_chem_comp.formula
BCR non-polymer BETA-CAROTENE 'C40 H56'
BCT non-polymer 'BICARBONATE ION' 'C H O3 -1'
CA non-polymer 'CALCIUM ION' 'Ca 2'
CL non-polymer 'CHLORIDE ION' 'Cl -1'
CLA non-polymer 'CHLOROPHYLL A' 'C55 H72 Mg N4 O5'
DGD saccharide 'DIGALACTOSYL DIACYL GLYCEROL (DGDG)' 'C51 H96 O15'
FE2 non-polymer 'FE (II) ION' 'Fe 2'
GOL non-polymer GLYCEROL 'C3 H8 O3'
HEM non-polymer 'PROTOPORPHYRIN IX CONTAINING FE' 'C34 H32 Fe N4 O4'
HTG D-saccharide 'heptyl 1-thio-beta-D-glucopyranoside' 'C13 H26 O5 S'
LHG non-polymer 1,2-DIPALMITOYL-PHOSPHATIDYL-GLYCEROLE 'C38 H75 O10 P'
LMG non-polymer 1,2-DISTEAROYL-MONOGALACTOSYL-DIGLYCERIDE 'C45 H86 O10'
LMT D-saccharide DODECYL-BETA-D-MALTOSIDE 'C24 H46 O11'
MG non-polymer 'MAGNESIUM ION' 'Mg 2'
OEX non-polymer 'CA-MN4-O5 CLUSTER' 'Ca Mn4 O5'
PHO non-polymer 'PHEOPHYTIN A' 'C55 H74 N4 O5'
PL9 non-polymer 2,3-DIMETHYL-5-(3,7,11,15,19,23,27,31,35-NONAMETHYL-2,6,10,14,18,22,26,30,34-HEXATRIACONTANONAENYL-2,5-CYCLOHEXADIENE-1,4-DIONE-2,3-DIMETHYL-5-SOLANESYL-1,4-BENZOQUINONE 'C53 H80 O2'
RRX non-polymer (3R)-beta,beta-caroten-3-ol 'C40 H56 O'
SO4 non-polymer 'SULFATE ION' 'O4 S -2'
SQD non-polymer 1,2-DI-O-ACYL-3-O-[6-DEOXY-6-SULFO-ALPHA-D-GLUCOPYRANOSYL]-SN-GLYCEROL 'C41 H78 O12 S'
UNL non-polymer 'UNKNOWN LIGAND' ?
#
# COMPACT_ATOMS: atom_id res chain seq x y z
N ALA A 11 13.41 1.98 61.50
CA ALA A 11 14.34 0.99 60.92
C ALA A 11 15.59 1.63 60.25
N ASN A 12 16.72 0.91 60.23
CA ASN A 12 17.85 1.36 59.40
C ASN A 12 17.60 1.15 57.89
N LEU A 13 18.48 1.68 57.07
CA LEU A 13 18.39 1.58 55.64
C LEU A 13 18.21 0.13 55.10
N TRP A 14 19.03 -0.80 55.59
CA TRP A 14 18.98 -2.19 55.16
C TRP A 14 17.66 -2.81 55.48
N GLU A 15 17.24 -2.60 56.71
CA GLU A 15 15.97 -3.10 57.17
C GLU A 15 14.80 -2.61 56.32
N ARG A 16 14.86 -1.33 55.96
CA ARG A 16 13.78 -0.70 55.21
C ARG A 16 13.79 -1.26 53.78
N PHE A 17 14.99 -1.45 53.24
CA PHE A 17 15.15 -1.99 51.91
C PHE A 17 14.56 -3.41 51.85
N CYS A 18 14.90 -4.22 52.86
CA CYS A 18 14.40 -5.60 52.96
C CYS A 18 12.91 -5.63 53.00
N ASN A 19 12.35 -4.69 53.77
CA ASN A 19 10.91 -4.60 53.94
C ASN A 19 10.19 -4.28 52.60
N TRP A 20 10.84 -3.44 51.80
CA TRP A 20 10.30 -2.99 50.52
C TRP A 20 10.43 -4.17 49.54
N VAL A 21 11.63 -4.72 49.46
CA VAL A 21 11.87 -5.91 48.57
C VAL A 21 10.84 -7.01 48.80
N THR A 22 10.62 -7.36 50.05
CA THR A 22 9.69 -8.42 50.41
C THR A 22 8.29 -7.96 50.65
N SER A 23 7.99 -6.69 50.33
CA SER A 23 6.64 -6.17 50.60
C SER A 23 5.51 -6.90 49.85
N THR A 24 4.46 -7.27 50.58
CA THR A 24 3.29 -7.88 49.90
C THR A 24 2.42 -6.83 49.24
N ASP A 25 2.85 -5.57 49.35
CA ASP A 25 2.00 -4.49 48.83
C ASP A 25 2.47 -3.86 47.51
N ASN A 26 3.55 -4.36 46.93
CA ASN A 26 4.07 -3.79 45.69
C ASN A 26 3.17 -4.37 44.58
N ARG A 27 2.83 -3.54 43.60
CA ARG A 27 1.90 -3.92 42.53
C ARG A 27 2.37 -5.24 41.83
N LEU A 28 3.67 -5.29 41.56
CA LEU A 28 4.37 -6.52 41.17
C LEU A 28 5.30 -6.86 42.31
N TYR A 29 5.22 -8.10 42.79
CA TYR A 29 6.11 -8.54 43.83
C TYR A 29 7.57 -8.49 43.38
N VAL A 30 8.45 -8.00 44.27
CA VAL A 30 9.88 -8.01 43.93
C VAL A 30 10.50 -9.25 44.60
N GLY A 31 10.86 -9.16 45.89
CA GLY A 31 11.41 -10.37 46.57
C GLY A 31 12.82 -10.64 46.19
N TRP A 32 13.49 -11.55 46.90
CA TRP A 32 14.92 -11.75 46.70
C TRP A 32 15.21 -12.44 45.39
N PHE A 33 14.40 -13.44 45.07
CA PHE A 33 14.49 -14.00 43.68
C PHE A 33 14.34 -12.88 42.61
N GLY A 34 13.39 -11.96 42.86
CA GLY A 34 13.14 -10.86 41.94
C GLY A 34 14.33 -9.93 41.80
N VAL A 35 15.19 -9.81 42.83
CA VAL A 35 16.34 -8.90 42.63
C VAL A 35 17.35 -9.44 41.60
N ILE A 36 17.36 -10.76 41.41
CA ILE A 36 18.18 -11.37 40.37
C ILE A 36 17.35 -11.46 39.05
N MET A 37 16.08 -11.81 39.20
CA MET A 37 15.16 -11.99 38.04
C MET A 37 15.05 -10.69 37.20
N ILE A 38 14.82 -9.57 37.90
CA ILE A 38 14.54 -8.30 37.21
C ILE A 38 15.66 -7.87 36.27
N PRO A 39 16.89 -7.70 36.78
CA PRO A 39 17.94 -7.31 35.85
C PRO A 39 18.30 -8.35 34.77
N THR A 40 18.22 -9.65 35.10
CA THR A 40 18.63 -10.69 34.12
C THR A 40 17.56 -10.76 33.02
N LEU A 41 16.29 -10.71 33.41
CA LEU A 41 15.26 -10.74 32.37
C LEU A 41 15.23 -9.47 31.50
N LEU A 42 15.48 -8.31 32.13
CA LEU A 42 15.62 -7.09 31.33
C LEU A 42 16.75 -7.15 30.34
N ALA A 43 17.92 -7.65 30.76
CA ALA A 43 19.05 -7.73 29.85
C ALA A 43 18.71 -8.71 28.71
N ALA A 44 18.04 -9.84 29.05
CA ALA A 44 17.81 -10.89 28.03
C ALA A 44 16.80 -10.29 27.02
N THR A 45 15.79 -9.60 27.53
CA THR A 45 14.75 -9.00 26.70
C THR A 45 15.28 -7.95 25.78
N ILE A 46 16.08 -7.04 26.35
CA ILE A 46 16.59 -5.96 25.54
C ILE A 46 17.52 -6.43 24.46
N CYS A 47 18.42 -7.34 24.81
CA CYS A 47 19.34 -7.87 23.82
C CYS A 47 18.55 -8.62 22.73
N PHE A 48 17.59 -9.44 23.13
CA PHE A 48 16.78 -10.21 22.14
C PHE A 48 16.08 -9.28 21.15
N VAL A 49 15.39 -8.27 21.68
CA VAL A 49 14.67 -7.31 20.84
C VAL A 49 15.61 -6.63 19.84
N ILE A 50 16.71 -6.08 20.34
CA ILE A 50 17.61 -5.45 19.44
C ILE A 50 18.22 -6.41 18.41
N ALA A 51 18.61 -7.63 18.87
CA ALA A 51 19.29 -8.60 17.96
C ALA A 51 18.22 -9.04 16.90
N PHE A 52 16.99 -9.30 17.37
CA PHE A 52 15.92 -9.79 16.43
C PHE A 52 15.63 -8.79 15.30
N ILE A 53 15.63 -7.51 15.66
CA ILE A 53 15.48 -6.45 14.66
C ILE A 53 16.72 -6.25 13.83
N ALA A 54 17.91 -6.14 14.48
CA ALA A 54 19.02 -5.49 13.78
C ALA A 54 20.32 -6.30 13.69
N ALA A 55 20.38 -7.49 14.29
CA ALA A 55 21.65 -8.28 14.21
C ALA A 55 22.06 -8.69 12.80
N PRO A 56 23.39 -8.64 12.48
CA PRO A 56 23.90 -9.11 11.20
C PRO A 56 23.94 -10.68 11.21
N PRO A 57 24.20 -11.29 10.04
CA PRO A 57 24.20 -12.76 9.98
C PRO A 57 25.24 -13.41 10.91
N VAL A 58 24.97 -14.62 11.34
CA VAL A 58 25.77 -15.28 12.38
C VAL A 58 26.27 -16.60 11.83
N ASP A 59 27.56 -16.86 12.04
CA ASP A 59 28.09 -18.13 11.57
C ASP A 59 27.74 -19.32 12.50
N ILE A 60 26.47 -19.80 12.47
CA ILE A 60 26.05 -20.79 13.47
C ILE A 60 26.91 -22.07 13.42
N ASP A 61 27.22 -22.57 12.25
CA ASP A 61 27.88 -23.89 12.16
C ASP A 61 29.38 -23.82 12.09
N GLY A 62 29.94 -22.63 12.44
CA GLY A 62 31.40 -22.43 12.34
C GLY A 62 32.12 -22.69 11.04
N ILE A 63 31.40 -22.68 9.92
CA ILE A 63 31.98 -22.96 8.65
C ILE A 63 31.98 -21.69 7.78
N ARG A 64 31.96 -20.53 8.41
CA ARG A 64 32.03 -19.24 7.67
C ARG A 64 30.86 -19.18 6.66
N GLU A 65 29.68 -19.55 7.13
CA GLU A 65 28.49 -19.52 6.23
C GLU A 65 27.40 -18.83 7.09
N PRO A 66 27.45 -17.49 7.17
CA PRO A 66 26.55 -16.82 8.12
C PRO A 66 25.06 -16.84 7.75
N VAL A 67 24.23 -17.11 8.75
CA VAL A 67 22.81 -17.25 8.57
C VAL A 67 22.16 -15.95 9.07
N SER A 68 21.31 -15.36 8.23
CA SER A 68 20.67 -14.11 8.62
C SER A 68 19.44 -14.37 9.51
N GLY A 69 19.44 -13.84 10.73
CA GLY A 69 18.26 -14.00 11.60
C GLY A 69 17.38 -12.74 11.72
N SER A 70 17.93 -11.53 11.47
CA SER A 70 17.17 -10.32 11.88
C SER A 70 16.23 -9.75 10.85
N LEU A 71 15.24 -9.01 11.31
CA LEU A 71 14.30 -8.34 10.40
C LEU A 71 14.96 -7.44 9.37
N LEU A 72 15.91 -6.59 9.78
CA LEU A 72 16.50 -5.69 8.81
C LEU A 72 17.41 -6.38 7.80
N TYR A 73 17.82 -7.62 8.07
CA TYR A 73 18.68 -8.35 7.12
C TYR A 73 17.85 -9.41 6.38
N GLY A 74 16.61 -9.07 6.11
CA GLY A 74 15.84 -9.87 5.10
C GLY A 74 14.90 -10.94 5.73
N ASN A 75 14.57 -10.86 7.02
CA ASN A 75 13.65 -11.83 7.62
C ASN A 75 12.30 -11.24 7.92
N ASN A 76 11.29 -12.10 8.11
CA ASN A 76 10.00 -11.59 8.55
C ASN A 76 9.84 -12.19 9.94
N ILE A 77 8.67 -12.09 10.57
CA ILE A 77 8.50 -12.60 11.94
C ILE A 77 8.64 -14.10 11.97
N ILE A 78 8.14 -14.77 10.92
CA ILE A 78 8.27 -16.21 10.91
C ILE A 78 9.66 -16.78 10.61
N THR A 79 10.45 -16.10 9.80
CA THR A 79 11.74 -16.62 9.40
C THR A 79 12.82 -16.15 10.38
N GLY A 80 12.51 -15.10 11.09
CA GLY A 80 13.58 -14.38 11.92
C GLY A 80 13.95 -15.18 13.13
N ALA A 81 15.17 -14.93 13.67
CA ALA A 81 15.59 -15.59 14.87
C ALA A 81 16.80 -14.81 15.44
N VAL A 82 17.07 -15.04 16.71
CA VAL A 82 18.45 -14.81 17.17
C VAL A 82 19.13 -16.20 17.01
N VAL A 83 20.13 -16.26 16.16
CA VAL A 83 20.86 -17.44 15.74
C VAL A 83 21.89 -17.91 16.78
N PRO A 84 21.90 -19.23 17.10
CA PRO A 84 22.84 -19.81 18.05
C PRO A 84 24.31 -19.45 17.79
N SER A 85 25.12 -19.44 18.85
CA SER A 85 26.56 -19.14 18.68
C SER A 85 27.32 -20.25 17.92
N SER A 86 28.47 -19.85 17.38
CA SER A 86 29.27 -20.63 16.45
C SER A 86 29.72 -21.97 16.96
N ASN A 87 29.67 -22.95 16.09
CA ASN A 87 30.21 -24.28 16.40
C ASN A 87 31.70 -24.22 16.73
N ALA A 88 32.39 -23.17 16.25
CA ALA A 88 33.82 -23.00 16.62
C ALA A 88 34.00 -22.69 18.11
N ILE A 89 33.00 -22.03 18.67
CA ILE A 89 32.99 -21.77 20.08
C ILE A 89 32.66 -23.01 20.90
N GLY A 90 31.69 -23.80 20.43
CA GLY A 90 31.33 -25.06 21.20
C GLY A 90 30.64 -24.67 22.48
N LEU A 91 31.10 -25.25 23.61
CA LEU A 91 30.58 -24.88 24.91
C LEU A 91 31.44 -23.79 25.61
N HIS A 92 32.39 -23.19 24.93
CA HIS A 92 33.13 -22.05 25.54
C HIS A 92 32.20 -20.91 25.79
N PHE A 93 32.46 -20.27 26.91
CA PHE A 93 31.74 -19.12 27.39
C PHE A 93 32.21 -17.94 26.56
N TYR A 94 31.28 -17.28 25.88
CA TYR A 94 31.66 -16.20 24.96
C TYR A 94 30.90 -14.90 25.34
N PRO A 95 31.31 -14.25 26.45
CA PRO A 95 30.74 -12.95 26.82
C PRO A 95 31.29 -11.85 25.91
N ILE A 96 30.65 -10.69 25.93
CA ILE A 96 31.07 -9.61 25.02
C ILE A 96 32.57 -9.35 25.17
N TRP A 97 33.06 -9.37 26.42
CA TRP A 97 34.46 -8.99 26.61
C TRP A 97 35.46 -10.01 26.19
N GLU A 98 35.03 -11.21 25.74
CA GLU A 98 35.96 -12.18 25.12
C GLU A 98 36.19 -11.92 23.66
N ALA A 99 35.32 -11.11 23.01
CA ALA A 99 35.47 -10.75 21.60
C ALA A 99 36.43 -9.54 21.46
N ALA A 100 37.17 -9.46 20.36
CA ALA A 100 38.04 -8.30 20.09
C ALA A 100 37.18 -7.08 19.76
N SER A 101 35.93 -7.27 19.32
CA SER A 101 35.06 -6.16 18.96
C SER A 101 33.60 -6.62 18.93
N LEU A 102 32.68 -5.67 19.01
CA LEU A 102 31.25 -5.99 18.81
C LEU A 102 31.03 -6.63 17.47
N ASP A 103 31.77 -6.17 16.44
CA ASP A 103 31.52 -6.77 15.14
C ASP A 103 31.88 -8.27 15.13
N GLU A 104 32.94 -8.62 15.82
CA GLU A 104 33.31 -10.04 15.96
C GLU A 104 32.27 -10.79 16.78
N TRP A 105 31.91 -10.19 17.93
CA TRP A 105 30.92 -10.77 18.82
C TRP A 105 29.63 -11.12 18.04
N LEU A 106 29.18 -10.20 17.21
CA LEU A 106 27.98 -10.43 16.36
C LEU A 106 28.16 -11.55 15.32
N TYR A 107 29.26 -11.50 14.59
CA TYR A 107 29.57 -12.56 13.67
C TYR A 107 29.48 -13.97 14.27
N ASN A 108 29.93 -14.12 15.52
CA ASN A 108 30.06 -15.43 16.12
C ASN A 108 28.83 -15.85 16.94
N GLY A 109 27.80 -15.00 16.96
CA GLY A 109 26.54 -15.35 17.69
C GLY A 109 26.62 -15.12 19.19
N GLY A 110 27.40 -14.11 19.60
CA GLY A 110 27.40 -13.72 21.00
C GLY A 110 26.07 -13.33 21.61
N PRO A 111 25.15 -12.65 20.82
CA PRO A 111 23.88 -12.34 21.49
C PRO A 111 23.11 -13.57 21.99
N TYR A 112 23.20 -14.69 21.26
CA TYR A 112 22.50 -15.90 21.70
C TYR A 112 22.92 -16.32 23.11
N GLN A 113 24.22 -16.40 23.35
CA GLN A 113 24.64 -16.78 24.70
C GLN A 113 24.22 -15.77 25.78
N LEU A 114 24.42 -14.47 25.52
CA LEU A 114 23.97 -13.45 26.49
C LEU A 114 22.51 -13.64 26.79
N ILE A 115 21.69 -13.78 25.74
CA ILE A 115 20.28 -13.97 25.96
C ILE A 115 19.93 -15.24 26.72
N ILE A 116 20.38 -16.42 26.25
CA ILE A 116 19.84 -17.64 26.87
C ILE A 116 20.41 -17.74 28.31
N PHE A 117 21.64 -17.28 28.57
CA PHE A 117 22.10 -17.40 29.96
C PHE A 117 21.31 -16.47 30.89
N HIS A 118 21.02 -15.23 30.46
CA HIS A 118 20.27 -14.31 31.38
C HIS A 118 18.87 -14.84 31.50
N PHE A 119 18.34 -15.33 30.36
CA PHE A 119 16.99 -15.87 30.44
C PHE A 119 16.84 -17.07 31.39
N LEU A 120 17.70 -18.07 31.26
CA LEU A 120 17.57 -19.28 32.09
C LEU A 120 17.75 -18.90 33.58
N LEU A 121 18.69 -17.99 33.87
CA LEU A 121 18.83 -17.51 35.25
CA LEU A 121 18.84 -17.49 35.26
C LEU A 121 17.56 -16.80 35.70
N GLY A 122 17.04 -15.88 34.87
CA GLY A 122 15.87 -15.12 35.28
C GLY A 122 14.63 -15.98 35.40
N ALA A 123 14.49 -16.96 34.51
CA ALA A 123 13.29 -17.83 34.57
C ALA A 123 13.38 -18.79 35.78
N SER A 124 14.58 -19.25 36.14
CA SER A 124 14.77 -19.99 37.43
C SER A 124 14.39 -19.13 38.65
N CYS A 125 14.75 -17.83 38.58
CA CYS A 125 14.34 -16.92 39.65
C CYS A 125 12.86 -16.63 39.61
N TYR A 126 12.27 -16.65 38.40
CA TYR A 126 10.81 -16.55 38.33
C TYR A 126 10.16 -17.68 39.09
N MET A 127 10.72 -18.87 38.97
CA MET A 127 10.16 -20.04 39.68
C MET A 127 10.32 -19.87 41.21
N GLY A 128 11.52 -19.49 41.65
CA GLY A 128 11.76 -19.24 43.10
C GLY A 128 10.80 -18.17 43.59
N ARG A 129 10.60 -17.13 42.76
CA ARG A 129 9.71 -16.01 43.13
C ARG A 129 8.26 -16.45 43.32
N GLN A 130 7.80 -17.41 42.51
CA GLN A 130 6.51 -18.01 42.76
C GLN A 130 6.43 -18.71 44.18
N TRP A 131 7.46 -19.46 44.53
CA TRP A 131 7.49 -20.03 45.91
C TRP A 131 7.43 -18.82 46.87
N GLU A 132 8.31 -17.85 46.67
CA GLU A 132 8.51 -16.72 47.65
C GLU A 132 7.19 -15.97 47.93
N LEU A 133 6.49 -15.56 46.86
CA LEU A 133 5.20 -14.87 47.08
C LEU A 133 4.18 -15.77 47.75
N SER A 134 4.13 -17.05 47.37
CA SER A 134 3.11 -17.91 47.96
C SER A 134 3.40 -17.95 49.53
N TYR A 135 4.66 -17.95 49.88
CA TYR A 135 4.99 -17.94 51.33
C TYR A 135 4.51 -16.61 52.01
N ARG A 136 4.81 -15.45 51.42
CA ARG A 136 4.37 -14.15 51.96
C ARG A 136 2.85 -14.02 52.10
N LEU A 137 2.09 -14.67 51.21
CA LEU A 137 0.64 -14.63 51.23
C LEU A 137 -0.03 -15.73 52.03
N GLY A 138 0.75 -16.63 52.64
CA GLY A 138 0.16 -17.71 53.43
C GLY A 138 -0.53 -18.76 52.57
N MET A 139 -0.04 -18.91 51.33
CA MET A 139 -0.58 -19.96 50.41
C MET A 139 0.18 -21.29 50.57
N ARG A 140 -0.38 -22.36 50.03
CA ARG A 140 0.44 -23.58 49.80
C ARG A 140 1.47 -23.30 48.68
N PRO A 141 2.55 -24.11 48.59
CA PRO A 141 3.75 -23.58 47.94
C PRO A 141 4.03 -24.11 46.55
N TRP A 142 3.17 -24.94 46.00
CA TRP A 142 3.63 -25.73 44.86
C TRP A 142 3.22 -25.25 43.45
N ILE A 143 2.61 -24.06 43.30
CA ILE A 143 2.53 -23.46 41.91
C ILE A 143 3.90 -23.52 41.23
N CYS A 144 4.96 -23.17 41.96
CA CYS A 144 6.29 -23.22 41.39
C CYS A 144 6.71 -24.58 40.90
N VAL A 145 6.17 -25.65 41.47
CA VAL A 145 6.50 -26.99 41.02
C VAL A 145 5.80 -27.27 39.63
N ALA A 146 4.60 -26.74 39.47
CA ALA A 146 3.97 -26.77 38.10
C ALA A 146 4.80 -26.04 37.03
N TYR A 147 5.29 -24.84 37.37
CA TYR A 147 6.11 -24.06 36.43
C TYR A 147 7.46 -24.76 36.20
N SER A 148 7.86 -25.71 37.03
CA SER A 148 9.15 -26.37 36.77
C SER A 148 9.06 -27.20 35.48
N ALA A 149 7.85 -27.54 35.03
CA ALA A 149 7.75 -28.30 33.79
C ALA A 149 8.15 -27.48 32.52
N PRO A 150 7.51 -26.33 32.23
CA PRO A 150 8.05 -25.58 31.09
C PRO A 150 9.48 -25.11 31.34
N LEU A 151 9.76 -24.74 32.58
CA LEU A 151 11.12 -24.33 32.82
C LEU A 151 12.11 -25.43 32.49
N ALA A 152 11.88 -26.65 32.98
CA ALA A 152 12.79 -27.77 32.70
C ALA A 152 12.88 -27.95 31.14
N SER A 153 11.78 -27.75 30.41
CA SER A 153 11.84 -27.90 28.96
C SER A 153 12.75 -26.83 28.29
N ALA A 154 12.72 -25.60 28.80
CA ALA A 154 13.58 -24.56 28.30
C ALA A 154 15.02 -24.89 28.61
N PHE A 155 15.29 -25.42 29.83
CA PHE A 155 16.67 -25.86 30.13
C PHE A 155 17.10 -26.95 29.19
N ALA A 156 16.19 -27.86 28.85
CA ALA A 156 16.59 -28.98 27.99
C ALA A 156 17.08 -28.46 26.63
N VAL A 157 16.35 -27.53 26.00
CA VAL A 157 16.64 -27.15 24.62
C VAL A 157 17.74 -26.07 24.53
N PHE A 158 17.88 -25.28 25.59
CA PHE A 158 18.90 -24.19 25.52
C PHE A 158 20.19 -24.52 26.25
N LEU A 159 20.16 -25.46 27.16
CA LEU A 159 21.38 -25.81 27.93
C LEU A 159 21.81 -27.31 27.89
N ILE A 160 20.94 -28.22 28.30
CA ILE A 160 21.33 -29.64 28.40
C ILE A 160 21.63 -30.25 27.03
N TYR A 161 20.78 -30.01 26.03
CA TYR A 161 21.10 -30.53 24.72
C TYR A 161 22.47 -30.00 24.18
N PRO A 162 22.69 -28.66 24.19
CA PRO A 162 24.03 -28.19 23.84
C PRO A 162 25.12 -28.90 24.66
N ILE A 163 24.93 -29.07 25.97
CA ILE A 163 26.03 -29.73 26.76
C ILE A 163 26.33 -31.15 26.21
N GLY A 164 25.26 -31.94 26.02
CA GLY A 164 25.45 -33.31 25.59
C GLY A 164 26.16 -33.36 24.25
N GLN A 165 25.72 -32.49 23.30
CA GLN A 165 26.26 -32.50 21.94
C GLN A 165 27.57 -31.73 21.85
N GLY A 166 27.96 -31.02 22.91
CA GLY A 166 29.23 -30.31 22.83
C GLY A 166 29.24 -28.89 22.23
N SER A 167 28.07 -28.28 22.03
CA SER A 167 28.01 -26.92 21.42
C SER A 167 26.68 -26.22 21.59
N PHE A 168 26.75 -24.91 21.84
CA PHE A 168 25.55 -24.12 21.90
C PHE A 168 25.06 -23.88 20.49
N SER A 169 25.85 -24.25 19.47
CA SER A 169 25.32 -24.11 18.09
C SER A 169 24.16 -25.10 17.83
N ASP A 170 24.04 -26.15 18.69
CA ASP A 170 22.93 -27.10 18.64
C ASP A 170 21.79 -26.79 19.63
N GLY A 171 21.89 -25.69 20.38
CA GLY A 171 20.75 -25.16 21.14
C GLY A 171 19.63 -24.72 20.20
N MET A 172 18.38 -24.70 20.69
CA MET A 172 17.26 -24.29 19.86
C MET A 172 17.45 -22.83 19.51
N PRO A 173 17.31 -22.48 18.21
CA PRO A 173 17.36 -21.06 17.89
C PRO A 173 16.22 -20.28 18.51
N LEU A 174 16.46 -18.96 18.73
CA LEU A 174 15.37 -18.13 19.26
C LEU A 174 14.54 -17.56 18.13
N GLY A 175 13.69 -18.39 17.52
CA GLY A 175 12.98 -17.88 16.41
C GLY A 175 12.02 -18.98 15.93
N ILE A 176 11.03 -18.55 15.21
CA ILE A 176 9.91 -19.50 14.85
C ILE A 176 10.40 -20.62 13.89
N SER A 177 11.01 -20.23 12.76
CA SER A 177 11.54 -21.21 11.83
C SER A 177 12.72 -21.89 12.39
N GLY A 178 13.52 -21.20 13.21
CA GLY A 178 14.63 -21.95 13.73
C GLY A 178 14.21 -23.05 14.70
N THR A 179 13.10 -22.84 15.38
CA THR A 179 12.52 -23.86 16.22
C THR A 179 12.20 -25.08 15.36
N PHE A 180 11.51 -24.86 14.22
CA PHE A 180 11.21 -26.05 13.41
C PHE A 180 12.47 -26.76 12.87
N ASN A 181 13.51 -25.97 12.57
CA ASN A 181 14.78 -26.53 12.17
C ASN A 181 15.33 -27.45 13.26
N PHE A 182 15.44 -26.93 14.49
CA PHE A 182 15.83 -27.77 15.65
C PHE A 182 14.95 -29.09 15.76
N MET A 183 13.65 -29.00 15.49
CA MET A 183 12.80 -30.20 15.63
C MET A 183 13.13 -31.22 14.56
N ILE A 184 13.27 -30.75 13.32
CA ILE A 184 13.46 -31.69 12.21
C ILE A 184 14.81 -32.39 12.35
N VAL A 185 15.81 -31.59 12.68
CA VAL A 185 17.15 -32.17 12.88
C VAL A 185 17.13 -33.11 14.08
N PHE A 186 16.42 -32.76 15.13
CA PHE A 186 16.30 -33.65 16.31
C PHE A 186 15.68 -35.01 15.93
N GLN A 187 14.65 -34.96 15.11
CA GLN A 187 14.02 -36.19 14.54
C GLN A 187 15.01 -37.07 13.76
N ALA A 188 15.84 -36.46 12.92
CA ALA A 188 16.82 -37.17 12.11
C ALA A 188 17.83 -37.89 12.98
N GLU A 189 18.23 -37.19 14.05
CA GLU A 189 19.34 -37.65 14.89
C GLU A 189 18.96 -38.50 16.09
N HIS A 190 17.70 -38.42 16.53
CA HIS A 190 17.29 -39.18 17.71
C HIS A 190 16.03 -39.91 17.50
N ASN A 191 15.37 -39.72 16.38
CA ASN A 191 14.05 -40.44 16.20
C ASN A 191 13.12 -40.15 17.40
N ILE A 192 13.06 -38.86 17.82
CA ILE A 192 12.29 -38.52 18.98
C ILE A 192 10.81 -38.99 18.93
N LEU A 193 10.21 -39.04 17.76
CA LEU A 193 8.84 -39.43 17.76
C LEU A 193 8.68 -40.85 18.34
N MET A 194 9.71 -41.69 18.15
CA MET A 194 9.61 -43.09 18.56
C MET A 194 10.13 -43.23 20.01
N HIS A 195 10.33 -42.09 20.66
CA HIS A 195 10.81 -42.16 22.04
C HIS A 195 9.67 -42.05 23.05
N PRO A 196 9.58 -42.97 24.00
CA PRO A 196 8.40 -42.93 24.91
C PRO A 196 8.26 -41.70 25.79
N PHE A 197 9.38 -41.01 26.11
CA PHE A 197 9.26 -39.77 26.90
C PHE A 197 8.66 -38.65 26.07
N HIS A 198 8.92 -38.62 24.75
CA HIS A 198 8.21 -37.63 23.93
C HIS A 198 6.76 -38.05 23.76
N GLN A 199 6.53 -39.36 23.63
CA GLN A 199 5.15 -39.85 23.62
C GLN A 199 4.35 -39.48 24.88
N LEU A 200 4.96 -39.59 26.08
CA LEU A 200 4.32 -39.14 27.30
C LEU A 200 4.09 -37.65 27.22
N GLY A 201 5.04 -36.90 26.62
CA GLY A 201 4.86 -35.44 26.42
C GLY A 201 3.61 -35.10 25.62
N VAL A 202 3.46 -35.83 24.53
CA VAL A 202 2.27 -35.63 23.67
C VAL A 202 0.99 -35.95 24.42
N ALA A 203 1.00 -37.08 25.14
CA ALA A 203 -0.13 -37.43 25.98
C ALA A 203 -0.31 -36.28 27.02
N GLY A 204 0.80 -35.75 27.55
CA GLY A 204 0.62 -34.64 28.50
C GLY A 204 0.00 -33.39 27.90
N VAL A 205 0.40 -32.96 26.68
CA VAL A 205 -0.18 -31.71 26.16
C VAL A 205 -1.48 -31.92 25.43
N PHE A 206 -1.64 -33.03 24.71
CA PHE A 206 -2.98 -33.32 24.10
C PHE A 206 -4.00 -33.54 25.22
N GLY A 207 -3.62 -34.34 26.22
CA GLY A 207 -4.47 -34.58 27.40
C GLY A 207 -4.67 -33.28 28.21
N GLY A 208 -3.62 -32.48 28.49
CA GLY A 208 -3.86 -31.14 29.09
C GLY A 208 -4.89 -30.29 28.33
N ALA A 209 -4.81 -30.26 26.98
CA ALA A 209 -5.80 -29.55 26.20
C ALA A 209 -7.21 -30.16 26.34
N LEU A 210 -7.27 -31.48 26.23
CA LEU A 210 -8.55 -32.23 26.32
C LEU A 210 -9.18 -31.87 27.73
N PHE A 211 -8.40 -32.07 28.78
CA PHE A 211 -8.93 -31.85 30.17
C PHE A 211 -9.23 -30.35 30.42
N CYS A 212 -8.45 -29.47 29.80
CA CYS A 212 -8.74 -28.04 29.87
C CYS A 212 -10.09 -27.77 29.26
N ALA A 213 -10.31 -28.30 28.04
CA ALA A 213 -11.60 -28.07 27.42
C ALA A 213 -12.73 -28.77 28.21
N MET A 214 -12.44 -29.96 28.70
CA MET A 214 -13.44 -30.73 29.44
C MET A 214 -13.89 -29.96 30.71
N HIS A 215 -12.90 -29.55 31.50
CA HIS A 215 -13.19 -28.79 32.72
C HIS A 215 -13.88 -27.48 32.47
N GLY A 216 -13.31 -26.66 31.56
CA GLY A 216 -14.05 -25.52 31.04
C GLY A 216 -15.50 -25.82 30.72
N SER A 217 -15.77 -26.86 29.92
CA SER A 217 -17.12 -27.05 29.39
C SER A 217 -18.05 -27.55 30.52
N LEU A 218 -17.48 -28.29 31.48
CA LEU A 218 -18.36 -28.86 32.55
C LEU A 218 -18.72 -27.78 33.57
N VAL A 219 -17.73 -27.00 34.00
CA VAL A 219 -18.03 -25.85 34.85
C VAL A 219 -18.97 -24.89 34.16
N THR A 220 -18.65 -24.50 32.92
CA THR A 220 -19.57 -23.64 32.14
C THR A 220 -20.99 -24.25 32.03
N SER A 221 -21.10 -25.56 31.86
CA SER A 221 -22.41 -26.20 31.63
CA SER A 221 -22.41 -26.17 31.62
C SER A 221 -23.26 -26.10 32.89
N SER A 222 -22.63 -25.91 34.04
CA SER A 222 -23.41 -26.04 35.26
C SER A 222 -23.49 -24.75 36.08
N LEU A 223 -23.23 -23.62 35.42
CA LEU A 223 -23.29 -22.34 36.09
C LEU A 223 -24.75 -22.19 36.57
N ILE A 224 -24.88 -21.66 37.78
CA ILE A 224 -26.19 -21.48 38.38
C ILE A 224 -26.78 -20.19 37.80
N ARG A 225 -28.03 -20.23 37.33
CA ARG A 225 -28.71 -19.04 36.84
C ARG A 225 -28.70 -17.86 37.79
N GLU A 226 -28.10 -16.75 37.35
CA GLU A 226 -28.00 -15.52 38.16
C GLU A 226 -28.20 -14.31 37.31
N THR A 227 -28.54 -14.49 36.03
CA THR A 227 -28.52 -13.36 35.11
C THR A 227 -29.66 -13.56 34.17
N THR A 228 -29.98 -12.53 33.38
CA THR A 228 -30.97 -12.65 32.30
C THR A 228 -30.29 -12.94 30.98
N GLU A 229 -31.08 -13.28 29.96
CA GLU A 229 -30.55 -13.61 28.61
C GLU A 229 -29.92 -12.45 27.85
N THR A 230 -30.29 -11.23 28.19
CA THR A 230 -29.65 -10.05 27.59
C THR A 230 -28.34 -9.63 28.30
N GLU A 231 -27.83 -10.44 29.23
CA GLU A 231 -26.55 -10.12 29.82
C GLU A 231 -25.63 -11.34 29.84
N SER A 232 -24.35 -11.03 29.83
CA SER A 232 -23.39 -12.08 29.96
C SER A 232 -23.61 -12.83 31.28
N ALA A 233 -23.57 -14.16 31.22
CA ALA A 233 -23.72 -14.99 32.42
C ALA A 233 -22.54 -14.73 33.34
N ASN A 234 -21.49 -14.07 32.80
CA ASN A 234 -20.29 -13.83 33.66
C ASN A 234 -20.59 -12.90 34.82
N TYR A 235 -21.60 -12.05 34.62
CA TYR A 235 -22.08 -11.09 35.63
C TYR A 235 -22.72 -11.81 36.83
N GLY A 236 -23.02 -13.10 36.64
CA GLY A 236 -23.59 -13.99 37.65
C GLY A 236 -22.59 -14.34 38.76
N TYR A 237 -21.29 -14.08 38.49
CA TYR A 237 -20.23 -14.31 39.48
C TYR A 237 -19.59 -12.99 39.89
N LYS A 238 -19.39 -12.79 41.20
CA LYS A 238 -18.76 -11.56 41.68
C LYS A 238 -17.48 -11.95 42.38
N PHE A 239 -16.39 -11.28 42.03
CA PHE A 239 -15.08 -11.52 42.61
C PHE A 239 -15.15 -11.59 44.16
N GLY A 240 -14.63 -12.66 44.74
CA GLY A 240 -14.63 -12.79 46.20
C GLY A 240 -15.91 -13.33 46.84
N GLN A 241 -16.98 -13.62 46.08
CA GLN A 241 -18.17 -14.19 46.72
C GLN A 241 -17.79 -15.51 47.42
N GLU A 242 -18.46 -15.83 48.52
CA GLU A 242 -18.18 -17.08 49.27
C GLU A 242 -18.74 -18.37 48.63
N GLU A 243 -19.91 -18.26 48.02
CA GLU A 243 -20.65 -19.40 47.45
C GLU A 243 -20.06 -19.84 46.11
N GLU A 244 -19.88 -21.15 45.90
CA GLU A 244 -19.47 -21.67 44.58
C GLU A 244 -20.51 -21.20 43.50
N THR A 245 -20.03 -21.04 42.26
CA THR A 245 -20.80 -20.35 41.21
C THR A 245 -21.44 -21.34 40.21
N TYR A 246 -21.03 -22.59 40.31
CA TYR A 246 -21.63 -23.67 39.53
C TYR A 246 -22.04 -24.79 40.48
N ASN A 247 -22.82 -25.74 39.97
CA ASN A 247 -23.24 -26.85 40.78
C ASN A 247 -22.40 -28.10 40.46
N ILE A 248 -21.38 -28.41 41.27
CA ILE A 248 -20.50 -29.58 41.08
CA ILE A 248 -20.51 -29.57 40.98
C ILE A 248 -21.31 -30.88 40.98
N VAL A 249 -22.44 -30.91 41.71
CA VAL A 249 -23.22 -32.12 41.80
C VAL A 249 -23.91 -32.36 40.45
N ALA A 250 -24.40 -31.29 39.81
CA ALA A 250 -24.97 -31.43 38.44
C ALA A 250 -23.86 -31.79 37.43
N ALA A 251 -22.69 -31.14 37.55
CA ALA A 251 -21.56 -31.44 36.65
C ALA A 251 -21.18 -32.95 36.70
N HIS A 252 -21.01 -33.46 37.91
CA HIS A 252 -20.66 -34.88 38.13
C HIS A 252 -21.79 -35.77 37.67
N GLY A 253 -23.03 -35.32 37.92
CA GLY A 253 -24.24 -36.03 37.52
C GLY A 253 -24.21 -36.19 36.01
N TYR A 254 -23.74 -35.12 35.34
CA TYR A 254 -23.59 -35.15 33.88
C TYR A 254 -22.47 -36.11 33.44
N PHE A 255 -21.28 -35.85 33.94
CA PHE A 255 -20.10 -36.53 33.40
C PHE A 255 -20.02 -37.99 33.78
N GLY A 256 -20.48 -38.32 34.99
CA GLY A 256 -20.59 -39.72 35.42
C GLY A 256 -21.58 -40.47 34.55
N ARG A 257 -22.57 -39.80 33.97
CA ARG A 257 -23.47 -40.53 33.04
C ARG A 257 -22.91 -40.60 31.62
N LEU A 258 -22.15 -39.56 31.24
CA LEU A 258 -21.49 -39.54 29.92
C LEU A 258 -20.63 -40.79 29.73
N ILE A 259 -19.82 -41.05 30.74
CA ILE A 259 -18.99 -42.25 30.74
C ILE A 259 -19.66 -43.33 31.65
N PHE A 260 -19.26 -43.37 32.91
CA PHE A 260 -19.96 -44.14 33.97
C PHE A 260 -19.54 -43.50 35.30
N GLN A 261 -20.37 -43.67 36.33
CA GLN A 261 -20.28 -42.90 37.58
C GLN A 261 -18.86 -42.75 38.15
N TYR A 262 -18.13 -43.85 38.23
CA TYR A 262 -16.85 -43.93 38.94
C TYR A 262 -15.65 -43.40 38.14
N ALA A 263 -15.90 -43.02 36.89
CA ALA A 263 -14.90 -42.40 36.04
C ALA A 263 -14.96 -40.88 36.14
N SER A 264 -15.92 -40.38 36.93
CA SER A 264 -16.10 -38.94 37.08
C SER A 264 -15.65 -38.57 38.49
N PHE A 265 -15.10 -37.36 38.65
CA PHE A 265 -14.60 -36.86 39.94
C PHE A 265 -15.75 -36.19 40.68
N ASN A 266 -15.99 -36.56 41.94
CA ASN A 266 -16.98 -35.76 42.68
C ASN A 266 -16.32 -34.82 43.71
N ASN A 267 -14.99 -34.93 43.80
CA ASN A 267 -14.17 -34.12 44.75
C ASN A 267 -13.38 -33.10 43.93
N SER A 268 -13.73 -31.83 44.09
CA SER A 268 -13.07 -30.74 43.34
C SER A 268 -11.55 -30.67 43.58
N ARG A 269 -11.10 -31.01 44.80
CA ARG A 269 -9.67 -30.98 45.11
C ARG A 269 -8.93 -32.08 44.32
N SER A 270 -9.53 -33.28 44.27
CA SER A 270 -9.04 -34.39 43.46
CA SER A 270 -8.97 -34.35 43.47
C SER A 270 -8.98 -33.98 41.97
N LEU A 271 -10.10 -33.49 41.44
CA LEU A 271 -10.17 -33.02 40.05
C LEU A 271 -9.06 -31.99 39.77
N HIS A 272 -8.99 -30.97 40.61
CA HIS A 272 -7.99 -29.95 40.32
C HIS A 272 -6.63 -30.48 40.44
N PHE A 273 -6.41 -31.46 41.30
CA PHE A 273 -5.04 -31.97 41.43
C PHE A 273 -4.71 -32.73 40.12
N PHE A 274 -5.67 -33.53 39.67
CA PHE A 274 -5.48 -34.23 38.40
C PHE A 274 -5.16 -33.22 37.26
N LEU A 275 -5.94 -32.14 37.13
CA LEU A 275 -5.66 -31.09 36.13
C LEU A 275 -4.23 -30.56 36.26
N ALA A 276 -3.74 -30.37 37.49
CA ALA A 276 -2.33 -29.97 37.62
C ALA A 276 -1.39 -31.07 37.18
N ALA A 277 -1.62 -32.29 37.68
CA ALA A 277 -0.61 -33.35 37.56
C ALA A 277 -0.46 -33.93 36.14
N TRP A 278 -1.55 -34.10 35.43
CA TRP A 278 -1.47 -34.74 34.13
C TRP A 278 -0.55 -34.00 33.13
N PRO A 279 -0.81 -32.69 32.84
CA PRO A 279 0.13 -31.96 31.98
C PRO A 279 1.53 -31.78 32.56
N VAL A 280 1.65 -31.49 33.85
CA VAL A 280 2.96 -31.26 34.45
C VAL A 280 3.86 -32.52 34.37
N VAL A 281 3.31 -33.69 34.71
CA VAL A 281 4.10 -34.89 34.65
C VAL A 281 4.43 -35.21 33.19
N GLY A 282 3.44 -35.13 32.26
CA GLY A 282 3.81 -35.41 30.89
C GLY A 282 4.92 -34.47 30.39
N VAL A 283 4.82 -33.20 30.75
CA VAL A 283 5.79 -32.22 30.28
C VAL A 283 7.15 -32.47 30.95
N TRP A 284 7.14 -32.94 32.21
CA TRP A 284 8.43 -33.35 32.80
C TRP A 284 9.02 -34.48 31.97
N PHE A 285 8.22 -35.45 31.57
CA PHE A 285 8.79 -36.46 30.67
C PHE A 285 9.24 -35.90 29.32
N ALA A 286 8.48 -34.96 28.75
CA ALA A 286 9.00 -34.35 27.48
C ALA A 286 10.40 -33.76 27.71
N ALA A 287 10.53 -32.95 28.77
CA ALA A 287 11.81 -32.28 29.09
C ALA A 287 12.91 -33.34 29.27
N LEU A 288 12.56 -34.44 29.96
CA LEU A 288 13.52 -35.49 30.19
C LEU A 288 13.84 -36.26 28.94
N GLY A 289 12.90 -36.33 27.99
CA GLY A 289 13.20 -36.93 26.68
C GLY A 289 14.28 -36.10 25.99
N ILE A 290 14.04 -34.80 25.85
CA ILE A 290 15.11 -33.95 25.29
C ILE A 290 16.43 -34.10 26.09
N SER A 291 16.30 -34.07 27.41
CA SER A 291 17.54 -34.03 28.23
C SER A 291 18.28 -35.37 28.24
N THR A 292 17.59 -36.47 27.88
CA THR A 292 18.31 -37.74 27.78
C THR A 292 18.73 -38.12 26.36
N MET A 293 17.94 -37.69 25.35
CA MET A 293 18.43 -37.72 23.97
C MET A 293 19.65 -36.80 23.79
N ALA A 294 19.82 -35.84 24.70
CA ALA A 294 21.05 -35.02 24.75
C ALA A 294 22.28 -35.89 24.90
N PHE A 295 22.10 -37.04 25.54
CA PHE A 295 23.24 -37.99 25.67
C PHE A 295 23.05 -39.22 24.78
N ASN A 296 22.26 -39.03 23.73
CA ASN A 296 22.13 -39.95 22.61
C ASN A 296 21.60 -41.31 23.04
N LEU A 297 20.70 -41.32 24.03
CA LEU A 297 19.88 -42.49 24.21
C LEU A 297 18.56 -42.26 23.45
N ASN A 298 18.44 -42.88 22.28
CA ASN A 298 17.47 -42.35 21.37
C ASN A 298 16.15 -43.14 21.28
N GLY A 299 15.23 -42.67 20.42
CA GLY A 299 13.95 -43.35 20.23
C GLY A 299 14.15 -44.83 19.86
N PHE A 300 13.09 -45.61 20.03
CA PHE A 300 13.11 -47.01 19.54
C PHE A 300 13.48 -47.11 18.07
N ASN A 301 14.32 -48.10 17.79
CA ASN A 301 14.84 -48.38 16.44
C ASN A 301 14.41 -49.78 15.99
N PHE A 302 13.35 -49.82 15.20
CA PHE A 302 12.88 -51.08 14.64
C PHE A 302 13.21 -51.16 13.14
N ASN A 303 14.33 -50.55 12.73
CA ASN A 303 14.68 -50.53 11.32
C ASN A 303 15.04 -51.97 10.87
N HIS A 304 14.30 -52.51 9.89
CA HIS A 304 14.49 -53.93 9.49
C HIS A 304 14.22 -54.93 10.60
N SER A 305 13.30 -54.63 11.50
CA SER A 305 12.97 -55.59 12.57
C SER A 305 12.21 -56.82 12.09
N VAL A 306 11.45 -56.66 10.98
CA VAL A 306 10.55 -57.73 10.45
C VAL A 306 11.21 -58.27 9.18
N ILE A 307 11.49 -59.57 9.22
CA ILE A 307 12.29 -60.26 8.17
C ILE A 307 11.50 -61.53 7.76
N ASP A 308 11.47 -61.89 6.46
CA ASP A 308 10.65 -63.05 6.04
C ASP A 308 11.48 -64.37 6.19
N ALA A 309 10.92 -65.49 5.71
CA ALA A 309 11.57 -66.79 5.91
C ALA A 309 12.92 -66.89 5.20
N LYS A 310 13.05 -66.19 4.07
CA LYS A 310 14.33 -66.19 3.35
C LYS A 310 15.33 -65.21 3.99
N GLY A 311 14.82 -64.14 4.64
CA GLY A 311 15.72 -63.08 5.09
C GLY A 311 15.40 -61.77 4.38
N ASN A 312 14.43 -61.71 3.45
CA ASN A 312 14.02 -60.42 2.89
C ASN A 312 13.50 -59.49 4.01
N VAL A 313 13.86 -58.22 3.92
CA VAL A 313 13.28 -57.20 4.83
C VAL A 313 11.87 -56.92 4.43
N ILE A 314 10.96 -56.98 5.41
CA ILE A 314 9.54 -56.63 5.13
C ILE A 314 9.38 -55.32 5.93
N ASN A 315 9.30 -54.22 5.19
CA ASN A 315 9.18 -52.92 5.87
C ASN A 315 7.94 -52.82 6.75
N THR A 316 8.05 -52.01 7.80
CA THR A 316 6.86 -51.63 8.52
C THR A 316 6.82 -50.09 8.47
N TRP A 317 5.85 -49.49 9.13
CA TRP A 317 5.84 -48.05 9.22
C TRP A 317 7.10 -47.50 9.86
N ALA A 318 7.74 -48.24 10.74
CA ALA A 318 9.04 -47.77 11.31
C ALA A 318 10.05 -47.55 10.21
N ASP A 319 10.08 -48.43 9.19
CA ASP A 319 11.04 -48.24 8.06
C ASP A 319 10.72 -47.03 7.17
N ILE A 320 9.45 -46.70 7.00
CA ILE A 320 9.05 -45.51 6.26
C ILE A 320 9.50 -44.24 7.05
N ILE A 321 9.28 -44.27 8.36
CA ILE A 321 9.79 -43.19 9.20
C ILE A 321 11.29 -43.07 8.89
N ASN A 322 12.00 -44.19 8.91
CA ASN A 322 13.42 -44.19 8.73
C ASN A 322 13.84 -43.50 7.46
N ARG A 323 13.10 -43.72 6.38
CA ARG A 323 13.43 -43.04 5.12
C ARG A 323 13.25 -41.52 5.20
N ALA A 324 12.21 -41.04 5.92
CA ALA A 324 12.00 -39.61 6.06
C ALA A 324 13.20 -39.08 6.85
N ASN A 325 13.46 -39.77 7.94
CA ASN A 325 14.65 -39.33 8.81
C ASN A 325 15.99 -39.21 8.03
N LEU A 326 16.26 -40.18 7.15
CA LEU A 326 17.44 -40.18 6.25
C LEU A 326 17.49 -38.91 5.39
N GLY A 327 16.35 -38.54 4.78
CA GLY A 327 16.22 -37.28 4.06
C GLY A 327 16.68 -36.07 4.88
N MET A 328 16.23 -36.01 6.11
CA MET A 328 16.61 -34.91 7.03
C MET A 328 18.08 -34.99 7.29
N GLU A 329 18.57 -36.20 7.60
CA GLU A 329 19.95 -36.37 8.03
C GLU A 329 20.85 -35.98 6.87
N VAL A 330 20.59 -36.46 5.67
CA VAL A 330 21.62 -36.23 4.68
C VAL A 330 21.68 -34.77 4.23
N MET A 331 20.61 -34.02 4.46
CA MET A 331 20.46 -32.65 3.91
C MET A 331 20.87 -31.60 4.92
N HIS A 332 20.79 -31.88 6.22
CA HIS A 332 20.97 -30.85 7.21
C HIS A 332 22.43 -30.41 7.20
N GLU A 333 22.63 -29.11 7.41
CA GLU A 333 23.99 -28.52 7.47
C GLU A 333 24.85 -29.10 6.39
N ARG A 334 24.41 -28.90 5.16
CA ARG A 334 24.91 -29.60 3.96
C ARG A 334 26.39 -29.34 3.64
N ASN A 335 27.04 -28.39 4.30
CA ASN A 335 28.47 -28.18 4.06
C ASN A 335 29.34 -28.44 5.29
N ALA A 336 28.74 -28.89 6.40
CA ALA A 336 29.44 -28.98 7.62
C ALA A 336 30.12 -30.33 7.85
N HIS A 337 29.69 -31.41 7.19
CA HIS A 337 30.29 -32.75 7.52
C HIS A 337 31.32 -33.17 6.50
N ASN A 338 32.48 -33.60 6.98
CA ASN A 338 33.56 -34.06 6.09
C ASN A 338 33.75 -35.58 6.17
N PHE A 339 33.25 -36.18 7.25
CA PHE A 339 33.44 -37.60 7.55
C PHE A 339 32.05 -38.29 7.61
N PRO A 340 32.04 -39.60 7.40
CA PRO A 340 30.79 -40.28 7.01
C PRO A 340 29.71 -40.37 8.11
N LEU A 341 30.10 -40.24 9.39
CA LEU A 341 29.17 -40.39 10.50
C LEU A 341 28.94 -39.04 11.22
N ASP A 342 27.69 -38.78 11.58
CA ASP A 342 27.36 -37.57 12.27
C ASP A 342 27.31 -37.99 13.74
N LEU A 343 28.44 -37.80 14.44
CA LEU A 343 28.58 -38.28 15.84
C LEU A 343 28.22 -37.30 16.96
N ALA A 344 27.92 -36.06 16.59
CA ALA A 344 27.37 -35.06 17.55
C ALA A 344 26.83 -33.94 16.69
N GLY B 1 -25.12 -4.31 29.50
CA GLY B 1 -25.94 -4.38 28.24
C GLY B 1 -25.58 -5.67 27.56
N LEU B 2 -26.03 -5.84 26.31
CA LEU B 2 -25.63 -6.97 25.52
C LEU B 2 -24.10 -6.95 25.30
N PRO B 3 -23.46 -8.10 25.39
CA PRO B 3 -22.09 -8.29 24.92
C PRO B 3 -22.00 -8.10 23.43
N TRP B 4 -20.80 -7.84 22.90
CA TRP B 4 -20.68 -7.48 21.49
C TRP B 4 -21.14 -8.59 20.60
N TYR B 5 -20.92 -9.83 21.00
CA TYR B 5 -21.25 -11.00 20.19
C TYR B 5 -22.76 -11.35 20.26
N ARG B 6 -23.58 -10.54 20.95
CA ARG B 6 -25.05 -10.72 20.95
C ARG B 6 -25.86 -9.57 20.34
N VAL B 7 -25.21 -8.56 19.76
CA VAL B 7 -25.93 -7.33 19.39
C VAL B 7 -27.08 -7.68 18.44
N HIS B 8 -26.93 -8.70 17.62
CA HIS B 8 -28.02 -8.87 16.61
C HIS B 8 -29.23 -9.58 17.20
N THR B 9 -29.10 -10.10 18.44
CA THR B 9 -30.27 -10.78 19.09
C THR B 9 -31.48 -9.84 19.29
N VAL B 10 -31.32 -8.51 19.11
CA VAL B 10 -32.42 -7.56 19.26
C VAL B 10 -33.45 -7.86 18.19
N LEU B 11 -33.06 -8.69 17.21
CA LEU B 11 -34.03 -8.92 16.09
C LEU B 11 -34.99 -10.12 16.27
N ILE B 12 -34.74 -10.90 17.30
CA ILE B 12 -35.34 -12.24 17.43
C ILE B 12 -36.88 -12.11 17.59
N ASN B 13 -37.31 -11.06 18.30
CA ASN B 13 -38.73 -10.77 18.45
C ASN B 13 -39.18 -9.55 17.74
N ASP B 14 -38.55 -9.27 16.57
CA ASP B 14 -38.91 -8.08 15.80
C ASP B 14 -38.90 -8.45 14.31
N PRO B 15 -40.04 -9.02 13.83
CA PRO B 15 -39.99 -9.57 12.49
C PRO B 15 -39.71 -8.53 11.44
N GLY B 16 -40.25 -7.32 11.61
CA GLY B 16 -40.00 -6.26 10.63
C GLY B 16 -38.52 -5.84 10.60
N ARG B 17 -37.84 -5.72 11.75
CA ARG B 17 -36.44 -5.36 11.66
C ARG B 17 -35.57 -6.54 11.18
N LEU B 18 -36.02 -7.77 11.42
CA LEU B 18 -35.33 -8.94 10.92
C LEU B 18 -35.39 -8.95 9.39
N ILE B 19 -36.55 -8.61 8.88
CA ILE B 19 -36.68 -8.54 7.42
C ILE B 19 -35.78 -7.38 6.89
N ALA B 20 -35.75 -6.23 7.56
CA ALA B 20 -34.80 -5.15 7.20
C ALA B 20 -33.33 -5.64 7.18
N ALA B 21 -32.92 -6.35 8.22
CA ALA B 21 -31.53 -6.88 8.31
C ALA B 21 -31.26 -7.85 7.17
N HIS B 22 -32.26 -8.70 6.87
CA HIS B 22 -32.16 -9.59 5.71
C HIS B 22 -32.08 -8.91 4.38
N LEU B 23 -32.90 -7.85 4.24
CA LEU B 23 -32.85 -7.00 3.06
C LEU B 23 -31.46 -6.39 2.89
N MET B 24 -30.90 -5.88 3.99
CA MET B 24 -29.56 -5.26 3.98
C MET B 24 -28.50 -6.29 3.61
N HIS B 25 -28.57 -7.51 4.17
CA HIS B 25 -27.65 -8.54 3.82
C HIS B 25 -27.76 -8.85 2.35
N THR B 26 -29.01 -8.99 1.88
CA THR B 26 -29.24 -9.30 0.48
C THR B 26 -28.70 -8.16 -0.44
N ALA B 27 -28.85 -6.91 0.01
CA ALA B 27 -28.36 -5.76 -0.77
C ALA B 27 -26.80 -5.83 -0.85
N LEU B 28 -26.15 -6.20 0.26
CA LEU B 28 -24.68 -6.31 0.32
C LEU B 28 -24.20 -7.41 -0.65
N VAL B 29 -24.88 -8.55 -0.65
CA VAL B 29 -24.46 -9.70 -1.44
C VAL B 29 -24.64 -9.37 -2.93
N ALA B 30 -25.74 -8.72 -3.26
CA ALA B 30 -26.06 -8.47 -4.68
C ALA B 30 -25.10 -7.34 -5.10
N GLY B 31 -24.81 -6.38 -4.19
CA GLY B 31 -23.81 -5.30 -4.49
C GLY B 31 -22.42 -5.93 -4.69
N TRP B 32 -22.09 -6.93 -3.90
CA TRP B 32 -20.85 -7.70 -4.13
C TRP B 32 -20.79 -8.31 -5.50
N ALA B 33 -21.86 -8.99 -5.88
CA ALA B 33 -21.87 -9.65 -7.20
C ALA B 33 -21.68 -8.65 -8.31
N GLY B 34 -22.37 -7.53 -8.21
CA GLY B 34 -22.22 -6.46 -9.20
C GLY B 34 -20.81 -5.89 -9.27
N SER B 35 -20.23 -5.54 -8.10
CA SER B 35 -18.91 -4.97 -8.04
CA SER B 35 -18.94 -4.91 -8.14
C SER B 35 -17.89 -5.96 -8.52
N MET B 36 -18.07 -7.23 -8.14
CA MET B 36 -17.09 -8.26 -8.50
C MET B 36 -17.08 -8.42 -10.00
N ALA B 37 -18.28 -8.46 -10.59
CA ALA B 37 -18.33 -8.59 -12.06
C ALA B 37 -17.66 -7.38 -12.74
N LEU B 38 -17.89 -6.17 -12.24
CA LEU B 38 -17.26 -4.97 -12.83
C LEU B 38 -15.74 -5.03 -12.77
N TYR B 39 -15.20 -5.38 -11.61
CA TYR B 39 -13.75 -5.51 -11.44
C TYR B 39 -13.20 -6.58 -12.40
N GLU B 40 -13.93 -7.67 -12.55
CA GLU B 40 -13.45 -8.70 -13.48
C GLU B 40 -13.49 -8.18 -14.88
N LEU B 41 -14.56 -7.48 -15.29
CA LEU B 41 -14.60 -6.91 -16.63
C LEU B 41 -13.52 -5.88 -16.90
N ALA B 42 -13.15 -5.12 -15.86
CA ALA B 42 -12.07 -4.13 -15.96
C ALA B 42 -10.66 -4.77 -16.02
N THR B 43 -10.52 -6.02 -15.63
CA THR B 43 -9.22 -6.66 -15.71
C THR B 43 -9.18 -7.83 -16.76
N PHE B 44 -10.32 -8.30 -17.25
CA PHE B 44 -10.34 -9.53 -18.05
C PHE B 44 -9.84 -9.23 -19.47
N ASP B 45 -8.94 -10.08 -19.99
CA ASP B 45 -8.51 -10.01 -21.40
C ASP B 45 -9.22 -11.07 -22.25
N PRO B 46 -10.16 -10.66 -23.15
CA PRO B 46 -10.92 -11.66 -23.89
C PRO B 46 -10.23 -12.07 -25.17
N SER B 47 -8.98 -11.63 -25.36
CA SER B 47 -8.34 -11.85 -26.68
C SER B 47 -7.83 -13.26 -27.00
N ASP B 48 -7.80 -14.18 -26.01
CA ASP B 48 -7.28 -15.53 -26.31
C ASP B 48 -7.92 -16.61 -25.44
N PRO B 49 -9.12 -17.09 -25.85
CA PRO B 49 -9.80 -18.18 -25.15
C PRO B 49 -8.96 -19.47 -25.12
N VAL B 50 -7.95 -19.61 -25.99
CA VAL B 50 -7.21 -20.88 -26.10
C VAL B 50 -6.13 -20.99 -25.00
N LEU B 51 -5.23 -20.01 -24.96
CA LEU B 51 -4.14 -20.04 -23.95
C LEU B 51 -4.25 -19.00 -22.83
N ASN B 52 -5.20 -18.09 -22.94
CA ASN B 52 -5.51 -17.14 -21.86
C ASN B 52 -6.98 -17.09 -21.47
N PRO B 53 -7.62 -18.24 -21.20
CA PRO B 53 -9.04 -18.20 -20.89
C PRO B 53 -9.24 -17.62 -19.47
N MET B 54 -10.48 -17.39 -19.10
CA MET B 54 -10.87 -16.77 -17.80
C MET B 54 -10.22 -17.45 -16.59
N TRP B 55 -10.09 -18.78 -16.59
CA TRP B 55 -9.54 -19.49 -15.40
C TRP B 55 -8.04 -19.33 -15.19
N ARG B 56 -7.30 -18.86 -16.22
CA ARG B 56 -5.91 -18.49 -16.05
C ARG B 56 -5.78 -17.03 -15.47
N GLN B 57 -6.86 -16.28 -15.47
CA GLN B 57 -6.87 -14.84 -15.18
C GLN B 57 -7.47 -14.50 -13.79
N GLY B 58 -7.72 -15.52 -12.98
CA GLY B 58 -8.29 -15.28 -11.61
C GLY B 58 -9.75 -14.87 -11.67
N MET B 59 -10.48 -15.26 -12.73
CA MET B 59 -11.87 -14.88 -12.80
C MET B 59 -12.68 -15.86 -11.95
N PHE B 60 -13.54 -15.31 -11.13
CA PHE B 60 -14.29 -16.10 -10.18
C PHE B 60 -15.78 -15.99 -10.51
N VAL B 61 -16.29 -14.78 -10.80
CA VAL B 61 -17.71 -14.73 -11.17
C VAL B 61 -18.01 -14.89 -12.67
N LEU B 62 -17.08 -14.47 -13.53
CA LEU B 62 -17.26 -14.64 -14.97
C LEU B 62 -17.72 -16.07 -15.35
N PRO B 63 -17.09 -17.13 -14.78
CA PRO B 63 -17.51 -18.46 -15.16
C PRO B 63 -18.95 -18.83 -14.74
N PHE B 64 -19.46 -18.26 -13.66
CA PHE B 64 -20.85 -18.40 -13.24
C PHE B 64 -21.81 -17.70 -14.20
N MET B 65 -21.40 -16.57 -14.76
CA MET B 65 -22.24 -15.90 -15.75
C MET B 65 -22.31 -16.77 -17.02
N ALA B 66 -21.14 -17.21 -17.46
CA ALA B 66 -20.97 -18.09 -18.58
C ALA B 66 -21.71 -19.39 -18.42
N ARG B 67 -21.66 -19.98 -17.23
CA ARG B 67 -22.28 -21.33 -17.06
C ARG B 67 -23.78 -21.30 -17.44
N LEU B 68 -24.44 -20.17 -17.14
CA LEU B 68 -25.89 -20.09 -17.39
C LEU B 68 -26.26 -19.36 -18.66
N GLY B 69 -25.27 -19.06 -19.51
CA GLY B 69 -25.62 -18.47 -20.81
C GLY B 69 -25.21 -17.06 -21.06
N VAL B 70 -24.62 -16.37 -20.06
CA VAL B 70 -24.10 -15.01 -20.33
C VAL B 70 -22.65 -15.12 -20.87
N THR B 71 -22.46 -14.87 -22.17
CA THR B 71 -21.16 -15.16 -22.79
C THR B 71 -20.54 -13.96 -23.55
N GLY B 72 -21.30 -12.90 -23.77
CA GLY B 72 -20.84 -11.73 -24.54
C GLY B 72 -20.72 -10.45 -23.75
N SER B 73 -19.88 -9.54 -24.25
CA SER B 73 -19.83 -8.18 -23.78
C SER B 73 -20.56 -7.22 -24.73
N TRP B 74 -21.15 -6.16 -24.17
CA TRP B 74 -21.54 -5.00 -24.99
C TRP B 74 -20.48 -4.49 -25.94
N SER B 75 -19.20 -4.65 -25.63
CA SER B 75 -18.16 -4.09 -26.48
C SER B 75 -17.88 -5.02 -27.68
N GLY B 76 -18.60 -6.13 -27.76
CA GLY B 76 -18.64 -6.97 -28.99
C GLY B 76 -17.94 -8.33 -28.94
N TRP B 77 -17.21 -8.63 -27.87
CA TRP B 77 -16.57 -9.93 -27.82
C TRP B 77 -17.38 -10.96 -27.08
N SER B 78 -17.05 -12.25 -27.27
CA SER B 78 -17.71 -13.33 -26.58
C SER B 78 -16.64 -14.23 -26.01
N ILE B 79 -16.96 -14.95 -24.93
CA ILE B 79 -15.91 -15.77 -24.26
C ILE B 79 -15.51 -16.98 -25.08
N THR B 80 -16.28 -17.30 -26.13
CA THR B 80 -15.84 -18.37 -27.00
C THR B 80 -14.95 -17.80 -28.11
N GLY B 81 -14.59 -16.52 -28.07
CA GLY B 81 -13.72 -15.97 -29.06
C GLY B 81 -14.43 -15.44 -30.31
N GLU B 82 -15.76 -15.39 -30.32
CA GLU B 82 -16.41 -14.56 -31.36
C GLU B 82 -16.15 -13.04 -31.24
N THR B 83 -16.35 -12.37 -32.40
CA THR B 83 -16.31 -10.90 -32.58
C THR B 83 -17.62 -10.49 -33.24
N GLY B 84 -17.93 -9.19 -33.17
CA GLY B 84 -19.22 -8.65 -33.64
C GLY B 84 -20.41 -9.53 -33.24
N ILE B 85 -20.54 -9.82 -31.95
CA ILE B 85 -21.78 -10.42 -31.45
C ILE B 85 -22.59 -9.33 -30.78
N ASP B 86 -23.90 -9.47 -30.85
CA ASP B 86 -24.73 -8.57 -30.09
C ASP B 86 -25.36 -9.38 -28.98
N PRO B 87 -24.89 -9.21 -27.72
CA PRO B 87 -25.46 -10.04 -26.64
C PRO B 87 -26.82 -9.56 -26.16
N GLY B 88 -27.27 -8.41 -26.64
CA GLY B 88 -28.49 -7.80 -26.10
C GLY B 88 -28.15 -7.20 -24.73
N PHE B 89 -29.18 -6.95 -23.94
CA PHE B 89 -29.00 -6.35 -22.66
C PHE B 89 -28.17 -7.27 -21.77
N TRP B 90 -28.47 -8.57 -21.78
CA TRP B 90 -27.84 -9.48 -20.79
C TRP B 90 -26.41 -9.92 -21.14
N SER B 91 -25.55 -8.93 -21.35
CA SER B 91 -24.10 -9.12 -21.45
C SER B 91 -23.57 -9.22 -20.02
N PHE B 92 -22.27 -9.49 -19.85
CA PHE B 92 -21.67 -9.44 -18.48
C PHE B 92 -21.97 -8.08 -17.85
N GLU B 93 -21.86 -6.99 -18.63
CA GLU B 93 -22.13 -5.63 -18.14
C GLU B 93 -23.61 -5.52 -17.73
N GLY B 94 -24.56 -6.04 -18.52
CA GLY B 94 -25.94 -5.83 -18.09
C GLY B 94 -26.28 -6.61 -16.85
N VAL B 95 -25.71 -7.80 -16.71
CA VAL B 95 -25.85 -8.59 -15.50
C VAL B 95 -25.27 -7.82 -14.30
N ALA B 96 -24.08 -7.23 -14.46
CA ALA B 96 -23.48 -6.46 -13.31
C ALA B 96 -24.38 -5.27 -12.93
N LEU B 97 -24.81 -4.49 -13.93
CA LEU B 97 -25.67 -3.33 -13.67
C LEU B 97 -26.98 -3.78 -13.00
N ALA B 98 -27.62 -4.85 -13.51
CA ALA B 98 -28.83 -5.35 -12.84
C ALA B 98 -28.57 -5.66 -11.36
N HIS B 99 -27.43 -6.24 -11.02
CA HIS B 99 -27.13 -6.54 -9.61
C HIS B 99 -26.94 -5.31 -8.76
N ILE B 100 -26.30 -4.30 -9.34
CA ILE B 100 -26.08 -3.02 -8.63
C ILE B 100 -27.44 -2.32 -8.40
N VAL B 101 -28.30 -2.28 -9.41
CA VAL B 101 -29.62 -1.67 -9.20
C VAL B 101 -30.47 -2.45 -8.15
N LEU B 102 -30.40 -3.78 -8.19
CA LEU B 102 -31.12 -4.62 -7.25
C LEU B 102 -30.62 -4.25 -5.84
N SER B 103 -29.31 -4.15 -5.74
CA SER B 103 -28.68 -3.83 -4.44
C SER B 103 -29.32 -2.55 -3.94
N GLY B 104 -29.41 -1.52 -4.81
CA GLY B 104 -29.98 -0.20 -4.42
C GLY B 104 -31.45 -0.28 -3.96
N LEU B 105 -32.27 -1.02 -4.71
CA LEU B 105 -33.68 -1.22 -4.35
C LEU B 105 -33.84 -1.95 -3.01
N LEU B 106 -33.01 -2.95 -2.76
CA LEU B 106 -33.11 -3.73 -1.56
C LEU B 106 -32.70 -2.87 -0.38
N PHE B 107 -31.70 -2.01 -0.60
CA PHE B 107 -31.24 -1.06 0.46
C PHE B 107 -32.39 -0.12 0.83
N LEU B 108 -33.08 0.46 -0.16
CA LEU B 108 -34.25 1.29 0.12
C LEU B 108 -35.36 0.54 0.89
N ALA B 109 -35.71 -0.66 0.43
CA ALA B 109 -36.73 -1.52 1.12
C ALA B 109 -36.29 -1.76 2.59
N ALA B 110 -35.01 -2.08 2.77
CA ALA B 110 -34.50 -2.20 4.18
C ALA B 110 -34.79 -1.01 5.03
N CYS B 111 -34.54 0.18 4.47
CA CYS B 111 -34.79 1.42 5.24
C CYS B 111 -36.30 1.49 5.63
N TRP B 112 -37.16 1.14 4.69
CA TRP B 112 -38.60 1.19 4.97
C TRP B 112 -38.94 0.20 6.04
N HIS B 113 -38.42 -1.02 5.94
CA HIS B 113 -38.81 -2.08 6.91
C HIS B 113 -38.27 -1.82 8.28
N TRP B 114 -37.13 -1.12 8.36
CA TRP B 114 -36.53 -0.75 9.63
C TRP B 114 -37.36 0.31 10.32
N VAL B 115 -37.77 1.32 9.56
CA VAL B 115 -38.55 2.44 10.16
C VAL B 115 -39.95 1.97 10.59
N TYR B 116 -40.64 1.35 9.60
CA TYR B 116 -42.01 0.77 9.77
C TYR B 116 -41.98 -0.68 10.23
N TRP B 117 -41.30 -0.91 11.35
CA TRP B 117 -41.15 -2.28 11.85
C TRP B 117 -42.44 -2.77 12.51
N ASP B 118 -43.23 -1.84 13.01
CA ASP B 118 -44.37 -2.25 13.90
C ASP B 118 -45.61 -2.45 13.06
N LEU B 119 -45.57 -3.43 12.19
CA LEU B 119 -46.71 -3.72 11.38
C LEU B 119 -47.62 -4.76 12.06
N GLU B 120 -48.93 -4.54 11.87
CA GLU B 120 -49.97 -5.41 12.45
C GLU B 120 -49.76 -6.83 11.95
N LEU B 121 -49.37 -6.96 10.68
CA LEU B 121 -49.02 -8.28 10.08
C LEU B 121 -48.13 -9.13 10.97
N PHE B 122 -47.23 -8.50 11.72
CA PHE B 122 -46.28 -9.29 12.47
C PHE B 122 -46.76 -9.65 13.90
N ARG B 123 -48.00 -9.27 14.24
CA ARG B 123 -48.54 -9.51 15.58
C ARG B 123 -49.47 -10.69 15.52
N ASP B 124 -49.32 -11.61 16.46
CA ASP B 124 -50.30 -12.66 16.67
C ASP B 124 -51.67 -12.02 17.02
N PRO B 125 -52.67 -12.23 16.14
CA PRO B 125 -54.03 -11.67 16.38
C PRO B 125 -54.66 -12.10 17.71
N ARG B 126 -54.24 -13.22 18.29
CA ARG B 126 -54.78 -13.66 19.59
CA ARG B 126 -54.81 -13.59 19.56
C ARG B 126 -54.11 -12.96 20.77
N THR B 127 -52.81 -12.74 20.70
CA THR B 127 -52.11 -12.22 21.88
C THR B 127 -51.60 -10.78 21.72
N GLY B 128 -51.59 -10.25 20.50
CA GLY B 128 -50.95 -8.93 20.33
C GLY B 128 -49.42 -8.99 20.38
N GLU B 129 -48.85 -10.17 20.58
CA GLU B 129 -47.40 -10.35 20.61
C GLU B 129 -46.81 -10.57 19.20
N PRO B 130 -45.59 -10.06 18.98
CA PRO B 130 -44.90 -10.34 17.69
C PRO B 130 -44.80 -11.85 17.53
N ALA B 131 -45.12 -12.35 16.35
CA ALA B 131 -45.13 -13.78 16.12
C ALA B 131 -45.04 -14.06 14.62
N LEU B 132 -44.25 -15.08 14.27
CA LEU B 132 -44.19 -15.54 12.91
C LEU B 132 -44.61 -16.98 12.94
N ASP B 133 -45.54 -17.34 12.04
CA ASP B 133 -45.99 -18.72 11.93
C ASP B 133 -45.08 -19.49 10.96
N LEU B 134 -43.96 -19.96 11.48
CA LEU B 134 -42.87 -20.53 10.67
C LEU B 134 -43.31 -21.79 9.87
N PRO B 135 -44.17 -22.67 10.48
CA PRO B 135 -44.49 -23.82 9.65
C PRO B 135 -45.21 -23.45 8.36
N LYS B 136 -46.08 -22.43 8.40
CA LYS B 136 -46.81 -22.06 7.20
C LYS B 136 -45.88 -21.23 6.31
N MET B 137 -45.03 -20.39 6.92
CA MET B 137 -44.03 -19.66 6.11
C MET B 137 -43.15 -20.66 5.33
N PHE B 138 -42.80 -21.79 5.95
CA PHE B 138 -42.01 -22.78 5.26
C PHE B 138 -42.72 -23.31 4.03
N GLY B 139 -44.00 -23.66 4.17
CA GLY B 139 -44.71 -24.15 2.97
C GLY B 139 -44.81 -23.08 1.90
N ILE B 140 -45.08 -21.82 2.30
CA ILE B 140 -45.15 -20.74 1.27
C ILE B 140 -43.78 -20.62 0.54
N HIS B 141 -42.70 -20.55 1.31
CA HIS B 141 -41.36 -20.39 0.66
C HIS B 141 -40.97 -21.63 -0.11
N LEU B 142 -41.34 -22.82 0.39
CA LEU B 142 -41.00 -24.06 -0.31
C LEU B 142 -41.76 -24.16 -1.65
N PHE B 143 -43.03 -23.78 -1.62
CA PHE B 143 -43.85 -23.69 -2.86
C PHE B 143 -43.19 -22.75 -3.87
N LEU B 144 -42.87 -21.53 -3.43
CA LEU B 144 -42.11 -20.57 -4.26
C LEU B 144 -40.79 -21.13 -4.79
N ALA B 145 -39.96 -21.69 -3.90
CA ALA B 145 -38.72 -22.34 -4.35
C ALA B 145 -39.05 -23.41 -5.42
N GLY B 146 -40.15 -24.18 -5.24
CA GLY B 146 -40.39 -25.31 -6.15
C GLY B 146 -40.76 -24.76 -7.51
N LEU B 147 -41.60 -23.73 -7.53
CA LEU B 147 -41.99 -23.12 -8.81
C LEU B 147 -40.78 -22.59 -9.52
N LEU B 148 -39.91 -21.88 -8.76
CA LEU B 148 -38.69 -21.33 -9.40
C LEU B 148 -37.73 -22.38 -9.90
N CYS B 149 -37.54 -23.43 -9.12
CA CYS B 149 -36.69 -24.53 -9.49
C CYS B 149 -37.27 -25.20 -10.76
N PHE B 150 -38.56 -25.47 -10.70
CA PHE B 150 -39.23 -26.02 -11.93
C PHE B 150 -39.04 -25.16 -13.14
N GLY B 151 -39.36 -23.89 -13.06
CA GLY B 151 -39.22 -22.99 -14.20
C GLY B 151 -37.79 -22.81 -14.73
N PHE B 152 -36.83 -22.80 -13.81
CA PHE B 152 -35.40 -22.74 -14.20
C PHE B 152 -35.08 -23.98 -15.03
N GLY B 153 -35.47 -25.14 -14.51
CA GLY B 153 -35.22 -26.37 -15.28
C GLY B 153 -36.01 -26.47 -16.62
N ALA B 154 -37.33 -26.21 -16.57
CA ALA B 154 -38.24 -26.42 -17.78
C ALA B 154 -38.06 -25.42 -18.89
N PHE B 155 -37.67 -24.19 -18.52
CA PHE B 155 -37.58 -23.10 -19.47
C PHE B 155 -36.14 -22.64 -19.73
N HIS B 156 -35.40 -22.30 -18.65
CA HIS B 156 -34.04 -21.76 -18.90
C HIS B 156 -33.12 -22.82 -19.40
N LEU B 157 -33.02 -23.95 -18.67
CA LEU B 157 -31.99 -24.97 -19.04
C LEU B 157 -32.33 -25.72 -20.39
N THR B 158 -33.61 -25.90 -20.66
CA THR B 158 -34.02 -26.53 -21.92
C THR B 158 -33.87 -25.64 -23.10
N GLY B 159 -33.77 -24.33 -22.89
CA GLY B 159 -33.74 -23.39 -24.02
C GLY B 159 -35.15 -23.08 -24.52
N LEU B 160 -36.13 -23.74 -23.96
CA LEU B 160 -37.57 -23.51 -24.27
C LEU B 160 -37.94 -22.05 -24.05
N PHE B 161 -37.47 -21.40 -22.96
CA PHE B 161 -37.59 -19.95 -22.90
C PHE B 161 -36.39 -19.54 -22.02
N GLY B 162 -35.24 -19.37 -22.66
CA GLY B 162 -33.97 -19.15 -21.97
C GLY B 162 -32.84 -19.66 -22.82
N PRO B 163 -31.59 -19.51 -22.34
CA PRO B 163 -30.45 -19.81 -23.19
C PRO B 163 -29.91 -21.23 -23.07
N GLY B 164 -30.27 -21.99 -22.05
CA GLY B 164 -29.61 -23.28 -21.90
C GLY B 164 -28.50 -23.19 -20.82
N MET B 165 -27.44 -23.98 -20.96
CA MET B 165 -26.30 -23.98 -20.03
C MET B 165 -25.05 -24.35 -20.83
N TRP B 166 -23.88 -24.15 -20.23
CA TRP B 166 -22.61 -24.50 -20.85
C TRP B 166 -22.45 -26.00 -20.88
N VAL B 167 -22.08 -26.47 -22.07
CA VAL B 167 -21.76 -27.87 -22.26
C VAL B 167 -20.51 -27.99 -23.13
N SER B 168 -19.83 -29.13 -23.09
CA SER B 168 -18.65 -29.26 -23.89
C SER B 168 -18.41 -30.73 -24.24
N ASP B 169 -17.38 -30.98 -25.05
CA ASP B 169 -16.93 -32.33 -25.31
C ASP B 169 -16.08 -32.82 -24.11
N PRO B 170 -15.70 -34.09 -24.10
CA PRO B 170 -15.02 -34.69 -22.95
C PRO B 170 -13.64 -34.11 -22.69
N TYR B 171 -13.10 -33.33 -23.63
CA TYR B 171 -11.75 -32.73 -23.48
C TYR B 171 -11.78 -31.20 -23.40
N GLY B 172 -12.96 -30.64 -23.16
CA GLY B 172 -13.11 -29.18 -22.98
C GLY B 172 -12.50 -28.34 -24.09
N LEU B 173 -12.79 -28.72 -25.32
CA LEU B 173 -12.15 -28.07 -26.46
C LEU B 173 -13.15 -27.21 -27.23
N THR B 174 -14.44 -27.52 -27.14
CA THR B 174 -15.43 -26.84 -28.02
C THR B 174 -16.66 -26.45 -27.23
N GLY B 175 -16.48 -25.97 -26.00
CA GLY B 175 -17.65 -25.61 -25.15
C GLY B 175 -18.46 -24.43 -25.63
N SER B 176 -19.76 -24.44 -25.35
CA SER B 176 -20.61 -23.33 -25.66
C SER B 176 -21.89 -23.53 -24.87
N VAL B 177 -22.75 -22.53 -24.87
CA VAL B 177 -23.99 -22.59 -24.17
C VAL B 177 -25.01 -23.26 -25.13
N GLN B 178 -25.68 -24.30 -24.65
CA GLN B 178 -26.66 -25.01 -25.55
C GLN B 178 -27.87 -25.32 -24.75
N PRO B 179 -29.04 -25.45 -25.43
CA PRO B 179 -30.18 -25.96 -24.72
C PRO B 179 -29.95 -27.44 -24.38
N VAL B 180 -30.52 -27.92 -23.29
CA VAL B 180 -30.19 -29.29 -22.87
C VAL B 180 -31.54 -29.91 -22.54
N ALA B 181 -31.75 -31.10 -23.07
CA ALA B 181 -33.01 -31.84 -22.81
C ALA B 181 -32.87 -32.65 -21.55
N PRO B 182 -33.94 -32.81 -20.76
CA PRO B 182 -33.83 -33.60 -19.54
C PRO B 182 -33.50 -35.05 -19.86
N GLU B 183 -32.64 -35.65 -19.04
CA GLU B 183 -32.40 -37.10 -19.09
C GLU B 183 -33.22 -37.85 -18.02
N TRP B 184 -34.15 -38.69 -18.45
CA TRP B 184 -35.10 -39.31 -17.48
C TRP B 184 -34.77 -40.71 -17.07
N GLY B 185 -33.72 -41.25 -17.67
CA GLY B 185 -33.20 -42.58 -17.33
C GLY B 185 -32.12 -42.52 -16.23
N PRO B 186 -31.58 -43.68 -15.86
CA PRO B 186 -30.61 -43.72 -14.77
C PRO B 186 -29.36 -42.84 -15.00
N ASP B 187 -29.00 -42.57 -16.25
CA ASP B 187 -27.85 -41.72 -16.54
C ASP B 187 -28.12 -40.26 -16.14
N GLY B 188 -29.34 -39.96 -15.70
CA GLY B 188 -29.70 -38.62 -15.25
C GLY B 188 -28.96 -38.36 -13.92
N PHE B 189 -28.49 -39.44 -13.27
CA PHE B 189 -27.82 -39.37 -11.96
C PHE B 189 -26.30 -39.40 -12.08
N ASN B 190 -25.81 -39.38 -13.29
CA ASN B 190 -24.42 -39.32 -13.59
C ASN B 190 -24.05 -37.83 -13.45
N PRO B 191 -23.12 -37.48 -12.50
CA PRO B 191 -22.80 -36.04 -12.35
C PRO B 191 -22.27 -35.39 -13.65
N TYR B 192 -21.70 -36.15 -14.57
CA TYR B 192 -21.15 -35.59 -15.81
C TYR B 192 -22.18 -35.41 -16.94
N ASN B 193 -23.41 -35.84 -16.70
CA ASN B 193 -24.47 -35.74 -17.76
C ASN B 193 -25.33 -34.52 -17.56
N PRO B 194 -25.23 -33.50 -18.46
CA PRO B 194 -25.96 -32.24 -18.26
C PRO B 194 -27.47 -32.47 -18.19
N GLY B 195 -27.97 -33.45 -18.95
CA GLY B 195 -29.42 -33.69 -18.98
C GLY B 195 -29.95 -34.07 -17.61
N GLY B 196 -29.09 -34.62 -16.76
CA GLY B 196 -29.54 -34.92 -15.41
C GLY B 196 -29.76 -33.65 -14.59
N VAL B 197 -29.03 -32.56 -14.91
CA VAL B 197 -29.24 -31.31 -14.18
C VAL B 197 -30.58 -30.75 -14.58
N VAL B 198 -30.92 -30.91 -15.84
CA VAL B 198 -32.21 -30.45 -16.31
C VAL B 198 -33.32 -31.25 -15.63
N ALA B 199 -33.17 -32.56 -15.61
CA ALA B 199 -34.22 -33.44 -15.07
C ALA B 199 -34.35 -33.19 -13.59
N HIS B 200 -33.21 -33.06 -12.90
CA HIS B 200 -33.26 -32.65 -11.47
C HIS B 200 -34.13 -31.48 -11.22
N HIS B 201 -33.97 -30.40 -11.98
CA HIS B 201 -34.70 -29.20 -11.66
C HIS B 201 -36.20 -29.32 -11.92
N ILE B 202 -36.50 -30.03 -12.99
CA ILE B 202 -37.92 -30.29 -13.36
C ILE B 202 -38.59 -31.10 -12.28
N ALA B 203 -37.94 -32.19 -11.90
CA ALA B 203 -38.47 -33.16 -10.94
C ALA B 203 -38.45 -32.67 -9.48
N ALA B 204 -37.29 -32.23 -8.98
CA ALA B 204 -37.29 -31.66 -7.62
C ALA B 204 -38.20 -30.47 -7.54
N GLY B 205 -38.28 -29.71 -8.62
CA GLY B 205 -39.22 -28.53 -8.66
C GLY B 205 -40.68 -28.96 -8.41
N ILE B 206 -41.12 -29.97 -9.16
CA ILE B 206 -42.50 -30.51 -8.97
C ILE B 206 -42.68 -31.00 -7.52
N VAL B 207 -41.68 -31.71 -7.01
CA VAL B 207 -41.72 -32.18 -5.62
C VAL B 207 -41.80 -31.07 -4.63
N GLY B 208 -41.07 -29.98 -4.89
CA GLY B 208 -41.11 -28.84 -3.99
C GLY B 208 -42.48 -28.15 -4.05
N ILE B 209 -43.09 -28.09 -5.23
CA ILE B 209 -44.43 -27.50 -5.34
C ILE B 209 -45.40 -28.33 -4.43
N ILE B 210 -45.33 -29.64 -4.57
CA ILE B 210 -46.26 -30.54 -3.89
C ILE B 210 -46.01 -30.50 -2.41
N ALA B 211 -44.76 -30.66 -2.03
CA ALA B 211 -44.42 -30.57 -0.59
C ALA B 211 -44.75 -29.21 -0.04
N GLY B 212 -44.59 -28.18 -0.86
CA GLY B 212 -44.92 -26.81 -0.41
C GLY B 212 -46.43 -26.71 -0.09
N LEU B 213 -47.25 -27.22 -1.00
CA LEU B 213 -48.72 -27.26 -0.76
C LEU B 213 -49.04 -28.03 0.50
N PHE B 214 -48.39 -29.17 0.70
CA PHE B 214 -48.59 -29.91 1.92
C PHE B 214 -48.26 -29.05 3.17
N HIS B 215 -47.16 -28.30 3.07
CA HIS B 215 -46.72 -27.56 4.26
C HIS B 215 -47.55 -26.31 4.47
N ILE B 216 -48.19 -25.82 3.41
CA ILE B 216 -49.11 -24.71 3.60
C ILE B 216 -50.40 -25.25 4.30
N LEU B 217 -50.84 -26.45 3.92
CA LEU B 217 -52.20 -26.96 4.24
C LEU B 217 -52.29 -27.80 5.47
N VAL B 218 -51.20 -28.49 5.83
CA VAL B 218 -51.21 -29.41 6.96
C VAL B 218 -50.32 -28.89 8.12
N ARG B 219 -50.92 -28.72 9.29
CA ARG B 219 -50.17 -28.33 10.48
C ARG B 219 -49.12 -29.38 10.98
N PRO B 220 -47.99 -28.93 11.58
CA PRO B 220 -47.06 -29.89 12.23
C PRO B 220 -47.82 -30.72 13.30
N PRO B 221 -47.38 -31.95 13.54
CA PRO B 221 -47.85 -32.75 14.67
C PRO B 221 -47.43 -32.10 15.95
N GLN B 222 -48.29 -32.12 16.97
CA GLN B 222 -47.90 -31.60 18.29
CA GLN B 222 -47.87 -31.53 18.26
C GLN B 222 -46.52 -32.11 18.71
N ARG B 223 -46.33 -33.40 18.49
CA ARG B 223 -45.11 -34.05 18.95
C ARG B 223 -43.83 -33.45 18.29
N LEU B 224 -43.91 -33.13 17.00
CA LEU B 224 -42.75 -32.53 16.26
C LEU B 224 -42.63 -31.06 16.56
N TYR B 225 -43.78 -30.41 16.72
CA TYR B 225 -43.83 -29.00 17.07
C TYR B 225 -43.07 -28.76 18.35
N LYS B 226 -43.32 -29.58 19.37
CA LYS B 226 -42.65 -29.42 20.66
C LYS B 226 -41.19 -29.87 20.59
N ALA B 227 -40.93 -31.04 19.98
CA ALA B 227 -39.59 -31.63 19.92
C ALA B 227 -38.58 -30.68 19.20
N LEU B 228 -39.01 -30.07 18.09
CA LEU B 228 -38.15 -29.16 17.31
C LEU B 228 -38.32 -27.67 17.68
N ARG B 229 -39.06 -27.41 18.75
CA ARG B 229 -39.41 -26.04 19.18
C ARG B 229 -39.84 -25.16 18.03
N MET B 230 -40.88 -25.57 17.30
CA MET B 230 -41.32 -24.80 16.13
C MET B 230 -41.88 -23.41 16.36
N GLY B 231 -42.14 -23.03 17.61
CA GLY B 231 -42.45 -21.62 17.91
C GLY B 231 -41.22 -20.69 18.03
N ASN B 232 -39.99 -21.28 18.03
CA ASN B 232 -38.71 -20.55 18.22
C ASN B 232 -37.96 -20.37 16.87
N ILE B 233 -37.87 -19.11 16.38
CA ILE B 233 -37.18 -18.83 15.12
C ILE B 233 -35.76 -19.45 15.07
N GLU B 234 -35.14 -19.60 16.21
CA GLU B 234 -33.78 -20.13 16.20
C GLU B 234 -33.74 -21.58 15.77
N THR B 235 -34.85 -22.32 15.91
CA THR B 235 -34.83 -23.67 15.39
C THR B 235 -34.61 -23.64 13.87
N VAL B 236 -35.23 -22.70 13.20
CA VAL B 236 -35.15 -22.63 11.73
C VAL B 236 -33.68 -22.24 11.35
N LEU B 237 -33.08 -21.33 12.12
CA LEU B 237 -31.66 -20.99 11.88
C LEU B 237 -30.79 -22.25 11.95
N SER B 238 -30.95 -23.02 13.03
CA SER B 238 -30.20 -24.27 13.21
CA SER B 238 -30.21 -24.28 13.25
C SER B 238 -30.31 -25.25 12.05
N SER B 239 -31.54 -25.54 11.63
CA SER B 239 -31.69 -26.52 10.54
C SER B 239 -31.34 -25.92 9.19
N SER B 240 -31.61 -24.64 8.97
CA SER B 240 -31.22 -24.09 7.68
C SER B 240 -29.65 -24.06 7.58
N ILE B 241 -28.98 -23.77 8.68
CA ILE B 241 -27.49 -23.78 8.64
C ILE B 241 -27.02 -25.19 8.30
N ALA B 242 -27.69 -26.22 8.86
CA ALA B 242 -27.33 -27.58 8.53
C ALA B 242 -27.57 -27.85 7.04
N ALA B 243 -28.66 -27.37 6.48
CA ALA B 243 -28.90 -27.61 5.04
C ALA B 243 -27.82 -26.93 4.17
N VAL B 244 -27.43 -25.75 4.61
CA VAL B 244 -26.47 -24.94 3.88
C VAL B 244 -25.06 -25.57 3.95
N PHE B 245 -24.63 -26.07 5.13
CA PHE B 245 -23.35 -26.75 5.12
C PHE B 245 -23.33 -28.01 4.27
N PHE B 246 -24.49 -28.67 4.20
CA PHE B 246 -24.60 -29.87 3.37
C PHE B 246 -24.38 -29.41 1.92
N ALA B 247 -25.14 -28.43 1.48
CA ALA B 247 -25.03 -27.89 0.10
C ALA B 247 -23.60 -27.39 -0.21
N ALA B 248 -22.97 -26.74 0.78
CA ALA B 248 -21.59 -26.28 0.59
C ALA B 248 -20.56 -27.40 0.45
N PHE B 249 -20.68 -28.48 1.22
CA PHE B 249 -19.76 -29.59 1.01
C PHE B 249 -20.00 -30.18 -0.36
N VAL B 250 -21.26 -30.21 -0.74
CA VAL B 250 -21.55 -30.78 -2.04
C VAL B 250 -20.94 -29.93 -3.17
N VAL B 251 -21.11 -28.59 -3.14
CA VAL B 251 -20.55 -27.84 -4.28
C VAL B 251 -19.01 -27.86 -4.20
N ALA B 252 -18.43 -28.01 -3.02
CA ALA B 252 -16.93 -28.18 -2.96
C ALA B 252 -16.51 -29.47 -3.63
N GLY B 253 -17.24 -30.57 -3.35
CA GLY B 253 -16.84 -31.89 -3.91
C GLY B 253 -17.04 -31.85 -5.44
N THR B 254 -18.15 -31.30 -5.89
CA THR B 254 -18.36 -31.34 -7.38
C THR B 254 -17.43 -30.35 -8.14
N MET B 255 -17.02 -29.27 -7.47
CA MET B 255 -15.98 -28.44 -8.04
C MET B 255 -14.69 -29.24 -8.13
N TRP B 256 -14.28 -29.96 -7.06
CA TRP B 256 -13.00 -30.65 -7.06
C TRP B 256 -12.88 -31.85 -7.97
N TYR B 257 -13.97 -32.65 -8.08
CA TYR B 257 -13.96 -33.86 -8.89
C TYR B 257 -14.44 -33.58 -10.32
N GLY B 258 -15.17 -32.47 -10.51
CA GLY B 258 -15.70 -32.13 -11.84
C GLY B 258 -17.09 -32.71 -11.98
N SER B 259 -17.92 -31.97 -12.69
CA SER B 259 -19.27 -32.43 -13.04
C SER B 259 -19.72 -31.59 -14.27
N ALA B 260 -20.90 -31.89 -14.77
CA ALA B 260 -21.53 -31.13 -15.85
C ALA B 260 -21.74 -29.66 -15.46
N THR B 261 -21.68 -29.34 -14.14
CA THR B 261 -21.83 -27.95 -13.71
C THR B 261 -20.50 -27.24 -13.30
N THR B 262 -19.35 -27.93 -13.43
CA THR B 262 -18.05 -27.29 -13.18
C THR B 262 -17.13 -27.59 -14.37
N PRO B 263 -17.50 -27.05 -15.53
CA PRO B 263 -16.86 -27.44 -16.77
C PRO B 263 -15.41 -26.85 -16.79
N ILE B 264 -14.50 -27.55 -17.45
CA ILE B 264 -13.07 -27.21 -17.36
C ILE B 264 -12.76 -25.94 -18.16
N GLU B 265 -13.59 -25.60 -19.15
CA GLU B 265 -13.31 -24.33 -19.85
C GLU B 265 -13.66 -23.05 -19.04
N LEU B 266 -14.42 -23.19 -17.97
CA LEU B 266 -14.81 -22.07 -17.19
C LEU B 266 -13.98 -22.02 -15.88
N PHE B 267 -13.69 -23.19 -15.32
CA PHE B 267 -13.00 -23.29 -14.02
C PHE B 267 -11.58 -23.84 -14.09
N GLY B 268 -11.18 -24.35 -15.25
CA GLY B 268 -9.84 -24.96 -15.36
C GLY B 268 -9.99 -26.50 -15.21
N PRO B 269 -8.94 -27.25 -15.59
CA PRO B 269 -9.00 -28.71 -15.51
C PRO B 269 -8.94 -29.20 -14.03
N THR B 270 -9.12 -30.49 -13.76
CA THR B 270 -9.10 -30.98 -12.34
C THR B 270 -7.72 -31.57 -12.06
N ARG B 271 -7.42 -31.74 -10.77
CA ARG B 271 -6.18 -32.41 -10.45
C ARG B 271 -6.17 -33.86 -10.93
N TYR B 272 -7.33 -34.52 -11.02
CA TYR B 272 -7.42 -35.95 -11.31
C TYR B 272 -7.08 -36.21 -12.79
N GLN B 273 -7.32 -35.20 -13.64
CA GLN B 273 -7.00 -35.33 -15.11
C GLN B 273 -5.47 -35.37 -15.27
N TRP B 274 -4.75 -34.64 -14.39
CA TRP B 274 -3.28 -34.78 -14.38
C TRP B 274 -2.85 -36.12 -13.82
N ASP B 275 -3.39 -36.52 -12.63
CA ASP B 275 -3.05 -37.79 -11.99
C ASP B 275 -3.15 -38.96 -12.97
N SER B 276 -4.18 -38.93 -13.79
CA SER B 276 -4.42 -40.10 -14.67
C SER B 276 -3.98 -39.81 -16.12
N SER B 277 -3.27 -38.69 -16.34
CA SER B 277 -2.71 -38.34 -17.64
C SER B 277 -3.85 -38.38 -18.67
N TYR B 278 -5.02 -37.92 -18.24
CA TYR B 278 -6.25 -37.90 -19.06
C TYR B 278 -6.03 -37.24 -20.43
N PHE B 279 -5.41 -36.06 -20.44
CA PHE B 279 -5.19 -35.34 -21.69
C PHE B 279 -4.02 -35.95 -22.47
N GLN B 280 -2.99 -36.41 -21.77
CA GLN B 280 -1.85 -37.02 -22.48
C GLN B 280 -2.31 -38.26 -23.27
N GLN B 281 -3.19 -39.05 -22.67
CA GLN B 281 -3.70 -40.29 -23.32
C GLN B 281 -4.45 -39.95 -24.60
N GLU B 282 -5.28 -38.89 -24.57
CA GLU B 282 -6.08 -38.44 -25.75
C GLU B 282 -5.18 -37.88 -26.83
N ILE B 283 -4.18 -37.09 -26.43
CA ILE B 283 -3.21 -36.53 -27.34
C ILE B 283 -2.49 -37.69 -28.06
N ASN B 284 -2.06 -38.69 -27.30
CA ASN B 284 -1.32 -39.81 -27.89
C ASN B 284 -2.21 -40.63 -28.84
N ARG B 285 -3.46 -40.86 -28.45
CA ARG B 285 -4.50 -41.43 -29.33
C ARG B 285 -4.53 -40.70 -30.66
N ARG B 286 -4.68 -39.37 -30.62
CA ARG B 286 -4.84 -38.60 -31.85
CA ARG B 286 -4.85 -38.58 -31.84
C ARG B 286 -3.61 -38.69 -32.72
N VAL B 287 -2.44 -38.59 -32.11
CA VAL B 287 -1.15 -38.66 -32.82
C VAL B 287 -0.98 -40.05 -33.48
N GLN B 288 -1.27 -41.12 -32.75
CA GLN B 288 -1.29 -42.49 -33.31
C GLN B 288 -2.30 -42.67 -34.46
N ALA B 289 -3.51 -42.13 -34.33
CA ALA B 289 -4.46 -42.12 -35.46
C ALA B 289 -3.91 -41.39 -36.69
N SER B 290 -3.27 -40.26 -36.46
CA SER B 290 -2.64 -39.48 -37.51
C SER B 290 -1.55 -40.28 -38.21
N LEU B 291 -0.68 -40.88 -37.42
CA LEU B 291 0.40 -41.68 -37.96
C LEU B 291 -0.14 -42.90 -38.73
N ALA B 292 -1.18 -43.56 -38.18
CA ALA B 292 -1.76 -44.74 -38.81
C ALA B 292 -2.30 -44.36 -40.18
N SER B 293 -2.85 -43.16 -40.30
CA SER B 293 -3.46 -42.74 -41.52
C SER B 293 -2.38 -42.19 -42.44
N GLY B 294 -1.13 -42.28 -42.01
CA GLY B 294 -0.02 -41.93 -42.89
C GLY B 294 0.59 -40.55 -42.77
N ALA B 295 0.31 -39.84 -41.68
CA ALA B 295 0.95 -38.54 -41.47
C ALA B 295 2.44 -38.70 -41.07
N THR B 296 3.27 -37.70 -41.36
CA THR B 296 4.62 -37.68 -40.79
C THR B 296 4.53 -37.32 -39.27
N LEU B 297 5.63 -37.50 -38.55
CA LEU B 297 5.65 -37.25 -37.11
C LEU B 297 5.35 -35.75 -36.89
N GLU B 298 6.02 -34.89 -37.66
CA GLU B 298 5.75 -33.45 -37.62
C GLU B 298 4.30 -33.08 -37.85
N GLU B 299 3.68 -33.70 -38.85
CA GLU B 299 2.28 -33.45 -39.18
C GLU B 299 1.33 -33.99 -38.10
N ALA B 300 1.64 -35.18 -37.57
CA ALA B 300 0.79 -35.80 -36.57
C ALA B 300 0.71 -34.87 -35.30
N TRP B 301 1.87 -34.39 -34.85
CA TRP B 301 1.96 -33.48 -33.70
C TRP B 301 1.43 -32.11 -34.02
N SER B 302 1.59 -31.68 -35.29
CA SER B 302 1.09 -30.37 -35.69
C SER B 302 -0.41 -30.36 -35.73
N ALA B 303 -1.04 -31.52 -35.86
CA ALA B 303 -2.49 -31.56 -35.82
C ALA B 303 -3.05 -31.49 -34.38
N ILE B 304 -2.21 -31.51 -33.34
CA ILE B 304 -2.78 -31.45 -31.97
C ILE B 304 -3.20 -29.99 -31.67
N PRO B 305 -4.47 -29.74 -31.29
CA PRO B 305 -4.84 -28.35 -30.96
C PRO B 305 -3.97 -27.85 -29.76
N GLU B 306 -3.53 -26.59 -29.84
CA GLU B 306 -2.77 -25.98 -28.72
C GLU B 306 -3.61 -26.02 -27.43
N LYS B 307 -4.92 -25.86 -27.55
CA LYS B 307 -5.82 -25.94 -26.41
C LYS B 307 -5.73 -27.31 -25.70
N LEU B 308 -5.59 -28.37 -26.48
CA LEU B 308 -5.49 -29.71 -25.88
C LEU B 308 -4.14 -29.93 -25.18
N ALA B 309 -3.06 -29.47 -25.82
CA ALA B 309 -1.74 -29.66 -25.28
C ALA B 309 -1.67 -28.86 -23.93
N PHE B 310 -2.33 -27.72 -23.89
CA PHE B 310 -2.27 -26.83 -22.69
C PHE B 310 -2.96 -27.48 -21.49
N TYR B 311 -3.99 -28.31 -21.69
CA TYR B 311 -4.57 -29.01 -20.55
C TYR B 311 -3.60 -30.08 -20.03
N ASP B 312 -2.60 -30.47 -20.84
CA ASP B 312 -1.67 -31.51 -20.44
C ASP B 312 -0.40 -30.87 -19.86
N TYR B 313 -0.59 -29.88 -18.98
CA TYR B 313 0.54 -29.11 -18.42
C TYR B 313 0.18 -28.88 -16.92
N ILE B 314 1.13 -29.18 -16.04
CA ILE B 314 0.86 -29.22 -14.61
C ILE B 314 0.57 -27.79 -14.08
N GLY B 315 0.97 -26.76 -14.84
CA GLY B 315 0.76 -25.35 -14.44
C GLY B 315 -0.72 -25.09 -14.40
N ASN B 316 -1.55 -25.96 -15.07
CA ASN B 316 -2.97 -25.78 -15.03
C ASN B 316 -3.70 -26.70 -14.06
N ASN B 317 -2.93 -27.53 -13.37
CA ASN B 317 -3.48 -28.43 -12.34
C ASN B 317 -3.75 -27.56 -11.11
N PRO B 318 -4.97 -27.60 -10.57
CA PRO B 318 -5.36 -26.77 -9.43
C PRO B 318 -4.73 -27.21 -8.11
N ALA B 319 -4.07 -28.37 -8.10
CA ALA B 319 -3.42 -28.85 -6.86
C ALA B 319 -1.93 -28.45 -6.83
N LYS B 320 -1.60 -27.37 -7.52
CA LYS B 320 -0.16 -26.98 -7.55
C LYS B 320 0.08 -25.57 -6.91
N GLY B 321 -0.93 -25.01 -6.22
CA GLY B 321 -0.89 -23.64 -5.73
C GLY B 321 -0.32 -23.51 -4.31
N GLY B 322 -0.58 -22.34 -3.71
CA GLY B 322 -0.14 -22.00 -2.33
C GLY B 322 -1.22 -21.10 -1.78
N LEU B 323 -1.49 -21.28 -0.49
CA LEU B 323 -2.54 -20.47 0.20
C LEU B 323 -2.28 -18.98 0.13
N PHE B 324 -0.99 -18.57 0.25
CA PHE B 324 -0.66 -17.12 0.18
C PHE B 324 -0.06 -16.70 -1.15
N ARG B 325 -0.13 -17.57 -2.19
CA ARG B 325 0.33 -17.22 -3.54
C ARG B 325 -0.87 -16.62 -4.21
N THR B 326 -1.01 -15.29 -4.15
CA THR B 326 -2.31 -14.69 -4.50
C THR B 326 -2.42 -14.35 -6.00
N GLY B 327 -3.66 -14.25 -6.50
CA GLY B 327 -3.96 -13.77 -7.84
C GLY B 327 -4.23 -14.84 -8.92
N PRO B 328 -4.14 -14.41 -10.20
CA PRO B 328 -4.36 -15.25 -11.35
C PRO B 328 -3.22 -16.22 -11.55
N MET B 329 -3.52 -17.37 -12.13
CA MET B 329 -2.42 -18.27 -12.51
C MET B 329 -1.36 -17.59 -13.40
N ASN B 330 -1.75 -16.63 -14.26
CA ASN B 330 -0.80 -15.91 -15.12
C ASN B 330 0.31 -15.21 -14.28
N LYS B 331 -0.04 -14.86 -13.06
CA LYS B 331 0.97 -14.20 -12.18
C LYS B 331 2.13 -15.13 -11.82
N GLY B 332 1.93 -16.43 -11.99
CA GLY B 332 2.97 -17.38 -11.64
C GLY B 332 3.86 -17.79 -12.78
N ASP B 333 3.44 -18.77 -13.59
CA ASP B 333 4.25 -19.16 -14.77
C ASP B 333 4.21 -18.11 -15.89
N GLY B 334 3.26 -17.18 -15.87
CA GLY B 334 3.24 -16.14 -16.87
C GLY B 334 2.00 -16.26 -17.76
N ILE B 335 1.80 -15.33 -18.68
CA ILE B 335 0.66 -15.47 -19.61
C ILE B 335 1.10 -16.40 -20.74
N ALA B 336 0.43 -17.55 -20.89
CA ALA B 336 0.80 -18.52 -21.95
C ALA B 336 0.61 -17.88 -23.37
N GLN B 337 1.65 -18.02 -24.22
CA GLN B 337 1.67 -17.39 -25.57
C GLN B 337 1.51 -18.40 -26.70
N ALA B 338 2.14 -19.57 -26.57
CA ALA B 338 2.20 -20.58 -27.64
C ALA B 338 2.76 -21.88 -27.09
N TRP B 339 2.30 -23.00 -27.63
CA TRP B 339 2.92 -24.28 -27.43
C TRP B 339 4.23 -24.38 -28.17
N LYS B 340 5.25 -24.93 -27.50
CA LYS B 340 6.55 -25.04 -28.13
C LYS B 340 6.56 -26.25 -29.05
N GLY B 341 5.57 -27.12 -28.93
CA GLY B 341 5.61 -28.40 -29.59
C GLY B 341 5.96 -29.50 -28.61
N HIS B 342 5.78 -30.73 -29.10
CA HIS B 342 6.06 -31.90 -28.34
C HIS B 342 7.51 -32.27 -28.35
N ALA B 343 8.15 -32.31 -27.18
CA ALA B 343 9.59 -32.67 -27.09
C ALA B 343 9.80 -34.20 -27.07
N VAL B 344 10.67 -34.70 -27.95
CA VAL B 344 11.02 -36.12 -27.95
C VAL B 344 12.48 -36.19 -27.63
N PHE B 345 12.81 -36.88 -26.54
CA PHE B 345 14.20 -37.01 -26.13
C PHE B 345 14.73 -38.35 -26.68
N ARG B 346 16.01 -38.37 -27.06
CA ARG B 346 16.69 -39.58 -27.57
CA ARG B 346 16.67 -39.60 -27.50
C ARG B 346 18.09 -39.61 -27.00
N ASN B 347 18.64 -40.80 -26.74
CA ASN B 347 20.04 -40.87 -26.34
C ASN B 347 20.95 -41.05 -27.56
N LYS B 348 22.26 -41.21 -27.35
CA LYS B 348 23.23 -41.35 -28.48
C LYS B 348 22.88 -42.57 -29.34
N GLU B 349 22.31 -43.62 -28.75
CA GLU B 349 21.92 -44.80 -29.51
C GLU B 349 20.64 -44.59 -30.29
N GLY B 350 20.01 -43.43 -30.15
CA GLY B 350 18.76 -43.12 -30.88
C GLY B 350 17.49 -43.73 -30.25
N GLU B 351 17.59 -44.28 -29.04
CA GLU B 351 16.35 -44.76 -28.42
CA GLU B 351 16.41 -44.79 -28.32
C GLU B 351 15.53 -43.62 -27.80
N GLU B 352 14.21 -43.68 -27.97
CA GLU B 352 13.36 -42.67 -27.35
C GLU B 352 13.38 -42.78 -25.80
N LEU B 353 13.62 -41.64 -25.14
CA LEU B 353 13.60 -41.52 -23.68
C LEU B 353 12.42 -40.63 -23.21
N PHE B 354 11.88 -40.95 -22.04
CA PHE B 354 10.66 -40.31 -21.53
C PHE B 354 10.96 -39.69 -20.17
N VAL B 355 10.72 -38.39 -20.06
CA VAL B 355 10.95 -37.69 -18.80
C VAL B 355 9.87 -38.11 -17.77
N ARG B 356 10.25 -38.46 -16.56
CA ARG B 356 9.25 -38.81 -15.55
C ARG B 356 8.53 -37.52 -15.09
N ARG B 357 7.20 -37.53 -15.11
CA ARG B 357 6.45 -36.30 -14.78
C ARG B 357 6.36 -36.07 -13.29
N MET B 358 6.24 -34.80 -12.93
CA MET B 358 6.09 -34.41 -11.52
C MET B 358 4.65 -34.71 -11.04
N PRO B 359 4.49 -35.49 -9.96
CA PRO B 359 3.20 -35.61 -9.37
C PRO B 359 2.84 -34.30 -8.62
N ALA B 360 1.55 -34.05 -8.42
CA ALA B 360 1.09 -32.79 -7.78
C ALA B 360 1.66 -32.64 -6.36
N PHE B 361 1.93 -33.73 -5.66
CA PHE B 361 2.47 -33.57 -4.26
C PHE B 361 3.75 -32.80 -4.15
N PHE B 362 4.53 -32.79 -5.24
CA PHE B 362 5.91 -32.40 -5.14
C PHE B 362 6.18 -30.96 -5.56
N GLU B 363 6.71 -30.11 -4.65
CA GLU B 363 7.05 -28.76 -5.06
C GLU B 363 8.27 -28.75 -6.00
N SER B 364 9.17 -29.71 -5.86
CA SER B 364 10.37 -29.83 -6.74
C SER B 364 10.50 -31.33 -7.01
N PHE B 365 11.10 -31.68 -8.15
CA PHE B 365 11.13 -33.08 -8.55
C PHE B 365 12.40 -33.29 -9.40
N PRO B 366 13.04 -34.43 -9.26
CA PRO B 366 14.27 -34.65 -10.07
C PRO B 366 13.96 -34.89 -11.55
N VAL B 367 15.03 -34.86 -12.35
CA VAL B 367 14.88 -35.04 -13.80
C VAL B 367 15.46 -36.41 -14.17
N ILE B 368 14.56 -37.35 -14.50
CA ILE B 368 14.95 -38.76 -14.68
C ILE B 368 14.28 -39.15 -16.00
N LEU B 369 15.04 -39.73 -16.93
CA LEU B 369 14.48 -40.19 -18.25
C LEU B 369 14.66 -41.72 -18.35
N THR B 370 13.61 -42.39 -18.81
CA THR B 370 13.66 -43.83 -18.84
C THR B 370 13.35 -44.26 -20.28
N ASP B 371 13.64 -45.51 -20.61
CA ASP B 371 13.16 -45.98 -21.91
C ASP B 371 11.71 -46.36 -21.75
N LYS B 372 11.09 -46.83 -22.85
CA LYS B 372 9.67 -47.18 -22.86
C LYS B 372 9.29 -48.23 -21.84
N ASN B 373 10.26 -49.00 -21.35
CA ASN B 373 9.99 -49.97 -20.28
C ASN B 373 10.29 -49.50 -18.88
N GLY B 374 10.50 -48.21 -18.68
CA GLY B 374 10.78 -47.73 -17.32
C GLY B 374 12.21 -47.93 -16.86
N VAL B 375 13.11 -48.36 -17.73
CA VAL B 375 14.49 -48.47 -17.27
C VAL B 375 15.15 -47.10 -17.29
N VAL B 376 15.92 -46.74 -16.27
CA VAL B 376 16.55 -45.42 -16.27
C VAL B 376 17.66 -45.33 -17.32
N LYS B 377 17.64 -44.28 -18.13
CA LYS B 377 18.66 -44.10 -19.18
C LYS B 377 19.47 -42.80 -19.07
N ALA B 378 18.93 -41.77 -18.39
CA ALA B 378 19.59 -40.47 -18.29
C ALA B 378 18.95 -39.71 -17.14
N ASP B 379 19.72 -38.82 -16.51
CA ASP B 379 19.12 -37.96 -15.47
C ASP B 379 20.00 -36.72 -15.34
N ILE B 380 19.58 -35.78 -14.48
CA ILE B 380 20.44 -34.67 -14.10
C ILE B 380 20.92 -35.04 -12.71
N PRO B 381 22.22 -35.35 -12.56
CA PRO B 381 22.69 -35.78 -11.24
C PRO B 381 22.80 -34.61 -10.32
N PHE B 382 22.75 -34.95 -9.03
CA PHE B 382 23.05 -34.01 -7.97
C PHE B 382 24.55 -34.13 -7.71
N ARG B 383 24.98 -35.19 -7.02
CA ARG B 383 26.43 -35.48 -6.94
C ARG B 383 26.93 -35.89 -8.33
N ARG B 384 28.03 -35.28 -8.79
CA ARG B 384 28.58 -35.62 -10.14
C ARG B 384 29.62 -36.72 -10.08
N ALA B 385 30.37 -36.85 -8.96
CA ALA B 385 31.55 -37.73 -8.93
C ALA B 385 31.31 -39.19 -9.32
N GLU B 386 30.08 -39.69 -9.18
CA GLU B 386 29.86 -41.09 -9.62
C GLU B 386 28.69 -41.15 -10.57
N SER B 387 28.44 -40.06 -11.27
CA SER B 387 27.37 -39.99 -12.23
C SER B 387 27.57 -41.04 -13.37
N LYS B 388 26.50 -41.70 -13.78
CA LYS B 388 26.53 -42.72 -14.84
C LYS B 388 25.60 -42.27 -15.95
N TYR B 389 24.57 -41.48 -15.59
CA TYR B 389 23.46 -41.24 -16.50
C TYR B 389 23.36 -39.78 -16.96
N SER B 390 24.40 -38.99 -16.76
CA SER B 390 24.32 -37.57 -17.19
C SER B 390 23.97 -37.42 -18.67
N PHE B 391 23.36 -36.31 -19.02
CA PHE B 391 23.00 -36.06 -20.44
C PHE B 391 24.26 -35.98 -21.30
N GLU B 392 25.37 -35.55 -20.68
CA GLU B 392 26.65 -35.47 -21.40
C GLU B 392 27.18 -36.88 -21.68
N GLN B 393 27.07 -37.80 -20.73
CA GLN B 393 27.50 -39.16 -20.97
C GLN B 393 26.61 -39.89 -21.96
N GLN B 394 25.30 -39.69 -21.86
CA GLN B 394 24.36 -40.48 -22.68
C GLN B 394 24.03 -39.81 -24.04
N GLY B 395 24.60 -38.64 -24.30
CA GLY B 395 24.42 -37.88 -25.57
C GLY B 395 22.95 -37.61 -25.84
N VAL B 396 22.23 -37.11 -24.81
CA VAL B 396 20.79 -36.94 -24.92
C VAL B 396 20.53 -35.77 -25.84
N THR B 397 19.58 -35.96 -26.77
CA THR B 397 19.14 -34.85 -27.60
C THR B 397 17.63 -34.63 -27.45
N VAL B 398 17.14 -33.49 -27.91
CA VAL B 398 15.70 -33.30 -27.97
C VAL B 398 15.27 -32.74 -29.34
N SER B 399 14.21 -33.30 -29.90
CA SER B 399 13.61 -32.81 -31.16
C SER B 399 12.14 -32.46 -30.91
N PHE B 400 11.67 -31.39 -31.54
CA PHE B 400 10.31 -30.94 -31.33
C PHE B 400 9.47 -31.22 -32.54
N TYR B 401 8.25 -31.66 -32.26
CA TYR B 401 7.21 -31.91 -33.28
C TYR B 401 5.95 -31.11 -32.92
N GLY B 402 5.51 -30.26 -33.86
CA GLY B 402 4.34 -29.40 -33.69
C GLY B 402 4.81 -28.12 -33.00
N GLY B 403 3.88 -27.18 -32.84
CA GLY B 403 4.15 -25.93 -32.10
C GLY B 403 5.25 -25.08 -32.69
N GLU B 404 5.75 -24.11 -31.91
CA GLU B 404 6.77 -23.15 -32.35
CA GLU B 404 6.72 -23.15 -32.44
C GLU B 404 8.06 -23.81 -32.84
N LEU B 405 8.45 -24.88 -32.17
CA LEU B 405 9.77 -25.47 -32.43
C LEU B 405 9.77 -26.64 -33.43
N ASN B 406 8.63 -26.90 -34.06
CA ASN B 406 8.45 -27.99 -34.96
C ASN B 406 9.64 -28.10 -35.92
N GLY B 407 10.17 -29.32 -36.06
CA GLY B 407 11.28 -29.60 -36.95
C GLY B 407 12.65 -29.31 -36.37
N GLN B 408 12.73 -28.66 -35.19
CA GLN B 408 14.05 -28.39 -34.61
C GLN B 408 14.58 -29.46 -33.65
N THR B 409 15.90 -29.57 -33.59
CA THR B 409 16.58 -30.54 -32.78
C THR B 409 17.69 -29.76 -32.06
N PHE B 410 17.90 -30.09 -30.78
CA PHE B 410 18.93 -29.41 -29.99
C PHE B 410 19.79 -30.49 -29.42
N THR B 411 21.09 -30.28 -29.45
CA THR B 411 21.99 -31.38 -29.06
C THR B 411 22.90 -30.81 -27.97
N ASP B 412 22.87 -29.52 -27.74
CA ASP B 412 23.78 -28.98 -26.68
C ASP B 412 23.27 -29.25 -25.22
N PRO B 413 24.07 -29.91 -24.36
CA PRO B 413 23.52 -30.36 -23.08
C PRO B 413 22.78 -29.30 -22.24
N PRO B 414 23.27 -28.02 -22.17
CA PRO B 414 22.46 -27.07 -21.39
C PRO B 414 21.03 -26.86 -21.90
N THR B 415 20.85 -26.79 -23.22
CA THR B 415 19.53 -26.60 -23.80
C THR B 415 18.67 -27.85 -23.65
N VAL B 416 19.28 -29.03 -23.85
CA VAL B 416 18.51 -30.31 -23.77
C VAL B 416 18.04 -30.46 -22.30
N LYS B 417 18.92 -30.11 -21.36
CA LYS B 417 18.58 -30.23 -19.93
C LYS B 417 17.46 -29.26 -19.60
N SER B 418 17.53 -28.05 -20.16
CA SER B 418 16.48 -27.03 -19.95
C SER B 418 15.14 -27.52 -20.36
N TYR B 419 15.07 -28.11 -21.54
CA TYR B 419 13.77 -28.68 -21.97
C TYR B 419 13.32 -29.89 -21.14
N ALA B 420 14.26 -30.72 -20.71
CA ALA B 420 13.91 -31.88 -19.87
C ALA B 420 13.31 -31.36 -18.55
N ARG B 421 13.91 -30.32 -17.99
CA ARG B 421 13.33 -29.70 -16.77
C ARG B 421 11.86 -29.27 -16.93
N LYS B 422 11.48 -28.76 -18.14
CA LYS B 422 10.11 -28.33 -18.47
C LYS B 422 9.20 -29.52 -18.74
N ALA B 423 9.77 -30.58 -19.32
CA ALA B 423 8.99 -31.78 -19.64
C ALA B 423 8.47 -32.47 -18.36
N ILE B 424 9.12 -32.28 -17.21
CA ILE B 424 8.49 -32.80 -16.01
C ILE B 424 7.09 -32.15 -15.75
N PHE B 425 6.85 -30.96 -16.32
CA PHE B 425 5.52 -30.32 -16.14
C PHE B 425 4.53 -30.78 -17.23
N GLY B 426 4.98 -31.65 -18.13
CA GLY B 426 4.09 -32.11 -19.24
C GLY B 426 4.43 -31.33 -20.52
N GLU B 427 3.42 -30.98 -21.32
CA GLU B 427 3.68 -30.17 -22.56
C GLU B 427 4.28 -28.79 -22.24
N ILE B 428 5.16 -28.35 -23.14
CA ILE B 428 6.02 -27.18 -22.88
C ILE B 428 5.45 -25.93 -23.62
N PHE B 429 5.37 -24.79 -22.92
CA PHE B 429 4.78 -23.57 -23.49
C PHE B 429 5.70 -22.41 -23.38
N GLU B 430 5.56 -21.43 -24.28
CA GLU B 430 6.25 -20.13 -24.15
CA GLU B 430 6.25 -20.14 -24.12
C GLU B 430 5.35 -19.21 -23.30
N PHE B 431 5.90 -18.50 -22.31
CA PHE B 431 5.10 -17.62 -21.50
C PHE B 431 5.62 -16.19 -21.57
N ASP B 432 4.70 -15.26 -21.45
CA ASP B 432 5.08 -13.86 -21.21
C ASP B 432 5.07 -13.66 -19.68
N THR B 433 6.27 -13.52 -19.10
CA THR B 433 6.42 -13.34 -17.66
C THR B 433 6.64 -11.87 -17.30
N GLU B 434 6.72 -11.02 -18.33
CA GLU B 434 7.10 -9.61 -18.15
CA GLU B 434 7.09 -9.61 -18.14
C GLU B 434 5.89 -8.73 -17.85
N THR B 435 4.80 -8.94 -18.58
CA THR B 435 3.64 -8.08 -18.47
C THR B 435 3.15 -8.02 -17.05
N LEU B 436 3.11 -9.16 -16.32
CA LEU B 436 2.55 -9.14 -14.96
C LEU B 436 3.64 -9.22 -13.91
N ASN B 437 4.89 -9.14 -14.37
CA ASN B 437 6.03 -9.38 -13.44
C ASN B 437 5.83 -10.72 -12.74
N SER B 438 5.58 -11.76 -13.55
CA SER B 438 5.27 -13.09 -12.98
C SER B 438 6.45 -13.65 -12.26
N ASP B 439 6.25 -14.40 -11.19
CA ASP B 439 7.38 -14.75 -10.40
C ASP B 439 7.83 -16.18 -10.60
N GLY B 440 7.14 -16.96 -11.43
CA GLY B 440 7.69 -18.28 -11.67
C GLY B 440 7.12 -19.39 -10.81
N ILE B 441 6.16 -19.06 -9.91
CA ILE B 441 5.74 -20.02 -8.88
C ILE B 441 4.26 -20.29 -9.09
N PHE B 442 3.89 -21.56 -9.11
CA PHE B 442 2.53 -21.92 -9.45
C PHE B 442 1.43 -21.46 -8.48
N ARG B 443 0.30 -21.03 -9.05
CA ARG B 443 -0.87 -20.66 -8.28
C ARG B 443 -2.01 -21.56 -8.71
N THR B 444 -3.00 -21.72 -7.83
CA THR B 444 -4.21 -22.45 -8.22
C THR B 444 -5.19 -21.64 -9.06
N SER B 445 -6.16 -22.36 -9.64
CA SER B 445 -7.19 -21.69 -10.49
C SER B 445 -8.47 -21.45 -9.64
N PRO B 446 -9.46 -20.81 -10.23
CA PRO B 446 -10.73 -20.64 -9.57
C PRO B 446 -11.32 -21.99 -9.14
N ARG B 447 -11.02 -23.10 -9.81
CA ARG B 447 -11.53 -24.41 -9.31
C ARG B 447 -10.98 -24.67 -7.88
N GLY B 448 -9.68 -24.44 -7.68
CA GLY B 448 -9.06 -24.64 -6.36
C GLY B 448 -9.55 -23.64 -5.30
N TRP B 449 -9.65 -22.37 -5.68
CA TRP B 449 -10.02 -21.33 -4.71
C TRP B 449 -11.45 -21.53 -4.30
N PHE B 450 -12.32 -21.81 -5.27
CA PHE B 450 -13.68 -22.10 -4.89
C PHE B 450 -13.80 -23.27 -3.93
N THR B 451 -13.06 -24.39 -4.14
CA THR B 451 -13.21 -25.59 -3.37
C THR B 451 -12.76 -25.32 -1.94
N PHE B 452 -11.64 -24.62 -1.88
CA PHE B 452 -11.09 -24.25 -0.54
C PHE B 452 -12.12 -23.44 0.26
N ALA B 453 -12.53 -22.28 -0.25
CA ALA B 453 -13.47 -21.40 0.46
C ALA B 453 -14.72 -22.20 0.87
N HIS B 454 -15.29 -22.97 -0.05
CA HIS B 454 -16.54 -23.70 0.32
C HIS B 454 -16.34 -24.84 1.30
N ALA B 455 -15.25 -25.62 1.19
CA ALA B 455 -15.01 -26.65 2.21
C ALA B 455 -14.77 -26.00 3.56
N VAL B 456 -14.05 -24.88 3.58
CA VAL B 456 -13.78 -24.24 4.88
C VAL B 456 -15.07 -23.68 5.49
N PHE B 457 -15.82 -22.92 4.69
CA PHE B 457 -17.02 -22.33 5.21
C PHE B 457 -18.01 -23.43 5.60
N ALA B 458 -18.12 -24.48 4.76
CA ALA B 458 -18.97 -25.62 5.19
C ALA B 458 -18.60 -26.12 6.55
N LEU B 459 -17.32 -26.38 6.76
CA LEU B 459 -16.92 -26.89 8.08
C LEU B 459 -17.28 -25.93 9.21
N LEU B 460 -17.05 -24.61 8.99
CA LEU B 460 -17.39 -23.61 10.03
C LEU B 460 -18.90 -23.54 10.27
N PHE B 461 -19.69 -23.73 9.21
CA PHE B 461 -21.12 -23.77 9.39
C PHE B 461 -21.62 -24.98 10.18
N PHE B 462 -20.86 -26.07 10.18
CA PHE B 462 -21.20 -27.19 11.06
C PHE B 462 -21.20 -26.65 12.52
N PHE B 463 -20.21 -25.83 12.85
CA PHE B 463 -20.17 -25.28 14.24
C PHE B 463 -21.39 -24.39 14.46
N GLY B 464 -21.72 -23.51 13.48
CA GLY B 464 -22.90 -22.65 13.60
C GLY B 464 -24.15 -23.50 13.88
N HIS B 465 -24.25 -24.64 13.21
CA HIS B 465 -25.43 -25.53 13.36
C HIS B 465 -25.52 -26.11 14.75
N ILE B 466 -24.42 -26.70 15.21
CA ILE B 466 -24.29 -27.24 16.60
C ILE B 466 -24.63 -26.17 17.63
N TRP B 467 -24.09 -24.98 17.44
CA TRP B 467 -24.34 -23.88 18.36
C TRP B 467 -25.80 -23.42 18.43
N HIS B 468 -26.41 -23.17 17.29
CA HIS B 468 -27.80 -22.73 17.28
C HIS B 468 -28.79 -23.82 17.59
N GLY B 469 -28.49 -25.03 17.17
CA GLY B 469 -29.24 -26.22 17.64
C GLY B 469 -29.25 -26.34 19.18
N ALA B 470 -28.06 -26.20 19.77
CA ALA B 470 -27.89 -26.17 21.22
C ALA B 470 -28.71 -25.06 21.85
N ARG B 471 -28.63 -23.84 21.32
CA ARG B 471 -29.42 -22.70 21.87
C ARG B 471 -30.92 -22.94 21.75
N THR B 472 -31.36 -23.53 20.64
CA THR B 472 -32.76 -23.87 20.49
C THR B 472 -33.26 -24.89 21.56
N LEU B 473 -32.61 -26.03 21.62
CA LEU B 473 -33.09 -27.10 22.51
C LEU B 473 -32.86 -26.85 23.99
N PHE B 474 -31.97 -25.93 24.27
CA PHE B 474 -31.63 -25.63 25.68
C PHE B 474 -31.94 -24.20 26.03
N ARG B 475 -32.90 -23.60 25.35
CA ARG B 475 -33.22 -22.19 25.58
C ARG B 475 -33.53 -21.94 27.07
N ASP B 476 -34.23 -22.88 27.71
CA ASP B 476 -34.61 -22.71 29.12
C ASP B 476 -33.42 -22.55 30.06
N VAL B 477 -32.29 -23.18 29.76
CA VAL B 477 -31.13 -23.06 30.65
C VAL B 477 -30.06 -22.18 30.08
N PHE B 478 -30.30 -21.49 28.99
CA PHE B 478 -29.15 -20.70 28.51
C PHE B 478 -28.56 -19.59 29.41
N SER B 479 -29.28 -19.09 30.42
CA SER B 479 -28.66 -18.19 31.43
C SER B 479 -28.13 -18.93 32.65
N GLY B 480 -28.22 -20.26 32.63
CA GLY B 480 -27.75 -21.05 33.76
C GLY B 480 -28.78 -22.10 34.18
N ILE B 481 -28.34 -23.06 34.97
CA ILE B 481 -29.22 -24.14 35.44
C ILE B 481 -30.05 -23.69 36.66
N ASP B 482 -31.15 -24.40 36.88
CA ASP B 482 -32.01 -24.11 38.04
C ASP B 482 -31.22 -23.94 39.36
N PRO B 483 -31.33 -22.75 39.99
CA PRO B 483 -30.66 -22.61 41.29
C PRO B 483 -31.24 -23.54 42.38
N GLU B 484 -32.44 -24.07 42.16
CA GLU B 484 -33.05 -24.99 43.11
C GLU B 484 -33.09 -26.40 42.51
N LEU B 485 -32.07 -26.72 41.72
CA LEU B 485 -32.00 -28.03 41.07
C LEU B 485 -31.85 -29.08 42.15
N SER B 486 -32.70 -30.10 42.04
CA SER B 486 -32.79 -31.20 42.98
C SER B 486 -31.54 -32.11 42.89
N PRO B 487 -30.74 -32.23 44.00
CA PRO B 487 -29.65 -33.24 44.06
C PRO B 487 -30.14 -34.67 43.74
N GLU B 488 -31.43 -34.90 43.99
CA GLU B 488 -32.13 -36.13 43.63
C GLU B 488 -32.08 -36.40 42.13
N GLN B 489 -32.23 -35.35 41.31
CA GLN B 489 -32.30 -35.48 39.84
C GLN B 489 -31.00 -35.98 39.17
N VAL B 490 -29.89 -35.93 39.93
CA VAL B 490 -28.55 -36.26 39.42
C VAL B 490 -27.84 -37.37 40.21
N GLU B 491 -28.37 -37.70 41.39
CA GLU B 491 -27.91 -38.83 42.20
C GLU B 491 -28.40 -40.14 41.55
N TRP B 492 -27.49 -41.11 41.43
CA TRP B 492 -27.78 -42.36 40.72
C TRP B 492 -28.86 -43.22 41.34
N GLY B 493 -29.81 -43.68 40.50
CA GLY B 493 -30.86 -44.61 40.92
C GLY B 493 -32.03 -44.06 41.74
N PHE B 494 -31.94 -42.80 42.18
CA PHE B 494 -33.07 -42.04 42.78
C PHE B 494 -34.32 -42.10 41.89
N TYR B 495 -34.15 -41.74 40.61
CA TYR B 495 -35.19 -41.94 39.59
C TYR B 495 -34.84 -43.11 38.69
N GLN B 496 -35.83 -43.93 38.34
CA GLN B 496 -35.55 -45.07 37.48
C GLN B 496 -35.18 -44.62 36.05
N LYS B 497 -35.78 -43.50 35.63
CA LYS B 497 -35.50 -42.90 34.33
C LYS B 497 -34.82 -41.58 34.59
N VAL B 498 -33.57 -41.46 34.12
CA VAL B 498 -32.76 -40.24 34.30
C VAL B 498 -33.64 -38.98 34.13
N GLY B 499 -33.63 -38.13 35.17
CA GLY B 499 -34.29 -36.81 35.14
C GLY B 499 -35.82 -36.78 35.05
N ASP B 500 -36.48 -37.88 35.36
CA ASP B 500 -37.94 -37.94 35.34
C ASP B 500 -38.44 -38.20 36.77
N VAL B 501 -38.98 -37.15 37.41
CA VAL B 501 -39.41 -37.18 38.82
C VAL B 501 -40.53 -38.22 39.13
N THR B 502 -41.36 -38.50 38.12
CA THR B 502 -42.44 -39.50 38.24
C THR B 502 -41.94 -40.97 38.22
N THR B 503 -40.62 -41.17 38.36
CA THR B 503 -40.03 -42.50 38.41
C THR B 503 -39.18 -42.67 39.68
N ARG B 504 -39.42 -41.80 40.67
CA ARG B 504 -38.73 -41.80 42.00
C ARG B 504 -38.52 -43.17 42.66
N ALA C 5 -1.91 -50.24 66.78
CA ALA C 5 -1.12 -49.81 65.58
C ALA C 5 -0.99 -48.28 65.53
N THR C 6 0.03 -47.76 66.21
CA THR C 6 0.24 -46.31 66.35
C THR C 6 0.38 -45.60 65.02
N ASN C 7 -0.60 -44.77 64.72
CA ASN C 7 -0.46 -43.79 63.63
C ASN C 7 -0.43 -44.43 62.25
N ARG C 8 -1.10 -45.56 62.09
CA ARG C 8 -1.04 -46.31 60.80
C ARG C 8 -2.35 -46.26 59.98
N ASP C 9 -3.05 -45.13 60.08
CA ASP C 9 -4.19 -44.80 59.20
C ASP C 9 -4.28 -43.28 59.01
N GLN C 10 -5.15 -42.84 58.11
CA GLN C 10 -5.19 -41.39 57.82
C GLN C 10 -5.78 -40.60 58.97
N GLU C 11 -6.86 -41.14 59.55
CA GLU C 11 -7.58 -40.50 60.69
C GLU C 11 -6.61 -40.10 61.79
N SER C 12 -5.79 -41.04 62.24
CA SER C 12 -4.90 -40.72 63.33
C SER C 12 -3.64 -39.98 62.92
N SER C 13 -3.09 -40.30 61.75
CA SER C 13 -1.83 -39.66 61.36
C SER C 13 -2.02 -38.34 60.64
N GLY C 14 -3.17 -38.14 59.99
CA GLY C 14 -3.33 -36.95 59.16
C GLY C 14 -2.74 -37.11 57.75
N PHE C 15 -2.14 -38.27 57.46
CA PHE C 15 -1.54 -38.56 56.14
C PHE C 15 -2.19 -39.74 55.46
N ALA C 16 -2.60 -39.55 54.19
CA ALA C 16 -3.17 -40.66 53.42
C ALA C 16 -2.10 -41.75 53.16
N TRP C 17 -2.55 -42.92 52.74
CA TRP C 17 -1.63 -44.03 52.45
C TRP C 17 -0.52 -43.69 51.45
N TRP C 18 -0.82 -42.85 50.46
CA TRP C 18 0.13 -42.50 49.41
C TRP C 18 1.14 -41.53 49.94
N ALA C 19 0.89 -40.97 51.12
CA ALA C 19 1.92 -40.16 51.82
C ALA C 19 2.33 -40.89 53.14
N GLY C 20 2.15 -42.21 53.12
CA GLY C 20 2.31 -43.07 54.29
C GLY C 20 3.59 -42.91 55.07
N ASN C 21 4.70 -42.74 54.37
CA ASN C 21 5.99 -42.61 55.03
C ASN C 21 6.17 -41.31 55.79
N ALA C 22 5.32 -40.33 55.50
CA ALA C 22 5.30 -39.10 56.32
C ALA C 22 4.72 -39.40 57.73
N ARG C 23 3.96 -40.51 57.87
CA ARG C 23 3.53 -41.00 59.20
C ARG C 23 4.72 -41.33 60.12
N LEU C 24 5.92 -41.38 59.56
CA LEU C 24 7.09 -41.77 60.27
C LEU C 24 7.89 -40.63 60.81
N ILE C 25 7.47 -39.40 60.53
CA ILE C 25 8.35 -38.26 60.77
C ILE C 25 8.84 -38.25 62.23
N ASN C 26 7.93 -38.49 63.17
CA ASN C 26 8.29 -38.41 64.61
C ASN C 26 8.34 -39.76 65.34
N LEU C 27 8.60 -40.84 64.58
CA LEU C 27 8.71 -42.19 65.11
C LEU C 27 10.08 -42.71 64.82
N SER C 28 11.07 -42.24 65.58
CA SER C 28 12.50 -42.45 65.30
C SER C 28 12.95 -43.90 65.15
N GLY C 29 12.21 -44.83 65.78
CA GLY C 29 12.54 -46.25 65.73
C GLY C 29 12.13 -46.89 64.42
N LYS C 30 10.86 -46.73 64.06
CA LYS C 30 10.37 -47.25 62.80
C LYS C 30 11.13 -46.53 61.65
N LEU C 31 11.34 -45.22 61.78
CA LEU C 31 12.08 -44.47 60.75
C LEU C 31 13.55 -44.94 60.63
N LEU C 32 14.16 -45.34 61.74
CA LEU C 32 15.51 -45.95 61.65
C LEU C 32 15.43 -47.25 60.86
N GLY C 33 14.41 -48.05 61.13
CA GLY C 33 14.17 -49.28 60.35
C GLY C 33 14.01 -49.00 58.84
N ALA C 34 13.15 -48.02 58.50
CA ALA C 34 12.98 -47.62 57.07
C ALA C 34 14.35 -47.31 56.46
N HIS C 35 15.16 -46.51 57.15
CA HIS C 35 16.46 -46.15 56.63
C HIS C 35 17.41 -47.30 56.47
N VAL C 36 17.42 -48.19 57.47
CA VAL C 36 18.40 -49.26 57.44
C VAL C 36 17.97 -50.30 56.41
N ALA C 37 16.67 -50.59 56.36
CA ALA C 37 16.12 -51.52 55.34
C ALA C 37 16.46 -51.00 53.91
N HIS C 38 16.25 -49.71 53.70
CA HIS C 38 16.61 -49.05 52.42
C HIS C 38 18.08 -49.13 52.09
N ALA C 39 18.96 -48.87 53.05
CA ALA C 39 20.39 -49.07 52.83
C ALA C 39 20.70 -50.52 52.42
N GLY C 40 19.97 -51.44 53.03
CA GLY C 40 19.89 -52.83 52.58
C GLY C 40 19.63 -53.01 51.08
N LEU C 41 18.57 -52.35 50.60
CA LEU C 41 18.19 -52.36 49.17
C LEU C 41 19.33 -51.89 48.27
N ILE C 42 20.03 -50.82 48.66
CA ILE C 42 21.13 -50.28 47.85
C ILE C 42 22.27 -51.30 47.80
N VAL C 43 22.63 -51.79 48.98
CA VAL C 43 23.69 -52.77 49.07
C VAL C 43 23.30 -54.08 48.34
N PHE C 44 22.06 -54.51 48.48
CA PHE C 44 21.58 -55.69 47.76
C PHE C 44 21.81 -55.51 46.25
N TRP C 45 21.31 -54.39 45.73
CA TRP C 45 21.50 -54.13 44.32
C TRP C 45 22.94 -54.11 43.96
N ALA C 46 23.81 -53.42 44.71
CA ALA C 46 25.21 -53.42 44.30
C ALA C 46 25.78 -54.85 44.16
N GLY C 47 25.42 -55.69 45.14
CA GLY C 47 25.94 -57.06 45.19
C GLY C 47 25.33 -57.90 44.06
N ALA C 48 24.01 -57.92 43.99
CA ALA C 48 23.32 -58.79 42.97
C ALA C 48 23.67 -58.38 41.53
N MET C 49 23.65 -57.06 41.29
CA MET C 49 23.92 -56.52 39.92
C MET C 49 25.36 -56.92 39.52
N THR C 50 26.29 -56.89 40.48
CA THR C 50 27.65 -57.28 40.16
C THR C 50 27.78 -58.74 39.76
N LEU C 51 27.13 -59.60 40.54
CA LEU C 51 27.11 -61.06 40.22
C LEU C 51 26.48 -61.28 38.87
N PHE C 52 25.40 -60.53 38.61
CA PHE C 52 24.73 -60.68 37.33
C PHE C 52 25.68 -60.24 36.22
N GLU C 53 26.37 -59.11 36.43
CA GLU C 53 27.31 -58.63 35.39
C GLU C 53 28.39 -59.67 35.18
N LEU C 54 28.91 -60.22 36.30
CA LEU C 54 30.03 -61.18 36.20
C LEU C 54 29.59 -62.45 35.46
N ALA C 55 28.40 -62.95 35.79
CA ALA C 55 27.83 -64.12 35.10
C ALA C 55 27.70 -63.88 33.62
N HIS C 56 27.40 -62.64 33.22
CA HIS C 56 27.14 -62.36 31.81
C HIS C 56 28.39 -61.95 31.08
N PHE C 57 29.51 -61.87 31.79
CA PHE C 57 30.70 -61.21 31.27
C PHE C 57 31.61 -62.15 30.47
N ILE C 58 32.02 -61.69 29.28
CA ILE C 58 32.96 -62.39 28.39
C ILE C 58 34.27 -61.56 28.45
N PRO C 59 35.31 -62.09 29.09
CA PRO C 59 36.45 -61.18 29.41
C PRO C 59 37.27 -60.67 28.22
N GLU C 60 37.11 -61.29 27.06
CA GLU C 60 37.80 -60.81 25.88
C GLU C 60 37.01 -59.83 24.97
N LYS C 61 35.75 -59.48 25.28
CA LYS C 61 35.09 -58.33 24.66
C LYS C 61 35.29 -57.15 25.59
N PRO C 62 35.34 -55.93 25.04
CA PRO C 62 35.38 -54.78 25.94
C PRO C 62 34.18 -54.80 26.90
N MET C 63 34.36 -54.25 28.08
CA MET C 63 33.26 -54.19 29.03
C MET C 63 32.13 -53.41 28.42
N TYR C 64 32.47 -52.38 27.63
CA TYR C 64 31.46 -51.42 27.23
C TYR C 64 30.65 -52.01 26.15
N GLU C 65 31.08 -53.14 25.57
CA GLU C 65 30.17 -53.89 24.66
C GLU C 65 29.21 -54.84 25.39
N GLN C 66 29.19 -54.80 26.72
CA GLN C 66 28.45 -55.83 27.51
C GLN C 66 27.45 -55.26 28.51
N GLY C 67 27.11 -53.97 28.39
CA GLY C 67 26.04 -53.45 29.27
C GLY C 67 26.51 -53.41 30.72
N LEU C 68 27.79 -53.23 30.92
CA LEU C 68 28.34 -53.20 32.29
C LEU C 68 28.59 -51.80 32.84
N ILE C 69 28.15 -51.56 34.08
CA ILE C 69 28.33 -50.29 34.76
C ILE C 69 29.06 -50.49 36.11
N LEU C 70 28.90 -51.68 36.68
CA LEU C 70 29.53 -51.93 37.98
C LEU C 70 30.91 -52.54 37.88
N ILE C 71 31.10 -53.52 36.99
CA ILE C 71 32.50 -54.00 36.81
C ILE C 71 33.48 -52.87 36.48
N PRO C 72 33.06 -51.91 35.61
CA PRO C 72 33.95 -50.75 35.33
C PRO C 72 34.38 -49.91 36.55
N HIS C 73 33.51 -49.78 37.54
CA HIS C 73 33.85 -49.10 38.78
C HIS C 73 34.88 -49.88 39.55
N ILE C 74 34.72 -51.21 39.61
CA ILE C 74 35.72 -52.05 40.36
C ILE C 74 37.09 -52.02 39.67
N ALA C 75 37.07 -52.13 38.34
CA ALA C 75 38.30 -52.11 37.53
C ALA C 75 39.04 -50.78 37.60
N THR C 76 38.32 -49.66 37.69
CA THR C 76 38.97 -48.37 37.84
C THR C 76 39.76 -48.27 39.14
N LEU C 77 39.27 -48.94 40.17
CA LEU C 77 40.01 -49.04 41.43
C LEU C 77 41.26 -49.91 41.34
N GLY C 78 41.49 -50.51 40.17
CA GLY C 78 42.68 -51.32 39.91
C GLY C 78 42.50 -52.80 40.24
N TRP C 79 41.27 -53.23 40.49
CA TRP C 79 41.04 -54.63 40.78
C TRP C 79 40.68 -55.36 39.54
N GLY C 80 41.42 -56.44 39.31
CA GLY C 80 41.03 -57.41 38.27
C GLY C 80 41.56 -57.13 36.89
N VAL C 81 42.30 -56.04 36.74
CA VAL C 81 42.76 -55.62 35.41
C VAL C 81 44.25 -55.36 35.39
N GLY C 82 44.82 -55.39 34.17
CA GLY C 82 46.24 -55.09 33.94
C GLY C 82 46.38 -54.12 32.78
N PRO C 83 47.52 -54.19 32.07
CA PRO C 83 47.84 -53.23 31.01
C PRO C 83 46.72 -53.09 30.00
N GLY C 84 46.41 -51.85 29.60
CA GLY C 84 45.35 -51.58 28.61
C GLY C 84 43.94 -51.81 29.14
N GLY C 85 43.83 -52.16 30.44
CA GLY C 85 42.58 -52.54 31.07
C GLY C 85 42.09 -53.96 30.75
N GLU C 86 42.98 -54.80 30.27
CA GLU C 86 42.67 -56.20 30.02
C GLU C 86 42.35 -56.90 31.34
N VAL C 87 41.32 -57.72 31.31
CA VAL C 87 40.87 -58.38 32.52
C VAL C 87 41.82 -59.54 32.80
N VAL C 88 42.47 -59.53 33.96
CA VAL C 88 43.42 -60.61 34.26
C VAL C 88 42.91 -61.56 35.34
N ASP C 89 41.91 -61.14 36.11
CA ASP C 89 41.39 -61.98 37.17
C ASP C 89 40.00 -61.48 37.54
N THR C 90 38.97 -62.28 37.29
CA THR C 90 37.62 -61.85 37.64
C THR C 90 37.27 -62.04 39.08
N PHE C 91 38.17 -62.69 39.83
CA PHE C 91 37.85 -62.98 41.24
C PHE C 91 37.57 -61.71 42.10
N PRO C 92 38.38 -60.62 41.98
CA PRO C 92 37.95 -59.41 42.71
C PRO C 92 36.50 -58.97 42.43
N PHE C 93 36.01 -59.13 41.18
CA PHE C 93 34.62 -58.76 40.92
C PHE C 93 33.68 -59.65 41.74
N PHE C 94 33.99 -60.95 41.75
CA PHE C 94 33.10 -61.90 42.43
C PHE C 94 33.10 -61.53 43.92
N VAL C 95 34.26 -61.22 44.47
CA VAL C 95 34.30 -60.86 45.87
C VAL C 95 33.44 -59.62 46.19
N VAL C 96 33.60 -58.58 45.39
CA VAL C 96 32.79 -57.38 45.63
C VAL C 96 31.30 -57.70 45.60
N GLY C 97 30.87 -58.51 44.64
CA GLY C 97 29.43 -58.83 44.51
C GLY C 97 28.90 -59.62 45.71
N VAL C 98 29.61 -60.69 46.05
CA VAL C 98 29.21 -61.56 47.16
C VAL C 98 29.22 -60.79 48.47
N VAL C 99 30.30 -60.07 48.72
CA VAL C 99 30.34 -59.43 50.00
C VAL C 99 29.23 -58.35 50.15
N HIS C 100 28.86 -57.64 49.07
CA HIS C 100 27.75 -56.70 49.19
C HIS C 100 26.49 -57.47 49.44
N LEU C 101 26.30 -58.56 48.68
CA LEU C 101 25.06 -59.32 48.77
C LEU C 101 24.86 -59.88 50.18
N ILE C 102 25.93 -60.39 50.76
CA ILE C 102 25.86 -60.92 52.14
C ILE C 102 25.55 -59.78 53.12
N SER C 103 26.29 -58.67 52.98
CA SER C 103 26.08 -57.49 53.83
C SER C 103 24.65 -56.99 53.80
N SER C 104 23.96 -57.15 52.65
CA SER C 104 22.60 -56.62 52.52
C SER C 104 21.62 -57.38 53.37
N ALA C 105 21.89 -58.68 53.53
CA ALA C 105 21.07 -59.53 54.47
C ALA C 105 21.06 -58.94 55.88
N VAL C 106 22.25 -58.56 56.33
CA VAL C 106 22.44 -57.95 57.66
C VAL C 106 21.69 -56.65 57.80
N LEU C 107 22.01 -55.70 56.92
CA LEU C 107 21.20 -54.45 56.85
C LEU C 107 19.72 -54.73 56.76
N GLY C 108 19.31 -55.69 55.91
CA GLY C 108 17.88 -55.95 55.78
C GLY C 108 17.30 -56.52 57.08
N PHE C 109 18.12 -57.29 57.79
CA PHE C 109 17.71 -57.85 59.10
C PHE C 109 17.46 -56.71 60.10
N GLY C 110 18.43 -55.83 60.27
CA GLY C 110 18.29 -54.67 61.17
C GLY C 110 17.13 -53.74 60.82
N GLY C 111 16.95 -53.53 59.51
CA GLY C 111 15.88 -52.68 59.01
C GLY C 111 14.53 -53.26 59.34
N VAL C 112 14.32 -54.53 58.98
CA VAL C 112 13.08 -55.19 59.31
C VAL C 112 12.82 -55.21 60.85
N TYR C 113 13.89 -55.42 61.61
CA TYR C 113 13.73 -55.49 63.07
C TYR C 113 13.25 -54.11 63.61
N HIS C 114 14.04 -53.05 63.36
CA HIS C 114 13.60 -51.70 63.73
C HIS C 114 12.26 -51.29 63.20
N ALA C 115 11.92 -51.71 61.97
CA ALA C 115 10.69 -51.25 61.36
C ALA C 115 9.44 -51.84 61.95
N ILE C 116 9.49 -53.13 62.27
CA ILE C 116 8.26 -53.78 62.70
C ILE C 116 8.30 -54.38 64.11
N ARG C 117 9.48 -54.65 64.66
CA ARG C 117 9.60 -55.31 65.97
C ARG C 117 10.11 -54.39 67.07
N GLY C 118 11.18 -53.65 66.79
CA GLY C 118 11.77 -52.76 67.77
C GLY C 118 10.87 -51.63 68.26
N PRO C 119 11.37 -50.85 69.22
CA PRO C 119 10.66 -49.71 69.76
C PRO C 119 10.36 -48.69 68.64
N GLU C 120 9.11 -48.27 68.55
CA GLU C 120 8.71 -47.28 67.55
C GLU C 120 9.37 -45.94 67.69
N THR C 121 9.56 -45.48 68.93
CA THR C 121 10.35 -44.28 69.20
C THR C 121 11.57 -44.70 70.00
N LEU C 122 12.68 -43.98 69.84
CA LEU C 122 13.90 -44.35 70.48
C LEU C 122 14.15 -43.52 71.73
N GLU C 123 13.37 -42.44 71.92
CA GLU C 123 13.69 -41.40 72.93
C GLU C 123 13.57 -41.95 74.37
N GLU C 124 12.55 -42.76 74.62
CA GLU C 124 12.31 -43.40 75.91
C GLU C 124 13.42 -44.41 76.15
N TYR C 125 13.72 -45.19 75.12
CA TYR C 125 14.79 -46.18 75.13
C TYR C 125 16.19 -45.60 75.41
N SER C 126 16.59 -44.56 74.70
CA SER C 126 17.96 -44.07 74.79
C SER C 126 18.06 -42.59 74.45
N SER C 127 18.76 -41.84 75.28
CA SER C 127 18.95 -40.44 75.00
C SER C 127 20.07 -40.24 73.96
N PHE C 128 20.91 -41.26 73.74
CA PHE C 128 21.95 -41.17 72.70
C PHE C 128 21.40 -41.43 71.28
N PHE C 129 20.48 -42.39 71.14
CA PHE C 129 19.90 -42.75 69.84
C PHE C 129 18.60 -42.01 69.51
N GLY C 130 17.85 -41.60 70.53
CA GLY C 130 16.69 -40.72 70.36
C GLY C 130 17.07 -39.34 69.86
N TYR C 131 16.13 -38.68 69.21
CA TYR C 131 16.38 -37.33 68.68
C TYR C 131 15.04 -36.64 68.46
N ASP C 132 15.10 -35.32 68.60
CA ASP C 132 14.02 -34.42 68.28
C ASP C 132 14.60 -33.64 67.09
N TRP C 133 13.89 -33.66 65.96
CA TRP C 133 14.33 -32.87 64.77
C TRP C 133 14.66 -31.44 65.12
N LYS C 134 13.89 -30.87 66.06
CA LYS C 134 14.04 -29.48 66.45
C LYS C 134 15.20 -29.23 67.43
N ASP C 135 15.89 -30.28 67.85
CA ASP C 135 17.04 -30.12 68.77
C ASP C 135 18.27 -29.91 67.94
N LYS C 136 18.67 -28.64 67.82
CA LYS C 136 19.65 -28.27 66.82
C LYS C 136 20.98 -28.92 67.09
N ASN C 137 21.31 -29.06 68.37
CA ASN C 137 22.61 -29.60 68.71
C ASN C 137 22.70 -31.11 68.43
N LYS C 138 21.64 -31.84 68.81
CA LYS C 138 21.58 -33.25 68.49
C LYS C 138 21.67 -33.46 66.94
N MET C 139 21.02 -32.60 66.15
CA MET C 139 21.02 -32.74 64.67
C MET C 139 22.43 -32.57 64.16
N THR C 140 23.15 -31.54 64.65
CA THR C 140 24.55 -31.32 64.24
C THR C 140 25.58 -32.39 64.70
N THR C 141 25.27 -33.06 65.81
CA THR C 141 26.08 -34.17 66.26
C THR C 141 25.94 -35.38 65.35
N ILE C 142 24.70 -35.75 65.02
CA ILE C 142 24.46 -36.90 64.14
C ILE C 142 25.08 -36.57 62.76
N LEU C 143 24.83 -35.36 62.24
CA LEU C 143 25.51 -34.87 61.04
C LEU C 143 27.03 -35.05 61.18
N GLY C 144 27.56 -34.70 62.36
CA GLY C 144 28.99 -34.83 62.60
C GLY C 144 29.49 -36.25 62.53
N PHE C 145 28.76 -37.19 63.14
CA PHE C 145 29.16 -38.61 63.04
C PHE C 145 29.27 -38.98 61.56
N HIS C 146 28.23 -38.61 60.77
CA HIS C 146 28.18 -39.00 59.35
C HIS C 146 29.27 -38.38 58.53
N LEU C 147 29.66 -37.14 58.84
CA LEU C 147 30.82 -36.52 58.18
C LEU C 147 32.10 -37.30 58.43
N ILE C 148 32.28 -37.77 59.67
CA ILE C 148 33.51 -38.53 60.00
C ILE C 148 33.50 -39.85 59.21
N VAL C 149 32.35 -40.53 59.24
CA VAL C 149 32.17 -41.72 58.41
C VAL C 149 32.56 -41.47 56.94
N LEU C 150 32.01 -40.41 56.34
CA LEU C 150 32.36 -40.06 54.96
C LEU C 150 33.83 -39.72 54.79
N GLY C 151 34.43 -38.94 55.69
CA GLY C 151 35.88 -38.67 55.48
C GLY C 151 36.71 -39.96 55.54
N ILE C 152 36.32 -40.90 56.42
CA ILE C 152 36.99 -42.22 56.43
C ILE C 152 36.77 -42.94 55.07
N GLY C 153 35.55 -42.96 54.55
CA GLY C 153 35.34 -43.46 53.17
C GLY C 153 36.29 -42.85 52.15
N ALA C 154 36.41 -41.52 52.14
CA ALA C 154 37.35 -40.89 51.21
C ALA C 154 38.78 -41.35 51.42
N LEU C 155 39.16 -41.58 52.67
CA LEU C 155 40.53 -42.04 52.94
C LEU C 155 40.71 -43.50 52.55
N LEU C 156 39.63 -44.29 52.57
CA LEU C 156 39.71 -45.67 52.00
C LEU C 156 40.19 -45.65 50.55
N LEU C 157 39.68 -44.68 49.77
CA LEU C 157 40.13 -44.57 48.39
C LEU C 157 41.63 -44.21 48.32
N VAL C 158 42.01 -43.24 49.11
CA VAL C 158 43.43 -42.89 49.19
C VAL C 158 44.28 -44.14 49.57
N ALA C 159 43.82 -44.93 50.55
CA ALA C 159 44.56 -46.15 51.01
C ALA C 159 44.71 -47.15 49.85
N LYS C 160 43.61 -47.37 49.10
CA LYS C 160 43.65 -48.20 47.89
C LYS C 160 44.72 -47.75 46.91
N ALA C 161 44.74 -46.45 46.61
CA ALA C 161 45.63 -45.89 45.60
C ALA C 161 47.12 -45.89 45.98
N MET C 162 47.37 -45.66 47.27
CA MET C 162 48.74 -45.46 47.77
C MET C 162 49.38 -46.73 48.39
N PHE C 163 48.56 -47.55 49.04
CA PHE C 163 49.02 -48.70 49.84
C PHE C 163 48.53 -50.08 49.45
N PHE C 164 47.45 -50.17 48.65
CA PHE C 164 46.84 -51.44 48.36
C PHE C 164 46.66 -51.68 46.85
N GLY C 165 47.69 -51.36 46.07
CA GLY C 165 47.84 -51.81 44.69
C GLY C 165 47.65 -50.69 43.65
N GLY C 166 47.13 -49.55 44.08
CA GLY C 166 47.02 -48.41 43.14
C GLY C 166 45.64 -48.29 42.51
N LEU C 167 45.58 -47.53 41.41
CA LEU C 167 44.33 -47.34 40.65
C LEU C 167 44.61 -47.58 39.21
N TYR C 168 43.58 -47.89 38.40
CA TYR C 168 43.78 -47.97 36.96
C TYR C 168 44.09 -46.54 36.41
N ASP C 169 45.20 -46.43 35.71
CA ASP C 169 45.66 -45.13 35.21
C ASP C 169 45.68 -45.14 33.72
N THR C 170 44.66 -44.54 33.10
CA THR C 170 44.63 -44.58 31.62
C THR C 170 45.78 -43.78 31.07
N TRP C 171 46.35 -42.86 31.88
CA TRP C 171 47.41 -41.99 31.40
C TRP C 171 48.79 -42.58 31.58
N ALA C 172 48.90 -43.78 32.16
CA ALA C 172 50.24 -44.33 32.53
C ALA C 172 51.22 -44.36 31.33
N PRO C 173 52.47 -43.91 31.56
CA PRO C 173 53.48 -43.84 30.51
C PRO C 173 53.66 -45.19 29.87
N GLY C 174 53.69 -45.22 28.53
CA GLY C 174 53.77 -46.47 27.81
C GLY C 174 52.47 -47.23 27.72
N GLY C 175 51.39 -46.74 28.31
CA GLY C 175 50.06 -47.36 28.10
C GLY C 175 49.30 -47.49 29.39
N GLY C 176 47.98 -47.44 29.30
CA GLY C 176 47.18 -47.51 30.51
C GLY C 176 47.55 -48.72 31.40
N ASP C 177 47.56 -48.54 32.71
CA ASP C 177 47.83 -49.70 33.57
C ASP C 177 47.50 -49.31 34.97
N VAL C 178 47.40 -50.31 35.85
CA VAL C 178 47.24 -50.10 37.27
C VAL C 178 48.56 -49.52 37.76
N ARG C 179 48.48 -48.50 38.61
CA ARG C 179 49.68 -47.80 39.09
C ARG C 179 49.46 -47.32 40.53
N VAL C 180 50.50 -47.49 41.34
CA VAL C 180 50.47 -46.98 42.70
C VAL C 180 50.76 -45.48 42.72
N ILE C 181 49.95 -44.74 43.48
CA ILE C 181 50.11 -43.30 43.52
C ILE C 181 51.00 -42.92 44.72
N THR C 182 52.22 -42.47 44.46
CA THR C 182 53.13 -42.23 45.55
C THR C 182 53.22 -40.76 45.85
N ASN C 183 52.95 -39.91 44.86
CA ASN C 183 53.02 -38.45 45.07
C ASN C 183 51.68 -37.71 44.88
N PRO C 184 50.73 -37.93 45.80
CA PRO C 184 49.43 -37.27 45.63
C PRO C 184 49.58 -35.75 45.77
N THR C 185 48.81 -35.01 44.98
CA THR C 185 48.82 -33.55 44.99
C THR C 185 48.25 -32.97 46.26
N LEU C 186 49.13 -32.33 47.05
CA LEU C 186 48.67 -31.78 48.32
C LEU C 186 48.46 -30.28 48.22
N ASP C 187 49.14 -29.66 47.26
CA ASP C 187 49.12 -28.21 47.08
C ASP C 187 47.68 -27.69 46.89
N PRO C 188 47.17 -26.91 47.88
CA PRO C 188 45.78 -26.44 47.89
C PRO C 188 45.51 -25.49 46.76
N ARG C 189 46.56 -24.88 46.20
CA ARG C 189 46.41 -24.05 45.02
C ARG C 189 45.92 -24.89 43.84
N VAL C 190 46.42 -26.13 43.72
CA VAL C 190 46.00 -27.05 42.65
C VAL C 190 44.63 -27.65 42.98
N ILE C 191 44.50 -28.18 44.20
CA ILE C 191 43.30 -28.86 44.62
C ILE C 191 42.09 -27.91 44.61
N PHE C 192 42.21 -26.76 45.25
CA PHE C 192 41.06 -25.86 45.28
C PHE C 192 40.91 -25.03 44.01
N GLY C 193 41.98 -25.00 43.21
CA GLY C 193 42.01 -24.33 41.91
C GLY C 193 40.97 -24.98 41.00
N TYR C 194 40.78 -26.30 41.10
CA TYR C 194 39.73 -26.99 40.31
C TYR C 194 38.36 -26.41 40.63
N LEU C 195 38.11 -26.14 41.91
CA LEU C 195 36.82 -25.64 42.36
C LEU C 195 36.46 -24.27 41.83
N LEU C 196 37.46 -23.50 41.42
CA LEU C 196 37.22 -22.15 40.93
C LEU C 196 37.34 -22.08 39.42
N LYS C 197 37.59 -23.21 38.76
CA LYS C 197 37.63 -23.17 37.31
C LYS C 197 36.18 -23.01 36.81
N SER C 198 36.06 -22.29 35.71
CA SER C 198 34.78 -22.16 35.03
C SER C 198 34.26 -23.57 34.60
N PRO C 199 32.94 -23.79 34.61
CA PRO C 199 32.36 -25.05 34.09
C PRO C 199 32.14 -25.07 32.57
N PHE C 200 32.46 -23.97 31.91
CA PHE C 200 32.31 -23.86 30.44
C PHE C 200 33.44 -24.54 29.66
N GLY C 201 33.36 -24.48 28.34
CA GLY C 201 34.18 -25.33 27.51
C GLY C 201 35.66 -25.00 27.66
N GLY C 202 36.50 -26.04 27.68
CA GLY C 202 37.95 -25.78 27.72
C GLY C 202 38.36 -25.63 29.16
N GLU C 203 37.39 -25.65 30.09
CA GLU C 203 37.72 -25.45 31.50
C GLU C 203 37.11 -26.62 32.28
N GLY C 204 35.79 -26.68 32.27
CA GLY C 204 35.01 -27.77 32.90
C GLY C 204 35.12 -28.01 34.40
N TRP C 205 35.40 -26.98 35.19
CA TRP C 205 35.33 -27.10 36.62
C TRP C 205 36.00 -28.38 37.08
N ILE C 206 35.41 -29.06 38.06
CA ILE C 206 36.05 -30.29 38.62
C ILE C 206 36.14 -31.48 37.68
N VAL C 207 35.26 -31.48 36.67
CA VAL C 207 35.12 -32.55 35.69
C VAL C 207 36.38 -32.62 34.87
N SER C 208 37.15 -31.53 34.84
CA SER C 208 38.39 -31.55 34.08
C SER C 208 39.50 -32.35 34.77
N VAL C 209 39.28 -32.86 35.99
CA VAL C 209 40.44 -33.52 36.68
C VAL C 209 41.06 -34.60 35.76
N ASN C 210 42.36 -34.53 35.50
CA ASN C 210 42.91 -35.37 34.45
C ASN C 210 44.15 -36.24 34.84
N ASN C 211 44.40 -36.40 36.13
CA ASN C 211 45.52 -37.22 36.55
C ASN C 211 45.26 -37.71 37.96
N LEU C 212 45.68 -38.95 38.22
CA LEU C 212 45.36 -39.60 39.52
C LEU C 212 46.02 -38.94 40.74
N GLU C 213 47.14 -38.25 40.52
CA GLU C 213 47.77 -37.51 41.69
C GLU C 213 46.80 -36.46 42.25
N ASP C 214 46.11 -35.73 41.36
CA ASP C 214 45.10 -34.73 41.75
C ASP C 214 43.89 -35.39 42.35
N VAL C 215 43.46 -36.53 41.78
CA VAL C 215 42.31 -37.26 42.33
C VAL C 215 42.59 -37.70 43.77
N VAL C 216 43.74 -38.36 43.95
CA VAL C 216 44.12 -38.89 45.30
C VAL C 216 44.31 -37.74 46.30
N GLY C 217 45.07 -36.72 45.89
CA GLY C 217 45.22 -35.52 46.74
C GLY C 217 43.92 -34.85 47.13
N GLY C 218 42.97 -34.77 46.17
CA GLY C 218 41.67 -34.21 46.48
C GLY C 218 40.99 -35.03 47.54
N HIS C 219 41.11 -36.36 47.51
CA HIS C 219 40.42 -37.16 48.52
C HIS C 219 41.14 -37.09 49.88
N ILE C 220 42.45 -36.86 49.85
CA ILE C 220 43.17 -36.61 51.12
C ILE C 220 42.55 -35.38 51.77
N TRP C 221 42.43 -34.30 50.99
CA TRP C 221 41.80 -33.06 51.50
C TRP C 221 40.41 -33.27 51.98
N ILE C 222 39.60 -33.91 51.13
CA ILE C 222 38.23 -34.10 51.44
C ILE C 222 38.08 -34.99 52.65
N GLY C 223 38.93 -36.00 52.79
CA GLY C 223 38.82 -36.85 53.99
C GLY C 223 39.11 -36.05 55.25
N LEU C 224 40.10 -35.17 55.20
CA LEU C 224 40.46 -34.38 56.39
C LEU C 224 39.43 -33.30 56.67
N ILE C 225 38.99 -32.61 55.61
CA ILE C 225 37.89 -31.65 55.74
C ILE C 225 36.67 -32.29 56.40
N CYS C 226 36.31 -33.51 55.97
CA CYS C 226 35.10 -34.11 56.48
C CYS C 226 35.26 -34.56 57.95
N ILE C 227 36.44 -35.04 58.30
CA ILE C 227 36.66 -35.47 59.69
C ILE C 227 36.70 -34.23 60.59
N ALA C 228 37.47 -33.20 60.20
CA ALA C 228 37.50 -31.88 60.93
C ALA C 228 36.10 -31.30 61.06
N GLY C 229 35.39 -31.23 59.93
CA GLY C 229 34.01 -30.77 59.96
C GLY C 229 33.13 -31.56 60.89
N GLY C 230 33.26 -32.88 60.85
CA GLY C 230 32.44 -33.70 61.74
C GLY C 230 32.74 -33.42 63.23
N ILE C 231 34.03 -33.28 63.57
CA ILE C 231 34.40 -33.00 64.96
C ILE C 231 33.81 -31.65 65.37
N TRP C 232 34.00 -30.65 64.50
CA TRP C 232 33.36 -29.35 64.62
C TRP C 232 31.89 -29.42 64.98
N HIS C 233 31.15 -30.23 64.26
CA HIS C 233 29.70 -30.23 64.45
C HIS C 233 29.25 -31.01 65.64
N ILE C 234 30.07 -31.96 66.07
CA ILE C 234 29.85 -32.64 67.35
C ILE C 234 30.13 -31.65 68.51
N LEU C 235 31.17 -30.83 68.37
CA LEU C 235 31.61 -29.92 69.44
C LEU C 235 30.88 -28.58 69.50
N THR C 236 30.08 -28.24 68.47
CA THR C 236 29.38 -26.94 68.42
C THR C 236 27.90 -27.10 68.22
N THR C 237 27.18 -26.02 68.43
CA THR C 237 25.77 -25.95 68.16
C THR C 237 25.60 -24.82 67.14
N PRO C 238 24.55 -24.84 66.31
CA PRO C 238 24.56 -23.82 65.23
C PRO C 238 24.49 -22.36 65.73
N PHE C 239 25.26 -21.49 65.10
CA PHE C 239 25.28 -20.07 65.43
C PHE C 239 24.01 -19.33 65.13
N GLY C 240 23.94 -18.11 65.70
CA GLY C 240 22.74 -17.28 65.60
C GLY C 240 22.28 -17.00 64.18
N TRP C 241 23.21 -16.58 63.31
CA TRP C 241 22.87 -16.30 61.91
C TRP C 241 22.36 -17.53 61.16
N ALA C 242 22.89 -18.73 61.47
CA ALA C 242 22.35 -19.97 60.88
C ALA C 242 20.97 -20.27 61.43
N ARG C 243 20.80 -20.12 62.75
CA ARG C 243 19.49 -20.29 63.36
C ARG C 243 18.43 -19.47 62.66
N ARG C 244 18.76 -18.22 62.28
CA ARG C 244 17.74 -17.32 61.68
C ARG C 244 17.53 -17.54 60.16
N ALA C 245 18.43 -18.28 59.52
CA ALA C 245 18.41 -18.47 58.07
C ALA C 245 17.61 -19.71 57.64
N PHE C 246 17.61 -20.76 58.47
CA PHE C 246 17.01 -22.05 58.13
C PHE C 246 15.71 -22.37 58.77
N ILE C 247 15.05 -23.37 58.20
CA ILE C 247 13.93 -24.02 58.83
C ILE C 247 14.50 -25.27 59.53
N TRP C 248 14.10 -25.50 60.79
CA TRP C 248 14.64 -26.61 61.61
C TRP C 248 13.54 -27.61 61.78
N SER C 249 13.41 -28.58 60.83
CA SER C 249 12.41 -29.64 60.95
C SER C 249 12.93 -30.82 60.12
N GLY C 250 12.44 -32.01 60.39
CA GLY C 250 12.80 -33.21 59.60
C GLY C 250 12.57 -32.92 58.10
N GLU C 251 11.41 -32.38 57.75
CA GLU C 251 11.10 -32.16 56.32
C GLU C 251 12.02 -31.14 55.68
N ALA C 252 12.39 -30.08 56.41
CA ALA C 252 13.38 -29.13 55.91
C ALA C 252 14.73 -29.77 55.66
N TYR C 253 15.23 -30.58 56.61
CA TYR C 253 16.52 -31.23 56.40
C TYR C 253 16.51 -32.16 55.20
N LEU C 254 15.44 -32.93 55.08
CA LEU C 254 15.28 -33.76 53.88
C LEU C 254 15.43 -32.88 52.63
N SER C 255 14.67 -31.78 52.57
CA SER C 255 14.78 -30.82 51.44
C SER C 255 16.19 -30.36 51.16
N TYR C 256 16.97 -30.10 52.19
CA TYR C 256 18.30 -29.63 51.93
C TYR C 256 19.13 -30.71 51.25
N SER C 257 18.92 -31.96 51.70
CA SER C 257 19.67 -33.09 51.16
C SER C 257 19.21 -33.41 49.74
N LEU C 258 17.93 -33.26 49.49
CA LEU C 258 17.39 -33.48 48.10
C LEU C 258 18.04 -32.49 47.17
N GLY C 259 18.03 -31.20 47.55
CA GLY C 259 18.78 -30.17 46.80
C GLY C 259 20.21 -30.60 46.52
N ALA C 260 20.88 -31.11 47.55
CA ALA C 260 22.32 -31.42 47.41
C ALA C 260 22.50 -32.67 46.50
N LEU C 261 21.69 -33.68 46.71
CA LEU C 261 21.78 -34.89 45.89
C LEU C 261 21.49 -34.50 44.41
N SER C 262 20.53 -33.58 44.21
CA SER C 262 20.19 -33.14 42.83
C SER C 262 21.43 -32.56 42.17
N MET C 263 22.07 -31.62 42.87
CA MET C 263 23.29 -31.05 42.37
C MET C 263 24.37 -32.13 42.06
N MET C 264 24.50 -33.09 42.95
CA MET C 264 25.50 -34.13 42.76
C MET C 264 25.14 -34.98 41.58
N GLY C 265 23.85 -35.27 41.41
CA GLY C 265 23.42 -36.02 40.23
C GLY C 265 23.81 -35.35 38.90
N PHE C 266 23.63 -34.03 38.79
CA PHE C 266 23.94 -33.35 37.54
C PHE C 266 25.45 -33.39 37.34
N ILE C 267 26.22 -33.17 38.41
CA ILE C 267 27.65 -33.25 38.29
C ILE C 267 28.16 -34.61 37.83
N ALA C 268 27.58 -35.67 38.42
CA ALA C 268 27.94 -37.08 38.06
C ALA C 268 27.64 -37.30 36.56
N THR C 269 26.52 -36.73 36.10
CA THR C 269 26.11 -36.83 34.68
C THR C 269 27.21 -36.27 33.80
N CYS C 270 27.70 -35.07 34.15
CA CYS C 270 28.74 -34.43 33.34
C CYS C 270 30.07 -35.15 33.51
N PHE C 271 30.32 -35.64 34.71
CA PHE C 271 31.57 -36.39 34.95
C PHE C 271 31.65 -37.60 34.02
N VAL C 272 30.59 -38.40 33.93
CA VAL C 272 30.66 -39.62 33.09
C VAL C 272 30.58 -39.27 31.58
N TRP C 273 29.98 -38.12 31.25
CA TRP C 273 29.90 -37.70 29.86
C TRP C 273 31.22 -37.24 29.29
N PHE C 274 32.02 -36.51 30.08
CA PHE C 274 33.19 -35.88 29.53
C PHE C 274 34.52 -36.47 30.10
N ASN C 275 34.50 -36.92 31.34
CA ASN C 275 35.78 -37.25 31.98
C ASN C 275 36.19 -38.70 31.57
N ASN C 276 37.42 -38.84 31.07
CA ASN C 276 38.00 -40.14 30.75
C ASN C 276 39.17 -40.59 31.65
N THR C 277 39.27 -39.99 32.83
CA THR C 277 40.33 -40.33 33.77
C THR C 277 39.72 -41.22 34.87
N VAL C 278 38.74 -40.73 35.60
CA VAL C 278 38.09 -41.56 36.61
C VAL C 278 36.98 -42.42 36.01
N TYR C 279 36.69 -42.16 34.74
CA TYR C 279 35.85 -43.05 33.92
C TYR C 279 36.64 -43.44 32.69
N PRO C 280 37.55 -44.42 32.84
CA PRO C 280 38.46 -44.81 31.75
C PRO C 280 37.68 -45.31 30.56
N SER C 281 38.02 -44.82 29.39
CA SER C 281 37.35 -45.20 28.13
C SER C 281 37.55 -46.67 27.81
N GLU C 282 38.67 -47.23 28.30
CA GLU C 282 38.89 -48.72 28.28
C GLU C 282 37.73 -49.47 28.89
N PHE C 283 37.11 -48.92 29.94
CA PHE C 283 36.02 -49.62 30.62
C PHE C 283 34.64 -49.06 30.24
N TYR C 284 34.56 -47.74 30.02
CA TYR C 284 33.23 -47.11 29.84
C TYR C 284 32.89 -46.81 28.37
N GLY C 285 33.89 -46.99 27.51
CA GLY C 285 33.77 -46.67 26.08
C GLY C 285 34.25 -45.21 25.92
N PRO C 286 34.45 -44.75 24.66
CA PRO C 286 34.88 -43.41 24.36
C PRO C 286 33.81 -42.39 24.78
N THR C 287 34.23 -41.20 25.21
CA THR C 287 33.28 -40.13 25.39
C THR C 287 32.77 -39.66 24.01
N GLY C 288 31.63 -38.97 24.02
CA GLY C 288 31.10 -38.38 22.78
C GLY C 288 32.17 -37.52 22.09
N PRO C 289 32.82 -36.60 22.84
CA PRO C 289 33.88 -35.79 22.18
C PRO C 289 35.00 -36.70 21.63
N GLU C 290 35.33 -37.74 22.40
CA GLU C 290 36.44 -38.60 22.03
C GLU C 290 36.19 -39.32 20.73
N ALA C 291 34.98 -39.86 20.61
CA ALA C 291 34.67 -40.69 19.41
C ALA C 291 34.60 -39.81 18.12
N SER C 292 34.08 -38.58 18.28
CA SER C 292 34.01 -37.64 17.12
C SER C 292 35.45 -37.27 16.66
N GLN C 293 36.31 -37.01 17.63
CA GLN C 293 37.73 -36.71 17.31
C GLN C 293 38.36 -37.95 16.67
N ALA C 294 37.99 -39.14 17.17
CA ALA C 294 38.59 -40.39 16.67
C ALA C 294 38.14 -40.58 15.26
N GLN C 295 36.94 -40.15 14.92
CA GLN C 295 36.56 -40.24 13.48
C GLN C 295 37.47 -39.34 12.60
N ALA C 296 37.69 -38.07 12.99
CA ALA C 296 38.53 -37.20 12.17
C ALA C 296 39.95 -37.84 12.04
N MET C 297 40.43 -38.40 13.13
CA MET C 297 41.78 -39.04 13.15
C MET C 297 41.82 -40.23 12.20
N THR C 298 40.72 -41.01 12.19
CA THR C 298 40.63 -42.16 11.29
C THR C 298 40.76 -41.76 9.85
N PHE C 299 39.99 -40.76 9.40
CA PHE C 299 40.05 -40.44 7.99
C PHE C 299 41.30 -39.64 7.65
N LEU C 300 41.81 -38.87 8.60
CA LEU C 300 43.11 -38.24 8.33
C LEU C 300 44.13 -39.37 8.00
N ILE C 301 44.21 -40.41 8.84
CA ILE C 301 45.18 -41.54 8.60
C ILE C 301 44.88 -42.18 7.28
N ARG C 302 43.61 -42.52 7.08
CA ARG C 302 43.27 -43.17 5.81
C ARG C 302 43.75 -42.36 4.59
N ASP C 303 43.38 -41.09 4.51
CA ASP C 303 43.58 -40.34 3.24
C ASP C 303 45.06 -39.95 3.14
N GLN C 304 45.69 -39.76 4.29
CA GLN C 304 47.14 -39.46 4.25
C GLN C 304 47.90 -40.73 3.71
N LYS C 305 47.46 -41.92 4.12
CA LYS C 305 48.10 -43.14 3.58
C LYS C 305 47.93 -43.17 2.09
N LEU C 306 46.84 -42.58 1.60
CA LEU C 306 46.57 -42.60 0.17
C LEU C 306 47.34 -41.50 -0.57
N GLY C 307 48.00 -40.63 0.19
CA GLY C 307 48.76 -39.59 -0.46
C GLY C 307 48.31 -38.18 -0.18
N ALA C 308 47.21 -37.99 0.55
CA ALA C 308 46.74 -36.60 0.83
C ALA C 308 47.77 -35.93 1.69
N ASN C 309 48.01 -34.65 1.39
CA ASN C 309 48.70 -33.76 2.30
C ASN C 309 47.68 -33.10 3.23
N VAL C 310 47.59 -33.60 4.47
CA VAL C 310 46.43 -33.25 5.28
C VAL C 310 46.53 -31.86 5.89
N GLY C 311 47.72 -31.29 5.96
CA GLY C 311 47.83 -29.91 6.44
C GLY C 311 47.30 -28.90 5.43
N SER C 312 47.47 -29.15 4.13
CA SER C 312 47.10 -28.12 3.15
C SER C 312 45.79 -28.45 2.40
N ALA C 313 45.12 -29.50 2.86
CA ALA C 313 43.85 -29.93 2.19
C ALA C 313 42.70 -28.99 2.65
N GLN C 314 42.21 -28.20 1.70
CA GLN C 314 41.14 -27.24 2.00
C GLN C 314 39.81 -27.94 1.81
N GLY C 315 38.96 -27.88 2.84
CA GLY C 315 37.62 -28.49 2.69
C GLY C 315 36.65 -27.59 1.90
N PRO C 316 35.43 -28.09 1.62
CA PRO C 316 34.43 -27.35 0.79
C PRO C 316 34.10 -25.92 1.28
N THR C 317 34.17 -25.67 2.60
CA THR C 317 33.87 -24.34 3.17
C THR C 317 35.07 -23.35 3.15
N GLY C 318 36.28 -23.84 2.86
CA GLY C 318 37.46 -23.02 2.94
C GLY C 318 38.28 -23.37 4.17
N LEU C 319 37.66 -23.97 5.20
CA LEU C 319 38.41 -24.45 6.39
C LEU C 319 39.09 -25.74 5.98
N GLY C 320 40.18 -26.07 6.67
CA GLY C 320 40.92 -27.33 6.41
C GLY C 320 39.95 -28.52 6.55
N LYS C 321 40.00 -29.42 5.58
CA LYS C 321 39.18 -30.65 5.66
C LYS C 321 39.52 -31.56 6.89
N TYR C 322 40.82 -31.62 7.27
CA TYR C 322 41.31 -32.50 8.38
C TYR C 322 41.74 -31.69 9.54
N LEU C 323 42.31 -30.51 9.23
CA LEU C 323 43.02 -29.68 10.28
C LEU C 323 42.72 -28.20 10.10
N MET C 324 42.51 -27.48 11.20
CA MET C 324 42.15 -26.08 11.14
C MET C 324 42.62 -25.48 12.44
N ARG C 325 42.32 -24.20 12.67
CA ARG C 325 42.64 -23.59 13.96
C ARG C 325 41.44 -23.41 14.83
N SER C 326 41.62 -23.58 16.13
CA SER C 326 40.66 -23.14 17.14
C SER C 326 40.63 -21.60 17.16
N PRO C 327 39.62 -20.98 17.83
CA PRO C 327 39.55 -19.50 17.92
C PRO C 327 40.77 -18.85 18.59
N THR C 328 41.60 -19.62 19.34
CA THR C 328 42.88 -19.10 19.84
C THR C 328 44.10 -19.61 19.07
N GLY C 329 43.88 -20.33 17.96
CA GLY C 329 44.96 -20.62 17.03
C GLY C 329 45.54 -22.03 17.04
N GLU C 330 45.18 -22.81 18.04
CA GLU C 330 45.78 -24.14 18.24
C GLU C 330 45.33 -24.93 17.04
N ILE C 331 46.18 -25.81 16.55
CA ILE C 331 45.79 -26.70 15.45
C ILE C 331 44.90 -27.82 16.00
N ILE C 332 43.74 -28.07 15.35
CA ILE C 332 42.71 -28.98 15.91
C ILE C 332 42.14 -29.74 14.72
N PHE C 333 41.49 -30.87 14.94
CA PHE C 333 40.77 -31.51 13.81
C PHE C 333 39.61 -30.63 13.30
N GLY C 334 39.29 -30.82 12.02
CA GLY C 334 38.33 -30.01 11.30
C GLY C 334 37.05 -30.82 11.03
N GLY C 335 36.13 -30.25 10.27
CA GLY C 335 34.75 -30.72 10.33
C GLY C 335 34.04 -30.41 11.63
N GLU C 336 32.89 -31.10 11.85
CA GLU C 336 32.06 -30.70 12.94
C GLU C 336 32.82 -30.85 14.29
N THR C 337 33.80 -31.77 14.36
CA THR C 337 34.52 -31.99 15.64
C THR C 337 35.36 -30.78 16.04
N MET C 338 35.39 -29.74 15.20
CA MET C 338 35.96 -28.47 15.70
C MET C 338 35.43 -28.15 17.11
N ARG C 339 34.20 -28.56 17.44
CA ARG C 339 33.58 -28.15 18.73
C ARG C 339 34.29 -28.91 19.85
N PHE C 340 34.91 -30.03 19.50
CA PHE C 340 35.46 -30.97 20.54
C PHE C 340 36.98 -30.82 20.77
N TRP C 341 37.57 -29.67 20.36
CA TRP C 341 39.02 -29.57 20.34
C TRP C 341 39.60 -29.54 21.77
N ASP C 342 38.79 -29.35 22.79
CA ASP C 342 39.26 -29.42 24.22
C ASP C 342 39.40 -30.89 24.67
N PHE C 343 38.91 -31.81 23.83
CA PHE C 343 39.12 -33.22 24.13
C PHE C 343 40.60 -33.57 24.39
N ARG C 344 40.88 -34.42 25.38
CA ARG C 344 42.27 -34.91 25.59
C ARG C 344 42.18 -36.41 25.91
N GLY C 345 43.08 -37.17 25.30
CA GLY C 345 43.04 -38.64 25.47
C GLY C 345 44.41 -39.25 25.14
N PRO C 346 44.77 -40.36 25.82
CA PRO C 346 46.14 -40.90 25.69
C PRO C 346 46.52 -41.34 24.29
N TRP C 347 45.57 -41.72 23.46
CA TRP C 347 45.91 -42.10 22.14
C TRP C 347 46.14 -40.93 21.19
N LEU C 348 45.66 -39.74 21.58
CA LEU C 348 45.80 -38.55 20.72
C LEU C 348 46.99 -37.69 21.16
N GLU C 349 47.19 -37.63 22.46
CA GLU C 349 48.19 -36.70 23.03
C GLU C 349 49.62 -36.79 22.42
N PRO C 350 50.11 -38.02 22.10
CA PRO C 350 51.43 -38.11 21.42
C PRO C 350 51.53 -37.27 20.13
N LEU C 351 50.39 -36.81 19.60
CA LEU C 351 50.45 -36.05 18.36
C LEU C 351 50.42 -34.56 18.63
N ARG C 352 50.30 -34.19 19.90
CA ARG C 352 50.15 -32.79 20.24
C ARG C 352 51.49 -32.15 20.53
N GLY C 353 51.68 -30.97 19.98
CA GLY C 353 52.82 -30.11 20.26
C GLY C 353 52.38 -28.87 21.02
N PRO C 354 53.33 -27.98 21.30
CA PRO C 354 52.98 -26.75 22.00
C PRO C 354 51.83 -25.96 21.30
N ASN C 355 51.78 -25.94 19.96
CA ASN C 355 50.73 -25.26 19.24
C ASN C 355 49.50 -26.08 18.85
N GLY C 356 49.34 -27.26 19.46
CA GLY C 356 48.21 -28.16 19.12
C GLY C 356 48.68 -29.33 18.25
N LEU C 357 47.75 -29.95 17.50
CA LEU C 357 48.13 -31.09 16.72
C LEU C 357 49.33 -30.71 15.86
N ASP C 358 50.38 -31.54 15.90
CA ASP C 358 51.64 -31.26 15.15
C ASP C 358 51.70 -31.99 13.85
N LEU C 359 51.84 -31.23 12.76
CA LEU C 359 51.80 -31.80 11.44
C LEU C 359 52.98 -32.77 11.12
N ASN C 360 54.16 -32.47 11.66
CA ASN C 360 55.34 -33.34 11.56
CA ASN C 360 55.27 -33.41 11.44
C ASN C 360 55.03 -34.70 12.24
N LYS C 361 54.49 -34.61 13.44
CA LYS C 361 54.12 -35.84 14.16
C LYS C 361 53.03 -36.62 13.40
N ILE C 362 52.07 -35.89 12.85
CA ILE C 362 50.99 -36.56 12.13
C ILE C 362 51.51 -37.29 10.92
N LYS C 363 52.41 -36.66 10.18
CA LYS C 363 52.93 -37.22 8.93
C LYS C 363 53.84 -38.42 9.21
N ASN C 364 54.52 -38.41 10.35
CA ASN C 364 55.60 -39.40 10.58
C ASN C 364 55.44 -40.37 11.78
N ASP C 365 54.68 -39.98 12.81
CA ASP C 365 54.73 -40.68 14.07
C ASP C 365 53.50 -41.44 14.49
N ILE C 366 52.52 -41.56 13.61
CA ILE C 366 51.27 -42.19 14.05
C ILE C 366 51.50 -43.69 14.06
N GLN C 367 51.29 -44.34 15.20
CA GLN C 367 51.60 -45.76 15.38
C GLN C 367 50.34 -46.58 15.11
N PRO C 368 50.52 -47.85 14.68
CA PRO C 368 49.33 -48.73 14.50
C PRO C 368 48.38 -48.80 15.72
N TRP C 369 48.88 -48.73 16.96
CA TRP C 369 47.98 -48.79 18.07
C TRP C 369 47.07 -47.55 18.15
N GLN C 370 47.53 -46.42 17.61
CA GLN C 370 46.67 -45.19 17.56
C GLN C 370 45.60 -45.34 16.50
N GLU C 371 45.97 -45.81 15.32
CA GLU C 371 44.98 -46.13 14.26
C GLU C 371 43.84 -47.07 14.80
N ARG C 372 44.24 -48.17 15.45
CA ARG C 372 43.29 -49.12 16.04
C ARG C 372 42.40 -48.45 17.06
N ARG C 373 42.97 -47.67 17.98
CA ARG C 373 42.17 -47.13 19.02
CA ARG C 373 42.20 -47.07 19.06
C ARG C 373 41.19 -46.09 18.48
N ALA C 374 41.63 -45.29 17.51
CA ALA C 374 40.77 -44.26 16.93
C ALA C 374 39.65 -44.98 16.16
N ALA C 375 40.00 -46.05 15.44
CA ALA C 375 38.93 -46.83 14.74
C ALA C 375 37.89 -47.47 15.70
N GLU C 376 38.40 -48.06 16.79
CA GLU C 376 37.56 -48.66 17.85
C GLU C 376 36.64 -47.59 18.42
N TYR C 377 37.22 -46.44 18.82
CA TYR C 377 36.39 -45.39 19.48
C TYR C 377 35.35 -44.75 18.52
N MET C 378 35.76 -44.52 17.28
CA MET C 378 34.85 -43.96 16.25
C MET C 378 33.58 -44.87 16.09
N THR C 379 33.79 -46.20 16.17
CA THR C 379 32.75 -47.21 15.87
C THR C 379 32.09 -47.74 17.15
N HIS C 380 32.46 -47.13 18.28
CA HIS C 380 31.73 -47.27 19.57
C HIS C 380 31.37 -45.94 20.16
N ALA C 381 31.02 -44.98 19.30
CA ALA C 381 30.54 -43.69 19.79
C ALA C 381 29.27 -43.91 20.65
N PRO C 382 29.06 -43.04 21.63
CA PRO C 382 27.93 -43.25 22.52
C PRO C 382 26.64 -42.73 21.91
N LEU C 383 26.17 -43.38 20.82
CA LEU C 383 24.92 -43.05 20.20
C LEU C 383 24.23 -44.41 20.06
N GLY C 384 22.92 -44.46 20.31
CA GLY C 384 22.21 -45.75 20.20
C GLY C 384 20.80 -45.63 20.67
N SER C 385 19.93 -46.59 20.28
CA SER C 385 18.53 -46.48 20.60
C SER C 385 18.16 -47.04 21.93
N LEU C 386 16.93 -46.74 22.39
CA LEU C 386 16.47 -47.22 23.70
C LEU C 386 16.45 -48.75 23.78
N ASN C 387 16.07 -49.42 22.66
CA ASN C 387 16.21 -50.88 22.59
C ASN C 387 17.65 -51.38 22.24
N SER C 388 18.65 -50.53 22.47
CA SER C 388 20.07 -50.87 22.34
C SER C 388 20.49 -51.34 20.92
N VAL C 389 19.99 -50.64 19.89
CA VAL C 389 20.56 -50.76 18.56
C VAL C 389 21.63 -49.70 18.41
N GLY C 390 22.87 -50.12 18.18
CA GLY C 390 24.04 -49.20 18.32
C GLY C 390 24.08 -48.30 17.07
N GLY C 391 24.47 -47.04 17.22
CA GLY C 391 24.74 -46.20 16.08
C GLY C 391 23.75 -45.05 15.95
N VAL C 392 23.76 -44.39 14.79
CA VAL C 392 22.87 -43.25 14.54
C VAL C 392 21.41 -43.71 14.43
N ALA C 393 20.47 -42.78 14.52
CA ALA C 393 19.09 -43.12 14.68
C ALA C 393 18.56 -43.79 13.38
N THR C 394 19.26 -43.62 12.28
CA THR C 394 18.75 -44.22 10.98
C THR C 394 19.49 -45.53 10.73
N GLU C 395 20.38 -45.92 11.64
CA GLU C 395 21.16 -47.16 11.42
C GLU C 395 20.20 -48.40 11.45
N ILE C 396 20.58 -49.44 10.69
CA ILE C 396 19.82 -50.69 10.70
C ILE C 396 20.14 -51.51 11.94
N ASN C 397 19.22 -52.39 12.31
CA ASN C 397 19.47 -53.42 13.29
C ASN C 397 20.66 -54.24 12.90
N SER C 398 21.56 -54.48 13.87
CA SER C 398 22.67 -55.43 13.69
C SER C 398 23.55 -55.40 14.92
N VAL C 399 23.83 -54.20 15.41
CA VAL C 399 24.84 -54.08 16.50
C VAL C 399 24.10 -53.81 17.80
N ASN C 400 24.28 -54.66 18.82
CA ASN C 400 23.53 -54.48 20.10
C ASN C 400 24.47 -53.69 21.01
N PHE C 401 24.23 -52.38 21.12
CA PHE C 401 25.19 -51.47 21.82
C PHE C 401 24.49 -50.17 22.25
N VAL C 402 24.54 -49.85 23.55
CA VAL C 402 24.41 -48.46 24.00
C VAL C 402 25.50 -48.30 25.00
N SER C 403 26.35 -47.28 24.79
CA SER C 403 27.41 -46.93 25.68
C SER C 403 27.00 -46.82 27.14
N PRO C 404 27.83 -47.40 28.05
CA PRO C 404 27.61 -47.20 29.50
C PRO C 404 27.63 -45.72 29.84
N ARG C 405 28.42 -44.93 29.11
CA ARG C 405 28.38 -43.46 29.33
C ARG C 405 26.99 -42.87 29.08
N SER C 406 26.27 -43.34 28.03
CA SER C 406 24.90 -42.83 27.83
C SER C 406 23.95 -43.34 28.89
N TRP C 407 24.12 -44.60 29.31
CA TRP C 407 23.22 -45.13 30.36
C TRP C 407 23.40 -44.37 31.61
N LEU C 408 24.66 -44.13 31.96
CA LEU C 408 24.93 -43.49 33.24
C LEU C 408 24.59 -41.98 33.23
N ALA C 409 24.84 -41.29 32.12
CA ALA C 409 24.45 -39.87 32.03
C ALA C 409 22.94 -39.68 32.02
N THR C 410 22.18 -40.51 31.25
CA THR C 410 20.79 -40.24 31.15
C THR C 410 20.08 -40.57 32.47
N SER C 411 20.37 -41.73 33.06
CA SER C 411 19.77 -42.11 34.31
C SER C 411 20.03 -41.06 35.39
N HIS C 412 21.26 -40.60 35.47
CA HIS C 412 21.58 -39.58 36.48
C HIS C 412 21.01 -38.22 36.22
N PHE C 413 20.76 -37.90 34.93
CA PHE C 413 20.04 -36.66 34.67
C PHE C 413 18.61 -36.78 35.17
N VAL C 414 17.92 -37.89 34.85
CA VAL C 414 16.58 -38.07 35.24
C VAL C 414 16.44 -38.04 36.76
N LEU C 415 17.35 -38.73 37.42
CA LEU C 415 17.33 -38.78 38.89
C LEU C 415 17.60 -37.39 39.49
N ALA C 416 18.66 -36.72 39.03
CA ALA C 416 18.96 -35.34 39.48
C ALA C 416 17.78 -34.41 39.26
N PHE C 417 17.11 -34.53 38.09
CA PHE C 417 15.97 -33.68 37.81
C PHE C 417 14.84 -33.93 38.79
N PHE C 418 14.40 -35.17 38.93
CA PHE C 418 13.31 -35.42 39.89
C PHE C 418 13.72 -35.05 41.34
N PHE C 419 15.00 -35.15 41.66
CA PHE C 419 15.46 -34.72 43.02
C PHE C 419 15.43 -33.22 43.22
N LEU C 420 15.60 -32.45 42.16
CA LEU C 420 15.40 -31.00 42.25
C LEU C 420 13.94 -30.76 42.49
N VAL C 421 13.06 -31.49 41.75
CA VAL C 421 11.67 -31.32 41.99
C VAL C 421 11.30 -31.64 43.49
N GLY C 422 11.87 -32.71 44.02
CA GLY C 422 11.54 -33.13 45.36
C GLY C 422 12.11 -32.09 46.34
N HIS C 423 13.27 -31.53 46.00
CA HIS C 423 13.78 -30.43 46.80
C HIS C 423 12.75 -29.28 46.88
N LEU C 424 12.18 -28.89 45.73
CA LEU C 424 11.26 -27.74 45.72
C LEU C 424 9.99 -28.13 46.49
N TRP C 425 9.49 -29.34 46.22
CA TRP C 425 8.31 -29.79 46.85
C TRP C 425 8.44 -29.76 48.40
N HIS C 426 9.53 -30.33 48.91
CA HIS C 426 9.76 -30.45 50.36
C HIS C 426 10.20 -29.18 51.01
N ALA C 427 11.03 -28.40 50.32
CA ALA C 427 11.45 -27.09 50.84
C ALA C 427 10.25 -26.17 50.95
N GLY C 428 9.39 -26.15 49.91
CA GLY C 428 8.20 -25.28 50.01
C GLY C 428 7.23 -25.79 51.08
N ARG C 429 7.16 -27.11 51.23
CA ARG C 429 6.25 -27.68 52.21
C ARG C 429 6.78 -27.42 53.62
N ALA C 430 8.09 -27.58 53.82
CA ALA C 430 8.71 -27.37 55.16
C ALA C 430 8.49 -25.92 55.63
N ARG C 431 8.72 -24.95 54.73
CA ARG C 431 8.38 -23.55 54.98
C ARG C 431 6.94 -23.36 55.37
N ALA C 432 6.01 -23.87 54.57
CA ALA C 432 4.63 -23.66 54.90
C ALA C 432 4.20 -24.30 56.25
N ALA C 433 4.72 -25.50 56.51
CA ALA C 433 4.35 -26.26 57.74
C ALA C 433 4.89 -25.54 58.96
N ALA C 434 6.09 -24.99 58.83
CA ALA C 434 6.74 -24.29 59.94
C ALA C 434 5.97 -23.02 60.26
N ALA C 435 5.36 -22.40 59.24
CA ALA C 435 4.70 -21.13 59.44
C ALA C 435 3.24 -21.41 59.72
N GLY C 436 2.84 -22.66 59.55
CA GLY C 436 1.53 -23.10 59.95
C GLY C 436 0.41 -22.97 58.90
N PHE C 437 0.71 -22.92 57.61
CA PHE C 437 -0.40 -22.91 56.62
C PHE C 437 -0.29 -23.98 55.48
N GLU C 438 0.43 -25.08 55.75
CA GLU C 438 0.48 -26.23 54.82
C GLU C 438 -0.86 -26.95 54.51
N LYS C 439 -1.92 -26.70 55.27
CA LYS C 439 -3.17 -27.43 55.04
C LYS C 439 -4.20 -26.55 54.42
N GLY C 440 -3.79 -25.32 54.10
CA GLY C 440 -4.71 -24.36 53.51
C GLY C 440 -4.84 -23.08 54.34
N ILE C 441 -5.62 -22.13 53.83
CA ILE C 441 -5.72 -20.76 54.34
C ILE C 441 -6.81 -20.82 55.39
N ASP C 442 -6.56 -20.22 56.54
CA ASP C 442 -7.63 -20.09 57.56
C ASP C 442 -8.75 -19.18 57.04
N ARG C 443 -9.95 -19.71 56.83
CA ARG C 443 -11.03 -18.89 56.30
C ARG C 443 -11.35 -17.63 57.12
N GLU C 444 -11.16 -17.69 58.45
CA GLU C 444 -11.41 -16.52 59.31
C GLU C 444 -10.18 -15.65 59.50
N SER C 445 -9.03 -16.10 59.01
CA SER C 445 -7.84 -15.26 59.08
C SER C 445 -7.08 -15.30 57.74
N GLU C 446 -7.77 -14.97 56.63
CA GLU C 446 -7.14 -15.06 55.29
C GLU C 446 -6.19 -13.87 55.09
N PRO C 447 -4.86 -14.09 55.07
CA PRO C 447 -3.91 -12.98 55.11
C PRO C 447 -4.19 -11.89 54.08
N VAL C 448 -4.57 -12.27 52.85
CA VAL C 448 -4.73 -11.28 51.78
C VAL C 448 -5.87 -10.29 52.12
N LEU C 449 -6.83 -10.78 52.90
CA LEU C 449 -7.97 -9.94 53.26
C LEU C 449 -7.59 -8.79 54.19
N SER C 450 -6.46 -8.86 54.90
CA SER C 450 -5.98 -7.73 55.70
CA SER C 450 -6.01 -7.73 55.71
C SER C 450 -4.94 -6.92 55.00
N MET C 451 -4.74 -7.19 53.71
CA MET C 451 -3.76 -6.39 52.98
C MET C 451 -4.50 -5.30 52.16
N PRO C 452 -3.84 -4.16 51.96
CA PRO C 452 -4.42 -3.14 51.09
C PRO C 452 -4.53 -3.66 49.64
N SER C 453 -5.54 -3.18 48.92
CA SER C 453 -5.69 -3.39 47.49
C SER C 453 -4.44 -3.08 46.74
N LEU C 454 -4.17 -3.79 45.64
CA LEU C 454 -3.04 -3.40 44.79
C LEU C 454 -3.37 -2.15 44.00
N ASP C 455 -4.65 -1.93 43.76
CA ASP C 455 -5.11 -0.80 43.01
C ASP C 455 -6.58 -0.63 43.29
N ARG D 2 -48.98 -42.60 25.92
CA ARG D 2 -47.93 -43.57 26.38
C ARG D 2 -47.91 -44.88 25.54
N GLY D 3 -47.69 -44.71 24.22
CA GLY D 3 -47.42 -45.79 23.25
C GLY D 3 -46.00 -46.39 23.23
N TRP D 4 -45.70 -47.22 22.24
CA TRP D 4 -44.45 -47.96 22.22
C TRP D 4 -43.24 -47.03 22.16
N PHE D 5 -43.41 -45.88 21.48
CA PHE D 5 -42.33 -44.91 21.36
C PHE D 5 -41.95 -44.46 22.76
N ASP D 6 -42.93 -44.05 23.54
CA ASP D 6 -42.65 -43.58 24.90
C ASP D 6 -42.19 -44.65 25.85
N ILE D 7 -42.68 -45.88 25.65
CA ILE D 7 -42.18 -47.03 26.43
C ILE D 7 -40.68 -47.30 26.08
N LEU D 8 -40.35 -47.27 24.79
CA LEU D 8 -38.95 -47.44 24.38
C LEU D 8 -38.09 -46.30 25.00
N ASP D 9 -38.58 -45.08 24.89
CA ASP D 9 -37.93 -43.90 25.47
C ASP D 9 -37.63 -44.11 26.93
N ASP D 10 -38.62 -44.58 27.69
CA ASP D 10 -38.42 -44.94 29.10
C ASP D 10 -37.25 -45.86 29.32
N TRP D 11 -37.23 -46.96 28.59
CA TRP D 11 -36.20 -47.98 28.74
C TRP D 11 -34.82 -47.46 28.35
N LEU D 12 -34.76 -46.77 27.20
CA LEU D 12 -33.49 -46.19 26.72
C LEU D 12 -32.87 -45.28 27.78
N LYS D 13 -33.74 -44.50 28.47
CA LYS D 13 -33.31 -43.51 29.49
C LYS D 13 -33.21 -43.94 30.94
N ARG D 14 -33.30 -45.24 31.21
CA ARG D 14 -33.13 -45.72 32.58
C ARG D 14 -31.79 -45.35 33.16
N ASP D 15 -31.78 -45.04 34.44
CA ASP D 15 -30.57 -44.64 35.11
C ASP D 15 -29.77 -45.87 35.43
N ARG D 16 -28.88 -46.30 34.53
CA ARG D 16 -28.12 -47.54 34.74
C ARG D 16 -26.60 -47.30 34.76
N PHE D 17 -25.79 -48.35 34.96
CA PHE D 17 -24.34 -48.18 35.14
C PHE D 17 -23.76 -47.50 33.90
N VAL D 18 -24.16 -47.98 32.71
CA VAL D 18 -23.84 -47.34 31.45
C VAL D 18 -25.13 -46.84 30.82
N PHE D 19 -25.32 -45.52 30.83
CA PHE D 19 -26.46 -44.92 30.20
C PHE D 19 -26.51 -45.30 28.70
N VAL D 20 -27.71 -45.45 28.14
CA VAL D 20 -27.90 -45.86 26.73
C VAL D 20 -28.40 -44.71 25.89
N GLY D 21 -29.66 -44.32 26.06
CA GLY D 21 -30.28 -43.27 25.26
C GLY D 21 -30.59 -43.65 23.84
N TRP D 22 -31.34 -42.78 23.18
CA TRP D 22 -31.59 -42.92 21.73
C TRP D 22 -30.24 -42.79 21.04
N SER D 23 -29.35 -41.92 21.58
CA SER D 23 -28.01 -41.78 20.97
C SER D 23 -27.16 -43.05 21.01
N GLY D 24 -27.38 -43.87 22.06
CA GLY D 24 -26.69 -45.15 22.22
C GLY D 24 -26.89 -46.08 21.05
N ILE D 25 -28.01 -45.95 20.36
CA ILE D 25 -28.32 -46.89 19.25
C ILE D 25 -27.36 -46.62 18.06
N LEU D 26 -27.01 -45.34 17.84
CA LEU D 26 -25.94 -44.98 16.90
C LEU D 26 -24.58 -45.23 17.49
N LEU D 27 -24.32 -44.71 18.70
CA LEU D 27 -23.01 -44.73 19.28
C LEU D 27 -22.38 -46.10 19.57
N PHE D 28 -23.12 -46.93 20.30
CA PHE D 28 -22.50 -48.18 20.74
C PHE D 28 -22.06 -49.12 19.64
N PRO D 29 -22.89 -49.36 18.63
CA PRO D 29 -22.42 -50.25 17.59
C PRO D 29 -21.24 -49.59 16.81
N CYS D 30 -21.33 -48.29 16.56
CA CYS D 30 -20.28 -47.66 15.71
C CYS D 30 -18.95 -47.60 16.41
N ALA D 31 -18.99 -47.25 17.68
CA ALA D 31 -17.77 -47.16 18.43
C ALA D 31 -17.20 -48.54 18.65
N TYR D 32 -18.06 -49.52 18.95
CA TYR D 32 -17.57 -50.86 19.18
C TYR D 32 -16.89 -51.39 17.94
N LEU D 33 -17.49 -51.15 16.77
CA LEU D 33 -16.92 -51.69 15.53
C LEU D 33 -15.60 -50.94 15.18
N ALA D 34 -15.62 -49.60 15.30
CA ALA D 34 -14.36 -48.84 15.02
C ALA D 34 -13.22 -49.43 15.88
N LEU D 35 -13.48 -49.60 17.17
CA LEU D 35 -12.42 -50.04 18.12
C LEU D 35 -12.09 -51.51 17.84
N GLY D 36 -13.14 -52.28 17.62
CA GLY D 36 -12.90 -53.74 17.35
C GLY D 36 -12.18 -53.93 16.03
N GLY D 37 -12.58 -53.16 15.00
CA GLY D 37 -11.88 -53.23 13.71
C GLY D 37 -10.39 -52.84 13.85
N TRP D 38 -10.10 -51.84 14.68
CA TRP D 38 -8.71 -51.48 14.89
C TRP D 38 -7.96 -52.58 15.56
N LEU D 39 -8.55 -53.15 16.63
CA LEU D 39 -7.88 -54.21 17.37
C LEU D 39 -7.75 -55.44 16.45
N THR D 40 -8.77 -55.73 15.67
CA THR D 40 -8.68 -56.87 14.76
C THR D 40 -7.58 -56.69 13.70
N GLY D 41 -7.56 -55.55 13.03
CA GLY D 41 -6.50 -55.33 12.00
C GLY D 41 -5.07 -55.29 12.58
N THR D 42 -4.88 -54.53 13.62
CA THR D 42 -3.52 -54.40 14.20
C THR D 42 -3.03 -55.78 14.69
N THR D 43 -3.97 -56.64 15.08
CA THR D 43 -3.59 -57.96 15.60
C THR D 43 -3.25 -58.94 14.48
N PHE D 44 -4.11 -58.98 13.45
CA PHE D 44 -4.08 -60.06 12.45
C PHE D 44 -3.86 -59.64 11.02
N VAL D 45 -4.05 -58.37 10.68
CA VAL D 45 -4.16 -58.02 9.24
C VAL D 45 -2.93 -57.35 8.62
N THR D 46 -2.60 -57.72 7.38
CA THR D 46 -1.39 -57.23 6.72
C THR D 46 -1.63 -55.89 6.02
N SER D 47 -0.53 -55.24 5.61
CA SER D 47 -0.66 -54.14 4.62
C SER D 47 0.26 -54.44 3.42
N TRP D 48 0.56 -55.71 3.21
CA TRP D 48 1.41 -56.11 2.11
C TRP D 48 0.91 -55.70 0.73
N TYR D 49 -0.37 -55.89 0.47
CA TYR D 49 -0.96 -55.63 -0.87
C TYR D 49 -1.30 -54.18 -1.17
N THR D 50 -1.44 -53.38 -0.12
CA THR D 50 -1.84 -51.98 -0.28
C THR D 50 -0.62 -51.05 -0.15
N HIS D 51 0.36 -51.42 0.67
CA HIS D 51 1.54 -50.57 1.01
C HIS D 51 2.85 -51.25 0.86
N GLY D 52 2.83 -52.59 0.80
CA GLY D 52 4.08 -53.35 0.91
C GLY D 52 4.67 -53.29 2.33
N LEU D 53 3.82 -53.31 3.36
CA LEU D 53 4.27 -53.26 4.78
C LEU D 53 3.61 -54.42 5.52
N ALA D 54 4.32 -54.94 6.49
CA ALA D 54 3.74 -55.71 7.58
C ALA D 54 3.16 -54.69 8.55
N SER D 55 2.01 -55.02 9.18
CA SER D 55 1.40 -54.05 10.09
C SER D 55 0.62 -54.69 11.27
N SER D 56 0.86 -55.96 11.60
CA SER D 56 0.04 -56.62 12.66
C SER D 56 0.94 -57.37 13.59
N TYR D 57 0.47 -57.66 14.81
CA TYR D 57 1.23 -58.53 15.73
C TYR D 57 1.48 -59.86 15.04
N LEU D 58 0.51 -60.36 14.29
CA LEU D 58 0.72 -61.66 13.67
C LEU D 58 1.98 -61.68 12.82
N GLU D 59 2.31 -60.58 12.15
CA GLU D 59 3.50 -60.57 11.27
C GLU D 59 4.79 -60.20 11.99
N GLY D 60 4.68 -59.87 13.26
CA GLY D 60 5.87 -59.48 14.05
C GLY D 60 6.00 -57.98 14.46
N CYS D 61 5.04 -57.13 14.12
CA CYS D 61 5.06 -55.71 14.59
C CYS D 61 4.79 -55.65 16.08
N ASN D 62 5.17 -54.52 16.71
CA ASN D 62 4.89 -54.31 18.11
C ASN D 62 3.80 -53.18 18.20
N PHE D 63 3.39 -52.82 19.41
CA PHE D 63 2.32 -51.84 19.60
C PHE D 63 2.67 -50.51 18.87
N LEU D 64 3.95 -50.14 18.86
CA LEU D 64 4.30 -48.90 18.14
C LEU D 64 4.14 -48.99 16.59
N THR D 65 4.39 -50.15 16.03
CA THR D 65 4.46 -50.25 14.54
C THR D 65 3.26 -50.86 13.92
N VAL D 66 2.37 -51.45 14.73
CA VAL D 66 1.11 -52.01 14.10
C VAL D 66 0.23 -50.93 13.55
N ALA D 67 -0.58 -51.19 12.51
CA ALA D 67 -1.52 -50.17 12.09
C ALA D 67 -2.64 -50.88 11.35
N VAL D 68 -3.79 -50.24 11.23
CA VAL D 68 -4.67 -50.53 10.09
C VAL D 68 -4.38 -49.45 9.02
N SER D 69 -3.82 -49.89 7.89
CA SER D 69 -3.36 -48.99 6.84
C SER D 69 -4.40 -48.70 5.81
N THR D 70 -4.21 -47.55 5.14
CA THR D 70 -5.14 -47.08 4.14
C THR D 70 -5.17 -48.06 2.96
N PRO D 71 -6.23 -48.02 2.12
CA PRO D 71 -6.23 -48.88 0.94
C PRO D 71 -5.18 -48.42 -0.11
N ALA D 72 -4.92 -49.27 -1.10
CA ALA D 72 -4.01 -48.91 -2.21
C ALA D 72 -4.48 -47.63 -2.88
N ASN D 73 -3.55 -46.88 -3.49
CA ASN D 73 -3.89 -45.65 -4.18
C ASN D 73 -4.83 -45.93 -5.34
N SER D 74 -4.72 -47.12 -5.88
CA SER D 74 -5.60 -47.43 -7.09
C SER D 74 -7.08 -47.58 -6.70
N MET D 75 -7.38 -47.81 -5.39
CA MET D 75 -8.78 -47.76 -4.92
C MET D 75 -9.44 -46.37 -5.00
N GLY D 76 -8.64 -45.32 -5.24
CA GLY D 76 -9.19 -43.95 -5.18
C GLY D 76 -9.88 -43.72 -3.84
N HIS D 77 -11.06 -43.12 -3.89
CA HIS D 77 -11.90 -42.87 -2.70
C HIS D 77 -13.07 -43.83 -2.59
N SER D 78 -12.87 -45.04 -3.14
CA SER D 78 -13.86 -46.14 -2.91
C SER D 78 -14.27 -46.24 -1.47
N LEU D 79 -15.59 -46.27 -1.25
CA LEU D 79 -16.17 -46.68 0.05
C LEU D 79 -15.62 -48.04 0.53
N LEU D 80 -15.19 -48.87 -0.44
CA LEU D 80 -14.62 -50.17 -0.16
C LEU D 80 -15.57 -51.03 0.74
N LEU D 81 -16.87 -50.96 0.45
CA LEU D 81 -17.88 -51.75 1.21
C LEU D 81 -17.62 -53.25 1.05
N LEU D 82 -17.83 -54.02 2.11
CA LEU D 82 -17.57 -55.47 2.03
C LEU D 82 -18.29 -56.06 0.79
N TRP D 83 -19.51 -55.61 0.53
CA TRP D 83 -20.34 -56.10 -0.62
C TRP D 83 -20.18 -55.34 -1.88
N GLY D 84 -19.23 -54.39 -1.88
CA GLY D 84 -18.97 -53.53 -3.01
C GLY D 84 -18.20 -54.27 -4.11
N PRO D 85 -17.98 -53.56 -5.22
CA PRO D 85 -17.50 -54.16 -6.48
C PRO D 85 -16.03 -54.56 -6.39
N GLU D 86 -15.30 -54.07 -5.39
CA GLU D 86 -13.90 -54.43 -5.24
C GLU D 86 -13.75 -55.75 -4.51
N ALA D 87 -14.33 -55.84 -3.33
CA ALA D 87 -14.15 -57.06 -2.53
C ALA D 87 -15.22 -58.11 -2.92
N GLN D 88 -16.37 -57.61 -3.37
CA GLN D 88 -17.44 -58.52 -3.85
C GLN D 88 -17.88 -59.55 -2.80
N GLY D 89 -17.96 -59.16 -1.54
CA GLY D 89 -18.43 -60.02 -0.46
C GLY D 89 -17.38 -60.92 0.21
N ASP D 90 -16.14 -60.89 -0.28
CA ASP D 90 -15.10 -61.75 0.22
C ASP D 90 -14.30 -61.05 1.34
N PHE D 91 -14.51 -61.56 2.55
CA PHE D 91 -14.04 -60.93 3.73
C PHE D 91 -12.52 -60.92 3.74
N THR D 92 -11.89 -62.04 3.33
CA THR D 92 -10.45 -62.15 3.22
C THR D 92 -9.86 -61.11 2.23
N ARG D 93 -10.39 -61.06 1.00
CA ARG D 93 -9.92 -60.16 0.00
C ARG D 93 -10.16 -58.70 0.50
N TRP D 94 -11.30 -58.47 1.15
CA TRP D 94 -11.64 -57.15 1.66
C TRP D 94 -10.58 -56.72 2.65
N CYS D 95 -10.13 -57.62 3.54
CA CYS D 95 -9.01 -57.28 4.48
C CYS D 95 -7.74 -56.93 3.73
N GLN D 96 -7.42 -57.72 2.70
CA GLN D 96 -6.22 -57.52 1.89
C GLN D 96 -6.21 -56.24 1.04
N LEU D 97 -7.40 -55.71 0.73
CA LEU D 97 -7.56 -54.51 -0.07
C LEU D 97 -7.65 -53.25 0.80
N GLY D 98 -7.61 -53.39 2.10
CA GLY D 98 -7.80 -52.21 2.92
C GLY D 98 -9.17 -51.85 3.38
N GLY D 99 -10.12 -52.79 3.27
CA GLY D 99 -11.53 -52.50 3.64
C GLY D 99 -11.62 -52.13 5.11
N LEU D 100 -10.75 -52.67 5.96
CA LEU D 100 -10.83 -52.29 7.38
C LEU D 100 -10.56 -50.79 7.57
N TRP D 101 -9.79 -50.18 6.65
CA TRP D 101 -9.55 -48.72 6.79
C TRP D 101 -10.85 -47.94 6.63
N THR D 102 -11.62 -48.14 5.55
CA THR D 102 -12.78 -47.30 5.45
C THR D 102 -13.79 -47.77 6.51
N PHE D 103 -13.75 -49.05 6.84
CA PHE D 103 -14.63 -49.55 7.97
C PHE D 103 -14.45 -48.75 9.26
N ILE D 104 -13.20 -48.64 9.67
CA ILE D 104 -12.90 -47.94 10.91
C ILE D 104 -13.18 -46.43 10.77
N ALA D 105 -12.76 -45.81 9.66
CA ALA D 105 -12.97 -44.38 9.52
C ALA D 105 -14.43 -44.07 9.48
N LEU D 106 -15.25 -44.86 8.73
CA LEU D 106 -16.66 -44.53 8.66
C LEU D 106 -17.50 -44.85 9.90
N HIS D 107 -17.28 -46.03 10.54
CA HIS D 107 -17.97 -46.28 11.84
C HIS D 107 -17.44 -45.32 12.88
N GLY D 108 -16.14 -44.96 12.76
CA GLY D 108 -15.55 -44.02 13.73
C GLY D 108 -16.31 -42.68 13.61
N ALA D 109 -16.49 -42.21 12.37
CA ALA D 109 -17.18 -40.93 12.13
C ALA D 109 -18.62 -41.00 12.69
N PHE D 110 -19.39 -42.05 12.30
CA PHE D 110 -20.74 -42.18 12.89
C PHE D 110 -20.72 -42.31 14.43
N GLY D 111 -19.71 -43.00 14.95
CA GLY D 111 -19.61 -43.15 16.39
C GLY D 111 -19.35 -41.81 17.04
N LEU D 112 -18.51 -40.98 16.44
CA LEU D 112 -18.29 -39.62 17.05
C LEU D 112 -19.57 -38.78 16.98
N ILE D 113 -20.34 -38.90 15.91
CA ILE D 113 -21.60 -38.24 15.89
C ILE D 113 -22.49 -38.73 17.10
N GLY D 114 -22.45 -40.05 17.32
CA GLY D 114 -23.25 -40.69 18.41
C GLY D 114 -22.77 -40.17 19.74
N PHE D 115 -21.46 -40.02 19.84
CA PHE D 115 -20.95 -39.51 21.15
C PHE D 115 -21.42 -38.07 21.46
N MET D 116 -21.40 -37.22 20.42
CA MET D 116 -21.81 -35.87 20.62
C MET D 116 -23.32 -35.82 20.85
N LEU D 117 -24.11 -36.63 20.10
CA LEU D 117 -25.54 -36.71 20.45
C LEU D 117 -25.78 -37.16 21.89
N ARG D 118 -25.00 -38.13 22.35
CA ARG D 118 -25.01 -38.56 23.75
C ARG D 118 -24.72 -37.42 24.72
N GLN D 119 -23.74 -36.58 24.39
CA GLN D 119 -23.48 -35.40 25.27
C GLN D 119 -24.71 -34.45 25.29
N PHE D 120 -25.33 -34.21 24.15
CA PHE D 120 -26.54 -33.41 24.11
C PHE D 120 -27.70 -34.11 24.91
N GLU D 121 -27.87 -35.39 24.67
CA GLU D 121 -29.01 -36.13 25.25
C GLU D 121 -28.89 -36.12 26.80
N ILE D 122 -27.74 -36.50 27.33
CA ILE D 122 -27.50 -36.44 28.78
C ILE D 122 -27.62 -35.06 29.40
N ALA D 123 -27.04 -34.02 28.75
CA ALA D 123 -27.15 -32.64 29.25
C ALA D 123 -28.62 -32.26 29.39
N ARG D 124 -29.42 -32.65 28.38
CA ARG D 124 -30.80 -32.34 28.38
C ARG D 124 -31.55 -33.05 29.56
N LEU D 125 -31.22 -34.30 29.80
CA LEU D 125 -31.90 -35.08 30.85
C LEU D 125 -31.58 -34.61 32.24
N VAL D 126 -30.34 -34.23 32.44
CA VAL D 126 -29.83 -33.81 33.71
C VAL D 126 -30.12 -32.32 33.97
N GLY D 127 -30.50 -31.60 32.90
CA GLY D 127 -30.79 -30.18 32.99
C GLY D 127 -29.56 -29.25 33.08
N VAL D 128 -28.45 -29.60 32.39
CA VAL D 128 -27.31 -28.66 32.30
C VAL D 128 -27.22 -28.06 30.87
N ARG D 129 -26.41 -27.01 30.72
CA ARG D 129 -26.22 -26.38 29.36
C ARG D 129 -25.27 -27.30 28.59
N PRO D 130 -25.39 -27.34 27.25
CA PRO D 130 -24.71 -28.38 26.47
C PRO D 130 -23.30 -27.94 26.01
N TYR D 131 -22.52 -27.29 26.86
CA TYR D 131 -21.20 -26.84 26.43
C TYR D 131 -20.19 -27.94 26.21
N ASN D 132 -20.34 -29.08 26.88
CA ASN D 132 -19.46 -30.19 26.65
C ASN D 132 -19.61 -30.74 25.22
N ALA D 133 -20.84 -30.89 24.75
CA ALA D 133 -21.06 -31.24 23.37
C ALA D 133 -20.48 -30.17 22.45
N ILE D 134 -20.70 -28.91 22.79
CA ILE D 134 -20.21 -27.81 21.93
C ILE D 134 -18.69 -27.90 21.79
N ALA D 135 -18.00 -28.11 22.92
CA ALA D 135 -16.57 -28.29 22.92
C ALA D 135 -16.04 -29.50 22.09
N PHE D 136 -16.83 -30.58 22.10
CA PHE D 136 -16.54 -31.79 21.34
C PHE D 136 -16.55 -31.55 19.80
N SER D 137 -17.08 -30.43 19.36
CA SER D 137 -17.05 -30.08 17.91
C SER D 137 -15.63 -29.96 17.45
N ALA D 138 -14.68 -29.64 18.35
CA ALA D 138 -13.29 -29.51 17.93
C ALA D 138 -12.67 -30.90 17.55
N PRO D 139 -12.78 -31.92 18.42
CA PRO D 139 -12.40 -33.28 17.98
C PRO D 139 -13.08 -33.72 16.69
N ILE D 140 -14.32 -33.33 16.53
CA ILE D 140 -15.02 -33.72 15.29
C ILE D 140 -14.44 -32.98 14.07
N ALA D 141 -14.19 -31.67 14.21
CA ALA D 141 -13.59 -30.94 13.10
C ALA D 141 -12.23 -31.52 12.73
N VAL D 142 -11.41 -31.93 13.71
CA VAL D 142 -10.13 -32.56 13.44
C VAL D 142 -10.32 -33.91 12.74
N PHE D 143 -11.16 -34.75 13.33
CA PHE D 143 -11.31 -36.11 12.73
C PHE D 143 -11.74 -35.98 11.28
N VAL D 144 -12.77 -35.19 11.05
CA VAL D 144 -13.37 -35.02 9.69
C VAL D 144 -12.39 -34.37 8.71
N SER D 145 -11.68 -33.34 9.17
CA SER D 145 -10.75 -32.71 8.23
C SER D 145 -9.60 -33.62 7.86
N VAL D 146 -9.04 -34.31 8.84
CA VAL D 146 -7.78 -35.00 8.63
C VAL D 146 -8.10 -36.39 7.99
N PHE D 147 -9.15 -37.07 8.50
CA PHE D 147 -9.35 -38.50 8.04
C PHE D 147 -10.28 -38.59 6.83
N LEU D 148 -11.05 -37.52 6.58
CA LEU D 148 -12.00 -37.56 5.46
C LEU D 148 -11.69 -36.47 4.43
N ILE D 149 -11.74 -35.18 4.81
CA ILE D 149 -11.59 -34.13 3.79
C ILE D 149 -10.18 -34.19 3.13
N TYR D 150 -9.12 -34.31 3.96
CA TYR D 150 -7.76 -34.33 3.44
C TYR D 150 -7.61 -35.41 2.33
N PRO D 151 -7.92 -36.72 2.63
CA PRO D 151 -7.72 -37.69 1.54
C PRO D 151 -8.69 -37.44 0.40
N LEU D 152 -9.89 -36.93 0.70
CA LEU D 152 -10.84 -36.65 -0.41
C LEU D 152 -10.33 -35.57 -1.37
N GLY D 153 -9.49 -34.63 -0.87
CA GLY D 153 -8.88 -33.66 -1.79
C GLY D 153 -7.66 -34.27 -2.48
N GLN D 154 -7.04 -35.28 -1.90
CA GLN D 154 -5.89 -35.91 -2.52
C GLN D 154 -6.35 -37.00 -3.54
N SER D 155 -5.43 -37.77 -4.08
CA SER D 155 -5.71 -38.80 -5.07
C SER D 155 -6.62 -39.93 -4.54
N SER D 156 -6.51 -40.26 -3.25
CA SER D 156 -7.22 -41.42 -2.71
C SER D 156 -7.13 -41.49 -1.20
N TRP D 157 -7.88 -42.44 -0.62
CA TRP D 157 -7.65 -42.73 0.80
C TRP D 157 -6.26 -43.15 1.12
N PHE D 158 -5.47 -43.67 0.19
CA PHE D 158 -4.08 -44.05 0.51
C PHE D 158 -3.37 -42.97 1.36
N PHE D 159 -3.60 -41.69 1.05
CA PHE D 159 -2.90 -40.55 1.76
C PHE D 159 -3.53 -40.00 3.03
N ALA D 160 -4.62 -40.63 3.49
CA ALA D 160 -5.13 -40.35 4.81
C ALA D 160 -4.15 -40.96 5.80
N PRO D 161 -4.26 -40.59 7.08
CA PRO D 161 -3.42 -41.29 8.03
C PRO D 161 -3.90 -42.74 8.19
N SER D 162 -2.94 -43.62 8.32
CA SER D 162 -3.21 -45.02 8.62
C SER D 162 -3.37 -45.04 10.14
N PHE D 163 -4.24 -45.91 10.64
CA PHE D 163 -4.51 -46.00 12.09
C PHE D 163 -3.42 -46.75 12.84
N GLY D 164 -2.40 -46.04 13.34
CA GLY D 164 -1.26 -46.74 13.90
C GLY D 164 -0.32 -45.69 14.51
N VAL D 165 0.43 -46.10 15.51
CA VAL D 165 1.33 -45.13 16.22
C VAL D 165 2.41 -44.64 15.22
N ALA D 166 3.21 -45.59 14.69
CA ALA D 166 4.32 -45.22 13.79
C ALA D 166 3.75 -44.64 12.51
N ALA D 167 2.58 -45.17 12.11
CA ALA D 167 1.98 -44.68 10.92
C ALA D 167 1.60 -43.19 11.01
N ILE D 168 1.08 -42.81 12.18
CA ILE D 168 0.70 -41.42 12.38
C ILE D 168 1.98 -40.56 12.37
N PHE D 169 3.05 -41.08 12.96
CA PHE D 169 4.35 -40.34 12.94
C PHE D 169 4.80 -40.13 11.49
N ARG D 170 4.68 -41.18 10.69
CA ARG D 170 4.94 -41.02 9.25
C ARG D 170 4.07 -39.89 8.65
N PHE D 171 2.80 -39.80 9.04
CA PHE D 171 1.89 -38.77 8.53
C PHE D 171 2.41 -37.36 8.95
N LEU D 172 2.91 -37.21 10.16
CA LEU D 172 3.49 -35.90 10.58
C LEU D 172 4.68 -35.53 9.66
N LEU D 173 5.55 -36.50 9.42
CA LEU D 173 6.82 -36.20 8.70
C LEU D 173 6.52 -35.99 7.22
N PHE D 174 5.53 -36.70 6.71
CA PHE D 174 5.04 -36.42 5.36
C PHE D 174 4.53 -34.98 5.24
N PHE D 175 3.74 -34.54 6.22
CA PHE D 175 3.23 -33.16 6.12
C PHE D 175 4.36 -32.13 6.20
N GLN D 176 5.40 -32.43 6.96
CA GLN D 176 6.54 -31.48 7.00
C GLN D 176 7.21 -31.42 5.62
N GLY D 177 7.60 -32.61 5.09
CA GLY D 177 8.45 -32.66 3.88
C GLY D 177 7.66 -32.21 2.66
N PHE D 178 6.38 -32.54 2.62
CA PHE D 178 5.62 -32.20 1.40
C PHE D 178 4.81 -30.89 1.52
N HIS D 179 4.19 -30.64 2.68
CA HIS D 179 3.34 -29.44 2.84
C HIS D 179 4.01 -28.28 3.60
N ASN D 180 5.19 -28.53 4.10
CA ASN D 180 5.90 -27.56 5.07
C ASN D 180 4.87 -27.10 6.13
N TRP D 181 4.22 -28.05 6.81
CA TRP D 181 3.01 -27.72 7.54
C TRP D 181 3.32 -26.94 8.80
N THR D 182 4.52 -27.13 9.35
CA THR D 182 5.00 -26.18 10.40
C THR D 182 4.90 -24.69 10.08
N LEU D 183 5.11 -24.31 8.82
CA LEU D 183 5.03 -22.94 8.38
C LEU D 183 3.60 -22.41 8.30
N ASN D 184 2.59 -23.24 8.57
CA ASN D 184 1.25 -22.79 8.23
C ASN D 184 0.61 -22.09 9.42
N PRO D 185 0.16 -20.81 9.28
CA PRO D 185 -0.35 -20.09 10.45
C PRO D 185 -1.62 -20.77 11.06
N PHE D 186 -2.36 -21.59 10.30
CA PHE D 186 -3.44 -22.31 10.95
C PHE D 186 -2.95 -23.46 11.82
N HIS D 187 -1.84 -24.12 11.45
CA HIS D 187 -1.31 -25.09 12.33
C HIS D 187 -0.72 -24.39 13.56
N MET D 188 -0.11 -23.23 13.31
CA MET D 188 0.55 -22.49 14.47
C MET D 188 -0.51 -22.06 15.51
N MET D 189 -1.69 -21.62 15.02
CA MET D 189 -2.76 -21.36 15.97
C MET D 189 -3.19 -22.64 16.69
N GLY D 190 -3.29 -23.78 15.97
CA GLY D 190 -3.56 -25.06 16.63
C GLY D 190 -2.57 -25.30 17.79
N VAL D 191 -1.30 -25.20 17.46
CA VAL D 191 -0.24 -25.44 18.48
C VAL D 191 -0.50 -24.52 19.69
N ALA D 192 -0.73 -23.24 19.42
CA ALA D 192 -0.90 -22.27 20.56
C ALA D 192 -2.14 -22.70 21.39
N GLY D 193 -3.20 -23.25 20.74
CA GLY D 193 -4.36 -23.54 21.57
C GLY D 193 -4.18 -24.86 22.30
N VAL D 194 -3.37 -25.79 21.75
CA VAL D 194 -3.09 -27.05 22.45
C VAL D 194 -2.14 -26.77 23.58
N LEU D 195 -1.03 -26.08 23.28
CA LEU D 195 -0.05 -25.83 24.36
C LEU D 195 -0.64 -24.83 25.42
N GLY D 196 -1.37 -23.84 24.93
CA GLY D 196 -2.13 -22.84 25.74
C GLY D 196 -3.15 -23.59 26.62
N GLY D 197 -3.86 -24.56 26.04
CA GLY D 197 -4.80 -25.33 26.85
C GLY D 197 -4.11 -26.20 27.89
N ALA D 198 -2.96 -26.76 27.54
CA ALA D 198 -2.22 -27.59 28.51
C ALA D 198 -1.68 -26.66 29.64
N LEU D 199 -1.20 -25.48 29.26
CA LEU D 199 -0.78 -24.45 30.21
C LEU D 199 -1.93 -24.10 31.21
N LEU D 200 -3.11 -23.83 30.67
CA LEU D 200 -4.29 -23.43 31.47
C LEU D 200 -4.68 -24.58 32.41
N CYS D 201 -4.62 -25.80 31.86
CA CYS D 201 -4.99 -26.99 32.64
C CYS D 201 -4.06 -27.07 33.88
N ALA D 202 -2.74 -26.98 33.63
CA ALA D 202 -1.71 -27.08 34.69
C ALA D 202 -1.81 -25.93 35.70
N ILE D 203 -1.94 -24.71 35.18
CA ILE D 203 -1.83 -23.54 36.06
C ILE D 203 -3.10 -23.40 36.91
N HIS D 204 -4.25 -23.73 36.33
CA HIS D 204 -5.49 -23.63 37.10
C HIS D 204 -5.58 -24.74 38.15
N GLY D 205 -5.21 -25.98 37.76
CA GLY D 205 -5.20 -27.09 38.75
C GLY D 205 -4.26 -26.73 39.88
N ALA D 206 -3.08 -26.23 39.55
CA ALA D 206 -2.06 -25.90 40.60
C ALA D 206 -2.53 -24.72 41.51
N THR D 207 -3.10 -23.70 40.87
CA THR D 207 -3.61 -22.56 41.61
C THR D 207 -4.71 -22.92 42.62
N VAL D 208 -5.73 -23.70 42.19
CA VAL D 208 -6.78 -24.16 43.09
C VAL D 208 -6.13 -24.97 44.21
N GLU D 209 -5.22 -25.91 43.88
CA GLU D 209 -4.60 -26.76 44.91
C GLU D 209 -3.72 -26.01 45.86
N ASN D 210 -3.30 -24.81 45.44
CA ASN D 210 -2.40 -24.03 46.28
C ASN D 210 -3.04 -22.78 46.91
N THR D 211 -4.35 -22.63 46.76
CA THR D 211 -5.04 -21.53 47.43
C THR D 211 -6.19 -22.11 48.21
N LEU D 212 -6.10 -23.42 48.50
CA LEU D 212 -7.17 -24.12 49.22
C LEU D 212 -7.41 -23.49 50.60
N PHE D 213 -8.67 -23.50 51.03
CA PHE D 213 -8.98 -23.16 52.47
C PHE D 213 -8.66 -24.34 53.40
N GLN D 214 -8.18 -24.09 54.61
CA GLN D 214 -8.00 -25.24 55.49
C GLN D 214 -9.35 -25.68 55.97
N ASP D 215 -9.83 -26.80 55.44
CA ASP D 215 -11.17 -27.23 55.81
C ASP D 215 -11.19 -28.55 56.59
N GLY D 216 -10.04 -29.11 56.94
CA GLY D 216 -9.97 -30.34 57.75
C GLY D 216 -8.71 -30.20 58.58
N GLU D 217 -8.44 -31.19 59.46
CA GLU D 217 -7.19 -31.18 60.23
C GLU D 217 -6.07 -31.97 59.53
N GLY D 218 -6.46 -32.78 58.53
CA GLY D 218 -5.52 -33.69 57.84
C GLY D 218 -4.48 -32.94 57.02
N ALA D 219 -3.24 -33.45 57.01
CA ALA D 219 -2.19 -32.91 56.17
C ALA D 219 -2.39 -33.35 54.68
N SER D 220 -3.15 -34.41 54.48
CA SER D 220 -3.65 -34.78 53.14
C SER D 220 -5.01 -34.13 53.02
N THR D 221 -5.16 -33.21 52.07
CA THR D 221 -6.23 -32.20 52.10
C THR D 221 -7.45 -32.58 51.26
N PHE D 222 -7.45 -33.75 50.62
CA PHE D 222 -8.56 -34.10 49.72
C PHE D 222 -9.85 -34.39 50.47
N ARG D 223 -9.71 -34.91 51.67
CA ARG D 223 -10.92 -35.33 52.39
C ARG D 223 -11.70 -34.13 52.89
N ALA D 224 -11.03 -32.99 53.04
CA ALA D 224 -11.67 -31.75 53.51
C ALA D 224 -12.47 -31.03 52.43
N PHE D 225 -13.11 -31.79 51.55
CA PHE D 225 -14.06 -31.24 50.59
C PHE D 225 -15.37 -32.05 50.63
N ASN D 226 -16.51 -31.38 50.48
CA ASN D 226 -17.81 -32.09 50.37
C ASN D 226 -18.57 -31.63 49.14
N PRO D 227 -18.90 -32.57 48.22
CA PRO D 227 -19.56 -32.23 46.94
C PRO D 227 -20.73 -31.26 47.13
N THR D 228 -21.51 -31.50 48.18
CA THR D 228 -22.72 -30.71 48.41
C THR D 228 -22.45 -29.35 49.09
N GLN D 229 -21.22 -29.10 49.55
CA GLN D 229 -20.89 -27.81 50.22
C GLN D 229 -21.22 -26.58 49.36
N ALA D 230 -21.71 -25.53 49.99
CA ALA D 230 -21.99 -24.25 49.33
C ALA D 230 -20.74 -23.42 48.96
N GLU D 231 -19.71 -23.45 49.82
CA GLU D 231 -18.61 -22.52 49.80
C GLU D 231 -17.53 -22.93 48.79
N GLU D 232 -16.87 -21.94 48.20
CA GLU D 232 -15.73 -22.21 47.31
C GLU D 232 -14.66 -22.95 48.15
N THR D 233 -13.98 -23.95 47.56
CA THR D 233 -12.98 -24.71 48.34
C THR D 233 -11.60 -24.04 48.40
N TYR D 234 -11.41 -22.97 47.62
CA TYR D 234 -10.13 -22.28 47.50
C TYR D 234 -10.46 -20.80 47.39
N SER D 235 -9.47 -19.93 47.65
CA SER D 235 -9.69 -18.51 47.71
C SER D 235 -9.41 -17.87 46.35
N MET D 236 -10.46 -17.51 45.62
CA MET D 236 -10.28 -16.68 44.41
C MET D 236 -9.52 -15.37 44.74
N VAL D 237 -9.78 -14.77 45.90
CA VAL D 237 -9.18 -13.47 46.18
C VAL D 237 -7.68 -13.61 46.34
N THR D 238 -7.24 -14.68 47.03
CA THR D 238 -5.80 -14.86 47.25
C THR D 238 -5.12 -15.23 45.94
N ALA D 239 -5.75 -16.13 45.18
CA ALA D 239 -5.27 -16.53 43.83
C ALA D 239 -5.08 -15.31 42.94
N ASN D 240 -6.10 -14.45 42.95
CA ASN D 240 -6.07 -13.26 42.13
C ASN D 240 -4.91 -12.34 42.52
N ARG D 241 -4.70 -12.22 43.83
CA ARG D 241 -3.61 -11.35 44.25
C ARG D 241 -2.29 -11.95 43.84
N PHE D 242 -2.15 -13.25 44.08
CA PHE D 242 -0.91 -13.93 43.71
C PHE D 242 -0.53 -13.70 42.24
N TRP D 243 -1.44 -14.05 41.29
CA TRP D 243 -1.06 -13.87 39.89
C TRP D 243 -0.92 -12.43 39.44
N SER D 244 -1.74 -11.51 39.99
CA SER D 244 -1.60 -10.06 39.71
C SER D 244 -0.21 -9.60 40.04
N GLN D 245 0.32 -10.13 41.15
CA GLN D 245 1.67 -9.68 41.60
C GLN D 245 2.86 -10.43 40.94
N ILE D 246 2.63 -11.69 40.55
CA ILE D 246 3.66 -12.52 39.89
C ILE D 246 3.71 -12.15 38.39
N PHE D 247 2.55 -12.20 37.74
CA PHE D 247 2.50 -12.14 36.26
C PHE D 247 1.98 -10.79 35.77
N GLY D 248 1.26 -10.05 36.64
CA GLY D 248 0.74 -8.75 36.16
C GLY D 248 -0.74 -8.70 36.00
N ILE D 249 -1.33 -9.79 35.51
CA ILE D 249 -2.72 -9.88 35.47
C ILE D 249 -3.12 -11.22 36.08
N ALA D 250 -4.42 -11.35 36.30
CA ALA D 250 -4.97 -12.51 36.97
C ALA D 250 -6.43 -12.58 36.62
N PHE D 251 -7.03 -13.77 36.65
CA PHE D 251 -8.46 -13.88 36.57
C PHE D 251 -9.13 -13.26 37.82
N SER D 252 -10.31 -12.70 37.66
CA SER D 252 -11.08 -12.22 38.87
C SER D 252 -12.49 -12.81 38.74
N ASN D 253 -12.78 -13.37 37.57
CA ASN D 253 -14.11 -13.90 37.33
C ASN D 253 -14.04 -15.38 36.97
N LYS D 254 -14.56 -16.24 37.88
CA LYS D 254 -14.50 -17.71 37.69
C LYS D 254 -15.31 -18.18 36.48
N ARG D 255 -16.42 -17.53 36.17
CA ARG D 255 -17.20 -17.95 34.99
C ARG D 255 -16.36 -17.69 33.70
N TRP D 256 -15.76 -16.51 33.63
CA TRP D 256 -14.84 -16.19 32.53
C TRP D 256 -13.69 -17.16 32.45
N LEU D 257 -13.04 -17.40 33.59
CA LEU D 257 -11.92 -18.38 33.63
C LEU D 257 -12.25 -19.73 32.96
N HIS D 258 -13.39 -20.28 33.37
CA HIS D 258 -13.78 -21.59 32.87
C HIS D 258 -14.27 -21.52 31.45
N PHE D 259 -14.94 -20.45 31.06
CA PHE D 259 -15.24 -20.30 29.64
C PHE D 259 -13.99 -20.23 28.77
N PHE D 260 -12.97 -19.53 29.24
CA PHE D 260 -11.74 -19.38 28.47
C PHE D 260 -11.06 -20.74 28.29
N MET D 261 -11.17 -21.59 29.32
CA MET D 261 -10.59 -22.95 29.28
C MET D 261 -11.28 -23.77 28.19
N LEU D 262 -12.56 -23.56 27.96
CA LEU D 262 -13.23 -24.19 26.80
C LEU D 262 -12.64 -23.52 25.53
N PHE D 263 -12.70 -22.19 25.45
CA PHE D 263 -12.44 -21.44 24.22
C PHE D 263 -11.10 -21.77 23.58
N VAL D 264 -10.05 -21.81 24.41
CA VAL D 264 -8.67 -21.82 23.89
C VAL D 264 -8.28 -23.12 23.14
N PRO D 265 -8.41 -24.30 23.78
CA PRO D 265 -8.02 -25.50 23.04
C PRO D 265 -9.05 -25.79 21.93
N VAL D 266 -10.31 -25.46 22.15
CA VAL D 266 -11.36 -25.72 21.15
C VAL D 266 -11.07 -24.87 19.88
N THR D 267 -10.82 -23.60 20.11
CA THR D 267 -10.48 -22.71 19.02
C THR D 267 -9.20 -23.18 18.30
N GLY D 268 -8.17 -23.56 19.06
CA GLY D 268 -6.94 -24.06 18.42
C GLY D 268 -7.25 -25.23 17.47
N LEU D 269 -8.00 -26.21 17.98
CA LEU D 269 -8.25 -27.40 17.14
C LEU D 269 -8.96 -27.00 15.91
N TRP D 270 -9.94 -26.11 16.03
CA TRP D 270 -10.76 -25.71 14.83
C TRP D 270 -9.84 -25.00 13.86
N MET D 271 -8.91 -24.18 14.37
CA MET D 271 -7.96 -23.53 13.39
C MET D 271 -7.07 -24.57 12.66
N SER D 272 -6.60 -25.61 13.34
CA SER D 272 -5.69 -26.50 12.68
C SER D 272 -6.52 -27.22 11.58
N ALA D 273 -7.80 -27.40 11.84
CA ALA D 273 -8.65 -28.18 10.88
C ALA D 273 -8.78 -27.41 9.56
N ILE D 274 -8.98 -26.10 9.66
CA ILE D 274 -9.04 -25.22 8.53
C ILE D 274 -7.73 -25.34 7.69
N GLY D 275 -6.60 -25.31 8.35
CA GLY D 275 -5.34 -25.47 7.57
C GLY D 275 -5.31 -26.80 6.83
N VAL D 276 -5.82 -27.86 7.47
CA VAL D 276 -5.73 -29.20 6.85
C VAL D 276 -6.70 -29.22 5.65
N VAL D 277 -7.85 -28.56 5.73
CA VAL D 277 -8.75 -28.44 4.56
C VAL D 277 -7.95 -27.77 3.36
N GLY D 278 -7.13 -26.76 3.64
CA GLY D 278 -6.29 -26.19 2.54
C GLY D 278 -5.30 -27.24 2.03
N LEU D 279 -4.71 -28.03 2.94
CA LEU D 279 -3.74 -29.02 2.52
C LEU D 279 -4.36 -30.14 1.66
N ALA D 280 -5.66 -30.37 1.85
CA ALA D 280 -6.38 -31.37 1.01
C ALA D 280 -6.17 -31.04 -0.46
N LEU D 281 -6.02 -29.73 -0.72
CA LEU D 281 -5.88 -29.21 -2.08
C LEU D 281 -4.43 -28.83 -2.46
N ASN D 282 -3.50 -29.22 -1.60
CA ASN D 282 -2.09 -28.73 -1.64
C ASN D 282 -2.04 -27.23 -1.55
N LEU D 283 -3.09 -26.61 -1.01
CA LEU D 283 -3.04 -25.17 -0.85
CA LEU D 283 -3.03 -25.17 -0.84
C LEU D 283 -2.27 -24.89 0.46
N ARG D 284 -0.95 -24.93 0.36
CA ARG D 284 -0.03 -24.84 1.51
C ARG D 284 0.42 -23.44 1.77
N SER D 285 0.94 -23.21 3.01
CA SER D 285 1.91 -22.12 3.23
C SER D 285 3.25 -22.80 3.14
N TYR D 286 3.78 -22.92 1.94
CA TYR D 286 5.00 -23.68 1.71
C TYR D 286 6.15 -22.68 1.72
N ASP D 287 5.92 -21.51 1.11
CA ASP D 287 7.01 -20.58 0.74
C ASP D 287 6.71 -19.14 1.09
N PHE D 288 7.79 -18.34 1.28
CA PHE D 288 7.68 -16.89 1.25
C PHE D 288 8.28 -16.48 -0.07
N ILE D 289 7.47 -15.95 -0.97
CA ILE D 289 8.00 -15.64 -2.30
C ILE D 289 9.18 -14.63 -2.27
N SER D 290 9.11 -13.61 -1.40
CA SER D 290 10.17 -12.60 -1.31
C SER D 290 11.48 -13.29 -0.96
N GLN D 291 11.42 -14.26 -0.04
CA GLN D 291 12.60 -15.03 0.40
C GLN D 291 13.20 -15.75 -0.79
N GLU D 292 12.35 -16.36 -1.62
CA GLU D 292 12.89 -17.21 -2.68
C GLU D 292 13.51 -16.35 -3.77
N ILE D 293 12.93 -15.16 -3.99
CA ILE D 293 13.41 -14.36 -5.09
C ILE D 293 14.80 -13.87 -4.68
N ARG D 294 14.92 -13.42 -3.46
CA ARG D 294 16.22 -12.99 -2.94
C ARG D 294 17.25 -14.13 -2.98
N ALA D 295 16.90 -15.30 -2.43
CA ALA D 295 17.85 -16.40 -2.36
C ALA D 295 18.23 -16.91 -3.78
N ALA D 296 17.33 -16.85 -4.73
CA ALA D 296 17.67 -17.35 -6.07
C ALA D 296 18.79 -16.48 -6.69
N GLU D 297 18.74 -15.15 -6.46
CA GLU D 297 19.69 -14.17 -7.02
C GLU D 297 20.93 -13.99 -6.17
N ASP D 298 20.81 -14.29 -4.87
CA ASP D 298 21.90 -14.06 -3.91
C ASP D 298 22.29 -15.35 -3.16
N PRO D 299 23.32 -16.06 -3.66
CA PRO D 299 23.82 -17.30 -3.04
C PRO D 299 24.51 -17.12 -1.67
N GLU D 300 24.53 -15.93 -1.12
CA GLU D 300 25.01 -15.77 0.28
C GLU D 300 23.86 -15.57 1.27
N PHE D 301 22.63 -15.45 0.76
CA PHE D 301 21.50 -15.13 1.61
C PHE D 301 20.93 -16.43 2.19
N GLU D 302 20.94 -16.57 3.49
CA GLU D 302 20.45 -17.85 4.09
C GLU D 302 19.66 -17.54 5.37
N THR D 303 18.50 -18.19 5.52
CA THR D 303 17.73 -18.05 6.77
C THR D 303 17.31 -19.46 7.29
N PHE D 304 16.72 -19.53 8.49
CA PHE D 304 16.29 -20.84 8.92
C PHE D 304 15.16 -21.31 7.99
N TYR D 305 14.46 -20.36 7.41
CA TYR D 305 13.39 -20.75 6.42
C TYR D 305 14.00 -21.49 5.19
N THR D 306 15.06 -20.98 4.59
CA THR D 306 15.70 -21.72 3.47
C THR D 306 16.33 -23.08 3.92
N LYS D 307 16.84 -23.11 5.14
CA LYS D 307 17.41 -24.35 5.65
C LYS D 307 16.33 -25.47 5.77
N ASN D 308 15.12 -25.11 6.20
CA ASN D 308 14.14 -26.13 6.47
C ASN D 308 13.66 -26.64 5.12
N LEU D 309 13.68 -25.79 4.10
CA LEU D 309 13.22 -26.35 2.74
C LEU D 309 14.22 -27.38 2.22
N LEU D 310 15.53 -27.21 2.53
CA LEU D 310 16.52 -28.24 2.15
C LEU D 310 16.16 -29.55 2.84
N LEU D 311 15.78 -29.45 4.12
CA LEU D 311 15.40 -30.68 4.86
C LEU D 311 14.17 -31.32 4.18
N ASN D 312 13.21 -30.49 3.83
CA ASN D 312 11.98 -30.97 3.16
C ASN D 312 12.29 -31.70 1.84
N GLU D 313 13.23 -31.15 1.08
CA GLU D 313 13.59 -31.75 -0.23
C GLU D 313 14.25 -33.11 0.02
N GLY D 314 15.03 -33.24 1.09
CA GLY D 314 15.61 -34.54 1.46
C GLY D 314 14.50 -35.50 1.85
N ILE D 315 13.57 -35.05 2.71
CA ILE D 315 12.48 -35.94 3.15
C ILE D 315 11.76 -36.48 1.88
N ARG D 316 11.42 -35.60 0.96
CA ARG D 316 10.59 -36.01 -0.21
C ARG D 316 11.40 -37.01 -1.03
N ALA D 317 12.68 -36.69 -1.33
CA ALA D 317 13.39 -37.59 -2.25
C ALA D 317 13.67 -38.93 -1.59
N TRP D 318 14.02 -38.92 -0.29
CA TRP D 318 14.41 -40.15 0.39
C TRP D 318 13.19 -41.03 0.76
N MET D 319 11.99 -40.47 0.97
CA MET D 319 10.98 -41.29 1.49
C MET D 319 10.00 -41.69 0.34
N ALA D 320 9.93 -40.88 -0.70
CA ALA D 320 8.81 -41.09 -1.70
C ALA D 320 8.81 -42.50 -2.32
N PRO D 321 9.99 -43.05 -2.72
CA PRO D 321 9.89 -44.31 -3.45
C PRO D 321 9.25 -45.42 -2.61
N GLN D 322 9.60 -45.53 -1.32
CA GLN D 322 8.94 -46.57 -0.48
C GLN D 322 7.60 -46.11 0.07
N ASP D 323 7.44 -44.79 0.26
CA ASP D 323 6.16 -44.32 0.85
C ASP D 323 5.05 -44.25 -0.21
N GLN D 324 5.41 -44.16 -1.48
CA GLN D 324 4.38 -43.97 -2.52
C GLN D 324 4.57 -45.07 -3.65
N PRO D 325 4.53 -46.34 -3.27
CA PRO D 325 4.90 -47.49 -4.14
C PRO D 325 4.13 -47.53 -5.49
C HSK D 326 2.77 -46.05 -7.83
O HSK D 326 2.48 -46.18 -9.02
CA HSK D 326 2.15 -46.94 -6.81
CA HSK D 326 2.15 -46.94 -6.81
N HSK D 326 2.93 -46.95 -5.55
CB HSK D 326 0.71 -46.49 -6.61
CB HSK D 326 0.71 -46.50 -6.56
CG HSK D 326 0.70 -45.20 -5.83
CG HSK D 326 0.63 -45.12 -5.95
CD2 HSK D 326 0.64 -43.93 -6.35
CD2 HSK D 326 0.36 -43.94 -6.61
NE2 HSK D 326 0.68 -43.09 -5.30
NE2 HSK D 326 0.40 -42.96 -5.68
CE1 HSK D 326 0.75 -43.80 -4.16
CE1 HSK D 326 0.67 -43.49 -4.46
ND1 HSK D 326 0.78 -45.09 -4.49
ND1 HSK D 326 0.80 -44.79 -4.66
OM HSK D 326 1.09 -45.74 -3.57
N GLU D 327 3.64 -45.11 -7.37
CA GLU D 327 4.30 -44.26 -8.39
C GLU D 327 5.46 -44.99 -9.08
N ASN D 328 5.90 -46.14 -8.54
CA ASN D 328 7.03 -46.87 -9.12
C ASN D 328 8.23 -45.95 -9.29
N PHE D 329 8.58 -45.19 -8.25
CA PHE D 329 9.67 -44.23 -8.43
C PHE D 329 10.99 -45.01 -8.46
N VAL D 330 11.88 -44.65 -9.38
CA VAL D 330 13.27 -45.13 -9.31
C VAL D 330 14.17 -43.92 -9.35
N PHE D 331 14.84 -43.63 -8.23
CA PHE D 331 15.66 -42.41 -8.19
C PHE D 331 17.08 -42.95 -8.10
N PRO D 332 17.88 -42.84 -9.18
CA PRO D 332 19.28 -43.33 -9.12
C PRO D 332 20.03 -42.62 -8.02
N GLU D 333 20.96 -43.30 -7.40
CA GLU D 333 21.80 -42.74 -6.36
C GLU D 333 22.24 -41.32 -6.71
N GLU D 334 22.73 -41.13 -7.95
CA GLU D 334 23.25 -39.84 -8.36
C GLU D 334 22.25 -38.66 -8.34
N VAL D 335 20.95 -38.90 -8.34
CA VAL D 335 20.05 -37.77 -8.25
C VAL D 335 19.65 -37.42 -6.82
N LEU D 336 19.98 -38.27 -5.87
CA LEU D 336 19.46 -38.05 -4.53
C LEU D 336 20.14 -36.80 -3.94
N PRO D 337 19.35 -35.87 -3.35
CA PRO D 337 19.94 -34.68 -2.75
C PRO D 337 20.64 -35.11 -1.43
N ARG D 338 21.91 -34.72 -1.31
CA ARG D 338 22.66 -34.99 -0.09
C ARG D 338 23.63 -33.83 0.14
N GLY D 339 23.96 -33.52 1.40
CA GLY D 339 25.04 -32.57 1.58
C GLY D 339 26.38 -33.31 1.54
N ASN D 340 27.46 -32.67 1.97
CA ASN D 340 28.77 -33.31 1.90
C ASN D 340 28.85 -34.49 2.91
N ALA D 341 29.51 -35.59 2.51
CA ALA D 341 29.80 -36.76 3.36
C ALA D 341 28.60 -37.64 3.72
N LEU D 342 27.53 -37.05 4.21
CA LEU D 342 26.38 -37.82 4.73
C LEU D 342 25.60 -38.37 3.53
N THR E 3 -24.99 -47.05 43.00
CA THR E 3 -26.41 -46.65 43.30
C THR E 3 -27.35 -46.83 42.09
N THR E 4 -26.94 -47.56 41.03
CA THR E 4 -27.80 -47.78 39.83
C THR E 4 -28.38 -49.19 39.66
N GLY E 5 -28.36 -50.00 40.72
CA GLY E 5 -29.11 -51.25 40.72
C GLY E 5 -28.32 -52.54 40.48
N GLU E 6 -27.29 -52.49 39.62
CA GLU E 6 -26.51 -53.70 39.32
C GLU E 6 -25.71 -54.07 40.55
N ARG E 7 -25.32 -55.32 40.60
CA ARG E 7 -24.47 -55.80 41.65
C ARG E 7 -23.13 -55.10 41.63
N PRO E 8 -22.64 -54.62 42.79
CA PRO E 8 -21.27 -54.13 42.87
C PRO E 8 -20.23 -55.10 42.27
N PHE E 9 -19.29 -54.58 41.47
CA PHE E 9 -18.22 -55.41 40.89
C PHE E 9 -17.42 -56.12 41.92
N SER E 10 -17.06 -55.39 42.98
CA SER E 10 -16.20 -55.93 44.03
C SER E 10 -16.88 -57.08 44.83
N ASP E 11 -18.21 -57.04 44.97
CA ASP E 11 -18.97 -58.24 45.36
C ASP E 11 -18.73 -59.38 44.37
N ILE E 12 -19.04 -59.14 43.10
CA ILE E 12 -18.94 -60.17 42.07
C ILE E 12 -17.53 -60.81 42.06
N ILE E 13 -16.49 -60.00 41.96
CA ILE E 13 -15.16 -60.56 41.72
C ILE E 13 -14.45 -61.13 42.95
N THR E 14 -15.08 -60.99 44.12
CA THR E 14 -14.58 -61.67 45.34
C THR E 14 -15.47 -62.87 45.76
N SER E 15 -16.44 -63.21 44.94
CA SER E 15 -17.31 -64.36 45.19
C SER E 15 -16.72 -65.65 44.61
N VAL E 16 -16.95 -66.75 45.30
CA VAL E 16 -16.49 -68.05 44.86
C VAL E 16 -17.16 -68.43 43.52
N ARG E 17 -18.48 -68.21 43.40
CA ARG E 17 -19.15 -68.58 42.13
C ARG E 17 -18.56 -67.88 40.88
N TYR E 18 -18.23 -66.59 41.02
CA TYR E 18 -17.58 -65.87 39.91
C TYR E 18 -16.35 -66.65 39.45
N TRP E 19 -15.50 -67.02 40.41
CA TRP E 19 -14.28 -67.78 40.08
C TRP E 19 -14.47 -69.19 39.60
N VAL E 20 -15.51 -69.87 40.04
CA VAL E 20 -15.84 -71.19 39.48
C VAL E 20 -16.17 -71.06 37.99
N ILE E 21 -17.08 -70.16 37.64
CA ILE E 21 -17.38 -69.86 36.22
C ILE E 21 -16.10 -69.45 35.44
N HIS E 22 -15.38 -68.46 35.98
CA HIS E 22 -14.32 -67.76 35.21
C HIS E 22 -12.99 -68.43 35.17
N SER E 23 -12.75 -69.33 36.12
CA SER E 23 -11.56 -70.14 36.04
C SER E 23 -11.68 -71.19 34.92
N ILE E 24 -12.89 -71.40 34.40
CA ILE E 24 -13.11 -72.11 33.14
C ILE E 24 -13.12 -71.18 31.88
N THR E 25 -13.98 -70.17 31.84
CA THR E 25 -14.25 -69.42 30.61
C THR E 25 -13.04 -68.58 30.15
N ILE E 26 -12.30 -68.01 31.10
CA ILE E 26 -11.13 -67.20 30.79
C ILE E 26 -10.03 -68.07 30.14
N PRO E 27 -9.58 -69.17 30.82
CA PRO E 27 -8.59 -70.04 30.17
C PRO E 27 -9.10 -70.64 28.90
N ALA E 28 -10.40 -70.95 28.83
CA ALA E 28 -10.96 -71.48 27.58
C ALA E 28 -10.80 -70.45 26.46
N LEU E 29 -11.05 -69.16 26.75
CA LEU E 29 -11.02 -68.18 25.65
C LEU E 29 -9.59 -68.02 25.17
N PHE E 30 -8.68 -68.00 26.13
CA PHE E 30 -7.27 -67.75 25.89
C PHE E 30 -6.71 -68.86 25.01
N ILE E 31 -7.14 -70.10 25.29
CA ILE E 31 -6.62 -71.26 24.59
C ILE E 31 -7.14 -71.20 23.18
N ALA E 32 -8.40 -70.83 23.06
CA ALA E 32 -9.06 -70.78 21.74
C ALA E 32 -8.34 -69.71 20.89
N GLY E 33 -7.90 -68.62 21.54
CA GLY E 33 -7.18 -67.54 20.78
C GLY E 33 -5.83 -68.07 20.35
N TRP E 34 -5.14 -68.73 21.28
CA TRP E 34 -3.88 -69.40 20.99
C TRP E 34 -3.94 -70.29 19.78
N LEU E 35 -4.91 -71.21 19.76
CA LEU E 35 -5.06 -72.16 18.65
C LEU E 35 -5.49 -71.49 17.37
N PHE E 36 -6.23 -70.40 17.47
CA PHE E 36 -6.58 -69.65 16.26
C PHE E 36 -5.30 -69.28 15.47
N VAL E 37 -4.26 -68.89 16.22
CA VAL E 37 -2.94 -68.66 15.64
C VAL E 37 -2.13 -69.95 15.38
N SER E 38 -1.93 -70.78 16.42
CA SER E 38 -1.06 -71.98 16.29
C SER E 38 -1.51 -72.94 15.18
N THR E 39 -2.80 -73.01 14.92
CA THR E 39 -3.26 -73.85 13.82
C THR E 39 -3.06 -73.18 12.48
N GLY E 40 -2.80 -71.87 12.45
CA GLY E 40 -2.65 -71.24 11.15
C GLY E 40 -3.94 -70.66 10.64
N LEU E 41 -5.03 -70.93 11.33
CA LEU E 41 -6.34 -70.42 10.91
C LEU E 41 -6.36 -68.85 10.69
N ALA E 42 -5.79 -68.11 11.64
CA ALA E 42 -5.65 -66.63 11.51
C ALA E 42 -5.12 -66.19 10.14
N TYR E 43 -4.06 -66.84 9.65
CA TYR E 43 -3.55 -66.47 8.33
C TYR E 43 -4.61 -66.61 7.27
N ASP E 44 -5.37 -67.69 7.34
CA ASP E 44 -6.34 -68.00 6.27
C ASP E 44 -7.55 -67.06 6.36
N VAL E 45 -8.01 -66.76 7.57
CA VAL E 45 -9.20 -65.95 7.67
C VAL E 45 -8.86 -64.53 7.12
N PHE E 46 -7.75 -63.99 7.61
CA PHE E 46 -7.40 -62.59 7.25
C PHE E 46 -6.61 -62.39 5.95
N GLY E 47 -5.99 -63.45 5.44
CA GLY E 47 -5.23 -63.34 4.19
C GLY E 47 -3.82 -62.76 4.41
N THR E 48 -3.32 -62.91 5.62
CA THR E 48 -2.00 -62.42 5.96
C THR E 48 -0.93 -63.38 5.52
N PRO E 49 0.15 -62.87 4.91
CA PRO E 49 1.22 -63.79 4.51
C PRO E 49 1.87 -64.45 5.71
N ARG E 50 2.10 -65.75 5.58
CA ARG E 50 3.06 -66.44 6.41
C ARG E 50 4.48 -65.95 6.03
N PRO E 51 5.47 -66.24 6.88
CA PRO E 51 6.82 -65.74 6.59
C PRO E 51 7.37 -66.23 5.26
N ASP E 52 6.89 -67.39 4.78
CA ASP E 52 7.37 -67.88 3.47
C ASP E 52 6.50 -67.44 2.32
N SER E 53 5.58 -66.53 2.59
CA SER E 53 4.58 -66.20 1.61
C SER E 53 4.50 -64.73 1.14
N TYR E 54 5.50 -63.92 1.51
CA TYR E 54 5.58 -62.50 1.07
C TYR E 54 6.02 -62.40 -0.40
N TYR E 55 6.95 -63.28 -0.78
CA TYR E 55 7.56 -63.27 -2.10
C TYR E 55 7.73 -64.72 -2.58
N ALA E 56 7.59 -64.93 -3.87
CA ALA E 56 8.16 -66.10 -4.56
C ALA E 56 9.68 -66.12 -4.39
N GLN E 57 10.27 -67.29 -4.63
CA GLN E 57 11.67 -67.49 -4.29
C GLN E 57 12.64 -66.44 -4.86
N GLU E 58 12.35 -66.01 -6.08
CA GLU E 58 13.24 -65.10 -6.80
C GLU E 58 12.72 -63.68 -6.95
N GLN E 59 11.43 -63.47 -6.69
CA GLN E 59 10.80 -62.17 -6.89
C GLN E 59 11.29 -61.19 -5.82
N ARG E 60 11.47 -59.92 -6.20
CA ARG E 60 11.78 -58.86 -5.20
C ARG E 60 10.89 -57.61 -5.36
N SER E 61 9.86 -57.68 -6.21
CA SER E 61 8.83 -56.62 -6.29
C SER E 61 7.63 -56.93 -5.35
N ILE E 62 7.10 -55.92 -4.66
CA ILE E 62 5.95 -56.10 -3.80
C ILE E 62 4.70 -56.33 -4.70
N PRO E 63 3.75 -57.16 -4.25
CA PRO E 63 2.51 -57.44 -4.99
C PRO E 63 1.45 -56.37 -4.73
N LEU E 64 1.75 -55.16 -5.17
CA LEU E 64 0.83 -54.03 -5.03
C LEU E 64 -0.43 -54.10 -5.93
N VAL E 65 -1.57 -53.97 -5.29
CA VAL E 65 -2.82 -53.81 -6.06
C VAL E 65 -2.83 -52.52 -6.87
N THR E 66 -3.09 -52.63 -8.17
CA THR E 66 -3.02 -51.48 -9.10
C THR E 66 -4.29 -51.31 -9.92
N ASP E 67 -5.31 -52.14 -9.69
CA ASP E 67 -6.52 -52.05 -10.53
C ASP E 67 -7.67 -52.06 -9.56
N ARG E 68 -8.47 -51.00 -9.51
CA ARG E 68 -9.52 -50.99 -8.47
C ARG E 68 -10.56 -52.16 -8.64
N PHE E 69 -11.10 -52.34 -9.82
CA PHE E 69 -12.23 -53.24 -9.95
C PHE E 69 -11.85 -54.70 -10.17
N GLU E 70 -10.61 -54.94 -10.56
CA GLU E 70 -10.10 -56.29 -10.72
C GLU E 70 -9.13 -56.58 -9.59
N ALA E 71 -9.26 -55.85 -8.48
CA ALA E 71 -8.22 -55.94 -7.47
C ALA E 71 -8.27 -57.33 -6.85
N LYS E 72 -9.48 -57.89 -6.80
CA LYS E 72 -9.66 -59.24 -6.24
C LYS E 72 -8.83 -60.28 -7.03
N GLN E 73 -8.96 -60.24 -8.35
CA GLN E 73 -8.23 -61.13 -9.27
C GLN E 73 -6.71 -60.93 -9.19
N GLN E 74 -6.28 -59.67 -9.14
CA GLN E 74 -4.87 -59.40 -9.01
C GLN E 74 -4.35 -60.06 -7.75
N VAL E 75 -5.05 -59.90 -6.63
CA VAL E 75 -4.55 -60.55 -5.42
C VAL E 75 -4.49 -62.08 -5.68
N GLU E 76 -5.55 -62.64 -6.25
CA GLU E 76 -5.58 -64.10 -6.54
C GLU E 76 -4.41 -64.52 -7.42
N THR E 77 -4.13 -63.74 -8.45
CA THR E 77 -2.95 -63.95 -9.29
C THR E 77 -1.60 -63.86 -8.55
N PHE E 78 -1.46 -62.87 -7.66
CA PHE E 78 -0.23 -62.78 -6.86
C PHE E 78 -0.09 -64.05 -6.02
N LEU E 79 -1.21 -64.52 -5.44
CA LEU E 79 -1.19 -65.74 -4.61
C LEU E 79 -0.80 -66.98 -5.40
N GLU E 80 -1.38 -67.15 -6.59
CA GLU E 80 -0.98 -68.27 -7.48
C GLU E 80 0.52 -68.31 -7.75
N GLN E 81 1.13 -67.14 -7.93
CA GLN E 81 2.55 -67.06 -8.29
C GLN E 81 3.50 -67.46 -7.18
N LEU E 82 2.98 -67.59 -5.96
CA LEU E 82 3.75 -68.20 -4.89
C LEU E 82 3.80 -69.73 -5.15
N LYS E 83 4.71 -70.16 -6.04
CA LYS E 83 4.71 -71.55 -6.52
C LYS E 83 6.08 -71.94 -7.05
N SER F 11 -30.63 -59.45 46.50
CA SER F 11 -30.89 -60.08 45.17
C SER F 11 -30.61 -59.06 44.05
N TYR F 12 -29.75 -59.44 43.11
CA TYR F 12 -29.40 -58.59 41.97
C TYR F 12 -29.66 -59.37 40.67
N PRO F 13 -30.02 -58.68 39.56
CA PRO F 13 -30.02 -59.48 38.31
C PRO F 13 -28.59 -59.91 37.90
N ILE F 14 -28.45 -60.81 36.93
CA ILE F 14 -27.11 -61.17 36.44
C ILE F 14 -26.92 -60.55 35.06
N PHE F 15 -27.89 -60.77 34.19
CA PHE F 15 -27.79 -60.31 32.84
C PHE F 15 -28.42 -58.92 32.76
N THR F 16 -27.57 -57.90 32.68
CA THR F 16 -27.95 -56.49 32.60
C THR F 16 -27.22 -55.89 31.39
N VAL F 17 -27.62 -54.68 30.98
CA VAL F 17 -26.88 -53.94 29.95
C VAL F 17 -25.38 -53.89 30.36
N ARG F 18 -25.09 -53.60 31.61
CA ARG F 18 -23.71 -53.53 32.04
C ARG F 18 -22.99 -54.86 31.78
N TRP F 19 -23.67 -55.96 32.10
CA TRP F 19 -23.10 -57.30 31.89
C TRP F 19 -22.74 -57.51 30.43
N VAL F 20 -23.65 -57.17 29.52
CA VAL F 20 -23.42 -57.26 28.08
C VAL F 20 -22.20 -56.36 27.69
N ALA F 21 -22.23 -55.09 28.08
CA ALA F 21 -21.13 -54.16 27.75
C ALA F 21 -19.79 -54.75 28.17
N VAL F 22 -19.70 -55.20 29.43
CA VAL F 22 -18.50 -55.87 29.94
C VAL F 22 -18.03 -57.04 29.09
N HIS F 23 -18.95 -57.92 28.68
CA HIS F 23 -18.49 -59.11 27.95
C HIS F 23 -18.18 -58.84 26.50
N THR F 24 -18.86 -57.86 25.89
CA THR F 24 -18.48 -57.45 24.50
C THR F 24 -17.00 -57.05 24.39
N LEU F 25 -16.42 -56.57 25.49
CA LEU F 25 -15.03 -56.20 25.52
C LEU F 25 -14.11 -57.30 26.07
N ALA F 26 -14.52 -57.88 27.19
CA ALA F 26 -13.68 -58.83 27.95
C ALA F 26 -13.47 -60.11 27.16
N VAL F 27 -14.51 -60.56 26.49
CA VAL F 27 -14.46 -61.82 25.81
C VAL F 27 -13.45 -61.79 24.63
N PRO F 28 -13.60 -60.82 23.70
CA PRO F 28 -12.55 -60.76 22.65
C PRO F 28 -11.15 -60.41 23.20
N THR F 29 -11.08 -59.64 24.29
CA THR F 29 -9.77 -59.24 24.80
C THR F 29 -9.02 -60.50 25.22
N ILE F 30 -9.69 -61.40 25.96
CA ILE F 30 -8.98 -62.64 26.36
C ILE F 30 -8.65 -63.52 25.16
N PHE F 31 -9.58 -63.69 24.21
CA PHE F 31 -9.26 -64.44 23.00
C PHE F 31 -8.00 -63.82 22.31
N PHE F 32 -7.99 -62.48 22.17
CA PHE F 32 -6.88 -61.82 21.47
C PHE F 32 -5.58 -61.96 22.24
N LEU F 33 -5.65 -61.87 23.57
CA LEU F 33 -4.40 -61.98 24.34
C LEU F 33 -3.75 -63.39 24.18
N GLY F 34 -4.61 -64.40 24.01
CA GLY F 34 -4.11 -65.78 23.81
C GLY F 34 -3.50 -65.89 22.41
N ALA F 35 -4.17 -65.31 21.41
CA ALA F 35 -3.60 -65.27 20.04
C ALA F 35 -2.22 -64.57 20.05
N ILE F 36 -2.16 -63.37 20.65
CA ILE F 36 -0.86 -62.61 20.69
C ILE F 36 0.18 -63.37 21.49
N ALA F 37 -0.23 -64.07 22.56
CA ALA F 37 0.73 -64.90 23.28
C ALA F 37 1.31 -66.00 22.37
N ALA F 38 0.45 -66.65 21.60
CA ALA F 38 0.93 -67.71 20.70
C ALA F 38 1.93 -67.13 19.68
N MET F 39 1.67 -65.90 19.23
CA MET F 39 2.51 -65.31 18.19
C MET F 39 3.93 -65.14 18.62
N GLN F 40 4.15 -65.01 19.93
CA GLN F 40 5.49 -64.80 20.42
C GLN F 40 6.40 -66.01 20.19
N PHE F 41 5.80 -67.16 19.82
CA PHE F 41 6.57 -68.36 19.52
C PHE F 41 6.74 -68.61 18.05
N ILE F 42 6.25 -67.69 17.23
CA ILE F 42 6.37 -67.86 15.76
C ILE F 42 7.78 -67.45 15.37
N GLN F 43 8.45 -68.29 14.59
CA GLN F 43 9.77 -68.00 14.01
C GLN F 43 9.64 -67.96 12.51
N ARG F 44 10.44 -67.12 11.86
CA ARG F 44 10.41 -67.06 10.43
C ARG F 44 11.09 -68.34 9.94
N ALA G 1 -49.94 -1.41 16.50
CA ALA G 1 -49.29 -1.82 15.26
C ALA G 1 -49.98 -1.19 14.04
N ARG G 2 -49.24 -0.97 12.96
CA ARG G 2 -49.76 -0.26 11.82
C ARG G 2 -50.41 -1.26 10.90
N ARG G 3 -51.63 -0.99 10.47
CA ARG G 3 -52.20 -1.75 9.34
C ARG G 3 -51.80 -1.14 7.99
N THR G 4 -51.68 -1.95 6.92
CA THR G 4 -51.47 -1.40 5.59
C THR G 4 -52.30 -2.30 4.71
N TRP G 5 -52.54 -1.83 3.49
CA TRP G 5 -53.27 -2.61 2.48
C TRP G 5 -52.68 -3.97 2.31
N LEU G 6 -51.36 -4.05 2.08
CA LEU G 6 -50.77 -5.36 1.91
C LEU G 6 -50.75 -6.18 3.17
N GLY G 7 -50.52 -5.59 4.36
CA GLY G 7 -50.53 -6.37 5.60
C GLY G 7 -51.95 -6.96 5.81
N ASP G 8 -52.99 -6.17 5.52
CA ASP G 8 -54.41 -6.69 5.60
C ASP G 8 -54.59 -7.90 4.70
N ILE G 9 -54.12 -7.80 3.46
CA ILE G 9 -54.21 -8.92 2.51
C ILE G 9 -53.48 -10.18 2.96
N LEU G 10 -52.30 -10.01 3.57
CA LEU G 10 -51.51 -11.16 3.99
C LEU G 10 -51.81 -11.67 5.37
N ARG G 11 -52.57 -10.90 6.16
CA ARG G 11 -52.88 -11.24 7.56
C ARG G 11 -53.20 -12.73 7.78
N PRO G 12 -54.09 -13.32 6.94
CA PRO G 12 -54.40 -14.75 7.22
C PRO G 12 -53.16 -15.69 7.17
N LEU G 13 -52.17 -15.38 6.34
CA LEU G 13 -50.99 -16.24 6.18
C LEU G 13 -50.08 -16.24 7.42
N ASN G 14 -50.24 -15.23 8.26
CA ASN G 14 -49.51 -15.15 9.55
C ASN G 14 -50.42 -15.04 10.76
N SER G 15 -51.48 -15.84 10.77
CA SER G 15 -52.44 -15.79 11.90
C SER G 15 -52.62 -17.15 12.62
N GLU G 16 -51.91 -18.20 12.21
CA GLU G 16 -51.97 -19.47 12.95
C GLU G 16 -50.75 -19.88 13.78
N TYR G 17 -50.04 -18.90 14.35
CA TYR G 17 -48.90 -19.20 15.22
C TYR G 17 -49.30 -20.25 16.27
N GLY G 18 -48.53 -21.32 16.42
CA GLY G 18 -48.72 -22.26 17.55
C GLY G 18 -49.67 -23.41 17.18
N LYS G 19 -50.40 -23.23 16.10
CA LYS G 19 -51.34 -24.25 15.66
C LYS G 19 -50.74 -25.56 15.20
N VAL G 20 -51.20 -26.63 15.84
CA VAL G 20 -50.64 -27.95 15.64
C VAL G 20 -51.72 -28.97 15.40
N ALA G 21 -51.34 -30.05 14.71
CA ALA G 21 -52.20 -31.22 14.51
C ALA G 21 -52.01 -32.16 15.70
N PRO G 22 -53.09 -32.89 16.11
CA PRO G 22 -52.99 -33.64 17.40
C PRO G 22 -51.93 -34.75 17.38
N GLY G 23 -51.23 -34.95 18.49
CA GLY G 23 -50.36 -36.15 18.65
C GLY G 23 -49.21 -36.27 17.65
N TRP G 24 -49.05 -37.49 17.12
CA TRP G 24 -48.05 -37.83 16.08
C TRP G 24 -48.41 -37.38 14.70
N GLY G 25 -49.68 -37.09 14.49
CA GLY G 25 -50.18 -36.72 13.16
C GLY G 25 -49.50 -37.43 12.01
N THR G 26 -48.94 -36.65 11.08
CA THR G 26 -48.26 -37.22 9.92
C THR G 26 -46.81 -37.69 10.12
N THR G 27 -46.32 -37.75 11.35
CA THR G 27 -44.96 -38.22 11.57
C THR G 27 -44.54 -39.52 10.81
N PRO G 28 -45.45 -40.57 10.72
CA PRO G 28 -45.02 -41.81 10.08
C PRO G 28 -44.80 -41.74 8.59
N LEU G 29 -45.67 -41.01 7.90
CA LEU G 29 -45.49 -40.69 6.51
C LEU G 29 -44.15 -39.88 6.32
N MET G 30 -43.89 -38.91 7.20
CA MET G 30 -42.65 -38.11 7.13
C MET G 30 -41.47 -39.08 7.17
N ALA G 31 -41.51 -40.00 8.14
CA ALA G 31 -40.47 -40.97 8.34
C ALA G 31 -40.18 -41.81 7.11
N VAL G 32 -41.23 -42.21 6.39
CA VAL G 32 -41.07 -42.96 5.17
C VAL G 32 -40.38 -42.12 4.09
N PHE G 33 -40.78 -40.86 3.96
CA PHE G 33 -40.11 -39.95 3.00
C PHE G 33 -38.62 -39.72 3.33
N MET G 34 -38.32 -39.59 4.62
CA MET G 34 -36.95 -39.51 5.09
C MET G 34 -36.18 -40.77 4.78
N GLY G 35 -36.75 -41.97 5.06
CA GLY G 35 -36.01 -43.18 4.72
C GLY G 35 -35.76 -43.25 3.21
N LEU G 36 -36.75 -42.89 2.41
CA LEU G 36 -36.59 -42.97 0.95
C LEU G 36 -35.53 -41.97 0.45
N PHE G 37 -35.50 -40.82 1.12
CA PHE G 37 -34.51 -39.77 0.76
C PHE G 37 -33.09 -40.24 1.14
N LEU G 38 -32.94 -40.88 2.29
CA LEU G 38 -31.67 -41.49 2.68
C LEU G 38 -31.19 -42.47 1.60
N VAL G 39 -32.08 -43.37 1.17
CA VAL G 39 -31.71 -44.29 0.12
C VAL G 39 -31.35 -43.57 -1.20
N PHE G 40 -32.11 -42.53 -1.54
CA PHE G 40 -31.78 -41.70 -2.71
C PHE G 40 -30.36 -41.12 -2.63
N LEU G 41 -30.01 -40.55 -1.48
CA LEU G 41 -28.66 -39.97 -1.30
C LEU G 41 -27.60 -41.03 -1.39
N LEU G 42 -27.88 -42.20 -0.78
CA LEU G 42 -26.96 -43.31 -0.88
C LEU G 42 -26.76 -43.76 -2.31
N ILE G 43 -27.83 -43.79 -3.10
CA ILE G 43 -27.64 -44.21 -4.46
C ILE G 43 -26.77 -43.16 -5.15
N ILE G 44 -27.13 -41.88 -5.03
CA ILE G 44 -26.36 -40.92 -5.88
C ILE G 44 -24.92 -40.85 -5.41
N LEU G 45 -24.69 -41.01 -4.09
CA LEU G 45 -23.31 -41.04 -3.58
C LEU G 45 -22.57 -42.23 -4.16
N GLU G 46 -23.18 -43.43 -4.11
CA GLU G 46 -22.48 -44.64 -4.60
C GLU G 46 -22.28 -44.65 -6.10
N ILE G 47 -23.16 -44.01 -6.84
CA ILE G 47 -22.86 -43.85 -8.26
C ILE G 47 -21.60 -42.95 -8.48
N TYR G 48 -21.63 -41.78 -7.84
CA TYR G 48 -20.48 -40.83 -7.99
C TYR G 48 -19.20 -41.54 -7.59
N ASN G 49 -19.29 -42.39 -6.57
CA ASN G 49 -18.13 -43.03 -5.93
C ASN G 49 -17.66 -44.25 -6.71
N SER G 50 -18.44 -44.65 -7.74
CA SER G 50 -18.15 -45.89 -8.46
C SER G 50 -18.28 -47.16 -7.62
N THR G 51 -19.09 -47.09 -6.59
CA THR G 51 -19.34 -48.25 -5.77
C THR G 51 -20.62 -48.94 -6.32
N LEU G 52 -21.51 -48.13 -6.89
CA LEU G 52 -22.67 -48.59 -7.66
C LEU G 52 -22.48 -48.26 -9.15
N ILE G 53 -22.34 -49.30 -9.98
CA ILE G 53 -22.02 -49.10 -11.40
C ILE G 53 -23.19 -49.67 -12.22
N LEU G 54 -23.79 -48.83 -13.05
CA LEU G 54 -25.04 -49.11 -13.74
C LEU G 54 -24.81 -49.10 -15.24
N ASP G 55 -25.46 -50.03 -15.95
CA ASP G 55 -25.34 -50.03 -17.41
C ASP G 55 -25.72 -48.72 -17.98
N GLY G 56 -24.99 -48.29 -18.99
CA GLY G 56 -25.32 -46.99 -19.65
C GLY G 56 -24.97 -45.78 -18.78
N VAL G 57 -24.36 -46.01 -17.61
CA VAL G 57 -24.08 -44.86 -16.70
C VAL G 57 -22.56 -44.79 -16.53
N ASN G 58 -21.89 -44.03 -17.40
CA ASN G 58 -20.44 -43.96 -17.36
C ASN G 58 -20.01 -42.68 -16.58
N VAL G 59 -19.59 -42.83 -15.31
CA VAL G 59 -19.25 -41.65 -14.48
C VAL G 59 -17.85 -41.14 -14.81
N SER G 60 -17.81 -40.27 -15.81
CA SER G 60 -16.55 -39.80 -16.35
C SER G 60 -16.81 -38.62 -17.24
N TRP G 61 -15.79 -37.78 -17.45
CA TRP G 61 -15.88 -36.71 -18.43
C TRP G 61 -16.31 -37.27 -19.77
N LYS G 62 -15.91 -38.52 -20.06
CA LYS G 62 -16.35 -39.21 -21.30
C LYS G 62 -17.75 -39.86 -21.22
N ALA G 63 -18.70 -39.20 -20.54
CA ALA G 63 -20.06 -39.74 -20.30
C ALA G 63 -20.84 -40.04 -21.59
N FME H 1 36.90 -3.45 26.35
CN FME H 1 36.34 -2.30 26.79
O1 FME H 1 35.63 -2.24 27.79
CA FME H 1 36.38 -4.74 26.82
CB FME H 1 36.86 -5.90 25.92
CG FME H 1 36.27 -5.74 24.52
SD FME H 1 34.51 -5.67 24.59
CE FME H 1 34.13 -6.00 22.85
C FME H 1 36.73 -4.97 28.28
O FME H 1 35.88 -5.39 29.07
N GLU H 2 37.96 -4.63 28.69
CA GLU H 2 38.34 -4.82 30.11
C GLU H 2 37.48 -4.05 31.08
N THR H 3 37.13 -2.81 30.72
CA THR H 3 36.21 -1.99 31.54
C THR H 3 34.77 -2.56 31.61
N LEU H 4 34.29 -3.00 30.45
CA LEU H 4 33.02 -3.69 30.44
C LEU H 4 33.02 -4.86 31.39
N LYS H 5 34.04 -5.72 31.28
CA LYS H 5 34.16 -6.89 32.16
C LYS H 5 34.07 -6.58 33.63
N ILE H 6 34.85 -5.58 34.04
CA ILE H 6 34.97 -5.22 35.46
C ILE H 6 33.66 -4.67 35.88
N THR H 7 33.01 -3.91 34.98
CA THR H 7 31.73 -3.31 35.31
C THR H 7 30.67 -4.38 35.52
N VAL H 8 30.57 -5.31 34.59
CA VAL H 8 29.63 -6.42 34.77
C VAL H 8 29.95 -7.24 36.02
N TYR H 9 31.23 -7.57 36.25
CA TYR H 9 31.61 -8.31 37.50
C TYR H 9 31.11 -7.61 38.77
N ILE H 10 31.24 -6.27 38.79
CA ILE H 10 30.80 -5.48 39.96
C ILE H 10 29.29 -5.47 40.06
N VAL H 11 28.63 -5.26 38.93
CA VAL H 11 27.15 -5.38 38.89
C VAL H 11 26.66 -6.72 39.38
N VAL H 12 27.24 -7.81 38.86
CA VAL H 12 26.75 -9.15 39.22
C VAL H 12 26.97 -9.39 40.72
N THR H 13 28.15 -9.03 41.21
CA THR H 13 28.49 -9.23 42.62
C THR H 13 27.55 -8.44 43.49
N PHE H 14 27.24 -7.22 43.06
CA PHE H 14 26.28 -6.41 43.77
C PHE H 14 24.93 -7.11 43.99
N PHE H 15 24.31 -7.53 42.88
CA PHE H 15 23.04 -8.21 43.00
C PHE H 15 23.11 -9.52 43.74
N VAL H 16 24.14 -10.34 43.49
CA VAL H 16 24.30 -11.59 44.22
C VAL H 16 24.39 -11.36 45.75
N LEU H 17 25.17 -10.34 46.14
CA LEU H 17 25.25 -9.96 47.55
C LEU H 17 23.88 -9.57 48.08
N LEU H 18 23.08 -8.86 47.26
CA LEU H 18 21.72 -8.55 47.73
C LEU H 18 20.93 -9.80 47.96
N PHE H 19 21.07 -10.76 47.04
CA PHE H 19 20.24 -11.97 47.14
C PHE H 19 20.64 -12.73 48.43
N VAL H 20 21.92 -12.89 48.65
CA VAL H 20 22.39 -13.72 49.76
C VAL H 20 22.10 -12.99 51.09
N PHE H 21 22.53 -11.74 51.21
CA PHE H 21 22.16 -11.00 52.43
C PHE H 21 20.68 -10.89 52.67
N GLY H 22 19.91 -10.79 51.58
CA GLY H 22 18.50 -10.62 51.77
C GLY H 22 17.87 -11.84 52.35
N PHE H 23 18.20 -13.01 51.79
CA PHE H 23 17.64 -14.25 52.35
C PHE H 23 18.16 -14.56 53.79
N LEU H 24 19.33 -14.02 54.13
CA LEU H 24 19.90 -14.14 55.49
C LEU H 24 19.21 -13.21 56.49
N SER H 25 18.39 -12.28 56.01
CA SER H 25 17.82 -11.24 56.87
C SER H 25 16.47 -11.66 57.43
N GLY H 26 16.47 -12.79 58.13
CA GLY H 26 15.32 -13.22 58.88
C GLY H 26 14.20 -13.54 57.93
N ASP H 27 14.55 -14.24 56.84
CA ASP H 27 13.47 -14.65 55.85
C ASP H 27 12.33 -15.54 56.37
N PRO H 28 12.61 -16.58 57.21
CA PRO H 28 11.53 -17.40 57.74
C PRO H 28 10.42 -16.61 58.47
N ALA H 29 10.81 -15.50 59.09
CA ALA H 29 9.87 -14.64 59.82
C ALA H 29 8.90 -13.82 58.91
N ARG H 30 9.23 -13.67 57.64
CA ARG H 30 8.46 -12.82 56.74
C ARG H 30 7.38 -13.66 56.10
N ASN H 31 6.35 -13.94 56.89
CA ASN H 31 5.18 -14.68 56.47
C ASN H 31 4.06 -14.14 57.35
N PRO H 32 2.79 -14.39 56.97
CA PRO H 32 1.65 -13.81 57.67
C PRO H 32 1.24 -14.49 58.99
N LYS H 33 1.80 -15.66 59.30
CA LYS H 33 1.32 -16.48 60.43
C LYS H 33 2.47 -16.57 61.45
N ARG H 34 2.93 -17.78 61.76
CA ARG H 34 4.01 -18.01 62.75
C ARG H 34 5.43 -17.58 62.33
N LYS H 35 5.89 -16.53 63.02
CA LYS H 35 7.17 -15.85 62.75
C LYS H 35 8.41 -16.40 63.49
N ASP H 36 8.18 -17.16 64.56
CA ASP H 36 9.25 -17.73 65.37
C ASP H 36 9.64 -19.15 64.90
N GLY I 5 -20.32 -64.40 47.83
CA GLY I 5 -20.59 -63.07 48.46
C GLY I 5 -19.36 -62.17 48.50
N GLY I 6 -18.49 -62.40 49.48
CA GLY I 6 -17.20 -61.71 49.60
C GLY I 6 -16.06 -62.63 50.06
N ARG I 7 -16.15 -63.93 49.72
CA ARG I 7 -15.23 -64.98 50.21
C ARG I 7 -13.73 -64.83 49.87
N ILE I 8 -13.40 -64.34 48.66
CA ILE I 8 -11.99 -64.18 48.27
C ILE I 8 -11.58 -62.73 48.43
N PRO I 9 -10.60 -62.46 49.29
CA PRO I 9 -10.23 -61.08 49.62
C PRO I 9 -9.78 -60.29 48.38
N LEU I 10 -10.28 -59.07 48.22
CA LEU I 10 -9.99 -58.21 47.07
C LEU I 10 -8.48 -57.95 46.87
N TRP I 11 -7.72 -57.79 47.95
CA TRP I 11 -6.28 -57.65 47.83
C TRP I 11 -5.57 -58.84 47.20
N ILE I 12 -6.19 -60.03 47.31
CA ILE I 12 -5.64 -61.25 46.67
C ILE I 12 -6.00 -61.23 45.19
N VAL I 13 -7.25 -60.93 44.87
CA VAL I 13 -7.68 -60.83 43.48
C VAL I 13 -6.81 -59.81 42.70
N ALA I 14 -6.51 -58.68 43.35
CA ALA I 14 -5.70 -57.61 42.77
C ALA I 14 -4.25 -58.08 42.54
N THR I 15 -3.68 -58.76 43.53
CA THR I 15 -2.32 -59.18 43.43
C THR I 15 -2.10 -60.22 42.39
N VAL I 16 -3.02 -61.17 42.30
CA VAL I 16 -2.94 -62.23 41.31
C VAL I 16 -3.24 -61.66 39.91
N ALA I 17 -4.30 -60.88 39.76
CA ALA I 17 -4.60 -60.24 38.48
C ALA I 17 -3.39 -59.42 37.99
N GLY I 18 -2.85 -58.57 38.85
CA GLY I 18 -1.66 -57.77 38.55
C GLY I 18 -0.50 -58.64 38.17
N MET I 19 -0.28 -59.76 38.85
CA MET I 19 0.82 -60.63 38.45
C MET I 19 0.57 -61.23 37.06
N GLY I 20 -0.71 -61.48 36.77
CA GLY I 20 -1.09 -62.03 35.46
C GLY I 20 -0.76 -61.04 34.34
N VAL I 21 -1.05 -59.75 34.54
CA VAL I 21 -0.73 -58.70 33.58
C VAL I 21 0.80 -58.57 33.37
N ILE I 22 1.58 -58.58 34.46
CA ILE I 22 3.04 -58.58 34.36
C ILE I 22 3.61 -59.77 33.56
N VAL I 23 3.07 -60.97 33.80
CA VAL I 23 3.50 -62.13 33.05
C VAL I 23 3.22 -61.98 31.55
N ILE I 24 1.99 -61.63 31.19
CA ILE I 24 1.66 -61.58 29.79
C ILE I 24 2.45 -60.44 29.09
N VAL I 25 2.47 -59.26 29.68
CA VAL I 25 3.34 -58.19 29.16
C VAL I 25 4.82 -58.59 29.06
N GLY I 26 5.35 -59.26 30.08
CA GLY I 26 6.71 -59.80 30.04
C GLY I 26 6.96 -60.73 28.85
N LEU I 27 5.96 -61.58 28.55
CA LEU I 27 6.04 -62.49 27.42
C LEU I 27 6.15 -61.70 26.11
N PHE I 28 5.31 -60.67 25.99
CA PHE I 28 5.35 -59.75 24.82
C PHE I 28 6.72 -59.10 24.67
N PHE I 29 7.35 -58.67 25.77
CA PHE I 29 8.71 -58.17 25.66
C PHE I 29 9.75 -59.22 25.28
N TYR I 30 9.65 -60.43 25.87
CA TYR I 30 10.47 -61.54 25.44
C TYR I 30 10.33 -61.70 23.93
N GLY I 31 9.10 -61.67 23.45
CA GLY I 31 8.84 -61.86 22.02
C GLY I 31 9.44 -60.76 21.11
N ALA I 32 9.79 -59.60 21.69
CA ALA I 32 10.45 -58.51 20.91
C ALA I 32 11.86 -58.96 20.55
N TYR I 33 12.40 -59.91 21.31
CA TYR I 33 13.77 -60.37 21.08
C TYR I 33 13.93 -61.75 20.44
N ALA I 34 12.82 -62.40 20.09
CA ALA I 34 12.85 -63.77 19.60
C ALA I 34 11.77 -63.94 18.54
N GLY I 35 12.07 -64.71 17.51
CA GLY I 35 11.05 -65.03 16.47
C GLY I 35 10.72 -63.80 15.64
N LEU I 36 9.48 -63.69 15.13
CA LEU I 36 9.16 -62.56 14.25
C LEU I 36 9.36 -61.22 15.01
N GLY I 37 9.89 -60.20 14.32
CA GLY I 37 10.02 -58.84 14.90
C GLY I 37 11.27 -58.67 15.67
N SER I 38 12.11 -59.71 15.69
CA SER I 38 13.28 -59.65 16.52
C SER I 38 14.49 -59.04 15.73
N SER I 39 14.28 -58.83 14.45
CA SER I 39 15.35 -58.37 13.50
C SER I 39 16.36 -59.47 13.12
N LEU I 40 16.22 -60.65 13.73
CA LEU I 40 17.23 -61.71 13.57
C LEU I 40 16.75 -62.76 12.56
N LYS J 1 31.73 -65.08 33.47
CA LYS J 1 30.97 -66.20 34.06
C LYS J 1 31.38 -66.20 35.53
N LEU J 2 30.53 -66.77 36.38
CA LEU J 2 30.86 -67.05 37.76
C LEU J 2 31.93 -68.16 37.79
N PRO J 3 32.74 -68.25 38.89
CA PRO J 3 33.60 -69.45 38.94
C PRO J 3 32.71 -70.70 38.80
N GLU J 4 33.25 -71.75 38.18
CA GLU J 4 32.50 -72.96 37.72
C GLU J 4 31.71 -73.64 38.83
N ALA J 5 32.25 -73.67 40.05
CA ALA J 5 31.54 -74.28 41.19
C ALA J 5 30.14 -73.68 41.43
N TYR J 6 29.95 -72.41 41.04
CA TYR J 6 28.68 -71.69 41.31
C TYR J 6 27.75 -71.68 40.10
N ALA J 7 28.23 -72.23 38.99
CA ALA J 7 27.47 -72.23 37.73
C ALA J 7 26.04 -72.78 37.85
N ILE J 8 25.83 -73.77 38.72
CA ILE J 8 24.47 -74.27 38.93
C ILE J 8 23.56 -73.14 39.36
N PHE J 9 24.10 -72.12 40.02
CA PHE J 9 23.23 -71.02 40.45
C PHE J 9 22.98 -69.91 39.41
N ASP J 10 23.50 -70.06 38.19
CA ASP J 10 23.33 -69.03 37.14
C ASP J 10 21.91 -68.53 37.00
N PRO J 11 20.93 -69.45 36.96
CA PRO J 11 19.56 -68.93 36.75
C PRO J 11 19.11 -68.11 37.96
N LEU J 12 19.55 -68.49 39.16
CA LEU J 12 19.17 -67.70 40.36
C LEU J 12 19.76 -66.28 40.21
N VAL J 13 21.04 -66.23 39.88
CA VAL J 13 21.80 -64.98 39.78
C VAL J 13 21.22 -64.04 38.73
N ASP J 14 20.57 -64.61 37.71
CA ASP J 14 19.97 -63.88 36.62
C ASP J 14 18.76 -63.10 37.11
N VAL J 15 18.16 -63.56 38.22
CA VAL J 15 16.92 -62.99 38.72
CA VAL J 15 16.93 -62.94 38.70
C VAL J 15 17.14 -62.03 39.89
N LEU J 16 18.19 -62.27 40.68
CA LEU J 16 18.42 -61.44 41.86
C LEU J 16 18.34 -59.91 41.63
N PRO J 17 18.87 -59.36 40.51
CA PRO J 17 18.91 -57.87 40.52
C PRO J 17 17.56 -57.15 40.54
N VAL J 18 16.53 -57.84 40.11
CA VAL J 18 15.18 -57.31 40.02
C VAL J 18 14.44 -57.34 41.38
N ILE J 19 14.95 -58.07 42.36
CA ILE J 19 14.31 -58.22 43.68
C ILE J 19 13.97 -56.88 44.37
N PRO J 20 14.89 -55.88 44.34
CA PRO J 20 14.50 -54.58 44.94
C PRO J 20 13.20 -53.99 44.36
N VAL J 21 12.93 -54.19 43.08
CA VAL J 21 11.67 -53.74 42.49
C VAL J 21 10.46 -54.41 43.14
N LEU J 22 10.66 -55.68 43.51
CA LEU J 22 9.67 -56.45 44.25
C LEU J 22 9.29 -55.83 45.57
N PHE J 23 10.24 -55.18 46.25
CA PHE J 23 9.93 -54.49 47.49
C PHE J 23 8.95 -53.33 47.32
N LEU J 24 9.10 -52.54 46.25
CA LEU J 24 8.10 -51.49 45.95
C LEU J 24 6.70 -52.05 45.71
N ALA J 25 6.64 -53.12 44.93
CA ALA J 25 5.38 -53.74 44.58
C ALA J 25 4.75 -54.36 45.84
N LEU J 26 5.61 -54.90 46.69
CA LEU J 26 5.19 -55.44 47.99
C LEU J 26 4.45 -54.40 48.87
N ALA J 27 4.99 -53.16 48.99
CA ALA J 27 4.29 -52.07 49.66
C ALA J 27 2.83 -51.96 49.22
N PHE J 28 2.59 -52.18 47.94
CA PHE J 28 1.23 -52.12 47.43
C PHE J 28 0.31 -53.29 47.83
N VAL J 29 0.88 -54.49 47.85
CA VAL J 29 0.18 -55.70 48.28
C VAL J 29 -0.20 -55.52 49.75
N TRP J 30 0.76 -55.06 50.55
CA TRP J 30 0.55 -54.81 51.96
C TRP J 30 -0.54 -53.81 52.15
N GLN J 31 -0.47 -52.69 51.44
CA GLN J 31 -1.52 -51.67 51.60
C GLN J 31 -2.89 -52.17 51.18
N ALA J 32 -2.93 -52.97 50.11
CA ALA J 32 -4.20 -53.52 49.67
C ALA J 32 -4.78 -54.40 50.82
N ALA J 33 -3.92 -55.13 51.50
CA ALA J 33 -4.33 -55.98 52.62
C ALA J 33 -4.89 -55.20 53.82
N VAL J 34 -4.37 -54.00 54.10
CA VAL J 34 -4.90 -53.18 55.23
C VAL J 34 -5.91 -52.12 54.72
N GLY J 35 -6.40 -52.33 53.50
CA GLY J 35 -7.37 -51.42 52.90
C GLY J 35 -6.89 -49.99 52.65
N PHE J 36 -5.58 -49.77 52.47
CA PHE J 36 -5.03 -48.42 52.18
C PHE J 36 -5.57 -47.41 53.19
N ARG J 37 -5.62 -47.83 54.43
CA ARG J 37 -6.29 -47.05 55.46
C ARG J 37 -5.49 -45.78 55.82
N MET K 1 -42.49 7.11 14.56
CA MET K 1 -42.34 7.96 15.78
C MET K 1 -42.17 7.07 17.02
N GLU K 2 -43.14 6.18 17.23
CA GLU K 2 -43.20 5.30 18.40
C GLU K 2 -41.92 4.47 18.52
N PRO K 3 -41.19 4.57 19.67
CA PRO K 3 -39.86 3.96 19.78
C PRO K 3 -39.89 2.42 19.80
N ASN K 4 -38.80 1.78 19.39
CA ASN K 4 -38.74 0.33 19.31
C ASN K 4 -38.39 -0.29 20.67
N PRO K 5 -39.26 -1.15 21.21
CA PRO K 5 -39.01 -1.65 22.56
C PRO K 5 -37.96 -2.75 22.58
N ASN K 6 -37.48 -3.16 21.40
CA ASN K 6 -36.47 -4.24 21.34
C ASN K 6 -35.02 -3.75 21.50
N ARG K 7 -34.81 -2.44 21.46
CA ARG K 7 -33.48 -1.80 21.60
C ARG K 7 -32.89 -2.27 22.91
N GLN K 8 -31.59 -2.57 22.88
CA GLN K 8 -30.81 -2.87 24.11
C GLN K 8 -29.52 -2.06 24.05
N PRO K 9 -28.97 -1.64 25.19
CA PRO K 9 -27.62 -1.05 25.09
C PRO K 9 -26.58 -2.17 24.99
N VAL K 10 -25.39 -1.82 24.51
CA VAL K 10 -24.29 -2.75 24.24
C VAL K 10 -23.17 -2.32 25.15
N GLU K 11 -22.37 -3.29 25.57
CA GLU K 11 -21.27 -3.02 26.50
C GLU K 11 -20.03 -3.79 26.03
N LEU K 12 -18.87 -3.16 26.17
CA LEU K 12 -17.60 -3.87 26.09
C LEU K 12 -16.80 -3.34 27.28
N ASN K 13 -16.48 -4.17 28.23
CA ASN K 13 -15.77 -3.72 29.41
C ASN K 13 -14.28 -3.59 29.11
N ARG K 14 -13.51 -3.01 30.04
CA ARG K 14 -12.12 -2.73 29.71
C ARG K 14 -11.29 -3.99 29.48
N THR K 15 -11.51 -5.01 30.32
CA THR K 15 -10.79 -6.24 30.14
C THR K 15 -11.03 -6.83 28.71
N SER K 16 -12.27 -6.76 28.30
CA SER K 16 -12.65 -7.28 26.97
C SER K 16 -11.98 -6.46 25.87
N LEU K 17 -11.89 -5.14 26.06
CA LEU K 17 -11.12 -4.30 25.14
C LEU K 17 -9.70 -4.82 25.08
N TYR K 18 -9.06 -5.01 26.25
CA TYR K 18 -7.67 -5.48 26.26
C TYR K 18 -7.46 -6.86 25.63
N LEU K 19 -8.36 -7.77 25.97
CA LEU K 19 -8.32 -9.13 25.40
C LEU K 19 -8.48 -9.01 23.90
N GLY K 20 -9.44 -8.19 23.46
CA GLY K 20 -9.69 -8.13 22.06
C GLY K 20 -8.56 -7.51 21.26
N LEU K 21 -8.00 -6.41 21.77
CA LEU K 21 -6.84 -5.79 21.14
C LEU K 21 -5.65 -6.74 21.10
N LEU K 22 -5.41 -7.51 22.16
CA LEU K 22 -4.36 -8.53 22.12
C LEU K 22 -4.62 -9.61 21.01
N LEU K 23 -5.84 -10.14 20.96
CA LEU K 23 -6.17 -11.09 19.89
C LEU K 23 -5.82 -10.48 18.52
N ILE K 24 -6.34 -9.29 18.25
CA ILE K 24 -6.17 -8.61 16.97
CA ILE K 24 -6.17 -8.66 16.93
C ILE K 24 -4.70 -8.37 16.65
N LEU K 25 -3.97 -7.79 17.63
CA LEU K 25 -2.58 -7.47 17.40
C LEU K 25 -1.75 -8.74 17.18
N VAL K 26 -2.02 -9.80 17.95
CA VAL K 26 -1.23 -11.01 17.82
C VAL K 26 -1.57 -11.71 16.50
N LEU K 27 -2.86 -11.72 16.16
CA LEU K 27 -3.23 -12.28 14.85
C LEU K 27 -2.49 -11.51 13.73
N ALA K 28 -2.44 -10.17 13.87
CA ALA K 28 -1.76 -9.38 12.83
C ALA K 28 -0.29 -9.69 12.81
N LEU K 29 0.33 -9.82 13.98
CA LEU K 29 1.75 -10.16 14.01
C LEU K 29 2.04 -11.53 13.41
N LEU K 30 1.10 -12.47 13.61
CA LEU K 30 1.17 -13.80 13.00
C LEU K 30 0.92 -13.77 11.46
N PHE K 31 -0.17 -13.11 10.98
CA PHE K 31 -0.53 -13.18 9.57
C PHE K 31 0.22 -12.19 8.75
N SER K 32 0.85 -11.17 9.39
CA SER K 32 1.46 -10.14 8.53
C SER K 32 2.54 -10.69 7.60
N SER K 33 3.32 -11.70 8.02
CA SER K 33 4.43 -12.21 7.19
C SER K 33 3.84 -12.81 5.90
N TYR K 34 2.68 -13.40 6.05
CA TYR K 34 2.00 -14.09 4.91
C TYR K 34 1.35 -13.11 3.98
N PHE K 35 0.91 -11.98 4.53
CA PHE K 35 0.31 -10.93 3.67
C PHE K 35 1.40 -10.26 2.83
N PHE K 36 2.58 -10.06 3.42
CA PHE K 36 3.75 -9.56 2.64
C PHE K 36 4.37 -10.61 1.72
N ASN K 37 4.35 -11.88 2.15
CA ASN K 37 4.81 -13.00 1.34
C ASN K 37 6.26 -12.79 0.84
N FME L 1 13.34 -6.30 -0.58
CN FME L 1 13.69 -5.51 -1.61
O1 FME L 1 14.12 -5.92 -2.68
CA FME L 1 12.84 -7.65 -0.81
CB FME L 1 12.59 -8.36 0.53
CG FME L 1 13.76 -8.52 1.59
SD FME L 1 14.78 -9.89 1.22
CE FME L 1 13.97 -11.41 1.61
C FME L 1 11.62 -7.48 -1.68
O FME L 1 10.89 -6.50 -1.56
N GLU L 2 11.33 -8.41 -2.55
CA GLU L 2 10.14 -8.25 -3.35
C GLU L 2 8.87 -8.78 -2.67
N VAL L 3 8.35 -8.00 -1.73
CA VAL L 3 7.11 -8.37 -1.03
C VAL L 3 5.85 -8.06 -1.84
N ASN L 4 4.71 -8.56 -1.39
CA ASN L 4 3.43 -8.25 -1.99
C ASN L 4 3.11 -6.83 -1.47
N GLN L 5 2.94 -5.93 -2.42
CA GLN L 5 2.67 -4.51 -2.29
C GLN L 5 1.39 -4.24 -1.47
N LEU L 6 0.43 -5.13 -1.59
CA LEU L 6 -0.79 -5.01 -0.79
C LEU L 6 -0.67 -5.49 0.67
N GLY L 7 0.48 -6.07 1.04
CA GLY L 7 0.59 -6.60 2.42
C GLY L 7 0.55 -5.49 3.45
N LEU L 8 0.97 -4.28 3.07
CA LEU L 8 0.99 -3.18 4.06
C LEU L 8 -0.43 -2.71 4.36
N ILE L 9 -1.21 -2.43 3.32
CA ILE L 9 -2.58 -1.99 3.57
C ILE L 9 -3.41 -3.16 4.18
N ALA L 10 -3.12 -4.40 3.76
CA ALA L 10 -3.88 -5.57 4.30
C ALA L 10 -3.64 -5.65 5.80
N THR L 11 -2.38 -5.55 6.17
CA THR L 11 -1.98 -5.61 7.59
C THR L 11 -2.57 -4.42 8.36
N ALA L 12 -2.46 -3.22 7.79
CA ALA L 12 -2.95 -2.02 8.48
C ALA L 12 -4.46 -2.09 8.71
N LEU L 13 -5.23 -2.53 7.73
CA LEU L 13 -6.66 -2.53 7.97
C LEU L 13 -7.06 -3.70 8.82
N PHE L 14 -6.31 -4.79 8.73
CA PHE L 14 -6.59 -5.98 9.56
C PHE L 14 -6.48 -5.57 11.06
N VAL L 15 -5.52 -4.72 11.38
CA VAL L 15 -5.39 -4.24 12.78
C VAL L 15 -6.45 -3.15 13.08
N LEU L 16 -6.57 -2.17 12.19
CA LEU L 16 -7.34 -0.94 12.43
CA LEU L 16 -7.32 -0.96 12.51
C LEU L 16 -8.84 -1.21 12.50
N VAL L 17 -9.34 -1.97 11.55
CA VAL L 17 -10.77 -2.15 11.51
C VAL L 17 -11.37 -2.81 12.78
N PRO L 18 -10.88 -3.97 13.19
CA PRO L 18 -11.45 -4.49 14.42
C PRO L 18 -11.00 -3.71 15.67
N SER L 19 -9.78 -3.16 15.67
CA SER L 19 -9.33 -2.44 16.86
C SER L 19 -10.26 -1.25 17.10
N VAL L 20 -10.60 -0.53 16.01
CA VAL L 20 -11.51 0.61 16.11
C VAL L 20 -12.96 0.25 16.51
N PHE L 21 -13.48 -0.87 15.98
CA PHE L 21 -14.70 -1.46 16.46
C PHE L 21 -14.72 -1.61 17.99
N LEU L 22 -13.65 -2.20 18.54
CA LEU L 22 -13.55 -2.44 20.00
C LEU L 22 -13.46 -1.13 20.76
N ILE L 23 -12.63 -0.20 20.28
CA ILE L 23 -12.47 1.10 20.99
C ILE L 23 -13.80 1.84 20.94
N ILE L 24 -14.50 1.82 19.79
CA ILE L 24 -15.81 2.46 19.77
C ILE L 24 -16.75 1.86 20.87
N LEU L 25 -16.79 0.54 20.99
CA LEU L 25 -17.72 -0.06 21.88
C LEU L 25 -17.27 0.22 23.32
N TYR L 26 -15.96 0.19 23.51
CA TYR L 26 -15.46 0.41 24.88
C TYR L 26 -15.84 1.82 25.38
N VAL L 27 -15.50 2.84 24.57
CA VAL L 27 -15.68 4.21 24.98
C VAL L 27 -17.16 4.50 25.22
N GLN L 28 -18.08 4.01 24.36
CA GLN L 28 -19.47 4.33 24.60
C GLN L 28 -20.03 3.53 25.81
N THR L 29 -19.34 2.45 26.23
CA THR L 29 -19.71 1.75 27.48
C THR L 29 -19.37 2.65 28.62
N GLU L 30 -18.13 3.17 28.66
CA GLU L 30 -17.67 4.07 29.72
C GLU L 30 -18.56 5.32 29.87
N SER L 31 -19.07 5.82 28.75
CA SER L 31 -19.82 7.05 28.80
C SER L 31 -21.29 6.80 29.22
N GLN L 32 -21.70 5.53 29.41
CA GLN L 32 -23.06 5.23 29.89
C GLN L 32 -23.25 5.59 31.36
N GLN L 33 -24.51 5.77 31.79
CA GLN L 33 -24.85 6.51 33.06
C GLN L 33 -23.96 6.22 34.30
N GLN M 1 62.71 -22.93 30.41
CA GLN M 1 62.68 -22.36 29.02
C GLN M 1 61.39 -22.62 28.22
N THR M 2 61.08 -23.88 27.88
CA THR M 2 60.12 -24.15 26.76
C THR M 2 58.65 -24.47 27.12
N LEU M 3 57.76 -23.83 26.38
CA LEU M 3 56.33 -23.87 26.69
C LEU M 3 55.70 -25.21 26.27
N THR M 4 54.82 -25.75 27.07
CA THR M 4 54.05 -26.94 26.61
C THR M 4 52.66 -26.48 26.04
N TYR M 5 51.93 -27.41 25.43
CA TYR M 5 50.54 -27.13 25.01
C TYR M 5 49.72 -26.55 26.16
N ASP M 6 49.87 -27.09 27.37
CA ASP M 6 49.06 -26.59 28.47
C ASP M 6 49.40 -25.15 28.83
N ASP M 7 50.63 -24.74 28.53
CA ASP M 7 51.07 -23.35 28.83
C ASP M 7 50.46 -22.39 27.79
N ILE M 8 50.31 -22.88 26.58
CA ILE M 8 49.87 -22.09 25.45
C ILE M 8 48.34 -22.04 25.27
N VAL M 9 47.67 -23.13 25.65
CA VAL M 9 46.30 -23.37 25.14
C VAL M 9 45.41 -22.20 25.57
N GLY M 10 44.71 -21.59 24.61
CA GLY M 10 43.75 -20.52 24.94
C GLY M 10 44.34 -19.14 25.22
N THR M 11 45.66 -18.98 25.06
CA THR M 11 46.29 -17.68 25.28
C THR M 11 46.31 -16.81 24.06
N GLY M 12 46.23 -17.40 22.86
CA GLY M 12 46.44 -16.65 21.64
C GLY M 12 47.81 -16.89 21.03
N LEU M 13 48.77 -17.33 21.84
CA LEU M 13 50.15 -17.57 21.39
C LEU M 13 50.27 -18.59 20.26
N ALA M 14 49.33 -19.54 20.18
CA ALA M 14 49.36 -20.53 19.07
C ALA M 14 49.13 -19.92 17.72
N ASN M 15 48.49 -18.75 17.69
CA ASN M 15 48.36 -18.09 16.39
C ASN M 15 49.52 -17.10 16.08
N LYS M 16 50.52 -17.06 16.96
CA LYS M 16 51.67 -16.12 16.77
C LYS M 16 52.90 -16.82 16.18
N CYS M 17 53.64 -16.17 15.28
CA CYS M 17 54.91 -16.77 14.79
C CYS M 17 56.04 -16.63 15.87
N PRO M 18 57.03 -17.55 15.85
CA PRO M 18 58.19 -17.27 16.74
C PRO M 18 58.86 -15.94 16.40
N THR M 19 59.39 -15.25 17.42
CA THR M 19 60.18 -14.01 17.20
C THR M 19 61.66 -14.31 17.52
N LEU M 20 62.57 -13.47 17.03
CA LEU M 20 64.01 -13.54 17.37
C LEU M 20 64.40 -12.33 18.22
N ASP M 21 65.40 -12.47 19.11
CA ASP M 21 65.95 -11.34 19.91
C ASP M 21 66.37 -10.17 19.04
N ASP M 22 66.30 -8.96 19.60
CA ASP M 22 66.91 -7.79 18.94
C ASP M 22 68.39 -8.03 18.62
N THR M 23 69.02 -8.91 19.42
CA THR M 23 70.42 -9.36 19.23
C THR M 23 70.66 -10.10 17.89
N ALA M 24 69.62 -10.67 17.28
CA ALA M 24 69.76 -11.48 16.06
C ALA M 24 69.92 -10.68 14.79
N ARG M 25 71.14 -10.18 14.56
CA ARG M 25 71.43 -9.36 13.38
C ARG M 25 72.54 -9.98 12.54
N GLY M 26 72.64 -11.31 12.61
CA GLY M 26 73.76 -12.05 12.01
C GLY M 26 73.59 -12.35 10.55
N ALA M 27 74.32 -13.34 10.07
CA ALA M 27 74.40 -13.68 8.65
C ALA M 27 74.50 -15.19 8.58
N TYR M 28 73.69 -15.79 7.73
CA TYR M 28 73.63 -17.21 7.63
C TYR M 28 74.28 -17.60 6.31
N PRO M 29 75.50 -18.23 6.36
CA PRO M 29 76.18 -18.59 5.12
C PRO M 29 75.45 -19.63 4.27
N ILE M 30 75.42 -19.36 2.98
CA ILE M 30 74.94 -20.32 1.98
C ILE M 30 76.15 -20.91 1.25
N ASP M 31 76.38 -22.19 1.45
CA ASP M 31 77.29 -22.96 0.66
C ASP M 31 76.56 -23.42 -0.60
N SER M 32 76.93 -22.86 -1.76
CA SER M 32 76.27 -23.22 -3.02
C SER M 32 76.41 -24.66 -3.44
N SER M 33 77.26 -25.42 -2.75
CA SER M 33 77.34 -26.85 -3.03
C SER M 33 76.34 -27.66 -2.18
N GLN M 34 75.77 -27.00 -1.16
CA GLN M 34 74.87 -27.68 -0.21
C GLN M 34 73.40 -27.51 -0.70
N THR M 35 72.58 -28.54 -0.44
CA THR M 35 71.13 -28.39 -0.60
C THR M 35 70.48 -27.95 0.71
N TYR M 36 69.39 -27.20 0.59
CA TYR M 36 68.76 -26.59 1.74
C TYR M 36 67.26 -26.72 1.70
N ARG M 37 66.65 -26.59 2.85
CA ARG M 37 65.23 -26.42 2.87
C ARG M 37 64.77 -25.44 3.90
N ILE M 38 63.55 -24.95 3.71
CA ILE M 38 62.90 -24.26 4.82
C ILE M 38 62.12 -25.33 5.57
N ALA M 39 62.45 -25.51 6.83
CA ALA M 39 61.83 -26.61 7.59
C ALA M 39 60.51 -26.11 8.20
N ARG M 40 60.42 -24.80 8.44
CA ARG M 40 59.19 -24.20 9.00
C ARG M 40 59.14 -22.75 8.55
N LEU M 41 58.11 -22.42 7.78
CA LEU M 41 57.78 -21.04 7.43
C LEU M 41 56.44 -20.69 8.14
N CYS M 42 56.40 -19.58 8.85
CA CYS M 42 55.22 -19.16 9.57
C CYS M 42 54.91 -17.73 9.13
N LEU M 43 53.63 -17.46 8.84
CA LEU M 43 53.17 -16.10 8.53
C LEU M 43 52.00 -15.72 9.42
N GLN M 44 52.19 -14.66 10.23
CA GLN M 44 51.21 -14.14 11.17
C GLN M 44 50.76 -12.77 10.63
N PRO M 45 49.56 -12.72 9.99
CA PRO M 45 48.98 -11.44 9.54
C PRO M 45 48.62 -10.57 10.74
N THR M 46 48.91 -9.27 10.62
CA THR M 46 48.57 -8.33 11.69
C THR M 46 47.61 -7.28 11.10
N THR M 47 47.54 -7.14 9.77
CA THR M 47 46.61 -6.19 9.14
CA THR M 47 46.60 -6.20 9.15
C THR M 47 46.08 -6.71 7.82
N PHE M 48 44.78 -6.57 7.62
CA PHE M 48 44.15 -6.88 6.35
C PHE M 48 43.60 -5.55 5.81
N LEU M 49 43.92 -5.21 4.55
CA LEU M 49 43.45 -3.96 4.01
C LEU M 49 42.72 -4.36 2.76
N VAL M 50 41.63 -3.68 2.47
CA VAL M 50 40.83 -4.03 1.29
C VAL M 50 40.73 -2.81 0.43
N LYS M 51 40.82 -3.04 -0.87
CA LYS M 51 40.81 -1.93 -1.79
C LYS M 51 39.38 -1.52 -2.01
N GLU M 52 39.06 -0.29 -1.61
CA GLU M 52 37.69 0.17 -1.76
C GLU M 52 37.37 0.20 -3.27
N GLU M 53 36.11 0.05 -3.63
CA GLU M 53 35.80 0.16 -5.04
C GLU M 53 34.94 1.38 -5.36
N PRO M 54 35.56 2.46 -5.86
CA PRO M 54 34.83 3.70 -6.23
C PRO M 54 33.88 3.60 -7.43
N LYS M 55 32.87 4.48 -7.43
CA LYS M 55 32.07 4.80 -8.63
C LYS M 55 32.90 5.76 -9.49
N ASN M 56 33.77 6.52 -8.82
CA ASN M 56 34.57 7.59 -9.42
C ASN M 56 35.31 7.21 -10.69
N LYS M 57 36.03 6.08 -10.62
CA LYS M 57 37.03 5.65 -11.62
C LYS M 57 37.99 6.76 -12.02
N ARG M 58 37.67 7.98 -11.56
CA ARG M 58 38.62 9.07 -11.52
C ARG M 58 39.18 9.07 -10.10
N GLN M 59 40.51 9.21 -10.00
CA GLN M 59 41.27 9.02 -8.76
C GLN M 59 41.33 7.54 -8.37
N GLU M 60 42.49 7.12 -7.84
CA GLU M 60 42.77 5.72 -7.55
C GLU M 60 42.12 5.33 -6.22
N ALA M 61 41.61 4.10 -6.16
CA ALA M 61 41.01 3.55 -4.95
C ALA M 61 42.13 3.31 -3.94
N GLU M 62 41.85 3.51 -2.66
CA GLU M 62 42.84 3.23 -1.62
C GLU M 62 42.52 1.88 -1.00
N PHE M 63 43.51 1.30 -0.36
CA PHE M 63 43.34 0.16 0.52
C PHE M 63 42.94 0.67 1.89
N VAL M 64 41.80 0.20 2.42
CA VAL M 64 41.32 0.70 3.72
C VAL M 64 41.41 -0.38 4.79
N PRO M 65 41.53 0.04 6.05
CA PRO M 65 41.54 -0.88 7.16
C PRO M 65 40.18 -1.59 7.36
N THR M 66 40.23 -2.74 8.06
CA THR M 66 39.06 -3.62 8.21
C THR M 66 39.20 -4.27 9.58
N LYS M 67 38.11 -4.83 10.11
CA LYS M 67 38.08 -5.47 11.42
C LYS M 67 37.99 -6.95 11.17
N LEU M 68 38.92 -7.68 11.76
CA LEU M 68 38.89 -9.14 11.69
C LEU M 68 37.72 -9.70 12.48
N VAL M 69 36.87 -10.55 11.88
CA VAL M 69 35.78 -11.13 12.72
C VAL M 69 35.88 -12.63 13.01
N THR M 70 36.87 -13.31 12.44
CA THR M 70 37.03 -14.73 12.65
C THR M 70 38.07 -15.15 13.68
N ARG M 71 38.53 -14.18 14.48
CA ARG M 71 39.32 -14.46 15.67
C ARG M 71 40.73 -14.96 15.34
N GLU M 72 41.43 -15.57 16.31
CA GLU M 72 42.86 -15.83 16.12
CA GLU M 72 42.87 -15.84 16.12
C GLU M 72 43.12 -17.12 15.33
N THR M 73 42.73 -17.09 14.05
CA THR M 73 42.66 -18.27 13.24
C THR M 73 43.28 -18.03 11.90
N THR M 74 44.13 -17.00 11.83
CA THR M 74 44.60 -16.40 10.59
C THR M 74 46.00 -16.83 10.12
N SER M 75 46.85 -17.39 10.98
CA SER M 75 48.22 -17.58 10.53
C SER M 75 48.46 -18.84 9.72
N LEU M 76 49.46 -18.74 8.86
CA LEU M 76 49.93 -19.86 8.05
C LEU M 76 51.18 -20.38 8.75
N ASP M 77 51.29 -21.70 8.85
CA ASP M 77 52.41 -22.22 9.64
C ASP M 77 52.68 -23.68 9.28
N GLN M 78 53.83 -24.15 9.82
CA GLN M 78 54.37 -25.50 9.55
C GLN M 78 54.56 -25.73 8.08
N ILE M 79 54.86 -24.66 7.36
CA ILE M 79 55.03 -24.79 5.94
C ILE M 79 56.49 -25.17 5.67
N GLN M 80 56.70 -25.98 4.65
CA GLN M 80 58.04 -26.40 4.29
C GLN M 80 58.23 -26.50 2.80
N GLY M 81 59.52 -26.46 2.42
CA GLY M 81 59.86 -26.62 1.03
C GLY M 81 61.36 -26.47 0.78
N GLU M 82 61.71 -26.72 -0.44
CA GLU M 82 63.10 -26.71 -0.87
C GLU M 82 63.55 -25.24 -0.94
N LEU M 83 64.77 -24.97 -0.51
CA LEU M 83 65.37 -23.68 -0.77
C LEU M 83 66.49 -23.92 -1.77
N LYS M 84 66.23 -23.69 -3.06
CA LYS M 84 67.21 -23.92 -4.13
C LYS M 84 68.25 -22.79 -4.19
N VAL M 85 69.50 -23.15 -4.47
CA VAL M 85 70.54 -22.13 -4.71
C VAL M 85 70.66 -22.06 -6.22
N ASN M 86 70.38 -20.91 -6.83
CA ASN M 86 70.35 -20.87 -8.30
C ASN M 86 71.75 -20.53 -8.83
N SER M 87 71.95 -20.70 -10.12
CA SER M 87 73.27 -20.49 -10.73
C SER M 87 73.78 -19.04 -10.61
N ASP M 88 72.90 -18.05 -10.50
CA ASP M 88 73.35 -16.69 -10.23
C ASP M 88 73.48 -16.39 -8.75
N GLY M 89 73.43 -17.42 -7.90
CA GLY M 89 73.55 -17.21 -6.44
C GLY M 89 72.28 -16.65 -5.77
N SER M 90 71.21 -16.40 -6.53
CA SER M 90 69.90 -16.19 -5.87
C SER M 90 69.36 -17.51 -5.26
N LEU M 91 68.61 -17.37 -4.15
CA LEU M 91 67.82 -18.47 -3.55
C LEU M 91 66.35 -18.48 -4.04
N THR M 92 65.79 -19.66 -4.32
CA THR M 92 64.35 -19.79 -4.63
C THR M 92 63.69 -20.79 -3.66
N PHE M 93 62.72 -20.30 -2.89
CA PHE M 93 61.88 -21.16 -2.04
C PHE M 93 60.75 -21.72 -2.87
N VAL M 94 60.60 -23.05 -2.82
CA VAL M 94 59.55 -23.74 -3.57
C VAL M 94 58.68 -24.42 -2.51
N GLU M 95 57.59 -23.77 -2.14
CA GLU M 95 56.64 -24.33 -1.14
C GLU M 95 56.18 -25.68 -1.52
N GLU M 96 56.25 -26.61 -0.58
CA GLU M 96 55.79 -27.96 -0.80
C GLU M 96 54.50 -28.32 -0.07
N ASP M 97 54.42 -27.99 1.23
CA ASP M 97 53.28 -28.42 2.04
CA ASP M 97 53.18 -28.26 1.97
C ASP M 97 53.21 -27.60 3.31
N GLY M 98 52.11 -27.78 4.04
CA GLY M 98 51.94 -27.22 5.36
C GLY M 98 50.54 -26.64 5.46
N ILE M 99 50.29 -25.97 6.58
CA ILE M 99 49.07 -25.25 6.84
C ILE M 99 49.23 -23.91 6.11
N ASP M 100 48.91 -23.93 4.82
CA ASP M 100 49.33 -22.93 3.88
C ASP M 100 48.15 -22.01 3.40
N PHE M 101 47.07 -22.02 4.18
CA PHE M 101 45.85 -21.20 3.85
C PHE M 101 45.06 -21.07 5.12
N GLN M 102 44.27 -19.98 5.22
CA GLN M 102 43.27 -19.86 6.26
C GLN M 102 42.15 -19.06 5.66
N PRO M 103 40.88 -19.58 5.75
CA PRO M 103 39.77 -18.66 5.45
C PRO M 103 39.75 -17.56 6.49
N VAL M 104 39.53 -16.32 6.04
CA VAL M 104 39.52 -15.19 6.95
C VAL M 104 38.35 -14.29 6.53
N THR M 105 37.60 -13.81 7.49
CA THR M 105 36.63 -12.78 7.19
C THR M 105 36.96 -11.46 7.91
N VAL M 106 37.03 -10.40 7.13
CA VAL M 106 37.27 -9.07 7.74
C VAL M 106 36.06 -8.23 7.32
N GLN M 107 35.78 -7.21 8.12
CA GLN M 107 34.60 -6.41 7.93
C GLN M 107 34.97 -4.93 7.71
N MET M 108 34.46 -4.36 6.62
CA MET M 108 34.68 -2.92 6.38
C MET M 108 33.76 -2.03 7.15
N ALA M 109 34.17 -0.76 7.21
CA ALA M 109 33.34 0.28 7.79
C ALA M 109 31.99 0.18 7.15
N GLY M 110 30.95 0.14 7.99
CA GLY M 110 29.61 0.06 7.43
C GLY M 110 29.06 -1.37 7.32
N GLY M 111 29.89 -2.39 7.56
CA GLY M 111 29.37 -3.76 7.70
C GLY M 111 29.68 -4.79 6.64
N GLU M 112 30.12 -4.36 5.45
CA GLU M 112 30.40 -5.32 4.37
C GLU M 112 31.49 -6.31 4.84
N ARG M 113 31.16 -7.60 4.75
CA ARG M 113 32.08 -8.64 5.15
C ARG M 113 32.80 -9.16 3.95
N ILE M 114 34.11 -9.27 4.08
CA ILE M 114 34.97 -9.68 2.97
C ILE M 114 35.69 -10.98 3.39
N PRO M 115 35.14 -12.13 2.98
CA PRO M 115 35.88 -13.38 3.20
C PRO M 115 37.00 -13.49 2.16
N LEU M 116 38.12 -14.08 2.58
CA LEU M 116 39.19 -14.42 1.63
C LEU M 116 39.91 -15.72 2.12
N LEU M 117 40.54 -16.37 1.15
CA LEU M 117 41.40 -17.49 1.44
C LEU M 117 42.84 -16.96 1.54
N PHE M 118 43.21 -16.53 2.71
CA PHE M 118 44.55 -16.02 2.92
C PHE M 118 45.55 -17.18 2.74
N THR M 119 46.51 -17.06 1.83
CA THR M 119 47.27 -18.25 1.40
C THR M 119 48.63 -17.94 0.80
N VAL M 120 49.51 -18.95 0.81
CA VAL M 120 50.75 -18.92 0.00
C VAL M 120 50.86 -20.25 -0.76
N LYS M 121 49.70 -20.86 -1.11
CA LYS M 121 49.72 -22.14 -1.81
C LYS M 121 50.58 -22.09 -3.08
N ASN M 122 51.45 -23.09 -3.20
CA ASN M 122 52.40 -23.17 -4.28
C ASN M 122 53.33 -21.92 -4.38
N LEU M 123 53.67 -21.30 -3.27
CA LEU M 123 54.56 -20.16 -3.30
C LEU M 123 55.89 -20.56 -3.99
N VAL M 124 56.34 -19.72 -4.93
CA VAL M 124 57.73 -19.80 -5.50
C VAL M 124 58.30 -18.39 -5.30
N ALA M 125 59.16 -18.25 -4.30
CA ALA M 125 59.73 -16.93 -3.98
C ALA M 125 61.26 -16.92 -4.06
N SER M 126 61.84 -15.83 -4.57
CA SER M 126 63.30 -15.75 -4.88
C SER M 126 63.89 -14.48 -4.30
N THR M 127 65.15 -14.55 -3.90
CA THR M 127 65.91 -13.40 -3.43
C THR M 127 66.59 -12.70 -4.61
N GLN M 128 67.32 -11.63 -4.31
CA GLN M 128 68.29 -11.01 -5.26
C GLN M 128 69.40 -11.99 -5.65
N PRO M 129 70.09 -11.74 -6.80
CA PRO M 129 71.20 -12.66 -7.15
C PRO M 129 72.38 -12.56 -6.16
N ASN M 130 73.33 -13.48 -6.26
CA ASN M 130 74.48 -13.53 -5.36
C ASN M 130 74.19 -13.34 -3.88
N VAL M 131 73.35 -14.21 -3.28
CA VAL M 131 73.09 -14.13 -1.83
C VAL M 131 73.97 -15.15 -1.10
N THR M 132 75.20 -14.75 -0.80
CA THR M 132 76.20 -15.68 -0.29
C THR M 132 76.01 -15.96 1.20
N SER M 133 75.31 -15.03 1.85
CA SER M 133 74.72 -15.26 3.15
C SER M 133 73.32 -14.65 3.20
N ILE M 134 72.41 -15.25 3.98
CA ILE M 134 71.19 -14.58 4.31
C ILE M 134 71.43 -13.59 5.43
N THR M 135 71.09 -12.34 5.18
CA THR M 135 71.35 -11.26 6.14
C THR M 135 70.08 -10.41 6.23
N THR M 136 70.09 -9.39 7.10
CA THR M 136 68.96 -8.48 7.23
C THR M 136 68.75 -7.63 5.99
N SER M 137 69.42 -7.95 4.89
CA SER M 137 69.20 -7.19 3.67
C SER M 137 68.60 -8.10 2.64
N THR M 138 68.50 -9.39 2.97
CA THR M 138 67.85 -10.31 2.04
C THR M 138 66.33 -10.05 1.98
N ASP M 139 65.74 -10.16 0.81
CA ASP M 139 64.30 -10.29 0.78
C ASP M 139 63.94 -11.33 -0.26
N PHE M 140 62.72 -11.87 -0.15
CA PHE M 140 62.22 -12.85 -1.07
C PHE M 140 60.96 -12.24 -1.70
N LYS M 141 60.79 -12.42 -2.99
CA LYS M 141 59.60 -11.97 -3.64
C LYS M 141 59.14 -13.07 -4.54
N GLY M 142 57.83 -13.29 -4.57
CA GLY M 142 57.31 -14.31 -5.45
C GLY M 142 55.80 -14.34 -5.55
N GLU M 143 55.32 -15.41 -6.14
CA GLU M 143 53.95 -15.55 -6.50
C GLU M 143 53.41 -16.85 -5.91
N PHE M 144 52.09 -16.93 -5.70
CA PHE M 144 51.42 -18.12 -5.21
C PHE M 144 50.04 -18.24 -5.92
N ASN M 145 49.37 -19.36 -5.70
CA ASN M 145 48.07 -19.68 -6.32
C ASN M 145 46.95 -19.38 -5.31
N VAL M 146 45.81 -18.87 -5.78
CA VAL M 146 44.68 -18.56 -4.86
C VAL M 146 43.53 -19.32 -5.51
N PRO M 147 43.24 -20.52 -5.02
CA PRO M 147 42.10 -21.26 -5.54
C PRO M 147 40.81 -20.65 -4.96
N SER M 148 39.68 -20.95 -5.57
CA SER M 148 38.36 -20.63 -5.00
C SER M 148 38.30 -20.82 -3.49
N TYR M 149 37.70 -19.85 -2.79
CA TYR M 149 37.62 -19.83 -1.35
C TYR M 149 36.74 -21.03 -0.88
N ARG M 150 35.67 -21.32 -1.64
CA ARG M 150 34.89 -22.57 -1.42
C ARG M 150 35.36 -23.62 -2.46
N THR M 151 35.41 -24.91 -2.11
CA THR M 151 35.77 -25.96 -3.14
C THR M 151 34.54 -26.49 -3.79
N ALA M 152 34.69 -27.45 -4.71
CA ALA M 152 33.65 -27.68 -5.71
C ALA M 152 32.33 -28.30 -5.16
N ASN M 153 32.40 -28.98 -4.00
CA ASN M 153 31.18 -29.55 -3.35
C ASN M 153 30.30 -28.53 -2.61
N PHE M 154 30.86 -27.35 -2.35
CA PHE M 154 30.09 -26.35 -1.57
C PHE M 154 28.72 -26.03 -2.17
N LEU M 155 27.67 -26.15 -1.34
CA LEU M 155 26.29 -25.91 -1.76
C LEU M 155 25.79 -24.58 -1.15
N ASP M 156 25.24 -23.77 -2.05
CA ASP M 156 24.66 -22.51 -1.61
C ASP M 156 23.35 -22.78 -0.78
N PRO M 157 22.77 -21.71 -0.19
CA PRO M 157 21.60 -21.91 0.67
C PRO M 157 20.37 -22.47 -0.07
N LYS M 158 20.39 -22.41 -1.40
CA LYS M 158 19.32 -23.06 -2.16
C LYS M 158 19.73 -24.40 -2.73
N GLY M 159 20.85 -24.98 -2.24
CA GLY M 159 21.19 -26.33 -2.67
C GLY M 159 21.99 -26.42 -3.96
N ARG M 160 22.34 -25.27 -4.55
CA ARG M 160 23.08 -25.23 -5.84
C ARG M 160 24.60 -25.35 -5.65
N GLY M 161 25.28 -26.10 -6.53
CA GLY M 161 26.74 -26.25 -6.38
C GLY M 161 27.43 -26.57 -7.70
N LEU M 162 28.74 -26.72 -7.65
CA LEU M 162 29.50 -27.06 -8.88
C LEU M 162 29.62 -28.57 -9.08
N ALA M 163 30.29 -29.26 -8.14
CA ALA M 163 30.43 -30.74 -8.30
C ALA M 163 29.24 -31.51 -7.64
N SER M 164 28.33 -30.78 -6.99
CA SER M 164 27.14 -31.37 -6.36
C SER M 164 26.06 -30.30 -6.40
N GLY M 165 24.81 -30.67 -6.10
CA GLY M 165 23.77 -29.65 -5.91
C GLY M 165 22.84 -29.53 -7.07
N TYR M 166 21.74 -28.78 -6.91
CA TYR M 166 20.84 -28.53 -8.05
C TYR M 166 21.54 -27.64 -9.08
N ASP M 167 21.03 -27.62 -10.31
CA ASP M 167 21.63 -26.72 -11.31
C ASP M 167 20.64 -25.63 -11.70
N SER M 168 19.60 -25.45 -10.88
CA SER M 168 18.67 -24.39 -11.20
C SER M 168 18.04 -23.91 -9.90
N ALA M 169 17.20 -22.91 -10.00
CA ALA M 169 16.52 -22.25 -8.84
C ALA M 169 15.20 -23.00 -8.75
N ILE M 170 15.21 -24.10 -7.98
CA ILE M 170 14.06 -25.02 -8.03
C ILE M 170 12.86 -24.37 -7.29
N ALA M 171 13.09 -23.37 -6.43
CA ALA M 171 11.93 -22.67 -5.84
C ALA M 171 11.13 -21.75 -6.81
N LEU M 172 11.59 -21.57 -8.04
CA LEU M 172 11.00 -20.63 -8.97
C LEU M 172 10.89 -21.48 -10.22
N PRO M 173 10.11 -22.56 -10.12
CA PRO M 173 10.09 -23.53 -11.20
C PRO M 173 9.86 -22.98 -12.61
N GLN M 174 9.12 -21.89 -12.76
CA GLN M 174 8.85 -21.40 -14.13
C GLN M 174 9.47 -19.99 -14.36
N ALA M 175 10.48 -19.64 -13.54
CA ALA M 175 11.19 -18.37 -13.82
C ALA M 175 12.05 -18.54 -15.10
N LYS M 176 12.24 -17.44 -15.83
CA LYS M 176 13.18 -17.42 -16.95
C LYS M 176 14.62 -17.59 -16.44
N GLU M 177 15.31 -18.60 -16.94
CA GLU M 177 16.63 -19.04 -16.41
C GLU M 177 17.75 -18.05 -16.66
N GLU M 178 17.62 -17.28 -17.74
CA GLU M 178 18.75 -16.40 -18.17
C GLU M 178 19.21 -15.43 -17.11
N GLU M 179 18.26 -14.81 -16.40
CA GLU M 179 18.64 -13.78 -15.40
C GLU M 179 19.30 -14.42 -14.20
N LEU M 180 19.10 -15.72 -14.03
CA LEU M 180 19.64 -16.43 -12.86
C LEU M 180 20.92 -17.23 -13.22
N ALA M 181 21.40 -17.16 -14.48
CA ALA M 181 22.52 -18.04 -14.87
C ALA M 181 23.76 -17.82 -13.97
N ARG M 182 24.07 -16.59 -13.65
CA ARG M 182 25.27 -16.32 -12.86
C ARG M 182 25.20 -16.95 -11.45
N ALA M 183 23.97 -17.09 -10.92
CA ALA M 183 23.80 -17.66 -9.56
C ALA M 183 23.72 -19.17 -9.69
N ASN M 184 23.14 -19.65 -10.81
CA ASN M 184 22.89 -21.07 -10.97
C ASN M 184 24.13 -21.87 -11.39
N VAL M 185 25.02 -21.23 -12.18
CA VAL M 185 26.17 -21.97 -12.78
C VAL M 185 27.37 -21.60 -11.96
N LYS M 186 27.84 -22.48 -11.08
CA LYS M 186 28.92 -22.11 -10.20
C LYS M 186 30.21 -22.24 -10.99
N ARG M 187 31.17 -21.36 -10.68
CA ARG M 187 32.49 -21.32 -11.34
C ARG M 187 33.54 -21.34 -10.27
N PHE M 188 34.66 -21.97 -10.59
CA PHE M 188 35.72 -22.20 -9.62
C PHE M 188 36.91 -21.29 -10.03
N SER M 189 37.22 -20.31 -9.18
CA SER M 189 38.22 -19.30 -9.49
C SER M 189 39.63 -19.84 -9.21
N LEU M 190 40.61 -19.40 -9.99
CA LEU M 190 41.98 -19.72 -9.66
C LEU M 190 42.82 -18.54 -10.20
N THR M 191 43.42 -17.76 -9.29
CA THR M 191 44.11 -16.55 -9.67
C THR M 191 45.50 -16.58 -8.97
N LYS M 192 46.32 -15.57 -9.21
CA LYS M 192 47.65 -15.46 -8.62
C LYS M 192 47.68 -14.38 -7.61
N GLY M 193 48.49 -14.58 -6.58
CA GLY M 193 48.78 -13.57 -5.58
C GLY M 193 50.29 -13.26 -5.62
N GLN M 194 50.73 -12.24 -4.87
CA GLN M 194 52.15 -11.84 -4.85
C GLN M 194 52.53 -11.56 -3.41
N ILE M 195 53.77 -11.85 -3.04
CA ILE M 195 54.16 -11.59 -1.66
C ILE M 195 55.63 -11.14 -1.63
N SER M 196 55.94 -10.24 -0.70
CA SER M 196 57.30 -9.89 -0.36
C SER M 196 57.53 -10.23 1.08
N LEU M 197 58.70 -10.84 1.32
CA LEU M 197 59.17 -11.21 2.62
C LEU M 197 60.43 -10.34 2.89
N ASN M 198 60.43 -9.56 3.94
CA ASN M 198 61.56 -8.67 4.21
C ASN M 198 62.25 -9.11 5.49
N VAL M 199 63.45 -9.68 5.39
CA VAL M 199 64.17 -10.17 6.59
C VAL M 199 64.58 -9.02 7.49
N ALA M 200 64.32 -9.11 8.79
CA ALA M 200 64.74 -8.05 9.72
C ALA M 200 65.71 -8.59 10.76
N LYS M 201 65.77 -9.92 10.86
CA LYS M 201 66.53 -10.59 11.89
C LYS M 201 66.97 -11.92 11.37
N VAL M 202 68.22 -12.29 11.67
CA VAL M 202 68.87 -13.56 11.24
C VAL M 202 69.73 -14.03 12.42
N ASP M 203 69.53 -15.27 12.84
CA ASP M 203 70.45 -15.93 13.76
C ASP M 203 71.33 -16.82 12.84
N GLY M 204 72.51 -16.29 12.50
CA GLY M 204 73.61 -17.06 11.89
C GLY M 204 73.80 -18.48 12.44
N ARG M 205 73.79 -18.66 13.76
CA ARG M 205 74.04 -19.97 14.31
C ARG M 205 72.89 -20.99 14.13
N THR M 206 71.62 -20.55 14.22
CA THR M 206 70.52 -21.52 14.18
C THR M 206 69.86 -21.66 12.82
N GLY M 207 70.18 -20.79 11.88
CA GLY M 207 69.50 -20.75 10.57
C GLY M 207 68.09 -20.12 10.58
N GLU M 208 67.69 -19.58 11.73
CA GLU M 208 66.42 -18.88 11.87
C GLU M 208 66.44 -17.44 11.38
N ILE M 209 65.39 -17.08 10.64
CA ILE M 209 65.16 -15.70 10.16
C ILE M 209 63.72 -15.27 10.43
N ALA M 210 63.53 -13.96 10.63
CA ALA M 210 62.21 -13.35 10.90
C ALA M 210 62.16 -12.02 10.21
N GLY M 211 60.96 -11.60 9.84
CA GLY M 211 60.82 -10.28 9.24
C GLY M 211 59.37 -9.87 9.11
N THR M 212 59.09 -9.07 8.10
CA THR M 212 57.74 -8.55 7.85
C THR M 212 57.40 -9.01 6.47
N PHE M 213 56.11 -9.22 6.19
CA PHE M 213 55.76 -9.53 4.80
C PHE M 213 54.62 -8.64 4.36
N GLU M 214 54.37 -8.62 3.05
CA GLU M 214 53.18 -8.00 2.58
C GLU M 214 52.81 -8.83 1.41
N SER M 215 51.53 -9.24 1.36
CA SER M 215 51.06 -10.01 0.18
CA SER M 215 51.02 -10.04 0.24
C SER M 215 49.83 -9.34 -0.41
N GLU M 216 49.55 -9.65 -1.66
CA GLU M 216 48.40 -9.08 -2.30
C GLU M 216 47.71 -10.20 -3.07
N GLN M 217 46.39 -10.27 -2.90
CA GLN M 217 45.60 -11.31 -3.56
C GLN M 217 44.15 -10.92 -3.59
N LEU M 218 43.36 -11.67 -4.38
CA LEU M 218 41.91 -11.48 -4.45
C LEU M 218 41.16 -12.19 -3.33
N SER M 219 40.01 -11.62 -2.96
CA SER M 219 39.19 -12.27 -1.95
C SER M 219 38.21 -13.26 -2.60
N ASP M 220 37.28 -13.75 -1.80
CA ASP M 220 36.28 -14.69 -2.30
C ASP M 220 35.37 -14.09 -3.35
N ASP M 221 35.08 -14.87 -4.37
CA ASP M 221 34.15 -14.41 -5.35
C ASP M 221 32.80 -15.20 -5.30
N ASP M 222 32.59 -16.00 -4.27
CA ASP M 222 31.34 -16.80 -4.11
C ASP M 222 31.03 -17.64 -5.31
N MET M 223 32.02 -18.43 -5.73
CA MET M 223 31.88 -19.35 -6.87
CA MET M 223 31.83 -19.38 -6.84
C MET M 223 31.33 -18.68 -8.09
N GLY M 224 31.82 -17.47 -8.30
CA GLY M 224 31.53 -16.72 -9.47
C GLY M 224 30.27 -15.87 -9.43
N ALA M 225 29.63 -15.77 -8.26
CA ALA M 225 28.41 -14.96 -8.17
C ALA M 225 28.70 -13.46 -8.13
N HIS M 226 29.89 -13.05 -7.69
CA HIS M 226 30.18 -11.62 -7.65
C HIS M 226 31.68 -11.37 -7.85
N GLU M 227 32.07 -10.10 -7.98
CA GLU M 227 33.47 -9.76 -8.23
C GLU M 227 34.19 -9.81 -6.91
N PRO M 228 35.42 -10.35 -6.94
CA PRO M 228 36.21 -10.39 -5.72
C PRO M 228 36.80 -9.00 -5.40
N HIS M 229 37.28 -8.78 -4.18
CA HIS M 229 37.94 -7.53 -3.86
C HIS M 229 39.43 -7.77 -3.87
N GLU M 230 40.21 -6.69 -3.90
CA GLU M 230 41.67 -6.83 -3.82
C GLU M 230 42.03 -6.66 -2.37
N VAL M 231 42.88 -7.55 -1.87
CA VAL M 231 43.21 -7.48 -0.43
C VAL M 231 44.73 -7.32 -0.28
N LYS M 232 45.17 -6.61 0.73
CA LYS M 232 46.59 -6.56 0.97
C LYS M 232 46.77 -7.02 2.38
N ILE M 233 47.63 -8.03 2.59
CA ILE M 233 47.83 -8.53 3.95
C ILE M 233 49.25 -8.18 4.39
N GLN M 234 49.41 -7.70 5.62
CA GLN M 234 50.70 -7.34 6.14
C GLN M 234 50.87 -8.08 7.45
N GLY M 235 52.09 -8.53 7.69
CA GLY M 235 52.34 -9.08 9.02
C GLY M 235 53.83 -9.43 9.20
N VAL M 236 54.07 -10.34 10.14
CA VAL M 236 55.39 -10.82 10.45
C VAL M 236 55.53 -12.28 10.02
N PHE M 237 56.78 -12.67 9.77
CA PHE M 237 57.09 -14.08 9.41
C PHE M 237 58.29 -14.61 10.17
N TYR M 238 58.38 -15.93 10.19
CA TYR M 238 59.53 -16.64 10.76
C TYR M 238 59.84 -17.77 9.84
N ALA M 239 61.12 -18.01 9.59
CA ALA M 239 61.49 -19.25 8.92
C ALA M 239 62.76 -19.91 9.55
N SER M 240 62.82 -21.24 9.53
CA SER M 240 64.07 -21.96 9.88
C SER M 240 64.60 -22.64 8.62
N ILE M 241 65.79 -22.19 8.21
CA ILE M 241 66.54 -22.73 7.10
C ILE M 241 67.42 -23.86 7.64
N GLU M 242 67.48 -24.95 6.88
CA GLU M 242 68.28 -26.12 7.25
C GLU M 242 69.02 -26.66 6.05
N PRO M 243 70.29 -27.12 6.25
CA PRO M 243 70.85 -28.02 5.23
C PRO M 243 69.96 -29.26 5.20
N ALA M 244 69.74 -29.86 4.03
CA ALA M 244 68.90 -31.04 3.96
C ALA M 244 69.39 -32.00 2.88
N FME N 1 9.41 -1.02 4.79
CN FME N 1 10.42 -1.05 5.64
O1 FME N 1 10.26 -1.37 6.83
CA FME N 1 8.02 -0.94 5.19
CB FME N 1 7.06 -0.80 3.98
CG FME N 1 6.91 -1.98 3.03
SD FME N 1 5.63 -1.68 1.80
CE FME N 1 5.94 0.01 1.32
C FME N 1 7.58 -2.19 6.01
O FME N 1 6.79 -2.06 6.93
N GLU N 2 8.10 -3.37 5.64
CA GLU N 2 7.65 -4.62 6.30
C GLU N 2 8.24 -4.62 7.70
N THR N 3 9.52 -4.28 7.80
CA THR N 3 10.16 -4.28 9.12
C THR N 3 9.47 -3.30 10.04
N ILE N 4 9.23 -2.09 9.52
CA ILE N 4 8.48 -1.07 10.28
C ILE N 4 7.15 -1.68 10.75
N THR N 5 6.39 -2.32 9.84
CA THR N 5 5.13 -2.92 10.28
C THR N 5 5.26 -3.93 11.43
N TYR N 6 6.24 -4.86 11.33
CA TYR N 6 6.44 -5.89 12.36
C TYR N 6 6.78 -5.22 13.67
N VAL N 7 7.68 -4.24 13.59
CA VAL N 7 8.15 -3.63 14.87
C VAL N 7 7.02 -2.78 15.47
N PHE N 8 6.30 -2.05 14.63
CA PHE N 8 5.10 -1.33 15.05
C PHE N 8 4.06 -2.22 15.78
N ILE N 9 3.73 -3.41 15.23
CA ILE N 9 2.77 -4.29 15.90
C ILE N 9 3.32 -4.78 17.22
N PHE N 10 4.57 -5.16 17.21
CA PHE N 10 5.21 -5.58 18.46
C PHE N 10 5.14 -4.48 19.52
N ALA N 11 5.49 -3.24 19.14
CA ALA N 11 5.55 -2.10 20.12
C ALA N 11 4.11 -1.83 20.65
N CYS N 12 3.10 -1.97 19.78
CA CYS N 12 1.73 -1.83 20.26
C CYS N 12 1.38 -2.89 21.31
N ILE N 13 1.88 -4.12 21.11
CA ILE N 13 1.55 -5.21 22.00
C ILE N 13 2.25 -4.90 23.35
N ILE N 14 3.47 -4.42 23.26
CA ILE N 14 4.17 -4.05 24.54
C ILE N 14 3.45 -2.94 25.32
N ALA N 15 3.00 -1.93 24.58
CA ALA N 15 2.18 -0.87 25.20
C ALA N 15 0.93 -1.45 25.81
N LEU N 16 0.29 -2.36 25.09
CA LEU N 16 -0.90 -2.98 25.58
C LEU N 16 -0.67 -3.72 26.90
N PHE N 17 0.45 -4.44 27.02
CA PHE N 17 0.81 -5.07 28.27
C PHE N 17 0.85 -4.05 29.43
N PHE N 18 1.47 -2.91 29.15
CA PHE N 18 1.60 -1.83 30.17
C PHE N 18 0.20 -1.37 30.66
N PHE N 19 -0.71 -1.14 29.73
CA PHE N 19 -2.01 -0.66 30.13
C PHE N 19 -2.80 -1.77 30.79
N ALA N 20 -2.67 -2.99 30.25
CA ALA N 20 -3.45 -4.12 30.81
C ALA N 20 -3.07 -4.42 32.25
N ILE N 21 -1.82 -4.13 32.59
CA ILE N 21 -1.31 -4.36 33.95
C ILE N 21 -1.59 -3.12 34.82
N PHE N 22 -1.00 -1.98 34.46
CA PHE N 22 -1.07 -0.83 35.36
C PHE N 22 -2.38 -0.06 35.26
N PHE N 23 -3.11 -0.19 34.14
CA PHE N 23 -4.34 0.50 34.00
C PHE N 23 -5.48 -0.47 33.79
N ARG N 24 -5.41 -1.61 34.51
CA ARG N 24 -6.49 -2.60 34.48
C ARG N 24 -7.68 -2.05 35.22
N GLU N 25 -8.88 -2.55 34.92
CA GLU N 25 -10.00 -2.34 35.85
C GLU N 25 -9.68 -3.09 37.17
N PRO N 26 -9.72 -2.39 38.32
CA PRO N 26 -9.24 -3.09 39.53
C PRO N 26 -10.27 -4.13 39.96
N PRO N 27 -9.81 -5.32 40.40
CA PRO N 27 -10.75 -6.31 40.92
C PRO N 27 -11.26 -5.83 42.30
N ARG N 28 -12.56 -5.93 42.52
CA ARG N 28 -13.21 -5.40 43.74
C ARG N 28 -13.99 -6.53 44.39
N ILE N 29 -13.77 -6.78 45.69
CA ILE N 29 -14.69 -7.67 46.43
C ILE N 29 -16.02 -6.93 46.63
N THR N 30 -17.10 -7.41 45.99
CA THR N 30 -18.43 -6.76 46.04
C THR N 30 -19.50 -7.69 45.48
N GLU O 8 28.70 -17.50 -22.53
CA GLU O 8 27.92 -18.46 -21.70
C GLU O 8 28.77 -18.97 -20.54
N LEU O 9 28.15 -19.07 -19.37
CA LEU O 9 28.80 -19.62 -18.17
C LEU O 9 28.66 -21.14 -18.30
N VAL O 10 29.67 -21.88 -17.89
CA VAL O 10 29.61 -23.35 -18.06
C VAL O 10 29.92 -24.00 -16.71
N ASN O 11 29.15 -25.03 -16.35
CA ASN O 11 29.54 -25.88 -15.24
C ASN O 11 30.68 -26.84 -15.72
N VAL O 12 31.89 -26.68 -15.19
CA VAL O 12 33.02 -27.41 -15.81
C VAL O 12 33.01 -28.92 -15.51
N VAL O 13 32.33 -29.31 -14.42
CA VAL O 13 32.27 -30.74 -14.08
C VAL O 13 31.29 -31.40 -15.03
N ASP O 14 30.12 -30.79 -15.22
CA ASP O 14 29.15 -31.42 -16.17
C ASP O 14 29.79 -31.56 -17.56
N GLU O 15 30.46 -30.50 -17.99
CA GLU O 15 31.12 -30.50 -19.29
C GLU O 15 32.17 -31.64 -19.37
N LYS O 16 32.95 -31.82 -18.30
CA LYS O 16 33.94 -32.90 -18.25
C LYS O 16 33.30 -34.27 -18.40
N LEU O 17 32.06 -34.40 -17.95
CA LEU O 17 31.35 -35.68 -18.07
C LEU O 17 31.07 -36.05 -19.52
N GLY O 18 31.10 -35.08 -20.44
CA GLY O 18 30.90 -35.46 -21.85
C GLY O 18 32.24 -35.73 -22.56
N THR O 19 33.35 -35.70 -21.83
CA THR O 19 34.61 -36.14 -22.43
C THR O 19 34.93 -37.59 -21.93
N ALA O 20 36.14 -38.08 -22.22
CA ALA O 20 36.56 -39.41 -21.77
C ALA O 20 36.56 -39.53 -20.23
N TYR O 21 36.67 -38.40 -19.54
CA TYR O 21 36.58 -38.37 -18.06
C TYR O 21 35.25 -39.06 -17.61
N GLY O 22 34.23 -38.98 -18.45
CA GLY O 22 32.92 -39.58 -18.16
C GLY O 22 32.80 -41.06 -18.53
N GLU O 23 33.90 -41.61 -19.08
CA GLU O 23 33.92 -42.97 -19.61
C GLU O 23 35.00 -43.84 -19.01
N LYS O 24 36.07 -43.27 -18.44
CA LYS O 24 37.23 -44.05 -17.98
C LYS O 24 37.77 -43.39 -16.77
N ILE O 25 38.76 -44.03 -16.14
CA ILE O 25 39.51 -43.40 -15.07
C ILE O 25 40.50 -42.42 -15.67
N ASP O 26 40.30 -41.15 -15.38
CA ASP O 26 41.15 -40.10 -15.91
C ASP O 26 42.30 -39.95 -14.96
N LEU O 27 43.49 -40.35 -15.40
CA LEU O 27 44.65 -40.29 -14.52
C LEU O 27 44.98 -38.92 -14.04
N ASN O 28 44.47 -37.90 -14.73
CA ASN O 28 44.76 -36.52 -14.32
C ASN O 28 43.75 -35.87 -13.39
N ASN O 29 42.59 -36.50 -13.22
CA ASN O 29 41.44 -35.85 -12.55
C ASN O 29 40.64 -36.77 -11.65
N THR O 30 40.47 -38.03 -12.05
CA THR O 30 39.51 -38.88 -11.34
C THR O 30 39.91 -39.06 -9.85
N ASN O 31 38.93 -38.99 -8.95
CA ASN O 31 39.19 -39.34 -7.56
C ASN O 31 39.69 -40.80 -7.38
N ILE O 32 40.56 -41.00 -6.39
CA ILE O 32 41.36 -42.21 -6.21
C ILE O 32 40.56 -43.49 -5.92
N ALA O 33 39.29 -43.38 -5.44
CA ALA O 33 38.50 -44.57 -5.09
C ALA O 33 38.09 -45.26 -6.39
N ALA O 34 38.14 -44.50 -7.48
CA ALA O 34 37.75 -45.11 -8.77
C ALA O 34 38.64 -46.32 -9.21
N PHE O 35 39.84 -46.39 -8.68
CA PHE O 35 40.81 -47.45 -9.02
C PHE O 35 40.46 -48.80 -8.36
N ILE O 36 39.48 -48.77 -7.45
CA ILE O 36 38.94 -50.00 -6.82
C ILE O 36 38.18 -50.81 -7.85
N GLN O 37 37.76 -50.15 -8.93
CA GLN O 37 37.00 -50.85 -9.97
C GLN O 37 37.73 -52.02 -10.65
N TYR O 38 39.06 -52.02 -10.62
CA TYR O 38 39.85 -53.00 -11.40
C TYR O 38 40.82 -53.69 -10.53
N ARG O 39 41.01 -54.98 -10.79
CA ARG O 39 41.94 -55.75 -9.99
C ARG O 39 43.32 -55.18 -9.94
N GLY O 40 43.86 -55.09 -8.74
CA GLY O 40 45.26 -54.80 -8.60
C GLY O 40 45.70 -53.33 -8.51
N LEU O 41 44.76 -52.40 -8.72
CA LEU O 41 45.17 -50.97 -8.77
C LEU O 41 45.23 -50.26 -7.42
N TYR O 42 44.46 -50.74 -6.44
CA TYR O 42 44.25 -49.96 -5.17
C TYR O 42 44.76 -50.73 -3.95
N PRO O 43 45.48 -50.09 -3.01
CA PRO O 43 45.74 -48.65 -2.96
C PRO O 43 47.12 -48.29 -3.55
N THR O 44 47.95 -49.29 -3.86
CA THR O 44 49.41 -49.01 -4.04
C THR O 44 49.70 -48.26 -5.31
N LEU O 45 49.21 -48.79 -6.39
CA LEU O 45 49.33 -48.09 -7.68
C LEU O 45 48.50 -46.79 -7.77
N ALA O 46 47.26 -46.82 -7.25
CA ALA O 46 46.36 -45.65 -7.24
C ALA O 46 47.10 -44.46 -6.63
N LYS O 47 47.74 -44.71 -5.50
CA LYS O 47 48.51 -43.65 -4.81
C LYS O 47 49.69 -43.11 -5.65
N LEU O 48 50.47 -44.04 -6.23
CA LEU O 48 51.55 -43.66 -7.14
C LEU O 48 51.00 -42.87 -8.35
N ILE O 49 49.92 -43.36 -8.95
CA ILE O 49 49.37 -42.64 -10.08
C ILE O 49 48.90 -41.20 -9.74
N VAL O 50 48.12 -41.07 -8.67
CA VAL O 50 47.63 -39.70 -8.35
C VAL O 50 48.85 -38.83 -8.00
N LYS O 51 49.76 -39.41 -7.26
CA LYS O 51 50.90 -38.66 -6.79
C LYS O 51 51.79 -38.13 -7.95
N ASN O 52 51.83 -38.83 -9.10
CA ASN O 52 52.74 -38.50 -10.21
C ASN O 52 52.03 -37.82 -11.39
N ALA O 53 50.73 -37.52 -11.20
CA ALA O 53 49.89 -36.90 -12.22
C ALA O 53 50.33 -35.45 -12.34
N PRO O 54 50.05 -34.79 -13.45
CA PRO O 54 49.34 -35.16 -14.69
C PRO O 54 50.24 -35.89 -15.72
N TYR O 55 49.63 -36.55 -16.68
CA TYR O 55 50.36 -37.33 -17.66
C TYR O 55 49.90 -36.79 -19.00
N GLU O 56 50.84 -36.59 -19.96
CA GLU O 56 50.49 -36.18 -21.32
C GLU O 56 49.73 -37.26 -22.06
N SER O 57 50.01 -38.52 -21.77
CA SER O 57 49.26 -39.64 -22.38
C SER O 57 49.19 -40.75 -21.38
N VAL O 58 48.26 -41.65 -21.60
CA VAL O 58 48.05 -42.80 -20.70
C VAL O 58 49.34 -43.64 -20.47
N GLU O 59 50.06 -43.93 -21.56
CA GLU O 59 51.30 -44.76 -21.48
C GLU O 59 52.33 -44.18 -20.51
N ASP O 60 52.29 -42.87 -20.28
CA ASP O 60 53.31 -42.27 -19.41
C ASP O 60 53.22 -42.77 -18.01
N VAL O 61 52.09 -43.39 -17.66
CA VAL O 61 51.93 -43.97 -16.34
C VAL O 61 52.97 -45.09 -16.10
N LEU O 62 53.35 -45.78 -17.17
CA LEU O 62 54.47 -46.74 -17.15
C LEU O 62 55.84 -46.16 -16.75
N ASN O 63 55.99 -44.84 -16.81
CA ASN O 63 57.26 -44.20 -16.47
C ASN O 63 57.47 -43.77 -15.03
N ILE O 64 56.54 -44.10 -14.14
CA ILE O 64 56.68 -43.71 -12.76
C ILE O 64 57.86 -44.48 -12.15
N PRO O 65 58.79 -43.77 -11.47
CA PRO O 65 59.96 -44.38 -10.83
C PRO O 65 59.64 -45.40 -9.75
N GLY O 66 60.42 -46.48 -9.70
CA GLY O 66 60.44 -47.40 -8.56
C GLY O 66 59.51 -48.58 -8.75
N LEU O 67 58.71 -48.51 -9.80
CA LEU O 67 57.72 -49.55 -10.14
C LEU O 67 58.38 -50.93 -10.25
N THR O 68 57.72 -51.96 -9.76
CA THR O 68 58.21 -53.33 -9.94
C THR O 68 57.72 -53.82 -11.30
N GLU O 69 58.23 -54.97 -11.75
CA GLU O 69 57.81 -55.49 -13.05
C GLU O 69 56.38 -55.92 -13.01
N ARG O 70 55.98 -56.51 -11.90
CA ARG O 70 54.58 -56.94 -11.72
C ARG O 70 53.68 -55.67 -11.83
N GLN O 71 54.08 -54.60 -11.14
CA GLN O 71 53.30 -53.34 -11.21
C GLN O 71 53.16 -52.81 -12.61
N LYS O 72 54.27 -52.80 -13.37
CA LYS O 72 54.13 -52.39 -14.80
C LYS O 72 53.20 -53.25 -15.56
N GLN O 73 53.20 -54.56 -15.28
CA GLN O 73 52.36 -55.42 -16.05
C GLN O 73 50.89 -55.13 -15.73
N ILE O 74 50.60 -54.94 -14.43
CA ILE O 74 49.24 -54.57 -13.99
C ILE O 74 48.83 -53.26 -14.72
N LEU O 75 49.72 -52.26 -14.69
CA LEU O 75 49.42 -51.04 -15.48
C LEU O 75 49.11 -51.30 -16.94
N ARG O 76 49.90 -52.13 -17.67
CA ARG O 76 49.62 -52.42 -19.13
C ARG O 76 48.28 -53.08 -19.39
N GLU O 77 47.91 -54.00 -18.50
CA GLU O 77 46.64 -54.69 -18.57
C GLU O 77 45.45 -53.73 -18.35
N ASN O 78 45.72 -52.61 -17.69
CA ASN O 78 44.64 -51.66 -17.36
C ASN O 78 44.63 -50.35 -18.14
N LEU O 79 45.57 -50.17 -19.08
CA LEU O 79 45.63 -48.92 -19.85
C LEU O 79 44.35 -48.70 -20.59
N GLU O 80 43.69 -49.76 -21.05
CA GLU O 80 42.44 -49.58 -21.81
C GLU O 80 41.31 -49.02 -20.90
N HIS O 81 41.55 -48.97 -19.58
CA HIS O 81 40.52 -48.41 -18.66
C HIS O 81 40.85 -46.99 -18.26
N PHE O 82 42.01 -46.50 -18.71
CA PHE O 82 42.51 -45.18 -18.38
C PHE O 82 42.31 -44.19 -19.50
N THR O 83 42.27 -42.89 -19.15
CA THR O 83 42.33 -41.82 -20.13
C THR O 83 43.10 -40.71 -19.49
N VAL O 84 43.37 -39.67 -20.26
CA VAL O 84 43.89 -38.44 -19.67
C VAL O 84 43.15 -37.29 -20.35
N THR O 85 42.78 -36.26 -19.57
CA THR O 85 42.26 -35.04 -20.16
C THR O 85 42.91 -33.92 -19.40
N GLU O 86 42.68 -32.69 -19.82
CA GLU O 86 43.36 -31.56 -19.13
C GLU O 86 43.03 -31.51 -17.65
N VAL O 87 43.95 -31.05 -16.82
CA VAL O 87 43.69 -31.04 -15.42
C VAL O 87 42.56 -30.03 -15.20
N GLU O 88 41.52 -30.40 -14.43
CA GLU O 88 40.42 -29.48 -14.06
C GLU O 88 40.65 -29.08 -12.63
N THR O 89 40.96 -27.80 -12.44
CA THR O 89 41.19 -27.23 -11.11
C THR O 89 40.05 -27.62 -10.15
N ALA O 90 38.80 -27.62 -10.62
CA ALA O 90 37.67 -27.90 -9.67
C ALA O 90 37.70 -29.35 -9.08
N LEU O 91 38.35 -30.27 -9.78
CA LEU O 91 38.40 -31.68 -9.42
C LEU O 91 39.64 -32.01 -8.58
N VAL O 92 40.69 -31.17 -8.60
CA VAL O 92 41.98 -31.51 -7.98
C VAL O 92 42.35 -30.63 -6.85
N GLU O 93 41.68 -29.49 -6.77
CA GLU O 93 41.86 -28.70 -5.57
C GLU O 93 41.19 -29.42 -4.38
N GLY O 94 41.44 -28.89 -3.21
CA GLY O 94 40.78 -29.35 -2.01
C GLY O 94 41.27 -30.72 -1.53
N GLY O 95 42.37 -31.22 -2.12
CA GLY O 95 42.75 -32.60 -1.88
C GLY O 95 41.63 -33.51 -2.39
N ASP O 96 40.77 -33.00 -3.26
CA ASP O 96 39.62 -33.84 -3.67
C ASP O 96 39.90 -35.17 -4.37
N ARG O 97 41.08 -35.33 -4.98
CA ARG O 97 41.37 -36.62 -5.63
C ARG O 97 41.56 -37.75 -4.59
N TYR O 98 41.91 -37.36 -3.36
CA TYR O 98 42.07 -38.28 -2.26
C TYR O 98 40.77 -38.48 -1.46
N ASN O 99 39.98 -37.41 -1.29
CA ASN O 99 38.71 -37.50 -0.53
C ASN O 99 37.78 -36.47 -1.16
N ASN O 100 36.80 -36.91 -1.97
CA ASN O 100 35.92 -36.00 -2.68
C ASN O 100 34.51 -35.81 -1.99
N GLY O 101 34.48 -36.04 -0.67
CA GLY O 101 33.28 -35.92 0.17
C GLY O 101 32.23 -37.00 -0.07
N LEU O 102 32.53 -38.00 -0.91
CA LEU O 102 31.57 -39.10 -1.16
C LEU O 102 32.02 -40.34 -0.37
N TYR O 103 31.12 -40.87 0.45
CA TYR O 103 31.30 -42.17 1.06
C TYR O 103 30.21 -43.05 0.45
N LYS O 104 29.65 -43.98 1.20
CA LYS O 104 28.45 -44.71 0.63
C LYS O 104 27.22 -43.78 0.60
N ALA P 1 9.07 -67.16 0.09
CA ALA P 1 10.52 -67.32 -0.27
C ALA P 1 11.09 -68.00 0.94
N GLU P 2 12.16 -68.79 0.78
CA GLU P 2 12.78 -69.52 1.92
C GLU P 2 14.27 -69.48 1.81
N LEU P 3 14.92 -69.78 2.92
CA LEU P 3 16.34 -69.86 2.95
C LEU P 3 16.68 -71.32 2.55
N THR P 4 16.78 -71.57 1.25
CA THR P 4 16.94 -72.95 0.75
C THR P 4 18.40 -73.43 0.70
N PRO P 5 18.61 -74.77 0.54
CA PRO P 5 19.98 -75.25 0.35
C PRO P 5 20.70 -74.53 -0.79
N GLU P 6 19.99 -74.21 -1.86
CA GLU P 6 20.59 -73.45 -2.98
C GLU P 6 21.10 -72.05 -2.57
N VAL P 7 20.28 -71.30 -1.82
CA VAL P 7 20.70 -69.97 -1.36
C VAL P 7 21.94 -70.21 -0.51
N LEU P 8 21.94 -71.31 0.27
CA LEU P 8 23.08 -71.61 1.18
C LEU P 8 24.30 -72.26 0.50
N THR P 9 24.25 -72.36 -0.82
CA THR P 9 25.39 -72.94 -1.56
C THR P 9 26.24 -71.84 -2.15
N VAL P 10 27.50 -71.80 -1.73
CA VAL P 10 28.43 -70.72 -2.07
C VAL P 10 29.78 -71.30 -2.46
N PRO P 11 30.59 -70.50 -3.17
CA PRO P 11 31.88 -71.00 -3.63
C PRO P 11 32.83 -71.29 -2.53
N LEU P 12 33.38 -72.50 -2.59
CA LEU P 12 34.35 -72.88 -1.63
C LEU P 12 35.70 -72.30 -2.04
N ASN P 13 36.03 -72.36 -3.33
CA ASN P 13 37.38 -71.95 -3.73
C ASN P 13 37.34 -71.28 -5.05
N SER P 14 38.50 -70.92 -5.59
CA SER P 14 38.47 -70.25 -6.89
C SER P 14 38.32 -71.23 -8.03
N GLU P 15 38.36 -72.53 -7.73
CA GLU P 15 38.39 -73.53 -8.78
C GLU P 15 37.05 -74.15 -9.08
N GLY P 16 35.95 -73.49 -8.74
CA GLY P 16 34.61 -74.05 -9.02
C GLY P 16 33.93 -74.98 -8.01
N LYS P 17 34.56 -75.29 -6.88
CA LYS P 17 33.91 -76.14 -5.87
C LYS P 17 33.00 -75.28 -4.98
N THR P 18 31.84 -75.79 -4.62
CA THR P 18 30.91 -75.10 -3.71
C THR P 18 30.78 -75.91 -2.45
N ILE P 19 30.24 -75.28 -1.42
CA ILE P 19 29.88 -75.92 -0.19
C ILE P 19 28.45 -75.44 0.14
N THR P 20 27.64 -76.34 0.68
CA THR P 20 26.26 -75.99 1.04
C THR P 20 26.23 -75.91 2.53
N LEU P 21 25.94 -74.73 3.06
CA LEU P 21 26.02 -74.53 4.50
C LEU P 21 24.67 -74.95 5.01
N THR P 22 24.65 -75.40 6.26
CA THR P 22 23.41 -75.73 6.91
C THR P 22 22.78 -74.47 7.48
N GLU P 23 21.48 -74.59 7.74
CA GLU P 23 20.79 -73.51 8.42
C GLU P 23 21.48 -73.07 9.73
N LYS P 24 21.97 -74.03 10.51
CA LYS P 24 22.68 -73.70 11.74
C LYS P 24 24.02 -72.94 11.53
N GLN P 25 24.75 -73.28 10.46
CA GLN P 25 25.94 -72.54 10.10
C GLN P 25 25.58 -71.13 9.68
N TYR P 26 24.50 -70.97 8.93
CA TYR P 26 24.03 -69.62 8.54
C TYR P 26 23.75 -68.77 9.82
N LEU P 27 23.02 -69.34 10.78
CA LEU P 27 22.74 -68.62 12.02
C LEU P 27 24.00 -68.33 12.78
N GLU P 28 24.93 -69.31 12.83
CA GLU P 28 26.17 -69.08 13.59
C GLU P 28 26.94 -67.93 12.92
N GLY P 29 26.93 -67.93 11.59
CA GLY P 29 27.68 -66.92 10.79
C GLY P 29 27.13 -65.49 11.06
N LYS P 30 25.80 -65.31 10.99
CA LYS P 30 25.17 -64.04 11.42
C LYS P 30 25.65 -63.64 12.83
N ARG P 31 25.61 -64.58 13.77
CA ARG P 31 25.88 -64.25 15.19
C ARG P 31 27.34 -63.81 15.35
N LEU P 32 28.22 -64.56 14.70
CA LEU P 32 29.66 -64.35 14.87
C LEU P 32 30.06 -63.07 14.09
N PHE P 33 29.45 -62.86 12.93
CA PHE P 33 29.72 -61.62 12.16
C PHE P 33 29.28 -60.39 13.04
N GLN P 34 28.12 -60.49 13.67
CA GLN P 34 27.68 -59.44 14.61
C GLN P 34 28.67 -59.26 15.76
N TYR P 35 29.11 -60.36 16.32
CA TYR P 35 30.02 -60.37 17.46
C TYR P 35 31.37 -59.74 17.13
N ALA P 36 31.94 -60.09 15.99
CA ALA P 36 33.33 -59.66 15.77
C ALA P 36 33.48 -58.58 14.71
N CYS P 37 32.51 -58.42 13.80
CA CYS P 37 32.75 -57.60 12.61
C CYS P 37 31.79 -56.44 12.38
N ALA P 38 30.57 -56.54 12.88
CA ALA P 38 29.49 -55.61 12.47
C ALA P 38 29.72 -54.19 13.02
N SER P 39 30.49 -54.04 14.11
CA SER P 39 30.84 -52.69 14.58
C SER P 39 31.45 -51.83 13.41
N CYS P 40 32.16 -52.45 12.47
CA CYS P 40 32.67 -51.66 11.32
C CYS P 40 31.94 -52.06 10.07
N HIS P 41 31.49 -53.32 10.03
CA HIS P 41 30.90 -53.79 8.76
C HIS P 41 29.42 -54.04 8.72
N VAL P 42 28.63 -53.43 9.60
CA VAL P 42 27.16 -53.53 9.51
C VAL P 42 26.55 -53.42 8.11
N GLY P 43 25.75 -54.38 7.68
CA GLY P 43 25.07 -54.17 6.39
C GLY P 43 25.95 -54.36 5.13
N GLY P 44 27.19 -54.81 5.33
CA GLY P 44 28.13 -55.06 4.23
C GLY P 44 29.01 -53.86 3.80
N ILE P 45 28.93 -52.72 4.51
CA ILE P 45 29.81 -51.58 4.15
C ILE P 45 31.01 -51.67 5.05
N THR P 46 31.85 -50.63 5.06
CA THR P 46 32.94 -50.60 6.05
C THR P 46 33.01 -49.18 6.61
N LYS P 47 32.78 -48.99 7.92
CA LYS P 47 32.62 -47.62 8.43
C LYS P 47 33.92 -46.83 8.45
N THR P 48 35.04 -47.51 8.74
CA THR P 48 36.30 -46.86 8.74
C THR P 48 36.98 -46.79 7.38
N ASN P 49 36.35 -47.35 6.33
CA ASN P 49 36.86 -47.05 5.02
C ASN P 49 35.77 -47.38 4.02
N PRO P 50 34.84 -46.44 3.81
CA PRO P 50 33.63 -46.77 3.01
C PRO P 50 33.92 -47.09 1.59
N SER P 51 35.13 -46.81 1.12
CA SER P 51 35.45 -47.14 -0.28
C SER P 51 35.47 -48.67 -0.56
N LEU P 52 35.70 -49.48 0.50
CA LEU P 52 35.78 -50.92 0.34
C LEU P 52 34.59 -51.57 1.01
N ASP P 53 33.79 -52.35 0.26
CA ASP P 53 32.65 -52.98 0.93
C ASP P 53 32.77 -54.54 0.85
N LEU P 54 31.74 -55.24 1.30
CA LEU P 54 31.82 -56.71 1.37
C LEU P 54 30.93 -57.24 0.27
N ARG P 55 30.64 -56.46 -0.76
CA ARG P 55 29.86 -57.01 -1.88
CA ARG P 55 29.85 -57.02 -1.85
C ARG P 55 30.65 -58.14 -2.57
N THR P 56 29.93 -59.10 -3.15
CA THR P 56 30.60 -60.28 -3.74
C THR P 56 31.49 -59.88 -4.96
N GLU P 57 30.95 -59.01 -5.80
CA GLU P 57 31.67 -58.49 -6.99
C GLU P 57 32.94 -57.76 -6.55
N THR P 58 32.86 -57.05 -5.44
CA THR P 58 34.04 -56.35 -4.90
C THR P 58 35.04 -57.37 -4.39
N LEU P 59 34.52 -58.37 -3.66
CA LEU P 59 35.41 -59.38 -3.17
C LEU P 59 36.10 -60.14 -4.32
N ALA P 60 35.39 -60.32 -5.43
CA ALA P 60 35.98 -61.07 -6.53
C ALA P 60 37.18 -60.37 -7.09
N LEU P 61 37.19 -59.03 -7.03
CA LEU P 61 38.24 -58.22 -7.72
C LEU P 61 39.35 -57.89 -6.77
N ALA P 62 39.19 -58.30 -5.53
CA ALA P 62 40.26 -58.18 -4.55
C ALA P 62 41.40 -59.18 -4.95
N THR P 63 42.61 -58.95 -4.47
CA THR P 63 43.77 -59.82 -4.69
C THR P 63 44.30 -60.20 -3.31
N PRO P 64 44.48 -61.51 -3.02
CA PRO P 64 43.98 -62.60 -3.83
C PRO P 64 42.46 -62.50 -3.82
N PRO P 65 41.78 -63.24 -4.69
CA PRO P 65 40.31 -63.18 -4.65
C PRO P 65 39.69 -63.59 -3.29
N ARG P 66 38.69 -62.82 -2.88
CA ARG P 66 38.06 -63.02 -1.61
C ARG P 66 36.62 -63.44 -1.77
N ASP P 67 36.19 -63.76 -2.99
CA ASP P 67 34.79 -64.12 -3.14
C ASP P 67 34.55 -65.65 -2.97
N ASN P 68 35.19 -66.26 -2.01
CA ASN P 68 34.94 -67.70 -1.81
C ASN P 68 35.34 -67.97 -0.40
N ILE P 69 34.88 -69.12 0.14
CA ILE P 69 35.22 -69.42 1.55
C ILE P 69 36.69 -69.36 1.86
N GLU P 70 37.51 -69.94 0.97
CA GLU P 70 38.95 -70.02 1.30
C GLU P 70 39.57 -68.60 1.36
N GLY P 71 39.19 -67.76 0.40
CA GLY P 71 39.74 -66.38 0.33
C GLY P 71 39.38 -65.60 1.59
N LEU P 72 38.12 -65.76 2.05
CA LEU P 72 37.63 -65.09 3.30
C LEU P 72 38.23 -65.61 4.57
N VAL P 73 38.32 -66.95 4.67
CA VAL P 73 39.01 -67.55 5.81
C VAL P 73 40.45 -67.08 5.88
N ASP P 74 41.13 -67.06 4.75
CA ASP P 74 42.52 -66.59 4.75
C ASP P 74 42.59 -65.08 5.13
N TYR P 75 41.62 -64.30 4.62
CA TYR P 75 41.51 -62.86 5.01
C TYR P 75 41.46 -62.71 6.53
N MET P 76 40.65 -63.54 7.20
CA MET P 76 40.49 -63.49 8.66
C MET P 76 41.71 -63.94 9.45
N LYS P 77 42.62 -64.63 8.78
CA LYS P 77 43.91 -65.02 9.41
C LYS P 77 45.03 -64.00 9.12
N ASN P 78 45.04 -63.50 7.89
CA ASN P 78 46.15 -62.67 7.35
C ASN P 78 45.60 -61.63 6.34
N PRO P 79 44.84 -60.63 6.87
CA PRO P 79 44.17 -59.65 5.99
C PRO P 79 45.19 -58.83 5.20
N THR P 80 44.86 -58.54 3.96
CA THR P 80 45.71 -57.66 3.17
C THR P 80 44.92 -56.42 2.67
N THR P 81 45.68 -55.40 2.18
CA THR P 81 45.05 -54.38 1.33
C THR P 81 44.40 -55.01 0.12
N TYR P 82 43.62 -54.21 -0.61
CA TYR P 82 42.78 -54.75 -1.70
C TYR P 82 43.59 -55.30 -2.89
N ASP P 83 44.83 -54.84 -3.02
CA ASP P 83 45.71 -55.33 -4.08
C ASP P 83 46.65 -56.45 -3.61
N GLY P 84 46.50 -56.94 -2.40
CA GLY P 84 47.35 -58.02 -1.86
C GLY P 84 48.68 -57.52 -1.35
N GLU P 85 48.99 -56.24 -1.62
CA GLU P 85 50.36 -55.71 -1.34
C GLU P 85 50.82 -55.57 0.08
N GLN P 86 49.94 -55.20 1.02
CA GLN P 86 50.37 -55.03 2.39
C GLN P 86 49.53 -55.94 3.26
N GLU P 87 50.17 -56.46 4.30
CA GLU P 87 49.50 -57.24 5.34
C GLU P 87 49.07 -56.28 6.41
N ILE P 88 47.79 -56.28 6.74
CA ILE P 88 47.27 -55.23 7.65
C ILE P 88 46.80 -55.73 9.01
N ALA P 89 47.36 -56.88 9.46
CA ALA P 89 46.87 -57.50 10.71
C ALA P 89 47.02 -56.55 11.85
N GLU P 90 47.98 -55.64 11.75
CA GLU P 90 48.23 -54.72 12.86
C GLU P 90 47.09 -53.69 13.09
N VAL P 91 46.28 -53.48 12.06
CA VAL P 91 45.15 -52.52 12.08
C VAL P 91 43.79 -53.14 11.71
N HIS P 92 43.79 -54.44 11.43
CA HIS P 92 42.52 -55.12 11.09
C HIS P 92 42.41 -56.44 11.86
N PRO P 93 41.27 -56.71 12.50
CA PRO P 93 41.08 -57.96 13.26
C PRO P 93 41.44 -59.19 12.44
N SER P 94 42.18 -60.09 13.08
CA SER P 94 42.58 -61.36 12.41
C SER P 94 43.06 -62.33 13.44
N LEU P 95 43.14 -63.60 13.06
CA LEU P 95 43.77 -64.53 14.05
C LEU P 95 45.20 -64.17 14.36
N ARG P 96 45.96 -63.71 13.37
CA ARG P 96 47.38 -63.35 13.62
C ARG P 96 47.46 -62.22 14.60
N SER P 97 46.42 -61.37 14.64
CA SER P 97 46.48 -60.28 15.60
C SER P 97 45.47 -60.40 16.73
N ALA P 98 45.14 -61.65 17.12
CA ALA P 98 44.23 -61.91 18.24
C ALA P 98 44.77 -61.33 19.53
N ASP P 99 46.05 -61.08 19.57
CA ASP P 99 46.62 -60.46 20.75
C ASP P 99 46.10 -59.01 20.93
N ILE P 100 45.96 -58.26 19.84
CA ILE P 100 45.54 -56.85 19.95
C ILE P 100 44.09 -56.67 19.62
N PHE P 101 43.49 -57.69 18.98
CA PHE P 101 42.03 -57.71 18.78
C PHE P 101 41.45 -58.93 19.54
N PRO P 102 41.27 -58.77 20.86
CA PRO P 102 40.98 -59.93 21.76
C PRO P 102 39.71 -60.67 21.39
N LYS P 103 38.80 -60.02 20.64
CA LYS P 103 37.59 -60.76 20.22
C LYS P 103 37.89 -61.92 19.30
N MET P 104 39.05 -61.86 18.66
CA MET P 104 39.44 -62.90 17.70
C MET P 104 40.04 -64.11 18.44
N ARG P 105 40.36 -63.97 19.73
CA ARG P 105 40.89 -65.07 20.54
C ARG P 105 40.03 -66.34 20.63
N ASN P 106 38.71 -66.23 20.53
CA ASN P 106 37.79 -67.35 20.71
CA ASN P 106 37.89 -67.42 20.72
C ASN P 106 37.34 -67.93 19.39
N LEU P 107 37.72 -67.26 18.30
CA LEU P 107 37.22 -67.71 17.02
C LEU P 107 37.97 -68.97 16.57
N THR P 108 37.21 -70.02 16.26
CA THR P 108 37.82 -71.28 15.80
C THR P 108 37.73 -71.29 14.29
N GLU P 109 38.41 -72.27 13.68
CA GLU P 109 38.39 -72.43 12.23
C GLU P 109 36.97 -72.58 11.75
N LYS P 110 36.18 -73.34 12.50
CA LYS P 110 34.75 -73.55 12.13
C LYS P 110 33.99 -72.19 12.15
N ASP P 111 34.33 -71.34 13.12
CA ASP P 111 33.70 -70.01 13.28
C ASP P 111 34.05 -69.13 12.03
N LEU P 112 35.30 -69.24 11.56
CA LEU P 112 35.73 -68.42 10.43
C LEU P 112 34.96 -68.83 9.23
N VAL P 113 34.74 -70.13 9.07
CA VAL P 113 33.99 -70.60 7.94
C VAL P 113 32.55 -70.07 7.97
N ALA P 114 31.93 -70.10 9.16
CA ALA P 114 30.58 -69.61 9.36
C ALA P 114 30.53 -68.09 9.01
N ILE P 115 31.51 -67.31 9.49
CA ILE P 115 31.52 -65.87 9.13
C ILE P 115 31.68 -65.70 7.60
N ALA P 116 32.60 -66.46 6.99
CA ALA P 116 32.76 -66.41 5.55
C ALA P 116 31.49 -66.70 4.88
N GLY P 117 30.75 -67.71 5.33
CA GLY P 117 29.57 -68.12 4.57
C GLY P 117 28.50 -67.03 4.76
N HIS P 118 28.49 -66.37 5.91
CA HIS P 118 27.55 -65.23 6.09
C HIS P 118 27.79 -64.13 5.05
N ILE P 119 29.06 -63.74 4.91
CA ILE P 119 29.48 -62.66 3.96
C ILE P 119 29.01 -63.03 2.54
N LEU P 120 29.12 -64.31 2.18
CA LEU P 120 28.68 -64.74 0.82
C LEU P 120 27.19 -64.96 0.67
N VAL P 121 26.52 -65.41 1.72
CA VAL P 121 25.08 -65.67 1.58
C VAL P 121 24.24 -64.36 1.65
N GLU P 122 24.65 -63.45 2.54
CA GLU P 122 23.78 -62.27 2.79
C GLU P 122 23.40 -61.47 1.52
N PRO P 123 24.36 -61.20 0.62
CA PRO P 123 23.91 -60.47 -0.61
C PRO P 123 23.01 -61.30 -1.47
N LYS P 124 23.08 -62.63 -1.38
CA LYS P 124 22.10 -63.43 -2.15
C LYS P 124 20.67 -63.23 -1.64
N ILE P 125 20.56 -62.94 -0.37
CA ILE P 125 19.27 -62.58 0.25
C ILE P 125 18.93 -61.11 0.01
N LEU P 126 19.86 -60.23 0.38
CA LEU P 126 19.57 -58.79 0.50
C LEU P 126 19.82 -57.99 -0.75
N GLY P 127 20.47 -58.58 -1.77
CA GLY P 127 20.78 -57.89 -3.06
C GLY P 127 21.57 -56.59 -2.78
N ASP P 128 21.16 -55.48 -3.39
CA ASP P 128 21.91 -54.19 -3.28
C ASP P 128 22.01 -53.62 -1.86
N LYS P 129 21.09 -53.99 -0.96
CA LYS P 129 21.22 -53.55 0.45
C LYS P 129 22.56 -53.93 1.05
N TRP P 130 23.03 -55.14 0.70
CA TRP P 130 24.30 -55.61 1.24
C TRP P 130 25.43 -54.80 0.63
N GLY P 131 26.17 -54.05 1.46
CA GLY P 131 27.17 -53.15 0.91
C GLY P 131 26.61 -51.86 0.29
N GLY P 132 25.29 -51.66 0.33
CA GLY P 132 24.66 -50.45 -0.24
C GLY P 132 24.73 -49.20 0.62
N GLY P 133 24.78 -49.37 1.94
CA GLY P 133 24.67 -48.23 2.81
C GLY P 133 23.26 -47.66 2.89
N LYS P 134 23.15 -46.43 3.44
CA LYS P 134 21.88 -45.86 3.85
C LYS P 134 20.95 -45.67 2.66
N VAL P 135 21.53 -45.39 1.51
CA VAL P 135 20.67 -45.27 0.28
C VAL P 135 19.68 -46.40 0.17
N TYR P 136 20.08 -47.61 0.57
CA TYR P 136 19.21 -48.76 0.34
C TYR P 136 18.47 -49.20 1.60
N TYR P 137 18.65 -48.48 2.70
CA TYR P 137 17.97 -48.90 3.95
C TYR P 137 16.44 -49.00 3.77
N ALA Q 4 13.48 -73.17 35.24
CA ALA Q 4 14.89 -72.72 35.39
C ALA Q 4 14.87 -71.35 36.07
N GLN Q 5 15.04 -70.29 35.28
CA GLN Q 5 14.92 -68.90 35.78
C GLN Q 5 13.49 -68.55 36.17
N LEU Q 6 12.54 -69.20 35.49
CA LEU Q 6 11.11 -68.96 35.71
C LEU Q 6 10.59 -69.58 37.03
N THR Q 7 11.13 -70.73 37.42
CA THR Q 7 10.83 -71.30 38.74
C THR Q 7 11.36 -70.40 39.87
N MET Q 8 12.61 -69.92 39.70
CA MET Q 8 13.28 -69.08 40.69
C MET Q 8 12.44 -67.86 40.98
N ILE Q 9 12.11 -67.10 39.91
CA ILE Q 9 11.31 -65.88 40.05
C ILE Q 9 9.89 -66.18 40.54
N ALA Q 10 9.41 -67.41 40.35
CA ALA Q 10 8.11 -67.81 40.90
C ALA Q 10 8.17 -67.95 42.42
N MET Q 11 9.22 -68.61 42.92
CA MET Q 11 9.41 -68.75 44.36
C MET Q 11 9.78 -67.44 45.05
N ILE Q 12 10.71 -66.70 44.44
CA ILE Q 12 11.05 -65.36 44.91
C ILE Q 12 9.84 -64.45 44.76
N GLY Q 13 9.05 -64.60 43.69
CA GLY Q 13 7.94 -63.68 43.45
C GLY Q 13 6.81 -63.85 44.46
N ILE Q 14 6.62 -65.10 44.90
CA ILE Q 14 5.57 -65.46 45.86
C ILE Q 14 5.98 -65.09 47.31
N ALA Q 15 7.29 -65.06 47.60
CA ALA Q 15 7.72 -64.80 48.98
C ALA Q 15 6.98 -63.60 49.60
N GLY Q 16 7.03 -62.42 48.97
CA GLY Q 16 6.34 -61.25 49.55
C GLY Q 16 4.88 -61.41 49.80
N PRO Q 17 4.10 -61.81 48.76
CA PRO Q 17 2.67 -61.96 49.00
C PRO Q 17 2.34 -63.08 50.01
N MET Q 18 3.20 -64.10 50.10
CA MET Q 18 3.08 -65.15 51.10
C MET Q 18 3.17 -64.59 52.52
N ILE Q 19 4.18 -63.75 52.76
CA ILE Q 19 4.38 -63.07 54.05
C ILE Q 19 3.10 -62.36 54.47
N ILE Q 20 2.50 -61.61 53.55
CA ILE Q 20 1.31 -60.84 53.86
C ILE Q 20 0.16 -61.79 54.15
N PHE Q 21 0.04 -62.83 53.33
CA PHE Q 21 -1.02 -63.81 53.46
C PHE Q 21 -0.93 -64.56 54.79
N LEU Q 22 0.25 -65.06 55.10
CA LEU Q 22 0.45 -65.75 56.39
C LEU Q 22 0.06 -64.85 57.54
N LEU Q 23 0.54 -63.60 57.50
CA LEU Q 23 0.18 -62.63 58.52
C LEU Q 23 -1.33 -62.33 58.63
N ALA Q 24 -2.02 -62.21 57.50
CA ALA Q 24 -3.44 -61.88 57.51
C ALA Q 24 -4.28 -63.04 58.10
N VAL Q 25 -3.92 -64.26 57.74
CA VAL Q 25 -4.50 -65.49 58.26
C VAL Q 25 -4.36 -65.52 59.79
N ARG Q 26 -3.18 -65.21 60.28
CA ARG Q 26 -2.88 -65.23 61.70
C ARG Q 26 -3.27 -63.97 62.50
N ARG Q 27 -3.99 -63.03 61.90
CA ARG Q 27 -4.30 -61.74 62.52
C ARG Q 27 -3.03 -61.06 63.03
N GLY Q 28 -1.98 -61.08 62.20
CA GLY Q 28 -0.72 -60.48 62.60
C GLY Q 28 -0.77 -58.95 62.55
N ASN Q 29 0.31 -58.32 62.96
CA ASN Q 29 0.36 -56.88 63.04
C ASN Q 29 0.70 -56.17 61.69
N LEU Q 30 -0.17 -56.37 60.71
CA LEU Q 30 -0.05 -55.67 59.43
C LEU Q 30 -0.30 -54.14 59.55
N THR R 1 -30.21 -53.81 -16.99
CA THR R 1 -29.84 -55.04 -16.25
C THR R 1 -29.61 -54.74 -14.78
N ILE R 2 -29.63 -55.81 -13.98
CA ILE R 2 -29.16 -55.73 -12.61
C ILE R 2 -27.67 -56.08 -12.71
N THR R 3 -26.83 -55.05 -12.65
CA THR R 3 -25.39 -55.32 -12.74
C THR R 3 -24.96 -56.05 -11.48
N PRO R 4 -23.74 -56.57 -11.45
CA PRO R 4 -23.42 -57.17 -10.16
C PRO R 4 -23.33 -56.18 -8.97
N SER R 5 -22.92 -54.92 -9.22
CA SER R 5 -22.81 -53.96 -8.08
C SER R 5 -24.19 -53.44 -7.67
N LEU R 6 -25.18 -53.47 -8.59
CA LEU R 6 -26.54 -53.17 -8.15
C LEU R 6 -27.14 -54.28 -7.25
N LYS R 7 -26.83 -55.54 -7.57
CA LYS R 7 -27.16 -56.66 -6.69
C LYS R 7 -26.41 -56.46 -5.34
N GLY R 8 -25.11 -56.14 -5.39
CA GLY R 8 -24.39 -55.77 -4.12
C GLY R 8 -25.09 -54.63 -3.35
N PHE R 9 -25.44 -53.54 -4.03
CA PHE R 9 -26.21 -52.46 -3.38
C PHE R 9 -27.49 -52.96 -2.65
N PHE R 10 -28.29 -53.82 -3.33
CA PHE R 10 -29.49 -54.40 -2.67
C PHE R 10 -29.12 -55.26 -1.48
N ILE R 11 -28.06 -56.02 -1.62
CA ILE R 11 -27.57 -56.79 -0.50
C ILE R 11 -27.17 -55.92 0.71
N GLY R 12 -26.44 -54.83 0.46
CA GLY R 12 -26.11 -53.91 1.56
C GLY R 12 -27.38 -53.30 2.12
N LEU R 13 -28.33 -52.97 1.24
CA LEU R 13 -29.55 -52.33 1.70
C LEU R 13 -30.36 -53.28 2.64
N LEU R 14 -30.51 -54.52 2.17
CA LEU R 14 -31.21 -55.55 2.93
CA LEU R 14 -31.18 -55.60 2.91
C LEU R 14 -30.50 -55.80 4.26
N SER R 15 -29.18 -55.96 4.22
CA SER R 15 -28.41 -56.19 5.45
C SER R 15 -28.59 -55.10 6.47
N GLY R 16 -28.61 -53.85 5.99
CA GLY R 16 -28.75 -52.72 6.89
C GLY R 16 -30.17 -52.70 7.50
N ALA R 17 -31.15 -53.00 6.65
CA ALA R 17 -32.55 -52.98 7.09
C ALA R 17 -32.75 -54.09 8.11
N VAL R 18 -32.08 -55.23 7.91
CA VAL R 18 -32.14 -56.33 8.87
C VAL R 18 -31.50 -55.99 10.21
N VAL R 19 -30.28 -55.45 10.17
CA VAL R 19 -29.60 -55.06 11.40
C VAL R 19 -30.45 -54.06 12.18
N LEU R 20 -30.92 -53.01 11.50
CA LEU R 20 -31.76 -51.98 12.16
C LEU R 20 -33.14 -52.53 12.58
N GLY R 21 -33.79 -53.27 11.69
CA GLY R 21 -35.03 -53.98 12.02
C GLY R 21 -34.89 -54.84 13.26
N LEU R 22 -33.92 -55.75 13.26
CA LEU R 22 -33.75 -56.67 14.39
C LEU R 22 -33.37 -55.93 15.67
N THR R 23 -32.60 -54.85 15.52
CA THR R 23 -32.18 -54.05 16.68
C THR R 23 -33.42 -53.38 17.30
N PHE R 24 -34.27 -52.77 16.46
CA PHE R 24 -35.45 -52.14 17.03
C PHE R 24 -36.46 -53.16 17.59
N ALA R 25 -36.65 -54.28 16.88
CA ALA R 25 -37.55 -55.35 17.38
C ALA R 25 -37.09 -55.72 18.80
N VAL R 26 -35.80 -55.97 18.95
CA VAL R 26 -35.27 -56.40 20.24
C VAL R 26 -35.46 -55.35 21.35
N LEU R 27 -35.18 -54.08 21.05
CA LEU R 27 -35.26 -53.04 22.07
C LEU R 27 -36.73 -52.77 22.42
N ILE R 28 -37.62 -52.81 21.44
CA ILE R 28 -39.05 -52.59 21.68
C ILE R 28 -39.52 -53.72 22.61
N ALA R 29 -39.13 -54.95 22.27
CA ALA R 29 -39.51 -56.15 23.03
C ALA R 29 -39.11 -55.99 24.46
N ILE R 30 -37.81 -55.74 24.67
CA ILE R 30 -37.26 -55.55 26.02
C ILE R 30 -37.91 -54.37 26.78
N SER R 31 -38.20 -53.28 26.09
CA SER R 31 -38.82 -52.14 26.75
C SER R 31 -40.23 -52.50 27.28
N GLN R 32 -40.96 -53.31 26.49
CA GLN R 32 -42.31 -53.78 26.80
C GLN R 32 -42.36 -54.75 28.00
N ILE R 33 -41.38 -55.66 28.05
CA ILE R 33 -41.23 -56.65 29.10
C ILE R 33 -40.78 -56.01 30.40
N ASP R 34 -40.02 -54.94 30.29
CA ASP R 34 -39.29 -54.43 31.44
C ASP R 34 -39.61 -52.97 31.71
N LYS R 35 -40.89 -52.69 32.00
CA LYS R 35 -41.36 -51.32 32.15
C LYS R 35 -40.93 -50.63 33.42
N VAL R 36 -40.72 -49.31 33.35
CA VAL R 36 -40.47 -48.51 34.55
C VAL R 36 -41.78 -48.44 35.36
N GLN R 37 -41.67 -48.38 36.68
CA GLN R 37 -42.83 -48.19 37.56
C GLN R 37 -43.11 -46.70 37.80
N ARG R 38 -44.37 -46.26 37.65
CA ARG R 38 -44.75 -44.83 37.86
C ARG R 38 -45.84 -44.65 38.92
N MET S 1 36.17 -80.33 50.21
CA MET S 1 35.78 -81.43 49.26
C MET S 1 35.06 -80.95 48.00
N THR S 2 33.75 -80.66 48.09
CA THR S 2 32.87 -80.21 46.96
C THR S 2 31.44 -80.63 47.27
N ILE S 3 31.31 -81.89 47.69
CA ILE S 3 30.08 -82.39 48.28
C ILE S 3 29.73 -81.45 49.45
N LEU S 4 30.70 -81.25 50.36
CA LEU S 4 30.52 -80.31 51.46
C LEU S 4 30.06 -78.94 50.92
N PHE S 5 30.83 -78.38 49.97
CA PHE S 5 30.56 -77.07 49.37
C PHE S 5 29.15 -76.93 48.85
N GLN S 6 28.72 -77.91 48.06
CA GLN S 6 27.49 -77.78 47.35
C GLN S 6 26.30 -77.96 48.30
N LEU S 7 26.43 -78.89 49.25
CA LEU S 7 25.45 -79.03 50.32
C LEU S 7 25.33 -77.67 50.99
N ALA S 8 26.47 -77.18 51.47
CA ALA S 8 26.56 -76.01 52.32
C ALA S 8 25.92 -74.81 51.61
N LEU S 9 26.18 -74.64 50.31
CA LEU S 9 25.63 -73.50 49.59
C LEU S 9 24.12 -73.63 49.33
N ALA S 10 23.66 -74.83 48.93
CA ALA S 10 22.23 -75.01 48.79
C ALA S 10 21.51 -74.85 50.15
N ALA S 11 22.17 -75.26 51.23
CA ALA S 11 21.68 -75.09 52.59
C ALA S 11 21.57 -73.61 52.96
N LEU S 12 22.61 -72.84 52.62
CA LEU S 12 22.55 -71.36 52.70
C LEU S 12 21.34 -70.75 51.94
N VAL S 13 21.16 -71.16 50.68
CA VAL S 13 20.05 -70.62 49.90
C VAL S 13 18.73 -70.95 50.58
N ILE S 14 18.60 -72.20 51.03
CA ILE S 14 17.31 -72.71 51.49
C ILE S 14 16.93 -72.01 52.77
N LEU S 15 17.90 -71.90 53.68
CA LEU S 15 17.72 -71.25 54.95
C LEU S 15 17.40 -69.74 54.77
N SER S 16 18.07 -69.11 53.80
CA SER S 16 17.81 -67.69 53.51
C SER S 16 16.32 -67.54 53.13
N PHE S 17 15.85 -68.41 52.25
CA PHE S 17 14.45 -68.39 51.84
C PHE S 17 13.54 -68.58 53.07
N VAL S 18 13.91 -69.52 53.95
CA VAL S 18 13.10 -69.77 55.13
C VAL S 18 13.00 -68.52 56.01
N MET S 19 14.19 -67.92 56.31
CA MET S 19 14.34 -66.68 57.05
C MET S 19 13.61 -65.48 56.41
N VAL S 20 13.71 -65.37 55.09
CA VAL S 20 13.07 -64.26 54.38
C VAL S 20 11.56 -64.24 54.66
N ILE S 21 10.91 -65.41 54.57
CA ILE S 21 9.49 -65.49 54.94
C ILE S 21 9.33 -65.38 56.47
N GLY S 22 10.20 -66.06 57.21
CA GLY S 22 9.93 -66.37 58.60
C GLY S 22 10.18 -65.27 59.59
N VAL S 23 11.23 -64.47 59.35
CA VAL S 23 11.56 -63.38 60.28
C VAL S 23 10.43 -62.33 60.35
N PRO S 24 9.97 -61.78 59.19
CA PRO S 24 8.86 -60.83 59.25
C PRO S 24 7.56 -61.44 59.81
N VAL S 25 7.20 -62.67 59.42
CA VAL S 25 5.99 -63.31 59.95
C VAL S 25 6.06 -63.46 61.48
N ALA S 26 7.18 -63.97 61.96
CA ALA S 26 7.45 -64.09 63.40
C ALA S 26 7.30 -62.72 64.08
N TYR S 27 8.08 -61.74 63.62
CA TYR S 27 8.08 -60.38 64.22
C TYR S 27 6.71 -59.75 64.34
N ALA S 28 5.82 -60.01 63.38
CA ALA S 28 4.49 -59.40 63.38
C ALA S 28 3.39 -60.31 63.86
N SER S 29 3.75 -61.49 64.35
CA SER S 29 2.74 -62.44 64.82
C SER S 29 2.53 -62.24 66.32
N PRO S 30 1.25 -62.35 66.78
CA PRO S 30 0.93 -62.24 68.21
C PRO S 30 1.09 -63.62 68.89
N GLN S 31 0.96 -64.69 68.09
CA GLN S 31 1.21 -66.09 68.48
C GLN S 31 2.61 -66.34 69.06
N ASP S 32 2.97 -67.63 69.17
CA ASP S 32 4.16 -68.09 69.94
C ASP S 32 5.51 -67.35 69.68
N TRP S 33 5.61 -66.12 70.21
CA TRP S 33 6.79 -65.27 70.04
C TRP S 33 8.03 -65.75 70.77
N ASP S 34 7.85 -66.52 71.83
CA ASP S 34 8.97 -67.07 72.61
C ASP S 34 9.74 -68.11 71.80
N ARG S 35 9.02 -69.07 71.22
CA ARG S 35 9.56 -70.09 70.31
C ARG S 35 10.19 -69.45 69.05
N SER S 36 9.65 -68.31 68.62
CA SER S 36 10.13 -67.57 67.45
C SER S 36 11.48 -66.95 67.69
N LYS S 37 11.60 -66.26 68.81
CA LYS S 37 12.80 -65.48 69.07
C LYS S 37 14.04 -66.39 69.08
N GLN S 38 13.85 -67.62 69.57
CA GLN S 38 14.94 -68.59 69.67
C GLN S 38 15.22 -69.16 68.29
N LEU S 39 14.17 -69.50 67.57
CA LEU S 39 14.35 -69.96 66.20
C LEU S 39 15.10 -68.91 65.35
N ILE S 40 14.73 -67.65 65.52
CA ILE S 40 15.36 -66.54 64.79
C ILE S 40 16.84 -66.44 65.17
N PHE S 41 17.13 -66.51 66.46
CA PHE S 41 18.52 -66.57 66.93
C PHE S 41 19.28 -67.76 66.34
N LEU S 42 18.59 -68.91 66.25
CA LEU S 42 19.22 -70.13 65.75
C LEU S 42 19.56 -69.98 64.27
N GLY S 43 18.52 -69.73 63.48
CA GLY S 43 18.63 -69.38 62.06
C GLY S 43 19.74 -68.39 61.78
N SER S 44 19.89 -67.35 62.61
CA SER S 44 20.91 -66.30 62.39
C SER S 44 22.33 -66.80 62.57
N GLY S 45 22.61 -67.44 63.71
CA GLY S 45 23.95 -68.03 63.92
C GLY S 45 24.26 -69.10 62.90
N LEU S 46 23.25 -69.89 62.54
CA LEU S 46 23.43 -70.91 61.52
C LEU S 46 23.64 -70.30 60.13
N TRP S 47 22.90 -69.23 59.83
CA TRP S 47 23.05 -68.52 58.54
C TRP S 47 24.45 -68.00 58.43
N ILE S 48 24.91 -67.31 59.48
CA ILE S 48 26.29 -66.82 59.56
C ILE S 48 27.33 -67.94 59.42
N ALA S 49 27.07 -69.12 60.03
CA ALA S 49 28.04 -70.22 60.02
C ALA S 49 28.19 -70.71 58.61
N LEU S 50 27.06 -70.90 57.94
CA LEU S 50 27.03 -71.41 56.57
C LEU S 50 27.74 -70.45 55.60
N VAL S 51 27.55 -69.15 55.83
CA VAL S 51 28.26 -68.15 55.03
C VAL S 51 29.76 -68.40 55.14
N LEU S 52 30.26 -68.52 56.38
CA LEU S 52 31.70 -68.75 56.61
C LEU S 52 32.21 -70.09 56.04
N VAL S 53 31.43 -71.15 56.22
CA VAL S 53 31.71 -72.43 55.57
C VAL S 53 31.84 -72.34 54.03
N VAL S 54 30.84 -71.73 53.37
CA VAL S 54 30.90 -71.56 51.91
C VAL S 54 32.12 -70.72 51.58
N GLY S 55 32.30 -69.65 52.31
CA GLY S 55 33.46 -68.78 52.09
C GLY S 55 34.81 -69.51 52.16
N VAL S 56 34.98 -70.36 53.17
CA VAL S 56 36.25 -71.14 53.25
C VAL S 56 36.31 -72.20 52.13
N LEU S 57 35.22 -72.95 52.01
CA LEU S 57 35.20 -74.05 51.02
C LEU S 57 35.34 -73.59 49.55
N ASN S 58 34.88 -72.37 49.29
CA ASN S 58 35.19 -71.71 48.04
C ASN S 58 36.61 -71.95 47.52
N PHE S 59 37.60 -71.77 48.38
CA PHE S 59 38.98 -71.84 47.94
C PHE S 59 39.47 -73.24 47.68
N PHE S 60 38.68 -74.25 48.08
CA PHE S 60 39.02 -75.66 47.82
C PHE S 60 38.19 -76.26 46.68
N VAL S 61 37.36 -75.44 46.03
CA VAL S 61 36.58 -75.87 44.85
C VAL S 61 36.83 -74.94 43.63
N VAL S 62 37.42 -73.78 43.88
CA VAL S 62 37.70 -72.82 42.81
C VAL S 62 39.16 -73.04 42.43
N ALA T 11 -62.82 12.67 -4.53
CA ALA T 11 -61.37 12.63 -4.90
C ALA T 11 -61.10 11.92 -6.24
N ASN T 12 -61.08 12.69 -7.33
CA ASN T 12 -60.49 12.27 -8.62
C ASN T 12 -59.06 11.73 -8.43
N LEU T 13 -58.62 10.79 -9.26
CA LEU T 13 -57.26 10.30 -9.17
C LEU T 13 -56.22 11.40 -9.53
N TRP T 14 -56.55 12.15 -10.57
CA TRP T 14 -55.78 13.33 -10.96
C TRP T 14 -55.69 14.34 -9.85
N GLU T 15 -56.78 14.55 -9.12
CA GLU T 15 -56.80 15.56 -8.05
C GLU T 15 -55.90 15.10 -6.88
N ARG T 16 -55.96 13.82 -6.54
CA ARG T 16 -55.11 13.24 -5.51
C ARG T 16 -53.60 13.37 -5.93
N PHE T 17 -53.34 13.07 -7.17
CA PHE T 17 -52.00 13.19 -7.72
C PHE T 17 -51.50 14.64 -7.62
N CYS T 18 -52.31 15.61 -8.08
CA CYS T 18 -51.94 17.02 -7.99
C CYS T 18 -51.72 17.41 -6.57
N ASN T 19 -52.49 16.82 -5.66
CA ASN T 19 -52.35 17.16 -4.23
C ASN T 19 -51.07 16.65 -3.64
N TRP T 20 -50.75 15.42 -4.01
CA TRP T 20 -49.47 14.83 -3.64
C TRP T 20 -48.27 15.58 -4.26
N VAL T 21 -48.30 15.84 -5.57
CA VAL T 21 -47.23 16.61 -6.24
C VAL T 21 -46.93 17.96 -5.52
N THR T 22 -48.00 18.72 -5.21
CA THR T 22 -47.85 20.05 -4.65
C THR T 22 -47.90 20.02 -3.13
N SER T 23 -47.82 18.83 -2.52
CA SER T 23 -47.93 18.75 -1.06
C SER T 23 -46.80 19.42 -0.31
N THR T 24 -47.16 20.23 0.70
CA THR T 24 -46.15 20.89 1.58
C THR T 24 -45.65 19.89 2.60
N ASP T 25 -46.16 18.66 2.56
CA ASP T 25 -45.73 17.72 3.60
C ASP T 25 -44.70 16.66 3.17
N ASN T 26 -44.37 16.62 1.87
CA ASN T 26 -43.32 15.69 1.37
C ASN T 26 -41.93 16.14 1.93
N ARG T 27 -41.15 15.18 2.42
CA ARG T 27 -39.83 15.46 3.03
C ARG T 27 -38.95 16.32 2.08
N LEU T 28 -39.00 15.97 0.80
CA LEU T 28 -38.47 16.83 -0.26
C LEU T 28 -39.67 17.27 -1.10
N TYR T 29 -39.75 18.56 -1.40
CA TYR T 29 -40.89 19.07 -2.13
C TYR T 29 -40.78 18.55 -3.57
N VAL T 30 -41.90 18.10 -4.16
CA VAL T 30 -41.88 17.70 -5.55
C VAL T 30 -42.30 18.91 -6.43
N GLY T 31 -43.61 19.16 -6.57
CA GLY T 31 -44.04 20.31 -7.34
C GLY T 31 -43.99 20.06 -8.84
N TRP T 32 -44.65 20.89 -9.62
CA TRP T 32 -44.70 20.70 -11.08
C TRP T 32 -43.33 20.90 -11.69
N PHE T 33 -42.61 21.93 -11.27
CA PHE T 33 -41.18 22.01 -11.70
C PHE T 33 -40.36 20.78 -11.36
N GLY T 34 -40.63 20.20 -10.21
CA GLY T 34 -40.07 18.92 -9.76
C GLY T 34 -40.37 17.72 -10.63
N VAL T 35 -41.54 17.71 -11.28
CA VAL T 35 -41.88 16.59 -12.15
C VAL T 35 -40.96 16.52 -13.41
N ILE T 36 -40.50 17.68 -13.88
CA ILE T 36 -39.41 17.76 -14.89
C ILE T 36 -37.98 17.65 -14.29
N MET T 37 -37.74 18.35 -13.18
CA MET T 37 -36.40 18.39 -12.53
C MET T 37 -35.95 16.99 -12.16
N ILE T 38 -36.85 16.19 -11.55
CA ILE T 38 -36.44 14.91 -11.01
C ILE T 38 -35.86 13.91 -12.08
N PRO T 39 -36.59 13.70 -13.17
CA PRO T 39 -36.08 12.74 -14.13
C PRO T 39 -34.87 13.33 -14.91
N THR T 40 -34.85 14.61 -15.18
CA THR T 40 -33.77 15.17 -15.96
C THR T 40 -32.49 15.22 -15.16
N LEU T 41 -32.57 15.64 -13.89
CA LEU T 41 -31.38 15.53 -13.01
C LEU T 41 -30.86 14.12 -12.77
N LEU T 42 -31.76 13.15 -12.67
CA LEU T 42 -31.33 11.79 -12.43
C LEU T 42 -30.63 11.29 -13.68
N ALA T 43 -31.22 11.52 -14.88
CA ALA T 43 -30.55 11.14 -16.13
C ALA T 43 -29.15 11.79 -16.27
N ALA T 44 -29.06 13.11 -16.09
CA ALA T 44 -27.74 13.80 -16.12
C ALA T 44 -26.75 13.19 -15.16
N THR T 45 -27.17 12.99 -13.92
CA THR T 45 -26.25 12.50 -12.86
C THR T 45 -25.78 11.10 -13.15
N ILE T 46 -26.70 10.20 -13.52
CA ILE T 46 -26.32 8.83 -13.81
C ILE T 46 -25.38 8.77 -15.04
N CYS T 47 -25.71 9.50 -16.12
CA CYS T 47 -24.82 9.48 -17.27
C CYS T 47 -23.45 10.09 -16.90
N PHE T 48 -23.50 11.19 -16.15
CA PHE T 48 -22.25 11.82 -15.72
C PHE T 48 -21.37 10.81 -14.96
N VAL T 49 -21.95 10.14 -13.95
CA VAL T 49 -21.15 9.25 -13.11
C VAL T 49 -20.60 8.07 -13.91
N ILE T 50 -21.43 7.46 -14.77
CA ILE T 50 -20.91 6.35 -15.58
C ILE T 50 -19.79 6.85 -16.56
N ALA T 51 -19.98 8.00 -17.18
CA ALA T 51 -19.05 8.54 -18.17
C ALA T 51 -17.74 8.92 -17.46
N PHE T 52 -17.85 9.58 -16.33
CA PHE T 52 -16.65 10.00 -15.62
C PHE T 52 -15.80 8.76 -15.28
N ILE T 53 -16.46 7.66 -14.87
CA ILE T 53 -15.67 6.47 -14.49
C ILE T 53 -15.21 5.72 -15.73
N ALA T 54 -16.08 5.55 -16.74
CA ALA T 54 -15.82 4.49 -17.72
C ALA T 54 -15.80 4.87 -19.20
N ALA T 55 -16.05 6.11 -19.53
CA ALA T 55 -16.19 6.45 -20.96
C ALA T 55 -14.83 6.44 -21.65
N PRO T 56 -14.81 6.02 -22.92
CA PRO T 56 -13.52 5.98 -23.61
C PRO T 56 -13.18 7.35 -24.15
N PRO T 57 -12.02 7.46 -24.86
CA PRO T 57 -11.64 8.78 -25.27
C PRO T 57 -12.55 9.42 -26.29
N VAL T 58 -12.61 10.74 -26.24
CA VAL T 58 -13.57 11.52 -27.01
C VAL T 58 -12.84 12.45 -27.99
N ASP T 59 -13.26 12.45 -29.27
CA ASP T 59 -12.63 13.37 -30.22
C ASP T 59 -13.15 14.82 -30.15
N ILE T 60 -12.77 15.53 -29.11
CA ILE T 60 -13.36 16.84 -28.88
C ILE T 60 -13.18 17.86 -30.00
N ASP T 61 -11.98 17.95 -30.53
CA ASP T 61 -11.74 18.93 -31.57
C ASP T 61 -11.99 18.47 -32.99
N GLY T 62 -12.62 17.30 -33.15
CA GLY T 62 -13.07 16.83 -34.50
C GLY T 62 -11.88 16.53 -35.45
N ILE T 63 -10.71 16.30 -34.88
CA ILE T 63 -9.47 16.07 -35.66
C ILE T 63 -8.91 14.68 -35.43
N ARG T 64 -9.80 13.76 -35.00
CA ARG T 64 -9.49 12.37 -34.78
C ARG T 64 -8.31 12.26 -33.85
N GLU T 65 -8.36 13.06 -32.78
CA GLU T 65 -7.33 13.02 -31.77
C GLU T 65 -8.06 12.86 -30.42
N PRO T 66 -8.44 11.64 -30.07
CA PRO T 66 -9.31 11.53 -28.86
C PRO T 66 -8.63 11.81 -27.50
N VAL T 67 -9.37 12.54 -26.67
CA VAL T 67 -8.90 12.97 -25.36
C VAL T 67 -9.58 12.05 -24.34
N SER T 68 -8.76 11.43 -23.50
CA SER T 68 -9.25 10.52 -22.44
C SER T 68 -9.73 11.35 -21.23
N GLY T 69 -11.00 11.22 -20.88
CA GLY T 69 -11.56 11.89 -19.69
C GLY T 69 -11.80 10.97 -18.48
N SER T 70 -11.92 9.67 -18.68
CA SER T 70 -12.48 8.87 -17.61
C SER T 70 -11.39 8.24 -16.68
N LEU T 71 -11.82 7.90 -15.49
CA LEU T 71 -10.92 7.25 -14.50
C LEU T 71 -10.32 5.96 -14.99
N LEU T 72 -11.11 5.10 -15.65
CA LEU T 72 -10.62 3.75 -16.02
C LEU T 72 -9.65 3.86 -17.22
N TYR T 73 -9.74 4.97 -17.91
CA TYR T 73 -8.83 5.24 -19.08
C TYR T 73 -7.69 6.19 -18.74
N GLY T 74 -7.25 6.11 -17.46
CA GLY T 74 -6.02 6.73 -17.05
C GLY T 74 -6.10 8.12 -16.38
N ASN T 75 -7.26 8.52 -15.89
CA ASN T 75 -7.33 9.83 -15.21
C ASN T 75 -7.43 9.68 -13.71
N ASN T 76 -7.06 10.74 -12.96
CA ASN T 76 -7.39 10.76 -11.56
C ASN T 76 -8.61 11.73 -11.40
N ILE T 77 -8.96 12.09 -10.16
CA ILE T 77 -10.12 13.00 -9.96
C ILE T 77 -9.88 14.39 -10.55
N ILE T 78 -8.64 14.86 -10.44
CA ILE T 78 -8.25 16.20 -10.93
C ILE T 78 -8.15 16.32 -12.45
N THR T 79 -7.77 15.23 -13.13
CA THR T 79 -7.51 15.36 -14.61
C THR T 79 -8.75 14.82 -15.33
N GLY T 80 -9.59 14.04 -14.64
CA GLY T 80 -10.78 13.41 -15.36
C GLY T 80 -11.86 14.40 -15.73
N ALA T 81 -12.64 14.06 -16.77
CA ALA T 81 -13.70 15.01 -17.15
C ALA T 81 -14.66 14.18 -18.02
N VAL T 82 -15.88 14.67 -18.19
CA VAL T 82 -16.69 14.25 -19.35
C VAL T 82 -16.36 15.28 -20.42
N VAL T 83 -15.84 14.79 -21.55
CA VAL T 83 -15.22 15.67 -22.53
C VAL T 83 -16.31 16.16 -23.52
N PRO T 84 -16.30 17.46 -23.91
CA PRO T 84 -17.23 18.02 -24.89
C PRO T 84 -17.33 17.25 -26.22
N SER T 85 -18.53 17.36 -26.82
CA SER T 85 -18.80 16.72 -28.10
C SER T 85 -17.93 17.35 -29.23
N SER T 86 -17.78 16.55 -30.28
CA SER T 86 -16.84 16.77 -31.35
C SER T 86 -17.08 18.07 -32.09
N ASN T 87 -16.01 18.82 -32.38
CA ASN T 87 -16.10 19.95 -33.31
C ASN T 87 -16.76 19.64 -34.69
N ALA T 88 -16.69 18.41 -35.15
CA ALA T 88 -17.34 18.00 -36.41
C ALA T 88 -18.86 18.09 -36.26
N ILE T 89 -19.35 17.84 -35.00
CA ILE T 89 -20.77 18.02 -34.66
C ILE T 89 -21.18 19.50 -34.65
N GLY T 90 -20.34 20.35 -34.08
CA GLY T 90 -20.67 21.77 -34.03
C GLY T 90 -21.83 21.94 -33.04
N LEU T 91 -22.82 22.75 -33.41
CA LEU T 91 -24.07 22.88 -32.65
C LEU T 91 -25.17 21.87 -33.06
N HIS T 92 -24.82 20.86 -33.83
CA HIS T 92 -25.85 19.89 -34.20
C HIS T 92 -26.29 19.10 -33.00
N PHE T 93 -27.57 18.77 -32.97
CA PHE T 93 -28.13 17.99 -31.88
C PHE T 93 -27.67 16.54 -32.01
N TYR T 94 -26.97 15.99 -31.00
CA TYR T 94 -26.47 14.62 -31.14
C TYR T 94 -26.93 13.66 -30.01
N PRO T 95 -28.22 13.25 -30.03
CA PRO T 95 -28.77 12.30 -29.07
C PRO T 95 -28.30 10.91 -29.46
N ILE T 96 -28.42 9.96 -28.54
CA ILE T 96 -27.95 8.61 -28.78
C ILE T 96 -28.51 8.11 -30.13
N TRP T 97 -29.76 8.46 -30.43
CA TRP T 97 -30.41 7.76 -31.56
C TRP T 97 -29.98 8.31 -32.90
N GLU T 98 -29.21 9.41 -32.91
CA GLU T 98 -28.61 9.91 -34.15
C GLU T 98 -27.27 9.20 -34.46
N ALA T 99 -26.80 8.35 -33.55
CA ALA T 99 -25.50 7.67 -33.74
C ALA T 99 -25.78 6.32 -34.32
N ALA T 100 -24.86 5.78 -35.10
CA ALA T 100 -25.03 4.40 -35.56
C ALA T 100 -24.89 3.39 -34.44
N SER T 101 -24.21 3.75 -33.32
CA SER T 101 -23.93 2.73 -32.35
C SER T 101 -23.51 3.55 -31.11
N LEU T 102 -23.60 2.91 -29.97
CA LEU T 102 -23.03 3.51 -28.74
C LEU T 102 -21.52 3.75 -28.88
N ASP T 103 -20.80 2.83 -29.52
CA ASP T 103 -19.38 3.08 -29.79
C ASP T 103 -19.16 4.37 -30.55
N GLU T 104 -19.93 4.61 -31.59
CA GLU T 104 -19.76 5.90 -32.28
C GLU T 104 -20.14 7.11 -31.37
N TRP T 105 -21.24 6.97 -30.65
CA TRP T 105 -21.75 8.05 -29.80
C TRP T 105 -20.69 8.44 -28.75
N LEU T 106 -20.04 7.43 -28.22
CA LEU T 106 -18.97 7.65 -27.25
C LEU T 106 -17.75 8.33 -27.86
N TYR T 107 -17.32 7.84 -29.02
CA TYR T 107 -16.15 8.47 -29.71
C TYR T 107 -16.37 9.98 -29.95
N ASN T 108 -17.59 10.30 -30.32
CA ASN T 108 -17.98 11.67 -30.67
C ASN T 108 -18.39 12.60 -29.52
N GLY T 109 -18.36 12.10 -28.28
CA GLY T 109 -18.72 13.00 -27.18
C GLY T 109 -20.22 13.13 -26.94
N GLY T 110 -21.01 12.15 -27.32
CA GLY T 110 -22.43 12.13 -26.97
C GLY T 110 -22.80 12.30 -25.49
N PRO T 111 -22.08 11.61 -24.56
CA PRO T 111 -22.42 11.83 -23.16
C PRO T 111 -22.53 13.31 -22.79
N TYR T 112 -21.57 14.14 -23.21
CA TYR T 112 -21.53 15.55 -22.87
C TYR T 112 -22.85 16.26 -23.26
N GLN T 113 -23.37 16.02 -24.50
CA GLN T 113 -24.64 16.68 -24.83
C GLN T 113 -25.77 16.21 -23.92
N LEU T 114 -25.82 14.92 -23.67
CA LEU T 114 -26.91 14.37 -22.91
C LEU T 114 -26.92 14.99 -21.50
N ILE T 115 -25.72 15.03 -20.91
CA ILE T 115 -25.60 15.51 -19.55
C ILE T 115 -25.89 16.99 -19.48
N ILE T 116 -25.28 17.81 -20.36
CA ILE T 116 -25.50 19.26 -20.19
C ILE T 116 -26.94 19.68 -20.47
N PHE T 117 -27.60 19.08 -21.47
CA PHE T 117 -28.95 19.47 -21.73
C PHE T 117 -29.93 19.04 -20.60
N HIS T 118 -29.79 17.84 -20.05
CA HIS T 118 -30.68 17.44 -18.97
C HIS T 118 -30.36 18.29 -17.77
N PHE T 119 -29.08 18.54 -17.60
CA PHE T 119 -28.66 19.39 -16.43
C PHE T 119 -29.24 20.79 -16.49
N LEU T 120 -29.07 21.49 -17.60
CA LEU T 120 -29.60 22.86 -17.75
C LEU T 120 -31.14 22.92 -17.59
N LEU T 121 -31.85 21.93 -18.15
CA LEU T 121 -33.31 21.85 -17.96
CA LEU T 121 -33.29 21.88 -17.98
C LEU T 121 -33.61 21.61 -16.49
N GLY T 122 -32.91 20.64 -15.92
CA GLY T 122 -33.16 20.28 -14.54
C GLY T 122 -32.86 21.42 -13.59
N ALA T 123 -31.81 22.20 -13.86
CA ALA T 123 -31.41 23.31 -12.97
C ALA T 123 -32.35 24.49 -13.13
N SER T 124 -32.83 24.70 -14.37
CA SER T 124 -33.86 25.72 -14.62
C SER T 124 -35.12 25.37 -13.82
N CYS T 125 -35.48 24.10 -13.76
CA CYS T 125 -36.65 23.65 -12.98
C CYS T 125 -36.32 23.73 -11.48
N TYR T 126 -35.08 23.49 -11.11
CA TYR T 126 -34.68 23.73 -9.69
C TYR T 126 -35.03 25.18 -9.30
N MET T 127 -34.76 26.11 -10.19
CA MET T 127 -35.02 27.51 -9.94
C MET T 127 -36.54 27.75 -9.83
N GLY T 128 -37.31 27.19 -10.75
CA GLY T 128 -38.75 27.36 -10.64
C GLY T 128 -39.29 26.74 -9.37
N ARG T 129 -38.69 25.62 -8.95
CA ARG T 129 -39.13 24.86 -7.78
C ARG T 129 -38.94 25.69 -6.54
N GLN T 130 -37.88 26.49 -6.53
CA GLN T 130 -37.68 27.38 -5.37
C GLN T 130 -38.76 28.46 -5.39
N TRP T 131 -39.12 29.02 -6.56
CA TRP T 131 -40.28 29.92 -6.56
C TRP T 131 -41.49 29.15 -6.00
N GLU T 132 -41.75 27.98 -6.60
CA GLU T 132 -42.96 27.20 -6.29
C GLU T 132 -43.14 26.88 -4.78
N LEU T 133 -42.11 26.33 -4.13
CA LEU T 133 -42.22 26.06 -2.70
C LEU T 133 -42.41 27.31 -1.86
N SER T 134 -41.75 28.41 -2.24
CA SER T 134 -41.93 29.68 -1.52
C SER T 134 -43.44 30.07 -1.52
N TYR T 135 -44.11 29.84 -2.65
CA TYR T 135 -45.52 30.20 -2.79
C TYR T 135 -46.37 29.28 -1.91
N ARG T 136 -46.03 27.99 -1.87
CA ARG T 136 -46.77 27.03 -1.04
C ARG T 136 -46.64 27.34 0.43
N LEU T 137 -45.51 27.91 0.85
CA LEU T 137 -45.25 28.11 2.29
C LEU T 137 -45.63 29.48 2.75
N GLY T 138 -46.09 30.33 1.82
CA GLY T 138 -46.44 31.73 2.12
C GLY T 138 -45.26 32.63 2.39
N MET T 139 -44.15 32.36 1.70
CA MET T 139 -42.97 33.17 1.73
C MET T 139 -43.00 34.21 0.64
N ARG T 140 -42.09 35.14 0.75
CA ARG T 140 -41.77 36.04 -0.36
C ARG T 140 -40.96 35.25 -1.39
N PRO T 141 -40.95 35.72 -2.65
CA PRO T 141 -40.73 34.80 -3.77
C PRO T 141 -39.31 34.77 -4.36
N TRP T 142 -38.39 35.57 -3.84
CA TRP T 142 -37.18 35.86 -4.59
C TRP T 142 -35.88 35.11 -4.32
N ILE T 143 -35.90 34.09 -3.48
CA ILE T 143 -34.69 33.20 -3.35
C ILE T 143 -34.33 32.70 -4.75
N CYS T 144 -35.33 32.34 -5.58
CA CYS T 144 -35.05 31.82 -6.91
C CYS T 144 -34.26 32.86 -7.77
N VAL T 145 -34.50 34.14 -7.52
CA VAL T 145 -33.79 35.24 -8.18
C VAL T 145 -32.30 35.25 -7.81
N ALA T 146 -32.02 34.90 -6.57
CA ALA T 146 -30.61 34.86 -6.19
C ALA T 146 -29.97 33.69 -6.93
N TYR T 147 -30.66 32.55 -6.99
CA TYR T 147 -30.09 31.33 -7.61
C TYR T 147 -29.95 31.56 -9.15
N SER T 148 -30.67 32.53 -9.68
CA SER T 148 -30.54 32.81 -11.11
C SER T 148 -29.09 33.22 -11.44
N ALA T 149 -28.31 33.71 -10.46
CA ALA T 149 -26.99 34.12 -10.77
C ALA T 149 -26.03 32.91 -11.12
N PRO T 150 -25.86 31.93 -10.22
CA PRO T 150 -25.05 30.76 -10.62
C PRO T 150 -25.73 30.04 -11.81
N LEU T 151 -27.07 29.93 -11.83
CA LEU T 151 -27.71 29.29 -12.99
C LEU T 151 -27.32 30.01 -14.32
N ALA T 152 -27.41 31.34 -14.34
CA ALA T 152 -27.01 32.10 -15.53
C ALA T 152 -25.57 31.77 -15.93
N SER T 153 -24.68 31.66 -14.94
CA SER T 153 -23.29 31.37 -15.17
C SER T 153 -23.12 29.96 -15.83
N ALA T 154 -23.88 28.96 -15.36
CA ALA T 154 -23.91 27.63 -16.00
C ALA T 154 -24.42 27.69 -17.41
N PHE T 155 -25.51 28.45 -17.65
CA PHE T 155 -25.97 28.60 -19.04
C PHE T 155 -24.88 29.26 -19.92
N ALA T 156 -24.12 30.19 -19.33
CA ALA T 156 -23.15 30.92 -20.12
C ALA T 156 -22.08 29.91 -20.64
N VAL T 157 -21.60 29.01 -19.78
CA VAL T 157 -20.43 28.21 -20.14
C VAL T 157 -20.84 26.92 -20.87
N PHE T 158 -22.09 26.48 -20.69
CA PHE T 158 -22.48 25.23 -21.31
C PHE T 158 -23.31 25.44 -22.57
N LEU T 159 -23.92 26.61 -22.71
CA LEU T 159 -24.85 26.79 -23.87
C LEU T 159 -24.54 28.08 -24.63
N ILE T 160 -24.39 29.24 -23.94
CA ILE T 160 -24.34 30.49 -24.68
C ILE T 160 -22.98 30.62 -25.42
N TYR T 161 -21.88 30.35 -24.71
CA TYR T 161 -20.57 30.27 -25.34
C TYR T 161 -20.52 29.31 -26.57
N PRO T 162 -20.94 28.02 -26.44
CA PRO T 162 -21.07 27.12 -27.59
C PRO T 162 -21.86 27.82 -28.74
N ILE T 163 -23.04 28.41 -28.47
CA ILE T 163 -23.82 29.04 -29.51
C ILE T 163 -23.01 30.13 -30.23
N GLY T 164 -22.41 31.08 -29.49
CA GLY T 164 -21.75 32.16 -30.15
C GLY T 164 -20.53 31.66 -30.96
N GLN T 165 -19.83 30.65 -30.45
CA GLN T 165 -18.65 30.12 -31.15
C GLN T 165 -18.98 29.08 -32.22
N GLY T 166 -20.22 28.62 -32.26
CA GLY T 166 -20.61 27.63 -33.25
C GLY T 166 -20.34 26.17 -32.89
N SER T 167 -20.01 25.90 -31.63
CA SER T 167 -19.79 24.50 -31.27
C SER T 167 -19.85 24.19 -29.77
N PHE T 168 -20.48 23.08 -29.44
CA PHE T 168 -20.40 22.50 -28.06
C PHE T 168 -19.01 21.98 -27.71
N SER T 169 -18.11 21.84 -28.70
CA SER T 169 -16.69 21.43 -28.43
C SER T 169 -16.04 22.55 -27.66
N ASP T 170 -16.62 23.77 -27.74
CA ASP T 170 -16.10 24.88 -27.00
C ASP T 170 -16.84 25.18 -25.65
N GLY T 171 -17.80 24.35 -25.29
CA GLY T 171 -18.43 24.46 -23.97
C GLY T 171 -17.49 23.99 -22.88
N MET T 172 -17.72 24.42 -21.65
CA MET T 172 -16.80 24.04 -20.59
C MET T 172 -16.87 22.53 -20.35
N PRO T 173 -15.70 21.85 -20.34
CA PRO T 173 -15.72 20.41 -20.03
C PRO T 173 -16.24 20.16 -18.63
N LEU T 174 -16.73 18.95 -18.41
CA LEU T 174 -17.27 18.56 -17.10
C LEU T 174 -16.14 17.89 -16.31
N GLY T 175 -15.20 18.71 -15.85
CA GLY T 175 -14.04 18.15 -15.09
C GLY T 175 -13.19 19.30 -14.59
N ILE T 176 -12.35 19.01 -13.61
CA ILE T 176 -11.52 20.00 -12.89
C ILE T 176 -10.41 20.58 -13.81
N SER T 177 -9.57 19.71 -14.41
CA SER T 177 -8.60 20.24 -15.32
C SER T 177 -9.24 20.79 -16.59
N GLY T 178 -10.35 20.17 -17.05
CA GLY T 178 -10.98 20.70 -18.24
C GLY T 178 -11.54 22.13 -18.03
N THR T 179 -11.99 22.42 -16.82
CA THR T 179 -12.39 23.76 -16.46
C THR T 179 -11.18 24.75 -16.65
N PHE T 180 -10.01 24.40 -16.11
CA PHE T 180 -8.87 25.30 -16.17
C PHE T 180 -8.49 25.52 -17.64
N ASN T 181 -8.65 24.46 -18.44
CA ASN T 181 -8.35 24.52 -19.88
C ASN T 181 -9.22 25.58 -20.53
N PHE T 182 -10.53 25.42 -20.32
CA PHE T 182 -11.56 26.40 -20.76
C PHE T 182 -11.20 27.83 -20.38
N MET T 183 -10.80 28.03 -19.14
CA MET T 183 -10.46 29.36 -18.63
C MET T 183 -9.24 29.94 -19.33
N ILE T 184 -8.19 29.11 -19.51
CA ILE T 184 -6.94 29.61 -20.14
C ILE T 184 -7.19 29.94 -21.62
N VAL T 185 -7.85 29.05 -22.34
CA VAL T 185 -8.19 29.33 -23.74
C VAL T 185 -9.04 30.63 -23.81
N PHE T 186 -9.91 30.82 -22.82
CA PHE T 186 -10.85 31.96 -22.84
C PHE T 186 -10.06 33.24 -22.71
N GLN T 187 -9.06 33.24 -21.80
CA GLN T 187 -8.21 34.38 -21.63
C GLN T 187 -7.46 34.71 -22.93
N ALA T 188 -6.93 33.68 -23.59
CA ALA T 188 -6.15 33.92 -24.82
C ALA T 188 -7.08 34.56 -25.86
N GLU T 189 -8.34 34.11 -25.91
CA GLU T 189 -9.24 34.45 -27.00
C GLU T 189 -10.11 35.70 -26.77
N HIS T 190 -10.22 36.13 -25.51
CA HIS T 190 -11.16 37.21 -25.12
C HIS T 190 -10.50 38.17 -24.17
N ASN T 191 -9.31 37.84 -23.70
CA ASN T 191 -8.64 38.73 -22.66
C ASN T 191 -9.68 39.06 -21.56
N ILE T 192 -10.29 38.01 -21.05
CA ILE T 192 -11.39 38.17 -20.08
C ILE T 192 -10.92 38.92 -18.83
N LEU T 193 -9.67 38.72 -18.41
CA LEU T 193 -9.25 39.50 -17.25
C LEU T 193 -9.48 41.02 -17.40
N MET T 194 -9.31 41.53 -18.61
CA MET T 194 -9.40 42.98 -18.92
C MET T 194 -10.84 43.37 -19.29
N HIS T 195 -11.79 42.47 -19.00
CA HIS T 195 -13.19 42.78 -19.32
C HIS T 195 -13.90 43.23 -18.05
N PRO T 196 -14.56 44.40 -18.09
CA PRO T 196 -15.19 44.92 -16.84
C PRO T 196 -16.27 44.02 -16.26
N PHE T 197 -16.96 43.20 -17.04
CA PHE T 197 -17.96 42.36 -16.45
C PHE T 197 -17.31 41.23 -15.63
N HIS T 198 -16.11 40.74 -16.05
CA HIS T 198 -15.44 39.72 -15.25
C HIS T 198 -14.88 40.39 -14.03
N GLN T 199 -14.46 41.66 -14.19
CA GLN T 199 -13.94 42.44 -13.06
C GLN T 199 -15.03 42.65 -12.00
N LEU T 200 -16.26 42.93 -12.43
CA LEU T 200 -17.46 43.01 -11.56
C LEU T 200 -17.74 41.64 -10.87
N GLY T 201 -17.55 40.56 -11.62
CA GLY T 201 -17.63 39.19 -11.09
C GLY T 201 -16.69 39.01 -9.94
N VAL T 202 -15.46 39.42 -10.13
CA VAL T 202 -14.44 39.23 -9.08
C VAL T 202 -14.85 40.07 -7.85
N ALA T 203 -15.23 41.33 -8.09
CA ALA T 203 -15.67 42.17 -6.96
C ALA T 203 -16.86 41.48 -6.29
N GLY T 204 -17.74 40.89 -7.07
CA GLY T 204 -18.85 40.14 -6.49
C GLY T 204 -18.47 38.95 -5.62
N VAL T 205 -17.47 38.12 -6.04
CA VAL T 205 -17.17 36.92 -5.30
C VAL T 205 -16.19 37.29 -4.19
N PHE T 206 -15.18 38.15 -4.44
CA PHE T 206 -14.30 38.52 -3.29
C PHE T 206 -15.17 39.30 -2.26
N GLY T 207 -15.97 40.26 -2.73
CA GLY T 207 -16.90 41.00 -1.89
C GLY T 207 -17.87 40.07 -1.15
N GLY T 208 -18.50 39.15 -1.88
CA GLY T 208 -19.36 38.15 -1.22
C GLY T 208 -18.61 37.41 -0.09
N ALA T 209 -17.34 37.04 -0.32
CA ALA T 209 -16.65 36.22 0.67
C ALA T 209 -16.27 37.16 1.86
N LEU T 210 -15.86 38.37 1.52
CA LEU T 210 -15.54 39.40 2.57
C LEU T 210 -16.79 39.65 3.47
N PHE T 211 -17.94 39.89 2.83
CA PHE T 211 -19.15 40.27 3.57
C PHE T 211 -19.69 39.05 4.32
N CYS T 212 -19.46 37.83 3.78
CA CYS T 212 -19.86 36.60 4.43
C CYS T 212 -19.07 36.54 5.72
N ALA T 213 -17.75 36.68 5.61
CA ALA T 213 -16.89 36.64 6.83
C ALA T 213 -17.25 37.76 7.85
N MET T 214 -17.43 38.96 7.33
CA MET T 214 -17.71 40.14 8.16
C MET T 214 -19.03 39.93 8.94
N HIS T 215 -20.09 39.55 8.25
CA HIS T 215 -21.38 39.36 8.87
C HIS T 215 -21.29 38.24 9.89
N GLY T 216 -20.74 37.11 9.46
CA GLY T 216 -20.56 36.03 10.36
C GLY T 216 -19.80 36.45 11.59
N SER T 217 -18.69 37.18 11.42
CA SER T 217 -17.88 37.54 12.58
C SER T 217 -18.67 38.52 13.47
N LEU T 218 -19.45 39.43 12.86
CA LEU T 218 -20.13 40.50 13.66
C LEU T 218 -21.25 39.93 14.51
N VAL T 219 -22.02 39.02 13.93
CA VAL T 219 -23.09 38.39 14.68
C VAL T 219 -22.48 37.47 15.76
N THR T 220 -21.40 36.74 15.41
CA THR T 220 -20.75 35.85 16.36
C THR T 220 -20.19 36.67 17.51
N SER T 221 -19.67 37.87 17.21
CA SER T 221 -19.03 38.74 18.21
CA SER T 221 -19.02 38.69 18.24
C SER T 221 -20.02 39.19 19.30
N SER T 222 -21.30 39.24 18.96
CA SER T 222 -22.35 39.90 19.74
CA SER T 222 -22.30 39.88 19.81
C SER T 222 -23.40 38.93 20.29
N LEU T 223 -23.07 37.63 20.31
CA LEU T 223 -24.01 36.63 20.83
C LEU T 223 -24.25 36.93 22.32
N ILE T 224 -25.50 36.87 22.73
CA ILE T 224 -25.87 37.09 24.14
C ILE T 224 -25.44 35.88 24.99
N ARG T 225 -24.75 36.11 26.11
CA ARG T 225 -24.31 35.00 27.00
C ARG T 225 -25.53 34.16 27.48
N GLU T 226 -25.56 32.87 27.12
CA GLU T 226 -26.65 31.98 27.48
C GLU T 226 -26.09 30.61 27.92
N THR T 227 -24.77 30.49 28.00
CA THR T 227 -24.12 29.18 28.13
C THR T 227 -22.92 29.42 29.03
N THR T 228 -22.37 28.35 29.62
CA THR T 228 -21.13 28.44 30.38
C THR T 228 -19.93 28.18 29.51
N GLU T 229 -18.72 28.23 30.09
CA GLU T 229 -17.45 28.07 29.34
C GLU T 229 -17.20 26.64 28.81
N THR T 230 -17.67 25.66 29.58
CA THR T 230 -17.51 24.27 29.19
C THR T 230 -18.55 23.80 28.13
N GLU T 231 -19.37 24.72 27.60
CA GLU T 231 -20.24 24.31 26.50
C GLU T 231 -20.17 25.20 25.27
N SER T 232 -20.59 24.65 24.15
CA SER T 232 -20.58 25.40 22.90
C SER T 232 -21.62 26.53 23.07
N ALA T 233 -21.27 27.75 22.60
CA ALA T 233 -22.21 28.88 22.59
C ALA T 233 -23.45 28.57 21.74
N ASN T 234 -23.32 27.60 20.84
CA ASN T 234 -24.48 27.34 19.89
C ASN T 234 -25.71 26.82 20.65
N TYR T 235 -25.49 26.16 21.79
CA TYR T 235 -26.60 25.75 22.68
C TYR T 235 -27.41 26.93 23.29
N GLY T 236 -26.85 28.15 23.26
CA GLY T 236 -27.59 29.36 23.69
C GLY T 236 -28.72 29.82 22.76
N TYR T 237 -28.83 29.20 21.57
CA TYR T 237 -29.93 29.52 20.62
C TYR T 237 -30.76 28.25 20.47
N LYS T 238 -32.10 28.35 20.53
CA LYS T 238 -33.00 27.17 20.35
C LYS T 238 -33.82 27.40 19.10
N PHE T 239 -33.90 26.38 18.24
CA PHE T 239 -34.58 26.52 16.93
C PHE T 239 -35.99 27.07 17.20
N GLY T 240 -36.33 28.15 16.51
CA GLY T 240 -37.69 28.71 16.56
C GLY T 240 -37.98 29.66 17.72
N GLN T 241 -37.00 29.92 18.58
CA GLN T 241 -37.17 30.91 19.64
C GLN T 241 -37.55 32.25 19.05
N GLU T 242 -38.37 32.99 19.79
CA GLU T 242 -38.88 34.28 19.31
C GLU T 242 -37.82 35.41 19.35
N GLU T 243 -36.98 35.44 20.40
CA GLU T 243 -36.07 36.57 20.60
C GLU T 243 -34.82 36.45 19.70
N GLU T 244 -34.19 37.57 19.34
CA GLU T 244 -32.96 37.56 18.57
C GLU T 244 -31.86 37.04 19.53
N THR T 245 -30.81 36.43 18.97
CA THR T 245 -29.85 35.66 19.76
C THR T 245 -28.54 36.42 20.02
N TYR T 246 -28.41 37.57 19.34
CA TYR T 246 -27.26 38.46 19.46
C TYR T 246 -27.82 39.86 19.61
N ASN T 247 -26.98 40.75 20.09
CA ASN T 247 -27.33 42.14 20.30
C ASN T 247 -26.91 42.97 19.07
N ILE T 248 -27.86 43.23 18.16
CA ILE T 248 -27.64 44.02 16.91
C ILE T 248 -27.11 45.45 17.22
N VAL T 249 -27.46 45.94 18.40
CA VAL T 249 -27.04 47.27 18.81
C VAL T 249 -25.56 47.26 19.18
N ALA T 250 -25.11 46.20 19.89
CA ALA T 250 -23.66 46.04 20.19
C ALA T 250 -22.89 45.84 18.88
N ALA T 251 -23.48 45.03 17.99
CA ALA T 251 -22.87 44.72 16.68
C ALA T 251 -22.58 46.02 15.91
N HIS T 252 -23.62 46.85 15.79
CA HIS T 252 -23.55 48.13 15.07
C HIS T 252 -22.61 49.12 15.79
N GLY T 253 -22.67 49.14 17.12
CA GLY T 253 -21.79 49.99 17.94
C GLY T 253 -20.33 49.69 17.69
N TYR T 254 -20.04 48.41 17.40
CA TYR T 254 -18.68 47.99 17.08
C TYR T 254 -18.33 48.43 15.67
N PHE T 255 -19.18 48.08 14.70
CA PHE T 255 -18.81 48.26 13.30
C PHE T 255 -18.75 49.74 12.93
N GLY T 256 -19.74 50.51 13.43
CA GLY T 256 -19.76 51.96 13.24
C GLY T 256 -18.50 52.64 13.75
N ARG T 257 -17.95 52.16 14.87
CA ARG T 257 -16.68 52.71 15.33
C ARG T 257 -15.48 52.19 14.52
N LEU T 258 -15.58 50.96 13.98
CA LEU T 258 -14.44 50.32 13.24
C LEU T 258 -14.11 51.16 12.02
N ILE T 259 -15.18 51.53 11.33
CA ILE T 259 -15.08 52.41 10.18
CA ILE T 259 -15.07 52.43 10.17
C ILE T 259 -15.49 53.84 10.62
N PHE T 260 -16.76 54.18 10.50
CA PHE T 260 -17.31 55.37 11.14
C PHE T 260 -18.83 55.13 11.19
N GLN T 261 -19.52 55.81 12.12
CA GLN T 261 -20.90 55.47 12.49
C GLN T 261 -21.84 55.16 11.30
N TYR T 262 -21.78 56.01 10.28
CA TYR T 262 -22.70 55.97 9.15
C TYR T 262 -22.40 54.92 8.04
N ALA T 263 -21.29 54.21 8.12
CA ALA T 263 -21.00 53.15 7.13
C ALA T 263 -21.51 51.77 7.60
N SER T 264 -21.99 51.75 8.85
CA SER T 264 -22.51 50.56 9.49
C SER T 264 -24.02 50.46 9.25
N PHE T 265 -24.48 49.23 9.00
CA PHE T 265 -25.91 48.97 8.80
C PHE T 265 -26.57 48.81 10.17
N ASN T 266 -27.62 49.57 10.47
CA ASN T 266 -28.36 49.25 11.69
C ASN T 266 -29.71 48.55 11.47
N ASN T 267 -30.17 48.57 10.21
CA ASN T 267 -31.39 47.92 9.78
C ASN T 267 -31.02 46.55 9.23
N SER T 268 -31.40 45.52 9.97
CA SER T 268 -31.02 44.19 9.62
C SER T 268 -31.63 43.79 8.23
N ARG T 269 -32.76 44.40 7.87
CA ARG T 269 -33.39 44.10 6.57
C ARG T 269 -32.51 44.70 5.49
N SER T 270 -32.07 45.93 5.66
CA SER T 270 -31.13 46.52 4.69
C SER T 270 -29.85 45.69 4.57
N LEU T 271 -29.26 45.34 5.71
CA LEU T 271 -28.06 44.48 5.73
C LEU T 271 -28.24 43.19 4.88
N HIS T 272 -29.31 42.45 5.17
CA HIS T 272 -29.50 41.18 4.51
C HIS T 272 -29.80 41.35 3.06
N PHE T 273 -30.49 42.46 2.70
CA PHE T 273 -30.69 42.76 1.27
C PHE T 273 -29.34 42.97 0.57
N PHE T 274 -28.42 43.70 1.22
CA PHE T 274 -27.12 44.00 0.63
C PHE T 274 -26.27 42.69 0.46
N LEU T 275 -26.29 41.82 1.48
CA LEU T 275 -25.66 40.49 1.43
C LEU T 275 -26.22 39.72 0.21
N ALA T 276 -27.51 39.77 -0.01
CA ALA T 276 -28.06 39.10 -1.22
C ALA T 276 -27.54 39.76 -2.50
N ALA T 277 -27.72 41.09 -2.60
CA ALA T 277 -27.58 41.82 -3.84
C ALA T 277 -26.14 41.89 -4.35
N TRP T 278 -25.17 42.12 -3.47
CA TRP T 278 -23.80 42.30 -3.91
C TRP T 278 -23.26 41.10 -4.74
N PRO T 279 -23.21 39.87 -4.14
CA PRO T 279 -22.67 38.72 -4.89
C PRO T 279 -23.60 38.37 -6.05
N VAL T 280 -24.91 38.53 -5.86
CA VAL T 280 -25.83 38.14 -6.96
C VAL T 280 -25.66 39.05 -8.20
N VAL T 281 -25.61 40.36 -7.97
CA VAL T 281 -25.40 41.32 -9.05
C VAL T 281 -23.99 41.09 -9.66
N GLY T 282 -22.95 40.99 -8.83
CA GLY T 282 -21.62 40.74 -9.41
C GLY T 282 -21.57 39.48 -10.27
N VAL T 283 -22.24 38.41 -9.83
CA VAL T 283 -22.22 37.16 -10.54
C VAL T 283 -23.13 37.22 -11.78
N TRP T 284 -24.21 37.99 -11.75
CA TRP T 284 -24.97 38.23 -13.03
C TRP T 284 -24.05 38.92 -14.03
N PHE T 285 -23.24 39.87 -13.58
CA PHE T 285 -22.28 40.45 -14.49
C PHE T 285 -21.20 39.46 -15.01
N ALA T 286 -20.65 38.63 -14.11
CA ALA T 286 -19.75 37.54 -14.55
C ALA T 286 -20.42 36.76 -15.70
N ALA T 287 -21.65 36.31 -15.47
CA ALA T 287 -22.35 35.48 -16.44
C ALA T 287 -22.53 36.23 -17.77
N LEU T 288 -22.86 37.53 -17.68
CA LEU T 288 -23.00 38.36 -18.87
C LEU T 288 -21.64 38.60 -19.53
N GLY T 289 -20.56 38.60 -18.76
CA GLY T 289 -19.21 38.67 -19.36
C GLY T 289 -19.03 37.47 -20.30
N ILE T 290 -19.26 36.26 -19.77
CA ILE T 290 -19.00 35.09 -20.57
C ILE T 290 -20.01 35.11 -21.75
N SER T 291 -21.23 35.53 -21.47
CA SER T 291 -22.28 35.46 -22.47
C SER T 291 -22.18 36.53 -23.62
N THR T 292 -21.43 37.58 -23.40
CA THR T 292 -21.22 38.59 -24.43
C THR T 292 -19.83 38.41 -25.09
N MET T 293 -18.83 37.98 -24.32
CA MET T 293 -17.60 37.45 -24.94
C MET T 293 -17.95 36.29 -25.85
N ALA T 294 -19.10 35.62 -25.63
CA ALA T 294 -19.58 34.59 -26.58
C ALA T 294 -19.75 35.14 -27.97
N PHE T 295 -20.03 36.44 -28.06
CA PHE T 295 -20.19 37.05 -29.36
C PHE T 295 -18.99 37.93 -29.65
N ASN T 296 -17.89 37.63 -28.98
CA ASN T 296 -16.57 38.21 -29.28
C ASN T 296 -16.50 39.70 -29.09
N LEU T 297 -17.27 40.26 -28.16
CA LEU T 297 -16.97 41.60 -27.72
C LEU T 297 -16.10 41.44 -26.50
N ASN T 298 -14.80 41.75 -26.61
CA ASN T 298 -13.84 41.19 -25.72
C ASN T 298 -13.35 42.21 -24.76
N GLY T 299 -12.45 41.77 -23.89
CA GLY T 299 -11.84 42.61 -22.88
C GLY T 299 -11.14 43.82 -23.48
N PHE T 300 -10.84 44.82 -22.68
CA PHE T 300 -10.12 45.98 -23.20
C PHE T 300 -8.76 45.55 -23.82
N ASN T 301 -8.37 46.22 -24.92
CA ASN T 301 -7.14 45.94 -25.63
C ASN T 301 -6.32 47.18 -25.65
N PHE T 302 -5.33 47.26 -24.77
CA PHE T 302 -4.40 48.37 -24.82
C PHE T 302 -3.01 47.98 -25.34
N ASN T 303 -3.00 47.06 -26.28
CA ASN T 303 -1.74 46.56 -26.79
C ASN T 303 -1.09 47.70 -27.64
N HIS T 304 0.09 48.12 -27.23
CA HIS T 304 0.83 49.24 -27.88
C HIS T 304 0.10 50.54 -27.77
N SER T 305 -0.66 50.76 -26.67
CA SER T 305 -1.44 52.00 -26.53
C SER T 305 -0.49 53.19 -26.20
N VAL T 306 0.63 52.86 -25.58
CA VAL T 306 1.61 53.86 -25.14
C VAL T 306 2.80 53.87 -26.09
N ILE T 307 2.98 55.03 -26.75
CA ILE T 307 4.02 55.26 -27.76
C ILE T 307 4.88 56.49 -27.42
N ASP T 308 6.19 56.43 -27.69
CA ASP T 308 7.04 57.58 -27.31
C ASP T 308 7.08 58.65 -28.46
N ALA T 309 7.91 59.65 -28.26
CA ALA T 309 7.93 60.80 -29.21
C ALA T 309 8.33 60.37 -30.64
N LYS T 310 9.16 59.32 -30.74
CA LYS T 310 9.57 58.84 -32.03
C LYS T 310 8.56 57.90 -32.64
N GLY T 311 7.78 57.21 -31.81
CA GLY T 311 6.91 56.16 -32.36
C GLY T 311 7.31 54.79 -31.75
N ASN T 312 8.30 54.74 -30.86
CA ASN T 312 8.69 53.44 -30.22
C ASN T 312 7.50 52.99 -29.31
N VAL T 313 7.14 51.71 -29.33
CA VAL T 313 6.17 51.19 -28.34
C VAL T 313 6.83 51.20 -26.96
N ILE T 314 6.16 51.83 -25.98
CA ILE T 314 6.59 51.72 -24.62
C ILE T 314 5.56 50.73 -23.96
N ASN T 315 5.98 49.50 -23.70
CA ASN T 315 5.09 48.51 -23.10
C ASN T 315 4.49 48.96 -21.76
N THR T 316 3.26 48.53 -21.52
CA THR T 316 2.73 48.61 -20.13
C THR T 316 2.44 47.16 -19.66
N TRP T 317 1.95 47.01 -18.45
CA TRP T 317 1.50 45.70 -17.99
C TRP T 317 0.51 45.08 -18.93
N ALA T 318 -0.27 45.87 -19.64
CA ALA T 318 -1.17 45.24 -20.66
C ALA T 318 -0.41 44.48 -21.72
N ASP T 319 0.74 45.04 -22.16
CA ASP T 319 1.57 44.36 -23.19
C ASP T 319 2.15 43.05 -22.64
N ILE T 320 2.48 43.00 -21.34
CA ILE T 320 2.97 41.75 -20.73
C ILE T 320 1.87 40.69 -20.68
N ILE T 321 0.67 41.12 -20.27
CA ILE T 321 -0.50 40.24 -20.34
C ILE T 321 -0.59 39.73 -21.76
N ASN T 322 -0.40 40.62 -22.73
CA ASN T 322 -0.61 40.19 -24.13
C ASN T 322 0.41 39.11 -24.57
N ARG T 323 1.63 39.19 -24.08
CA ARG T 323 2.61 38.12 -24.35
C ARG T 323 2.16 36.76 -23.72
N ALA T 324 1.58 36.80 -22.51
CA ALA T 324 1.15 35.53 -21.87
C ALA T 324 0.01 34.99 -22.70
N ASN T 325 -0.91 35.87 -23.08
CA ASN T 325 -2.03 35.44 -23.98
C ASN T 325 -1.59 34.78 -25.29
N LEU T 326 -0.61 35.41 -25.95
CA LEU T 326 -0.05 34.86 -27.18
C LEU T 326 0.47 33.42 -26.94
N GLY T 327 1.15 33.22 -25.81
CA GLY T 327 1.65 31.87 -25.47
C GLY T 327 0.50 30.85 -25.43
N MET T 328 -0.62 31.23 -24.85
CA MET T 328 -1.75 30.34 -24.76
C MET T 328 -2.34 30.14 -26.14
N GLU T 329 -2.53 31.24 -26.82
CA GLU T 329 -3.12 31.18 -28.17
C GLU T 329 -2.35 30.26 -29.13
N VAL T 330 -1.05 30.46 -29.23
CA VAL T 330 -0.31 29.70 -30.28
C VAL T 330 -0.23 28.21 -29.93
N MET T 331 -0.32 27.85 -28.63
CA MET T 331 -0.25 26.44 -28.20
C MET T 331 -1.56 25.68 -28.20
N HIS T 332 -2.72 26.32 -28.01
CA HIS T 332 -3.92 25.51 -27.74
C HIS T 332 -4.35 24.78 -28.98
N GLU T 333 -4.91 23.58 -28.82
CA GLU T 333 -5.43 22.79 -29.93
C GLU T 333 -4.37 22.83 -31.07
N ARG T 334 -3.16 22.35 -30.73
CA ARG T 334 -1.96 22.54 -31.55
C ARG T 334 -2.08 21.88 -32.94
N ASN T 335 -3.05 21.00 -33.15
CA ASN T 335 -3.20 20.37 -34.44
C ASN T 335 -4.45 20.80 -35.19
N ALA T 336 -5.22 21.74 -34.64
CA ALA T 336 -6.58 21.99 -35.17
C ALA T 336 -6.64 23.11 -36.21
N HIS T 337 -5.68 24.03 -36.20
CA HIS T 337 -5.81 25.25 -37.02
C HIS T 337 -4.93 25.08 -38.27
N ASN T 338 -5.48 25.33 -39.44
CA ASN T 338 -4.73 25.30 -40.70
C ASN T 338 -4.49 26.66 -41.28
N PHE T 339 -5.30 27.64 -40.84
CA PHE T 339 -5.20 28.99 -41.38
C PHE T 339 -4.77 29.98 -40.28
N PRO T 340 -4.25 31.17 -40.65
CA PRO T 340 -3.48 32.00 -39.71
C PRO T 340 -4.26 32.64 -38.53
N LEU T 341 -5.57 32.78 -38.71
CA LEU T 341 -6.45 33.48 -37.73
C LEU T 341 -7.37 32.51 -37.06
N ASP T 342 -7.44 32.60 -35.73
CA ASP T 342 -8.40 31.78 -35.02
C ASP T 342 -9.69 32.63 -34.90
N LEU T 343 -10.65 32.33 -35.74
CA LEU T 343 -11.81 33.21 -35.89
C LEU T 343 -13.06 32.70 -35.15
N ALA T 344 -12.99 31.47 -34.65
CA ALA T 344 -13.94 30.96 -33.64
C ALA T 344 -13.22 29.86 -32.84
N GLY U 1 -21.77 18.47 26.80
CA GLY U 1 -20.35 18.38 27.35
C GLY U 1 -19.41 19.29 26.54
N LEU U 2 -18.11 19.08 26.66
CA LEU U 2 -17.14 19.85 25.91
C LEU U 2 -17.20 19.46 24.44
N PRO U 3 -17.18 20.45 23.54
CA PRO U 3 -17.02 20.13 22.10
C PRO U 3 -15.64 19.54 21.85
N TRP U 4 -15.50 18.84 20.71
CA TRP U 4 -14.29 18.05 20.47
C TRP U 4 -13.07 18.94 20.46
N TYR U 5 -13.21 20.20 20.03
CA TYR U 5 -12.02 21.07 19.84
C TYR U 5 -11.61 21.73 21.18
N ARG U 6 -12.33 21.43 22.26
CA ARG U 6 -11.95 21.95 23.59
C ARG U 6 -11.58 20.91 24.61
N VAL U 7 -11.35 19.66 24.21
CA VAL U 7 -11.15 18.60 25.19
C VAL U 7 -9.96 18.87 26.11
N HIS U 8 -8.89 19.46 25.61
CA HIS U 8 -7.71 19.67 26.43
C HIS U 8 -7.83 20.80 27.42
N THR U 9 -8.90 21.57 27.31
CA THR U 9 -9.11 22.68 28.29
C THR U 9 -9.25 22.16 29.74
N VAL U 10 -9.51 20.86 29.92
CA VAL U 10 -9.63 20.29 31.27
C VAL U 10 -8.32 20.46 32.03
N LEU U 11 -7.23 20.81 31.35
CA LEU U 11 -5.92 20.94 31.98
C LEU U 11 -5.69 22.35 32.55
N ILE U 12 -6.52 23.31 32.21
CA ILE U 12 -6.18 24.75 32.46
C ILE U 12 -5.94 25.04 33.96
N ASN U 13 -6.72 24.39 34.80
CA ASN U 13 -6.54 24.57 36.24
CA ASN U 13 -6.56 24.59 36.25
C ASN U 13 -6.07 23.34 36.96
N ASP U 14 -5.17 22.60 36.32
CA ASP U 14 -4.72 21.33 36.87
C ASP U 14 -3.26 21.21 36.55
N PRO U 15 -2.43 21.88 37.38
CA PRO U 15 -1.03 22.00 36.94
C PRO U 15 -0.35 20.64 36.87
N GLY U 16 -0.75 19.69 37.70
CA GLY U 16 -0.06 18.41 37.67
C GLY U 16 -0.34 17.64 36.38
N ARG U 17 -1.59 17.69 35.94
CA ARG U 17 -1.98 17.01 34.70
C ARG U 17 -1.51 17.75 33.46
N LEU U 18 -1.37 19.06 33.56
CA LEU U 18 -0.71 19.80 32.50
C LEU U 18 0.73 19.39 32.31
N ILE U 19 1.46 19.28 33.43
CA ILE U 19 2.83 18.77 33.38
C ILE U 19 2.84 17.36 32.76
N ALA U 20 1.91 16.50 33.17
CA ALA U 20 1.78 15.14 32.59
C ALA U 20 1.56 15.19 31.06
N ALA U 21 0.65 16.05 30.63
CA ALA U 21 0.42 16.27 29.15
C ALA U 21 1.69 16.76 28.47
N HIS U 22 2.35 17.75 29.09
CA HIS U 22 3.61 18.20 28.60
C HIS U 22 4.65 17.11 28.58
N LEU U 23 4.71 16.28 29.63
CA LEU U 23 5.69 15.20 29.66
C LEU U 23 5.42 14.25 28.47
N MET U 24 4.14 13.95 28.24
CA MET U 24 3.74 13.06 27.12
C MET U 24 4.13 13.65 25.79
N HIS U 25 3.85 14.94 25.59
CA HIS U 25 4.30 15.61 24.38
C HIS U 25 5.77 15.49 24.15
N THR U 26 6.56 15.72 25.21
CA THR U 26 8.01 15.67 25.07
C THR U 26 8.46 14.22 24.80
N ALA U 27 7.80 13.25 25.44
CA ALA U 27 8.12 11.81 25.17
C ALA U 27 7.90 11.50 23.66
N LEU U 28 6.80 12.02 23.15
CA LEU U 28 6.43 11.79 21.73
C LEU U 28 7.49 12.42 20.81
N VAL U 29 7.89 13.67 21.11
CA VAL U 29 8.85 14.39 20.25
C VAL U 29 10.19 13.71 20.29
N ALA U 30 10.62 13.30 21.48
CA ALA U 30 11.93 12.66 21.60
C ALA U 30 11.90 11.28 20.96
N GLY U 31 10.74 10.59 21.04
CA GLY U 31 10.64 9.28 20.39
C GLY U 31 10.65 9.44 18.86
N TRP U 32 10.03 10.50 18.38
CA TRP U 32 10.09 10.83 16.96
C TRP U 32 11.54 10.99 16.53
N ALA U 33 12.33 11.73 17.34
CA ALA U 33 13.69 12.00 16.95
C ALA U 33 14.47 10.69 16.88
N GLY U 34 14.34 9.85 17.93
CA GLY U 34 15.07 8.56 18.00
C GLY U 34 14.61 7.70 16.77
N SER U 35 13.32 7.65 16.51
CA SER U 35 12.79 6.80 15.41
C SER U 35 13.26 7.27 14.06
N MET U 36 13.17 8.58 13.87
CA MET U 36 13.63 9.21 12.65
C MET U 36 15.08 8.93 12.40
N ALA U 37 15.91 9.04 13.44
CA ALA U 37 17.34 8.80 13.21
C ALA U 37 17.59 7.32 12.88
N LEU U 38 16.85 6.42 13.52
CA LEU U 38 17.01 4.97 13.18
C LEU U 38 16.60 4.67 11.76
N TYR U 39 15.48 5.23 11.33
CA TYR U 39 15.02 5.04 9.92
C TYR U 39 16.04 5.61 8.93
N GLU U 40 16.60 6.79 9.24
CA GLU U 40 17.66 7.33 8.39
C GLU U 40 18.89 6.45 8.38
N LEU U 41 19.36 6.00 9.55
CA LEU U 41 20.46 5.03 9.54
C LEU U 41 20.14 3.72 8.78
N ALA U 42 18.88 3.25 8.76
CA ALA U 42 18.54 2.03 7.99
C ALA U 42 18.55 2.28 6.49
N THR U 43 18.53 3.55 6.09
CA THR U 43 18.40 3.84 4.66
C THR U 43 19.62 4.57 4.12
N PHE U 44 20.41 5.21 4.99
CA PHE U 44 21.55 6.05 4.51
C PHE U 44 22.72 5.25 4.02
N ASP U 45 23.21 5.59 2.83
CA ASP U 45 24.39 4.97 2.23
C ASP U 45 25.61 5.90 2.46
N PRO U 46 26.53 5.48 3.34
CA PRO U 46 27.66 6.37 3.68
C PRO U 46 28.88 6.28 2.73
N SER U 47 28.74 5.59 1.60
CA SER U 47 29.92 5.19 0.85
C SER U 47 30.37 6.29 -0.13
N ASP U 48 29.64 7.40 -0.26
CA ASP U 48 30.10 8.45 -1.18
C ASP U 48 29.72 9.87 -0.75
N PRO U 49 30.46 10.47 0.20
CA PRO U 49 30.15 11.86 0.57
C PRO U 49 30.38 12.90 -0.54
N VAL U 50 31.01 12.53 -1.64
CA VAL U 50 31.23 13.46 -2.75
C VAL U 50 29.98 13.58 -3.64
N LEU U 51 29.53 12.48 -4.25
CA LEU U 51 28.38 12.60 -5.14
C LEU U 51 27.09 12.01 -4.54
N ASN U 52 27.20 11.43 -3.33
CA ASN U 52 26.01 10.90 -2.66
C ASN U 52 25.94 11.28 -1.19
N PRO U 53 26.07 12.62 -0.89
CA PRO U 53 26.03 13.09 0.49
C PRO U 53 24.61 12.96 1.05
N MET U 54 24.50 13.08 2.38
CA MET U 54 23.21 13.01 3.10
C MET U 54 22.07 13.80 2.41
N TRP U 55 22.38 14.98 1.82
CA TRP U 55 21.27 15.87 1.36
C TRP U 55 20.71 15.43 0.04
N ARG U 56 21.40 14.54 -0.62
CA ARG U 56 20.85 13.89 -1.83
C ARG U 56 19.97 12.66 -1.43
N GLN U 57 20.04 12.25 -0.19
CA GLN U 57 19.38 10.98 0.24
C GLN U 57 18.11 11.24 1.08
N GLY U 58 17.64 12.49 1.14
CA GLY U 58 16.39 12.79 1.85
C GLY U 58 16.60 12.72 3.33
N MET U 59 17.84 12.99 3.78
CA MET U 59 18.16 12.87 5.21
C MET U 59 17.77 14.19 5.88
N PHE U 60 16.96 14.13 6.94
CA PHE U 60 16.42 15.32 7.54
C PHE U 60 17.06 15.53 8.92
N VAL U 61 17.16 14.46 9.73
CA VAL U 61 17.84 14.58 11.06
C VAL U 61 19.34 14.35 11.09
N LEU U 62 19.83 13.49 10.18
CA LEU U 62 21.27 13.26 10.08
C LEU U 62 22.08 14.62 10.05
N PRO U 63 21.63 15.60 9.25
CA PRO U 63 22.37 16.89 9.25
C PRO U 63 22.37 17.64 10.56
N PHE U 64 21.33 17.46 11.38
CA PHE U 64 21.32 18.14 12.66
C PHE U 64 22.23 17.46 13.65
N MET U 65 22.38 16.15 13.53
CA MET U 65 23.35 15.49 14.38
C MET U 65 24.75 15.92 13.96
N ALA U 66 24.99 15.98 12.65
CA ALA U 66 26.31 16.34 12.08
C ALA U 66 26.67 17.81 12.43
N ARG U 67 25.67 18.69 12.44
CA ARG U 67 25.95 20.13 12.66
C ARG U 67 26.61 20.34 14.04
N LEU U 68 26.19 19.55 15.01
CA LEU U 68 26.75 19.73 16.36
C LEU U 68 27.81 18.74 16.73
N GLY U 69 28.32 17.97 15.77
CA GLY U 69 29.53 17.14 16.07
C GLY U 69 29.31 15.64 16.06
N VAL U 70 28.08 15.17 15.83
CA VAL U 70 27.90 13.72 15.70
C VAL U 70 28.09 13.36 14.24
N THR U 71 29.26 12.77 13.94
CA THR U 71 29.65 12.49 12.57
C THR U 71 29.96 11.01 12.32
N GLY U 72 30.04 10.17 13.35
CA GLY U 72 30.43 8.79 13.09
C GLY U 72 29.35 7.77 13.40
N SER U 73 29.49 6.58 12.83
CA SER U 73 28.67 5.42 13.22
C SER U 73 29.48 4.37 13.98
N TRP U 74 28.83 3.66 14.90
CA TRP U 74 29.47 2.52 15.52
C TRP U 74 29.98 1.52 14.53
N SER U 75 29.43 1.52 13.34
CA SER U 75 29.87 0.56 12.34
CA SER U 75 29.85 0.59 12.29
C SER U 75 31.17 0.98 11.68
N GLY U 76 31.72 2.14 12.06
CA GLY U 76 33.07 2.45 11.56
C GLY U 76 33.17 3.58 10.54
N TRP U 77 32.08 3.98 9.89
CA TRP U 77 32.21 5.06 8.92
C TRP U 77 32.01 6.44 9.53
N SER U 78 32.44 7.47 8.81
CA SER U 78 32.08 8.85 9.17
C SER U 78 31.48 9.59 8.00
N ILE U 79 30.69 10.66 8.27
CA ILE U 79 30.10 11.40 7.19
C ILE U 79 31.09 12.16 6.35
N THR U 80 32.30 12.39 6.86
CA THR U 80 33.30 13.00 6.01
C THR U 80 34.03 11.97 5.15
N GLY U 81 33.63 10.70 5.23
CA GLY U 81 34.26 9.71 4.37
C GLY U 81 35.42 8.90 4.93
N GLU U 82 35.69 9.04 6.23
CA GLU U 82 36.68 8.21 6.90
C GLU U 82 36.20 6.81 7.22
N THR U 83 37.21 5.94 7.36
CA THR U 83 37.08 4.55 7.78
C THR U 83 37.83 4.40 9.11
N GLY U 84 37.49 3.35 9.86
CA GLY U 84 38.11 3.06 11.16
C GLY U 84 38.06 4.16 12.22
N ILE U 85 37.09 5.08 12.11
CA ILE U 85 36.93 6.08 13.17
C ILE U 85 36.18 5.40 14.31
N ASP U 86 36.49 5.78 15.53
CA ASP U 86 35.74 5.27 16.66
C ASP U 86 35.07 6.45 17.31
N PRO U 87 33.74 6.54 17.18
CA PRO U 87 33.09 7.75 17.63
C PRO U 87 32.71 7.73 19.10
N GLY U 88 33.02 6.65 19.84
CA GLY U 88 32.54 6.51 21.21
C GLY U 88 31.04 6.20 21.18
N PHE U 89 30.42 6.35 22.34
CA PHE U 89 29.01 6.21 22.49
C PHE U 89 28.22 7.12 21.56
N TRP U 90 28.69 8.37 21.40
CA TRP U 90 27.89 9.40 20.70
C TRP U 90 27.99 9.32 19.20
N SER U 91 27.72 8.12 18.67
CA SER U 91 27.61 7.98 17.24
C SER U 91 26.20 8.39 16.88
N PHE U 92 25.85 8.37 15.57
CA PHE U 92 24.43 8.50 15.29
C PHE U 92 23.57 7.50 16.05
N GLU U 93 24.00 6.23 16.20
CA GLU U 93 23.16 5.21 16.88
C GLU U 93 23.02 5.54 18.33
N GLY U 94 24.12 5.99 18.98
CA GLY U 94 23.96 6.27 20.38
C GLY U 94 23.04 7.47 20.63
N VAL U 95 23.05 8.46 19.74
CA VAL U 95 22.12 9.57 19.87
C VAL U 95 20.69 9.04 19.75
N ALA U 96 20.47 8.19 18.75
CA ALA U 96 19.10 7.66 18.53
C ALA U 96 18.68 6.90 19.77
N LEU U 97 19.59 6.07 20.29
CA LEU U 97 19.28 5.29 21.50
C LEU U 97 18.94 6.18 22.68
N ALA U 98 19.80 7.19 22.95
CA ALA U 98 19.58 8.11 24.08
C ALA U 98 18.17 8.73 23.97
N HIS U 99 17.77 9.11 22.77
CA HIS U 99 16.42 9.72 22.61
C HIS U 99 15.30 8.76 22.87
N ILE U 100 15.45 7.51 22.39
CA ILE U 100 14.46 6.46 22.70
C ILE U 100 14.34 6.21 24.23
N VAL U 101 15.46 6.08 24.90
CA VAL U 101 15.43 5.89 26.37
C VAL U 101 14.77 7.13 27.03
N LEU U 102 15.18 8.33 26.64
CA LEU U 102 14.56 9.58 27.13
C LEU U 102 13.05 9.52 26.99
N SER U 103 12.59 9.20 25.78
CA SER U 103 11.16 9.05 25.55
C SER U 103 10.47 8.17 26.58
N GLY U 104 11.03 6.97 26.79
CA GLY U 104 10.44 6.04 27.76
C GLY U 104 10.40 6.65 29.16
N LEU U 105 11.51 7.28 29.56
CA LEU U 105 11.54 7.84 30.96
C LEU U 105 10.50 8.96 31.07
N LEU U 106 10.34 9.74 29.99
CA LEU U 106 9.36 10.84 29.99
C LEU U 106 7.96 10.28 30.10
N PHE U 107 7.70 9.19 29.36
CA PHE U 107 6.38 8.56 29.36
C PHE U 107 6.01 8.12 30.76
N LEU U 108 6.94 7.43 31.41
CA LEU U 108 6.73 6.96 32.79
C LEU U 108 6.47 8.12 33.77
N ALA U 109 7.30 9.17 33.71
CA ALA U 109 7.03 10.43 34.44
C ALA U 109 5.64 11.02 34.18
N ALA U 110 5.19 11.03 32.90
CA ALA U 110 3.84 11.49 32.63
C ALA U 110 2.81 10.69 33.38
N CYS U 111 2.95 9.34 33.40
CA CYS U 111 1.98 8.54 34.08
C CYS U 111 1.91 8.96 35.57
N TRP U 112 3.08 9.15 36.15
CA TRP U 112 3.16 9.48 37.60
C TRP U 112 2.45 10.80 37.91
N HIS U 113 2.81 11.84 37.16
CA HIS U 113 2.17 13.14 37.29
C HIS U 113 0.69 13.16 36.99
N TRP U 114 0.26 12.28 36.12
CA TRP U 114 -1.16 12.18 35.82
C TRP U 114 -1.95 11.62 36.98
N VAL U 115 -1.45 10.53 37.53
CA VAL U 115 -2.08 9.89 38.71
C VAL U 115 -1.94 10.78 39.97
N TYR U 116 -0.74 11.28 40.24
CA TYR U 116 -0.53 12.09 41.43
C TYR U 116 -0.66 13.57 41.08
N TRP U 117 -1.77 13.94 40.48
CA TRP U 117 -1.95 15.32 40.03
C TRP U 117 -2.14 16.30 41.21
N ASP U 118 -2.60 15.76 42.35
CA ASP U 118 -3.02 16.65 43.46
C ASP U 118 -1.91 16.90 44.47
N LEU U 119 -0.90 17.59 44.02
CA LEU U 119 0.25 17.86 44.87
C LEU U 119 0.04 19.16 45.60
N GLU U 120 0.50 19.22 46.86
CA GLU U 120 0.35 20.48 47.67
C GLU U 120 1.11 21.63 47.02
N LEU U 121 2.21 21.30 46.35
CA LEU U 121 2.99 22.28 45.60
C LEU U 121 2.16 23.14 44.62
N PHE U 122 1.08 22.55 44.08
CA PHE U 122 0.27 23.21 43.05
C PHE U 122 -0.83 24.10 43.62
N ARG U 123 -1.00 24.05 44.94
CA ARG U 123 -2.03 24.81 45.62
C ARG U 123 -1.47 26.11 46.21
N ASP U 124 -2.28 27.15 46.20
CA ASP U 124 -1.90 28.43 46.78
C ASP U 124 -1.99 28.29 48.31
N PRO U 125 -0.87 28.55 49.01
CA PRO U 125 -0.83 28.45 50.50
C PRO U 125 -1.92 29.30 51.19
N ARG U 126 -2.33 30.44 50.63
CA ARG U 126 -3.48 31.18 51.15
C ARG U 126 -4.83 30.49 50.82
N THR U 127 -5.26 30.55 49.55
CA THR U 127 -6.60 30.12 49.16
C THR U 127 -6.79 28.60 49.09
N GLY U 128 -5.70 27.83 48.97
CA GLY U 128 -5.83 26.37 48.70
C GLY U 128 -6.41 26.01 47.32
N GLU U 129 -6.55 27.00 46.44
CA GLU U 129 -6.98 26.81 45.09
C GLU U 129 -5.70 26.40 44.27
N PRO U 130 -5.86 25.62 43.17
CA PRO U 130 -4.69 25.45 42.29
C PRO U 130 -4.16 26.82 41.82
N ALA U 131 -2.85 26.99 41.74
CA ALA U 131 -2.31 28.30 41.40
C ALA U 131 -0.90 28.10 40.96
N LEU U 132 -0.53 28.67 39.82
CA LEU U 132 0.88 28.70 39.41
C LEU U 132 1.40 30.13 39.44
N ASP U 133 2.52 30.41 40.11
CA ASP U 133 3.03 31.78 40.08
C ASP U 133 3.87 31.98 38.83
N LEU U 134 3.19 32.36 37.75
CA LEU U 134 3.82 32.42 36.45
C LEU U 134 4.99 33.44 36.32
N PRO U 135 4.82 34.66 36.87
CA PRO U 135 5.97 35.56 36.76
C PRO U 135 7.25 34.96 37.34
N LYS U 136 7.15 34.27 38.46
CA LYS U 136 8.38 33.70 39.05
C LYS U 136 8.85 32.44 38.28
N MET U 137 7.89 31.60 37.85
CA MET U 137 8.27 30.51 36.97
C MET U 137 9.02 31.03 35.77
N PHE U 138 8.62 32.18 35.23
CA PHE U 138 9.34 32.67 34.07
C PHE U 138 10.83 32.94 34.38
N GLY U 139 11.08 33.55 35.53
CA GLY U 139 12.45 33.82 35.97
C GLY U 139 13.30 32.58 36.15
N ILE U 140 12.78 31.61 36.90
CA ILE U 140 13.40 30.29 37.09
C ILE U 140 13.73 29.65 35.74
N HIS U 141 12.71 29.52 34.86
CA HIS U 141 13.00 28.98 33.51
C HIS U 141 13.97 29.79 32.69
N LEU U 142 13.88 31.13 32.75
CA LEU U 142 14.74 31.98 31.95
C LEU U 142 16.20 31.83 32.45
N PHE U 143 16.35 31.86 33.78
CA PHE U 143 17.67 31.60 34.35
C PHE U 143 18.26 30.25 33.87
N LEU U 144 17.48 29.18 34.01
CA LEU U 144 17.94 27.84 33.52
C LEU U 144 18.27 27.90 32.05
N ALA U 145 17.42 28.55 31.27
CA ALA U 145 17.69 28.68 29.82
C ALA U 145 18.99 29.44 29.56
N GLY U 146 19.17 30.54 30.31
CA GLY U 146 20.45 31.25 30.34
C GLY U 146 21.69 30.40 30.62
N LEU U 147 21.66 29.63 31.71
CA LEU U 147 22.80 28.76 32.05
CA LEU U 147 22.77 28.75 32.06
C LEU U 147 23.10 27.78 30.93
N LEU U 148 22.04 27.15 30.39
CA LEU U 148 22.23 26.22 29.29
C LEU U 148 22.78 26.83 28.03
N CYS U 149 22.22 27.99 27.61
CA CYS U 149 22.65 28.69 26.39
C CYS U 149 24.13 29.07 26.53
N PHE U 150 24.43 29.64 27.70
CA PHE U 150 25.83 30.03 28.01
C PHE U 150 26.75 28.81 27.91
N GLY U 151 26.41 27.75 28.68
CA GLY U 151 27.15 26.49 28.66
C GLY U 151 27.39 25.92 27.25
N PHE U 152 26.33 25.97 26.44
CA PHE U 152 26.39 25.47 25.07
C PHE U 152 27.41 26.26 24.29
N GLY U 153 27.33 27.59 24.41
CA GLY U 153 28.29 28.42 23.69
C GLY U 153 29.72 28.25 24.25
N ALA U 154 29.85 28.33 25.57
CA ALA U 154 31.20 28.45 26.20
C ALA U 154 32.00 27.12 26.21
N PHE U 155 31.29 25.98 26.33
CA PHE U 155 31.97 24.67 26.38
C PHE U 155 31.82 23.84 25.12
N HIS U 156 30.59 23.74 24.62
CA HIS U 156 30.38 22.85 23.48
C HIS U 156 30.89 23.45 22.23
N LEU U 157 30.40 24.62 21.85
CA LEU U 157 30.79 25.18 20.54
C LEU U 157 32.29 25.60 20.47
N THR U 158 32.86 26.01 21.60
CA THR U 158 34.29 26.34 21.61
C THR U 158 35.23 25.14 21.55
N GLY U 159 34.74 23.95 21.91
CA GLY U 159 35.63 22.80 22.02
C GLY U 159 36.31 22.74 23.40
N LEU U 160 36.09 23.74 24.27
CA LEU U 160 36.63 23.72 25.65
C LEU U 160 36.12 22.50 26.43
N PHE U 161 34.86 22.14 26.19
CA PHE U 161 34.38 20.86 26.70
C PHE U 161 33.18 20.40 25.83
N GLY U 162 33.50 19.79 24.68
CA GLY U 162 32.49 19.48 23.64
C GLY U 162 33.23 19.48 22.34
N PRO U 163 32.52 19.16 21.21
CA PRO U 163 33.20 18.88 19.98
C PRO U 163 33.31 20.08 19.00
N GLY U 164 32.62 21.17 19.29
CA GLY U 164 32.54 22.31 18.37
C GLY U 164 31.31 22.23 17.43
N MET U 165 31.47 22.72 16.20
CA MET U 165 30.35 22.70 15.24
C MET U 165 30.89 22.50 13.87
N TRP U 166 30.00 22.15 12.95
CA TRP U 166 30.38 22.04 11.54
C TRP U 166 30.76 23.37 10.96
N VAL U 167 31.90 23.41 10.27
CA VAL U 167 32.38 24.60 9.56
C VAL U 167 32.94 24.15 8.25
N SER U 168 32.97 25.01 7.25
CA SER U 168 33.55 24.60 6.03
C SER U 168 34.23 25.81 5.36
N ASP U 169 34.81 25.59 4.20
CA ASP U 169 35.26 26.66 3.31
C ASP U 169 34.07 27.26 2.52
N PRO U 170 34.30 28.38 1.80
CA PRO U 170 33.15 29.08 1.21
C PRO U 170 32.47 28.27 0.10
N TYR U 171 33.07 27.18 -0.32
CA TYR U 171 32.49 26.40 -1.45
C TYR U 171 32.05 25.00 -0.99
N GLY U 172 32.08 24.77 0.34
CA GLY U 172 31.52 23.55 0.93
C GLY U 172 32.25 22.29 0.44
N LEU U 173 33.58 22.37 0.36
CA LEU U 173 34.40 21.28 -0.13
C LEU U 173 35.07 20.53 0.98
N THR U 174 35.28 21.13 2.14
CA THR U 174 36.16 20.52 3.13
C THR U 174 35.57 20.63 4.52
N GLY U 175 34.26 20.43 4.63
CA GLY U 175 33.60 20.60 5.93
C GLY U 175 34.01 19.56 6.93
N SER U 176 33.99 19.96 8.20
CA SER U 176 34.31 19.09 9.31
C SER U 176 33.84 19.81 10.55
N VAL U 177 33.77 19.09 11.64
CA VAL U 177 33.36 19.66 12.91
C VAL U 177 34.61 20.22 13.55
N GLN U 178 34.56 21.45 14.04
CA GLN U 178 35.78 22.08 14.59
C GLN U 178 35.39 22.94 15.76
N PRO U 179 36.30 23.10 16.74
CA PRO U 179 36.06 24.09 17.80
C PRO U 179 35.99 25.49 17.16
N VAL U 180 35.11 26.34 17.63
CA VAL U 180 35.01 27.67 17.07
C VAL U 180 35.11 28.72 18.19
N ALA U 181 36.02 29.71 18.03
CA ALA U 181 36.16 30.80 19.05
C ALA U 181 35.10 31.88 18.79
N PRO U 182 34.58 32.53 19.85
CA PRO U 182 33.61 33.61 19.69
C PRO U 182 34.21 34.80 18.93
N GLU U 183 33.42 35.39 18.04
CA GLU U 183 33.79 36.62 17.36
C GLU U 183 33.12 37.81 18.08
N TRP U 184 33.95 38.68 18.69
CA TRP U 184 33.44 39.75 19.55
C TRP U 184 33.30 41.07 18.87
N GLY U 185 33.82 41.19 17.66
CA GLY U 185 33.58 42.37 16.82
C GLY U 185 32.30 42.30 15.97
N PRO U 186 32.05 43.33 15.13
CA PRO U 186 30.77 43.41 14.44
C PRO U 186 30.58 42.29 13.40
N ASP U 187 31.64 41.63 12.99
CA ASP U 187 31.49 40.47 12.10
C ASP U 187 30.82 39.27 12.81
N GLY U 188 30.54 39.42 14.12
CA GLY U 188 29.84 38.44 14.92
C GLY U 188 28.35 38.44 14.52
N PHE U 189 27.94 39.51 13.82
CA PHE U 189 26.54 39.65 13.37
C PHE U 189 26.37 39.26 11.90
N ASN U 190 27.45 38.87 11.27
CA ASN U 190 27.45 38.33 9.93
C ASN U 190 26.87 36.88 10.12
N PRO U 191 25.73 36.57 9.47
CA PRO U 191 25.15 35.22 9.63
C PRO U 191 26.11 34.12 9.17
N TYR U 192 26.99 34.43 8.23
CA TYR U 192 27.89 33.45 7.69
C TYR U 192 29.12 33.23 8.54
N ASN U 193 29.18 33.89 9.69
CA ASN U 193 30.37 33.75 10.52
C ASN U 193 30.09 32.88 11.71
N PRO U 194 30.66 31.65 11.73
CA PRO U 194 30.47 30.71 12.84
C PRO U 194 30.86 31.31 14.20
N GLY U 195 31.92 32.15 14.26
CA GLY U 195 32.29 32.71 15.58
C GLY U 195 31.18 33.58 16.14
N GLY U 196 30.33 34.16 15.27
CA GLY U 196 29.15 34.89 15.81
C GLY U 196 28.15 34.00 16.56
N VAL U 197 28.03 32.74 16.12
CA VAL U 197 27.03 31.87 16.75
C VAL U 197 27.54 31.58 18.15
N VAL U 198 28.85 31.42 18.23
CA VAL U 198 29.46 31.13 19.54
C VAL U 198 29.34 32.35 20.48
N ALA U 199 29.64 33.55 19.94
CA ALA U 199 29.56 34.78 20.78
C ALA U 199 28.10 35.00 21.13
N HIS U 200 27.19 34.77 20.17
CA HIS U 200 25.78 34.81 20.55
C HIS U 200 25.43 34.01 21.77
N HIS U 201 25.93 32.78 21.88
CA HIS U 201 25.42 31.94 22.97
C HIS U 201 26.00 32.32 24.30
N ILE U 202 27.26 32.76 24.23
CA ILE U 202 27.94 33.23 25.48
C ILE U 202 27.20 34.49 25.96
N ALA U 203 27.05 35.46 25.08
CA ALA U 203 26.48 36.77 25.48
C ALA U 203 24.99 36.71 25.79
N ALA U 204 24.19 36.14 24.86
CA ALA U 204 22.77 35.98 25.19
C ALA U 204 22.55 35.09 26.38
N GLY U 205 23.43 34.11 26.56
CA GLY U 205 23.28 33.27 27.78
C GLY U 205 23.47 34.05 29.10
N ILE U 206 24.48 34.91 29.13
CA ILE U 206 24.71 35.73 30.36
C ILE U 206 23.51 36.68 30.57
N VAL U 207 23.03 37.26 29.47
CA VAL U 207 21.85 38.13 29.51
C VAL U 207 20.62 37.39 30.07
N GLY U 208 20.39 36.14 29.63
CA GLY U 208 19.35 35.30 30.25
C GLY U 208 19.56 34.98 31.73
N ILE U 209 20.80 34.73 32.12
CA ILE U 209 21.06 34.52 33.58
C ILE U 209 20.67 35.81 34.34
N ILE U 210 21.14 36.95 33.87
CA ILE U 210 20.84 38.24 34.56
C ILE U 210 19.35 38.54 34.55
N ALA U 211 18.72 38.47 33.37
CA ALA U 211 17.28 38.76 33.29
C ALA U 211 16.46 37.73 34.05
N GLY U 212 16.93 36.49 34.08
CA GLY U 212 16.18 35.48 34.88
C GLY U 212 16.27 35.82 36.39
N LEU U 213 17.45 36.23 36.83
CA LEU U 213 17.61 36.66 38.24
C LEU U 213 16.66 37.84 38.54
N PHE U 214 16.65 38.85 37.65
CA PHE U 214 15.64 39.92 37.70
C PHE U 214 14.24 39.36 37.89
N HIS U 215 13.86 38.42 36.99
CA HIS U 215 12.51 37.90 37.02
C HIS U 215 12.23 36.98 38.15
N ILE U 216 13.25 36.34 38.69
CA ILE U 216 13.03 35.65 39.96
C ILE U 216 12.72 36.67 41.10
N LEU U 217 13.42 37.79 41.07
CA LEU U 217 13.56 38.66 42.27
C LEU U 217 12.61 39.83 42.33
N VAL U 218 12.18 40.33 41.18
CA VAL U 218 11.29 41.50 41.09
C VAL U 218 9.90 41.19 40.53
N ARG U 219 8.87 41.47 41.32
CA ARG U 219 7.47 41.22 40.96
C ARG U 219 7.01 42.09 39.79
N PRO U 220 6.03 41.59 38.96
CA PRO U 220 5.53 42.48 37.91
C PRO U 220 4.86 43.73 38.47
N PRO U 221 4.94 44.84 37.73
CA PRO U 221 4.16 46.02 38.04
C PRO U 221 2.70 45.64 37.98
N GLN U 222 1.93 46.05 38.97
CA GLN U 222 0.51 45.85 38.98
C GLN U 222 -0.13 46.22 37.63
N ARG U 223 0.36 47.29 37.02
CA ARG U 223 -0.20 47.75 35.74
C ARG U 223 -0.01 46.69 34.61
N LEU U 224 1.11 45.98 34.67
CA LEU U 224 1.43 44.99 33.62
C LEU U 224 0.79 43.65 33.93
N TYR U 225 0.82 43.28 35.22
CA TYR U 225 0.12 42.09 35.69
C TYR U 225 -1.35 42.13 35.26
N LYS U 226 -2.00 43.27 35.43
CA LYS U 226 -3.38 43.43 35.03
C LYS U 226 -3.51 43.47 33.50
N ALA U 227 -2.69 44.26 32.83
CA ALA U 227 -2.87 44.44 31.37
C ALA U 227 -2.62 43.13 30.59
N LEU U 228 -1.64 42.35 31.02
CA LEU U 228 -1.28 41.09 30.36
C LEU U 228 -1.90 39.86 31.00
N ARG U 229 -2.80 40.06 31.97
CA ARG U 229 -3.58 38.97 32.62
C ARG U 229 -2.66 37.87 33.16
N MET U 230 -1.70 38.28 33.98
CA MET U 230 -0.64 37.41 34.39
C MET U 230 -1.05 36.34 35.36
N GLY U 231 -2.26 36.41 35.89
CA GLY U 231 -2.82 35.29 36.62
C GLY U 231 -3.41 34.20 35.70
N ASN U 232 -3.47 34.46 34.39
CA ASN U 232 -4.18 33.55 33.45
C ASN U 232 -3.10 32.80 32.62
N ILE U 233 -2.96 31.49 32.84
CA ILE U 233 -1.95 30.72 32.06
C ILE U 233 -2.10 30.90 30.51
N GLU U 234 -3.27 31.25 30.03
CA GLU U 234 -3.43 31.34 28.59
C GLU U 234 -2.68 32.56 28.07
N THR U 235 -2.32 33.49 28.98
CA THR U 235 -1.48 34.61 28.54
C THR U 235 -0.14 34.14 28.09
N VAL U 236 0.43 33.19 28.82
CA VAL U 236 1.76 32.67 28.51
C VAL U 236 1.65 31.90 27.15
N LEU U 237 0.60 31.10 27.02
CA LEU U 237 0.43 30.41 25.75
C LEU U 237 0.45 31.39 24.61
N SER U 238 -0.30 32.49 24.71
CA SER U 238 -0.36 33.47 23.60
CA SER U 238 -0.38 33.51 23.64
C SER U 238 0.97 34.05 23.26
N SER U 239 1.75 34.49 24.29
CA SER U 239 3.00 35.15 23.94
C SER U 239 4.07 34.12 23.59
N SER U 240 4.00 32.90 24.13
CA SER U 240 5.00 31.89 23.81
C SER U 240 4.82 31.46 22.33
N ILE U 241 3.57 31.36 21.92
CA ILE U 241 3.26 31.03 20.50
C ILE U 241 3.81 32.14 19.58
N ALA U 242 3.63 33.42 19.96
CA ALA U 242 4.33 34.52 19.25
C ALA U 242 5.84 34.38 19.15
N ALA U 243 6.52 34.11 20.26
CA ALA U 243 7.96 33.89 20.24
C ALA U 243 8.36 32.76 19.30
N VAL U 244 7.62 31.66 19.39
CA VAL U 244 7.86 30.48 18.56
C VAL U 244 7.60 30.79 17.07
N PHE U 245 6.56 31.55 16.71
CA PHE U 245 6.44 31.81 15.26
C PHE U 245 7.52 32.75 14.73
N PHE U 246 7.96 33.69 15.57
CA PHE U 246 9.14 34.49 15.22
C PHE U 246 10.36 33.61 14.96
N ALA U 247 10.68 32.73 15.91
CA ALA U 247 11.80 31.77 15.76
C ALA U 247 11.66 30.87 14.52
N ALA U 248 10.41 30.46 14.24
CA ALA U 248 10.17 29.56 13.08
C ALA U 248 10.43 30.31 11.80
N PHE U 249 10.00 31.56 11.73
CA PHE U 249 10.28 32.33 10.52
C PHE U 249 11.76 32.56 10.34
N VAL U 250 12.45 32.84 11.44
CA VAL U 250 13.89 33.03 11.35
C VAL U 250 14.63 31.75 10.85
N VAL U 251 14.25 30.57 11.35
CA VAL U 251 14.96 29.42 10.86
C VAL U 251 14.56 29.08 9.43
N ALA U 252 13.34 29.45 9.01
CA ALA U 252 13.00 29.20 7.59
C ALA U 252 13.93 30.12 6.76
N GLY U 253 14.08 31.39 7.18
CA GLY U 253 14.93 32.32 6.39
C GLY U 253 16.39 31.91 6.34
N THR U 254 17.00 31.60 7.49
CA THR U 254 18.44 31.21 7.45
C THR U 254 18.68 29.88 6.73
N MET U 255 17.64 29.02 6.69
CA MET U 255 17.77 27.79 5.91
C MET U 255 17.72 28.15 4.41
N TRP U 256 16.81 29.04 4.00
CA TRP U 256 16.73 29.39 2.57
C TRP U 256 17.88 30.17 1.97
N TYR U 257 18.36 31.18 2.71
CA TYR U 257 19.45 32.10 2.27
C TYR U 257 20.82 31.51 2.62
N GLY U 258 20.86 30.65 3.64
CA GLY U 258 22.10 30.04 4.03
C GLY U 258 22.67 30.86 5.20
N SER U 259 23.34 30.17 6.09
CA SER U 259 24.06 30.82 7.20
C SER U 259 25.12 29.86 7.68
N ALA U 260 25.88 30.26 8.70
CA ALA U 260 26.87 29.38 9.25
C ALA U 260 26.18 28.18 9.87
N THR U 261 24.88 28.26 10.17
CA THR U 261 24.26 27.11 10.83
C THR U 261 23.42 26.22 9.87
N THR U 262 23.44 26.57 8.58
CA THR U 262 22.78 25.76 7.51
C THR U 262 23.80 25.45 6.41
N PRO U 263 24.88 24.73 6.81
CA PRO U 263 25.97 24.47 5.85
C PRO U 263 25.54 23.66 4.63
N ILE U 264 26.17 23.92 3.49
CA ILE U 264 25.68 23.30 2.23
C ILE U 264 26.06 21.81 2.16
N GLU U 265 27.07 21.36 2.95
CA GLU U 265 27.43 19.92 2.92
C GLU U 265 26.44 19.09 3.73
N LEU U 266 25.64 19.77 4.55
CA LEU U 266 24.66 19.07 5.39
C LEU U 266 23.26 19.21 4.79
N PHE U 267 22.93 20.35 4.17
CA PHE U 267 21.56 20.61 3.73
C PHE U 267 21.45 20.76 2.23
N GLY U 268 22.59 20.75 1.51
CA GLY U 268 22.57 21.03 0.07
C GLY U 268 22.83 22.51 -0.26
N PRO U 269 23.17 22.79 -1.53
CA PRO U 269 23.37 24.21 -1.88
C PRO U 269 22.08 25.05 -1.84
N THR U 270 22.21 26.39 -1.97
CA THR U 270 21.00 27.27 -1.92
C THR U 270 20.55 27.55 -3.36
N ARG U 271 19.32 28.04 -3.54
CA ARG U 271 18.89 28.44 -4.89
C ARG U 271 19.72 29.68 -5.39
N TYR U 272 20.20 30.50 -4.45
CA TYR U 272 20.87 31.75 -4.85
C TYR U 272 22.21 31.46 -5.46
N GLN U 273 22.83 30.33 -5.03
CA GLN U 273 24.12 29.91 -5.59
C GLN U 273 23.97 29.56 -7.02
N TRP U 274 22.84 28.95 -7.40
CA TRP U 274 22.56 28.80 -8.85
C TRP U 274 22.25 30.13 -9.49
N ASP U 275 21.45 30.98 -8.83
CA ASP U 275 21.01 32.25 -9.49
C ASP U 275 22.24 33.07 -9.90
N SER U 276 23.21 33.20 -8.99
CA SER U 276 24.39 34.03 -9.24
C SER U 276 25.55 33.25 -9.88
N SER U 277 25.32 32.00 -10.28
CA SER U 277 26.39 31.12 -10.78
C SER U 277 27.63 31.10 -9.86
N TYR U 278 27.36 31.00 -8.58
CA TYR U 278 28.38 31.04 -7.56
C TYR U 278 29.47 29.98 -7.76
N PHE U 279 29.08 28.76 -8.08
CA PHE U 279 30.04 27.73 -8.25
C PHE U 279 30.67 27.77 -9.62
N GLN U 280 29.89 28.09 -10.65
CA GLN U 280 30.43 28.23 -11.98
C GLN U 280 31.56 29.26 -12.00
N GLN U 281 31.39 30.37 -11.28
CA GLN U 281 32.46 31.40 -11.21
C GLN U 281 33.74 30.89 -10.54
N GLU U 282 33.61 30.16 -9.43
CA GLU U 282 34.77 29.56 -8.79
C GLU U 282 35.44 28.47 -9.65
N ILE U 283 34.64 27.67 -10.36
CA ILE U 283 35.23 26.71 -11.25
C ILE U 283 36.04 27.40 -12.37
N ASN U 284 35.47 28.43 -12.99
CA ASN U 284 36.13 29.14 -14.08
CA ASN U 284 36.14 29.15 -14.08
C ASN U 284 37.43 29.85 -13.58
N ARG U 285 37.38 30.36 -12.36
CA ARG U 285 38.54 30.97 -11.70
C ARG U 285 39.68 29.94 -11.56
N ARG U 286 39.38 28.76 -11.00
CA ARG U 286 40.38 27.70 -10.85
CA ARG U 286 40.37 27.68 -10.86
C ARG U 286 40.91 27.26 -12.21
N VAL U 287 40.03 27.15 -13.19
CA VAL U 287 40.46 26.69 -14.49
C VAL U 287 41.43 27.75 -15.12
N GLN U 288 41.07 29.02 -15.03
CA GLN U 288 41.90 30.07 -15.64
C GLN U 288 43.29 30.10 -15.00
N ALA U 289 43.36 30.07 -13.68
CA ALA U 289 44.65 30.00 -12.97
C ALA U 289 45.49 28.77 -13.41
N SER U 290 44.87 27.58 -13.51
CA SER U 290 45.54 26.43 -14.14
C SER U 290 46.12 26.74 -15.54
N LEU U 291 45.30 27.35 -16.40
CA LEU U 291 45.69 27.65 -17.77
C LEU U 291 46.88 28.64 -17.77
N ALA U 292 46.82 29.62 -16.87
CA ALA U 292 47.84 30.66 -16.69
C ALA U 292 49.13 30.13 -16.07
N SER U 293 49.05 29.00 -15.39
CA SER U 293 50.26 28.38 -14.90
C SER U 293 50.77 27.35 -15.95
N GLY U 294 50.17 27.36 -17.12
CA GLY U 294 50.59 26.51 -18.24
C GLY U 294 50.00 25.10 -18.30
N ALA U 295 48.81 24.88 -17.73
CA ALA U 295 48.14 23.56 -17.84
C ALA U 295 47.55 23.46 -19.23
N THR U 296 47.45 22.27 -19.79
CA THR U 296 46.55 22.11 -20.94
C THR U 296 45.04 22.24 -20.49
N LEU U 297 44.13 22.40 -21.45
CA LEU U 297 42.71 22.42 -21.15
C LEU U 297 42.28 21.15 -20.35
N GLU U 298 42.71 19.95 -20.82
CA GLU U 298 42.52 18.67 -20.10
C GLU U 298 42.95 18.72 -18.65
N GLU U 299 44.18 19.14 -18.44
CA GLU U 299 44.68 19.22 -17.06
C GLU U 299 43.93 20.23 -16.21
N ALA U 300 43.59 21.40 -16.78
CA ALA U 300 42.96 22.47 -16.01
C ALA U 300 41.59 21.97 -15.49
N TRP U 301 40.74 21.47 -16.43
CA TRP U 301 39.42 20.86 -16.07
C TRP U 301 39.54 19.58 -15.22
N SER U 302 40.56 18.75 -15.47
CA SER U 302 40.76 17.55 -14.64
C SER U 302 41.11 17.90 -13.22
N ALA U 303 41.64 19.10 -12.99
CA ALA U 303 41.98 19.52 -11.62
C ALA U 303 40.76 20.01 -10.78
N ILE U 304 39.60 20.19 -11.42
CA ILE U 304 38.40 20.64 -10.69
C ILE U 304 37.85 19.45 -9.90
N PRO U 305 37.69 19.60 -8.59
CA PRO U 305 37.10 18.46 -7.84
C PRO U 305 35.69 18.13 -8.34
N GLU U 306 35.36 16.84 -8.45
CA GLU U 306 33.97 16.40 -8.76
CA GLU U 306 33.98 16.48 -8.83
C GLU U 306 32.95 17.08 -7.85
N LYS U 307 33.33 17.24 -6.55
CA LYS U 307 32.39 17.80 -5.59
C LYS U 307 32.00 19.27 -5.94
N LEU U 308 32.97 20.04 -6.49
CA LEU U 308 32.74 21.43 -6.80
C LEU U 308 31.84 21.45 -8.04
N ALA U 309 32.16 20.60 -8.99
CA ALA U 309 31.40 20.54 -10.28
C ALA U 309 29.89 20.21 -9.97
N PHE U 310 29.70 19.34 -8.99
CA PHE U 310 28.35 18.79 -8.67
C PHE U 310 27.49 19.89 -8.02
N TYR U 311 28.08 20.75 -7.22
CA TYR U 311 27.35 21.97 -6.80
C TYR U 311 26.86 22.87 -7.98
N ASP U 312 27.51 22.81 -9.15
CA ASP U 312 27.19 23.66 -10.24
C ASP U 312 26.26 22.94 -11.19
N TYR U 313 25.19 22.37 -10.62
CA TYR U 313 24.26 21.51 -11.41
C TYR U 313 22.89 21.80 -10.80
N ILE U 314 21.95 22.14 -11.63
CA ILE U 314 20.65 22.54 -11.16
C ILE U 314 19.84 21.45 -10.41
N GLY U 315 20.18 20.16 -10.54
CA GLY U 315 19.37 19.12 -9.89
C GLY U 315 19.70 19.16 -8.41
N ASN U 316 20.70 19.99 -8.04
CA ASN U 316 20.96 20.16 -6.61
C ASN U 316 20.44 21.50 -6.02
N ASN U 317 19.85 22.30 -6.87
CA ASN U 317 19.18 23.54 -6.49
C ASN U 317 17.86 23.23 -5.79
N PRO U 318 17.67 23.71 -4.55
CA PRO U 318 16.44 23.38 -3.80
C PRO U 318 15.13 23.97 -4.37
N ALA U 319 15.22 24.80 -5.40
CA ALA U 319 14.05 25.47 -5.96
C ALA U 319 13.61 24.81 -7.25
N LYS U 320 13.93 23.52 -7.39
CA LYS U 320 13.55 22.80 -8.66
C LYS U 320 12.61 21.62 -8.36
N GLY U 321 12.08 21.55 -7.13
CA GLY U 321 11.23 20.42 -6.73
C GLY U 321 9.73 20.57 -6.98
N GLY U 322 8.96 19.75 -6.27
CA GLY U 322 7.51 19.71 -6.45
C GLY U 322 6.93 19.29 -5.08
N LEU U 323 5.79 19.89 -4.71
CA LEU U 323 5.12 19.60 -3.42
C LEU U 323 4.83 18.12 -3.25
N PHE U 324 4.41 17.46 -4.34
CA PHE U 324 4.05 16.01 -4.27
C PHE U 324 5.07 15.06 -4.90
N ARG U 325 6.25 15.63 -5.20
CA ARG U 325 7.41 14.84 -5.65
C ARG U 325 8.16 14.43 -4.43
N THR U 326 7.84 13.23 -3.96
CA THR U 326 8.25 12.79 -2.62
C THR U 326 9.56 12.09 -2.63
N GLY U 327 10.31 12.27 -1.52
CA GLY U 327 11.45 11.41 -1.25
C GLY U 327 12.81 12.13 -1.48
N PRO U 328 13.88 11.33 -1.60
CA PRO U 328 15.24 11.83 -1.79
C PRO U 328 15.44 12.44 -3.14
N MET U 329 16.36 13.39 -3.24
CA MET U 329 16.71 13.84 -4.60
C MET U 329 17.11 12.70 -5.55
N ASN U 330 17.75 11.66 -5.02
CA ASN U 330 18.17 10.49 -5.84
C ASN U 330 17.02 9.82 -6.58
N LYS U 331 15.83 9.94 -6.02
CA LYS U 331 14.65 9.35 -6.63
C LYS U 331 14.27 10.04 -7.94
N GLY U 332 14.71 11.29 -8.13
CA GLY U 332 14.42 11.97 -9.41
C GLY U 332 15.47 11.75 -10.48
N ASP U 333 16.50 12.58 -10.51
CA ASP U 333 17.56 12.40 -11.53
C ASP U 333 18.46 11.15 -11.34
N GLY U 334 18.52 10.58 -10.13
CA GLY U 334 19.19 9.28 -9.96
C GLY U 334 20.26 9.44 -8.93
N ILE U 335 21.00 8.38 -8.68
CA ILE U 335 22.11 8.52 -7.75
C ILE U 335 23.31 8.90 -8.61
N ALA U 336 23.87 10.08 -8.36
CA ALA U 336 25.00 10.55 -9.17
C ALA U 336 26.18 9.61 -8.99
N GLN U 337 26.79 9.27 -10.11
CA GLN U 337 27.89 8.28 -10.13
C GLN U 337 29.25 8.98 -10.42
N ALA U 338 29.28 9.87 -11.40
CA ALA U 338 30.54 10.48 -11.85
C ALA U 338 30.27 11.78 -12.60
N TRP U 339 31.19 12.74 -12.48
CA TRP U 339 31.25 13.87 -13.43
C TRP U 339 31.63 13.44 -14.82
N LYS U 340 30.82 13.76 -15.83
CA LYS U 340 31.21 13.49 -17.20
C LYS U 340 32.37 14.34 -17.73
N GLY U 341 32.67 15.41 -17.00
CA GLY U 341 33.64 16.41 -17.51
C GLY U 341 32.90 17.63 -18.04
N HIS U 342 33.64 18.67 -18.32
CA HIS U 342 33.06 19.94 -18.76
C HIS U 342 32.93 19.91 -20.23
N ALA U 343 31.74 20.20 -20.72
CA ALA U 343 31.47 20.20 -22.13
C ALA U 343 31.76 21.56 -22.75
N VAL U 344 32.55 21.56 -23.83
CA VAL U 344 32.81 22.78 -24.58
C VAL U 344 32.19 22.60 -25.94
N PHE U 345 31.30 23.48 -26.33
CA PHE U 345 30.62 23.37 -27.63
C PHE U 345 31.30 24.32 -28.61
N ARG U 346 31.35 23.92 -29.89
CA ARG U 346 31.94 24.77 -30.93
CA ARG U 346 32.01 24.69 -30.94
C ARG U 346 31.17 24.58 -32.19
N ASN U 347 31.13 25.65 -33.00
CA ASN U 347 30.50 25.56 -34.29
C ASN U 347 31.54 25.13 -35.37
N LYS U 348 31.10 25.02 -36.63
CA LYS U 348 31.97 24.49 -37.70
C LYS U 348 33.15 25.39 -37.94
N GLU U 349 33.01 26.66 -37.58
CA GLU U 349 34.11 27.63 -37.65
C GLU U 349 35.08 27.55 -36.50
N GLY U 350 34.83 26.69 -35.49
CA GLY U 350 35.68 26.60 -34.28
C GLY U 350 35.41 27.60 -33.13
N GLU U 351 34.41 28.47 -33.27
CA GLU U 351 34.07 29.41 -32.19
CA GLU U 351 34.10 29.40 -32.16
C GLU U 351 33.46 28.68 -30.97
N GLU U 352 33.88 29.01 -29.74
CA GLU U 352 33.28 28.35 -28.60
C GLU U 352 31.82 28.90 -28.44
N LEU U 353 30.86 28.02 -28.19
CA LEU U 353 29.44 28.41 -27.98
C LEU U 353 29.02 28.02 -26.57
N PHE U 354 28.12 28.80 -25.98
CA PHE U 354 27.71 28.60 -24.57
C PHE U 354 26.18 28.33 -24.51
N VAL U 355 25.82 27.23 -23.86
CA VAL U 355 24.40 26.86 -23.75
C VAL U 355 23.77 27.77 -22.73
N ARG U 356 22.63 28.36 -23.08
CA ARG U 356 21.93 29.21 -22.12
C ARG U 356 21.35 28.36 -20.94
N ARG U 357 21.77 28.61 -19.70
CA ARG U 357 21.31 27.80 -18.56
C ARG U 357 19.84 28.01 -18.16
N MET U 358 19.23 26.96 -17.60
CA MET U 358 17.84 27.02 -17.11
C MET U 358 17.75 27.82 -15.81
N PRO U 359 16.94 28.91 -15.78
CA PRO U 359 16.63 29.54 -14.48
C PRO U 359 15.68 28.68 -13.65
N ALA U 360 15.80 28.73 -12.33
CA ALA U 360 14.93 27.87 -11.49
C ALA U 360 13.42 27.95 -11.80
N PHE U 361 12.94 29.06 -12.37
CA PHE U 361 11.51 29.25 -12.52
C PHE U 361 10.91 28.26 -13.54
N PHE U 362 11.76 27.75 -14.41
CA PHE U 362 11.23 27.09 -15.60
C PHE U 362 11.23 25.54 -15.45
N GLU U 363 10.06 24.89 -15.62
CA GLU U 363 10.02 23.39 -15.61
C GLU U 363 10.74 22.83 -16.83
N SER U 364 10.55 23.49 -17.98
CA SER U 364 11.27 23.16 -19.19
C SER U 364 11.93 24.43 -19.76
N PHE U 365 12.87 24.25 -20.70
CA PHE U 365 13.62 25.43 -21.18
C PHE U 365 14.20 25.11 -22.57
N PRO U 366 14.18 26.08 -23.50
CA PRO U 366 14.73 25.81 -24.85
C PRO U 366 16.27 25.60 -24.82
N VAL U 367 16.80 25.09 -25.91
CA VAL U 367 18.24 24.84 -25.97
C VAL U 367 18.83 25.88 -26.96
N ILE U 368 19.58 26.84 -26.42
CA ILE U 368 20.04 27.99 -27.23
C ILE U 368 21.51 28.22 -26.87
N LEU U 369 22.34 28.35 -27.90
CA LEU U 369 23.82 28.50 -27.74
C LEU U 369 24.20 29.84 -28.37
N THR U 370 24.96 30.61 -27.62
CA THR U 370 25.37 31.93 -28.07
C THR U 370 26.90 31.96 -28.08
N ASP U 371 27.46 32.92 -28.81
CA ASP U 371 28.91 33.15 -28.71
C ASP U 371 29.19 33.87 -27.41
N LYS U 372 30.46 34.15 -27.17
CA LYS U 372 30.89 34.79 -25.93
C LYS U 372 30.24 36.18 -25.71
N ASN U 373 29.66 36.76 -26.77
CA ASN U 373 29.03 38.07 -26.68
C ASN U 373 27.54 38.01 -26.60
N GLY U 374 27.00 36.81 -26.41
CA GLY U 374 25.56 36.65 -26.27
C GLY U 374 24.85 36.60 -27.59
N VAL U 375 25.56 36.59 -28.72
CA VAL U 375 24.88 36.45 -30.01
C VAL U 375 24.48 34.99 -30.27
N VAL U 376 23.24 34.76 -30.69
CA VAL U 376 22.78 33.39 -30.92
C VAL U 376 23.53 32.73 -32.08
N LYS U 377 24.03 31.53 -31.88
CA LYS U 377 24.80 30.81 -32.90
C LYS U 377 24.20 29.44 -33.27
N ALA U 378 23.47 28.84 -32.33
CA ALA U 378 22.88 27.54 -32.59
C ALA U 378 21.70 27.30 -31.61
N ASP U 379 20.81 26.41 -31.98
CA ASP U 379 19.72 26.07 -31.07
C ASP U 379 19.07 24.80 -31.53
N ILE U 380 18.12 24.30 -30.73
CA ILE U 380 17.30 23.19 -31.22
C ILE U 380 15.95 23.78 -31.64
N PRO U 381 15.62 23.72 -32.95
CA PRO U 381 14.42 24.38 -33.34
C PRO U 381 13.19 23.53 -32.96
N PHE U 382 12.07 24.22 -32.83
CA PHE U 382 10.79 23.64 -32.63
C PHE U 382 10.24 23.50 -34.05
N ARG U 383 9.75 24.56 -34.69
CA ARG U 383 9.36 24.44 -36.15
C ARG U 383 10.71 24.30 -36.94
N ARG U 384 10.79 23.35 -37.87
CA ARG U 384 12.05 23.19 -38.62
C ARG U 384 12.09 24.01 -39.91
N ALA U 385 10.92 24.24 -40.52
CA ALA U 385 10.85 24.79 -41.87
C ALA U 385 11.60 26.09 -42.14
N GLU U 386 11.87 26.91 -41.14
CA GLU U 386 12.64 28.14 -41.42
C GLU U 386 13.75 28.22 -40.43
N SER U 387 14.20 27.08 -39.95
CA SER U 387 15.33 26.98 -39.02
C SER U 387 16.59 27.57 -39.72
N LYS U 388 17.39 28.32 -38.97
CA LYS U 388 18.65 28.93 -39.42
C LYS U 388 19.73 28.47 -38.50
N TYR U 389 19.38 27.99 -37.30
CA TYR U 389 20.44 27.77 -36.27
C TYR U 389 20.61 26.31 -35.85
N SER U 390 20.04 25.37 -36.59
CA SER U 390 20.11 23.95 -36.14
C SER U 390 21.55 23.49 -36.01
N PHE U 391 21.80 22.52 -35.12
CA PHE U 391 23.14 22.04 -34.82
C PHE U 391 23.73 21.46 -36.15
N GLU U 392 22.83 20.95 -37.00
CA GLU U 392 23.19 20.37 -38.28
C GLU U 392 23.66 21.46 -39.27
N GLN U 393 22.97 22.62 -39.33
CA GLN U 393 23.43 23.73 -40.19
C GLN U 393 24.71 24.34 -39.65
N GLN U 394 24.86 24.39 -38.35
CA GLN U 394 25.97 25.13 -37.79
C GLN U 394 27.17 24.24 -37.46
N GLY U 395 27.04 22.94 -37.77
CA GLY U 395 28.08 21.89 -37.49
C GLY U 395 28.59 21.94 -36.06
N VAL U 396 27.66 22.00 -35.09
CA VAL U 396 28.04 22.08 -33.70
C VAL U 396 28.71 20.79 -33.25
N THR U 397 29.78 20.87 -32.46
CA THR U 397 30.40 19.69 -31.93
C THR U 397 30.57 19.92 -30.44
N VAL U 398 30.88 18.86 -29.69
CA VAL U 398 31.17 19.08 -28.29
C VAL U 398 32.42 18.28 -27.87
N SER U 399 33.24 18.88 -27.01
CA SER U 399 34.42 18.20 -26.54
C SER U 399 34.44 18.30 -25.03
N PHE U 400 34.87 17.24 -24.37
CA PHE U 400 34.85 17.20 -22.93
C PHE U 400 36.24 17.31 -22.37
N TYR U 401 36.36 18.01 -21.26
CA TYR U 401 37.63 18.16 -20.58
C TYR U 401 37.40 17.86 -19.08
N GLY U 402 38.22 16.99 -18.48
CA GLY U 402 37.95 16.51 -17.10
C GLY U 402 36.91 15.38 -17.12
N GLY U 403 36.65 14.76 -15.96
CA GLY U 403 35.66 13.67 -15.78
C GLY U 403 35.77 12.47 -16.70
N GLU U 404 34.73 11.66 -16.74
CA GLU U 404 34.69 10.42 -17.53
CA GLU U 404 34.80 10.42 -17.50
C GLU U 404 35.07 10.59 -18.99
N LEU U 405 34.62 11.71 -19.59
CA LEU U 405 34.76 11.85 -21.04
C LEU U 405 35.95 12.69 -21.45
N ASN U 406 36.84 12.98 -20.51
CA ASN U 406 38.02 13.79 -20.77
C ASN U 406 38.69 13.41 -22.08
N GLY U 407 38.88 14.40 -22.96
CA GLY U 407 39.58 14.15 -24.21
C GLY U 407 38.74 13.65 -25.36
N GLN U 408 37.43 13.43 -25.16
CA GLN U 408 36.61 12.90 -26.26
C GLN U 408 35.89 14.02 -26.98
N THR U 409 35.54 13.82 -28.25
CA THR U 409 34.85 14.84 -29.02
C THR U 409 33.74 14.12 -29.71
N PHE U 410 32.53 14.72 -29.74
CA PHE U 410 31.39 14.10 -30.47
C PHE U 410 30.94 15.07 -31.57
N THR U 411 30.51 14.54 -32.71
CA THR U 411 30.21 15.41 -33.84
C THR U 411 28.89 15.03 -34.47
N ASP U 412 28.38 13.84 -34.16
CA ASP U 412 27.06 13.39 -34.63
C ASP U 412 25.92 14.20 -33.91
N PRO U 413 25.08 14.86 -34.71
CA PRO U 413 24.15 15.84 -34.11
C PRO U 413 23.24 15.29 -32.98
N PRO U 414 22.69 14.04 -33.11
CA PRO U 414 21.95 13.49 -31.95
C PRO U 414 22.71 13.58 -30.64
N THR U 415 23.99 13.19 -30.61
CA THR U 415 24.73 13.12 -29.38
C THR U 415 25.07 14.52 -28.94
N VAL U 416 25.47 15.39 -29.88
CA VAL U 416 25.81 16.77 -29.50
C VAL U 416 24.53 17.44 -28.92
N LYS U 417 23.38 17.25 -29.57
CA LYS U 417 22.13 17.76 -28.95
C LYS U 417 21.83 17.22 -27.53
N SER U 418 22.10 15.94 -27.30
CA SER U 418 21.80 15.35 -26.01
C SER U 418 22.63 15.99 -24.94
N TYR U 419 23.90 16.24 -25.24
CA TYR U 419 24.73 16.90 -24.23
C TYR U 419 24.34 18.35 -24.05
N ALA U 420 23.91 18.99 -25.12
CA ALA U 420 23.49 20.39 -25.02
C ALA U 420 22.21 20.49 -24.14
N ARG U 421 21.29 19.54 -24.29
CA ARG U 421 20.14 19.48 -23.39
C ARG U 421 20.56 19.33 -21.95
N LYS U 422 21.65 18.63 -21.67
CA LYS U 422 22.08 18.48 -20.27
C LYS U 422 22.80 19.70 -19.76
N ALA U 423 23.46 20.40 -20.68
CA ALA U 423 24.22 21.59 -20.33
C ALA U 423 23.32 22.74 -19.82
N ILE U 424 22.03 22.75 -20.22
CA ILE U 424 21.16 23.77 -19.60
C ILE U 424 21.07 23.63 -18.08
N PHE U 425 21.45 22.45 -17.56
CA PHE U 425 21.41 22.20 -16.09
C PHE U 425 22.75 22.47 -15.43
N GLY U 426 23.74 22.89 -16.21
CA GLY U 426 25.06 23.22 -15.60
C GLY U 426 25.97 22.03 -15.93
N GLU U 427 26.85 21.69 -15.02
CA GLU U 427 27.79 20.56 -15.26
C GLU U 427 27.03 19.21 -15.39
N ILE U 428 27.61 18.27 -16.13
CA ILE U 428 26.90 17.06 -16.59
C ILE U 428 27.38 15.85 -15.83
N PHE U 429 26.44 15.05 -15.34
CA PHE U 429 26.76 13.88 -14.51
C PHE U 429 26.19 12.59 -15.09
N GLU U 430 26.86 11.49 -14.76
CA GLU U 430 26.33 10.16 -15.02
CA GLU U 430 26.34 10.15 -15.00
C GLU U 430 25.57 9.78 -13.75
N PHE U 431 24.35 9.27 -13.93
CA PHE U 431 23.48 8.85 -12.80
C PHE U 431 23.07 7.39 -12.94
N ASP U 432 22.94 6.72 -11.79
CA ASP U 432 22.28 5.43 -11.68
C ASP U 432 20.78 5.70 -11.48
N THR U 433 19.97 5.50 -12.51
CA THR U 433 18.53 5.69 -12.37
C THR U 433 17.78 4.35 -12.10
N GLU U 434 18.51 3.21 -12.11
CA GLU U 434 17.87 1.89 -11.96
C GLU U 434 17.69 1.49 -10.52
N THR U 435 18.70 1.70 -9.67
CA THR U 435 18.59 1.25 -8.27
C THR U 435 17.31 1.66 -7.55
N LEU U 436 16.89 2.93 -7.70
CA LEU U 436 15.68 3.41 -7.05
C LEU U 436 14.53 3.55 -8.03
N ASN U 437 14.70 3.05 -9.25
CA ASN U 437 13.65 3.29 -10.29
C ASN U 437 13.34 4.82 -10.36
N SER U 438 14.39 5.61 -10.56
CA SER U 438 14.28 7.07 -10.53
C SER U 438 13.46 7.50 -11.75
N ASP U 439 12.68 8.57 -11.63
CA ASP U 439 11.70 8.85 -12.65
C ASP U 439 12.15 10.06 -13.51
N GLY U 440 13.33 10.64 -13.20
CA GLY U 440 13.88 11.71 -14.06
C GLY U 440 13.34 13.11 -13.76
N ILE U 441 12.64 13.29 -12.64
CA ILE U 441 11.91 14.58 -12.39
C ILE U 441 12.47 15.14 -11.08
N PHE U 442 12.89 16.40 -11.09
CA PHE U 442 13.65 16.95 -9.95
C PHE U 442 12.86 17.02 -8.64
N ARG U 443 13.56 16.81 -7.52
CA ARG U 443 12.99 16.92 -6.18
C ARG U 443 13.82 17.95 -5.39
N THR U 444 13.25 18.53 -4.35
CA THR U 444 14.02 19.47 -3.52
C THR U 444 14.84 18.72 -2.48
N SER U 445 15.75 19.43 -1.84
CA SER U 445 16.61 18.80 -0.84
C SER U 445 16.03 19.04 0.53
N PRO U 446 16.73 18.57 1.60
CA PRO U 446 16.13 18.89 2.88
C PRO U 446 16.17 20.41 3.18
N ARG U 447 17.06 21.16 2.52
CA ARG U 447 16.99 22.63 2.66
C ARG U 447 15.63 23.10 2.26
N GLY U 448 15.12 22.60 1.10
CA GLY U 448 13.84 23.07 0.65
C GLY U 448 12.70 22.56 1.54
N TRP U 449 12.71 21.25 1.90
CA TRP U 449 11.63 20.75 2.79
C TRP U 449 11.64 21.41 4.17
N PHE U 450 12.80 21.57 4.75
CA PHE U 450 12.83 22.26 6.05
C PHE U 450 12.16 23.64 5.94
N THR U 451 12.53 24.37 4.89
CA THR U 451 12.07 25.78 4.71
C THR U 451 10.57 25.78 4.59
N PHE U 452 10.04 24.89 3.74
CA PHE U 452 8.63 24.84 3.55
C PHE U 452 7.86 24.57 4.81
N ALA U 453 8.23 23.52 5.54
CA ALA U 453 7.46 23.13 6.71
C ALA U 453 7.47 24.27 7.72
N HIS U 454 8.65 24.92 7.90
CA HIS U 454 8.78 25.96 8.96
C HIS U 454 8.14 27.29 8.63
N ALA U 455 8.11 27.65 7.34
CA ALA U 455 7.36 28.82 6.94
C ALA U 455 5.87 28.58 7.08
N VAL U 456 5.39 27.35 6.73
CA VAL U 456 3.95 27.06 6.88
C VAL U 456 3.59 27.01 8.36
N PHE U 457 4.35 26.28 9.17
CA PHE U 457 4.01 26.20 10.58
C PHE U 457 4.07 27.61 11.25
N ALA U 458 5.06 28.41 10.88
CA ALA U 458 5.17 29.75 11.46
C ALA U 458 3.91 30.54 11.10
N LEU U 459 3.45 30.49 9.83
CA LEU U 459 2.26 31.23 9.50
C LEU U 459 1.02 30.77 10.30
N LEU U 460 0.79 29.45 10.37
CA LEU U 460 -0.34 28.90 11.13
C LEU U 460 -0.21 29.30 12.61
N PHE U 461 1.01 29.33 13.11
CA PHE U 461 1.20 29.69 14.53
C PHE U 461 0.84 31.18 14.81
N PHE U 462 0.92 32.00 13.78
CA PHE U 462 0.37 33.36 13.87
C PHE U 462 -1.12 33.33 14.22
N PHE U 463 -1.89 32.49 13.53
CA PHE U 463 -3.28 32.30 13.96
C PHE U 463 -3.40 31.86 15.41
N GLY U 464 -2.66 30.83 15.80
CA GLY U 464 -2.70 30.32 17.16
C GLY U 464 -2.45 31.51 18.14
N HIS U 465 -1.48 32.38 17.79
CA HIS U 465 -1.18 33.57 18.66
C HIS U 465 -2.35 34.52 18.86
N ILE U 466 -2.93 34.96 17.76
CA ILE U 466 -4.09 35.84 17.71
C ILE U 466 -5.25 35.19 18.46
N TRP U 467 -5.47 33.89 18.19
CA TRP U 467 -6.59 33.15 18.82
C TRP U 467 -6.44 33.15 20.34
N HIS U 468 -5.29 32.72 20.83
CA HIS U 468 -5.10 32.65 22.31
C HIS U 468 -4.92 33.99 22.98
N GLY U 469 -4.34 34.95 22.26
CA GLY U 469 -4.32 36.34 22.77
C GLY U 469 -5.72 36.90 22.92
N ALA U 470 -6.58 36.63 21.94
CA ALA U 470 -7.94 37.07 22.05
C ALA U 470 -8.59 36.40 23.24
N ARG U 471 -8.44 35.09 23.39
CA ARG U 471 -9.10 34.37 24.46
C ARG U 471 -8.60 34.87 25.84
N THR U 472 -7.33 35.24 25.89
CA THR U 472 -6.77 35.80 27.17
C THR U 472 -7.45 37.15 27.47
N LEU U 473 -7.42 38.07 26.51
CA LEU U 473 -7.84 39.45 26.74
C LEU U 473 -9.35 39.63 26.82
N PHE U 474 -10.11 38.66 26.32
CA PHE U 474 -11.57 38.70 26.29
C PHE U 474 -12.16 37.54 27.10
N ARG U 475 -11.40 37.01 28.06
CA ARG U 475 -11.88 35.86 28.85
C ARG U 475 -13.29 36.11 29.37
N ASP U 476 -13.52 37.30 29.95
CA ASP U 476 -14.86 37.68 30.54
C ASP U 476 -16.03 37.59 29.56
N VAL U 477 -15.78 37.83 28.27
CA VAL U 477 -16.90 37.76 27.34
C VAL U 477 -16.90 36.53 26.48
N PHE U 478 -16.07 35.54 26.78
CA PHE U 478 -16.01 34.44 25.84
C PHE U 478 -17.21 33.49 25.69
N SER U 479 -18.20 33.59 26.59
CA SER U 479 -19.45 32.83 26.48
C SER U 479 -20.60 33.65 25.91
N GLY U 480 -20.26 34.89 25.56
CA GLY U 480 -21.22 35.85 25.05
C GLY U 480 -21.15 37.12 25.86
N ILE U 481 -21.81 38.14 25.35
CA ILE U 481 -21.73 39.47 25.96
C ILE U 481 -22.84 39.64 26.99
N ASP U 482 -22.59 40.56 27.90
CA ASP U 482 -23.57 40.86 28.95
C ASP U 482 -25.02 40.87 28.45
N PRO U 483 -25.87 40.05 29.10
CA PRO U 483 -27.27 39.90 28.69
C PRO U 483 -28.05 41.21 28.66
N SER U 486 -26.70 48.26 29.30
CA SER U 486 -27.10 49.54 28.75
C SER U 486 -26.85 49.59 27.25
N PRO U 487 -27.86 50.04 26.48
CA PRO U 487 -27.62 50.44 25.09
C PRO U 487 -26.90 51.82 25.01
N GLU U 488 -26.10 52.14 26.03
CA GLU U 488 -25.36 53.43 26.12
C GLU U 488 -23.82 53.29 26.09
N GLN U 489 -23.31 52.07 26.31
CA GLN U 489 -21.88 51.75 26.12
C GLN U 489 -21.52 51.59 24.62
N VAL U 490 -22.48 51.09 23.84
CA VAL U 490 -22.34 50.79 22.41
C VAL U 490 -23.07 51.79 21.48
N GLU U 491 -23.73 52.80 22.04
CA GLU U 491 -24.30 53.88 21.24
C GLU U 491 -23.48 55.17 21.39
N TRP U 492 -23.64 56.09 20.44
CA TRP U 492 -22.82 57.31 20.36
C TRP U 492 -23.34 58.46 21.18
N GLY U 493 -22.42 59.26 21.70
CA GLY U 493 -22.78 60.45 22.45
C GLY U 493 -22.97 60.24 23.94
N PHE U 494 -23.40 59.03 24.33
CA PHE U 494 -23.66 58.70 25.73
C PHE U 494 -22.40 58.76 26.62
N TYR U 495 -21.30 58.15 26.17
CA TYR U 495 -19.99 58.30 26.87
C TYR U 495 -19.04 59.24 26.10
N GLN U 496 -18.33 60.09 26.85
CA GLN U 496 -17.23 60.91 26.32
C GLN U 496 -16.07 59.99 25.85
N LYS U 497 -15.72 59.02 26.69
CA LYS U 497 -14.66 58.03 26.40
C LYS U 497 -15.32 56.66 26.18
N VAL U 498 -15.10 56.03 25.02
CA VAL U 498 -15.76 54.74 24.67
C VAL U 498 -15.55 53.71 25.81
N GLY U 499 -16.64 53.03 26.18
CA GLY U 499 -16.59 51.94 27.16
C GLY U 499 -16.41 52.36 28.60
N ASP U 500 -16.27 53.68 28.82
CA ASP U 500 -16.01 54.21 30.16
C ASP U 500 -17.31 54.79 30.79
N VAL U 501 -17.88 54.02 31.73
CA VAL U 501 -19.13 54.38 32.43
C VAL U 501 -18.99 55.63 33.31
N THR U 502 -17.78 55.88 33.85
CA THR U 502 -17.54 57.07 34.69
C THR U 502 -17.30 58.38 33.89
N THR U 503 -17.35 58.30 32.55
CA THR U 503 -17.47 59.49 31.68
C THR U 503 -18.90 59.60 31.11
N ASN V 1 -46.59 73.91 1.75
CA ASN V 1 -47.52 73.19 2.66
C ASN V 1 -46.75 72.13 3.46
N SER V 2 -47.29 70.90 3.57
CA SER V 2 -46.47 69.77 4.06
C SER V 2 -45.76 69.07 2.88
N ILE V 3 -44.56 68.57 3.12
CA ILE V 3 -43.84 67.76 2.09
C ILE V 3 -44.53 66.41 1.85
N PHE V 4 -45.32 66.00 2.83
CA PHE V 4 -46.09 64.78 2.72
C PHE V 4 -47.48 64.98 2.22
N ALA V 5 -47.80 66.18 1.75
CA ALA V 5 -49.21 66.49 1.42
C ALA V 5 -49.78 65.78 0.20
N THR V 6 -48.92 65.44 -0.75
CA THR V 6 -49.41 64.80 -1.97
C THR V 6 -49.49 63.27 -1.71
N ASN V 7 -50.06 62.56 -2.66
CA ASN V 7 -50.02 61.08 -2.63
C ASN V 7 -48.68 60.47 -3.19
N ARG V 8 -47.72 61.35 -3.56
CA ARG V 8 -46.43 60.94 -4.20
C ARG V 8 -45.33 60.80 -3.17
N ASP V 9 -45.51 59.86 -2.28
CA ASP V 9 -44.59 59.60 -1.18
C ASP V 9 -44.80 58.22 -0.60
N GLN V 10 -43.85 57.79 0.24
CA GLN V 10 -43.96 56.43 0.75
C GLN V 10 -45.17 56.35 1.70
N GLU V 11 -45.31 57.38 2.54
CA GLU V 11 -46.38 57.43 3.55
C GLU V 11 -47.79 57.18 2.93
N SER V 12 -48.11 57.77 1.78
CA SER V 12 -49.39 57.54 1.11
C SER V 12 -49.46 56.23 0.27
N SER V 13 -48.38 55.92 -0.48
CA SER V 13 -48.41 54.90 -1.54
C SER V 13 -48.03 53.50 -1.06
N GLY V 14 -47.23 53.45 0.00
CA GLY V 14 -46.67 52.23 0.54
C GLY V 14 -45.38 51.80 -0.19
N PHE V 15 -44.94 52.57 -1.19
CA PHE V 15 -43.70 52.26 -1.96
C PHE V 15 -42.66 53.32 -1.71
N ALA V 16 -41.43 52.89 -1.48
CA ALA V 16 -40.29 53.82 -1.42
C ALA V 16 -40.03 54.48 -2.76
N TRP V 17 -39.28 55.57 -2.73
CA TRP V 17 -38.88 56.29 -3.93
C TRP V 17 -38.19 55.40 -4.99
N TRP V 18 -37.41 54.41 -4.56
CA TRP V 18 -36.67 53.54 -5.52
C TRP V 18 -37.59 52.55 -6.18
N ALA V 19 -38.80 52.41 -5.62
CA ALA V 19 -39.90 51.71 -6.30
C ALA V 19 -41.03 52.69 -6.72
N GLY V 20 -40.63 53.95 -6.88
CA GLY V 20 -41.54 55.04 -7.27
C GLY V 20 -42.61 54.73 -8.29
N ASN V 21 -42.25 54.09 -9.41
CA ASN V 21 -43.22 53.79 -10.46
C ASN V 21 -44.32 52.80 -10.11
N ALA V 22 -44.12 52.05 -9.05
CA ALA V 22 -45.17 51.13 -8.56
C ALA V 22 -46.37 51.96 -8.00
N ARG V 23 -46.15 53.22 -7.63
CA ARG V 23 -47.27 54.13 -7.16
C ARG V 23 -48.31 54.36 -8.27
N LEU V 24 -47.92 54.03 -9.50
CA LEU V 24 -48.73 54.31 -10.63
C LEU V 24 -49.66 53.21 -10.97
N ILE V 25 -49.58 52.10 -10.26
CA ILE V 25 -50.26 50.90 -10.76
C ILE V 25 -51.73 51.19 -10.96
N ASN V 26 -52.33 51.87 -9.97
CA ASN V 26 -53.79 52.16 -10.10
C ASN V 26 -54.10 53.63 -10.40
N LEU V 27 -53.19 54.29 -11.11
CA LEU V 27 -53.40 55.69 -11.54
C LEU V 27 -53.29 55.74 -13.03
N SER V 28 -54.40 55.39 -13.69
CA SER V 28 -54.40 55.12 -15.10
C SER V 28 -54.05 56.30 -15.99
N GLY V 29 -54.29 57.51 -15.49
CA GLY V 29 -53.90 58.73 -16.18
C GLY V 29 -52.43 59.04 -16.11
N LYS V 30 -51.86 59.07 -14.92
CA LYS V 30 -50.44 59.28 -14.83
C LYS V 30 -49.70 58.08 -15.50
N LEU V 31 -50.26 56.88 -15.39
CA LEU V 31 -49.65 55.68 -16.02
C LEU V 31 -49.66 55.79 -17.54
N LEU V 32 -50.79 56.23 -18.10
CA LEU V 32 -50.81 56.50 -19.52
C LEU V 32 -49.73 57.54 -19.84
N GLY V 33 -49.59 58.56 -19.00
CA GLY V 33 -48.56 59.57 -19.27
C GLY V 33 -47.18 58.93 -19.39
N ALA V 34 -46.79 58.16 -18.37
CA ALA V 34 -45.48 57.47 -18.30
C ALA V 34 -45.20 56.66 -19.56
N HIS V 35 -46.18 55.88 -19.98
CA HIS V 35 -46.10 55.12 -21.19
C HIS V 35 -45.91 55.87 -22.45
N VAL V 36 -46.72 56.93 -22.63
CA VAL V 36 -46.64 57.69 -23.88
C VAL V 36 -45.32 58.42 -23.98
N ALA V 37 -44.86 58.98 -22.85
CA ALA V 37 -43.59 59.70 -22.76
C ALA V 37 -42.38 58.75 -22.98
N HIS V 38 -42.54 57.52 -22.50
CA HIS V 38 -41.50 56.52 -22.72
C HIS V 38 -41.39 56.19 -24.18
N ALA V 39 -42.55 55.96 -24.80
CA ALA V 39 -42.60 55.71 -26.22
C ALA V 39 -41.95 56.85 -26.98
N GLY V 40 -42.18 58.07 -26.50
CA GLY V 40 -41.47 59.21 -27.03
C GLY V 40 -39.95 59.04 -26.95
N LEU V 41 -39.45 58.55 -25.81
CA LEU V 41 -38.00 58.35 -25.67
C LEU V 41 -37.47 57.34 -26.68
N ILE V 42 -38.24 56.27 -26.96
CA ILE V 42 -37.84 55.25 -27.92
C ILE V 42 -37.74 55.92 -29.32
N VAL V 43 -38.80 56.63 -29.70
CA VAL V 43 -38.88 57.35 -30.98
C VAL V 43 -37.80 58.41 -31.11
N PHE V 44 -37.54 59.17 -30.05
CA PHE V 44 -36.50 60.17 -30.06
C PHE V 44 -35.15 59.57 -30.39
N TRP V 45 -34.90 58.41 -29.78
CA TRP V 45 -33.65 57.71 -29.98
C TRP V 45 -33.55 57.26 -31.40
N ALA V 46 -34.58 56.61 -31.94
CA ALA V 46 -34.53 56.19 -33.30
C ALA V 46 -34.20 57.39 -34.21
N GLY V 47 -34.83 58.54 -33.94
CA GLY V 47 -34.57 59.73 -34.74
C GLY V 47 -33.22 60.33 -34.54
N ALA V 48 -32.84 60.66 -33.32
CA ALA V 48 -31.57 61.32 -33.08
C ALA V 48 -30.38 60.42 -33.49
N MET V 49 -30.51 59.11 -33.22
CA MET V 49 -29.41 58.16 -33.48
C MET V 49 -29.21 58.04 -35.02
N THR V 50 -30.31 57.95 -35.77
CA THR V 50 -30.22 57.92 -37.24
C THR V 50 -29.50 59.16 -37.82
N LEU V 51 -29.78 60.34 -37.25
CA LEU V 51 -29.19 61.56 -37.79
C LEU V 51 -27.70 61.61 -37.42
N PHE V 52 -27.39 61.09 -36.23
CA PHE V 52 -25.99 61.02 -35.77
C PHE V 52 -25.23 60.07 -36.72
N GLU V 53 -25.84 58.91 -36.99
CA GLU V 53 -25.27 57.96 -37.92
C GLU V 53 -24.98 58.65 -39.28
N LEU V 54 -26.01 59.27 -39.87
CA LEU V 54 -25.88 60.00 -41.15
C LEU V 54 -24.82 61.10 -41.08
N ALA V 55 -24.80 61.95 -40.05
CA ALA V 55 -23.75 62.96 -39.91
C ALA V 55 -22.34 62.34 -39.94
N HIS V 56 -22.22 61.10 -39.45
CA HIS V 56 -20.93 60.39 -39.36
C HIS V 56 -20.64 59.49 -40.54
N PHE V 57 -21.65 59.25 -41.39
CA PHE V 57 -21.59 58.24 -42.46
C PHE V 57 -20.75 58.72 -43.65
N ILE V 58 -19.70 57.96 -43.97
CA ILE V 58 -18.95 58.08 -45.24
C ILE V 58 -19.55 57.03 -46.16
N PRO V 59 -20.36 57.47 -47.15
CA PRO V 59 -21.28 56.53 -47.80
C PRO V 59 -20.65 55.48 -48.69
N GLU V 60 -19.43 55.71 -49.13
CA GLU V 60 -18.77 54.77 -50.00
C GLU V 60 -18.06 53.67 -49.19
N LYS V 61 -17.64 53.99 -47.95
CA LYS V 61 -17.08 53.04 -47.00
C LYS V 61 -18.16 52.06 -46.46
N PRO V 62 -17.82 50.77 -46.21
CA PRO V 62 -18.92 49.87 -45.75
C PRO V 62 -19.54 50.40 -44.42
N MET V 63 -20.85 50.26 -44.29
CA MET V 63 -21.55 50.67 -43.05
C MET V 63 -20.89 50.01 -41.82
N TYR V 64 -20.60 48.71 -41.94
CA TYR V 64 -20.11 47.91 -40.83
C TYR V 64 -18.77 48.34 -40.37
N GLU V 65 -18.10 49.17 -41.18
CA GLU V 65 -16.86 49.77 -40.75
C GLU V 65 -17.11 51.04 -39.95
N GLN V 66 -18.37 51.45 -39.77
CA GLN V 66 -18.61 52.80 -39.26
C GLN V 66 -19.55 52.83 -38.03
N GLY V 67 -19.76 51.69 -37.38
CA GLY V 67 -20.45 51.67 -36.06
C GLY V 67 -21.92 52.00 -36.18
N LEU V 68 -22.50 51.61 -37.31
CA LEU V 68 -23.90 51.86 -37.66
C LEU V 68 -24.73 50.66 -37.38
N ILE V 69 -25.88 50.90 -36.75
CA ILE V 69 -26.88 49.83 -36.62
C ILE V 69 -28.28 50.19 -37.16
N LEU V 70 -28.56 51.50 -37.21
CA LEU V 70 -29.87 51.99 -37.72
C LEU V 70 -29.88 52.15 -39.24
N ILE V 71 -28.89 52.83 -39.82
CA ILE V 71 -28.80 52.82 -41.31
C ILE V 71 -28.90 51.41 -41.94
N PRO V 72 -28.20 50.40 -41.37
CA PRO V 72 -28.48 49.07 -41.94
C PRO V 72 -29.91 48.59 -41.90
N HIS V 73 -30.69 48.92 -40.86
CA HIS V 73 -32.11 48.53 -40.89
C HIS V 73 -32.92 49.20 -42.03
N ILE V 74 -32.65 50.48 -42.22
CA ILE V 74 -33.35 51.26 -43.26
C ILE V 74 -32.88 50.73 -44.61
N ALA V 75 -31.58 50.47 -44.76
CA ALA V 75 -31.10 49.92 -46.06
C ALA V 75 -31.70 48.57 -46.41
N THR V 76 -31.95 47.73 -45.41
CA THR V 76 -32.47 46.37 -45.63
C THR V 76 -33.88 46.42 -46.18
N LEU V 77 -34.57 47.54 -45.93
CA LEU V 77 -35.95 47.73 -46.41
C LEU V 77 -35.99 48.28 -47.85
N GLY V 78 -34.81 48.47 -48.42
CA GLY V 78 -34.71 48.95 -49.79
C GLY V 78 -34.40 50.43 -49.96
N TRP V 79 -34.41 51.19 -48.87
CA TRP V 79 -34.18 52.62 -48.94
C TRP V 79 -32.73 52.99 -49.01
N GLY V 80 -32.37 53.80 -50.01
CA GLY V 80 -31.06 54.48 -50.07
C GLY V 80 -29.95 53.69 -50.78
N VAL V 81 -30.25 52.48 -51.22
CA VAL V 81 -29.19 51.59 -51.69
C VAL V 81 -29.49 50.92 -53.04
N GLY V 82 -28.44 50.50 -53.76
CA GLY V 82 -28.63 49.77 -55.04
C GLY V 82 -27.88 48.43 -55.10
N PRO V 83 -27.40 48.04 -56.30
CA PRO V 83 -26.81 46.69 -56.37
C PRO V 83 -25.63 46.53 -55.40
N GLY V 84 -25.54 45.37 -54.75
CA GLY V 84 -24.45 45.10 -53.79
C GLY V 84 -24.51 45.93 -52.53
N GLY V 85 -25.60 46.67 -52.33
CA GLY V 85 -25.84 47.42 -51.13
C GLY V 85 -25.16 48.75 -51.23
N GLU V 86 -24.72 49.11 -52.43
CA GLU V 86 -24.07 50.42 -52.56
C GLU V 86 -25.11 51.49 -52.22
N VAL V 87 -24.66 52.50 -51.46
CA VAL V 87 -25.48 53.65 -51.05
C VAL V 87 -25.59 54.58 -52.27
N VAL V 88 -26.80 54.65 -52.86
CA VAL V 88 -27.10 55.52 -54.02
C VAL V 88 -27.72 56.89 -53.65
N ASP V 89 -28.16 57.08 -52.40
CA ASP V 89 -28.92 58.28 -52.01
C ASP V 89 -29.17 58.22 -50.50
N THR V 90 -28.54 59.14 -49.73
CA THR V 90 -28.68 59.17 -48.29
C THR V 90 -29.95 59.82 -47.76
N PHE V 91 -30.76 60.40 -48.67
CA PHE V 91 -31.91 61.22 -48.27
C PHE V 91 -32.98 60.40 -47.52
N PRO V 92 -33.29 59.19 -48.01
CA PRO V 92 -34.27 58.38 -47.26
C PRO V 92 -33.85 58.12 -45.79
N PHE V 93 -32.54 58.08 -45.53
CA PHE V 93 -32.00 57.91 -44.15
C PHE V 93 -32.32 59.19 -43.39
N PHE V 94 -32.11 60.31 -44.06
CA PHE V 94 -32.36 61.63 -43.43
C PHE V 94 -33.85 61.76 -43.11
N VAL V 95 -34.70 61.38 -44.06
CA VAL V 95 -36.12 61.42 -43.84
C VAL V 95 -36.55 60.57 -42.62
N VAL V 96 -36.21 59.27 -42.62
CA VAL V 96 -36.53 58.36 -41.50
C VAL V 96 -36.14 58.99 -40.19
N GLY V 97 -34.95 59.56 -40.16
CA GLY V 97 -34.43 60.17 -38.92
C GLY V 97 -35.19 61.42 -38.43
N VAL V 98 -35.42 62.36 -39.35
CA VAL V 98 -36.14 63.60 -39.04
C VAL V 98 -37.57 63.30 -38.56
N VAL V 99 -38.28 62.45 -39.31
CA VAL V 99 -39.64 62.13 -39.00
C VAL V 99 -39.83 61.43 -37.66
N HIS V 100 -38.92 60.50 -37.30
CA HIS V 100 -38.91 59.97 -35.94
C HIS V 100 -38.71 61.05 -34.98
N LEU V 101 -37.71 61.91 -35.21
CA LEU V 101 -37.33 62.92 -34.18
C LEU V 101 -38.46 63.96 -33.96
N ILE V 102 -39.18 64.30 -35.05
CA ILE V 102 -40.35 65.20 -34.97
C ILE V 102 -41.48 64.48 -34.25
N SER V 103 -41.77 63.24 -34.64
CA SER V 103 -42.81 62.45 -33.95
C SER V 103 -42.58 62.30 -32.43
N SER V 104 -41.33 62.38 -32.01
CA SER V 104 -41.00 62.14 -30.62
C SER V 104 -41.42 63.33 -29.77
N ALA V 105 -41.44 64.52 -30.40
CA ALA V 105 -41.88 65.75 -29.71
C ALA V 105 -43.34 65.65 -29.34
N VAL V 106 -44.12 65.08 -30.25
CA VAL V 106 -45.53 64.89 -30.04
C VAL V 106 -45.86 63.84 -28.99
N LEU V 107 -45.20 62.69 -29.06
CA LEU V 107 -45.42 61.69 -28.03
C LEU V 107 -44.93 62.28 -26.70
N GLY V 108 -43.80 62.96 -26.75
CA GLY V 108 -43.27 63.54 -25.49
C GLY V 108 -44.26 64.56 -24.91
N PHE V 109 -44.85 65.39 -25.78
CA PHE V 109 -45.83 66.42 -25.37
C PHE V 109 -47.00 65.75 -24.66
N GLY V 110 -47.64 64.79 -25.35
CA GLY V 110 -48.74 64.03 -24.81
C GLY V 110 -48.41 63.29 -23.51
N GLY V 111 -47.16 62.83 -23.40
CA GLY V 111 -46.78 62.04 -22.22
C GLY V 111 -46.61 62.95 -21.02
N VAL V 112 -45.96 64.09 -21.24
CA VAL V 112 -45.78 65.07 -20.18
C VAL V 112 -47.18 65.60 -19.75
N TYR V 113 -48.05 65.86 -20.76
CA TYR V 113 -49.44 66.26 -20.47
C TYR V 113 -50.12 65.28 -19.50
N HIS V 114 -50.25 64.03 -19.93
CA HIS V 114 -50.93 63.02 -19.12
C HIS V 114 -50.29 62.77 -17.81
N ALA V 115 -48.97 62.89 -17.75
CA ALA V 115 -48.18 62.61 -16.56
C ALA V 115 -48.28 63.68 -15.45
N ILE V 116 -48.36 64.95 -15.83
CA ILE V 116 -48.34 66.00 -14.81
C ILE V 116 -49.58 66.93 -14.80
N ARG V 117 -50.30 67.01 -15.92
CA ARG V 117 -51.43 67.95 -16.06
C ARG V 117 -52.80 67.33 -16.17
N GLY V 118 -52.93 66.32 -17.03
CA GLY V 118 -54.19 65.63 -17.27
C GLY V 118 -54.69 64.91 -16.05
N PRO V 119 -55.84 64.23 -16.18
CA PRO V 119 -56.49 63.57 -15.05
C PRO V 119 -55.66 62.37 -14.56
N GLU V 120 -55.46 62.25 -13.25
CA GLU V 120 -54.66 61.17 -12.66
C GLU V 120 -55.17 59.80 -12.96
N THR V 121 -56.50 59.67 -12.89
CA THR V 121 -57.18 58.42 -13.13
C THR V 121 -58.15 58.77 -14.22
N LEU V 122 -58.43 57.79 -15.05
CA LEU V 122 -59.19 58.03 -16.26
C LEU V 122 -60.62 57.57 -16.08
N GLU V 123 -60.87 56.85 -14.99
CA GLU V 123 -62.14 56.15 -14.81
C GLU V 123 -63.32 57.16 -14.68
N GLU V 124 -63.14 58.18 -13.84
CA GLU V 124 -64.15 59.25 -13.66
C GLU V 124 -64.33 59.97 -14.98
N TYR V 125 -63.23 60.16 -15.71
CA TYR V 125 -63.27 60.88 -16.99
C TYR V 125 -63.93 60.12 -18.15
N SER V 126 -63.75 58.82 -18.25
CA SER V 126 -64.23 58.06 -19.43
C SER V 126 -64.24 56.56 -19.18
N SER V 127 -65.34 55.92 -19.55
CA SER V 127 -65.46 54.48 -19.38
C SER V 127 -64.69 53.73 -20.47
N PHE V 128 -64.37 54.42 -21.56
CA PHE V 128 -63.66 53.81 -22.69
C PHE V 128 -62.16 53.76 -22.37
N PHE V 129 -61.59 54.90 -22.00
CA PHE V 129 -60.17 55.01 -21.66
C PHE V 129 -59.81 54.53 -20.24
N GLY V 130 -60.76 54.59 -19.31
CA GLY V 130 -60.53 54.06 -17.99
C GLY V 130 -60.50 52.54 -18.03
N TYR V 131 -59.90 51.93 -17.03
CA TYR V 131 -59.83 50.46 -16.95
C TYR V 131 -59.48 50.07 -15.52
N ASP V 132 -59.87 48.87 -15.21
CA ASP V 132 -59.44 48.21 -14.01
C ASP V 132 -58.63 46.96 -14.43
N TRP V 133 -57.39 46.85 -13.95
CA TRP V 133 -56.58 45.62 -14.26
C TRP V 133 -57.35 44.34 -14.03
N LYS V 134 -58.18 44.32 -12.99
CA LYS V 134 -58.96 43.12 -12.71
C LYS V 134 -60.17 42.88 -13.62
N ASP V 135 -60.49 43.85 -14.47
CA ASP V 135 -61.61 43.71 -15.38
C ASP V 135 -61.10 42.91 -16.59
N LYS V 136 -61.34 41.61 -16.60
CA LYS V 136 -60.66 40.75 -17.58
C LYS V 136 -61.08 41.12 -18.99
N ASN V 137 -62.33 41.59 -19.11
CA ASN V 137 -62.93 41.86 -20.39
C ASN V 137 -62.32 43.08 -21.01
N LYS V 138 -62.11 44.10 -20.17
CA LYS V 138 -61.48 45.34 -20.60
C LYS V 138 -59.99 45.11 -20.95
N MET V 139 -59.29 44.30 -20.12
CA MET V 139 -57.94 43.88 -20.45
C MET V 139 -57.90 43.20 -21.83
N THR V 140 -58.70 42.18 -22.10
CA THR V 140 -58.60 41.60 -23.44
C THR V 140 -58.97 42.54 -24.58
N THR V 141 -59.75 43.59 -24.29
CA THR V 141 -60.18 44.52 -25.35
C THR V 141 -59.01 45.40 -25.77
N ILE V 142 -58.30 45.94 -24.78
CA ILE V 142 -57.13 46.78 -25.08
C ILE V 142 -56.02 45.92 -25.75
N LEU V 143 -55.81 44.71 -25.24
CA LEU V 143 -54.90 43.76 -25.88
C LEU V 143 -55.28 43.65 -27.34
N GLY V 144 -56.59 43.51 -27.59
CA GLY V 144 -57.11 43.31 -28.96
C GLY V 144 -56.84 44.51 -29.85
N PHE V 145 -57.00 45.74 -29.34
CA PHE V 145 -56.72 46.91 -30.19
C PHE V 145 -55.25 46.87 -30.61
N HIS V 146 -54.39 46.57 -29.63
CA HIS V 146 -52.96 46.51 -29.86
C HIS V 146 -52.58 45.38 -30.82
N LEU V 147 -53.24 44.24 -30.70
CA LEU V 147 -53.00 43.16 -31.66
C LEU V 147 -53.27 43.62 -33.10
N ILE V 148 -54.38 44.36 -33.30
CA ILE V 148 -54.75 44.87 -34.63
C ILE V 148 -53.69 45.86 -35.10
N VAL V 149 -53.23 46.73 -34.20
CA VAL V 149 -52.19 47.69 -34.54
C VAL V 149 -50.87 46.96 -35.02
N LEU V 150 -50.44 45.96 -34.25
CA LEU V 150 -49.28 45.12 -34.62
C LEU V 150 -49.48 44.40 -35.96
N GLY V 151 -50.66 43.81 -36.15
CA GLY V 151 -51.06 43.19 -37.43
C GLY V 151 -50.87 44.15 -38.61
N ILE V 152 -51.30 45.39 -38.41
CA ILE V 152 -51.13 46.44 -39.41
C ILE V 152 -49.66 46.72 -39.67
N GLY V 153 -48.87 46.83 -38.61
CA GLY V 153 -47.41 47.04 -38.75
C GLY V 153 -46.72 45.99 -39.65
N ALA V 154 -47.14 44.75 -39.51
CA ALA V 154 -46.61 43.63 -40.28
C ALA V 154 -47.05 43.76 -41.75
N LEU V 155 -48.28 44.23 -41.97
CA LEU V 155 -48.76 44.43 -43.34
C LEU V 155 -48.03 45.58 -43.98
N LEU V 156 -47.47 46.49 -43.17
CA LEU V 156 -46.71 47.60 -43.72
C LEU V 156 -45.36 47.17 -44.28
N LEU V 157 -44.75 46.15 -43.65
CA LEU V 157 -43.58 45.49 -44.19
C LEU V 157 -43.98 44.82 -45.53
N VAL V 158 -45.06 44.08 -45.55
CA VAL V 158 -45.55 43.46 -46.78
C VAL V 158 -45.77 44.50 -47.90
N ALA V 159 -46.42 45.61 -47.56
CA ALA V 159 -46.65 46.75 -48.49
C ALA V 159 -45.36 47.26 -49.12
N LYS V 160 -44.39 47.59 -48.27
CA LYS V 160 -43.07 47.98 -48.70
C LYS V 160 -42.46 46.95 -49.69
N ALA V 161 -42.62 45.67 -49.37
CA ALA V 161 -41.95 44.61 -50.13
C ALA V 161 -42.59 44.47 -51.51
N MET V 162 -43.93 44.54 -51.52
CA MET V 162 -44.75 44.19 -52.68
C MET V 162 -45.12 45.37 -53.58
N PHE V 163 -45.28 46.57 -52.98
CA PHE V 163 -45.90 47.72 -53.66
C PHE V 163 -45.07 48.96 -53.64
N PHE V 164 -44.16 49.06 -52.68
CA PHE V 164 -43.42 50.30 -52.54
C PHE V 164 -41.92 50.15 -52.66
N GLY V 165 -41.49 49.45 -53.71
CA GLY V 165 -40.05 49.45 -54.02
C GLY V 165 -39.31 48.14 -53.67
N GLY V 166 -39.92 47.29 -52.87
CA GLY V 166 -39.29 46.00 -52.52
C GLY V 166 -38.36 46.08 -51.32
N LEU V 167 -37.49 45.07 -51.19
CA LEU V 167 -36.52 44.94 -50.06
C LEU V 167 -35.11 44.63 -50.58
N TYR V 168 -34.08 44.97 -49.79
CA TYR V 168 -32.75 44.57 -50.22
C TYR V 168 -32.61 43.04 -50.17
N ASP V 169 -32.34 42.40 -51.32
CA ASP V 169 -32.19 40.96 -51.42
C ASP V 169 -30.73 40.60 -51.72
N THR V 170 -30.05 40.04 -50.71
CA THR V 170 -28.65 39.67 -50.82
C THR V 170 -28.51 38.47 -51.76
N TRP V 171 -29.59 37.68 -51.88
CA TRP V 171 -29.60 36.53 -52.74
C TRP V 171 -30.03 36.83 -54.17
N ALA V 172 -30.27 38.10 -54.51
CA ALA V 172 -30.84 38.43 -55.83
C ALA V 172 -29.91 37.91 -56.96
N PRO V 173 -30.49 37.25 -58.00
CA PRO V 173 -29.66 36.72 -59.12
C PRO V 173 -28.72 37.75 -59.67
N GLY V 174 -27.51 37.30 -60.00
CA GLY V 174 -26.52 38.21 -60.54
C GLY V 174 -25.94 39.18 -59.51
N GLY V 175 -26.31 39.12 -58.23
CA GLY V 175 -25.63 40.00 -57.24
C GLY V 175 -26.71 40.59 -56.35
N GLY V 176 -26.33 41.05 -55.14
CA GLY V 176 -27.34 41.61 -54.23
C GLY V 176 -27.99 42.88 -54.79
N ASP V 177 -29.30 43.00 -54.63
CA ASP V 177 -30.04 44.20 -55.09
C ASP V 177 -31.43 44.35 -54.43
N VAL V 178 -31.98 45.57 -54.43
CA VAL V 178 -33.37 45.78 -54.03
C VAL V 178 -34.28 45.04 -55.02
N ARG V 179 -35.21 44.22 -54.55
CA ARG V 179 -36.10 43.46 -55.42
C ARG V 179 -37.52 43.54 -54.88
N VAL V 180 -38.50 43.63 -55.80
CA VAL V 180 -39.91 43.64 -55.46
C VAL V 180 -40.34 42.23 -55.29
N ILE V 181 -41.07 41.95 -54.22
CA ILE V 181 -41.48 40.59 -53.98
C ILE V 181 -42.90 40.46 -54.51
N THR V 182 -43.07 39.63 -55.53
CA THR V 182 -44.37 39.52 -56.20
C THR V 182 -45.02 38.22 -55.84
N ASN V 183 -44.24 37.25 -55.36
CA ASN V 183 -44.79 35.95 -55.07
CA ASN V 183 -44.81 35.94 -55.07
C ASN V 183 -44.53 35.47 -53.63
N PRO V 184 -45.10 36.18 -52.64
CA PRO V 184 -44.85 35.75 -51.24
C PRO V 184 -45.30 34.33 -50.97
N THR V 185 -44.58 33.63 -50.07
CA THR V 185 -44.92 32.27 -49.73
C THR V 185 -46.12 32.28 -48.78
N LEU V 186 -47.20 31.61 -49.19
CA LEU V 186 -48.44 31.59 -48.41
C LEU V 186 -48.74 30.18 -47.90
N ASP V 187 -48.09 29.20 -48.49
CA ASP V 187 -48.28 27.80 -48.15
C ASP V 187 -47.98 27.60 -46.64
N PRO V 188 -49.00 27.27 -45.84
CA PRO V 188 -48.74 27.22 -44.38
C PRO V 188 -47.77 26.08 -43.97
N ARG V 189 -47.63 25.04 -44.80
CA ARG V 189 -46.64 23.98 -44.56
C ARG V 189 -45.23 24.58 -44.56
N VAL V 190 -44.96 25.52 -45.46
CA VAL V 190 -43.68 26.22 -45.43
C VAL V 190 -43.58 27.16 -44.25
N ILE V 191 -44.58 28.03 -44.11
CA ILE V 191 -44.53 29.12 -43.11
C ILE V 191 -44.43 28.56 -41.65
N PHE V 192 -45.33 27.64 -41.29
CA PHE V 192 -45.33 27.04 -39.96
C PHE V 192 -44.32 25.89 -39.87
N GLY V 193 -43.83 25.44 -41.03
CA GLY V 193 -42.67 24.54 -41.10
C GLY V 193 -41.49 25.13 -40.34
N TYR V 194 -41.25 26.43 -40.48
CA TYR V 194 -40.13 27.06 -39.83
C TYR V 194 -40.25 27.00 -38.31
N LEU V 195 -41.48 27.20 -37.83
CA LEU V 195 -41.75 27.20 -36.39
C LEU V 195 -41.59 25.86 -35.75
N LEU V 196 -41.77 24.78 -36.52
CA LEU V 196 -41.57 23.45 -35.97
C LEU V 196 -40.14 22.94 -36.20
N LYS V 197 -39.24 23.74 -36.76
CA LYS V 197 -37.94 23.14 -36.91
C LYS V 197 -37.00 23.33 -35.73
N SER V 198 -36.13 22.34 -35.55
CA SER V 198 -35.24 22.31 -34.40
C SER V 198 -34.38 23.57 -34.36
N PRO V 199 -34.04 24.08 -33.14
CA PRO V 199 -33.17 25.22 -33.10
C PRO V 199 -31.66 24.87 -33.20
N PHE V 200 -31.35 23.59 -33.30
CA PHE V 200 -29.96 23.12 -33.34
C PHE V 200 -29.29 23.24 -34.72
N GLY V 201 -28.03 22.80 -34.79
CA GLY V 201 -27.14 23.14 -35.90
C GLY V 201 -27.73 22.59 -37.18
N GLY V 202 -27.67 23.40 -38.23
CA GLY V 202 -28.11 22.92 -39.54
C GLY V 202 -29.60 22.98 -39.68
N GLU V 203 -30.27 23.48 -38.63
CA GLU V 203 -31.75 23.56 -38.65
C GLU V 203 -32.08 24.98 -38.31
N GLY V 204 -31.80 25.41 -37.07
CA GLY V 204 -31.85 26.82 -36.79
C GLY V 204 -33.27 27.43 -36.67
N TRP V 205 -34.30 26.62 -36.55
CA TRP V 205 -35.64 27.17 -36.23
C TRP V 205 -35.98 28.33 -37.21
N ILE V 206 -36.65 29.40 -36.77
CA ILE V 206 -36.95 30.53 -37.66
C ILE V 206 -35.74 31.36 -38.07
N VAL V 207 -34.63 31.27 -37.32
CA VAL V 207 -33.41 32.03 -37.65
C VAL V 207 -32.86 31.59 -39.05
N SER V 208 -33.30 30.43 -39.51
CA SER V 208 -32.83 29.91 -40.77
C SER V 208 -33.57 30.48 -41.98
N VAL V 209 -34.56 31.35 -41.79
CA VAL V 209 -35.27 31.92 -42.93
C VAL V 209 -34.29 32.55 -43.91
N ASN V 210 -34.34 32.07 -45.15
CA ASN V 210 -33.25 32.39 -46.10
C ASN V 210 -33.64 32.99 -47.46
N ASN V 211 -34.87 33.48 -47.58
CA ASN V 211 -35.28 34.15 -48.83
C ASN V 211 -36.43 35.09 -48.51
N LEU V 212 -36.50 36.18 -49.26
CA LEU V 212 -37.47 37.22 -48.94
C LEU V 212 -38.91 36.76 -49.15
N GLU V 213 -39.14 35.81 -50.06
CA GLU V 213 -40.49 35.31 -50.29
C GLU V 213 -41.02 34.73 -48.96
N ASP V 214 -40.17 34.01 -48.23
CA ASP V 214 -40.63 33.39 -46.96
C ASP V 214 -40.86 34.46 -45.92
N VAL V 215 -39.97 35.44 -45.88
CA VAL V 215 -40.08 36.52 -44.93
C VAL V 215 -41.39 37.29 -45.17
N VAL V 216 -41.64 37.64 -46.44
CA VAL V 216 -42.84 38.43 -46.75
C VAL V 216 -44.11 37.66 -46.48
N GLY V 217 -44.16 36.43 -46.96
CA GLY V 217 -45.31 35.55 -46.74
C GLY V 217 -45.54 35.33 -45.25
N GLY V 218 -44.46 35.20 -44.48
CA GLY V 218 -44.63 35.03 -43.05
C GLY V 218 -45.27 36.27 -42.46
N HIS V 219 -44.98 37.45 -43.00
CA HIS V 219 -45.60 38.66 -42.44
C HIS V 219 -47.05 38.86 -42.86
N ILE V 220 -47.44 38.27 -43.99
CA ILE V 220 -48.86 38.19 -44.35
C ILE V 220 -49.62 37.34 -43.35
N TRP V 221 -49.08 36.18 -43.01
CA TRP V 221 -49.72 35.36 -41.99
C TRP V 221 -49.75 36.01 -40.61
N ILE V 222 -48.67 36.67 -40.22
CA ILE V 222 -48.61 37.29 -38.89
C ILE V 222 -49.60 38.46 -38.77
N GLY V 223 -49.60 39.28 -39.82
CA GLY V 223 -50.57 40.37 -39.95
C GLY V 223 -52.03 39.96 -39.78
N LEU V 224 -52.45 38.97 -40.56
CA LEU V 224 -53.80 38.43 -40.46
C LEU V 224 -54.04 37.73 -39.13
N ILE V 225 -53.11 36.87 -38.72
CA ILE V 225 -53.23 36.24 -37.41
C ILE V 225 -53.48 37.28 -36.32
N CYS V 226 -52.72 38.36 -36.33
CA CYS V 226 -52.79 39.36 -35.28
C CYS V 226 -54.11 40.17 -35.34
N ILE V 227 -54.57 40.48 -36.56
CA ILE V 227 -55.82 41.20 -36.72
C ILE V 227 -56.98 40.29 -36.30
N ALA V 228 -56.99 39.04 -36.76
CA ALA V 228 -58.03 38.12 -36.33
C ALA V 228 -58.05 37.95 -34.81
N GLY V 229 -56.88 37.71 -34.23
CA GLY V 229 -56.74 37.64 -32.77
C GLY V 229 -57.18 38.91 -32.04
N GLY V 230 -56.90 40.06 -32.63
CA GLY V 230 -57.36 41.32 -32.02
C GLY V 230 -58.90 41.37 -31.95
N ILE V 231 -59.55 40.96 -33.04
CA ILE V 231 -61.01 40.96 -33.13
C ILE V 231 -61.55 39.95 -32.14
N TRP V 232 -61.03 38.72 -32.20
CA TRP V 232 -61.31 37.71 -31.21
C TRP V 232 -61.30 38.26 -29.80
N HIS V 233 -60.24 38.99 -29.43
CA HIS V 233 -60.15 39.49 -28.07
C HIS V 233 -61.09 40.62 -27.72
N ILE V 234 -61.42 41.47 -28.70
CA ILE V 234 -62.43 42.51 -28.49
C ILE V 234 -63.85 41.90 -28.31
N LEU V 235 -64.13 40.77 -28.94
CA LEU V 235 -65.44 40.15 -28.93
C LEU V 235 -65.63 39.04 -27.92
N THR V 236 -64.58 38.66 -27.19
CA THR V 236 -64.71 37.55 -26.25
C THR V 236 -64.22 37.94 -24.88
N THR V 237 -64.47 37.07 -23.95
CA THR V 237 -63.86 37.24 -22.62
C THR V 237 -63.18 35.92 -22.24
N PRO V 238 -62.17 35.97 -21.34
CA PRO V 238 -61.42 34.73 -21.10
C PRO V 238 -62.26 33.54 -20.59
N PHE V 239 -62.04 32.38 -21.19
CA PHE V 239 -62.64 31.17 -20.71
C PHE V 239 -62.21 30.83 -19.30
N GLY V 240 -63.07 30.03 -18.69
CA GLY V 240 -62.89 29.55 -17.34
C GLY V 240 -61.50 28.95 -17.17
N TRP V 241 -61.09 28.09 -18.10
CA TRP V 241 -59.77 27.42 -17.96
C TRP V 241 -58.65 28.43 -17.83
N ALA V 242 -58.76 29.53 -18.57
CA ALA V 242 -57.78 30.61 -18.51
C ALA V 242 -57.93 31.43 -17.25
N ARG V 243 -59.19 31.71 -16.85
CA ARG V 243 -59.43 32.43 -15.62
CA ARG V 243 -59.43 32.42 -15.60
C ARG V 243 -58.75 31.67 -14.47
N ARG V 244 -58.81 30.34 -14.51
CA ARG V 244 -58.22 29.59 -13.37
C ARG V 244 -56.69 29.43 -13.50
N ALA V 245 -56.17 29.65 -14.70
CA ALA V 245 -54.74 29.41 -14.97
C ALA V 245 -53.86 30.60 -14.58
N PHE V 246 -54.37 31.83 -14.74
CA PHE V 246 -53.53 33.03 -14.54
C PHE V 246 -53.79 33.82 -13.31
N ILE V 247 -52.86 34.72 -13.03
CA ILE V 247 -53.01 35.76 -12.03
C ILE V 247 -53.47 37.02 -12.77
N TRP V 248 -54.46 37.70 -12.18
CA TRP V 248 -55.14 38.80 -12.88
C TRP V 248 -54.86 40.09 -12.19
N SER V 249 -53.78 40.74 -12.61
CA SER V 249 -53.38 41.97 -11.98
C SER V 249 -52.41 42.72 -12.88
N GLY V 250 -52.24 44.00 -12.63
CA GLY V 250 -51.33 44.77 -13.48
C GLY V 250 -49.90 44.17 -13.45
N GLU V 251 -49.43 43.81 -12.27
CA GLU V 251 -48.07 43.30 -12.13
C GLU V 251 -47.93 41.93 -12.78
N ALA V 252 -48.95 41.07 -12.64
CA ALA V 252 -48.95 39.80 -13.37
C ALA V 252 -48.81 40.07 -14.89
N TYR V 253 -49.62 40.99 -15.43
CA TYR V 253 -49.55 41.24 -16.85
C TYR V 253 -48.19 41.76 -17.24
N LEU V 254 -47.61 42.65 -16.42
CA LEU V 254 -46.29 43.15 -16.71
C LEU V 254 -45.33 41.93 -16.82
N SER V 255 -45.45 40.99 -15.90
CA SER V 255 -44.54 39.81 -15.85
C SER V 255 -44.67 38.91 -17.05
N TYR V 256 -45.89 38.75 -17.55
CA TYR V 256 -46.06 37.98 -18.75
C TYR V 256 -45.33 38.62 -19.93
N SER V 257 -45.51 39.94 -20.11
CA SER V 257 -44.86 40.68 -21.15
C SER V 257 -43.33 40.66 -21.03
N LEU V 258 -42.83 40.71 -19.78
CA LEU V 258 -41.38 40.58 -19.53
C LEU V 258 -40.81 39.25 -20.02
N GLY V 259 -41.50 38.15 -19.72
CA GLY V 259 -41.05 36.82 -20.14
C GLY V 259 -41.04 36.77 -21.68
N ALA V 260 -42.07 37.38 -22.28
CA ALA V 260 -42.20 37.36 -23.77
C ALA V 260 -41.08 38.19 -24.35
N LEU V 261 -40.80 39.35 -23.77
CA LEU V 261 -39.74 40.19 -24.37
C LEU V 261 -38.33 39.60 -24.17
N SER V 262 -38.11 38.93 -23.04
CA SER V 262 -36.89 38.17 -22.84
C SER V 262 -36.71 37.16 -23.95
N MET V 263 -37.71 36.32 -24.15
CA MET V 263 -37.64 35.34 -25.17
C MET V 263 -37.31 35.99 -26.54
N MET V 264 -37.98 37.10 -26.86
CA MET V 264 -37.75 37.76 -28.15
C MET V 264 -36.33 38.31 -28.21
N GLY V 265 -35.84 38.89 -27.12
CA GLY V 265 -34.49 39.38 -27.14
C GLY V 265 -33.45 38.27 -27.44
N PHE V 266 -33.59 37.09 -26.82
CA PHE V 266 -32.65 35.99 -27.05
C PHE V 266 -32.77 35.56 -28.53
N ILE V 267 -34.01 35.49 -29.01
CA ILE V 267 -34.25 35.23 -30.42
C ILE V 267 -33.58 36.25 -31.33
N ALA V 268 -33.66 37.53 -30.98
CA ALA V 268 -33.05 38.57 -31.82
C ALA V 268 -31.53 38.37 -31.86
N THR V 269 -30.96 38.10 -30.69
CA THR V 269 -29.53 37.82 -30.57
C THR V 269 -29.07 36.75 -31.57
N CYS V 270 -29.78 35.62 -31.63
CA CYS V 270 -29.44 34.54 -32.54
C CYS V 270 -29.66 34.99 -34.02
N PHE V 271 -30.73 35.73 -34.24
CA PHE V 271 -31.05 36.19 -35.61
C PHE V 271 -29.90 37.02 -36.17
N VAL V 272 -29.42 38.00 -35.40
CA VAL V 272 -28.38 38.88 -35.92
C VAL V 272 -26.97 38.19 -35.94
N TRP V 273 -26.81 37.13 -35.16
CA TRP V 273 -25.51 36.47 -35.14
C TRP V 273 -25.38 35.51 -36.32
N PHE V 274 -26.48 34.84 -36.69
CA PHE V 274 -26.45 33.78 -37.73
C PHE V 274 -27.09 34.15 -39.10
N ASN V 275 -28.10 34.98 -39.06
CA ASN V 275 -28.94 35.22 -40.28
C ASN V 275 -28.28 36.31 -41.10
N ASN V 276 -28.06 36.00 -42.38
CA ASN V 276 -27.48 36.98 -43.30
C ASN V 276 -28.45 37.34 -44.46
N THR V 277 -29.75 37.04 -44.27
CA THR V 277 -30.83 37.41 -45.21
C THR V 277 -31.58 38.70 -44.79
N VAL V 278 -32.17 38.72 -43.59
CA VAL V 278 -32.79 39.94 -43.03
C VAL V 278 -31.78 40.77 -42.28
N TYR V 279 -30.58 40.21 -42.07
CA TYR V 279 -29.43 41.05 -41.67
C TYR V 279 -28.32 40.91 -42.73
N PRO V 280 -28.44 41.65 -43.83
CA PRO V 280 -27.46 41.42 -44.96
C PRO V 280 -26.02 41.70 -44.54
N SER V 281 -25.12 40.76 -44.88
CA SER V 281 -23.72 41.04 -44.52
C SER V 281 -23.14 42.25 -45.21
N GLU V 282 -23.68 42.61 -46.38
CA GLU V 282 -23.27 43.92 -47.02
C GLU V 282 -23.45 45.07 -46.06
N PHE V 283 -24.44 44.97 -45.15
CA PHE V 283 -24.69 46.09 -44.22
C PHE V 283 -24.21 45.85 -42.80
N TYR V 284 -24.30 44.60 -42.35
CA TYR V 284 -23.95 44.28 -40.94
C TYR V 284 -22.57 43.67 -40.73
N GLY V 285 -21.92 43.33 -41.87
CA GLY V 285 -20.63 42.61 -41.83
C GLY V 285 -20.90 41.14 -41.87
N PRO V 286 -19.86 40.32 -42.12
CA PRO V 286 -20.07 38.90 -42.19
C PRO V 286 -20.51 38.35 -40.81
N THR V 287 -21.26 37.28 -40.80
CA THR V 287 -21.47 36.51 -39.55
C THR V 287 -20.19 35.77 -39.18
N GLY V 288 -20.12 35.34 -37.92
CA GLY V 288 -18.96 34.61 -37.38
C GLY V 288 -18.64 33.41 -38.24
N PRO V 289 -19.65 32.55 -38.48
CA PRO V 289 -19.50 31.45 -39.38
C PRO V 289 -19.04 31.86 -40.80
N GLU V 290 -19.61 32.95 -41.32
CA GLU V 290 -19.30 33.45 -42.68
C GLU V 290 -17.85 33.83 -42.79
N ALA V 291 -17.32 34.54 -41.80
CA ALA V 291 -15.96 34.98 -41.86
C ALA V 291 -14.95 33.84 -41.70
N SER V 292 -15.32 32.85 -40.85
CA SER V 292 -14.51 31.67 -40.71
C SER V 292 -14.48 30.88 -42.02
N GLN V 293 -15.66 30.70 -42.67
CA GLN V 293 -15.69 30.03 -43.97
C GLN V 293 -14.82 30.80 -44.99
N ALA V 294 -14.93 32.12 -44.97
CA ALA V 294 -14.21 32.99 -45.86
C ALA V 294 -12.69 32.91 -45.74
N GLN V 295 -12.17 32.76 -44.50
CA GLN V 295 -10.76 32.45 -44.33
C GLN V 295 -10.32 31.20 -45.06
N ALA V 296 -11.07 30.12 -44.88
CA ALA V 296 -10.75 28.87 -45.55
C ALA V 296 -10.81 29.05 -47.10
N MET V 297 -11.89 29.66 -47.61
CA MET V 297 -11.95 30.07 -49.02
C MET V 297 -10.69 30.84 -49.46
N THR V 298 -10.30 31.81 -48.66
CA THR V 298 -9.14 32.66 -48.98
C THR V 298 -7.86 31.85 -49.17
N PHE V 299 -7.55 30.94 -48.25
CA PHE V 299 -6.31 30.19 -48.40
C PHE V 299 -6.46 29.07 -49.42
N LEU V 300 -7.66 28.58 -49.58
CA LEU V 300 -7.91 27.61 -50.65
C LEU V 300 -7.55 28.27 -52.01
N ILE V 301 -8.01 29.51 -52.20
CA ILE V 301 -7.76 30.25 -53.42
C ILE V 301 -6.29 30.51 -53.62
N ARG V 302 -5.64 31.05 -52.59
CA ARG V 302 -4.24 31.40 -52.70
C ARG V 302 -3.35 30.18 -53.03
N ASP V 303 -3.46 29.13 -52.21
CA ASP V 303 -2.66 27.90 -52.37
C ASP V 303 -2.98 27.21 -53.73
N GLN V 304 -4.24 27.17 -54.07
CA GLN V 304 -4.59 26.62 -55.39
C GLN V 304 -3.90 27.45 -56.52
N LYS V 305 -3.94 28.78 -56.46
CA LYS V 305 -3.18 29.59 -57.41
C LYS V 305 -1.72 29.16 -57.50
N LEU V 306 -1.11 28.76 -56.37
CA LEU V 306 0.31 28.36 -56.34
C LEU V 306 0.55 26.95 -56.89
N GLY V 307 -0.51 26.19 -57.14
CA GLY V 307 -0.38 24.86 -57.72
C GLY V 307 -0.93 23.73 -56.86
N ALA V 308 -1.45 24.03 -55.64
CA ALA V 308 -1.98 22.99 -54.75
C ALA V 308 -3.17 22.30 -55.33
N ASN V 309 -3.20 20.99 -55.20
CA ASN V 309 -4.40 20.22 -55.55
C ASN V 309 -5.18 20.15 -54.26
N VAL V 310 -6.08 21.10 -54.08
CA VAL V 310 -6.76 21.28 -52.80
C VAL V 310 -7.69 20.14 -52.41
N GLY V 311 -8.20 19.38 -53.36
CA GLY V 311 -9.04 18.24 -53.06
C GLY V 311 -8.28 17.07 -52.44
N SER V 312 -7.00 16.95 -52.78
CA SER V 312 -6.23 15.80 -52.33
C SER V 312 -5.20 16.21 -51.23
N ALA V 313 -5.14 17.50 -50.84
CA ALA V 313 -4.14 17.89 -49.83
C ALA V 313 -4.57 17.37 -48.44
N GLN V 314 -3.75 16.48 -47.87
CA GLN V 314 -4.00 15.91 -46.56
C GLN V 314 -3.42 16.85 -45.53
N GLY V 315 -4.23 17.27 -44.55
CA GLY V 315 -3.62 18.11 -43.47
C GLY V 315 -2.93 17.29 -42.37
N PRO V 316 -2.29 17.98 -41.37
CA PRO V 316 -1.51 17.26 -40.36
C PRO V 316 -2.29 16.15 -39.61
N THR V 317 -3.61 16.28 -39.42
CA THR V 317 -4.35 15.28 -38.62
C THR V 317 -4.82 14.12 -39.43
N GLY V 318 -4.75 14.30 -40.76
CA GLY V 318 -5.22 13.25 -41.63
C GLY V 318 -6.44 13.71 -42.40
N LEU V 319 -7.21 14.63 -41.81
CA LEU V 319 -8.32 15.19 -42.50
C LEU V 319 -7.79 16.17 -43.60
N GLY V 320 -8.59 16.39 -44.64
CA GLY V 320 -8.20 17.41 -45.63
C GLY V 320 -7.86 18.79 -45.08
N LYS V 321 -6.74 19.32 -45.54
CA LYS V 321 -6.31 20.66 -45.13
C LYS V 321 -7.29 21.76 -45.55
N TYR V 322 -7.92 21.61 -46.75
CA TYR V 322 -8.87 22.62 -47.29
C TYR V 322 -10.29 22.11 -47.34
N LEU V 323 -10.43 20.83 -47.58
CA LEU V 323 -11.72 20.24 -47.89
C LEU V 323 -11.84 18.91 -47.17
N MET V 324 -13.00 18.65 -46.57
CA MET V 324 -13.23 17.37 -45.87
C MET V 324 -14.71 17.05 -45.95
N ARG V 325 -15.16 15.97 -45.28
CA ARG V 325 -16.60 15.63 -45.24
C ARG V 325 -17.25 16.05 -43.91
N SER V 326 -18.46 16.59 -43.97
CA SER V 326 -19.32 16.71 -42.76
C SER V 326 -19.69 15.31 -42.28
N PRO V 327 -20.34 15.21 -41.10
CA PRO V 327 -20.65 13.87 -40.62
C PRO V 327 -21.68 13.13 -41.44
N THR V 328 -22.41 13.85 -42.31
CA THR V 328 -23.33 13.14 -43.24
C THR V 328 -22.80 13.14 -44.69
N GLY V 329 -21.56 13.59 -44.87
CA GLY V 329 -20.81 13.29 -46.11
C GLY V 329 -20.59 14.48 -47.01
N GLU V 330 -21.29 15.60 -46.76
CA GLU V 330 -21.16 16.75 -47.65
C GLU V 330 -19.72 17.22 -47.69
N ILE V 331 -19.25 17.68 -48.86
CA ILE V 331 -17.92 18.25 -48.92
C ILE V 331 -17.97 19.63 -48.37
N ILE V 332 -17.05 19.91 -47.42
CA ILE V 332 -17.09 21.16 -46.66
C ILE V 332 -15.68 21.66 -46.50
N PHE V 333 -15.50 22.91 -46.11
CA PHE V 333 -14.16 23.40 -45.79
C PHE V 333 -13.59 22.78 -44.53
N GLY V 334 -12.23 22.70 -44.47
CA GLY V 334 -11.53 21.99 -43.41
C GLY V 334 -10.92 22.97 -42.45
N GLY V 335 -10.15 22.44 -41.49
CA GLY V 335 -9.66 23.22 -40.36
C GLY V 335 -10.87 23.43 -39.39
N GLU V 336 -10.74 24.36 -38.46
CA GLU V 336 -11.76 24.51 -37.38
C GLU V 336 -13.13 24.87 -37.92
N THR V 337 -13.14 25.52 -39.09
CA THR V 337 -14.39 25.84 -39.78
C THR V 337 -15.24 24.65 -40.19
N MET V 338 -14.75 23.43 -39.99
CA MET V 338 -15.66 22.27 -40.11
C MET V 338 -16.93 22.51 -39.24
N ARG V 339 -16.87 23.20 -38.09
CA ARG V 339 -18.11 23.42 -37.33
C ARG V 339 -19.13 24.31 -38.06
N PHE V 340 -18.64 25.13 -39.00
CA PHE V 340 -19.50 26.12 -39.64
C PHE V 340 -20.04 25.70 -40.99
N TRP V 341 -20.10 24.40 -41.26
CA TRP V 341 -20.46 23.98 -42.64
C TRP V 341 -21.91 24.23 -42.99
N ASP V 342 -22.73 24.65 -42.02
CA ASP V 342 -24.15 24.93 -42.33
C ASP V 342 -24.29 26.35 -42.85
N PHE V 343 -23.19 27.10 -42.79
CA PHE V 343 -23.12 28.41 -43.38
C PHE V 343 -23.59 28.39 -44.86
N ARG V 344 -24.36 29.41 -45.23
CA ARG V 344 -24.84 29.61 -46.63
C ARG V 344 -24.77 31.09 -46.93
N GLY V 345 -24.09 31.45 -48.02
CA GLY V 345 -24.02 32.86 -48.38
C GLY V 345 -23.85 33.02 -49.88
N PRO V 346 -24.31 34.16 -50.47
CA PRO V 346 -24.29 34.24 -51.96
C PRO V 346 -22.87 34.18 -52.63
N TRP V 347 -21.81 34.62 -51.93
CA TRP V 347 -20.47 34.50 -52.50
C TRP V 347 -20.00 33.05 -52.58
N LEU V 348 -20.66 32.14 -51.86
CA LEU V 348 -20.14 30.78 -51.72
C LEU V 348 -20.97 29.79 -52.46
N GLU V 349 -22.29 30.01 -52.47
CA GLU V 349 -23.22 29.04 -53.08
C GLU V 349 -22.90 28.68 -54.57
N PRO V 350 -22.28 29.58 -55.33
CA PRO V 350 -21.97 29.13 -56.71
C PRO V 350 -20.94 28.00 -56.76
N LEU V 351 -20.09 27.87 -55.74
CA LEU V 351 -19.16 26.71 -55.65
C LEU V 351 -19.80 25.39 -55.14
N ARG V 352 -21.07 25.46 -54.77
CA ARG V 352 -21.78 24.31 -54.19
C ARG V 352 -22.49 23.41 -55.25
N GLY V 353 -22.34 22.09 -55.12
CA GLY V 353 -22.97 21.11 -55.97
C GLY V 353 -23.87 20.29 -55.09
N PRO V 354 -24.51 19.24 -55.67
CA PRO V 354 -25.40 18.40 -54.91
C PRO V 354 -24.73 17.74 -53.67
N ASN V 355 -23.42 17.41 -53.76
CA ASN V 355 -22.68 16.72 -52.71
C ASN V 355 -21.91 17.69 -51.82
N GLY V 356 -22.13 18.96 -52.05
CA GLY V 356 -21.45 19.96 -51.24
C GLY V 356 -20.49 20.68 -52.15
N LEU V 357 -19.44 21.22 -51.55
CA LEU V 357 -18.52 21.99 -52.33
C LEU V 357 -17.98 21.13 -53.46
N ASP V 358 -17.93 21.76 -54.63
CA ASP V 358 -17.67 20.99 -55.84
C ASP V 358 -16.25 21.28 -56.34
N LEU V 359 -15.43 20.25 -56.34
CA LEU V 359 -14.04 20.36 -56.74
C LEU V 359 -13.82 20.95 -58.16
N ASN V 360 -14.62 20.58 -59.15
CA ASN V 360 -14.49 21.20 -60.50
C ASN V 360 -14.76 22.71 -60.51
N LYS V 361 -15.80 23.12 -59.77
CA LYS V 361 -16.14 24.55 -59.67
C LYS V 361 -15.06 25.32 -58.92
N ILE V 362 -14.53 24.70 -57.87
CA ILE V 362 -13.43 25.34 -57.15
C ILE V 362 -12.17 25.48 -58.06
N LYS V 363 -11.88 24.43 -58.83
CA LYS V 363 -10.72 24.47 -59.76
C LYS V 363 -10.87 25.51 -60.89
N ASN V 364 -12.11 25.57 -61.43
CA ASN V 364 -12.40 26.34 -62.67
C ASN V 364 -13.20 27.65 -62.53
N ASP V 365 -14.11 27.74 -61.56
CA ASP V 365 -15.10 28.81 -61.60
C ASP V 365 -15.07 29.92 -60.57
N ILE V 366 -14.03 29.98 -59.74
CA ILE V 366 -13.99 31.01 -58.75
C ILE V 366 -13.68 32.31 -59.45
N GLN V 367 -14.53 33.32 -59.23
CA GLN V 367 -14.38 34.61 -59.87
C GLN V 367 -13.65 35.55 -58.97
N PRO V 368 -13.00 36.54 -59.58
CA PRO V 368 -12.35 37.55 -58.74
C PRO V 368 -13.29 38.23 -57.73
N TRP V 369 -14.57 38.42 -58.05
CA TRP V 369 -15.43 38.99 -56.99
C TRP V 369 -15.60 38.06 -55.77
N GLN V 370 -15.67 36.74 -56.00
CA GLN V 370 -15.67 35.80 -54.86
C GLN V 370 -14.40 35.93 -54.02
N GLU V 371 -13.26 35.98 -54.69
CA GLU V 371 -12.02 36.17 -53.99
C GLU V 371 -12.01 37.44 -53.14
N ARG V 372 -12.44 38.56 -53.73
CA ARG V 372 -12.46 39.82 -52.98
C ARG V 372 -13.42 39.77 -51.76
N ARG V 373 -14.61 39.21 -51.96
CA ARG V 373 -15.58 39.12 -50.88
CA ARG V 373 -15.63 39.06 -50.91
C ARG V 373 -15.11 38.19 -49.74
N ALA V 374 -14.57 37.01 -50.08
CA ALA V 374 -13.97 36.12 -49.04
C ALA V 374 -12.87 36.85 -48.31
N ALA V 375 -12.03 37.60 -49.02
CA ALA V 375 -10.96 38.39 -48.31
C ALA V 375 -11.54 39.46 -47.39
N GLU V 376 -12.48 40.22 -47.92
CA GLU V 376 -13.13 41.29 -47.11
C GLU V 376 -13.75 40.67 -45.82
N TYR V 377 -14.45 39.56 -45.98
CA TYR V 377 -15.21 38.98 -44.84
C TYR V 377 -14.26 38.36 -43.80
N MET V 378 -13.20 37.73 -44.28
CA MET V 378 -12.21 37.18 -43.42
C MET V 378 -11.54 38.27 -42.59
N THR V 379 -11.39 39.50 -43.14
CA THR V 379 -10.65 40.55 -42.42
C THR V 379 -11.65 41.53 -41.76
N HIS V 380 -12.92 41.15 -41.77
CA HIS V 380 -14.00 41.84 -40.96
C HIS V 380 -14.79 40.89 -40.09
N ALA V 381 -14.12 39.84 -39.61
CA ALA V 381 -14.75 38.85 -38.75
C ALA V 381 -15.22 39.60 -37.49
N PRO V 382 -16.32 39.14 -36.90
CA PRO V 382 -16.87 39.88 -35.76
C PRO V 382 -16.10 39.50 -34.46
N LEU V 383 -14.83 39.91 -34.38
CA LEU V 383 -14.03 39.82 -33.18
C LEU V 383 -13.46 41.16 -32.95
N GLY V 384 -13.43 41.58 -31.70
CA GLY V 384 -12.92 42.91 -31.41
C GLY V 384 -13.04 43.18 -29.94
N SER V 385 -12.32 44.19 -29.45
CA SER V 385 -12.32 44.50 -28.05
C SER V 385 -13.41 45.51 -27.66
N LEU V 386 -13.64 45.65 -26.36
CA LEU V 386 -14.68 46.58 -25.86
C LEU V 386 -14.42 48.02 -26.34
N ASN V 387 -13.13 48.40 -26.36
CA ASN V 387 -12.71 49.71 -26.88
C ASN V 387 -12.59 49.74 -28.40
N SER V 388 -13.19 48.76 -29.08
CA SER V 388 -13.27 48.78 -30.52
C SER V 388 -11.87 48.68 -31.26
N VAL V 389 -11.00 47.80 -30.74
CA VAL V 389 -9.78 47.38 -31.45
C VAL V 389 -10.17 46.13 -32.20
N GLY V 390 -10.13 46.20 -33.51
CA GLY V 390 -10.68 45.10 -34.29
C GLY V 390 -9.68 43.92 -34.28
N GLY V 391 -10.22 42.71 -34.29
CA GLY V 391 -9.39 41.50 -34.45
C GLY V 391 -9.30 40.68 -33.16
N VAL V 392 -8.39 39.72 -33.13
CA VAL V 392 -8.32 38.77 -32.05
C VAL V 392 -7.83 39.54 -30.85
N ALA V 393 -7.86 38.91 -29.68
CA ALA V 393 -7.57 39.65 -28.45
C ALA V 393 -6.12 39.99 -28.32
N THR V 394 -5.26 39.25 -29.04
CA THR V 394 -3.84 39.59 -28.97
C THR V 394 -3.40 40.57 -30.11
N GLU V 395 -4.34 41.01 -30.91
CA GLU V 395 -4.00 41.94 -32.00
C GLU V 395 -3.50 43.29 -31.43
N ILE V 396 -2.50 43.91 -32.07
CA ILE V 396 -2.12 45.30 -31.73
C ILE V 396 -3.20 46.34 -32.16
N ASN V 397 -3.18 47.46 -31.47
CA ASN V 397 -3.96 48.62 -31.87
C ASN V 397 -3.68 49.02 -33.33
N SER V 398 -4.71 49.43 -34.09
CA SER V 398 -4.53 49.85 -35.48
CA SER V 398 -4.52 49.75 -35.51
C SER V 398 -5.83 49.98 -36.19
N VAL V 399 -6.69 48.97 -36.09
CA VAL V 399 -7.93 48.98 -36.79
C VAL V 399 -9.07 49.25 -35.75
N ASN V 400 -9.85 50.30 -35.99
CA ASN V 400 -11.06 50.62 -35.18
C ASN V 400 -12.26 49.90 -35.69
N PHE V 401 -12.59 48.74 -35.07
CA PHE V 401 -13.68 47.90 -35.63
C PHE V 401 -14.25 46.97 -34.52
N VAL V 402 -15.57 47.06 -34.32
CA VAL V 402 -16.42 45.98 -33.79
C VAL V 402 -17.65 45.83 -34.67
N SER V 403 -17.84 44.61 -35.15
CA SER V 403 -18.94 44.34 -35.99
C SER V 403 -20.24 44.76 -35.32
N PRO V 404 -21.15 45.40 -36.11
CA PRO V 404 -22.53 45.61 -35.68
C PRO V 404 -23.15 44.32 -35.19
N ARG V 405 -22.76 43.17 -35.74
CA ARG V 405 -23.41 41.93 -35.33
C ARG V 405 -23.04 41.67 -33.87
N SER V 406 -21.82 41.98 -33.48
CA SER V 406 -21.42 41.78 -32.10
C SER V 406 -22.10 42.78 -31.16
N TRP V 407 -22.13 44.05 -31.56
CA TRP V 407 -22.85 45.05 -30.75
C TRP V 407 -24.29 44.67 -30.53
N LEU V 408 -24.94 44.21 -31.57
CA LEU V 408 -26.31 43.92 -31.48
C LEU V 408 -26.60 42.59 -30.76
N ALA V 409 -25.67 41.63 -30.84
CA ALA V 409 -25.91 40.34 -30.18
C ALA V 409 -25.68 40.49 -28.70
N THR V 410 -24.62 41.18 -28.31
CA THR V 410 -24.24 41.30 -26.92
C THR V 410 -25.30 42.16 -26.18
N SER V 411 -25.63 43.34 -26.73
CA SER V 411 -26.68 44.21 -26.16
C SER V 411 -27.99 43.44 -25.92
N HIS V 412 -28.46 42.72 -26.93
CA HIS V 412 -29.72 42.03 -26.75
C HIS V 412 -29.68 40.82 -25.87
N PHE V 413 -28.49 40.25 -25.67
CA PHE V 413 -28.40 39.12 -24.76
C PHE V 413 -28.50 39.66 -23.31
N VAL V 414 -27.79 40.74 -23.05
CA VAL V 414 -27.79 41.40 -21.76
C VAL V 414 -29.21 41.85 -21.41
N LEU V 415 -29.90 42.45 -22.41
CA LEU V 415 -31.28 42.88 -22.22
C LEU V 415 -32.23 41.70 -22.04
N ALA V 416 -32.14 40.68 -22.89
CA ALA V 416 -33.01 39.54 -22.75
C ALA V 416 -32.80 38.89 -21.34
N PHE V 417 -31.55 38.88 -20.88
CA PHE V 417 -31.27 38.24 -19.63
C PHE V 417 -31.94 39.00 -18.49
N PHE V 418 -31.66 40.29 -18.39
CA PHE V 418 -32.28 41.10 -17.30
C PHE V 418 -33.80 41.07 -17.38
N PHE V 419 -34.34 40.97 -18.61
CA PHE V 419 -35.76 40.82 -18.75
C PHE V 419 -36.30 39.50 -18.24
N LEU V 420 -35.53 38.41 -18.34
CA LEU V 420 -35.94 37.17 -17.68
C LEU V 420 -35.85 37.37 -16.15
N VAL V 421 -34.82 38.05 -15.68
CA VAL V 421 -34.78 38.27 -14.24
C VAL V 421 -36.02 39.11 -13.78
N GLY V 422 -36.34 40.18 -14.53
CA GLY V 422 -37.56 40.98 -14.33
C GLY V 422 -38.80 40.14 -14.34
N HIS V 423 -38.95 39.30 -15.34
CA HIS V 423 -40.05 38.33 -15.34
C HIS V 423 -40.13 37.51 -14.05
N LEU V 424 -39.04 36.90 -13.61
CA LEU V 424 -39.13 36.09 -12.37
C LEU V 424 -39.52 36.99 -11.18
N TRP V 425 -38.93 38.17 -11.11
CA TRP V 425 -39.13 39.07 -9.98
C TRP V 425 -40.61 39.44 -9.89
N HIS V 426 -41.17 39.90 -11.01
CA HIS V 426 -42.58 40.35 -11.09
C HIS V 426 -43.56 39.20 -11.09
N ALA V 427 -43.17 38.05 -11.64
CA ALA V 427 -44.10 36.92 -11.59
C ALA V 427 -44.21 36.37 -10.17
N GLY V 428 -43.07 36.23 -9.49
CA GLY V 428 -43.13 35.78 -8.13
C GLY V 428 -43.89 36.84 -7.29
N ARG V 429 -43.55 38.13 -7.43
CA ARG V 429 -44.21 39.16 -6.60
C ARG V 429 -45.73 39.19 -6.88
N ALA V 430 -46.12 39.12 -8.14
CA ALA V 430 -47.53 39.18 -8.45
C ALA V 430 -48.27 38.02 -7.81
N ARG V 431 -47.66 36.83 -7.79
CA ARG V 431 -48.26 35.69 -7.14
C ARG V 431 -48.39 35.93 -5.64
N ALA V 432 -47.29 36.36 -5.02
CA ALA V 432 -47.27 36.63 -3.57
C ALA V 432 -48.36 37.70 -3.20
N ALA V 433 -48.46 38.74 -4.02
CA ALA V 433 -49.35 39.88 -3.76
C ALA V 433 -50.83 39.50 -3.96
N ALA V 434 -51.12 38.72 -5.00
CA ALA V 434 -52.47 38.22 -5.19
C ALA V 434 -52.90 37.31 -4.02
N ALA V 435 -51.97 36.55 -3.45
CA ALA V 435 -52.32 35.62 -2.39
C ALA V 435 -52.28 36.30 -1.02
N GLY V 436 -51.69 37.49 -0.98
CA GLY V 436 -51.69 38.32 0.20
C GLY V 436 -50.48 38.20 1.14
N PHE V 437 -49.34 37.71 0.66
CA PHE V 437 -48.18 37.62 1.55
C PHE V 437 -46.88 38.25 1.02
N GLU V 438 -47.03 39.17 0.07
CA GLU V 438 -45.91 39.87 -0.55
C GLU V 438 -45.19 40.75 0.48
N LYS V 439 -45.85 41.03 1.62
CA LYS V 439 -45.19 41.90 2.63
C LYS V 439 -44.55 41.18 3.76
N GLY V 440 -44.62 39.84 3.73
CA GLY V 440 -44.02 39.03 4.78
C GLY V 440 -45.03 38.08 5.38
N ILE V 441 -44.57 37.30 6.36
CA ILE V 441 -45.35 36.23 6.97
C ILE V 441 -46.16 36.86 8.13
N ASP V 442 -47.43 36.52 8.19
CA ASP V 442 -48.30 36.95 9.34
C ASP V 442 -47.82 36.30 10.66
N ARG V 443 -47.21 37.04 11.59
CA ARG V 443 -46.72 36.37 12.78
C ARG V 443 -47.84 35.60 13.49
N GLU V 444 -49.07 36.09 13.35
CA GLU V 444 -50.18 35.51 14.12
C GLU V 444 -50.71 34.30 13.40
N SER V 445 -50.30 34.13 12.15
CA SER V 445 -50.86 33.09 11.32
C SER V 445 -49.80 32.48 10.35
N GLU V 446 -48.70 32.00 10.90
CA GLU V 446 -47.53 31.57 10.13
C GLU V 446 -47.80 30.19 9.55
N PRO V 447 -47.97 30.10 8.22
CA PRO V 447 -48.48 28.83 7.68
C PRO V 447 -47.67 27.58 8.05
N VAL V 448 -46.33 27.68 8.10
CA VAL V 448 -45.50 26.49 8.42
C VAL V 448 -45.80 25.97 9.84
N LEU V 449 -46.23 26.88 10.71
CA LEU V 449 -46.51 26.46 12.10
C LEU V 449 -47.75 25.57 12.14
N SER V 450 -48.56 25.59 11.09
CA SER V 450 -49.72 24.68 11.02
C SER V 450 -49.50 23.38 10.29
N MET V 451 -48.28 23.15 9.83
CA MET V 451 -47.98 22.00 9.02
C MET V 451 -47.35 20.92 9.89
N PRO V 452 -47.55 19.65 9.53
CA PRO V 452 -46.83 18.65 10.31
C PRO V 452 -45.29 18.79 10.11
N SER V 453 -44.51 18.33 11.10
CA SER V 453 -43.07 18.26 11.02
C SER V 453 -42.70 17.41 9.83
N LEU V 454 -41.58 17.72 9.14
CA LEU V 454 -41.11 16.82 8.08
C LEU V 454 -40.63 15.50 8.63
N ASP V 455 -40.10 15.52 9.84
CA ASP V 455 -39.58 14.32 10.46
C ASP V 455 -39.56 14.52 11.97
N ARG W 2 -3.84 62.23 38.13
CA ARG W 2 -3.73 61.06 37.21
C ARG W 2 -2.63 61.30 36.19
N GLY W 3 -1.88 60.24 35.88
CA GLY W 3 -0.67 60.40 35.07
C GLY W 3 -0.89 60.67 33.61
N TRP W 4 0.17 61.10 32.94
CA TRP W 4 0.08 61.45 31.53
C TRP W 4 -0.36 60.26 30.69
N PHE W 5 0.04 59.06 31.08
CA PHE W 5 -0.40 57.87 30.30
C PHE W 5 -1.92 57.74 30.29
N ASP W 6 -2.56 57.86 31.47
CA ASP W 6 -4.04 57.79 31.55
C ASP W 6 -4.74 58.94 30.86
N ILE W 7 -4.14 60.11 30.93
CA ILE W 7 -4.66 61.28 30.25
C ILE W 7 -4.59 61.04 28.73
N LEU W 8 -3.46 60.52 28.24
CA LEU W 8 -3.38 60.17 26.81
C LEU W 8 -4.41 59.07 26.45
N ASP W 9 -4.54 58.09 27.31
CA ASP W 9 -5.48 57.00 27.05
C ASP W 9 -6.91 57.50 26.92
N ASP W 10 -7.35 58.37 27.84
CA ASP W 10 -8.70 59.00 27.72
C ASP W 10 -8.89 59.67 26.38
N TRP W 11 -7.92 60.50 26.03
CA TRP W 11 -8.05 61.23 24.80
C TRP W 11 -8.07 60.28 23.60
N LEU W 12 -7.14 59.31 23.58
CA LEU W 12 -7.13 58.34 22.46
C LEU W 12 -8.46 57.64 22.30
N LYS W 13 -9.12 57.33 23.43
CA LYS W 13 -10.37 56.54 23.39
C LYS W 13 -11.73 57.27 23.45
N ARG W 14 -11.71 58.58 23.30
CA ARG W 14 -12.95 59.36 23.16
C ARG W 14 -13.81 58.89 22.00
N ASP W 15 -15.11 58.86 22.24
CA ASP W 15 -16.07 58.56 21.22
C ASP W 15 -16.17 59.78 20.30
N ARG W 16 -15.50 59.75 19.16
CA ARG W 16 -15.54 60.83 18.19
C ARG W 16 -15.93 60.22 16.88
N PHE W 17 -16.12 61.03 15.85
CA PHE W 17 -16.57 60.51 14.55
C PHE W 17 -15.62 59.47 13.94
N VAL W 18 -14.30 59.67 14.13
CA VAL W 18 -13.29 58.72 13.72
C VAL W 18 -12.60 58.29 14.98
N PHE W 19 -12.86 57.05 15.44
CA PHE W 19 -12.19 56.51 16.60
C PHE W 19 -10.70 56.43 16.32
N VAL W 20 -9.87 56.77 17.31
CA VAL W 20 -8.44 56.80 17.13
C VAL W 20 -7.71 55.62 17.83
N GLY W 21 -7.79 55.58 19.15
CA GLY W 21 -7.17 54.52 19.94
C GLY W 21 -5.67 54.53 19.90
N TRP W 22 -5.06 53.74 20.79
CA TRP W 22 -3.62 53.50 20.69
C TRP W 22 -3.29 52.89 19.36
N SER W 23 -4.21 52.04 18.88
CA SER W 23 -4.00 51.38 17.58
C SER W 23 -3.85 52.38 16.45
N GLY W 24 -4.61 53.48 16.53
CA GLY W 24 -4.59 54.51 15.45
C GLY W 24 -3.23 55.13 15.24
N ILE W 25 -2.39 55.11 16.27
CA ILE W 25 -1.05 55.67 16.17
C ILE W 25 -0.19 54.87 15.16
N LEU W 26 -0.41 53.55 15.11
CA LEU W 26 0.24 52.72 14.11
C LEU W 26 -0.57 52.79 12.77
N LEU W 27 -1.89 52.61 12.86
CA LEU W 27 -2.76 52.39 11.70
C LEU W 27 -2.82 53.61 10.77
N PHE W 28 -3.12 54.78 11.36
CA PHE W 28 -3.40 55.92 10.50
C PHE W 28 -2.24 56.35 9.63
N PRO W 29 -1.05 56.53 10.20
CA PRO W 29 0.05 56.89 9.32
C PRO W 29 0.38 55.80 8.28
N CYS W 30 0.36 54.52 8.68
CA CYS W 30 0.83 53.44 7.76
C CYS W 30 -0.16 53.27 6.63
N ALA W 31 -1.44 53.31 6.97
CA ALA W 31 -2.50 53.09 5.95
C ALA W 31 -2.52 54.29 5.01
N TYR W 32 -2.36 55.49 5.59
CA TYR W 32 -2.34 56.72 4.77
C TYR W 32 -1.16 56.71 3.79
N LEU W 33 0.02 56.36 4.29
CA LEU W 33 1.24 56.33 3.44
C LEU W 33 1.17 55.22 2.38
N ALA W 34 0.54 54.09 2.74
CA ALA W 34 0.36 53.01 1.74
C ALA W 34 -0.57 53.44 0.62
N LEU W 35 -1.71 54.00 1.01
CA LEU W 35 -2.68 54.42 0.02
C LEU W 35 -2.14 55.61 -0.81
N GLY W 36 -1.49 56.55 -0.13
CA GLY W 36 -0.99 57.76 -0.84
C GLY W 36 0.24 57.40 -1.64
N GLY W 37 1.08 56.47 -1.14
CA GLY W 37 2.18 55.88 -1.95
C GLY W 37 1.64 55.32 -3.26
N TRP W 38 0.54 54.56 -3.19
CA TRP W 38 -0.05 53.99 -4.42
C TRP W 38 -0.59 55.00 -5.41
N LEU W 39 -1.39 55.94 -4.88
CA LEU W 39 -1.94 57.01 -5.71
C LEU W 39 -0.81 57.84 -6.34
N THR W 40 0.22 58.17 -5.55
CA THR W 40 1.36 58.92 -6.03
C THR W 40 2.12 58.19 -7.15
N GLY W 41 2.45 56.89 -6.95
CA GLY W 41 3.20 56.21 -8.00
C GLY W 41 2.33 55.98 -9.22
N THR W 42 1.10 55.56 -9.03
CA THR W 42 0.30 55.29 -10.25
C THR W 42 0.03 56.59 -11.06
N THR W 43 0.04 57.75 -10.39
CA THR W 43 -0.27 59.02 -11.10
C THR W 43 1.00 59.55 -11.79
N PHE W 44 2.12 59.47 -11.07
CA PHE W 44 3.37 60.13 -11.51
C PHE W 44 4.61 59.29 -11.86
N VAL W 45 4.70 58.04 -11.39
CA VAL W 45 5.99 57.31 -11.33
C VAL W 45 6.09 56.26 -12.41
N THR W 46 7.27 56.18 -13.02
CA THR W 46 7.53 55.22 -14.08
C THR W 46 7.94 53.82 -13.52
N SER W 47 7.99 52.83 -14.40
CA SER W 47 8.68 51.55 -14.13
C SER W 47 9.70 51.25 -15.27
N TRP W 48 10.19 52.31 -15.93
CA TRP W 48 11.11 52.18 -17.04
C TRP W 48 12.42 51.55 -16.65
N TYR W 49 13.00 51.98 -15.54
CA TYR W 49 14.30 51.47 -15.15
C TYR W 49 14.26 50.13 -14.40
N THR W 50 13.07 49.71 -13.97
CA THR W 50 12.97 48.45 -13.16
C THR W 50 12.42 47.33 -14.04
N HIS W 51 11.59 47.71 -15.02
CA HIS W 51 10.85 46.75 -15.80
C HIS W 51 10.86 47.05 -17.23
N GLY W 52 11.33 48.24 -17.66
CA GLY W 52 11.02 48.58 -19.08
C GLY W 52 9.57 48.87 -19.39
N LEU W 53 8.86 49.39 -18.39
CA LEU W 53 7.41 49.63 -18.50
C LEU W 53 6.97 51.08 -18.16
N ALA W 54 6.03 51.62 -18.95
CA ALA W 54 5.30 52.82 -18.51
C ALA W 54 4.24 52.33 -17.48
N SER W 55 4.06 53.06 -16.36
CA SER W 55 3.10 52.60 -15.34
C SER W 55 2.28 53.71 -14.63
N SER W 56 2.25 54.93 -15.18
CA SER W 56 1.52 56.06 -14.52
C SER W 56 0.61 56.80 -15.47
N TYR W 57 -0.40 57.50 -14.92
CA TYR W 57 -1.26 58.37 -15.81
C TYR W 57 -0.40 59.34 -16.60
N LEU W 58 0.65 59.83 -15.97
CA LEU W 58 1.55 60.80 -16.59
C LEU W 58 2.16 60.30 -17.88
N GLU W 59 2.49 59.00 -17.95
CA GLU W 59 2.98 58.40 -19.19
C GLU W 59 1.94 57.99 -20.18
N GLY W 60 0.69 58.08 -19.77
CA GLY W 60 -0.39 57.68 -20.67
C GLY W 60 -1.15 56.42 -20.28
N CYS W 61 -0.79 55.80 -19.15
CA CYS W 61 -1.55 54.59 -18.73
C CYS W 61 -2.95 54.99 -18.25
N ASN W 62 -3.84 54.01 -18.18
CA ASN W 62 -5.19 54.22 -17.63
C ASN W 62 -5.36 53.50 -16.31
N PHE W 63 -6.55 53.60 -15.69
CA PHE W 63 -6.72 53.07 -14.35
C PHE W 63 -6.39 51.55 -14.35
N LEU W 64 -6.75 50.87 -15.43
CA LEU W 64 -6.43 49.42 -15.54
C LEU W 64 -4.96 49.12 -15.72
N THR W 65 -4.14 50.06 -16.28
CA THR W 65 -2.77 49.68 -16.62
C THR W 65 -1.74 50.32 -15.71
N VAL W 66 -2.15 51.31 -14.92
CA VAL W 66 -1.21 51.92 -14.00
C VAL W 66 -0.81 50.94 -12.94
N ALA W 67 0.37 51.11 -12.36
CA ALA W 67 0.75 50.25 -11.29
C ALA W 67 1.86 50.98 -10.56
N VAL W 68 2.06 50.62 -9.31
CA VAL W 68 3.36 50.78 -8.68
C VAL W 68 4.18 49.44 -8.79
N SER W 69 5.20 49.42 -9.65
CA SER W 69 5.92 48.21 -9.91
C SER W 69 7.00 47.84 -8.95
N THR W 70 7.24 46.53 -8.86
CA THR W 70 8.34 46.05 -8.08
C THR W 70 9.67 46.59 -8.58
N PRO W 71 10.68 46.66 -7.68
CA PRO W 71 12.04 47.01 -8.06
C PRO W 71 12.67 46.01 -9.00
N ALA W 72 13.74 46.44 -9.64
CA ALA W 72 14.49 45.56 -10.48
C ALA W 72 14.99 44.31 -9.74
N ASN W 73 15.17 43.23 -10.50
CA ASN W 73 15.65 41.95 -9.89
C ASN W 73 17.01 42.12 -9.25
N SER W 74 17.82 43.07 -9.78
CA SER W 74 19.20 43.26 -9.27
C SER W 74 19.18 43.82 -7.86
N MET W 75 18.07 44.42 -7.45
CA MET W 75 17.95 44.84 -6.05
C MET W 75 17.81 43.69 -5.05
N GLY W 76 17.55 42.47 -5.54
CA GLY W 76 17.29 41.39 -4.56
C GLY W 76 16.12 41.68 -3.65
N HIS W 77 16.31 41.43 -2.36
CA HIS W 77 15.25 41.72 -1.37
C HIS W 77 15.67 42.92 -0.52
N SER W 78 16.41 43.85 -1.13
CA SER W 78 16.69 45.15 -0.44
C SER W 78 15.38 45.79 0.07
N LEU W 79 15.38 46.10 1.32
CA LEU W 79 14.41 47.01 1.93
C LEU W 79 14.21 48.30 1.13
N LEU W 80 15.28 48.71 0.43
CA LEU W 80 15.26 49.89 -0.45
C LEU W 80 14.78 51.14 0.32
N LEU W 81 15.30 51.35 1.53
CA LEU W 81 14.97 52.53 2.37
C LEU W 81 15.45 53.81 1.66
N LEU W 82 14.69 54.91 1.79
CA LEU W 82 15.03 56.14 1.07
C LEU W 82 16.49 56.49 1.31
N TRP W 83 16.92 56.34 2.55
CA TRP W 83 18.25 56.68 2.99
C TRP W 83 19.21 55.53 2.91
N GLY W 84 18.76 54.41 2.36
CA GLY W 84 19.69 53.26 2.31
C GLY W 84 20.72 53.40 1.20
N PRO W 85 21.54 52.35 1.00
CA PRO W 85 22.70 52.50 0.14
C PRO W 85 22.41 52.46 -1.33
N GLU W 86 21.17 52.20 -1.73
CA GLU W 86 20.86 52.17 -3.17
C GLU W 86 20.43 53.59 -3.64
N ALA W 87 19.42 54.17 -2.97
CA ALA W 87 18.95 55.51 -3.34
C ALA W 87 19.78 56.60 -2.66
N GLN W 88 20.36 56.27 -1.51
CA GLN W 88 21.22 57.20 -0.75
C GLN W 88 20.58 58.59 -0.50
N GLY W 89 19.26 58.60 -0.31
CA GLY W 89 18.56 59.74 0.20
C GLY W 89 18.05 60.60 -0.90
N ASP W 90 18.30 60.18 -2.13
CA ASP W 90 17.80 60.87 -3.30
C ASP W 90 16.39 60.35 -3.64
N PHE W 91 15.39 61.20 -3.39
CA PHE W 91 14.01 60.86 -3.62
C PHE W 91 13.69 60.50 -5.06
N THR W 92 14.20 61.26 -6.01
CA THR W 92 13.94 60.94 -7.42
C THR W 92 14.52 59.56 -7.78
N ARG W 93 15.76 59.31 -7.38
CA ARG W 93 16.41 58.02 -7.72
C ARG W 93 15.65 56.84 -7.06
N TRP W 94 15.32 57.04 -5.80
CA TRP W 94 14.45 56.15 -5.05
C TRP W 94 13.21 55.75 -5.84
N CYS W 95 12.42 56.71 -6.31
CA CYS W 95 11.27 56.40 -7.16
C CYS W 95 11.67 55.54 -8.34
N GLN W 96 12.79 55.89 -8.99
CA GLN W 96 13.18 55.26 -10.26
C GLN W 96 13.68 53.81 -10.06
N LEU W 97 14.15 53.55 -8.86
CA LEU W 97 14.67 52.24 -8.44
C LEU W 97 13.56 51.29 -7.90
N GLY W 98 12.34 51.79 -7.77
CA GLY W 98 11.23 51.01 -7.26
C GLY W 98 11.04 51.10 -5.77
N GLY W 99 11.65 52.09 -5.12
CA GLY W 99 11.48 52.19 -3.68
C GLY W 99 10.04 52.41 -3.17
N LEU W 100 9.17 52.98 -3.97
CA LEU W 100 7.77 53.07 -3.57
C LEU W 100 7.12 51.68 -3.41
N TRP W 101 7.65 50.67 -4.08
CA TRP W 101 7.06 49.30 -3.94
C TRP W 101 7.33 48.84 -2.54
N THR W 102 8.58 48.94 -2.05
CA THR W 102 8.82 48.48 -0.68
C THR W 102 8.14 49.40 0.32
N PHE W 103 8.07 50.68 -0.02
CA PHE W 103 7.37 51.65 0.85
C PHE W 103 5.94 51.26 1.15
N ILE W 104 5.23 50.95 0.07
CA ILE W 104 3.84 50.59 0.12
C ILE W 104 3.64 49.18 0.74
N ALA W 105 4.50 48.22 0.39
CA ALA W 105 4.38 46.89 1.00
C ALA W 105 4.63 46.94 2.51
N LEU W 106 5.66 47.66 2.92
CA LEU W 106 5.98 47.64 4.32
C LEU W 106 5.01 48.49 5.14
N HIS W 107 4.73 49.72 4.69
CA HIS W 107 3.67 50.51 5.40
C HIS W 107 2.32 49.81 5.32
N GLY W 108 2.04 49.16 4.20
CA GLY W 108 0.78 48.41 4.08
C GLY W 108 0.72 47.24 5.09
N ALA W 109 1.83 46.52 5.27
CA ALA W 109 1.89 45.45 6.27
C ALA W 109 1.65 45.98 7.69
N PHE W 110 2.41 47.01 8.11
CA PHE W 110 2.19 47.62 9.43
C PHE W 110 0.81 48.24 9.58
N GLY W 111 0.24 48.76 8.49
CA GLY W 111 -1.11 49.27 8.52
C GLY W 111 -2.17 48.20 8.77
N LEU W 112 -2.01 47.04 8.10
CA LEU W 112 -2.85 45.85 8.39
C LEU W 112 -2.72 45.40 9.84
N ILE W 113 -1.51 45.37 10.34
CA ILE W 113 -1.34 45.08 11.78
C ILE W 113 -2.15 46.14 12.62
N GLY W 114 -1.98 47.43 12.29
CA GLY W 114 -2.79 48.47 12.98
C GLY W 114 -4.29 48.27 12.88
N PHE W 115 -4.81 47.88 11.69
CA PHE W 115 -6.23 47.63 11.52
C PHE W 115 -6.74 46.50 12.42
N MET W 116 -5.99 45.41 12.49
CA MET W 116 -6.44 44.28 13.28
C MET W 116 -6.35 44.65 14.77
N LEU W 117 -5.31 45.43 15.16
CA LEU W 117 -5.24 45.89 16.54
C LEU W 117 -6.45 46.82 16.85
N ARG W 118 -6.82 47.65 15.89
CA ARG W 118 -8.02 48.49 16.02
C ARG W 118 -9.26 47.62 16.26
N GLN W 119 -9.42 46.57 15.44
CA GLN W 119 -10.53 45.64 15.65
C GLN W 119 -10.56 45.07 17.06
N PHE W 120 -9.40 44.66 17.58
CA PHE W 120 -9.28 44.25 18.99
C PHE W 120 -9.61 45.36 20.04
N GLU W 121 -9.03 46.53 19.80
CA GLU W 121 -9.20 47.65 20.72
C GLU W 121 -10.68 48.08 20.81
N ILE W 122 -11.36 48.22 19.70
CA ILE W 122 -12.76 48.62 19.67
C ILE W 122 -13.63 47.52 20.29
N ALA W 123 -13.33 46.26 19.98
CA ALA W 123 -14.16 45.19 20.54
C ALA W 123 -14.01 45.21 22.04
N ARG W 124 -12.80 45.45 22.54
CA ARG W 124 -12.58 45.42 23.99
C ARG W 124 -13.36 46.58 24.62
N LEU W 125 -13.34 47.76 23.97
CA LEU W 125 -14.00 48.95 24.53
C LEU W 125 -15.51 48.84 24.58
N VAL W 126 -16.11 48.37 23.49
CA VAL W 126 -17.56 48.10 23.39
C VAL W 126 -18.00 46.84 24.16
N GLY W 127 -17.08 45.92 24.43
CA GLY W 127 -17.44 44.71 25.14
C GLY W 127 -18.03 43.62 24.22
N VAL W 128 -17.57 43.51 22.97
CA VAL W 128 -18.01 42.34 22.18
C VAL W 128 -16.81 41.38 22.08
N ARG W 129 -17.09 40.13 21.69
CA ARG W 129 -16.03 39.13 21.43
C ARG W 129 -15.26 39.51 20.13
N PRO W 130 -13.95 39.24 20.08
CA PRO W 130 -13.17 39.79 18.99
C PRO W 130 -13.11 38.90 17.72
N TYR W 131 -14.24 38.33 17.31
CA TYR W 131 -14.25 37.52 16.13
C TYR W 131 -13.97 38.24 14.85
N ASN W 132 -14.32 39.52 14.77
CA ASN W 132 -13.97 40.26 13.56
C ASN W 132 -12.47 40.35 13.37
N ALA W 133 -11.73 40.68 14.45
CA ALA W 133 -10.32 40.65 14.35
C ALA W 133 -9.84 39.24 13.93
N ILE W 134 -10.37 38.20 14.58
CA ILE W 134 -9.94 36.81 14.24
C ILE W 134 -10.12 36.55 12.74
N ALA W 135 -11.28 36.92 12.22
CA ALA W 135 -11.62 36.72 10.80
C ALA W 135 -10.60 37.49 9.93
N PHE W 136 -10.10 38.63 10.46
CA PHE W 136 -9.17 39.48 9.68
C PHE W 136 -7.79 38.81 9.49
N SER W 137 -7.50 37.77 10.26
CA SER W 137 -6.26 37.03 10.12
C SER W 137 -6.15 36.45 8.68
N ALA W 138 -7.28 36.21 8.03
CA ALA W 138 -7.24 35.65 6.65
C ALA W 138 -6.67 36.65 5.62
N PRO W 139 -7.22 37.90 5.55
CA PRO W 139 -6.54 38.92 4.75
C PRO W 139 -5.11 39.11 5.12
N ILE W 140 -4.81 39.04 6.42
CA ILE W 140 -3.42 39.17 6.74
C ILE W 140 -2.49 38.00 6.26
N ALA W 141 -2.94 36.75 6.45
CA ALA W 141 -2.22 35.59 5.90
C ALA W 141 -2.02 35.76 4.38
N VAL W 142 -3.06 36.18 3.68
CA VAL W 142 -2.95 36.42 2.23
C VAL W 142 -1.90 37.48 1.87
N PHE W 143 -2.01 38.64 2.50
CA PHE W 143 -1.07 39.72 2.20
C PHE W 143 0.35 39.29 2.44
N VAL W 144 0.58 38.79 3.65
CA VAL W 144 1.93 38.34 4.06
C VAL W 144 2.51 37.23 3.16
N SER W 145 1.70 36.22 2.76
CA SER W 145 2.27 35.11 2.02
C SER W 145 2.55 35.56 0.59
N VAL W 146 1.64 36.39 0.06
CA VAL W 146 1.75 36.78 -1.33
C VAL W 146 2.76 37.93 -1.57
N PHE W 147 2.77 38.93 -0.67
CA PHE W 147 3.58 40.15 -0.97
C PHE W 147 4.91 40.12 -0.25
N LEU W 148 5.02 39.27 0.79
CA LEU W 148 6.30 39.14 1.49
C LEU W 148 6.95 37.76 1.32
N ILE W 149 6.33 36.70 1.81
CA ILE W 149 6.96 35.36 1.80
C ILE W 149 7.29 34.92 0.39
N TYR W 150 6.32 35.05 -0.53
CA TYR W 150 6.55 34.62 -1.90
C TYR W 150 7.84 35.25 -2.55
N PRO W 151 7.90 36.61 -2.63
CA PRO W 151 9.12 37.15 -3.26
C PRO W 151 10.34 36.86 -2.38
N LEU W 152 10.15 36.70 -1.08
CA LEU W 152 11.33 36.38 -0.25
C LEU W 152 11.92 35.02 -0.55
N GLY W 153 11.08 34.08 -1.01
CA GLY W 153 11.63 32.77 -1.44
C GLY W 153 12.15 32.80 -2.89
N GLN W 154 11.66 33.73 -3.69
CA GLN W 154 12.12 33.89 -5.04
C GLN W 154 13.43 34.73 -5.08
N SER W 155 13.91 35.04 -6.27
CA SER W 155 15.17 35.79 -6.41
C SER W 155 15.15 37.21 -5.79
N SER W 156 14.00 37.88 -5.84
CA SER W 156 13.97 39.30 -5.43
C SER W 156 12.53 39.75 -5.32
N TRP W 157 12.33 40.95 -4.79
CA TRP W 157 11.02 41.62 -4.91
C TRP W 157 10.46 41.72 -6.31
N PHE W 158 11.30 41.78 -7.33
CA PHE W 158 10.82 41.91 -8.73
C PHE W 158 9.61 40.99 -8.93
N PHE W 159 9.71 39.78 -8.34
CA PHE W 159 8.68 38.71 -8.61
C PHE W 159 7.45 38.74 -7.68
N ALA W 160 7.44 39.66 -6.72
CA ALA W 160 6.18 39.96 -6.00
C ALA W 160 5.16 40.56 -6.95
N PRO W 161 3.86 40.57 -6.54
CA PRO W 161 2.93 41.25 -7.39
C PRO W 161 3.27 42.77 -7.39
N SER W 162 3.16 43.39 -8.55
CA SER W 162 3.18 44.86 -8.61
C SER W 162 1.77 45.36 -8.26
N PHE W 163 1.68 46.53 -7.63
CA PHE W 163 0.39 47.09 -7.23
C PHE W 163 -0.34 47.78 -8.38
N GLY W 164 -1.15 47.03 -9.12
CA GLY W 164 -1.84 47.63 -10.20
C GLY W 164 -2.86 46.59 -10.71
N VAL W 165 -3.83 47.06 -11.45
CA VAL W 165 -4.91 46.19 -11.97
C VAL W 165 -4.30 45.16 -12.99
N ALA W 166 -3.83 45.63 -14.14
CA ALA W 166 -3.22 44.77 -15.17
C ALA W 166 -2.01 44.02 -14.60
N ALA W 167 -1.22 44.67 -13.74
CA ALA W 167 -0.07 44.02 -13.14
C ALA W 167 -0.43 42.77 -12.31
N ILE W 168 -1.52 42.88 -11.53
CA ILE W 168 -2.06 41.74 -10.82
C ILE W 168 -2.55 40.70 -11.84
N PHE W 169 -3.19 41.11 -12.91
CA PHE W 169 -3.55 40.09 -13.90
C PHE W 169 -2.33 39.31 -14.42
N ARG W 170 -1.28 40.04 -14.79
CA ARG W 170 -0.02 39.41 -15.16
C ARG W 170 0.46 38.38 -14.08
N PHE W 171 0.33 38.74 -12.81
CA PHE W 171 0.73 37.85 -11.70
C PHE W 171 -0.08 36.52 -11.76
N LEU W 172 -1.41 36.61 -11.93
CA LEU W 172 -2.25 35.42 -12.11
C LEU W 172 -1.67 34.56 -13.23
N LEU W 173 -1.34 35.20 -14.36
CA LEU W 173 -1.06 34.41 -15.56
C LEU W 173 0.33 33.77 -15.45
N PHE W 174 1.25 34.48 -14.80
CA PHE W 174 2.56 33.96 -14.49
C PHE W 174 2.37 32.71 -13.61
N PHE W 175 1.47 32.77 -12.60
CA PHE W 175 1.31 31.63 -11.68
C PHE W 175 0.76 30.43 -12.43
N GLN W 176 -0.07 30.74 -13.39
CA GLN W 176 -0.56 29.62 -14.21
C GLN W 176 0.63 29.01 -15.02
N GLY W 177 1.35 29.84 -15.80
CA GLY W 177 2.34 29.32 -16.72
C GLY W 177 3.55 28.72 -16.06
N PHE W 178 3.99 29.33 -14.96
CA PHE W 178 5.18 28.85 -14.30
C PHE W 178 4.89 27.88 -13.14
N HIS W 179 3.84 28.16 -12.34
CA HIS W 179 3.54 27.31 -11.18
C HIS W 179 2.44 26.31 -11.41
N ASN W 180 1.73 26.37 -12.53
CA ASN W 180 0.55 25.54 -12.70
C ASN W 180 -0.42 25.68 -11.52
N TRP W 181 -0.53 26.92 -11.00
CA TRP W 181 -1.12 27.16 -9.69
C TRP W 181 -2.58 26.67 -9.67
N THR W 182 -3.30 26.59 -10.82
CA THR W 182 -4.65 26.12 -10.70
C THR W 182 -4.69 24.63 -10.24
N LEU W 183 -3.60 23.87 -10.47
CA LEU W 183 -3.57 22.46 -10.12
C LEU W 183 -3.34 22.23 -8.63
N ASN W 184 -3.07 23.31 -7.90
CA ASN W 184 -2.67 23.15 -6.50
C ASN W 184 -3.88 23.00 -5.56
N PRO W 185 -3.94 21.92 -4.76
CA PRO W 185 -5.16 21.71 -3.97
C PRO W 185 -5.34 22.79 -2.93
N PHE W 186 -4.22 23.45 -2.49
CA PHE W 186 -4.37 24.58 -1.58
C PHE W 186 -5.05 25.77 -2.24
N HIS W 187 -4.70 26.06 -3.50
CA HIS W 187 -5.46 27.01 -4.27
C HIS W 187 -6.94 26.63 -4.45
N MET W 188 -7.18 25.37 -4.78
CA MET W 188 -8.54 24.82 -4.92
C MET W 188 -9.36 24.96 -3.62
N MET W 189 -8.73 24.76 -2.42
CA MET W 189 -9.50 24.99 -1.21
C MET W 189 -9.79 26.47 -1.09
N GLY W 190 -8.84 27.30 -1.50
CA GLY W 190 -9.04 28.76 -1.48
C GLY W 190 -10.25 29.11 -2.34
N VAL W 191 -10.26 28.58 -3.56
CA VAL W 191 -11.40 28.82 -4.45
C VAL W 191 -12.72 28.42 -3.80
N ALA W 192 -12.72 27.23 -3.19
CA ALA W 192 -13.93 26.72 -2.52
C ALA W 192 -14.39 27.69 -1.42
N GLY W 193 -13.46 28.20 -0.60
CA GLY W 193 -13.86 29.15 0.47
C GLY W 193 -14.39 30.46 -0.07
N VAL W 194 -13.86 30.91 -1.22
CA VAL W 194 -14.28 32.19 -1.73
C VAL W 194 -15.63 32.07 -2.38
N LEU W 195 -15.73 31.09 -3.27
CA LEU W 195 -17.02 30.89 -3.96
C LEU W 195 -18.08 30.40 -2.98
N GLY W 196 -17.71 29.52 -2.05
CA GLY W 196 -18.67 29.06 -1.01
C GLY W 196 -19.07 30.22 -0.08
N GLY W 197 -18.13 31.10 0.28
CA GLY W 197 -18.47 32.32 1.04
C GLY W 197 -19.41 33.24 0.28
N ALA W 198 -19.15 33.48 -1.01
CA ALA W 198 -20.02 34.33 -1.78
C ALA W 198 -21.42 33.67 -1.86
N LEU W 199 -21.43 32.33 -2.02
CA LEU W 199 -22.68 31.54 -2.02
C LEU W 199 -23.47 31.73 -0.70
N LEU W 200 -22.74 31.66 0.46
CA LEU W 200 -23.36 31.78 1.76
C LEU W 200 -23.91 33.21 1.92
N CYS W 201 -23.10 34.21 1.54
CA CYS W 201 -23.51 35.59 1.59
C CYS W 201 -24.83 35.77 0.81
N ALA W 202 -24.83 35.29 -0.43
CA ALA W 202 -26.05 35.44 -1.20
C ALA W 202 -27.27 34.71 -0.65
N ILE W 203 -27.08 33.45 -0.28
CA ILE W 203 -28.25 32.57 0.01
C ILE W 203 -28.82 33.03 1.37
N HIS W 204 -27.95 33.46 2.27
CA HIS W 204 -28.48 33.87 3.56
C HIS W 204 -29.21 35.19 3.44
N GLY W 205 -28.59 36.16 2.72
CA GLY W 205 -29.17 37.46 2.54
C GLY W 205 -30.53 37.23 1.87
N ALA W 206 -30.59 36.40 0.83
CA ALA W 206 -31.86 36.16 0.13
C ALA W 206 -32.89 35.47 1.07
N THR W 207 -32.40 34.54 1.88
CA THR W 207 -33.26 33.75 2.72
C THR W 207 -33.98 34.63 3.77
N VAL W 208 -33.19 35.43 4.48
CA VAL W 208 -33.76 36.41 5.45
C VAL W 208 -34.80 37.30 4.74
N GLU W 209 -34.44 37.86 3.57
CA GLU W 209 -35.32 38.81 2.89
C GLU W 209 -36.58 38.16 2.38
N ASN W 210 -36.59 36.83 2.31
CA ASN W 210 -37.78 36.16 1.76
C ASN W 210 -38.52 35.32 2.80
N THR W 211 -38.11 35.45 4.06
CA THR W 211 -38.86 34.80 5.14
C THR W 211 -39.21 35.85 6.21
N LEU W 212 -39.14 37.12 5.83
CA LEU W 212 -39.44 38.25 6.75
C LEU W 212 -40.87 38.08 7.23
N PHE W 213 -41.07 38.43 8.49
CA PHE W 213 -42.45 38.62 9.01
C PHE W 213 -43.04 39.95 8.52
N GLN W 214 -44.35 40.00 8.30
CA GLN W 214 -45.00 41.26 7.93
C GLN W 214 -45.09 42.12 9.18
N ASP W 215 -44.22 43.11 9.28
CA ASP W 215 -44.18 43.93 10.47
C ASP W 215 -44.58 45.39 10.18
N GLY W 216 -45.17 45.65 9.00
CA GLY W 216 -45.70 46.99 8.62
C GLY W 216 -46.71 46.80 7.51
N GLU W 217 -47.31 47.92 7.10
CA GLU W 217 -48.22 47.89 5.98
C GLU W 217 -47.55 48.24 4.63
N GLY W 218 -46.34 48.78 4.67
CA GLY W 218 -45.62 49.19 3.44
C GLY W 218 -45.22 48.02 2.54
N ALA W 219 -45.36 48.21 1.22
CA ALA W 219 -44.87 47.27 0.19
C ALA W 219 -43.33 47.23 0.12
N SER W 220 -42.71 48.33 0.52
CA SER W 220 -41.28 48.36 0.78
C SER W 220 -41.08 48.04 2.26
N THR W 221 -40.32 46.96 2.56
CA THR W 221 -40.45 46.25 3.83
C THR W 221 -39.33 46.66 4.78
N PHE W 222 -38.44 47.54 4.33
CA PHE W 222 -37.31 47.95 5.20
C PHE W 222 -37.71 48.75 6.42
N ARG W 223 -38.70 49.62 6.25
CA ARG W 223 -39.07 50.48 7.36
CA ARG W 223 -39.21 50.50 7.32
C ARG W 223 -39.63 49.69 8.54
N ALA W 224 -40.17 48.48 8.28
CA ALA W 224 -40.73 47.62 9.33
C ALA W 224 -39.70 46.82 10.16
N PHE W 225 -38.57 47.45 10.44
CA PHE W 225 -37.61 46.83 11.33
C PHE W 225 -37.20 47.86 12.41
N ASN W 226 -37.08 47.46 13.69
CA ASN W 226 -36.53 48.38 14.72
C ASN W 226 -35.24 47.85 15.40
N PRO W 227 -34.13 48.64 15.35
CA PRO W 227 -32.84 48.19 15.89
C PRO W 227 -32.94 47.62 17.30
N THR W 228 -33.93 48.07 18.05
CA THR W 228 -34.08 47.67 19.44
C THR W 228 -35.07 46.53 19.67
N GLN W 229 -35.85 46.18 18.64
CA GLN W 229 -36.85 45.11 18.78
C GLN W 229 -36.21 43.83 19.31
N ALA W 230 -36.93 43.12 20.18
CA ALA W 230 -36.48 41.84 20.75
C ALA W 230 -36.63 40.67 19.77
N GLU W 231 -37.58 40.77 18.84
CA GLU W 231 -38.06 39.66 17.99
C GLU W 231 -37.22 39.48 16.75
N GLU W 232 -37.02 38.23 16.35
CA GLU W 232 -36.36 37.96 15.06
C GLU W 232 -37.25 38.65 14.00
N THR W 233 -36.61 39.22 12.99
CA THR W 233 -37.31 39.89 11.89
C THR W 233 -37.78 38.94 10.78
N TYR W 234 -37.28 37.69 10.76
CA TYR W 234 -37.64 36.72 9.72
C TYR W 234 -37.93 35.43 10.41
N SER W 235 -38.58 34.49 9.73
CA SER W 235 -38.87 33.23 10.37
C SER W 235 -37.79 32.12 10.13
N MET W 236 -36.99 31.82 11.15
CA MET W 236 -36.06 30.67 11.10
C MET W 236 -36.79 29.35 10.86
N VAL W 237 -37.99 29.22 11.43
CA VAL W 237 -38.72 27.97 11.29
C VAL W 237 -39.18 27.80 9.82
N THR W 238 -39.75 28.85 9.23
CA THR W 238 -40.13 28.78 7.83
C THR W 238 -38.87 28.58 6.85
N ALA W 239 -37.81 29.34 7.05
CA ALA W 239 -36.55 29.20 6.29
C ALA W 239 -36.05 27.73 6.35
N ASN W 240 -36.01 27.15 7.55
CA ASN W 240 -35.56 25.77 7.74
C ASN W 240 -36.43 24.82 6.94
N ARG W 241 -37.75 25.05 6.92
CA ARG W 241 -38.61 24.07 6.28
C ARG W 241 -38.34 24.18 4.78
N PHE W 242 -38.27 25.42 4.30
CA PHE W 242 -38.06 25.66 2.86
C PHE W 242 -36.78 24.91 2.40
N TRP W 243 -35.67 25.13 3.09
CA TRP W 243 -34.41 24.55 2.60
C TRP W 243 -34.33 23.08 2.81
N SER W 244 -34.93 22.58 3.89
CA SER W 244 -35.02 21.12 4.13
C SER W 244 -35.71 20.44 2.97
N GLN W 245 -36.77 21.06 2.50
CA GLN W 245 -37.54 20.47 1.34
C GLN W 245 -36.96 20.70 -0.05
N ILE W 246 -36.24 21.81 -0.23
CA ILE W 246 -35.61 22.14 -1.51
C ILE W 246 -34.29 21.37 -1.74
N PHE W 247 -33.42 21.44 -0.74
CA PHE W 247 -32.01 21.03 -0.78
C PHE W 247 -31.73 19.81 0.08
N GLY W 248 -32.58 19.51 1.06
CA GLY W 248 -32.45 18.29 1.82
C GLY W 248 -31.98 18.60 3.21
N ILE W 249 -31.17 19.64 3.34
CA ILE W 249 -30.70 20.01 4.68
C ILE W 249 -30.89 21.52 4.83
N ALA W 250 -30.81 22.02 6.09
CA ALA W 250 -31.04 23.41 6.35
C ALA W 250 -30.36 23.76 7.67
N PHE W 251 -30.01 25.03 7.85
CA PHE W 251 -29.62 25.45 9.18
C PHE W 251 -30.83 25.39 10.13
N SER W 252 -30.58 25.10 11.40
CA SER W 252 -31.64 25.18 12.43
C SER W 252 -31.13 26.03 13.55
N ASN W 253 -29.84 26.29 13.52
CA ASN W 253 -29.20 27.03 14.61
C ASN W 253 -28.47 28.25 14.10
N LYS W 254 -28.99 29.43 14.50
CA LYS W 254 -28.56 30.68 13.95
C LYS W 254 -27.14 30.99 14.37
N ARG W 255 -26.70 30.51 15.53
CA ARG W 255 -25.34 30.82 15.94
C ARG W 255 -24.38 30.00 15.07
N TRP W 256 -24.73 28.72 14.87
CA TRP W 256 -23.87 27.88 14.01
C TRP W 256 -23.83 28.55 12.63
N LEU W 257 -24.99 28.95 12.13
CA LEU W 257 -25.07 29.53 10.78
C LEU W 257 -24.06 30.68 10.64
N HIS W 258 -24.06 31.60 11.62
CA HIS W 258 -23.16 32.75 11.50
C HIS W 258 -21.72 32.37 11.76
N PHE W 259 -21.48 31.40 12.62
CA PHE W 259 -20.12 31.00 12.82
C PHE W 259 -19.58 30.36 11.49
N PHE W 260 -20.40 29.55 10.86
CA PHE W 260 -19.99 28.93 9.59
C PHE W 260 -19.67 29.98 8.55
N MET W 261 -20.43 31.10 8.51
CA MET W 261 -20.14 32.19 7.56
C MET W 261 -18.76 32.81 7.81
N LEU W 262 -18.38 32.85 9.06
CA LEU W 262 -16.98 33.22 9.37
C LEU W 262 -16.02 32.13 8.86
N PHE W 263 -16.33 30.88 9.18
CA PHE W 263 -15.39 29.80 9.00
C PHE W 263 -15.00 29.58 7.55
N VAL W 264 -16.00 29.50 6.67
CA VAL W 264 -15.71 29.14 5.29
C VAL W 264 -14.71 30.02 4.49
N PRO W 265 -15.01 31.32 4.27
CA PRO W 265 -14.08 32.18 3.51
C PRO W 265 -12.73 32.40 4.27
N VAL W 266 -12.78 32.43 5.60
CA VAL W 266 -11.54 32.63 6.36
C VAL W 266 -10.61 31.39 6.20
N THR W 267 -11.15 30.20 6.35
CA THR W 267 -10.40 28.94 6.13
C THR W 267 -9.88 28.87 4.68
N GLY W 268 -10.74 29.20 3.69
CA GLY W 268 -10.31 29.20 2.31
C GLY W 268 -9.10 30.06 2.04
N LEU W 269 -9.12 31.30 2.54
CA LEU W 269 -8.00 32.22 2.32
C LEU W 269 -6.74 31.70 2.99
N TRP W 270 -6.88 31.14 4.20
CA TRP W 270 -5.74 30.53 4.91
C TRP W 270 -5.12 29.42 4.13
N MET W 271 -5.96 28.58 3.51
CA MET W 271 -5.40 27.47 2.73
C MET W 271 -4.64 28.02 1.51
N SER W 272 -5.18 29.03 0.84
CA SER W 272 -4.52 29.54 -0.40
C SER W 272 -3.15 30.12 0.02
N ALA W 273 -3.12 30.74 1.18
CA ALA W 273 -1.81 31.31 1.67
C ALA W 273 -0.75 30.20 1.84
N ILE W 274 -1.14 29.06 2.43
CA ILE W 274 -0.20 27.92 2.56
C ILE W 274 0.36 27.48 1.19
N GLY W 275 -0.50 27.38 0.19
CA GLY W 275 0.00 27.01 -1.15
C GLY W 275 1.01 28.01 -1.70
N VAL W 276 0.73 29.31 -1.49
CA VAL W 276 1.63 30.35 -2.01
C VAL W 276 2.97 30.24 -1.26
N VAL W 277 2.93 29.95 0.02
CA VAL W 277 4.19 29.70 0.77
C VAL W 277 5.03 28.55 0.08
N GLY W 278 4.37 27.47 -0.36
CA GLY W 278 5.10 26.47 -1.15
C GLY W 278 5.65 27.06 -2.45
N LEU W 279 4.83 27.87 -3.14
CA LEU W 279 5.23 28.48 -4.42
C LEU W 279 6.44 29.43 -4.24
N ALA W 280 6.63 29.97 -3.04
CA ALA W 280 7.81 30.81 -2.76
C ALA W 280 9.09 30.01 -3.07
N LEU W 281 8.99 28.68 -2.93
CA LEU W 281 10.12 27.76 -3.07
C LEU W 281 10.07 27.00 -4.38
N ASN W 282 9.16 27.41 -5.27
CA ASN W 282 8.81 26.54 -6.39
C ASN W 282 8.31 25.12 -6.03
N LEU W 283 7.77 24.94 -4.86
CA LEU W 283 7.28 23.63 -4.44
CA LEU W 283 7.25 23.64 -4.43
C LEU W 283 5.83 23.61 -4.92
N ARG W 284 5.70 23.34 -6.20
CA ARG W 284 4.41 23.43 -6.86
C ARG W 284 3.76 22.07 -6.85
N SER W 285 2.45 22.11 -7.20
CA SER W 285 1.72 20.93 -7.68
CA SER W 285 1.71 20.96 -7.67
C SER W 285 1.70 21.19 -9.18
N TYR W 286 2.80 20.84 -9.89
CA TYR W 286 2.96 21.17 -11.30
C TYR W 286 2.46 19.96 -12.09
N ASP W 287 2.85 18.79 -11.63
CA ASP W 287 2.73 17.59 -12.42
C ASP W 287 2.07 16.43 -11.65
N PHE W 288 1.53 15.46 -12.40
CA PHE W 288 1.24 14.16 -11.89
C PHE W 288 2.24 13.21 -12.59
N ILE W 289 3.12 12.57 -11.81
CA ILE W 289 4.18 11.77 -12.37
C ILE W 289 3.65 10.61 -13.21
N SER W 290 2.61 9.93 -12.71
CA SER W 290 2.05 8.81 -13.42
C SER W 290 1.57 9.25 -14.80
N GLN W 291 0.94 10.44 -14.90
CA GLN W 291 0.49 10.96 -16.19
C GLN W 291 1.71 11.16 -17.13
N GLU W 292 2.78 11.69 -16.62
CA GLU W 292 3.90 12.04 -17.50
C GLU W 292 4.62 10.78 -17.96
N ILE W 293 4.70 9.78 -17.09
CA ILE W 293 5.37 8.55 -17.49
C ILE W 293 4.57 7.88 -18.58
N ARG W 294 3.27 7.90 -18.42
CA ARG W 294 2.41 7.27 -19.47
C ARG W 294 2.47 8.06 -20.82
N ALA W 295 2.26 9.37 -20.75
CA ALA W 295 2.33 10.24 -21.91
C ALA W 295 3.70 10.16 -22.63
N ALA W 296 4.79 10.12 -21.88
CA ALA W 296 6.13 10.02 -22.53
C ALA W 296 6.25 8.76 -23.40
N GLU W 297 5.62 7.63 -22.98
CA GLU W 297 5.79 6.34 -23.61
C GLU W 297 4.70 6.13 -24.65
N ASP W 298 3.60 6.85 -24.49
CA ASP W 298 2.39 6.60 -25.28
C ASP W 298 1.89 7.86 -25.96
N PRO W 299 2.36 8.13 -27.20
CA PRO W 299 1.96 9.40 -27.91
C PRO W 299 0.48 9.52 -28.32
N GLU W 300 -0.36 8.53 -28.01
CA GLU W 300 -1.80 8.73 -28.21
C GLU W 300 -2.56 9.09 -26.92
N PHE W 301 -1.86 9.08 -25.79
CA PHE W 301 -2.54 9.27 -24.47
C PHE W 301 -2.65 10.79 -24.22
N GLU W 302 -3.86 11.33 -24.10
CA GLU W 302 -3.98 12.77 -23.94
C GLU W 302 -5.12 13.07 -22.95
N THR W 303 -4.86 13.98 -21.98
CA THR W 303 -5.93 14.36 -21.03
C THR W 303 -5.97 15.87 -20.94
N PHE W 304 -6.91 16.43 -20.16
CA PHE W 304 -6.94 17.88 -20.10
C PHE W 304 -5.72 18.36 -19.34
N TYR W 305 -5.21 17.51 -18.48
CA TYR W 305 -3.98 17.87 -17.68
C TYR W 305 -2.76 18.10 -18.67
N THR W 306 -2.51 17.17 -19.58
CA THR W 306 -1.39 17.41 -20.53
C THR W 306 -1.74 18.58 -21.49
N LYS W 307 -3.02 18.79 -21.86
CA LYS W 307 -3.37 19.98 -22.69
C LYS W 307 -2.95 21.29 -22.01
N ASN W 308 -3.16 21.37 -20.68
CA ASN W 308 -2.83 22.58 -19.95
C ASN W 308 -1.34 22.84 -19.81
N LEU W 309 -0.55 21.79 -19.69
CA LEU W 309 0.89 22.00 -19.71
C LEU W 309 1.39 22.56 -21.04
N LEU W 310 0.80 22.18 -22.17
CA LEU W 310 1.20 22.78 -23.45
C LEU W 310 0.92 24.27 -23.41
N LEU W 311 -0.23 24.66 -22.82
CA LEU W 311 -0.53 26.09 -22.72
C LEU W 311 0.47 26.78 -21.81
N ASN W 312 0.81 26.10 -20.73
CA ASN W 312 1.83 26.70 -19.83
C ASN W 312 3.20 26.94 -20.49
N GLU W 313 3.67 25.94 -21.23
CA GLU W 313 4.91 26.05 -22.02
C GLU W 313 4.84 27.25 -22.99
N GLY W 314 3.69 27.45 -23.67
CA GLY W 314 3.42 28.66 -24.45
C GLY W 314 3.62 29.89 -23.61
N ILE W 315 2.89 29.95 -22.49
CA ILE W 315 3.00 31.11 -21.63
C ILE W 315 4.46 31.37 -21.29
N ARG W 316 5.22 30.36 -20.90
CA ARG W 316 6.56 30.74 -20.33
C ARG W 316 7.43 31.29 -21.48
N ALA W 317 7.38 30.63 -22.62
CA ALA W 317 8.30 31.01 -23.72
C ALA W 317 7.93 32.36 -24.33
N TRP W 318 6.62 32.64 -24.42
CA TRP W 318 6.16 33.85 -25.05
C TRP W 318 6.24 35.03 -24.14
N MET W 319 6.12 34.81 -22.84
CA MET W 319 6.07 35.93 -21.94
C MET W 319 7.41 36.20 -21.31
N ALA W 320 8.29 35.19 -21.25
CA ALA W 320 9.48 35.37 -20.41
C ALA W 320 10.46 36.53 -20.86
N PRO W 321 10.70 36.69 -22.18
CA PRO W 321 11.74 37.65 -22.55
C PRO W 321 11.29 39.06 -22.14
N GLN W 322 10.03 39.46 -22.35
CA GLN W 322 9.59 40.80 -21.89
C GLN W 322 9.33 40.84 -20.37
N ASP W 323 8.86 39.72 -19.80
CA ASP W 323 8.46 39.74 -18.36
C ASP W 323 9.67 39.68 -17.44
N GLN W 324 10.75 39.09 -17.97
CA GLN W 324 11.93 38.91 -17.09
C GLN W 324 13.14 39.57 -17.77
N PRO W 325 13.10 40.92 -17.95
CA PRO W 325 14.16 41.58 -18.76
C PRO W 325 15.58 41.41 -18.20
C HSK W 326 17.77 39.77 -16.81
O HSK W 326 18.97 39.61 -16.61
CA HSK W 326 17.10 41.06 -16.35
CA HSK W 326 17.09 41.06 -16.34
N HSK W 326 15.75 41.26 -16.89
CB HSK W 326 17.09 41.10 -14.84
CB HSK W 326 17.09 41.13 -14.83
CG HSK W 326 16.10 40.04 -14.41
CG HSK W 326 16.22 40.01 -14.30
CD2 HSK W 326 16.41 38.77 -13.95
CD2 HSK W 326 16.65 38.78 -13.85
NE2 HSK W 326 15.23 38.16 -13.71
NE2 HSK W 326 15.55 38.07 -13.49
CE1 HSK W 326 14.24 39.02 -14.00
CE1 HSK W 326 14.44 38.83 -13.70
ND1 HSK W 326 14.76 40.16 -14.44
ND1 HSK W 326 14.89 39.98 -14.19
OM HSK W 326 14.01 41.08 -14.54
N GLU W 327 17.01 38.84 -17.41
CA GLU W 327 17.59 37.56 -17.91
C GLU W 327 18.19 37.72 -19.32
N ASN W 328 17.81 38.78 -20.04
CA ASN W 328 18.25 39.03 -21.39
C ASN W 328 17.99 37.86 -22.29
N PHE W 329 16.79 37.32 -22.20
CA PHE W 329 16.49 36.17 -23.02
C PHE W 329 16.42 36.62 -24.47
N VAL W 330 17.02 35.85 -25.37
CA VAL W 330 16.69 35.96 -26.80
C VAL W 330 16.32 34.60 -27.25
N PHE W 331 15.09 34.45 -27.72
CA PHE W 331 14.57 33.16 -28.14
C PHE W 331 14.33 33.33 -29.62
N PRO W 332 15.20 32.72 -30.47
CA PRO W 332 15.01 32.83 -31.92
C PRO W 332 13.65 32.34 -32.26
N GLU W 333 13.03 32.86 -33.32
CA GLU W 333 11.69 32.47 -33.69
C GLU W 333 11.56 30.99 -33.81
N GLU W 334 12.61 30.35 -34.34
CA GLU W 334 12.49 28.92 -34.63
C GLU W 334 12.35 28.09 -33.35
N VAL W 335 12.78 28.60 -32.17
CA VAL W 335 12.60 27.79 -30.94
C VAL W 335 11.28 27.98 -30.20
N LEU W 336 10.44 28.92 -30.63
CA LEU W 336 9.20 29.19 -29.91
C LEU W 336 8.23 28.04 -30.15
N PRO W 337 7.62 27.52 -29.06
CA PRO W 337 6.61 26.44 -29.26
C PRO W 337 5.35 27.04 -29.89
N ARG W 338 4.77 26.37 -30.92
CA ARG W 338 3.61 26.93 -31.54
C ARG W 338 2.95 25.73 -32.15
N GLY W 339 1.63 25.67 -32.09
CA GLY W 339 0.88 24.69 -32.83
C GLY W 339 0.90 25.02 -34.30
N ASN W 340 0.14 24.25 -35.08
CA ASN W 340 0.07 24.52 -36.50
C ASN W 340 -0.57 25.92 -36.76
N ALA W 341 -0.07 26.61 -37.81
CA ALA W 341 -0.60 27.91 -38.28
C ALA W 341 -0.49 29.10 -37.33
N LEU W 342 -0.99 28.93 -36.09
CA LEU W 342 -1.10 30.05 -35.17
C LEU W 342 0.32 30.48 -34.78
N GLY X 5 -20.30 64.13 18.53
CA GLY X 5 -20.29 65.46 19.23
C GLY X 5 -19.82 66.60 18.35
N GLU X 6 -20.20 66.57 17.08
CA GLU X 6 -19.74 67.55 16.08
C GLU X 6 -20.76 67.72 14.93
N ARG X 7 -20.63 68.82 14.18
CA ARG X 7 -21.63 69.17 13.16
C ARG X 7 -21.74 68.15 12.02
N PRO X 8 -22.99 67.79 11.66
CA PRO X 8 -23.30 66.87 10.53
C PRO X 8 -22.75 67.43 9.22
N PHE X 9 -22.12 66.58 8.38
CA PHE X 9 -21.58 67.05 7.10
C PHE X 9 -22.58 67.83 6.24
N SER X 10 -23.82 67.35 6.20
CA SER X 10 -24.83 67.99 5.35
C SER X 10 -25.19 69.42 5.80
N ASP X 11 -25.09 69.72 7.09
CA ASP X 11 -25.13 71.12 7.57
C ASP X 11 -23.93 71.95 7.05
N ILE X 12 -22.74 71.38 7.17
CA ILE X 12 -21.52 72.04 6.70
C ILE X 12 -21.59 72.28 5.20
N ILE X 13 -21.78 71.23 4.39
CA ILE X 13 -21.68 71.41 2.93
C ILE X 13 -22.86 72.12 2.26
N THR X 14 -23.87 72.50 3.03
CA THR X 14 -24.99 73.28 2.47
C THR X 14 -24.98 74.72 3.01
N SER X 15 -23.88 75.08 3.68
CA SER X 15 -23.72 76.36 4.31
C SER X 15 -22.95 77.29 3.40
N VAL X 16 -23.22 78.59 3.54
CA VAL X 16 -22.57 79.61 2.73
C VAL X 16 -21.12 79.72 3.13
N ARG X 17 -20.84 79.61 4.42
CA ARG X 17 -19.43 79.69 4.85
C ARG X 17 -18.59 78.64 4.12
N TYR X 18 -19.06 77.40 4.12
CA TYR X 18 -18.35 76.29 3.48
C TYR X 18 -17.97 76.62 2.02
N TRP X 19 -19.00 76.97 1.23
CA TRP X 19 -18.85 77.31 -0.19
C TRP X 19 -18.03 78.53 -0.51
N VAL X 20 -18.07 79.52 0.38
CA VAL X 20 -17.19 80.68 0.28
C VAL X 20 -15.73 80.25 0.42
N ILE X 21 -15.45 79.44 1.44
CA ILE X 21 -14.10 78.92 1.65
C ILE X 21 -13.66 78.08 0.44
N HIS X 22 -14.53 77.15 0.06
CA HIS X 22 -14.13 76.10 -0.84
C HIS X 22 -14.19 76.46 -2.28
N SER X 23 -14.90 77.54 -2.59
CA SER X 23 -14.86 78.04 -3.95
C SER X 23 -13.50 78.69 -4.21
N ILE X 24 -12.78 79.10 -3.18
CA ILE X 24 -11.36 79.49 -3.40
C ILE X 24 -10.40 78.25 -3.40
N THR X 25 -10.44 77.45 -2.32
CA THR X 25 -9.45 76.36 -2.09
C THR X 25 -9.52 75.21 -3.10
N ILE X 26 -10.72 74.79 -3.50
CA ILE X 26 -10.83 73.69 -4.45
C ILE X 26 -10.24 74.09 -5.81
N PRO X 27 -10.70 75.21 -6.41
CA PRO X 27 -10.05 75.56 -7.66
C PRO X 27 -8.58 75.83 -7.55
N ALA X 28 -8.13 76.38 -6.43
CA ALA X 28 -6.71 76.61 -6.24
C ALA X 28 -5.87 75.28 -6.24
N LEU X 29 -6.30 74.27 -5.51
CA LEU X 29 -5.56 72.98 -5.48
C LEU X 29 -5.61 72.36 -6.85
N PHE X 30 -6.76 72.51 -7.51
CA PHE X 30 -6.95 71.88 -8.82
C PHE X 30 -5.96 72.48 -9.81
N ILE X 31 -5.82 73.81 -9.74
CA ILE X 31 -4.97 74.52 -10.63
C ILE X 31 -3.53 74.27 -10.26
N ALA X 32 -3.20 74.19 -8.97
CA ALA X 32 -1.82 73.85 -8.60
C ALA X 32 -1.36 72.47 -9.15
N GLY X 33 -2.31 71.51 -9.16
CA GLY X 33 -2.02 70.16 -9.68
C GLY X 33 -1.84 70.26 -11.16
N TRP X 34 -2.74 70.96 -11.82
CA TRP X 34 -2.65 71.19 -13.26
C TRP X 34 -1.26 71.71 -13.66
N LEU X 35 -0.78 72.75 -12.97
CA LEU X 35 0.54 73.34 -13.23
C LEU X 35 1.74 72.49 -12.76
N PHE X 36 1.51 71.65 -11.77
CA PHE X 36 2.57 70.67 -11.41
C PHE X 36 2.94 69.84 -12.63
N VAL X 37 1.94 69.55 -13.44
CA VAL X 37 2.13 68.78 -14.66
C VAL X 37 2.46 69.67 -15.88
N SER X 38 1.68 70.73 -16.13
CA SER X 38 1.83 71.56 -17.36
C SER X 38 3.18 72.28 -17.39
N THR X 39 3.75 72.61 -16.24
CA THR X 39 5.10 73.16 -16.21
C THR X 39 6.18 72.09 -16.30
N GLY X 40 5.79 70.80 -16.31
CA GLY X 40 6.76 69.71 -16.40
C GLY X 40 7.47 69.41 -15.10
N LEU X 41 7.12 70.07 -14.00
CA LEU X 41 7.81 69.81 -12.73
C LEU X 41 7.59 68.33 -12.26
N ALA X 42 6.43 67.77 -12.60
CA ALA X 42 6.11 66.40 -12.20
C ALA X 42 7.18 65.42 -12.76
N TYR X 43 7.61 65.60 -14.01
CA TYR X 43 8.70 64.77 -14.53
C TYR X 43 9.95 64.84 -13.68
N ASP X 44 10.31 66.04 -13.25
CA ASP X 44 11.63 66.19 -12.63
C ASP X 44 11.58 65.69 -11.21
N VAL X 45 10.47 65.91 -10.52
CA VAL X 45 10.36 65.45 -9.11
C VAL X 45 10.47 63.90 -9.07
N PHE X 46 9.74 63.24 -9.96
CA PHE X 46 9.65 61.77 -9.89
C PHE X 46 10.63 61.03 -10.80
N GLY X 47 11.31 61.74 -11.72
CA GLY X 47 12.29 61.11 -12.56
C GLY X 47 11.61 60.29 -13.65
N THR X 48 10.38 60.65 -13.97
CA THR X 48 9.65 59.98 -15.06
C THR X 48 10.04 60.50 -16.45
N PRO X 49 10.23 59.58 -17.45
CA PRO X 49 10.61 60.06 -18.79
C PRO X 49 9.51 60.82 -19.46
N ARG X 50 9.90 61.93 -20.13
CA ARG X 50 9.02 62.60 -21.06
C ARG X 50 8.93 61.72 -22.27
N PRO X 51 8.01 62.00 -23.16
CA PRO X 51 7.92 61.18 -24.37
C PRO X 51 9.19 61.09 -25.23
N ASP X 52 10.10 62.07 -25.11
CA ASP X 52 11.34 62.01 -25.89
C ASP X 52 12.52 61.56 -25.02
N SER X 53 12.24 61.06 -23.83
CA SER X 53 13.32 60.63 -22.99
C SER X 53 13.30 59.12 -22.61
N TYR X 54 12.57 58.27 -23.33
CA TYR X 54 12.68 56.80 -23.05
C TYR X 54 13.98 56.19 -23.58
N TYR X 55 14.35 56.63 -24.80
CA TYR X 55 15.51 56.15 -25.55
C TYR X 55 16.33 57.34 -26.15
N ALA X 56 17.66 57.25 -26.15
CA ALA X 56 18.48 58.02 -27.14
C ALA X 56 18.01 57.64 -28.55
N GLN X 57 18.34 58.46 -29.55
CA GLN X 57 17.75 58.37 -30.91
C GLN X 57 17.70 57.01 -31.69
N GLU X 58 18.80 56.27 -31.62
CA GLU X 58 18.97 55.01 -32.37
C GLU X 58 18.69 53.79 -31.51
N GLN X 59 19.08 53.85 -30.24
CA GLN X 59 18.98 52.66 -29.40
C GLN X 59 17.55 52.13 -29.21
N ARG X 60 17.47 50.83 -29.00
CA ARG X 60 16.20 50.14 -28.84
C ARG X 60 16.22 49.26 -27.60
N SER X 61 17.31 49.29 -26.83
CA SER X 61 17.34 48.59 -25.54
C SER X 61 17.13 49.44 -24.26
N ILE X 62 16.34 48.86 -23.36
CA ILE X 62 15.86 49.53 -22.17
C ILE X 62 16.97 49.79 -21.15
N PRO X 63 16.91 50.94 -20.46
CA PRO X 63 17.96 51.21 -19.46
C PRO X 63 17.70 50.51 -18.12
N LEU X 64 17.79 49.18 -18.14
CA LEU X 64 17.41 48.38 -17.00
C LEU X 64 18.53 48.44 -15.97
N VAL X 65 18.17 48.72 -14.72
CA VAL X 65 19.15 48.71 -13.65
C VAL X 65 19.65 47.27 -13.36
N THR X 66 20.96 47.06 -13.36
CA THR X 66 21.51 45.70 -13.21
C THR X 66 22.43 45.62 -12.03
N ASP X 67 22.57 46.69 -11.29
CA ASP X 67 23.51 46.63 -10.18
C ASP X 67 22.99 47.33 -8.93
N ARG X 68 22.77 46.52 -7.91
CA ARG X 68 22.11 46.99 -6.72
C ARG X 68 22.78 48.26 -6.17
N PHE X 69 24.05 48.18 -5.92
CA PHE X 69 24.68 49.24 -5.15
C PHE X 69 25.16 50.47 -5.91
N GLU X 70 25.25 50.41 -7.23
CA GLU X 70 25.58 51.57 -8.04
C GLU X 70 24.43 51.81 -8.99
N ALA X 71 23.25 51.37 -8.53
CA ALA X 71 22.01 51.67 -9.23
C ALA X 71 21.86 53.19 -9.43
N LYS X 72 22.20 53.98 -8.41
CA LYS X 72 22.08 55.45 -8.48
C LYS X 72 22.90 55.96 -9.68
N GLN X 73 24.18 55.57 -9.71
CA GLN X 73 25.09 55.92 -10.82
C GLN X 73 24.63 55.40 -12.17
N GLN X 74 24.16 54.14 -12.23
CA GLN X 74 23.69 53.61 -13.51
C GLN X 74 22.59 54.40 -14.12
N VAL X 75 21.61 54.78 -13.30
CA VAL X 75 20.52 55.62 -13.81
C VAL X 75 21.07 56.98 -14.32
N GLU X 76 21.96 57.59 -13.53
CA GLU X 76 22.66 58.82 -13.97
C GLU X 76 23.34 58.64 -15.35
N THR X 77 24.05 57.54 -15.53
CA THR X 77 24.68 57.27 -16.80
C THR X 77 23.65 57.16 -17.90
N PHE X 78 22.58 56.40 -17.64
CA PHE X 78 21.50 56.27 -18.64
C PHE X 78 20.98 57.65 -19.03
N LEU X 79 20.80 58.51 -18.02
CA LEU X 79 20.28 59.86 -18.26
C LEU X 79 21.25 60.76 -19.07
N GLU X 80 22.56 60.63 -18.81
CA GLU X 80 23.56 61.31 -19.64
C GLU X 80 23.55 60.81 -21.08
N GLN X 81 23.39 59.50 -21.28
CA GLN X 81 23.38 58.92 -22.64
C GLN X 81 22.24 59.41 -23.51
N LEU X 82 21.35 60.24 -22.99
CA LEU X 82 20.31 60.82 -23.83
C LEU X 82 20.83 62.07 -24.56
N LYS X 83 22.02 61.96 -25.17
CA LYS X 83 22.77 63.06 -25.83
C LYS X 83 22.48 64.46 -25.29
N PRO Y 13 -7.14 78.82 16.89
CA PRO Y 13 -7.46 78.02 15.70
C PRO Y 13 -7.82 76.53 16.02
N ILE Y 14 -9.11 76.21 16.10
CA ILE Y 14 -9.59 74.89 16.62
C ILE Y 14 -9.93 73.84 15.55
N PHE Y 15 -9.15 72.75 15.49
CA PHE Y 15 -9.32 71.66 14.52
C PHE Y 15 -9.95 70.44 15.18
N THR Y 16 -10.63 69.59 14.41
CA THR Y 16 -11.03 68.28 14.95
C THR Y 16 -10.30 67.11 14.26
N VAL Y 17 -10.35 65.93 14.88
CA VAL Y 17 -9.79 64.72 14.27
C VAL Y 17 -10.46 64.51 12.91
N ARG Y 18 -11.78 64.65 12.86
CA ARG Y 18 -12.52 64.43 11.63
C ARG Y 18 -12.06 65.38 10.52
N TRP Y 19 -11.88 66.65 10.89
CA TRP Y 19 -11.45 67.67 9.98
C TRP Y 19 -10.07 67.35 9.43
N VAL Y 20 -9.17 66.93 10.30
CA VAL Y 20 -7.85 66.53 9.88
C VAL Y 20 -8.00 65.35 8.92
N ALA Y 21 -8.82 64.37 9.31
CA ALA Y 21 -9.03 63.14 8.52
C ALA Y 21 -9.56 63.42 7.11
N VAL Y 22 -10.57 64.29 7.02
CA VAL Y 22 -11.20 64.62 5.74
C VAL Y 22 -10.19 65.30 4.81
N HIS Y 23 -9.37 66.22 5.38
CA HIS Y 23 -8.45 67.00 4.56
C HIS Y 23 -7.18 66.30 4.14
N THR Y 24 -6.65 65.39 4.95
CA THR Y 24 -5.52 64.56 4.47
C THR Y 24 -5.89 63.79 3.18
N LEU Y 25 -7.16 63.51 2.98
CA LEU Y 25 -7.58 62.86 1.73
C LEU Y 25 -8.07 63.81 0.67
N ALA Y 26 -8.94 64.72 1.09
CA ALA Y 26 -9.58 65.63 0.12
C ALA Y 26 -8.58 66.58 -0.55
N VAL Y 27 -7.61 67.08 0.20
CA VAL Y 27 -6.66 68.05 -0.34
C VAL Y 27 -5.76 67.43 -1.44
N PRO Y 28 -5.07 66.31 -1.15
CA PRO Y 28 -4.30 65.69 -2.28
C PRO Y 28 -5.21 65.25 -3.45
N THR Y 29 -6.39 64.73 -3.13
CA THR Y 29 -7.31 64.24 -4.20
C THR Y 29 -7.54 65.34 -5.23
N ILE Y 30 -7.85 66.56 -4.79
CA ILE Y 30 -8.18 67.62 -5.77
C ILE Y 30 -6.94 67.98 -6.58
N PHE Y 31 -5.81 68.05 -5.88
CA PHE Y 31 -4.55 68.40 -6.51
C PHE Y 31 -4.26 67.35 -7.57
N PHE Y 32 -4.40 66.07 -7.21
CA PHE Y 32 -4.14 64.98 -8.16
C PHE Y 32 -5.08 65.04 -9.32
N LEU Y 33 -6.35 65.35 -9.09
CA LEU Y 33 -7.30 65.39 -10.22
C LEU Y 33 -7.01 66.51 -11.25
N GLY Y 34 -6.50 67.64 -10.74
CA GLY Y 34 -6.02 68.74 -11.62
C GLY Y 34 -4.82 68.27 -12.45
N ALA Y 35 -3.87 67.61 -11.78
CA ALA Y 35 -2.72 66.97 -12.42
C ALA Y 35 -3.18 66.03 -13.53
N ILE Y 36 -4.08 65.12 -13.20
CA ILE Y 36 -4.55 64.18 -14.19
C ILE Y 36 -5.34 64.87 -15.29
N ALA Y 37 -6.11 65.92 -14.94
CA ALA Y 37 -6.81 66.66 -16.00
C ALA Y 37 -5.78 67.22 -16.99
N ALA Y 38 -4.72 67.84 -16.49
CA ALA Y 38 -3.70 68.42 -17.36
C ALA Y 38 -3.10 67.35 -18.29
N MET Y 39 -2.86 66.15 -17.75
CA MET Y 39 -2.19 65.09 -18.53
C MET Y 39 -2.98 64.72 -19.77
N GLN Y 40 -4.30 64.95 -19.76
CA GLN Y 40 -5.11 64.59 -20.93
C GLN Y 40 -4.74 65.38 -22.23
N PHE Y 41 -3.93 66.42 -22.07
CA PHE Y 41 -3.56 67.31 -23.16
C PHE Y 41 -2.11 67.13 -23.60
N ILE Y 42 -1.39 66.23 -22.94
CA ILE Y 42 -0.01 65.91 -23.33
C ILE Y 42 -0.07 65.10 -24.63
N GLN Y 43 0.75 65.53 -25.60
CA GLN Y 43 1.00 64.79 -26.84
C GLN Y 43 2.44 64.36 -26.88
N ARG Y 44 2.66 63.16 -27.46
CA ARG Y 44 3.99 62.63 -27.62
C ARG Y 44 4.70 63.51 -28.69
N ALA Z 1 -4.49 17.80 49.68
CA ALA Z 1 -3.44 17.69 48.63
C ALA Z 1 -2.23 16.98 49.22
N ARG Z 2 -1.37 16.45 48.36
CA ARG Z 2 -0.32 15.59 48.82
C ARG Z 2 0.99 16.34 48.90
N ARG Z 3 1.60 16.29 50.08
CA ARG Z 3 2.93 16.82 50.29
C ARG Z 3 3.92 15.74 49.93
N THR Z 4 5.09 16.13 49.44
CA THR Z 4 6.16 15.19 49.22
C THR Z 4 7.38 15.96 49.57
N TRP Z 5 8.47 15.24 49.75
CA TRP Z 5 9.77 15.80 50.06
C TRP Z 5 10.20 16.87 49.07
N LEU Z 6 10.15 16.55 47.78
CA LEU Z 6 10.55 17.55 46.76
C LEU Z 6 9.55 18.72 46.77
N GLY Z 7 8.28 18.44 46.98
CA GLY Z 7 7.30 19.49 46.98
C GLY Z 7 7.54 20.49 48.15
N ASP Z 8 7.89 19.95 49.29
CA ASP Z 8 8.26 20.77 50.46
C ASP Z 8 9.46 21.62 50.10
N ILE Z 9 10.45 21.05 49.44
CA ILE Z 9 11.59 21.85 49.04
C ILE Z 9 11.18 22.96 48.08
N LEU Z 10 10.25 22.69 47.15
CA LEU Z 10 10.03 23.66 46.09
C LEU Z 10 8.99 24.71 46.48
N ARG Z 11 8.24 24.41 47.53
CA ARG Z 11 7.16 25.26 48.00
C ARG Z 11 7.33 26.80 47.85
N PRO Z 12 8.46 27.37 48.37
CA PRO Z 12 8.62 28.85 48.32
C PRO Z 12 8.58 29.40 46.91
N LEU Z 13 9.11 28.64 45.95
CA LEU Z 13 9.09 29.04 44.55
C LEU Z 13 7.67 29.13 43.96
N ASN Z 14 6.71 28.49 44.60
CA ASN Z 14 5.31 28.62 44.15
C ASN Z 14 4.43 29.23 45.24
N SER Z 15 4.89 30.29 45.87
CA SER Z 15 4.11 30.78 47.00
C SER Z 15 3.59 32.20 46.84
N GLU Z 16 4.07 32.94 45.84
CA GLU Z 16 3.71 34.34 45.72
C GLU Z 16 2.79 34.61 44.54
N TYR Z 17 1.92 33.66 44.28
CA TYR Z 17 0.96 33.84 43.18
C TYR Z 17 0.23 35.17 43.35
N GLY Z 18 0.22 36.04 42.34
CA GLY Z 18 -0.65 37.23 42.40
C GLY Z 18 0.00 38.49 42.94
N LYS Z 19 1.17 38.33 43.55
CA LYS Z 19 1.91 39.43 44.15
C LYS Z 19 2.48 40.32 43.08
N VAL Z 20 2.19 41.61 43.23
CA VAL Z 20 2.62 42.62 42.29
C VAL Z 20 3.39 43.72 42.99
N ALA Z 21 4.27 44.40 42.26
CA ALA Z 21 4.85 45.67 42.70
C ALA Z 21 3.84 46.77 42.41
N PRO Z 22 3.71 47.76 43.31
CA PRO Z 22 2.71 48.85 43.11
C PRO Z 22 2.83 49.62 41.76
N GLY Z 23 1.70 49.99 41.18
CA GLY Z 23 1.69 50.89 40.01
C GLY Z 23 2.44 50.42 38.75
N TRP Z 24 3.29 51.29 38.24
CA TRP Z 24 4.03 51.05 37.01
C TRP Z 24 5.30 50.35 37.26
N GLY Z 25 5.72 50.28 38.54
CA GLY Z 25 7.02 49.74 38.92
C GLY Z 25 8.17 49.92 37.93
N THR Z 26 8.80 48.81 37.50
CA THR Z 26 9.88 48.89 36.52
C THR Z 26 9.46 49.01 35.05
N THR Z 27 8.18 49.24 34.77
CA THR Z 27 7.80 49.41 33.35
C THR Z 27 8.70 50.35 32.52
N PRO Z 28 9.05 51.54 33.06
CA PRO Z 28 9.84 52.44 32.21
C PRO Z 28 11.20 51.84 31.77
N LEU Z 29 11.90 51.17 32.68
CA LEU Z 29 13.14 50.46 32.35
C LEU Z 29 12.90 49.34 31.29
N MET Z 30 11.76 48.66 31.43
CA MET Z 30 11.39 47.57 30.56
C MET Z 30 11.30 48.18 29.17
N ALA Z 31 10.59 49.32 29.06
CA ALA Z 31 10.48 50.06 27.79
C ALA Z 31 11.80 50.37 27.18
N VAL Z 32 12.78 50.81 27.98
CA VAL Z 32 14.10 51.10 27.43
C VAL Z 32 14.71 49.80 26.84
N PHE Z 33 14.62 48.69 27.59
CA PHE Z 33 15.24 47.46 27.07
C PHE Z 33 14.46 47.02 25.78
N MET Z 34 13.14 47.25 25.71
CA MET Z 34 12.39 46.90 24.46
C MET Z 34 12.88 47.71 23.30
N GLY Z 35 12.99 49.03 23.48
CA GLY Z 35 13.57 49.91 22.45
C GLY Z 35 14.94 49.51 22.00
N LEU Z 36 15.85 49.24 22.93
CA LEU Z 36 17.21 48.75 22.56
C LEU Z 36 17.12 47.43 21.76
N PHE Z 37 16.16 46.58 22.12
CA PHE Z 37 16.06 45.24 21.47
C PHE Z 37 15.51 45.44 20.06
N LEU Z 38 14.56 46.35 19.93
CA LEU Z 38 14.06 46.72 18.60
C LEU Z 38 15.18 47.24 17.70
N VAL Z 39 16.06 48.09 18.25
CA VAL Z 39 17.14 48.63 17.42
C VAL Z 39 18.13 47.49 17.06
N PHE Z 40 18.45 46.63 18.06
CA PHE Z 40 19.29 45.44 17.83
C PHE Z 40 18.73 44.59 16.68
N LEU Z 41 17.44 44.29 16.72
CA LEU Z 41 16.85 43.46 15.59
C LEU Z 41 16.97 44.20 14.31
N LEU Z 42 16.69 45.51 14.33
CA LEU Z 42 16.85 46.26 13.10
C LEU Z 42 18.27 46.18 12.52
N ILE Z 43 19.29 46.27 13.36
CA ILE Z 43 20.65 46.23 12.88
C ILE Z 43 21.01 44.82 12.29
N ILE Z 44 20.70 43.76 13.00
CA ILE Z 44 20.97 42.40 12.38
C ILE Z 44 20.16 42.15 11.12
N LEU Z 45 18.94 42.64 11.09
CA LEU Z 45 18.20 42.52 9.83
C LEU Z 45 18.87 43.31 8.67
N GLU Z 46 19.28 44.55 8.96
CA GLU Z 46 19.81 45.35 7.86
C GLU Z 46 21.17 44.86 7.46
N ILE Z 47 21.92 44.29 8.41
CA ILE Z 47 23.18 43.60 8.04
C ILE Z 47 22.89 42.41 7.08
N TYR Z 48 21.97 41.54 7.49
CA TYR Z 48 21.65 40.37 6.67
C TYR Z 48 21.09 40.81 5.34
N ASN Z 49 20.34 41.92 5.37
CA ASN Z 49 19.68 42.45 4.17
C ASN Z 49 20.63 43.20 3.26
N SER Z 50 21.86 43.45 3.71
CA SER Z 50 22.84 44.34 2.96
C SER Z 50 22.33 45.80 2.80
N THR Z 51 21.45 46.21 3.72
CA THR Z 51 21.03 47.60 3.84
C THR Z 51 22.06 48.36 4.68
N LEU Z 52 22.68 47.65 5.62
CA LEU Z 52 23.68 48.20 6.46
C LEU Z 52 24.94 47.38 6.19
N ILE Z 53 25.93 48.06 5.60
CA ILE Z 53 27.19 47.46 5.18
C ILE Z 53 28.37 48.00 6.03
N LEU Z 54 29.04 47.11 6.75
CA LEU Z 54 30.06 47.46 7.72
C LEU Z 54 31.40 46.91 7.26
N ASP Z 55 32.45 47.71 7.46
CA ASP Z 55 33.83 47.29 7.16
C ASP Z 55 34.21 46.01 7.89
N GLY Z 56 34.76 45.07 7.15
CA GLY Z 56 35.18 43.79 7.71
C GLY Z 56 34.00 42.82 7.98
N VAL Z 57 32.81 43.19 7.52
CA VAL Z 57 31.59 42.34 7.61
C VAL Z 57 31.11 42.05 6.19
N ASN Z 58 31.62 40.95 5.62
CA ASN Z 58 31.22 40.56 4.25
C ASN Z 58 30.12 39.49 4.41
N VAL Z 59 28.86 39.89 4.21
CA VAL Z 59 27.73 38.95 4.38
C VAL Z 59 27.63 38.07 3.15
N SER Z 60 28.38 36.98 3.20
CA SER Z 60 28.50 36.12 2.05
C SER Z 60 29.07 34.84 2.58
N TRP Z 61 28.86 33.76 1.81
CA TRP Z 61 29.55 32.51 2.05
C TRP Z 61 31.04 32.74 2.05
N LYS Z 62 31.51 33.63 1.16
CA LYS Z 62 32.93 33.99 1.12
C LYS Z 62 33.40 34.70 2.40
N ALA Z 63 33.76 33.90 3.41
CA ALA Z 63 34.28 34.35 4.73
C ALA Z 63 33.55 35.55 5.32
N FME AA 1 -32.01 1.93 -32.23
CN FME AA 1 -32.74 1.12 -31.46
O1 FME AA 1 -33.32 1.53 -30.46
CA FME AA 1 -32.04 3.38 -32.07
CB FME AA 1 -31.04 4.12 -32.97
CG FME AA 1 -29.64 3.62 -32.60
SD FME AA 1 -29.15 4.07 -30.92
CE FME AA 1 -27.38 3.82 -31.00
C FME AA 1 -33.42 3.93 -32.30
O FME AA 1 -33.80 4.89 -31.63
N GLU AA 2 -34.17 3.37 -33.26
CA GLU AA 2 -35.53 3.87 -33.50
C GLU AA 2 -36.46 3.61 -32.31
N THR AA 3 -36.35 2.45 -31.68
CA THR AA 3 -37.10 2.15 -30.45
C THR AA 3 -36.73 3.04 -29.24
N LEU AA 4 -35.43 3.32 -29.11
CA LEU AA 4 -34.96 4.25 -28.08
C LEU AA 4 -35.54 5.64 -28.32
N LYS AA 5 -35.46 6.12 -29.57
CA LYS AA 5 -35.98 7.40 -29.92
C LYS AA 5 -37.47 7.53 -29.52
N ILE AA 6 -38.28 6.52 -29.90
CA ILE AA 6 -39.71 6.57 -29.62
C ILE AA 6 -40.00 6.53 -28.12
N THR AA 7 -39.27 5.67 -27.43
CA THR AA 7 -39.39 5.53 -25.99
C THR AA 7 -39.08 6.86 -25.31
N VAL AA 8 -37.99 7.53 -25.70
CA VAL AA 8 -37.71 8.84 -25.15
C VAL AA 8 -38.79 9.85 -25.49
N TYR AA 9 -39.31 9.81 -26.73
CA TYR AA 9 -40.28 10.85 -27.08
C TYR AA 9 -41.55 10.69 -26.21
N ILE AA 10 -41.95 9.44 -25.94
CA ILE AA 10 -43.16 9.16 -25.18
C ILE AA 10 -42.92 9.58 -23.73
N VAL AA 11 -41.79 9.16 -23.20
CA VAL AA 11 -41.39 9.60 -21.87
C VAL AA 11 -41.42 11.11 -21.70
N VAL AA 12 -40.74 11.85 -22.59
CA VAL AA 12 -40.65 13.30 -22.48
C VAL AA 12 -42.07 13.93 -22.59
N THR AA 13 -42.84 13.45 -23.55
CA THR AA 13 -44.20 13.94 -23.72
C THR AA 13 -45.02 13.71 -22.47
N PHE AA 14 -44.91 12.52 -21.89
CA PHE AA 14 -45.63 12.21 -20.67
C PHE AA 14 -45.33 13.25 -19.57
N PHE AA 15 -44.05 13.50 -19.30
CA PHE AA 15 -43.70 14.45 -18.22
C PHE AA 15 -44.09 15.85 -18.56
N VAL AA 16 -43.94 16.24 -19.83
CA VAL AA 16 -44.30 17.58 -20.23
C VAL AA 16 -45.82 17.81 -20.04
N LEU AA 17 -46.64 16.81 -20.34
CA LEU AA 17 -48.08 16.95 -20.13
C LEU AA 17 -48.39 17.00 -18.62
N LEU AA 18 -47.66 16.22 -17.82
CA LEU AA 18 -47.80 16.37 -16.35
C LEU AA 18 -47.58 17.80 -15.95
N PHE AA 19 -46.50 18.40 -16.44
CA PHE AA 19 -46.16 19.80 -16.08
C PHE AA 19 -47.28 20.78 -16.48
N VAL AA 20 -47.77 20.61 -17.71
CA VAL AA 20 -48.70 21.60 -18.27
C VAL AA 20 -50.05 21.41 -17.60
N PHE AA 21 -50.57 20.18 -17.59
CA PHE AA 21 -51.86 19.95 -16.93
C PHE AA 21 -51.80 20.24 -15.45
N GLY AA 22 -50.67 19.93 -14.88
CA GLY AA 22 -50.42 20.23 -13.46
C GLY AA 22 -50.57 21.69 -13.15
N PHE AA 23 -49.88 22.55 -13.89
CA PHE AA 23 -50.02 23.96 -13.63
C PHE AA 23 -51.37 24.53 -14.06
N LEU AA 24 -52.09 23.84 -14.94
CA LEU AA 24 -53.47 24.23 -15.26
C LEU AA 24 -54.49 23.82 -14.17
N SER AA 25 -54.08 22.96 -13.23
CA SER AA 25 -54.99 22.43 -12.24
C SER AA 25 -55.15 23.31 -11.01
N GLY AA 26 -55.52 24.56 -11.22
CA GLY AA 26 -55.88 25.42 -10.12
C GLY AA 26 -54.67 25.82 -9.28
N ASP AA 27 -53.55 26.11 -9.94
CA ASP AA 27 -52.31 26.39 -9.20
C ASP AA 27 -52.38 27.64 -8.33
N PRO AA 28 -52.94 28.74 -8.85
CA PRO AA 28 -52.95 29.93 -7.96
C PRO AA 28 -53.65 29.68 -6.59
N ALA AA 29 -54.64 28.79 -6.56
CA ALA AA 29 -55.35 28.45 -5.31
C ALA AA 29 -54.51 27.59 -4.34
N ARG AA 30 -53.38 27.04 -4.81
CA ARG AA 30 -52.52 26.22 -3.94
C ARG AA 30 -51.50 27.09 -3.21
N ASN AA 31 -52.00 27.83 -2.23
CA ASN AA 31 -51.16 28.61 -1.36
C ASN AA 31 -51.89 28.61 -0.02
N PRO AA 32 -51.19 28.93 1.08
CA PRO AA 32 -51.83 28.84 2.37
C PRO AA 32 -52.74 30.07 2.73
N LYS AA 33 -52.81 31.12 1.90
CA LYS AA 33 -53.63 32.35 2.24
C LYS AA 33 -54.80 32.55 1.24
N ARG AA 34 -54.88 33.68 0.52
CA ARG AA 34 -55.99 33.91 -0.45
C ARG AA 34 -56.07 32.85 -1.57
N LYS AA 35 -56.91 31.86 -1.29
CA LYS AA 35 -56.92 30.52 -1.89
C LYS AA 35 -58.06 30.37 -2.92
N ASP AA 36 -58.09 31.26 -3.91
CA ASP AA 36 -58.96 31.18 -5.09
C ASP AA 36 -58.87 32.54 -5.75
N LEU AA 37 -58.07 32.62 -6.81
CA LEU AA 37 -57.72 33.92 -7.40
C LEU AA 37 -58.15 34.13 -8.87
N GLU AA 38 -59.24 33.46 -9.32
CA GLU AA 38 -59.70 33.50 -10.72
C GLU AA 38 -60.67 34.66 -11.12
N MET BA 2 -22.43 83.00 7.21
CA MET BA 2 -23.00 82.16 8.28
C MET BA 2 -22.52 80.72 8.08
N SER BA 3 -22.28 80.04 9.20
CA SER BA 3 -22.01 78.62 9.20
C SER BA 3 -23.32 77.84 9.10
N GLU BA 4 -24.42 78.61 9.18
CA GLU BA 4 -25.80 78.16 8.96
C GLU BA 4 -25.94 77.07 7.89
N GLY BA 5 -26.33 75.86 8.31
CA GLY BA 5 -26.63 74.74 7.40
C GLY BA 5 -27.97 74.91 6.71
N GLY BA 6 -28.16 74.28 5.57
CA GLY BA 6 -29.42 74.42 4.83
C GLY BA 6 -29.50 75.57 3.83
N ARG BA 7 -28.62 76.57 3.96
CA ARG BA 7 -28.62 77.75 3.05
C ARG BA 7 -28.58 77.39 1.52
N ILE BA 8 -27.83 76.35 1.14
CA ILE BA 8 -27.81 75.89 -0.27
C ILE BA 8 -28.43 74.48 -0.27
N PRO BA 9 -29.61 74.28 -0.93
CA PRO BA 9 -30.32 73.01 -0.85
C PRO BA 9 -29.42 71.82 -1.26
N LEU BA 10 -29.62 70.65 -0.64
CA LEU BA 10 -28.68 69.58 -0.77
C LEU BA 10 -28.82 68.99 -2.14
N TRP BA 11 -29.99 69.15 -2.74
CA TRP BA 11 -30.20 68.64 -4.06
C TRP BA 11 -29.44 69.39 -5.11
N ILE BA 12 -29.23 70.69 -4.89
CA ILE BA 12 -28.47 71.46 -5.85
C ILE BA 12 -27.00 71.10 -5.69
N VAL BA 13 -26.52 70.98 -4.45
CA VAL BA 13 -25.15 70.56 -4.20
C VAL BA 13 -24.87 69.21 -4.92
N ALA BA 14 -25.79 68.26 -4.75
CA ALA BA 14 -25.69 66.90 -5.31
C ALA BA 14 -25.67 66.92 -6.81
N THR BA 15 -26.56 67.70 -7.41
CA THR BA 15 -26.65 67.77 -8.87
C THR BA 15 -25.38 68.38 -9.47
N VAL BA 16 -24.83 69.39 -8.81
CA VAL BA 16 -23.72 70.13 -9.36
C VAL BA 16 -22.43 69.32 -9.17
N ALA BA 17 -22.18 68.82 -7.96
CA ALA BA 17 -21.08 67.92 -7.70
C ALA BA 17 -21.14 66.74 -8.69
N GLY BA 18 -22.32 66.15 -8.86
CA GLY BA 18 -22.51 65.03 -9.78
C GLY BA 18 -22.11 65.34 -11.22
N MET BA 19 -22.49 66.52 -11.70
CA MET BA 19 -22.13 66.94 -13.05
C MET BA 19 -20.63 67.21 -13.13
N GLY BA 20 -20.06 67.68 -12.03
CA GLY BA 20 -18.62 67.90 -11.91
C GLY BA 20 -17.89 66.57 -12.14
N VAL BA 21 -18.29 65.53 -11.40
CA VAL BA 21 -17.74 64.19 -11.59
C VAL BA 21 -17.88 63.70 -13.05
N ILE BA 22 -19.06 63.80 -13.61
CA ILE BA 22 -19.28 63.38 -14.99
C ILE BA 22 -18.34 64.09 -15.98
N VAL BA 23 -18.17 65.40 -15.78
CA VAL BA 23 -17.27 66.17 -16.61
C VAL BA 23 -15.83 65.70 -16.46
N ILE BA 24 -15.33 65.57 -15.24
CA ILE BA 24 -13.93 65.16 -15.04
C ILE BA 24 -13.68 63.75 -15.65
N VAL BA 25 -14.61 62.83 -15.41
CA VAL BA 25 -14.50 61.46 -15.89
C VAL BA 25 -14.59 61.44 -17.40
N GLY BA 26 -15.48 62.26 -17.95
CA GLY BA 26 -15.62 62.45 -19.39
C GLY BA 26 -14.30 62.95 -19.99
N LEU BA 27 -13.62 63.86 -19.30
CA LEU BA 27 -12.39 64.39 -19.85
C LEU BA 27 -11.39 63.21 -19.91
N PHE BA 28 -11.43 62.36 -18.88
CA PHE BA 28 -10.49 61.23 -18.79
C PHE BA 28 -10.76 60.25 -19.89
N PHE BA 29 -12.02 60.05 -20.24
CA PHE BA 29 -12.31 59.21 -21.35
C PHE BA 29 -11.85 59.79 -22.66
N TYR BA 30 -12.04 61.10 -22.82
CA TYR BA 30 -11.54 61.80 -24.00
C TYR BA 30 -10.04 61.51 -24.16
N GLY BA 31 -9.31 61.64 -23.09
CA GLY BA 31 -7.87 61.45 -23.05
C GLY BA 31 -7.41 60.05 -23.46
N ALA BA 32 -8.34 59.07 -23.41
CA ALA BA 32 -8.06 57.69 -23.83
C ALA BA 32 -7.91 57.64 -25.34
N TYR BA 33 -8.50 58.63 -26.02
CA TYR BA 33 -8.43 58.70 -27.47
C TYR BA 33 -7.54 59.80 -28.04
N ALA BA 34 -6.79 60.53 -27.22
CA ALA BA 34 -6.03 61.68 -27.70
C ALA BA 34 -4.79 61.81 -26.87
N GLY BA 35 -3.67 62.20 -27.50
CA GLY BA 35 -2.41 62.37 -26.77
C GLY BA 35 -1.85 61.03 -26.25
N LEU BA 36 -1.18 61.07 -25.10
CA LEU BA 36 -0.54 59.86 -24.56
C LEU BA 36 -1.62 58.77 -24.31
N GLY BA 37 -1.34 57.51 -24.71
CA GLY BA 37 -2.22 56.38 -24.32
C GLY BA 37 -3.22 56.12 -25.39
N SER BA 38 -3.18 56.89 -26.50
CA SER BA 38 -4.26 56.80 -27.47
C SER BA 38 -3.93 55.75 -28.51
N SER BA 39 -2.71 55.25 -28.44
CA SER BA 39 -2.12 54.31 -29.42
C SER BA 39 -1.68 54.99 -30.73
N LEU BA 40 -2.00 56.27 -30.88
CA LEU BA 40 -1.80 56.97 -32.13
C LEU BA 40 -0.53 57.83 -32.17
N LYS CA 1 -22.66 62.26 -44.27
CA LYS CA 1 -22.85 63.69 -43.81
C LYS CA 1 -24.32 63.99 -43.96
N LEU CA 2 -24.79 65.00 -43.24
CA LEU CA 2 -26.18 65.49 -43.43
C LEU CA 2 -26.25 66.27 -44.75
N PRO CA 3 -27.46 66.42 -45.35
CA PRO CA 3 -27.53 67.34 -46.51
C PRO CA 3 -26.86 68.68 -46.19
N GLU CA 4 -26.14 69.27 -47.14
CA GLU CA 4 -25.24 70.37 -46.77
C GLU CA 4 -25.90 71.61 -46.15
N ALA CA 5 -27.15 71.86 -46.51
CA ALA CA 5 -27.91 72.96 -45.88
C ALA CA 5 -27.89 72.80 -44.36
N TYR CA 6 -27.99 71.55 -43.87
CA TYR CA 6 -28.10 71.30 -42.43
C TYR CA 6 -26.78 71.23 -41.69
N ALA CA 7 -25.68 71.33 -42.43
CA ALA CA 7 -24.34 71.19 -41.85
C ALA CA 7 -24.07 72.03 -40.61
N ILE CA 8 -24.63 73.23 -40.56
CA ILE CA 8 -24.33 74.13 -39.43
C ILE CA 8 -24.72 73.42 -38.14
N PHE CA 9 -25.66 72.48 -38.26
CA PHE CA 9 -26.25 71.84 -37.10
C PHE CA 9 -25.52 70.56 -36.64
N ASP CA 10 -24.41 70.24 -37.30
CA ASP CA 10 -23.60 69.04 -36.96
C ASP CA 10 -23.28 68.88 -35.47
N PRO CA 11 -22.79 69.96 -34.81
CA PRO CA 11 -22.46 69.80 -33.41
C PRO CA 11 -23.67 69.48 -32.53
N LEU CA 12 -24.86 69.87 -32.97
CA LEU CA 12 -26.05 69.64 -32.17
C LEU CA 12 -26.48 68.20 -32.39
N VAL CA 13 -26.45 67.79 -33.66
CA VAL CA 13 -26.78 66.42 -34.04
C VAL CA 13 -25.94 65.36 -33.31
N ASP CA 14 -24.69 65.71 -33.02
CA ASP CA 14 -23.77 64.89 -32.25
C ASP CA 14 -24.13 64.70 -30.79
N VAL CA 15 -24.87 65.64 -30.20
CA VAL CA 15 -25.17 65.53 -28.78
C VAL CA 15 -26.54 64.93 -28.59
N LEU CA 16 -27.42 65.05 -29.59
CA LEU CA 16 -28.82 64.63 -29.41
C LEU CA 16 -28.99 63.21 -28.84
N PRO CA 17 -28.27 62.22 -29.40
CA PRO CA 17 -28.53 60.82 -28.98
C PRO CA 17 -28.41 60.59 -27.49
N VAL CA 18 -27.60 61.38 -26.78
CA VAL CA 18 -27.42 61.17 -25.36
C VAL CA 18 -28.59 61.68 -24.51
N ILE CA 19 -29.47 62.50 -25.07
CA ILE CA 19 -30.55 63.11 -24.29
C ILE CA 19 -31.44 62.12 -23.50
N PRO CA 20 -31.88 61.02 -24.13
CA PRO CA 20 -32.63 60.02 -23.35
C PRO CA 20 -31.96 59.59 -22.07
N VAL CA 21 -30.64 59.54 -22.05
CA VAL CA 21 -29.93 59.26 -20.80
C VAL CA 21 -30.10 60.37 -19.79
N LEU CA 22 -30.18 61.62 -20.25
CA LEU CA 22 -30.31 62.74 -19.31
C LEU CA 22 -31.67 62.71 -18.58
N PHE CA 23 -32.67 62.09 -19.21
CA PHE CA 23 -33.99 61.84 -18.60
C PHE CA 23 -33.92 60.94 -17.41
N LEU CA 24 -33.09 59.88 -17.48
CA LEU CA 24 -32.96 58.98 -16.33
C LEU CA 24 -32.31 59.73 -15.20
N ALA CA 25 -31.30 60.53 -15.56
CA ALA CA 25 -30.56 61.32 -14.60
C ALA CA 25 -31.47 62.40 -13.99
N LEU CA 26 -32.39 62.91 -14.81
CA LEU CA 26 -33.33 63.96 -14.37
C LEU CA 26 -34.25 63.41 -13.25
N ALA CA 27 -34.64 62.14 -13.36
CA ALA CA 27 -35.52 61.51 -12.36
C ALA CA 27 -34.88 61.66 -10.98
N PHE CA 28 -33.56 61.58 -10.92
CA PHE CA 28 -32.83 61.67 -9.65
C PHE CA 28 -32.68 63.09 -9.09
N VAL CA 29 -32.48 64.08 -9.97
CA VAL CA 29 -32.44 65.51 -9.60
C VAL CA 29 -33.79 65.86 -8.92
N TRP CA 30 -34.87 65.50 -9.62
CA TRP CA 30 -36.23 65.65 -9.20
C TRP CA 30 -36.50 65.03 -7.86
N GLN CA 31 -36.22 63.72 -7.74
CA GLN CA 31 -36.42 63.01 -6.49
C GLN CA 31 -35.58 63.64 -5.39
N ALA CA 32 -34.37 64.10 -5.71
CA ALA CA 32 -33.61 64.77 -4.63
C ALA CA 32 -34.34 66.08 -4.24
N ALA CA 33 -35.04 66.72 -5.19
CA ALA CA 33 -35.72 67.96 -4.86
C ALA CA 33 -36.99 67.75 -4.00
N VAL CA 34 -37.67 66.58 -4.09
CA VAL CA 34 -38.83 66.26 -3.21
C VAL CA 34 -38.36 65.38 -2.02
N GLY CA 35 -37.08 65.45 -1.73
CA GLY CA 35 -36.38 64.70 -0.67
C GLY CA 35 -36.52 63.18 -0.67
N PHE CA 36 -36.67 62.57 -1.85
CA PHE CA 36 -36.82 61.11 -1.97
C PHE CA 36 -37.94 60.59 -1.06
N ARG CA 37 -38.98 61.43 -0.92
CA ARG CA 37 -40.10 61.18 -0.01
C ARG CA 37 -40.92 59.93 -0.40
N MET DA 1 -6.37 7.90 45.11
CA MET DA 1 -7.47 8.14 46.10
C MET DA 1 -8.57 9.01 45.47
N GLU DA 2 -8.71 10.25 45.95
CA GLU DA 2 -9.82 11.14 45.55
C GLU DA 2 -9.87 11.38 44.02
N PRO DA 3 -11.10 11.38 43.43
CA PRO DA 3 -11.26 11.60 41.97
C PRO DA 3 -10.83 13.02 41.48
N ASN DA 4 -10.50 13.15 40.19
CA ASN DA 4 -10.08 14.46 39.63
C ASN DA 4 -11.31 15.31 39.29
N PRO DA 5 -11.43 16.51 39.90
CA PRO DA 5 -12.59 17.39 39.76
C PRO DA 5 -12.62 18.15 38.41
N ASN DA 6 -11.52 18.06 37.66
CA ASN DA 6 -11.34 18.82 36.41
C ASN DA 6 -11.93 18.08 35.18
N ARG DA 7 -12.44 16.87 35.38
CA ARG DA 7 -12.95 16.05 34.26
C ARG DA 7 -14.24 16.60 33.71
N GLN DA 8 -14.44 16.46 32.41
CA GLN DA 8 -15.69 16.88 31.79
C GLN DA 8 -16.08 15.84 30.77
N PRO DA 9 -17.38 15.62 30.58
CA PRO DA 9 -17.79 14.82 29.42
C PRO DA 9 -17.56 15.59 28.10
N VAL DA 10 -17.42 14.82 27.02
CA VAL DA 10 -17.18 15.40 25.68
CA VAL DA 10 -17.10 15.32 25.69
C VAL DA 10 -18.34 14.96 24.84
N GLU DA 11 -18.69 15.77 23.85
CA GLU DA 11 -19.85 15.46 23.00
C GLU DA 11 -19.54 15.75 21.53
N LEU DA 12 -20.22 15.03 20.65
CA LEU DA 12 -20.17 15.34 19.25
C LEU DA 12 -21.56 14.96 18.81
N ASN DA 13 -22.36 15.93 18.43
CA ASN DA 13 -23.75 15.65 17.99
C ASN DA 13 -23.79 15.09 16.57
N ARG DA 14 -24.96 14.61 16.12
CA ARG DA 14 -25.03 13.95 14.85
C ARG DA 14 -24.68 14.86 13.68
N THR DA 15 -25.14 16.10 13.76
CA THR DA 15 -24.85 17.03 12.69
C THR DA 15 -23.35 17.25 12.54
N SER DA 16 -22.61 17.37 13.66
CA SER DA 16 -21.20 17.51 13.61
C SER DA 16 -20.47 16.28 13.12
N LEU DA 17 -21.00 15.09 13.42
CA LEU DA 17 -20.43 13.90 12.84
C LEU DA 17 -20.59 14.02 11.29
N TYR DA 18 -21.77 14.40 10.82
CA TYR DA 18 -21.99 14.43 9.37
C TYR DA 18 -21.11 15.51 8.68
N LEU DA 19 -21.06 16.69 9.29
CA LEU DA 19 -20.13 17.74 8.85
C LEU DA 19 -18.67 17.31 8.80
N GLY DA 20 -18.24 16.67 9.88
CA GLY DA 20 -16.89 16.16 10.00
C GLY DA 20 -16.58 15.07 8.97
N LEU DA 21 -17.48 14.10 8.81
CA LEU DA 21 -17.29 13.06 7.79
C LEU DA 21 -17.23 13.68 6.38
N LEU DA 22 -18.09 14.66 6.10
CA LEU DA 22 -18.08 15.35 4.81
C LEU DA 22 -16.72 16.06 4.57
N LEU DA 23 -16.24 16.75 5.60
CA LEU DA 23 -14.94 17.36 5.49
C LEU DA 23 -13.84 16.36 5.15
N ILE DA 24 -13.75 15.29 5.95
CA ILE DA 24 -12.71 14.28 5.78
CA ILE DA 24 -12.69 14.29 5.78
C ILE DA 24 -12.82 13.62 4.39
N LEU DA 25 -14.03 13.25 4.01
CA LEU DA 25 -14.20 12.49 2.73
C LEU DA 25 -13.87 13.41 1.53
N VAL DA 26 -14.34 14.65 1.59
CA VAL DA 26 -14.08 15.62 0.50
C VAL DA 26 -12.58 15.95 0.47
N LEU DA 27 -11.97 16.20 1.62
CA LEU DA 27 -10.52 16.38 1.62
C LEU DA 27 -9.80 15.16 1.02
N ALA DA 28 -10.25 13.92 1.34
CA ALA DA 28 -9.62 12.70 0.77
C ALA DA 28 -9.80 12.65 -0.74
N LEU DA 29 -11.01 13.01 -1.16
CA LEU DA 29 -11.36 12.97 -2.58
C LEU DA 29 -10.46 13.98 -3.32
N LEU DA 30 -10.14 15.10 -2.66
CA LEU DA 30 -9.29 16.18 -3.23
C LEU DA 30 -7.80 15.78 -3.20
N PHE DA 31 -7.30 15.32 -2.04
CA PHE DA 31 -5.88 15.07 -1.89
C PHE DA 31 -5.47 13.69 -2.45
N SER DA 32 -6.40 12.73 -2.57
CA SER DA 32 -5.97 11.38 -2.98
C SER DA 32 -5.19 11.40 -4.34
N SER DA 33 -5.58 12.24 -5.30
CA SER DA 33 -4.90 12.25 -6.64
C SER DA 33 -3.39 12.63 -6.49
N TYR DA 34 -3.13 13.49 -5.52
CA TYR DA 34 -1.77 13.96 -5.24
C TYR DA 34 -0.99 12.93 -4.45
N PHE DA 35 -1.68 12.20 -3.59
CA PHE DA 35 -1.04 11.10 -2.92
C PHE DA 35 -0.58 9.99 -3.87
N PHE DA 36 -1.39 9.68 -4.87
CA PHE DA 36 -1.01 8.65 -5.83
C PHE DA 36 -0.01 9.21 -6.86
N ASN DA 37 -0.17 10.52 -7.16
CA ASN DA 37 0.75 11.25 -8.06
C ASN DA 37 0.90 10.53 -9.42
N FME EA 1 -0.79 2.52 -14.81
CN FME EA 1 -0.12 1.39 -14.63
O1 FME EA 1 0.82 1.08 -15.38
CA FME EA 1 -0.16 3.81 -14.62
CB FME EA 1 -1.25 4.83 -14.30
CG FME EA 1 -2.46 5.02 -15.25
SD FME EA 1 -1.88 5.89 -16.62
CE FME EA 1 -1.67 7.60 -16.16
C FME EA 1 0.82 3.68 -13.46
O FME EA 1 0.56 2.95 -12.49
N GLU EA 2 1.94 4.37 -13.51
CA GLU EA 2 2.96 4.28 -12.41
C GLU EA 2 2.76 5.23 -11.25
N VAL EA 3 1.81 4.88 -10.40
CA VAL EA 3 1.43 5.69 -9.27
C VAL EA 3 2.35 5.46 -8.08
N ASN EA 4 2.34 6.41 -7.17
CA ASN EA 4 3.06 6.27 -5.92
C ASN EA 4 2.36 5.16 -5.10
N GLN EA 5 3.19 4.19 -4.76
CA GLN EA 5 2.79 2.93 -4.15
C GLN EA 5 2.38 3.10 -2.66
N LEU EA 6 2.56 4.29 -2.13
CA LEU EA 6 2.09 4.58 -0.83
C LEU EA 6 0.78 5.40 -0.89
N GLY EA 7 0.31 5.78 -2.09
CA GLY EA 7 -0.87 6.62 -2.14
C GLY EA 7 -2.04 5.87 -1.53
N LEU EA 8 -2.05 4.54 -1.65
CA LEU EA 8 -3.25 3.76 -1.27
C LEU EA 8 -3.42 3.76 0.24
N ILE EA 9 -2.35 3.45 0.94
CA ILE EA 9 -2.45 3.46 2.38
CA ILE EA 9 -2.37 3.47 2.39
C ILE EA 9 -2.50 4.91 2.95
N ALA EA 10 -1.81 5.86 2.32
CA ALA EA 10 -2.01 7.25 2.74
C ALA EA 10 -3.48 7.67 2.62
N THR EA 11 -4.14 7.38 1.49
CA THR EA 11 -5.52 7.84 1.36
C THR EA 11 -6.41 7.09 2.41
N ALA EA 12 -6.13 5.81 2.59
CA ALA EA 12 -6.98 4.98 3.47
C ALA EA 12 -6.89 5.45 4.90
N LEU EA 13 -5.69 5.76 5.35
CA LEU EA 13 -5.51 6.20 6.74
C LEU EA 13 -5.97 7.64 6.94
N PHE EA 14 -5.72 8.46 5.93
CA PHE EA 14 -6.27 9.85 5.89
C PHE EA 14 -7.76 9.85 6.12
N VAL EA 15 -8.49 8.96 5.41
CA VAL EA 15 -9.93 8.77 5.67
C VAL EA 15 -10.25 8.14 7.04
N LEU EA 16 -9.56 7.04 7.35
CA LEU EA 16 -9.98 6.16 8.45
CA LEU EA 16 -10.08 6.23 8.44
C LEU EA 16 -9.75 6.81 9.80
N VAL EA 17 -8.54 7.33 9.95
CA VAL EA 17 -8.17 7.81 11.32
C VAL EA 17 -9.11 8.92 11.82
N PRO EA 18 -9.21 10.06 11.09
CA PRO EA 18 -10.14 11.08 11.63
C PRO EA 18 -11.62 10.64 11.57
N SER EA 19 -12.04 9.87 10.56
CA SER EA 19 -13.42 9.37 10.61
C SER EA 19 -13.74 8.52 11.86
N VAL EA 20 -12.84 7.63 12.18
CA VAL EA 20 -13.00 6.81 13.37
C VAL EA 20 -13.01 7.68 14.64
N PHE EA 21 -12.12 8.67 14.67
CA PHE EA 21 -12.13 9.62 15.82
C PHE EA 21 -13.54 10.24 16.03
N LEU EA 22 -14.17 10.70 14.95
CA LEU EA 22 -15.51 11.31 15.01
C LEU EA 22 -16.56 10.26 15.39
N ILE EA 23 -16.47 9.04 14.83
CA ILE EA 23 -17.47 8.01 15.15
C ILE EA 23 -17.36 7.60 16.60
N ILE EA 24 -16.15 7.45 17.10
CA ILE EA 24 -16.00 7.20 18.52
C ILE EA 24 -16.71 8.30 19.34
N LEU EA 25 -16.48 9.56 18.99
CA LEU EA 25 -17.06 10.68 19.78
C LEU EA 25 -18.57 10.72 19.71
N TYR EA 26 -19.08 10.45 18.50
CA TYR EA 26 -20.52 10.47 18.25
C TYR EA 26 -21.21 9.39 19.07
N VAL EA 27 -20.69 8.15 18.99
CA VAL EA 27 -21.38 6.99 19.58
C VAL EA 27 -21.39 7.11 21.09
N GLN EA 28 -20.27 7.58 21.67
CA GLN EA 28 -20.31 7.72 23.12
C GLN EA 28 -21.09 8.96 23.59
N THR EA 29 -21.40 9.89 22.70
CA THR EA 29 -22.33 10.96 23.05
C THR EA 29 -23.76 10.35 23.10
N GLU EA 30 -24.11 9.54 22.13
CA GLU EA 30 -25.45 8.95 22.12
C GLU EA 30 -25.69 8.07 23.34
N SER EA 31 -24.64 7.35 23.76
CA SER EA 31 -24.80 6.40 24.83
C SER EA 31 -24.88 7.05 26.22
N GLN EA 32 -24.60 8.36 26.32
CA GLN EA 32 -24.65 9.11 27.57
C GLN EA 32 -26.09 9.23 28.10
N GLN EA 33 -26.20 9.20 29.43
CA GLN EA 33 -27.52 9.27 30.12
C GLN EA 33 -28.28 10.51 29.63
N LYS EA 34 -29.45 10.31 29.05
CA LYS EA 34 -30.05 11.39 28.28
C LYS EA 34 -31.52 11.16 28.06
N THR FA 2 -33.17 13.62 -60.07
CA THR FA 2 -31.94 14.49 -60.11
C THR FA 2 -31.94 15.67 -59.07
N LEU FA 3 -31.04 15.58 -58.09
CA LEU FA 3 -31.17 16.22 -56.77
C LEU FA 3 -30.28 17.44 -56.56
N THR FA 4 -30.77 18.41 -55.79
CA THR FA 4 -29.98 19.56 -55.40
C THR FA 4 -29.26 19.35 -54.03
N TYR FA 5 -28.35 20.26 -53.67
CA TYR FA 5 -27.74 20.26 -52.32
C TYR FA 5 -28.81 20.21 -51.23
N ASP FA 6 -29.80 21.10 -51.31
CA ASP FA 6 -30.83 21.11 -50.26
C ASP FA 6 -31.66 19.84 -50.23
N ASP FA 7 -31.72 19.11 -51.32
CA ASP FA 7 -32.36 17.80 -51.26
C ASP FA 7 -31.48 16.81 -50.48
N ILE FA 8 -30.18 16.94 -50.62
CA ILE FA 8 -29.25 15.95 -50.07
C ILE FA 8 -28.79 16.28 -48.63
N VAL FA 9 -28.67 17.56 -48.32
CA VAL FA 9 -27.96 17.98 -47.08
C VAL FA 9 -28.51 17.22 -45.87
N GLY FA 10 -27.68 16.44 -45.19
CA GLY FA 10 -28.03 15.85 -43.91
C GLY FA 10 -28.63 14.49 -44.00
N THR FA 11 -28.82 13.98 -45.21
CA THR FA 11 -29.49 12.71 -45.36
C THR FA 11 -28.53 11.57 -45.33
N GLY FA 12 -27.23 11.85 -45.50
CA GLY FA 12 -26.28 10.74 -45.64
C GLY FA 12 -26.04 10.35 -47.11
N LEU FA 13 -26.84 10.90 -48.03
CA LEU FA 13 -26.64 10.62 -49.47
C LEU FA 13 -25.32 11.19 -50.04
N ALA FA 14 -24.83 12.29 -49.49
CA ALA FA 14 -23.59 12.87 -49.97
C ALA FA 14 -22.38 11.93 -49.86
N ASN FA 15 -22.45 10.95 -48.94
CA ASN FA 15 -21.36 9.94 -48.77
C ASN FA 15 -21.57 8.66 -49.58
N LYS FA 16 -22.61 8.63 -50.41
CA LYS FA 16 -22.91 7.45 -51.24
C LYS FA 16 -22.51 7.72 -52.72
N CYS FA 17 -22.01 6.70 -53.42
CA CYS FA 17 -21.63 6.89 -54.82
C CYS FA 17 -22.91 6.80 -55.70
N PRO FA 18 -22.91 7.48 -56.87
CA PRO FA 18 -24.01 7.19 -57.82
C PRO FA 18 -24.13 5.70 -58.13
N THR FA 19 -25.35 5.24 -58.36
CA THR FA 19 -25.53 3.87 -58.79
C THR FA 19 -26.14 3.82 -60.21
N LEU FA 20 -26.20 2.61 -60.77
CA LEU FA 20 -26.73 2.36 -62.10
C LEU FA 20 -27.83 1.32 -61.96
N ASP FA 21 -28.82 1.38 -62.87
CA ASP FA 21 -29.94 0.41 -63.00
C ASP FA 21 -29.57 -1.04 -63.24
N ASP FA 22 -30.50 -1.94 -62.96
CA ASP FA 22 -30.40 -3.34 -63.34
C ASP FA 22 -30.34 -3.54 -64.87
N THR FA 23 -30.95 -2.60 -65.59
CA THR FA 23 -30.90 -2.58 -67.04
C THR FA 23 -29.48 -2.36 -67.60
N ALA FA 24 -28.57 -1.87 -66.76
CA ALA FA 24 -27.25 -1.48 -67.23
C ALA FA 24 -26.24 -2.63 -67.22
N ARG FA 25 -26.55 -3.69 -67.96
CA ARG FA 25 -25.62 -4.80 -68.16
C ARG FA 25 -25.07 -4.77 -69.60
N GLY FA 26 -24.53 -3.63 -70.01
CA GLY FA 26 -24.13 -3.41 -71.41
C GLY FA 26 -22.64 -3.36 -71.64
N ALA FA 27 -22.23 -2.62 -72.68
CA ALA FA 27 -20.84 -2.66 -73.13
C ALA FA 27 -20.46 -1.36 -73.73
N TYR FA 28 -19.28 -0.85 -73.35
CA TYR FA 28 -18.86 0.48 -73.74
C TYR FA 28 -17.62 0.46 -74.65
N PRO FA 29 -17.82 0.75 -75.95
CA PRO FA 29 -16.78 0.62 -76.95
C PRO FA 29 -15.49 1.37 -76.68
N ILE FA 30 -14.38 0.66 -76.78
CA ILE FA 30 -13.09 1.33 -76.73
C ILE FA 30 -12.51 1.41 -78.13
N ASP FA 31 -12.19 2.63 -78.50
CA ASP FA 31 -11.62 2.93 -79.76
C ASP FA 31 -10.16 3.24 -79.47
N SER FA 32 -9.31 2.25 -79.71
CA SER FA 32 -7.88 2.35 -79.44
C SER FA 32 -7.25 3.57 -80.09
N SER FA 33 -8.11 4.30 -80.82
CA SER FA 33 -7.75 5.44 -81.63
C SER FA 33 -7.77 6.77 -80.86
N GLN FA 34 -8.78 6.97 -80.02
CA GLN FA 34 -8.84 8.20 -79.21
C GLN FA 34 -8.15 8.08 -77.84
N THR FA 35 -8.02 9.20 -77.14
CA THR FA 35 -7.62 9.20 -75.75
C THR FA 35 -8.88 9.22 -74.87
N TYR FA 36 -8.76 8.64 -73.68
CA TYR FA 36 -9.87 8.61 -72.72
C TYR FA 36 -9.50 9.17 -71.34
N ARG FA 37 -10.54 9.38 -70.53
CA ARG FA 37 -10.40 9.88 -69.16
C ARG FA 37 -11.45 9.26 -68.27
N ILE FA 38 -11.11 9.12 -66.99
CA ILE FA 38 -12.17 8.94 -66.00
C ILE FA 38 -12.48 10.34 -65.49
N ALA FA 39 -13.72 10.77 -65.71
CA ALA FA 39 -14.10 12.11 -65.27
C ALA FA 39 -14.51 12.10 -63.80
N ARG FA 40 -15.12 11.01 -63.35
CA ARG FA 40 -15.45 10.85 -61.95
C ARG FA 40 -15.35 9.42 -61.48
N LEU FA 41 -14.46 9.21 -60.52
CA LEU FA 41 -14.37 7.93 -59.82
C LEU FA 41 -14.80 8.16 -58.35
N CYS FA 42 -15.69 7.30 -57.87
CA CYS FA 42 -16.25 7.38 -56.52
C CYS FA 42 -16.10 6.00 -55.88
N LEU FA 43 -15.61 5.95 -54.65
CA LEU FA 43 -15.48 4.69 -53.92
C LEU FA 43 -16.10 4.84 -52.53
N GLN FA 44 -17.00 3.92 -52.24
CA GLN FA 44 -17.91 4.06 -51.11
C GLN FA 44 -17.77 2.76 -50.34
N PRO FA 45 -17.01 2.82 -49.25
CA PRO FA 45 -16.79 1.58 -48.47
C PRO FA 45 -18.04 1.19 -47.70
N THR FA 46 -18.27 -0.10 -47.57
CA THR FA 46 -19.39 -0.56 -46.82
C THR FA 46 -18.91 -1.43 -45.67
N THR FA 47 -17.67 -1.94 -45.78
CA THR FA 47 -17.13 -2.79 -44.73
C THR FA 47 -15.63 -2.53 -44.55
N PHE FA 48 -15.21 -2.45 -43.28
CA PHE FA 48 -13.78 -2.39 -42.93
C PHE FA 48 -13.47 -3.63 -42.09
N LEU FA 49 -12.48 -4.41 -42.53
CA LEU FA 49 -12.10 -5.61 -41.84
C LEU FA 49 -10.68 -5.37 -41.38
N VAL FA 50 -10.37 -5.84 -40.21
CA VAL FA 50 -9.00 -5.65 -39.68
C VAL FA 50 -8.39 -7.02 -39.38
N LYS FA 51 -7.15 -7.21 -39.76
CA LYS FA 51 -6.52 -8.51 -39.51
C LYS FA 51 -6.09 -8.59 -38.05
N GLU FA 52 -6.60 -9.60 -37.33
CA GLU FA 52 -6.26 -9.79 -35.91
C GLU FA 52 -4.79 -10.19 -35.84
N GLU FA 53 -4.12 -9.83 -34.75
CA GLU FA 53 -2.73 -10.24 -34.60
C GLU FA 53 -2.60 -11.34 -33.56
N PRO FA 54 -2.72 -12.62 -33.97
CA PRO FA 54 -2.82 -13.77 -33.04
C PRO FA 54 -1.47 -14.27 -32.53
N LYS FA 55 -1.41 -14.63 -31.25
CA LYS FA 55 -0.16 -14.93 -30.49
C LYS FA 55 0.87 -15.93 -31.07
N ASN FA 56 0.51 -16.72 -32.10
CA ASN FA 56 1.49 -17.65 -32.73
C ASN FA 56 1.38 -18.00 -34.24
N LYS FA 57 2.52 -17.89 -34.93
CA LYS FA 57 2.73 -18.38 -36.30
C LYS FA 57 1.53 -18.19 -37.24
N GLU FA 60 -2.60 -18.79 -38.69
CA GLU FA 60 -3.55 -18.24 -39.66
C GLU FA 60 -4.50 -17.15 -39.04
N ALA FA 61 -4.14 -15.88 -39.22
CA ALA FA 61 -4.91 -14.73 -38.73
C ALA FA 61 -6.04 -14.36 -39.69
N GLU FA 62 -7.24 -14.09 -39.19
CA GLU FA 62 -8.35 -13.73 -40.08
C GLU FA 62 -8.64 -12.24 -40.00
N PHE FA 63 -9.27 -11.72 -41.03
CA PHE FA 63 -9.77 -10.37 -41.03
C PHE FA 63 -11.10 -10.40 -40.33
N VAL FA 64 -11.33 -9.50 -39.39
CA VAL FA 64 -12.56 -9.52 -38.60
C VAL FA 64 -13.35 -8.23 -38.75
N PRO FA 65 -14.67 -8.25 -38.47
CA PRO FA 65 -15.51 -7.06 -38.63
C PRO FA 65 -15.19 -6.05 -37.59
N THR FA 66 -15.49 -4.81 -37.92
CA THR FA 66 -15.22 -3.67 -37.04
C THR FA 66 -16.41 -2.72 -37.12
N LYS FA 67 -16.50 -1.80 -36.15
CA LYS FA 67 -17.55 -0.78 -36.12
C LYS FA 67 -17.03 0.55 -36.49
N LEU FA 68 -17.64 1.18 -37.46
CA LEU FA 68 -17.19 2.51 -37.87
C LEU FA 68 -17.61 3.53 -36.79
N VAL FA 69 -16.70 4.37 -36.30
CA VAL FA 69 -17.09 5.35 -35.28
C VAL FA 69 -16.98 6.78 -35.76
N THR FA 70 -16.55 7.00 -37.03
CA THR FA 70 -16.34 8.40 -37.52
C THR FA 70 -17.43 8.87 -38.52
N ARG FA 71 -18.51 8.10 -38.60
CA ARG FA 71 -19.80 8.48 -39.25
C ARG FA 71 -19.61 8.50 -40.79
N GLU FA 72 -20.47 9.23 -41.50
CA GLU FA 72 -20.56 9.09 -42.94
CA GLU FA 72 -20.56 9.07 -42.94
C GLU FA 72 -19.57 9.98 -43.65
N THR FA 73 -18.27 9.70 -43.44
CA THR FA 73 -17.22 10.66 -43.79
C THR FA 73 -16.14 9.86 -44.55
N THR FA 74 -16.54 8.72 -45.07
CA THR FA 74 -15.58 7.68 -45.44
C THR FA 74 -15.28 7.56 -46.95
N SER FA 75 -16.11 8.20 -47.79
CA SER FA 75 -16.03 7.93 -49.25
C SER FA 75 -15.00 8.73 -49.99
N LEU FA 76 -14.46 8.11 -51.06
CA LEU FA 76 -13.51 8.79 -51.94
C LEU FA 76 -14.30 9.22 -53.17
N ASP FA 77 -14.06 10.42 -53.66
CA ASP FA 77 -14.86 10.92 -54.77
C ASP FA 77 -14.20 12.04 -55.51
N GLN FA 78 -14.84 12.34 -56.63
CA GLN FA 78 -14.45 13.47 -57.49
C GLN FA 78 -13.04 13.21 -58.00
N ILE FA 79 -12.72 11.91 -58.11
CA ILE FA 79 -11.39 11.49 -58.53
C ILE FA 79 -11.37 11.45 -60.11
N GLN FA 80 -10.33 11.96 -60.74
CA GLN FA 80 -10.25 11.91 -62.20
C GLN FA 80 -8.82 11.55 -62.60
N GLY FA 81 -8.68 11.14 -63.86
CA GLY FA 81 -7.36 10.97 -64.42
C GLY FA 81 -7.41 10.25 -65.76
N GLU FA 82 -6.24 10.07 -66.34
CA GLU FA 82 -6.10 9.46 -67.64
C GLU FA 82 -6.52 8.01 -67.67
N LEU FA 83 -7.27 7.66 -68.71
CA LEU FA 83 -7.55 6.27 -69.00
C LEU FA 83 -6.84 5.77 -70.30
N LYS FA 84 -5.60 5.30 -70.16
CA LYS FA 84 -4.77 4.82 -71.30
C LYS FA 84 -5.27 3.53 -71.98
N VAL FA 85 -5.11 3.44 -73.30
CA VAL FA 85 -5.32 2.17 -74.02
C VAL FA 85 -3.94 1.65 -74.38
N ASN FA 86 -3.59 0.46 -73.88
CA ASN FA 86 -2.24 -0.03 -74.02
C ASN FA 86 -2.02 -0.83 -75.30
N SER FA 87 -0.75 -1.01 -75.70
CA SER FA 87 -0.37 -1.90 -76.85
C SER FA 87 -1.29 -3.11 -76.89
N ASP FA 88 -1.48 -3.75 -75.73
CA ASP FA 88 -2.08 -5.07 -75.66
C ASP FA 88 -3.58 -5.07 -75.50
N GLY FA 89 -4.20 -3.90 -75.66
CA GLY FA 89 -5.68 -3.82 -75.61
C GLY FA 89 -6.22 -3.66 -74.18
N SER FA 90 -5.30 -3.60 -73.20
CA SER FA 90 -5.68 -3.37 -71.78
C SER FA 90 -5.81 -1.87 -71.50
N LEU FA 91 -6.58 -1.53 -70.47
CA LEU FA 91 -6.72 -0.14 -70.05
C LEU FA 91 -5.96 0.09 -68.76
N THR FA 92 -5.33 1.25 -68.65
CA THR FA 92 -4.65 1.65 -67.41
C THR FA 92 -5.20 2.99 -66.94
N PHE FA 93 -5.84 2.97 -65.77
CA PHE FA 93 -6.27 4.23 -65.16
C PHE FA 93 -5.11 4.79 -64.36
N VAL FA 94 -4.75 6.04 -64.63
CA VAL FA 94 -3.72 6.74 -63.87
C VAL FA 94 -4.36 7.90 -63.08
N GLU FA 95 -4.64 7.67 -61.79
CA GLU FA 95 -5.24 8.74 -60.96
C GLU FA 95 -4.40 10.03 -61.01
N GLU FA 96 -5.04 11.18 -61.28
CA GLU FA 96 -4.34 12.47 -61.29
C GLU FA 96 -4.67 13.37 -60.10
N ASP FA 97 -5.93 13.39 -59.67
CA ASP FA 97 -6.35 14.26 -58.54
C ASP FA 97 -7.73 13.89 -58.03
N GLY FA 98 -8.08 14.43 -56.86
CA GLY FA 98 -9.46 14.25 -56.40
C GLY FA 98 -9.50 14.10 -54.90
N ILE FA 99 -10.68 13.81 -54.35
CA ILE FA 99 -10.78 13.65 -52.88
C ILE FA 99 -10.44 12.17 -52.66
N ASP FA 100 -9.14 11.89 -52.56
CA ASP FA 100 -8.67 10.51 -52.73
C ASP FA 100 -8.17 9.83 -51.44
N PHE FA 101 -8.61 10.36 -50.31
CA PHE FA 101 -8.25 9.79 -49.01
C PHE FA 101 -9.34 10.26 -48.04
N GLN FA 102 -9.59 9.43 -47.04
CA GLN FA 102 -10.38 9.87 -45.88
C GLN FA 102 -9.71 9.26 -44.66
N PRO FA 103 -9.55 10.05 -43.61
CA PRO FA 103 -9.13 9.34 -42.38
C PRO FA 103 -10.37 8.61 -41.84
N VAL FA 104 -10.20 7.41 -41.31
CA VAL FA 104 -11.32 6.57 -40.85
C VAL FA 104 -10.93 5.89 -39.55
N THR FA 105 -11.81 5.88 -38.53
CA THR FA 105 -11.53 5.07 -37.37
C THR FA 105 -12.58 3.99 -37.20
N VAL FA 106 -12.10 2.75 -37.12
CA VAL FA 106 -13.00 1.67 -36.83
C VAL FA 106 -12.62 1.11 -35.48
N GLN FA 107 -13.57 0.45 -34.85
CA GLN FA 107 -13.39 -0.11 -33.52
C GLN FA 107 -13.53 -1.61 -33.49
N MET FA 108 -12.51 -2.28 -33.00
CA MET FA 108 -12.60 -3.75 -32.88
CA MET FA 108 -12.46 -3.75 -32.79
C MET FA 108 -13.39 -4.18 -31.64
N ALA FA 109 -13.85 -5.43 -31.66
CA ALA FA 109 -14.65 -5.96 -30.55
C ALA FA 109 -13.74 -5.78 -29.33
N GLY FA 110 -14.24 -5.31 -28.20
CA GLY FA 110 -13.34 -5.09 -27.06
C GLY FA 110 -12.80 -3.68 -26.92
N GLY FA 111 -13.01 -2.84 -27.93
CA GLY FA 111 -12.68 -1.40 -27.81
C GLY FA 111 -11.53 -0.82 -28.61
N GLU FA 112 -10.57 -1.65 -29.02
CA GLU FA 112 -9.40 -1.10 -29.69
C GLU FA 112 -9.79 -0.30 -30.94
N ARG FA 113 -9.35 0.93 -31.00
CA ARG FA 113 -9.65 1.78 -32.16
C ARG FA 113 -8.55 1.68 -33.20
N ILE FA 114 -8.93 1.56 -34.47
CA ILE FA 114 -7.94 1.42 -35.57
C ILE FA 114 -8.12 2.59 -36.52
N PRO FA 115 -7.30 3.65 -36.40
CA PRO FA 115 -7.36 4.70 -37.41
C PRO FA 115 -6.59 4.28 -38.68
N LEU FA 116 -7.10 4.66 -39.86
CA LEU FA 116 -6.40 4.37 -41.14
C LEU FA 116 -6.66 5.53 -42.08
N LEU FA 117 -5.74 5.72 -43.01
CA LEU FA 117 -5.93 6.70 -44.03
C LEU FA 117 -6.48 5.93 -45.27
N PHE FA 118 -7.78 5.73 -45.31
CA PHE FA 118 -8.40 4.99 -46.41
C PHE FA 118 -8.13 5.79 -47.71
N THR FA 119 -7.43 5.18 -48.67
CA THR FA 119 -6.96 5.98 -49.81
C THR FA 119 -6.76 5.24 -51.14
N VAL FA 120 -6.64 6.02 -52.24
CA VAL FA 120 -6.13 5.46 -53.49
C VAL FA 120 -5.20 6.42 -54.11
N LYS FA 121 -4.44 7.16 -53.30
CA LYS FA 121 -3.58 8.19 -53.82
C LYS FA 121 -2.62 7.54 -54.82
N ASN FA 122 -2.40 8.22 -55.95
CA ASN FA 122 -1.52 7.73 -57.04
C ASN FA 122 -1.89 6.37 -57.58
N LEU FA 123 -3.17 6.02 -57.54
CA LEU FA 123 -3.61 4.75 -58.07
C LEU FA 123 -3.21 4.61 -59.57
N VAL FA 124 -2.63 3.46 -59.90
CA VAL FA 124 -2.45 3.02 -61.29
C VAL FA 124 -3.13 1.66 -61.36
N ALA FA 125 -4.24 1.54 -62.07
CA ALA FA 125 -4.93 0.26 -62.09
C ALA FA 125 -5.22 -0.13 -63.54
N SER FA 126 -5.08 -1.42 -63.86
CA SER FA 126 -5.20 -1.91 -65.24
C SER FA 126 -6.17 -3.07 -65.41
N THR FA 127 -6.86 -3.12 -66.57
CA THR FA 127 -7.72 -4.27 -66.87
C THR FA 127 -6.91 -5.42 -67.46
N GLN FA 128 -7.61 -6.50 -67.79
CA GLN FA 128 -7.06 -7.58 -68.62
C GLN FA 128 -6.70 -7.07 -70.04
N PRO FA 129 -5.85 -7.81 -70.79
CA PRO FA 129 -5.58 -7.36 -72.20
C PRO FA 129 -6.86 -7.43 -73.08
N ASN FA 130 -6.85 -6.82 -74.27
CA ASN FA 130 -7.96 -7.00 -75.23
C ASN FA 130 -9.34 -6.57 -74.69
N VAL FA 131 -9.41 -5.35 -74.18
CA VAL FA 131 -10.65 -4.82 -73.67
C VAL FA 131 -11.18 -3.86 -74.72
N THR FA 132 -11.71 -4.44 -75.79
CA THR FA 132 -12.26 -3.68 -76.92
C THR FA 132 -13.55 -2.98 -76.51
N SER FA 133 -14.24 -3.58 -75.56
CA SER FA 133 -15.36 -2.96 -74.86
C SER FA 133 -15.31 -3.23 -73.35
N ILE FA 134 -15.52 -2.19 -72.55
CA ILE FA 134 -15.74 -2.37 -71.10
C ILE FA 134 -17.08 -2.99 -70.86
N THR FA 135 -17.08 -4.16 -70.22
CA THR FA 135 -18.33 -4.86 -69.92
C THR FA 135 -18.36 -5.32 -68.46
N THR FA 136 -19.39 -6.07 -68.09
CA THR FA 136 -19.49 -6.60 -66.74
C THR FA 136 -18.51 -7.74 -66.41
N SER FA 137 -17.48 -7.88 -67.25
CA SER FA 137 -16.42 -8.88 -67.06
C SER FA 137 -15.10 -8.16 -66.89
N THR FA 138 -15.11 -6.85 -67.12
CA THR FA 138 -13.92 -6.06 -67.02
C THR FA 138 -13.58 -5.88 -65.53
N ASP FA 139 -12.29 -5.79 -65.26
CA ASP FA 139 -11.76 -5.57 -63.90
CA ASP FA 139 -11.85 -5.44 -63.92
C ASP FA 139 -10.58 -4.64 -63.96
N PHE FA 140 -10.31 -3.92 -62.88
CA PHE FA 140 -9.07 -3.20 -62.76
C PHE FA 140 -8.35 -3.73 -61.51
N LYS FA 141 -7.04 -3.88 -61.59
CA LYS FA 141 -6.26 -4.24 -60.42
C LYS FA 141 -5.15 -3.26 -60.41
N GLY FA 142 -4.83 -2.73 -59.24
CA GLY FA 142 -3.77 -1.77 -59.20
C GLY FA 142 -3.22 -1.57 -57.82
N GLU FA 143 -2.26 -0.68 -57.74
CA GLU FA 143 -1.53 -0.39 -56.54
C GLU FA 143 -1.60 1.13 -56.31
N PHE FA 144 -1.47 1.55 -55.05
CA PHE FA 144 -1.57 2.95 -54.72
C PHE FA 144 -0.66 3.18 -53.53
N ASN FA 145 -0.43 4.45 -53.24
CA ASN FA 145 0.45 4.86 -52.13
C ASN FA 145 -0.39 5.16 -50.89
N VAL FA 146 0.19 4.88 -49.71
CA VAL FA 146 -0.49 5.12 -48.47
C VAL FA 146 0.54 5.88 -47.61
N PRO FA 147 0.47 7.22 -47.60
CA PRO FA 147 1.37 8.00 -46.75
C PRO FA 147 0.94 7.95 -45.28
N SER FA 148 1.82 8.35 -44.37
CA SER FA 148 1.49 8.46 -42.97
C SER FA 148 0.14 9.12 -42.72
N TYR FA 149 -0.64 8.53 -41.81
CA TYR FA 149 -1.98 9.00 -41.47
C TYR FA 149 -1.93 10.42 -40.94
N ARG FA 150 -0.93 10.74 -40.13
CA ARG FA 150 -0.73 12.14 -39.73
C ARG FA 150 0.39 12.65 -40.61
N THR FA 151 0.41 13.95 -40.90
CA THR FA 151 1.53 14.50 -41.68
C THR FA 151 2.55 15.12 -40.77
N ALA FA 152 3.62 15.67 -41.37
CA ALA FA 152 4.85 15.97 -40.62
C ALA FA 152 4.73 16.99 -39.50
N ASN FA 153 3.81 17.93 -39.61
CA ASN FA 153 3.60 18.92 -38.52
C ASN FA 153 2.89 18.38 -37.25
N PHE FA 154 2.21 17.24 -37.38
CA PHE FA 154 1.36 16.72 -36.28
C PHE FA 154 2.13 16.61 -34.95
N LEU FA 155 1.59 17.22 -33.88
CA LEU FA 155 2.29 17.18 -32.59
C LEU FA 155 1.55 16.20 -31.66
N ASP FA 156 2.30 15.35 -30.97
CA ASP FA 156 1.68 14.42 -30.00
C ASP FA 156 1.28 15.23 -28.70
N PRO FA 157 0.60 14.54 -27.74
CA PRO FA 157 -0.06 15.28 -26.66
C PRO FA 157 1.01 15.88 -25.74
N LYS FA 158 2.26 15.43 -25.94
CA LYS FA 158 3.38 16.07 -25.21
C LYS FA 158 4.16 17.08 -26.11
N GLY FA 159 3.59 17.47 -27.25
CA GLY FA 159 4.21 18.52 -28.05
C GLY FA 159 5.36 18.04 -28.95
N ARG FA 160 5.56 16.74 -29.09
CA ARG FA 160 6.67 16.21 -29.95
C ARG FA 160 6.20 15.96 -31.35
N GLY FA 161 7.04 16.26 -32.36
CA GLY FA 161 6.60 16.03 -33.73
C GLY FA 161 7.84 15.83 -34.63
N LEU FA 162 7.57 15.65 -35.92
CA LEU FA 162 8.66 15.41 -36.90
C LEU FA 162 9.19 16.77 -37.47
N ALA FA 163 8.36 17.46 -38.26
CA ALA FA 163 8.71 18.79 -38.77
C ALA FA 163 8.49 19.95 -37.75
N SER FA 164 7.89 19.67 -36.57
CA SER FA 164 7.78 20.71 -35.53
C SER FA 164 7.72 19.98 -34.22
N GLY FA 165 7.74 20.70 -33.09
CA GLY FA 165 7.70 20.08 -31.79
C GLY FA 165 9.04 19.87 -31.06
N TYR FA 166 8.92 19.47 -29.80
CA TYR FA 166 10.03 19.04 -28.99
C TYR FA 166 10.59 17.73 -29.56
N ASP FA 167 11.85 17.46 -29.27
CA ASP FA 167 12.48 16.20 -29.75
C ASP FA 167 12.78 15.34 -28.54
N SER FA 168 12.23 15.71 -27.36
CA SER FA 168 12.46 14.90 -26.17
C SER FA 168 11.19 14.91 -25.28
N ALA FA 169 11.24 14.12 -24.21
CA ALA FA 169 10.12 14.06 -23.22
C ALA FA 169 10.45 15.12 -22.21
N ILE FA 170 10.02 16.36 -22.43
CA ILE FA 170 10.45 17.48 -21.56
C ILE FA 170 9.93 17.39 -20.11
N ALA FA 171 8.87 16.59 -19.91
CA ALA FA 171 8.32 16.46 -18.54
C ALA FA 171 9.21 15.48 -17.70
N LEU FA 172 10.17 14.79 -18.32
CA LEU FA 172 11.05 13.84 -17.59
C LEU FA 172 12.47 14.25 -17.92
N PRO FA 173 12.89 15.44 -17.44
CA PRO FA 173 14.14 16.10 -17.81
C PRO FA 173 15.41 15.27 -17.68
N GLN FA 174 15.49 14.45 -16.62
CA GLN FA 174 16.64 13.58 -16.36
C GLN FA 174 16.35 12.10 -16.60
N ALA FA 175 15.28 11.77 -17.37
CA ALA FA 175 15.08 10.38 -17.70
C ALA FA 175 16.18 9.93 -18.70
N LYS FA 176 16.56 8.66 -18.64
CA LYS FA 176 17.41 8.12 -19.74
C LYS FA 176 16.67 8.04 -21.08
N GLU FA 177 17.27 8.56 -22.12
CA GLU FA 177 16.49 8.80 -23.36
C GLU FA 177 16.36 7.61 -24.31
N GLU FA 178 17.22 6.60 -24.14
CA GLU FA 178 17.16 5.38 -24.97
C GLU FA 178 15.81 4.63 -24.98
N GLU FA 179 15.18 4.42 -23.83
CA GLU FA 179 13.88 3.72 -23.82
C GLU FA 179 12.77 4.56 -24.37
N LEU FA 180 13.00 5.86 -24.49
CA LEU FA 180 11.95 6.72 -25.05
C LEU FA 180 12.20 7.13 -26.53
N ALA FA 181 13.28 6.61 -27.15
CA ALA FA 181 13.61 6.97 -28.57
C ALA FA 181 12.43 6.72 -29.50
N ARG FA 182 11.71 5.63 -29.32
CA ARG FA 182 10.68 5.33 -30.35
C ARG FA 182 9.49 6.34 -30.30
N ALA FA 183 9.25 6.89 -29.11
CA ALA FA 183 8.21 7.94 -28.90
C ALA FA 183 8.77 9.30 -29.27
N ASN FA 184 10.05 9.51 -29.02
CA ASN FA 184 10.61 10.85 -29.22
C ASN FA 184 10.92 11.16 -30.68
N VAL FA 185 11.29 10.13 -31.44
CA VAL FA 185 11.77 10.37 -32.82
C VAL FA 185 10.66 9.93 -33.75
N LYS FA 186 9.95 10.91 -34.33
CA LYS FA 186 8.80 10.60 -35.17
C LYS FA 186 9.32 10.16 -36.55
N ARG FA 187 8.63 9.19 -37.13
CA ARG FA 187 8.99 8.69 -38.43
C ARG FA 187 7.79 8.75 -39.34
N PHE FA 188 8.02 9.00 -40.61
CA PHE FA 188 6.90 9.16 -41.54
C PHE FA 188 6.82 7.95 -42.43
N SER FA 189 5.70 7.24 -42.36
CA SER FA 189 5.53 6.00 -43.08
C SER FA 189 5.02 6.25 -44.55
N LEU FA 190 5.40 5.33 -45.44
CA LEU FA 190 4.91 5.38 -46.86
C LEU FA 190 4.92 3.98 -47.40
N THR FA 191 3.75 3.43 -47.65
CA THR FA 191 3.68 2.02 -47.96
C THR FA 191 2.75 1.94 -49.16
N LYS FA 192 2.44 0.73 -49.55
CA LYS FA 192 1.61 0.53 -50.74
C LYS FA 192 0.35 -0.22 -50.39
N GLY FA 193 -0.74 0.04 -51.12
CA GLY FA 193 -1.92 -0.72 -51.01
C GLY FA 193 -2.25 -1.30 -52.38
N GLN FA 194 -3.19 -2.21 -52.38
CA GLN FA 194 -3.59 -2.91 -53.59
C GLN FA 194 -5.10 -2.83 -53.63
N ILE FA 195 -5.71 -2.68 -54.81
CA ILE FA 195 -7.17 -2.65 -54.91
C ILE FA 195 -7.56 -3.39 -56.19
N SER FA 196 -8.67 -4.11 -56.12
CA SER FA 196 -9.44 -4.61 -57.29
C SER FA 196 -10.74 -3.90 -57.43
N LEU FA 197 -11.07 -3.48 -58.66
CA LEU FA 197 -12.41 -2.98 -59.04
C LEU FA 197 -13.07 -3.94 -59.98
N ASN FA 198 -14.16 -4.53 -59.54
CA ASN FA 198 -14.93 -5.50 -60.31
C ASN FA 198 -16.16 -4.79 -60.92
N VAL FA 199 -16.16 -4.58 -62.24
CA VAL FA 199 -17.33 -3.99 -62.93
C VAL FA 199 -18.54 -4.94 -62.88
N ALA FA 200 -19.66 -4.42 -62.37
CA ALA FA 200 -20.89 -5.20 -62.24
C ALA FA 200 -21.96 -4.63 -63.20
N LYS FA 201 -21.80 -3.37 -63.57
CA LYS FA 201 -22.80 -2.62 -64.36
C LYS FA 201 -22.11 -1.63 -65.26
N VAL FA 202 -22.63 -1.52 -66.48
CA VAL FA 202 -22.12 -0.64 -67.52
C VAL FA 202 -23.30 -0.03 -68.30
N ASP FA 203 -23.26 1.27 -68.49
CA ASP FA 203 -24.13 1.96 -69.41
C ASP FA 203 -23.31 2.23 -70.65
N GLY FA 204 -23.55 1.45 -71.70
CA GLY FA 204 -22.80 1.57 -72.96
C GLY FA 204 -22.99 2.91 -73.62
N ARG FA 205 -24.19 3.48 -73.49
CA ARG FA 205 -24.47 4.78 -74.08
C ARG FA 205 -23.66 5.87 -73.40
N THR FA 206 -23.75 5.96 -72.07
CA THR FA 206 -23.12 7.04 -71.28
C THR FA 206 -21.62 6.87 -70.93
N GLY FA 207 -21.15 5.63 -70.81
CA GLY FA 207 -19.75 5.41 -70.39
C GLY FA 207 -19.59 5.46 -68.86
N GLU FA 208 -20.69 5.23 -68.16
CA GLU FA 208 -20.68 5.09 -66.72
C GLU FA 208 -20.64 3.62 -66.39
N ILE FA 209 -19.80 3.28 -65.40
CA ILE FA 209 -19.67 1.89 -64.92
C ILE FA 209 -19.83 1.89 -63.38
N ALA FA 210 -20.19 0.74 -62.81
CA ALA FA 210 -20.33 0.59 -61.37
C ALA FA 210 -20.02 -0.83 -61.02
N GLY FA 211 -19.65 -1.05 -59.76
CA GLY FA 211 -19.45 -2.39 -59.27
C GLY FA 211 -18.98 -2.33 -57.84
N THR FA 212 -18.13 -3.31 -57.51
CA THR FA 212 -17.68 -3.54 -56.14
C THR FA 212 -16.17 -3.42 -56.12
N PHE FA 213 -15.60 -3.03 -54.97
CA PHE FA 213 -14.15 -3.04 -54.87
C PHE FA 213 -13.69 -3.72 -53.59
N GLU FA 214 -12.46 -4.20 -53.61
CA GLU FA 214 -11.81 -4.62 -52.41
C GLU FA 214 -10.41 -4.08 -52.44
N SER FA 215 -10.01 -3.46 -51.33
CA SER FA 215 -8.71 -2.82 -51.24
CA SER FA 215 -8.68 -2.87 -51.25
C SER FA 215 -8.03 -3.34 -49.95
N GLU FA 216 -6.69 -3.27 -49.90
CA GLU FA 216 -5.91 -3.77 -48.77
C GLU FA 216 -4.77 -2.82 -48.53
N GLN FA 217 -4.59 -2.44 -47.28
CA GLN FA 217 -3.61 -1.41 -47.01
C GLN FA 217 -3.34 -1.48 -45.49
N LEU FA 218 -2.27 -0.83 -45.07
CA LEU FA 218 -1.95 -0.71 -43.67
C LEU FA 218 -2.71 0.46 -43.00
N SER FA 219 -2.89 0.34 -41.68
CA SER FA 219 -3.52 1.40 -40.90
C SER FA 219 -2.46 2.33 -40.37
N ASP FA 220 -2.91 3.26 -39.55
CA ASP FA 220 -2.06 4.21 -38.95
C ASP FA 220 -0.94 3.58 -38.06
N ASP FA 221 0.28 4.14 -38.07
CA ASP FA 221 1.35 3.59 -37.16
C ASP FA 221 1.76 4.61 -36.15
N ASP FA 222 0.99 5.70 -36.07
CA ASP FA 222 1.19 6.81 -35.16
C ASP FA 222 2.63 7.32 -35.24
N MET FA 223 3.01 7.69 -36.47
CA MET FA 223 4.35 8.22 -36.76
CA MET FA 223 4.35 8.25 -36.72
C MET FA 223 5.50 7.37 -36.20
N GLY FA 224 5.35 6.07 -36.36
CA GLY FA 224 6.40 5.13 -35.97
C GLY FA 224 6.34 4.60 -34.55
N ALA FA 225 5.31 5.00 -33.80
CA ALA FA 225 5.30 4.60 -32.37
C ALA FA 225 4.83 3.18 -32.22
N HIS FA 226 4.06 2.62 -33.17
CA HIS FA 226 3.61 1.21 -33.02
C HIS FA 226 3.39 0.60 -34.40
N GLU FA 227 3.11 -0.70 -34.45
CA GLU FA 227 3.01 -1.43 -35.69
C GLU FA 227 1.64 -1.12 -36.31
N PRO FA 228 1.59 -0.88 -37.62
CA PRO FA 228 0.26 -0.71 -38.18
C PRO FA 228 -0.49 -2.05 -38.19
N HIS FA 229 -1.79 -2.01 -38.45
CA HIS FA 229 -2.56 -3.24 -38.71
C HIS FA 229 -2.86 -3.32 -40.20
N GLU FA 230 -3.18 -4.53 -40.68
CA GLU FA 230 -3.63 -4.76 -42.04
C GLU FA 230 -5.14 -4.63 -42.12
N VAL FA 231 -5.62 -3.90 -43.14
CA VAL FA 231 -7.04 -3.56 -43.24
C VAL FA 231 -7.48 -4.01 -44.63
N LYS FA 232 -8.68 -4.56 -44.70
CA LYS FA 232 -9.31 -4.83 -45.98
C LYS FA 232 -10.59 -4.02 -46.05
N ILE FA 233 -10.70 -3.21 -47.11
CA ILE FA 233 -11.85 -2.33 -47.32
C ILE FA 233 -12.67 -2.87 -48.48
N GLN FA 234 -13.96 -3.12 -48.23
CA GLN FA 234 -14.92 -3.51 -49.27
C GLN FA 234 -16.01 -2.46 -49.43
N GLY FA 235 -16.48 -2.30 -50.68
CA GLY FA 235 -17.47 -1.26 -50.98
C GLY FA 235 -17.92 -1.31 -52.45
N VAL FA 236 -18.57 -0.25 -52.90
CA VAL FA 236 -19.07 -0.15 -54.24
C VAL FA 236 -18.36 1.07 -54.85
N PHE FA 237 -18.28 1.10 -56.17
CA PHE FA 237 -17.67 2.27 -56.86
C PHE FA 237 -18.50 2.68 -58.05
N TYR FA 238 -18.19 3.83 -58.59
CA TYR FA 238 -18.87 4.39 -59.74
C TYR FA 238 -17.77 5.09 -60.49
N ALA FA 239 -17.76 4.98 -61.82
CA ALA FA 239 -16.84 5.80 -62.61
C ALA FA 239 -17.53 6.24 -63.91
N SER FA 240 -17.21 7.44 -64.36
CA SER FA 240 -17.76 7.96 -65.60
C SER FA 240 -16.57 8.12 -66.53
N ILE FA 241 -16.64 7.40 -67.65
CA ILE FA 241 -15.54 7.41 -68.61
C ILE FA 241 -15.88 8.35 -69.77
N GLU FA 242 -14.91 9.15 -70.18
CA GLU FA 242 -15.14 10.11 -71.26
C GLU FA 242 -14.00 10.15 -72.25
N PRO FA 243 -14.33 10.29 -73.55
CA PRO FA 243 -13.35 10.65 -74.57
C PRO FA 243 -12.71 11.95 -74.12
N ALA FA 244 -11.38 12.01 -74.13
CA ALA FA 244 -10.68 13.21 -73.65
C ALA FA 244 -10.41 14.14 -74.81
N FME GA 1 -6.22 -0.02 -8.47
CN FME GA 1 -7.23 0.02 -9.36
O1 FME GA 1 -8.26 0.67 -9.10
CA FME GA 1 -6.47 0.36 -7.08
CB FME GA 1 -5.26 0.00 -6.17
CG FME GA 1 -4.22 1.11 -6.11
SD FME GA 1 -2.62 0.56 -5.50
CE FME GA 1 -2.76 -1.20 -5.54
C FME GA 1 -6.85 1.85 -6.98
O FME GA 1 -7.66 2.21 -6.09
N GLU GA 2 -6.30 2.72 -7.83
CA GLU GA 2 -6.56 4.15 -7.74
C GLU GA 2 -7.96 4.44 -8.05
N THR GA 3 -8.44 3.90 -9.18
CA THR GA 3 -9.83 4.11 -9.55
C THR GA 3 -10.80 3.61 -8.48
N ILE GA 4 -10.53 2.44 -7.96
CA ILE GA 4 -11.35 1.87 -6.87
C ILE GA 4 -11.43 2.88 -5.75
N THR GA 5 -10.25 3.40 -5.42
CA THR GA 5 -10.14 4.39 -4.32
C THR GA 5 -10.97 5.65 -4.57
N TYR GA 6 -10.87 6.26 -5.76
CA TYR GA 6 -11.69 7.43 -6.04
C TYR GA 6 -13.21 7.13 -6.00
N VAL GA 7 -13.63 6.04 -6.67
CA VAL GA 7 -15.02 5.67 -6.71
C VAL GA 7 -15.54 5.31 -5.29
N PHE GA 8 -14.76 4.56 -4.52
CA PHE GA 8 -15.08 4.33 -3.07
C PHE GA 8 -15.38 5.62 -2.29
N ILE GA 9 -14.47 6.59 -2.36
CA ILE GA 9 -14.67 7.85 -1.62
C ILE GA 9 -15.96 8.54 -2.09
N PHE GA 10 -16.12 8.64 -3.40
CA PHE GA 10 -17.31 9.21 -3.97
C PHE GA 10 -18.59 8.52 -3.46
N ALA GA 11 -18.57 7.19 -3.50
CA ALA GA 11 -19.74 6.35 -3.05
C ALA GA 11 -20.06 6.61 -1.56
N CYS GA 12 -19.02 6.74 -0.73
CA CYS GA 12 -19.19 7.07 0.69
C CYS GA 12 -19.81 8.48 0.82
N ILE GA 13 -19.37 9.42 -0.02
CA ILE GA 13 -19.95 10.74 0.06
C ILE GA 13 -21.45 10.68 -0.27
N ILE GA 14 -21.80 9.97 -1.34
CA ILE GA 14 -23.23 9.86 -1.65
C ILE GA 14 -24.07 9.19 -0.49
N ALA GA 15 -23.56 8.11 0.10
CA ALA GA 15 -24.17 7.45 1.28
C ALA GA 15 -24.34 8.49 2.43
N LEU GA 16 -23.31 9.31 2.62
CA LEU GA 16 -23.39 10.35 3.63
C LEU GA 16 -24.50 11.36 3.33
N PHE GA 17 -24.73 11.72 2.06
CA PHE GA 17 -25.81 12.65 1.72
C PHE GA 17 -27.14 12.02 2.14
N PHE GA 18 -27.29 10.74 1.82
CA PHE GA 18 -28.52 10.00 2.22
C PHE GA 18 -28.75 10.00 3.73
N PHE GA 19 -27.73 9.69 4.52
CA PHE GA 19 -27.94 9.75 5.96
C PHE GA 19 -28.21 11.15 6.52
N ALA GA 20 -27.50 12.14 5.97
CA ALA GA 20 -27.55 13.51 6.44
C ALA GA 20 -28.93 14.10 6.18
N ILE GA 21 -29.58 13.67 5.11
CA ILE GA 21 -30.91 14.14 4.78
C ILE GA 21 -31.97 13.29 5.51
N PHE GA 22 -32.01 11.99 5.23
CA PHE GA 22 -33.12 11.17 5.70
C PHE GA 22 -32.95 10.72 7.15
N PHE GA 23 -31.72 10.72 7.67
CA PHE GA 23 -31.50 10.37 9.08
C PHE GA 23 -30.83 11.49 9.84
N ARG GA 24 -31.26 12.71 9.55
CA ARG GA 24 -30.73 13.86 10.30
C ARG GA 24 -31.37 13.84 11.67
N GLU GA 25 -30.74 14.54 12.59
CA GLU GA 25 -31.35 14.84 13.83
C GLU GA 25 -32.52 15.85 13.47
N PRO GA 26 -33.79 15.53 13.82
CA PRO GA 26 -34.88 16.44 13.37
C PRO GA 26 -34.84 17.80 14.08
N PRO GA 27 -35.09 18.90 13.35
CA PRO GA 27 -35.14 20.18 14.09
C PRO GA 27 -36.46 20.25 14.94
N ARG GA 28 -36.34 20.68 16.19
CA ARG GA 28 -37.52 20.69 17.10
C ARG GA 28 -37.75 22.09 17.63
N ILE GA 29 -38.95 22.62 17.46
CA ILE GA 29 -39.33 23.90 18.08
C ILE GA 29 -39.50 23.70 19.59
N THR GA 30 -38.98 24.63 20.36
CA THR GA 30 -39.02 24.62 21.83
C THR GA 30 -37.81 25.41 22.30
N GLU HA 8 18.54 2.39 -36.01
CA GLU HA 8 18.89 3.85 -35.96
C GLU HA 8 17.62 4.63 -36.28
N LEU HA 9 16.96 5.19 -35.26
CA LEU HA 9 15.80 6.07 -35.50
C LEU HA 9 16.33 7.48 -35.73
N VAL HA 10 15.90 8.09 -36.81
CA VAL HA 10 16.44 9.39 -37.13
C VAL HA 10 15.24 10.26 -37.47
N ASN HA 11 15.29 11.52 -37.02
CA ASN HA 11 14.34 12.52 -37.53
C ASN HA 11 14.83 12.97 -38.92
N VAL HA 12 14.09 12.65 -39.99
CA VAL HA 12 14.64 12.88 -41.32
C VAL HA 12 14.67 14.37 -41.69
N VAL HA 13 13.91 15.21 -40.96
CA VAL HA 13 13.87 16.62 -41.28
C VAL HA 13 15.09 17.27 -40.67
N ASP HA 14 15.40 16.93 -39.42
CA ASP HA 14 16.62 17.45 -38.81
C ASP HA 14 17.83 16.94 -39.62
N GLU HA 15 17.84 15.66 -39.97
CA GLU HA 15 19.01 15.20 -40.76
C GLU HA 15 19.11 16.02 -42.08
N LYS HA 16 17.99 16.30 -42.74
CA LYS HA 16 18.01 17.10 -43.96
C LYS HA 16 18.56 18.49 -43.85
N LEU HA 17 18.38 19.10 -42.67
CA LEU HA 17 19.06 20.36 -42.36
C LEU HA 17 20.61 20.33 -42.38
N GLY HA 18 21.21 19.16 -42.24
CA GLY HA 18 22.67 19.07 -42.37
C GLY HA 18 23.12 18.88 -43.82
N THR HA 19 22.18 18.80 -44.77
CA THR HA 19 22.51 18.74 -46.19
C THR HA 19 22.35 20.14 -46.84
N ALA HA 20 22.49 20.22 -48.18
CA ALA HA 20 22.35 21.50 -48.86
C ALA HA 20 20.93 22.10 -48.62
N TYR HA 21 19.96 21.20 -48.40
CA TYR HA 21 18.58 21.61 -47.98
C TYR HA 21 18.60 22.68 -46.88
N GLY HA 22 19.55 22.58 -45.99
CA GLY HA 22 19.71 23.58 -44.95
C GLY HA 22 20.41 24.85 -45.35
N GLU HA 23 20.87 24.95 -46.59
CA GLU HA 23 21.69 26.08 -47.01
C GLU HA 23 21.12 26.77 -48.21
N LYS HA 24 20.21 26.13 -48.94
CA LYS HA 24 19.80 26.74 -50.21
C LYS HA 24 18.38 26.36 -50.41
N ILE HA 25 17.73 26.94 -51.41
CA ILE HA 25 16.42 26.45 -51.84
C ILE HA 25 16.52 25.11 -52.55
N ASP HA 26 15.94 24.07 -51.95
CA ASP HA 26 15.99 22.73 -52.50
C ASP HA 26 14.86 22.57 -53.43
N LEU HA 27 15.17 22.54 -54.72
CA LEU HA 27 14.08 22.43 -55.70
C LEU HA 27 13.17 21.20 -55.59
N ASN HA 28 13.63 20.18 -54.91
CA ASN HA 28 12.82 18.95 -54.87
C ASN HA 28 12.03 18.86 -53.53
N ASN HA 29 12.36 19.73 -52.56
CA ASN HA 29 11.77 19.68 -51.17
C ASN HA 29 11.26 20.96 -50.54
N THR HA 30 11.97 22.08 -50.73
CA THR HA 30 11.65 23.30 -49.99
C THR HA 30 10.24 23.83 -50.28
N ASN HA 31 9.58 24.29 -49.22
CA ASN HA 31 8.28 24.90 -49.36
C ASN HA 31 8.34 26.17 -50.25
N ILE HA 32 7.27 26.38 -51.01
CA ILE HA 32 7.17 27.43 -52.02
C ILE HA 32 7.44 28.85 -51.58
N ALA HA 33 7.22 29.17 -50.31
CA ALA HA 33 7.41 30.54 -49.84
C ALA HA 33 8.84 30.91 -49.92
N ALA HA 34 9.72 29.93 -49.87
CA ALA HA 34 11.15 30.22 -49.87
C ALA HA 34 11.61 31.03 -51.10
N PHE HA 35 10.91 30.87 -52.21
CA PHE HA 35 11.26 31.56 -53.46
C PHE HA 35 11.07 33.07 -53.42
N ILE HA 36 10.41 33.55 -52.34
CA ILE HA 36 10.27 34.99 -52.09
C ILE HA 36 11.58 35.64 -51.75
N GLN HA 37 12.58 34.85 -51.40
CA GLN HA 37 13.84 35.43 -50.91
C GLN HA 37 14.71 36.18 -51.99
N TYR HA 38 14.44 35.94 -53.25
CA TYR HA 38 15.20 36.50 -54.39
C TYR HA 38 14.30 37.07 -55.44
N ARG HA 39 14.74 38.18 -56.02
CA ARG HA 39 14.00 38.87 -57.07
C ARG HA 39 13.49 37.96 -58.19
N GLY HA 40 12.22 38.06 -58.51
CA GLY HA 40 11.64 37.45 -59.76
C GLY HA 40 11.21 36.01 -59.74
N LEU HA 41 11.35 35.34 -58.61
CA LEU HA 41 10.98 33.91 -58.55
C LEU HA 41 9.51 33.56 -58.16
N TYR HA 42 8.80 34.51 -57.56
CA TYR HA 42 7.51 34.16 -56.92
C TYR HA 42 6.44 35.12 -57.44
N PRO HA 43 5.26 34.62 -57.83
CA PRO HA 43 4.80 33.23 -57.71
C PRO HA 43 4.97 32.41 -58.98
N THR HA 44 5.31 33.06 -60.12
CA THR HA 44 5.13 32.40 -61.41
C THR HA 44 6.16 31.27 -61.55
N LEU HA 45 7.42 31.59 -61.34
CA LEU HA 45 8.44 30.55 -61.48
C LEU HA 45 8.29 29.57 -60.31
N ALA HA 46 7.98 30.10 -59.11
CA ALA HA 46 7.82 29.19 -57.97
C ALA HA 46 6.83 28.07 -58.27
N LYS HA 47 5.67 28.40 -58.81
CA LYS HA 47 4.67 27.40 -59.14
C LYS HA 47 5.18 26.34 -60.18
N LEU HA 48 5.82 26.82 -61.25
CA LEU HA 48 6.28 25.86 -62.27
C LEU HA 48 7.38 24.94 -61.71
N ILE HA 49 8.24 25.49 -60.86
CA ILE HA 49 9.34 24.70 -60.28
C ILE HA 49 8.79 23.59 -59.38
N VAL HA 50 7.82 23.95 -58.53
CA VAL HA 50 7.22 23.00 -57.62
C VAL HA 50 6.41 21.99 -58.39
N LYS HA 51 5.61 22.43 -59.36
CA LYS HA 51 4.81 21.49 -60.13
C LYS HA 51 5.67 20.51 -60.96
N ASN HA 52 6.87 20.95 -61.35
CA ASN HA 52 7.69 20.12 -62.22
C ASN HA 52 8.77 19.31 -61.53
N ALA HA 53 8.90 19.43 -60.19
CA ALA HA 53 9.89 18.67 -59.41
C ALA HA 53 9.60 17.18 -59.47
N PRO HA 54 10.61 16.31 -59.23
CA PRO HA 54 11.97 16.56 -58.75
C PRO HA 54 12.90 16.73 -59.97
N TYR HA 55 14.09 17.25 -59.70
CA TYR HA 55 15.14 17.47 -60.70
C TYR HA 55 16.36 16.65 -60.31
N GLU HA 56 17.08 16.10 -61.31
CA GLU HA 56 18.39 15.48 -60.99
C GLU HA 56 19.46 16.49 -60.70
N SER HA 57 19.37 17.69 -61.25
CA SER HA 57 20.40 18.65 -60.90
C SER HA 57 19.70 19.98 -60.96
N VAL HA 58 20.30 20.99 -60.38
CA VAL HA 58 19.68 22.30 -60.39
C VAL HA 58 19.43 22.77 -61.86
N GLU HA 59 20.42 22.55 -62.76
CA GLU HA 59 20.34 23.08 -64.14
C GLU HA 59 19.18 22.42 -64.91
N ASP HA 60 18.71 21.28 -64.44
CA ASP HA 60 17.49 20.73 -65.07
C ASP HA 60 16.28 21.61 -64.87
N VAL HA 61 16.33 22.51 -63.90
CA VAL HA 61 15.20 23.46 -63.76
C VAL HA 61 14.98 24.33 -65.02
N LEU HA 62 16.03 24.46 -65.84
CA LEU HA 62 15.96 25.26 -67.08
C LEU HA 62 15.13 24.60 -68.14
N ASN HA 63 14.86 23.30 -67.97
CA ASN HA 63 14.14 22.54 -69.00
C ASN HA 63 12.64 22.41 -68.77
N ILE HA 64 12.10 23.08 -67.75
CA ILE HA 64 10.61 22.98 -67.55
C ILE HA 64 9.86 23.34 -68.83
N PRO HA 65 8.94 22.51 -69.26
CA PRO HA 65 8.19 22.82 -70.50
C PRO HA 65 7.51 24.17 -70.40
N GLY HA 66 7.49 24.91 -71.51
CA GLY HA 66 6.76 26.18 -71.58
C GLY HA 66 7.38 27.44 -71.00
N LEU HA 67 8.57 27.33 -70.44
CA LEU HA 67 9.24 28.50 -69.85
C LEU HA 67 9.51 29.57 -70.91
N THR HA 68 9.44 30.85 -70.55
CA THR HA 68 9.74 31.91 -71.52
C THR HA 68 11.26 32.11 -71.57
N GLU HA 69 11.71 32.82 -72.61
CA GLU HA 69 13.12 33.16 -72.68
C GLU HA 69 13.63 33.98 -71.50
N ARG HA 70 12.85 34.96 -71.05
CA ARG HA 70 13.22 35.73 -69.87
C ARG HA 70 13.20 34.86 -68.58
N GLN HA 71 12.23 33.98 -68.46
CA GLN HA 71 12.19 33.07 -67.29
C GLN HA 71 13.48 32.25 -67.19
N LYS HA 72 13.96 31.74 -68.33
CA LYS HA 72 15.22 30.93 -68.29
C LYS HA 72 16.38 31.77 -67.81
N GLN HA 73 16.41 33.04 -68.25
CA GLN HA 73 17.45 33.97 -67.81
CA GLN HA 73 17.46 33.97 -67.82
C GLN HA 73 17.37 34.21 -66.31
N ILE HA 74 16.16 34.46 -65.82
CA ILE HA 74 16.00 34.68 -64.37
C ILE HA 74 16.42 33.40 -63.64
N LEU HA 75 16.00 32.24 -64.13
CA LEU HA 75 16.43 31.00 -63.49
C LEU HA 75 17.95 30.87 -63.44
N ARG HA 76 18.63 31.18 -64.57
CA ARG HA 76 20.12 31.16 -64.55
C ARG HA 76 20.75 32.04 -63.54
N GLU HA 77 20.22 33.25 -63.39
CA GLU HA 77 20.78 34.15 -62.38
C GLU HA 77 20.59 33.59 -60.96
N ASN HA 78 19.65 32.65 -60.77
CA ASN HA 78 19.38 32.13 -59.41
C ASN HA 78 19.81 30.69 -59.15
N LEU HA 79 20.46 30.09 -60.14
CA LEU HA 79 20.94 28.72 -59.97
C LEU HA 79 21.86 28.64 -58.79
N GLU HA 80 22.62 29.68 -58.57
CA GLU HA 80 23.55 29.60 -57.42
C GLU HA 80 22.82 29.53 -56.03
N HIS HA 81 21.55 29.90 -55.98
CA HIS HA 81 20.80 29.87 -54.70
C HIS HA 81 20.03 28.60 -54.52
N PHE HA 82 20.10 27.70 -55.51
CA PHE HA 82 19.29 26.52 -55.53
C PHE HA 82 20.14 25.31 -55.18
N THR HA 83 19.50 24.19 -54.77
CA THR HA 83 20.19 22.92 -54.65
C THR HA 83 19.21 21.87 -55.00
N VAL HA 84 19.67 20.62 -55.05
CA VAL HA 84 18.72 19.48 -55.16
C VAL HA 84 19.20 18.41 -54.21
N THR HA 85 18.26 17.84 -53.44
CA THR HA 85 18.55 16.60 -52.67
C THR HA 85 17.43 15.58 -52.94
N GLU HA 86 17.63 14.36 -52.48
CA GLU HA 86 16.58 13.35 -52.67
C GLU HA 86 15.26 13.84 -52.08
N VAL HA 87 14.18 13.45 -52.73
CA VAL HA 87 12.83 13.85 -52.29
C VAL HA 87 12.65 13.25 -50.89
N GLU HA 88 12.21 14.05 -49.94
CA GLU HA 88 11.88 13.54 -48.60
C GLU HA 88 10.38 13.54 -48.48
N THR HA 89 9.79 12.34 -48.47
CA THR HA 89 8.35 12.12 -48.26
C THR HA 89 7.74 13.04 -47.23
N ALA HA 90 8.43 13.26 -46.09
CA ALA HA 90 7.82 14.03 -45.00
C ALA HA 90 7.63 15.51 -45.38
N LEU HA 91 8.42 16.01 -46.33
CA LEU HA 91 8.41 17.42 -46.76
C LEU HA 91 7.49 17.68 -47.92
N VAL HA 92 7.11 16.63 -48.64
CA VAL HA 92 6.32 16.83 -49.85
C VAL HA 92 4.91 16.27 -49.81
N GLU HA 93 4.62 15.42 -48.81
CA GLU HA 93 3.26 14.92 -48.64
C GLU HA 93 2.44 16.04 -48.06
N GLY HA 94 1.14 15.84 -48.04
CA GLY HA 94 0.23 16.79 -47.34
C GLY HA 94 0.07 18.09 -48.14
N GLY HA 95 0.62 18.15 -49.38
CA GLY HA 95 0.65 19.42 -50.10
C GLY HA 95 1.50 20.42 -49.38
N ASP HA 96 2.47 19.98 -48.56
CA ASP HA 96 3.23 20.88 -47.68
C ASP HA 96 4.18 21.84 -48.39
N ARG HA 97 4.56 21.50 -49.63
CA ARG HA 97 5.38 22.45 -50.43
C ARG HA 97 4.58 23.68 -50.83
N TYR HA 98 3.24 23.55 -50.87
CA TYR HA 98 2.38 24.72 -51.16
C TYR HA 98 1.88 25.44 -49.89
N ASN HA 99 1.80 24.71 -48.76
CA ASN HA 99 1.42 25.36 -47.48
C ASN HA 99 1.96 24.45 -46.39
N ASN HA 100 2.97 24.89 -45.67
CA ASN HA 100 3.57 23.98 -44.70
C ASN HA 100 3.12 24.33 -43.26
N GLY HA 101 2.01 25.06 -43.15
CA GLY HA 101 1.39 25.27 -41.87
C GLY HA 101 2.08 26.43 -41.16
N LEU HA 102 3.07 27.06 -41.79
CA LEU HA 102 3.70 28.28 -41.25
C LEU HA 102 3.15 29.53 -41.95
N TYR HA 103 2.75 30.50 -41.14
CA TYR HA 103 2.47 31.84 -41.65
C TYR HA 103 3.44 32.71 -40.91
N LYS HA 104 3.06 33.91 -40.49
CA LYS HA 104 4.04 34.74 -39.72
C LYS HA 104 4.21 34.17 -38.29
N ALA IA 1 14.17 60.05 -27.70
CA ALA IA 1 14.17 59.83 -29.18
C ALA IA 1 13.02 60.65 -29.75
N GLU IA 2 13.10 61.01 -31.03
CA GLU IA 2 11.99 61.77 -31.65
C GLU IA 2 11.91 61.47 -33.11
N LEU IA 3 10.83 61.88 -33.75
CA LEU IA 3 10.64 61.57 -35.14
C LEU IA 3 11.32 62.68 -35.96
N THR IA 4 12.62 62.56 -36.20
CA THR IA 4 13.43 63.64 -36.78
C THR IA 4 13.25 63.75 -38.31
N PRO IA 5 13.71 64.88 -38.92
CA PRO IA 5 13.70 64.89 -40.41
C PRO IA 5 14.54 63.75 -41.02
N GLU IA 6 15.65 63.41 -40.40
CA GLU IA 6 16.41 62.26 -40.86
C GLU IA 6 15.56 60.98 -40.93
N VAL IA 7 14.79 60.69 -39.87
CA VAL IA 7 13.94 59.51 -39.86
C VAL IA 7 12.94 59.63 -41.00
N LEU IA 8 12.40 60.85 -41.19
CA LEU IA 8 11.38 61.08 -42.22
C LEU IA 8 11.93 61.19 -43.67
N THR IA 9 13.23 60.98 -43.87
CA THR IA 9 13.79 61.06 -45.23
C THR IA 9 13.87 59.69 -45.86
N VAL IA 10 13.15 59.47 -46.94
CA VAL IA 10 13.13 58.16 -47.52
C VAL IA 10 13.37 58.22 -49.03
N PRO IA 11 13.83 57.10 -49.62
CA PRO IA 11 14.04 57.03 -51.08
C PRO IA 11 12.81 57.41 -51.86
N LEU IA 12 12.96 58.41 -52.75
CA LEU IA 12 11.89 58.76 -53.69
C LEU IA 12 11.87 57.82 -54.91
N ASN IA 13 13.03 57.39 -55.37
CA ASN IA 13 13.04 56.48 -56.52
C ASN IA 13 14.18 55.51 -56.35
N SER IA 14 14.31 54.59 -57.30
CA SER IA 14 15.42 53.61 -57.29
C SER IA 14 16.80 54.21 -57.59
N GLU IA 15 16.89 55.50 -57.95
CA GLU IA 15 18.16 56.07 -58.35
C GLU IA 15 18.89 56.94 -57.36
N GLY IA 16 18.48 56.95 -56.11
CA GLY IA 16 19.23 57.71 -55.13
C GLY IA 16 18.54 58.98 -54.66
N LYS IA 17 17.44 59.35 -55.31
CA LYS IA 17 16.77 60.57 -54.88
C LYS IA 17 15.94 60.25 -53.61
N THR IA 18 15.99 61.11 -52.60
CA THR IA 18 15.09 61.02 -51.45
C THR IA 18 14.16 62.23 -51.31
N ILE IA 19 13.08 62.06 -50.56
CA ILE IA 19 12.31 63.19 -50.05
C ILE IA 19 12.23 63.13 -48.55
N THR IA 20 12.12 64.30 -47.94
CA THR IA 20 11.91 64.46 -46.53
C THR IA 20 10.44 64.72 -46.35
N LEU IA 21 9.75 63.75 -45.75
CA LEU IA 21 8.33 63.91 -45.46
C LEU IA 21 8.17 64.87 -44.30
N THR IA 22 7.07 65.61 -44.26
CA THR IA 22 6.77 66.42 -43.08
C THR IA 22 6.11 65.54 -42.02
N GLU IA 23 6.22 65.93 -40.76
CA GLU IA 23 5.48 65.32 -39.67
C GLU IA 23 4.02 65.13 -40.06
N LYS IA 24 3.40 66.20 -40.53
CA LYS IA 24 2.01 66.19 -40.95
C LYS IA 24 1.79 65.18 -42.05
N GLN IA 25 2.75 65.05 -42.97
CA GLN IA 25 2.57 64.10 -44.08
C GLN IA 25 2.61 62.65 -43.54
N TYR IA 26 3.53 62.41 -42.62
CA TYR IA 26 3.65 61.08 -42.02
C TYR IA 26 2.35 60.69 -41.30
N LEU IA 27 1.86 61.58 -40.44
CA LEU IA 27 0.61 61.31 -39.69
C LEU IA 27 -0.60 61.09 -40.59
N GLU IA 28 -0.69 61.87 -41.64
CA GLU IA 28 -1.75 61.62 -42.63
C GLU IA 28 -1.63 60.26 -43.30
N GLY IA 29 -0.38 59.86 -43.60
CA GLY IA 29 -0.18 58.54 -44.30
C GLY IA 29 -0.60 57.38 -43.38
N LYS IA 30 -0.30 57.58 -42.11
CA LYS IA 30 -0.62 56.60 -41.06
C LYS IA 30 -2.13 56.47 -41.00
N ARG IA 31 -2.79 57.62 -41.01
CA ARG IA 31 -4.23 57.61 -40.83
C ARG IA 31 -4.87 56.96 -42.05
N LEU IA 32 -4.34 57.31 -43.23
CA LEU IA 32 -4.87 56.74 -44.49
C LEU IA 32 -4.61 55.22 -44.68
N PHE IA 33 -3.42 54.81 -44.29
CA PHE IA 33 -3.04 53.39 -44.24
C PHE IA 33 -4.04 52.61 -43.35
N GLN IA 34 -4.24 53.12 -42.13
CA GLN IA 34 -5.30 52.55 -41.22
C GLN IA 34 -6.66 52.43 -41.90
N TYR IA 35 -7.09 53.53 -42.51
CA TYR IA 35 -8.37 53.64 -43.19
C TYR IA 35 -8.54 52.68 -44.35
N ALA IA 36 -7.51 52.63 -45.18
CA ALA IA 36 -7.64 51.90 -46.43
C ALA IA 36 -6.91 50.55 -46.41
N CYS IA 37 -5.94 50.35 -45.53
CA CYS IA 37 -5.07 49.16 -45.70
C CYS IA 37 -4.95 48.21 -44.50
N ALA IA 38 -5.04 48.75 -43.29
CA ALA IA 38 -4.71 47.98 -42.08
C ALA IA 38 -5.65 46.83 -41.84
N SER IA 39 -6.82 46.82 -42.47
CA SER IA 39 -7.67 45.68 -42.40
C SER IA 39 -6.92 44.40 -42.81
N CYS IA 40 -5.95 44.56 -43.73
CA CYS IA 40 -5.18 43.42 -44.21
C CYS IA 40 -3.72 43.50 -43.80
N HIS IA 41 -3.22 44.73 -43.61
CA HIS IA 41 -1.81 44.97 -43.41
C HIS IA 41 -1.42 45.53 -42.12
N VAL IA 42 -2.28 45.43 -41.11
CA VAL IA 42 -1.88 45.88 -39.77
C VAL IA 42 -0.45 45.49 -39.41
N GLY IA 43 0.31 46.43 -38.86
CA GLY IA 43 1.66 46.17 -38.38
C GLY IA 43 2.71 45.72 -39.43
N GLY IA 44 2.34 45.76 -40.71
CA GLY IA 44 3.30 45.43 -41.78
C GLY IA 44 3.17 44.03 -42.38
N ILE IA 45 2.21 43.20 -41.93
CA ILE IA 45 2.10 41.84 -42.43
C ILE IA 45 1.01 41.88 -43.45
N THR IA 46 0.66 40.74 -44.00
CA THR IA 46 -0.49 40.70 -44.91
C THR IA 46 -1.40 39.53 -44.51
N LYS IA 47 -2.61 39.81 -44.02
CA LYS IA 47 -3.40 38.75 -43.40
C LYS IA 47 -3.91 37.75 -44.42
N THR IA 48 -4.24 38.21 -45.64
CA THR IA 48 -4.72 37.27 -46.67
C THR IA 48 -3.64 36.52 -47.52
N ASN IA 49 -2.40 36.88 -47.28
CA ASN IA 49 -1.23 36.13 -47.76
C ASN IA 49 0.00 36.47 -46.89
N PRO IA 50 0.19 35.75 -45.79
CA PRO IA 50 1.23 36.16 -44.86
C PRO IA 50 2.67 35.98 -45.38
N SER IA 51 2.81 35.31 -46.52
CA SER IA 51 4.16 35.10 -47.12
C SER IA 51 4.74 36.41 -47.64
N LEU IA 52 3.91 37.42 -47.93
CA LEU IA 52 4.43 38.72 -48.39
C LEU IA 52 4.18 39.82 -47.41
N ASP IA 53 5.22 40.49 -46.94
CA ASP IA 53 5.03 41.53 -45.97
C ASP IA 53 5.39 42.91 -46.55
N LEU IA 54 5.44 43.94 -45.70
CA LEU IA 54 5.77 45.30 -46.14
C LEU IA 54 7.10 45.81 -45.60
N ARG IA 55 7.97 44.88 -45.17
CA ARG IA 55 9.31 45.22 -44.76
CA ARG IA 55 9.33 45.19 -44.77
C ARG IA 55 10.06 45.84 -45.95
N THR IA 56 10.97 46.75 -45.63
CA THR IA 56 11.67 47.50 -46.70
C THR IA 56 12.47 46.53 -47.61
N GLU IA 57 13.20 45.59 -46.98
CA GLU IA 57 14.00 44.53 -47.69
C GLU IA 57 13.14 43.69 -48.60
N THR IA 58 11.91 43.37 -48.17
CA THR IA 58 11.00 42.64 -49.04
C THR IA 58 10.59 43.50 -50.25
N LEU IA 59 10.21 44.75 -49.98
CA LEU IA 59 9.82 45.67 -51.04
C LEU IA 59 10.96 45.90 -52.06
N ALA IA 60 12.20 45.98 -51.57
CA ALA IA 60 13.41 46.15 -52.40
C ALA IA 60 13.53 45.03 -53.43
N LEU IA 61 13.08 43.82 -53.07
CA LEU IA 61 13.21 42.64 -53.93
C LEU IA 61 12.00 42.35 -54.74
N ALA IA 62 10.94 43.14 -54.56
CA ALA IA 62 9.77 43.01 -55.47
C ALA IA 62 10.15 43.48 -56.87
N THR IA 63 9.35 43.09 -57.86
CA THR IA 63 9.52 43.60 -59.21
C THR IA 63 8.24 44.26 -59.67
N PRO IA 64 8.32 45.53 -60.11
CA PRO IA 64 9.48 46.40 -60.11
C PRO IA 64 9.78 46.72 -58.67
N PRO IA 65 10.95 47.28 -58.38
CA PRO IA 65 11.20 47.54 -56.96
C PRO IA 65 10.12 48.41 -56.30
N ARG IA 66 9.79 48.11 -55.04
CA ARG IA 66 8.74 48.85 -54.32
C ARG IA 66 9.23 49.52 -53.10
N ASP IA 67 10.55 49.54 -52.94
CA ASP IA 67 11.15 50.21 -51.79
C ASP IA 67 11.45 51.73 -51.90
N ASN IA 68 10.57 52.45 -52.58
CA ASN IA 68 10.73 53.89 -52.62
C ASN IA 68 9.38 54.47 -52.91
N ILE IA 69 9.28 55.79 -52.74
CA ILE IA 69 7.98 56.46 -52.84
C ILE IA 69 7.32 56.12 -54.17
N GLU IA 70 8.08 56.26 -55.26
CA GLU IA 70 7.45 56.15 -56.56
C GLU IA 70 6.99 54.75 -56.87
N GLY IA 71 7.77 53.77 -56.42
CA GLY IA 71 7.37 52.38 -56.63
C GLY IA 71 6.09 52.06 -55.84
N LEU IA 72 5.99 52.52 -54.60
CA LEU IA 72 4.75 52.33 -53.78
C LEU IA 72 3.52 53.02 -54.36
N VAL IA 73 3.70 54.25 -54.84
CA VAL IA 73 2.61 54.93 -55.54
C VAL IA 73 2.15 54.20 -56.77
N ASP IA 74 3.12 53.74 -57.57
CA ASP IA 74 2.75 52.92 -58.72
C ASP IA 74 1.99 51.66 -58.27
N TYR IA 75 2.42 51.03 -57.19
CA TYR IA 75 1.74 49.81 -56.70
C TYR IA 75 0.26 50.14 -56.37
N MET IA 76 0.07 51.26 -55.69
CA MET IA 76 -1.29 51.73 -55.37
C MET IA 76 -2.18 52.08 -56.57
N LYS IA 77 -1.59 52.36 -57.75
CA LYS IA 77 -2.43 52.62 -58.94
C LYS IA 77 -2.62 51.35 -59.72
N ASN IA 78 -1.58 50.51 -59.77
CA ASN IA 78 -1.59 49.33 -60.64
C ASN IA 78 -0.80 48.18 -59.99
N PRO IA 79 -1.38 47.54 -58.96
CA PRO IA 79 -0.67 46.50 -58.26
C PRO IA 79 -0.37 45.25 -59.09
N THR IA 80 0.80 44.68 -58.82
CA THR IA 80 1.26 43.43 -59.44
C THR IA 80 1.62 42.37 -58.41
N THR IA 81 1.69 41.11 -58.86
CA THR IA 81 2.34 40.04 -58.11
C THR IA 81 3.77 40.42 -57.88
N TYR IA 82 4.43 39.66 -57.01
CA TYR IA 82 5.76 40.01 -56.46
C TYR IA 82 6.82 39.98 -57.59
N ASP IA 83 6.57 39.18 -58.64
CA ASP IA 83 7.52 39.02 -59.74
C ASP IA 83 7.23 40.07 -60.86
N GLY IA 84 6.22 40.92 -60.63
CA GLY IA 84 5.85 41.99 -61.56
C GLY IA 84 5.07 41.38 -62.71
N GLU IA 85 4.79 40.09 -62.67
CA GLU IA 85 4.18 39.40 -63.83
C GLU IA 85 2.69 39.51 -64.07
N GLN IA 86 1.89 39.60 -63.01
CA GLN IA 86 0.44 39.79 -63.22
C GLN IA 86 -0.03 41.02 -62.49
N GLU IA 87 -0.98 41.67 -63.12
CA GLU IA 87 -1.64 42.84 -62.58
C GLU IA 87 -2.81 42.36 -61.71
N ILE IA 88 -2.86 42.87 -60.47
CA ILE IA 88 -3.83 42.26 -59.49
C ILE IA 88 -4.91 43.23 -58.98
N ALA IA 89 -5.02 44.39 -59.63
CA ALA IA 89 -6.10 45.38 -59.36
C ALA IA 89 -7.43 44.79 -58.98
N GLU IA 90 -7.81 43.71 -59.67
CA GLU IA 90 -9.09 43.09 -59.52
C GLU IA 90 -9.30 42.39 -58.17
N VAL IA 91 -8.22 42.20 -57.43
CA VAL IA 91 -8.33 41.56 -56.12
C VAL IA 91 -7.49 42.34 -55.12
N HIS IA 92 -6.92 43.46 -55.52
CA HIS IA 92 -6.17 44.26 -54.57
C HIS IA 92 -6.57 45.70 -54.75
N PRO IA 93 -6.82 46.42 -53.63
CA PRO IA 93 -7.16 47.86 -53.67
C PRO IA 93 -6.16 48.72 -54.47
N SER IA 94 -6.69 49.48 -55.43
CA SER IA 94 -5.89 50.44 -56.19
C SER IA 94 -6.77 51.54 -56.85
N LEU IA 95 -6.13 52.60 -57.31
CA LEU IA 95 -6.86 53.62 -58.09
C LEU IA 95 -7.53 52.96 -59.25
N ARG IA 96 -6.87 52.00 -59.91
CA ARG IA 96 -7.43 51.37 -61.07
C ARG IA 96 -8.66 50.57 -60.73
N SER IA 97 -8.72 50.06 -59.50
CA SER IA 97 -9.85 49.27 -59.06
C SER IA 97 -10.64 50.02 -57.97
N ALA IA 98 -10.66 51.35 -58.01
CA ALA IA 98 -11.40 52.15 -56.98
C ALA IA 98 -12.91 52.05 -57.11
N ASP IA 99 -13.38 51.53 -58.24
CA ASP IA 99 -14.80 51.21 -58.43
C ASP IA 99 -15.25 50.06 -57.51
N ILE IA 100 -14.47 48.99 -57.41
CA ILE IA 100 -14.79 47.81 -56.59
C ILE IA 100 -14.14 47.86 -55.22
N PHE IA 101 -13.20 48.77 -55.00
CA PHE IA 101 -12.60 49.08 -53.69
C PHE IA 101 -12.81 50.57 -53.37
N PRO IA 102 -14.03 50.93 -52.88
CA PRO IA 102 -14.44 52.36 -52.82
C PRO IA 102 -13.62 53.20 -51.90
N LYS IA 103 -12.90 52.59 -50.96
CA LYS IA 103 -12.11 53.46 -50.09
C LYS IA 103 -10.94 54.02 -50.87
N MET IA 104 -10.76 53.56 -52.12
CA MET IA 104 -9.64 54.10 -52.92
C MET IA 104 -10.13 55.35 -53.74
N ARG IA 105 -11.44 55.48 -53.88
CA ARG IA 105 -12.04 56.54 -54.76
C ARG IA 105 -11.55 57.97 -54.65
N ASN IA 106 -11.20 58.43 -53.47
CA ASN IA 106 -10.87 59.87 -53.47
C ASN IA 106 -9.43 60.17 -53.26
N LEU IA 107 -8.61 59.12 -53.17
CA LEU IA 107 -7.19 59.30 -52.92
C LEU IA 107 -6.56 60.12 -54.04
N THR IA 108 -5.78 61.13 -53.66
CA THR IA 108 -5.05 61.99 -54.58
C THR IA 108 -3.58 61.53 -54.60
N GLU IA 109 -2.72 62.22 -55.36
CA GLU IA 109 -1.32 61.86 -55.49
C GLU IA 109 -0.66 62.07 -54.16
N LYS IA 110 -0.99 63.21 -53.58
CA LYS IA 110 -0.54 63.56 -52.26
C LYS IA 110 -0.91 62.44 -51.27
N ASP IA 111 -2.12 61.87 -51.39
CA ASP IA 111 -2.55 60.81 -50.43
C ASP IA 111 -1.65 59.58 -50.55
N LEU IA 112 -1.41 59.16 -51.79
CA LEU IA 112 -0.58 57.98 -52.06
C LEU IA 112 0.83 58.18 -51.60
N VAL IA 113 1.37 59.38 -51.80
CA VAL IA 113 2.73 59.68 -51.37
C VAL IA 113 2.84 59.55 -49.87
N ALA IA 114 1.85 60.12 -49.17
CA ALA IA 114 1.78 60.05 -47.73
C ALA IA 114 1.73 58.54 -47.23
N ILE IA 115 0.82 57.74 -47.78
CA ILE IA 115 0.74 56.31 -47.45
C ILE IA 115 2.11 55.63 -47.69
N ALA IA 116 2.69 55.82 -48.90
CA ALA IA 116 4.00 55.27 -49.26
C ALA IA 116 5.01 55.68 -48.23
N GLY IA 117 4.94 56.94 -47.81
CA GLY IA 117 5.91 57.46 -46.84
C GLY IA 117 5.76 56.76 -45.49
N HIS IA 118 4.52 56.50 -45.08
CA HIS IA 118 4.27 55.78 -43.80
C HIS IA 118 4.96 54.39 -43.80
N ILE IA 119 4.77 53.70 -44.90
CA ILE IA 119 5.27 52.36 -45.13
C ILE IA 119 6.77 52.29 -45.10
N LEU IA 120 7.45 53.31 -45.66
CA LEU IA 120 8.91 53.32 -45.56
C LEU IA 120 9.40 53.82 -44.23
N VAL IA 121 8.63 54.67 -43.55
CA VAL IA 121 9.18 55.21 -42.26
C VAL IA 121 8.94 54.19 -41.07
N GLU IA 122 7.80 53.52 -41.11
CA GLU IA 122 7.38 52.66 -39.96
C GLU IA 122 8.49 51.68 -39.48
N PRO IA 123 9.12 50.94 -40.43
CA PRO IA 123 10.23 50.10 -40.01
C PRO IA 123 11.40 50.83 -39.41
N LYS IA 124 11.62 52.09 -39.79
CA LYS IA 124 12.75 52.81 -39.26
C LYS IA 124 12.50 53.17 -37.80
N ILE IA 125 11.21 53.23 -37.46
CA ILE IA 125 10.79 53.41 -36.08
C ILE IA 125 10.71 52.04 -35.37
N LEU IA 126 9.95 51.12 -35.94
CA LEU IA 126 9.56 49.90 -35.21
C LEU IA 126 10.52 48.72 -35.40
N GLY IA 127 11.45 48.81 -36.35
CA GLY IA 127 12.41 47.73 -36.53
C GLY IA 127 11.67 46.46 -36.92
N ASP IA 128 12.07 45.33 -36.32
CA ASP IA 128 11.53 43.99 -36.62
C ASP IA 128 10.00 43.86 -36.45
N LYS IA 129 9.42 44.72 -35.61
CA LYS IA 129 7.99 44.68 -35.33
C LYS IA 129 7.24 44.89 -36.59
N TRP IA 130 7.75 45.77 -37.46
CA TRP IA 130 7.08 46.07 -38.74
C TRP IA 130 7.27 44.88 -39.64
N GLY IA 131 6.17 44.28 -40.08
CA GLY IA 131 6.22 43.01 -40.81
C GLY IA 131 6.57 41.77 -39.97
N GLY IA 132 6.84 41.94 -38.68
CA GLY IA 132 7.22 40.77 -37.81
C GLY IA 132 6.10 39.80 -37.35
N GLY IA 133 4.86 40.30 -37.30
CA GLY IA 133 3.66 39.51 -36.84
C GLY IA 133 3.70 39.30 -35.32
N LYS IA 134 2.87 38.40 -34.78
CA LYS IA 134 2.71 38.29 -33.29
C LYS IA 134 3.99 37.98 -32.53
N VAL IA 135 4.95 37.30 -33.16
CA VAL IA 135 6.23 37.03 -32.49
C VAL IA 135 6.77 38.29 -31.86
N TYR IA 136 6.61 39.43 -32.55
CA TYR IA 136 7.29 40.65 -32.07
C TYR IA 136 6.36 41.64 -31.31
N TYR IA 137 5.12 41.23 -31.07
CA TYR IA 137 4.13 42.15 -30.42
C TYR IA 137 4.61 42.55 -29.04
N ILE JA 3 -16.01 73.35 -29.05
CA ILE JA 3 -16.63 74.47 -28.30
C ILE JA 3 -18.13 74.48 -28.59
N ALA JA 4 -18.46 74.36 -29.88
CA ALA JA 4 -19.83 74.31 -30.34
C ALA JA 4 -20.53 73.10 -29.71
N GLN JA 5 -19.84 71.96 -29.74
CA GLN JA 5 -20.35 70.72 -29.13
C GLN JA 5 -20.51 70.79 -27.59
N LEU JA 6 -19.49 71.32 -26.91
CA LEU JA 6 -19.53 71.51 -25.47
C LEU JA 6 -20.60 72.52 -25.05
N THR JA 7 -20.88 73.54 -25.88
CA THR JA 7 -21.95 74.52 -25.60
C THR JA 7 -23.37 73.98 -25.75
N MET JA 8 -23.63 73.25 -26.84
CA MET JA 8 -24.92 72.58 -26.98
C MET JA 8 -25.12 71.71 -25.76
N ILE JA 9 -24.13 70.85 -25.49
CA ILE JA 9 -24.12 69.95 -24.32
C ILE JA 9 -24.46 70.64 -22.98
N ALA JA 10 -23.76 71.73 -22.66
CA ALA JA 10 -24.00 72.51 -21.43
C ALA JA 10 -25.41 73.15 -21.39
N MET JA 11 -25.89 73.61 -22.55
CA MET JA 11 -27.23 74.19 -22.66
C MET JA 11 -28.30 73.13 -22.46
N ILE JA 12 -28.13 72.00 -23.13
CA ILE JA 12 -29.15 70.94 -23.14
C ILE JA 12 -29.15 70.32 -21.76
N GLY JA 13 -27.97 70.20 -21.17
CA GLY JA 13 -27.79 69.54 -19.90
C GLY JA 13 -28.33 70.36 -18.73
N ILE JA 14 -28.24 71.68 -18.88
CA ILE JA 14 -28.67 72.63 -17.86
C ILE JA 14 -30.19 72.60 -17.80
N ALA JA 15 -30.85 72.37 -18.94
CA ALA JA 15 -32.30 72.51 -19.04
C ALA JA 15 -33.12 71.69 -18.04
N GLY JA 16 -32.74 70.43 -17.81
CA GLY JA 16 -33.48 69.54 -16.94
C GLY JA 16 -33.50 70.10 -15.52
N PRO JA 17 -32.30 70.31 -14.95
CA PRO JA 17 -32.11 70.95 -13.63
C PRO JA 17 -32.77 72.32 -13.49
N MET JA 18 -32.83 73.06 -14.59
CA MET JA 18 -33.51 74.36 -14.68
C MET JA 18 -35.01 74.23 -14.43
N ILE JA 19 -35.65 73.27 -15.09
CA ILE JA 19 -37.07 72.97 -14.85
C ILE JA 19 -37.28 72.66 -13.35
N ILE JA 20 -36.51 71.75 -12.80
CA ILE JA 20 -36.64 71.43 -11.39
C ILE JA 20 -36.43 72.71 -10.52
N PHE JA 21 -35.39 73.47 -10.81
CA PHE JA 21 -35.05 74.66 -10.05
C PHE JA 21 -36.15 75.72 -10.12
N LEU JA 22 -36.72 75.90 -11.30
CA LEU JA 22 -37.79 76.87 -11.49
C LEU JA 22 -39.02 76.51 -10.70
N LEU JA 23 -39.48 75.27 -10.86
CA LEU JA 23 -40.64 74.78 -10.12
C LEU JA 23 -40.43 74.82 -8.61
N ALA JA 24 -39.21 74.53 -8.15
CA ALA JA 24 -38.89 74.54 -6.73
C ALA JA 24 -39.03 75.96 -6.19
N VAL JA 25 -38.55 76.90 -6.98
CA VAL JA 25 -38.53 78.29 -6.61
C VAL JA 25 -39.96 78.82 -6.48
N ARG JA 26 -40.86 78.36 -7.35
CA ARG JA 26 -42.21 78.89 -7.33
C ARG JA 26 -43.24 77.91 -6.74
N ARG JA 27 -42.81 77.16 -5.73
CA ARG JA 27 -43.59 76.13 -5.06
C ARG JA 27 -44.50 75.33 -6.02
N GLY JA 28 -43.93 74.85 -7.10
CA GLY JA 28 -44.75 74.16 -8.13
C GLY JA 28 -45.05 72.71 -7.74
N ASN JA 29 -45.83 72.06 -8.59
CA ASN JA 29 -46.27 70.73 -8.29
C ASN JA 29 -45.21 69.63 -8.53
N LEU JA 30 -44.06 69.74 -7.87
CA LEU JA 30 -42.97 68.73 -7.91
C LEU JA 30 -43.38 67.42 -7.25
N THR KA 1 35.73 52.38 10.15
CA THR KA 1 35.02 53.54 9.55
C THR KA 1 33.55 53.65 9.96
N ILE KA 2 32.99 54.85 9.80
CA ILE KA 2 31.55 55.00 9.68
C ILE KA 2 31.27 54.99 8.16
N THR KA 3 30.72 53.85 7.67
CA THR KA 3 30.54 53.66 6.24
C THR KA 3 29.42 54.60 5.84
N PRO KA 4 29.30 54.89 4.54
CA PRO KA 4 28.12 55.62 4.11
C PRO KA 4 26.83 54.97 4.67
N SER KA 5 26.76 53.63 4.65
CA SER KA 5 25.48 52.98 5.01
C SER KA 5 25.24 53.01 6.50
N LEU KA 6 26.29 53.01 7.32
CA LEU KA 6 26.06 53.23 8.75
C LEU KA 6 25.58 54.67 9.07
N LYS KA 7 26.11 55.63 8.31
CA LYS KA 7 25.63 56.99 8.43
C LYS KA 7 24.17 56.99 7.97
N GLY KA 8 23.90 56.32 6.84
CA GLY KA 8 22.49 56.12 6.40
C GLY KA 8 21.63 55.55 7.53
N PHE KA 9 22.16 54.54 8.25
CA PHE KA 9 21.42 53.91 9.36
C PHE KA 9 21.07 54.88 10.48
N PHE KA 10 22.07 55.66 10.94
CA PHE KA 10 21.84 56.74 11.93
C PHE KA 10 20.80 57.76 11.46
N ILE KA 11 20.84 58.12 10.19
CA ILE KA 11 19.89 59.07 9.65
C ILE KA 11 18.51 58.44 9.77
N GLY KA 12 18.37 57.17 9.38
CA GLY KA 12 17.07 56.50 9.45
C GLY KA 12 16.57 56.41 10.87
N LEU KA 13 17.46 56.10 11.80
CA LEU KA 13 17.08 55.93 13.18
C LEU KA 13 16.61 57.25 13.84
N LEU KA 14 17.41 58.30 13.62
CA LEU KA 14 17.07 59.64 14.12
CA LEU KA 14 17.08 59.62 14.13
C LEU KA 14 15.76 60.10 13.51
N SER KA 15 15.59 59.91 12.19
CA SER KA 15 14.33 60.26 11.54
C SER KA 15 13.14 59.60 12.20
N GLY KA 16 13.25 58.29 12.43
CA GLY KA 16 12.18 57.57 13.07
C GLY KA 16 11.95 58.05 14.48
N ALA KA 17 13.02 58.36 15.21
CA ALA KA 17 12.84 58.82 16.59
C ALA KA 17 12.13 60.21 16.59
N VAL KA 18 12.46 61.04 15.61
CA VAL KA 18 11.86 62.35 15.51
C VAL KA 18 10.37 62.22 15.18
N VAL KA 19 10.03 61.48 14.11
CA VAL KA 19 8.62 61.21 13.84
C VAL KA 19 7.87 60.72 15.08
N LEU KA 20 8.42 59.75 15.79
CA LEU KA 20 7.73 59.22 16.96
C LEU KA 20 7.66 60.19 18.11
N GLY KA 21 8.79 60.88 18.32
CA GLY KA 21 8.93 61.92 19.34
C GLY KA 21 7.96 63.04 19.11
N LEU KA 22 7.89 63.56 17.90
CA LEU KA 22 6.95 64.61 17.62
C LEU KA 22 5.52 64.14 17.81
N THR KA 23 5.20 62.95 17.29
CA THR KA 23 3.84 62.41 17.34
C THR KA 23 3.41 62.32 18.80
N PHE KA 24 4.28 61.73 19.62
CA PHE KA 24 3.91 61.58 21.01
C PHE KA 24 3.85 62.94 21.76
N ALA KA 25 4.82 63.82 21.50
CA ALA KA 25 4.79 65.14 22.18
C ALA KA 25 3.48 65.83 21.84
N VAL KA 26 3.08 65.78 20.58
CA VAL KA 26 1.85 66.43 20.16
C VAL KA 26 0.58 65.79 20.78
N LEU KA 27 0.52 64.46 20.81
CA LEU KA 27 -0.65 63.78 21.36
C LEU KA 27 -0.71 63.99 22.86
N ILE KA 28 0.44 63.97 23.53
CA ILE KA 28 0.43 64.25 24.95
C ILE KA 28 -0.03 65.71 25.15
N ALA KA 29 0.52 66.64 24.37
CA ALA KA 29 0.12 68.07 24.48
C ALA KA 29 -1.39 68.23 24.34
N ILE KA 30 -1.94 67.69 23.25
CA ILE KA 30 -3.38 67.75 23.04
C ILE KA 30 -4.19 67.15 24.17
N SER KA 31 -3.87 65.91 24.57
CA SER KA 31 -4.62 65.21 25.59
C SER KA 31 -4.66 66.02 26.92
N GLN KA 32 -3.59 66.78 27.14
CA GLN KA 32 -3.37 67.60 28.36
C GLN KA 32 -4.26 68.83 28.32
N ILE KA 33 -4.57 69.30 27.11
CA ILE KA 33 -5.39 70.47 26.93
C ILE KA 33 -6.85 70.09 26.95
N ASP KA 34 -7.16 69.03 26.20
CA ASP KA 34 -8.50 68.70 25.79
C ASP KA 34 -9.01 67.58 26.71
N LYS KA 35 -9.10 67.86 28.02
CA LYS KA 35 -9.33 66.81 29.06
C LYS KA 35 -10.78 66.24 29.18
N VAL KA 36 -10.89 64.98 29.65
CA VAL KA 36 -12.17 64.26 29.89
C VAL KA 36 -12.77 64.65 31.26
N GLN KA 37 -14.04 65.03 31.29
CA GLN KA 37 -14.73 65.39 32.55
C GLN KA 37 -15.34 64.15 33.24
N ARG KA 38 -15.24 64.09 34.57
CA ARG KA 38 -15.77 62.97 35.35
C ARG KA 38 -16.37 63.41 36.68
N THR LA 2 -32.85 79.03 -50.35
CA THR LA 2 -33.43 80.26 -49.77
C THR LA 2 -32.50 80.72 -48.66
N ILE LA 3 -31.99 79.74 -47.90
CA ILE LA 3 -31.04 79.94 -46.78
C ILE LA 3 -31.50 80.91 -45.64
N LEU LA 4 -32.70 81.47 -45.81
CA LEU LA 4 -33.51 81.99 -44.70
C LEU LA 4 -34.01 80.77 -43.93
N PHE LA 5 -34.14 79.68 -44.69
CA PHE LA 5 -34.17 78.32 -44.19
C PHE LA 5 -33.26 78.19 -42.97
N GLN LA 6 -31.96 78.47 -43.16
CA GLN LA 6 -30.95 78.41 -42.09
C GLN LA 6 -31.39 79.17 -40.82
N LEU LA 7 -32.43 80.00 -40.98
CA LEU LA 7 -33.03 80.71 -39.86
C LEU LA 7 -34.40 80.16 -39.45
N ALA LA 8 -35.23 79.72 -40.41
CA ALA LA 8 -36.51 79.09 -40.08
C ALA LA 8 -36.30 77.86 -39.20
N LEU LA 9 -35.24 77.11 -39.50
CA LEU LA 9 -34.74 76.00 -38.69
C LEU LA 9 -34.22 76.46 -37.34
N ALA LA 10 -33.33 77.46 -37.35
CA ALA LA 10 -32.86 78.12 -36.13
C ALA LA 10 -34.03 78.67 -35.29
N ALA LA 11 -35.13 79.02 -35.95
CA ALA LA 11 -36.35 79.43 -35.27
C ALA LA 11 -36.86 78.23 -34.50
N LEU LA 12 -37.26 77.22 -35.25
CA LEU LA 12 -37.78 75.97 -34.71
C LEU LA 12 -36.93 75.38 -33.58
N VAL LA 13 -35.60 75.42 -33.75
CA VAL LA 13 -34.68 74.96 -32.71
C VAL LA 13 -34.79 75.78 -31.41
N ILE LA 14 -34.84 77.11 -31.55
CA ILE LA 14 -34.95 78.03 -30.40
C ILE LA 14 -36.32 77.87 -29.74
N LEU LA 15 -37.37 77.93 -30.57
CA LEU LA 15 -38.72 77.73 -30.09
C LEU LA 15 -38.76 76.44 -29.28
N SER LA 16 -38.25 75.36 -29.91
CA SER LA 16 -38.15 74.03 -29.29
C SER LA 16 -37.55 74.05 -27.89
N PHE LA 17 -36.41 74.71 -27.71
CA PHE LA 17 -35.73 74.79 -26.41
C PHE LA 17 -36.59 75.52 -25.38
N VAL LA 18 -37.31 76.52 -25.86
CA VAL LA 18 -38.25 77.29 -25.03
C VAL LA 18 -39.48 76.45 -24.61
N MET LA 19 -40.05 75.65 -25.50
CA MET LA 19 -41.16 74.76 -25.14
C MET LA 19 -40.73 73.69 -24.14
N VAL LA 20 -39.50 73.22 -24.31
CA VAL LA 20 -38.98 72.09 -23.55
C VAL LA 20 -38.80 72.48 -22.09
N ILE LA 21 -38.33 73.71 -21.85
CA ILE LA 21 -38.34 74.23 -20.49
C ILE LA 21 -39.74 74.71 -20.08
N GLY LA 22 -40.41 75.41 -20.98
CA GLY LA 22 -41.65 76.11 -20.72
C GLY LA 22 -42.87 75.26 -20.46
N VAL LA 23 -43.09 74.23 -21.26
CA VAL LA 23 -44.29 73.41 -21.10
C VAL LA 23 -44.38 72.73 -19.70
N PRO LA 24 -43.32 72.00 -19.25
CA PRO LA 24 -43.45 71.35 -17.93
C PRO LA 24 -43.51 72.36 -16.76
N VAL LA 25 -42.86 73.50 -16.92
CA VAL LA 25 -42.94 74.53 -15.87
C VAL LA 25 -44.38 75.07 -15.81
N ALA LA 26 -44.99 75.34 -16.96
CA ALA LA 26 -46.39 75.77 -16.97
C ALA LA 26 -47.27 74.72 -16.31
N TYR LA 27 -47.11 73.47 -16.70
CA TYR LA 27 -48.06 72.42 -16.32
C TYR LA 27 -48.10 72.18 -14.82
N ALA LA 28 -47.03 72.54 -14.12
CA ALA LA 28 -46.89 72.20 -12.70
C ALA LA 28 -46.83 73.46 -11.84
N SER LA 29 -47.01 74.61 -12.49
CA SER LA 29 -47.00 75.91 -11.84
C SER LA 29 -48.37 76.17 -11.23
N PRO LA 30 -48.40 76.63 -9.95
CA PRO LA 30 -49.72 76.89 -9.37
C PRO LA 30 -50.44 78.10 -10.03
N GLN LA 31 -49.75 79.25 -10.13
CA GLN LA 31 -50.34 80.54 -10.57
C GLN LA 31 -51.01 80.57 -11.97
N ASP LA 32 -50.62 81.55 -12.79
CA ASP LA 32 -51.34 81.93 -14.01
C ASP LA 32 -51.43 80.82 -15.08
N TRP LA 33 -52.32 79.84 -14.84
CA TRP LA 33 -52.59 78.74 -15.79
C TRP LA 33 -53.35 79.15 -17.04
N ASP LA 34 -54.42 79.93 -16.87
CA ASP LA 34 -55.16 80.53 -18.00
C ASP LA 34 -54.26 81.20 -19.06
N ARG LA 35 -53.27 82.00 -18.63
CA ARG LA 35 -52.30 82.63 -19.55
C ARG LA 35 -51.33 81.59 -20.13
N SER LA 36 -50.61 80.89 -19.24
CA SER LA 36 -49.75 79.75 -19.56
C SER LA 36 -50.41 78.82 -20.62
N LYS LA 37 -51.64 78.36 -20.36
CA LYS LA 37 -52.42 77.55 -21.35
C LYS LA 37 -52.59 78.21 -22.73
N GLN LA 38 -52.68 79.54 -22.75
CA GLN LA 38 -52.89 80.27 -24.01
C GLN LA 38 -51.60 80.21 -24.81
N LEU LA 39 -50.49 80.54 -24.16
CA LEU LA 39 -49.19 80.51 -24.77
C LEU LA 39 -48.74 79.12 -25.28
N ILE LA 40 -49.12 78.05 -24.56
CA ILE LA 40 -48.81 76.69 -24.98
C ILE LA 40 -49.54 76.30 -26.28
N PHE LA 41 -50.81 76.67 -26.42
CA PHE LA 41 -51.48 76.57 -27.73
C PHE LA 41 -50.69 77.34 -28.79
N LEU LA 42 -50.22 78.53 -28.43
CA LEU LA 42 -49.50 79.39 -29.36
C LEU LA 42 -48.12 78.81 -29.76
N GLY LA 43 -47.33 78.38 -28.78
CA GLY LA 43 -46.09 77.66 -29.07
C GLY LA 43 -46.29 76.47 -30.01
N SER LA 44 -47.31 75.67 -29.72
CA SER LA 44 -47.63 74.42 -30.41
C SER LA 44 -48.00 74.65 -31.84
N GLY LA 45 -48.67 75.77 -32.09
CA GLY LA 45 -49.21 76.02 -33.41
C GLY LA 45 -48.07 76.56 -34.22
N LEU LA 46 -47.26 77.38 -33.56
CA LEU LA 46 -46.10 77.96 -34.19
C LEU LA 46 -45.20 76.80 -34.62
N TRP LA 47 -44.88 75.93 -33.66
CA TRP LA 47 -43.99 74.78 -33.87
C TRP LA 47 -44.41 73.92 -35.03
N ILE LA 48 -45.63 73.41 -34.97
CA ILE LA 48 -46.18 72.71 -36.14
C ILE LA 48 -45.98 73.51 -37.44
N ALA LA 49 -46.06 74.85 -37.37
CA ALA LA 49 -45.93 75.70 -38.58
C ALA LA 49 -44.52 75.66 -39.15
N LEU LA 50 -43.55 76.01 -38.30
CA LEU LA 50 -42.14 75.96 -38.60
C LEU LA 50 -41.62 74.62 -39.13
N VAL LA 51 -42.20 73.51 -38.67
CA VAL LA 51 -41.86 72.18 -39.13
C VAL LA 51 -42.33 72.02 -40.57
N LEU LA 52 -43.52 72.55 -40.86
CA LEU LA 52 -44.03 72.49 -42.23
C LEU LA 52 -43.22 73.40 -43.16
N VAL LA 53 -42.86 74.55 -42.63
CA VAL LA 53 -41.97 75.49 -43.30
C VAL LA 53 -40.60 74.89 -43.60
N VAL LA 54 -39.91 74.42 -42.56
CA VAL LA 54 -38.63 73.74 -42.76
C VAL LA 54 -38.84 72.59 -43.77
N GLY LA 55 -39.85 71.75 -43.54
CA GLY LA 55 -40.22 70.67 -44.45
C GLY LA 55 -40.26 71.06 -45.92
N VAL LA 56 -41.10 72.05 -46.24
CA VAL LA 56 -41.25 72.49 -47.64
C VAL LA 56 -39.96 73.13 -48.14
N LEU LA 57 -39.37 74.00 -47.32
CA LEU LA 57 -38.18 74.73 -47.72
C LEU LA 57 -36.97 73.83 -47.93
N ASN LA 58 -36.94 72.70 -47.21
CA ASN LA 58 -35.92 71.68 -47.43
C ASN LA 58 -35.64 71.52 -48.93
N PHE LA 59 -36.72 71.31 -49.69
CA PHE LA 59 -36.66 71.02 -51.11
C PHE LA 59 -36.25 72.19 -52.02
N PHE LA 60 -35.80 73.29 -51.42
CA PHE LA 60 -35.30 74.45 -52.14
C PHE LA 60 -33.83 74.65 -51.83
N VAL LA 61 -33.43 74.45 -50.57
CA VAL LA 61 -32.02 74.58 -50.18
C VAL LA 61 -31.35 73.21 -50.10
O1 OEX MA . 24.44 -33.64 14.44
CA1 OEX MA . 24.08 -31.89 16.03
MN1 OEX MA . 23.72 -33.26 12.77
O2 OEX MA . 26.20 -31.22 14.84
MN2 OEX MA . 26.37 -33.14 13.87
O3 OEX MA . 25.27 -32.47 12.18
MN3 OEX MA . 25.44 -30.49 13.22
O4 OEX MA . 25.60 -28.76 14.30
MN4 OEX MA . 23.52 -28.54 14.36
O5 OEX MA . 23.32 -30.92 13.93
FE FE2 NA . -11.87 -25.09 38.11
CL CL OA . 19.91 -27.65 8.78
CL CL PA . 32.65 -33.95 10.13
MG CLA QA . 7.16 -32.85 19.49
CHA CLA QA . 8.79 -30.98 22.00
CHB CLA QA . 4.15 -32.15 21.19
CHC CLA QA . 5.34 -33.54 16.60
CHD CLA QA . 10.22 -32.87 17.59
NA CLA QA . 6.55 -31.75 21.28
C1A CLA QA . 7.35 -31.13 22.13
C2A CLA QA . 6.63 -30.49 23.29
C3A CLA QA . 5.28 -31.22 23.21
C4A CLA QA . 5.32 -31.74 21.79
CMA CLA QA . 5.23 -32.49 24.05
CAA CLA QA . 6.56 -28.98 22.99
CBA CLA QA . 5.80 -28.16 24.04
CGA CLA QA . 6.80 -27.99 25.16
O1A CLA QA . 8.01 -28.15 25.02
O2A CLA QA . 6.33 -27.54 26.37
NB CLA QA . 5.10 -32.84 19.02
C1B CLA QA . 4.03 -32.63 19.79
C2B CLA QA . 2.74 -32.87 19.17
C3B CLA QA . 3.11 -33.27 17.83
C4B CLA QA . 4.57 -33.17 17.82
CMB CLA QA . 1.40 -32.74 19.85
CAB CLA QA . 2.31 -33.63 16.65
CBB CLA QA . 0.99 -33.50 16.70
NC CLA QA . 7.68 -33.10 17.49
C1C CLA QA . 6.82 -33.45 16.49
C2C CLA QA . 7.48 -33.76 15.23
C3C CLA QA . 8.91 -33.57 15.50
C4C CLA QA . 8.93 -33.17 16.93
CMC CLA QA . 6.77 -34.22 13.94
CAC CLA QA . 10.05 -33.76 14.50
CBC CLA QA . 9.89 -32.72 13.38
ND CLA QA . 9.01 -32.15 19.61
C1D CLA QA . 10.15 -32.30 18.92
C2D CLA QA . 11.33 -31.68 19.53
C3D CLA QA . 10.77 -31.17 20.77
C4D CLA QA . 9.39 -31.46 20.76
CMD CLA QA . 12.70 -31.76 18.94
CAD CLA QA . 11.11 -30.43 21.99
OBD CLA QA . 12.29 -30.02 22.27
CBD CLA QA . 9.85 -30.25 22.76
CGD CLA QA . 9.99 -30.83 24.12
O1D CLA QA . 9.76 -32.00 24.46
O2D CLA QA . 10.74 -30.00 25.01
CED CLA QA . 10.95 -30.54 26.35
C1 CLA QA . 7.22 -27.17 27.42
C2 CLA QA . 7.14 -25.66 27.58
C3 CLA QA . 8.04 -24.80 27.08
C4 CLA QA . 9.24 -25.20 26.30
C5 CLA QA . 7.84 -23.31 27.37
C6 CLA QA . 8.97 -22.73 28.33
C7 CLA QA . 8.54 -21.29 28.71
C8 CLA QA . 9.61 -20.49 29.49
C9 CLA QA . 9.86 -21.23 30.81
C10 CLA QA . 9.05 -19.08 29.71
C11 CLA QA . 9.05 -18.24 28.42
C12 CLA QA . 8.59 -16.79 28.58
C13 CLA QA . 8.40 -16.11 27.16
C14 CLA QA . 9.73 -15.92 26.39
C15 CLA QA . 7.68 -14.77 27.22
C16 CLA QA . 6.24 -14.99 27.68
C17 CLA QA . 5.30 -13.82 27.33
C18 CLA QA . 5.65 -12.61 28.13
C19 CLA QA . 5.73 -12.99 29.62
C20 CLA QA . 4.62 -11.51 27.86
MG CLA RA . 7.77 -22.51 20.34
CHA CLA RA . 4.97 -21.79 18.41
CHB CLA RA . 7.31 -19.47 21.85
CHC CLA RA . 9.79 -23.58 22.91
CHD CLA RA . 7.71 -25.89 19.08
NA CLA RA . 6.30 -20.94 20.22
C1A CLA RA . 5.30 -20.80 19.39
C2A CLA RA . 4.47 -19.57 19.51
C3A CLA RA . 5.49 -18.70 20.28
C4A CLA RA . 6.39 -19.74 20.82
CMA CLA RA . 6.27 -17.82 19.31
CAA CLA RA . 3.18 -19.89 20.33
CBA CLA RA . 3.50 -20.67 21.61
CGA CLA RA . 2.28 -20.87 22.47
O1A CLA RA . 1.22 -20.23 22.31
O2A CLA RA . 2.41 -21.73 23.58
NB CLA RA . 8.40 -21.65 22.07
C1B CLA RA . 8.23 -20.38 22.46
C2B CLA RA . 9.07 -19.99 23.64
C3B CLA RA . 9.78 -21.22 23.91
C4B CLA RA . 9.30 -22.18 22.85
CMB CLA RA . 9.13 -18.65 24.38
CAB CLA RA . 10.86 -21.60 24.91
CBB CLA RA . 11.12 -20.76 25.89
NC CLA RA . 8.52 -24.35 20.91
C1C CLA RA . 9.42 -24.59 21.90
C2C CLA RA . 10.06 -25.92 21.94
C3C CLA RA . 9.47 -26.54 20.78
C4C CLA RA . 8.53 -25.53 20.22
CMC CLA RA . 11.09 -26.46 22.97
CAC CLA RA . 9.83 -27.92 20.32
CBC CLA RA . 11.33 -27.76 19.91
ND CLA RA . 6.62 -23.74 19.13
C1D CLA RA . 6.77 -24.93 18.60
C2D CLA RA . 5.89 -25.17 17.43
C3D CLA RA . 5.20 -23.90 17.37
C4D CLA RA . 5.68 -23.07 18.45
CMD CLA RA . 5.81 -26.45 16.60
CAD CLA RA . 4.19 -23.15 16.67
OBD CLA RA . 3.57 -23.64 15.64
CBD CLA RA . 3.95 -21.86 17.33
CGD CLA RA . 4.38 -20.82 16.33
O1D CLA RA . 5.38 -20.96 15.63
O2D CLA RA . 3.61 -19.68 16.16
CED CLA RA . 4.11 -18.56 15.41
C1 CLA RA . 1.38 -21.76 24.62
C2 CLA RA . 1.79 -20.58 25.56
C3 CLA RA . 1.04 -19.45 25.72
C4 CLA RA . -0.28 -19.30 24.95
C5 CLA RA . 1.54 -18.34 26.65
C6 CLA RA . 2.05 -17.07 25.90
C7 CLA RA . 3.37 -17.45 25.21
C8 CLA RA . 3.80 -16.33 24.25
C9 CLA RA . 2.99 -16.32 22.94
C10 CLA RA . 5.26 -16.55 23.89
C11 CLA RA . 5.82 -15.25 23.22
C12 CLA RA . 7.28 -15.39 22.88
C13 CLA RA . 7.88 -14.12 22.22
C14 CLA RA . 9.12 -14.50 21.40
C15 CLA RA . 8.22 -13.10 23.35
C16 CLA RA . 8.47 -11.68 22.84
C17 CLA RA . 8.03 -10.66 23.91
C18 CLA RA . 9.13 -10.72 24.91
C19 CLA RA . 8.98 -9.73 26.06
C20 CLA RA . 10.41 -10.48 24.15
MG CLA SA . -2.51 -40.07 17.96
CHA CLA SA . -0.09 -40.48 20.55
CHB CLA SA . -4.49 -42.17 19.84
CHC CLA SA . -5.12 -39.27 16.00
CHD CLA SA . -0.65 -37.35 16.67
NA CLA SA . -2.36 -41.14 19.97
C1A CLA SA . -1.35 -41.18 20.77
C2A CLA SA . -1.61 -41.99 22.03
C3A CLA SA . -2.88 -42.72 21.61
C4A CLA SA . -3.28 -41.97 20.41
CMA CLA SA . -2.48 -44.13 21.10
CAA CLA SA . -1.88 -41.05 23.24
CBA CLA SA . -2.92 -39.98 22.90
CGA CLA SA . -3.34 -39.16 24.08
O1A CLA SA . -2.89 -39.25 25.22
O2A CLA SA . -4.32 -38.18 23.82
NB CLA SA . -4.43 -40.60 17.99
C1B CLA SA . -5.08 -41.50 18.71
C2B CLA SA . -6.45 -41.85 18.24
C3B CLA SA . -6.61 -40.98 17.13
C4B CLA SA . -5.29 -40.24 17.06
CMB CLA SA . -7.38 -42.81 18.95
CAB CLA SA . -7.66 -40.68 16.07
CBB CLA SA . -8.80 -41.27 15.98
NC CLA SA . -2.84 -38.55 16.62
C1C CLA SA . -3.93 -38.43 15.84
C2C CLA SA . -3.87 -37.38 14.87
C3C CLA SA . -2.54 -36.84 15.08
C4C CLA SA . -1.99 -37.63 16.16
CMC CLA SA . -4.89 -36.93 13.83
CAC CLA SA . -1.97 -35.70 14.26
CBC CLA SA . -1.47 -36.32 12.95
ND CLA SA . -0.84 -39.01 18.46
C1D CLA SA . -0.08 -38.13 17.76
C2D CLA SA . 1.30 -38.03 18.25
C3D CLA SA . 1.26 -39.01 19.35
C4D CLA SA . -0.02 -39.56 19.40
CMD CLA SA . 2.48 -37.19 17.77
CAD CLA SA . 2.09 -39.64 20.37
OBD CLA SA . 3.33 -39.41 20.61
CBD CLA SA . 1.25 -40.54 21.18
CGD CLA SA . 1.91 -41.87 21.04
O1D CLA SA . 2.00 -42.40 19.93
O2D CLA SA . 2.05 -42.71 22.16
CED CLA SA . 2.67 -44.04 22.05
C1 CLA SA . -4.82 -37.33 24.89
C2 CLA SA . -6.05 -38.08 25.40
C3 CLA SA . -6.22 -38.62 26.61
C4 CLA SA . -5.16 -38.45 27.66
C5 CLA SA . -7.52 -39.32 26.91
C6 CLA SA . -7.36 -40.84 27.02
C7 CLA SA . -6.82 -41.44 25.70
C8 CLA SA . -6.68 -42.98 25.73
C9 CLA SA . -5.70 -43.54 24.67
C10 CLA SA . -8.08 -43.58 25.61
C11 CLA SA . -8.21 -44.90 26.39
C12 CLA SA . -9.50 -45.64 26.06
C13 CLA SA . -9.59 -47.11 26.50
C14 CLA SA . -8.37 -47.93 26.11
C15 CLA SA . -10.86 -47.74 25.91
C16 CLA SA . -11.55 -48.76 26.83
C17 CLA SA . -12.39 -48.14 27.96
C18 CLA SA . -13.39 -49.08 28.67
C19 CLA SA . -14.57 -48.28 29.22
C20 CLA SA . -12.73 -49.89 29.79
CHA PHO TA . 3.88 -20.07 32.90
CHB PHO TA . 5.08 -19.53 28.27
CHC PHO TA . 3.91 -24.25 27.60
CHD PHO TA . 2.53 -24.71 32.24
NA PHO TA . 4.42 -20.02 30.51
C1A PHO TA . 4.34 -19.40 31.66
C2A PHO TA . 4.68 -17.93 31.57
C3A PHO TA . 4.84 -17.72 30.05
C4A PHO TA . 4.75 -19.16 29.53
CMA PHO TA . 3.60 -16.96 29.55
CAA PHO TA . 5.99 -17.73 32.33
CBA PHO TA . 6.25 -16.21 32.35
CGA PHO TA . 7.69 -15.91 32.62
O1A PHO TA . 8.57 -16.77 32.78
O2A PHO TA . 8.02 -14.52 32.74
NB PHO TA . 4.38 -21.93 28.26
C1B PHO TA . 4.94 -20.86 27.61
C2B PHO TA . 5.28 -21.10 26.21
C3B PHO TA . 4.94 -22.53 26.06
C4B PHO TA . 4.41 -22.92 27.34
CMB PHO TA . 5.93 -20.14 25.23
CAB PHO TA . 5.09 -23.42 24.85
CBB PHO TA . 5.93 -23.13 23.81
NC PHO TA . 3.32 -24.05 29.99
C1C PHO TA . 3.40 -24.77 28.86
C2C PHO TA . 2.90 -26.16 28.90
C3C PHO TA . 2.48 -26.33 30.27
C4C PHO TA . 2.77 -24.99 30.82
CMC PHO TA . 2.80 -27.13 27.73
CAC PHO TA . 1.88 -27.54 30.96
CBC PHO TA . 2.91 -28.16 31.94
ND PHO TA . 3.32 -22.45 32.05
C1D PHO TA . 2.84 -23.45 32.83
C2D PHO TA . 2.63 -23.18 34.27
C3D PHO TA . 3.06 -21.81 34.25
C4D PHO TA . 3.44 -21.48 32.99
CMD PHO TA . 2.11 -23.98 35.44
CAD PHO TA . 3.32 -20.64 35.13
OBD PHO TA . 3.10 -20.57 36.35
CBD PHO TA . 3.84 -19.50 34.31
CGD PHO TA . 3.05 -18.28 34.45
O1D PHO TA . 3.35 -17.33 35.19
O2D PHO TA . 1.79 -18.27 33.83
CED PHO TA . 0.96 -17.08 33.92
C1 PHO TA . 9.37 -14.14 32.74
C2 PHO TA . 9.84 -13.69 31.35
C3 PHO TA . 9.48 -12.53 30.74
C4 PHO TA . 8.48 -11.58 31.34
C5 PHO TA . 10.03 -12.13 29.39
C6 PHO TA . 11.24 -13.01 29.01
C7 PHO TA . 11.69 -12.56 27.59
C8 PHO TA . 12.83 -13.39 27.04
C9 PHO TA . 14.14 -12.89 27.71
C10 PHO TA . 12.87 -13.18 25.51
C11 PHO TA . 14.13 -13.79 24.86
C12 PHO TA . 14.33 -15.32 25.14
C13 PHO TA . 13.17 -16.30 24.78
C14 PHO TA . 13.41 -17.75 25.30
C15 PHO TA . 13.11 -16.29 23.24
C16 PHO TA . 12.01 -17.23 22.68
C17 PHO TA . 11.99 -17.12 21.17
C18 PHO TA . 10.83 -18.08 20.73
C19 PHO TA . 11.33 -19.54 20.90
C20 PHO TA . 10.53 -17.76 19.27
CHA PHO UA . -13.60 -36.50 24.83
CHB PHO UA . -9.88 -39.08 23.14
CHC PHO UA . -7.77 -34.83 21.84
CHD PHO UA . -11.45 -32.19 23.58
NA PHO UA . -11.64 -37.61 23.80
C1A PHO UA . -12.77 -37.67 24.43
C2A PHO UA . -13.20 -39.09 24.69
C3A PHO UA . -11.89 -39.83 24.44
C4A PHO UA . -11.05 -38.78 23.76
CMA PHO UA . -11.28 -40.19 25.84
CAA PHO UA . -14.22 -39.41 23.58
CBA PHO UA . -14.77 -40.79 23.90
CGA PHO UA . -15.53 -41.37 22.69
O1A PHO UA . -15.81 -40.77 21.64
O2A PHO UA . -15.95 -42.72 22.82
NB PHO UA . -9.15 -36.78 22.52
C1B PHO UA . -8.94 -38.14 22.50
C2B PHO UA . -7.67 -38.61 21.90
C3B PHO UA . -7.07 -37.30 21.51
C4B PHO UA . -8.03 -36.29 21.89
CMB PHO UA . -7.15 -40.04 21.73
CAB PHO UA . -5.75 -37.11 20.84
CBB PHO UA . -5.09 -38.06 20.15
NC PHO UA . -9.85 -33.83 22.72
C1C PHO UA . -8.58 -33.72 22.30
C2C PHO UA . -8.04 -32.34 22.30
C3C PHO UA . -9.15 -31.51 22.77
C4C PHO UA . -10.19 -32.55 22.97
CMC PHO UA . -6.66 -31.90 21.94
CAC PHO UA . -9.18 -30.00 23.01
CBC PHO UA . -10.34 -29.31 22.26
ND PHO UA . -12.09 -34.53 23.96
C1D PHO UA . -12.39 -33.20 24.09
C2D PHO UA . -13.66 -32.86 24.80
C3D PHO UA . -14.09 -34.23 25.08
C4D PHO UA . -13.16 -35.10 24.61
CMD PHO UA . -14.39 -31.58 25.16
CAD PHO UA . -15.18 -35.02 25.73
OBD PHO UA . -16.23 -34.51 26.25
CBD PHO UA . -14.90 -36.48 25.58
CGD PHO UA . -14.80 -37.20 26.88
O1D PHO UA . -15.78 -37.56 27.52
O2D PHO UA . -13.59 -37.01 27.59
CED PHO UA . -13.29 -37.73 28.79
C1 PHO UA . -16.74 -43.28 21.81
C2 PHO UA . -15.75 -43.92 20.84
C3 PHO UA . -15.87 -43.73 19.54
C4 PHO UA . -16.94 -42.83 18.99
C5 PHO UA . -14.89 -44.40 18.61
C6 PHO UA . -13.98 -43.35 17.96
C7 PHO UA . -13.20 -44.01 16.82
C8 PHO UA . -12.10 -43.07 16.20
C9 PHO UA . -12.69 -41.69 15.86
C10 PHO UA . -11.37 -43.70 14.97
C11 PHO UA . -10.69 -45.06 15.20
C12 PHO UA . -9.64 -45.05 16.34
C13 PHO UA . -8.97 -46.40 16.63
C14 PHO UA . -9.93 -47.37 17.40
C15 PHO UA . -7.69 -46.23 17.53
C16 PHO UA . -6.53 -45.74 16.63
C17 PHO UA . -5.21 -45.39 17.44
C18 PHO UA . -4.05 -45.14 16.45
C19 PHO UA . -2.72 -45.05 17.21
C20 PHO UA . -4.25 -43.85 15.62
MG CLA VA . 24.65 -9.83 33.09
CHA CLA VA . 27.12 -11.51 31.04
CHB CLA VA . 24.61 -12.55 35.06
CHC CLA VA . 22.83 -7.89 35.41
CHD CLA VA . 25.39 -6.81 31.26
NA CLA VA . 25.76 -11.68 33.10
C1A CLA VA . 26.57 -12.18 32.25
C2A CLA VA . 26.92 -13.63 32.55
C3A CLA VA . 25.82 -14.00 33.52
C4A CLA VA . 25.33 -12.65 33.94
CMA CLA VA . 24.65 -14.73 32.77
CAA CLA VA . 28.32 -13.72 33.16
CBA CLA VA . 28.46 -12.86 34.45
CGA CLA VA . 29.84 -13.02 35.03
O1A CLA VA . 30.84 -13.35 34.40
O2A CLA VA . 30.01 -12.77 36.42
NB CLA VA . 23.89 -10.17 34.85
C1B CLA VA . 23.92 -11.32 35.57
C2B CLA VA . 23.26 -11.28 36.87
C3B CLA VA . 22.76 -9.92 36.92
C4B CLA VA . 23.21 -9.32 35.65
CMB CLA VA . 23.11 -12.36 37.92
CAB CLA VA . 21.99 -9.14 37.95
CBB CLA VA . 21.11 -9.73 38.74
NC CLA VA . 24.18 -7.77 33.34
C1C CLA VA . 23.40 -7.15 34.26
C2C CLA VA . 23.13 -5.75 34.03
C3C CLA VA . 23.92 -5.47 32.83
C4C CLA VA . 24.51 -6.78 32.45
CMC CLA VA . 22.29 -4.82 34.89
CAC CLA VA . 24.01 -4.14 32.13
CBC CLA VA . 25.28 -3.39 32.60
ND CLA VA . 25.93 -9.18 31.64
C1D CLA VA . 26.09 -8.05 30.89
C2D CLA VA . 26.88 -8.20 29.70
C3D CLA VA . 27.24 -9.60 29.78
C4D CLA VA . 26.73 -10.10 30.92
CMD CLA VA . 27.22 -7.14 28.64
CAD CLA VA . 28.05 -10.66 29.10
OBD CLA VA . 28.68 -10.52 27.99
CBD CLA VA . 28.02 -11.85 29.93
CGD CLA VA . 27.29 -12.90 29.09
O1D CLA VA . 26.05 -12.98 29.05
O2D CLA VA . 28.06 -13.90 28.53
CED CLA VA . 27.51 -14.80 27.53
C1 CLA VA . 31.19 -13.24 37.10
C2 CLA VA . 31.04 -12.76 38.53
C3 CLA VA . 30.96 -13.56 39.61
C4 CLA VA . 31.08 -15.07 39.44
C5 CLA VA . 30.81 -12.85 40.96
C6 CLA VA . 30.21 -13.64 42.12
C7 CLA VA . 30.88 -13.33 43.47
C8 CLA VA . 30.17 -13.91 44.71
C9 CLA VA . 30.61 -13.15 45.96
C10 CLA VA . 30.44 -15.42 44.86
C11 CLA VA . 29.20 -16.34 44.89
C12 CLA VA . 28.71 -16.79 43.50
C13 CLA VA . 28.82 -18.30 43.18
C14 CLA VA . 29.06 -18.57 41.69
C15 CLA VA . 27.64 -19.13 43.69
C16 CLA VA . 26.23 -18.52 43.55
C17 CLA VA . 25.55 -18.29 44.90
C18 CLA VA . 24.23 -19.03 45.06
C19 CLA VA . 23.27 -18.22 45.90
C20 CLA VA . 24.39 -20.39 45.72
C1 BCR WA . 15.54 -4.11 41.84
C2 BCR WA . 15.69 -4.23 43.36
C3 BCR WA . 17.15 -4.34 43.76
C4 BCR WA . 17.91 -3.06 43.37
C5 BCR WA . 17.63 -2.69 41.91
C6 BCR WA . 16.54 -3.13 41.24
C7 BCR WA . 16.30 -2.71 39.82
C8 BCR WA . 17.18 -3.14 38.88
C9 BCR WA . 17.00 -2.82 37.43
C10 BCR WA . 17.98 -3.22 36.57
C11 BCR WA . 17.89 -3.01 35.13
C33 BCR WA . 18.56 -1.68 41.31
C31 BCR WA . 14.10 -3.64 41.51
C32 BCR WA . 15.73 -5.52 41.24
C34 BCR WA . 15.73 -2.10 37.02
C12 BCR WA . 18.80 -3.60 34.31
C13 BCR WA . 18.86 -3.46 32.83
C14 BCR WA . 19.80 -4.14 32.13
C15 BCR WA . 19.97 -4.13 30.66
C16 BCR WA . 21.02 -4.73 30.10
C17 BCR WA . 21.06 -4.78 28.63
C18 BCR WA . 21.95 -5.43 27.87
C19 BCR WA . 21.81 -5.37 26.37
C20 BCR WA . 22.79 -5.66 25.53
C21 BCR WA . 22.58 -5.57 24.09
C22 BCR WA . 23.57 -5.60 23.18
C23 BCR WA . 23.20 -5.50 21.73
C24 BCR WA . 24.13 -5.37 20.76
C25 BCR WA . 23.77 -5.21 19.34
C26 BCR WA . 22.97 -6.15 18.75
C27 BCR WA . 22.48 -6.14 17.30
C28 BCR WA . 22.68 -4.73 16.70
C29 BCR WA . 24.09 -4.18 17.08
C30 BCR WA . 24.32 -3.99 18.60
C35 BCR WA . 17.91 -2.54 32.07
C36 BCR WA . 23.13 -6.17 28.45
C37 BCR WA . 25.04 -5.71 23.58
C38 BCR WA . 22.49 -7.38 19.46
C39 BCR WA . 23.70 -2.69 19.17
C40 BCR WA . 25.83 -3.89 18.81
O6 SQD XA . -7.46 -39.18 45.49
C44 SQD XA . -6.38 -38.42 46.04
C45 SQD XA . -5.44 -37.96 44.92
C46 SQD XA . -4.01 -38.02 45.39
O47 SQD XA . -5.58 -38.78 43.74
C7 SQD XA . -6.42 -38.07 42.79
O49 SQD XA . -6.76 -36.95 43.11
C8 SQD XA . -6.84 -38.65 41.46
C9 SQD XA . -5.68 -38.40 40.54
C10 SQD XA . -4.95 -39.70 40.26
C11 SQD XA . -3.89 -39.49 39.18
C12 SQD XA . -2.67 -38.80 39.78
C13 SQD XA . -1.39 -39.42 39.24
C14 SQD XA . -0.49 -38.37 38.62
C15 SQD XA . -1.01 -37.91 37.26
C16 SQD XA . -0.76 -38.97 36.20
C17 SQD XA . 0.64 -38.83 35.65
C18 SQD XA . 0.50 -38.77 34.14
C19 SQD XA . 1.11 -39.97 33.43
C20 SQD XA . 1.07 -39.67 31.95
C21 SQD XA . 0.96 -38.16 31.76
C22 SQD XA . 1.32 -37.85 30.34
O48 SQD XA . -3.66 -39.39 45.28
C23 SQD XA . -2.61 -39.80 44.41
O10 SQD XA . -2.20 -38.97 43.61
C24 SQD XA . -2.10 -41.23 44.51
C25 SQD XA . -1.03 -41.56 43.47
C26 SQD XA . -0.41 -42.96 43.61
C27 SQD XA . 0.26 -43.44 42.31
C28 SQD XA . 1.19 -44.61 42.63
C29 SQD XA . 2.08 -45.03 41.47
C30 SQD XA . 2.34 -46.54 41.51
C31 SQD XA . 3.82 -46.95 41.39
C32 SQD XA . 4.05 -48.38 40.85
C33 SQD XA . 3.27 -49.46 41.60
C34 SQD XA . 3.84 -50.87 41.41
C35 SQD XA . 2.77 -51.94 41.63
C36 SQD XA . 2.95 -53.11 40.67
C37 SQD XA . 2.26 -52.83 39.33
C38 SQD XA . 2.00 -54.10 38.55
C1 SQD XA . -8.57 -39.04 46.32
C2 SQD XA . -9.95 -39.36 45.76
O2 SQD XA . -10.19 -38.95 44.41
C3 SQD XA . -10.75 -38.44 46.64
O3 SQD XA . -12.10 -38.42 46.17
C4 SQD XA . -10.56 -38.81 48.11
O4 SQD XA . -11.00 -37.71 48.91
C5 SQD XA . -9.09 -39.08 48.47
C6 SQD XA . -8.91 -39.76 49.80
O5 SQD XA . -8.43 -39.84 47.46
S SQD XA . -7.31 -39.73 50.27
O7 SQD XA . -7.44 -39.90 51.73
O8 SQD XA . -6.51 -40.79 49.62
O9 SQD XA . -6.66 -38.41 50.07
C1 LMG YA . 35.18 -16.38 32.41
O1 LMG YA . 34.44 -16.57 33.60
C2 LMG YA . 35.64 -14.93 32.13
O2 LMG YA . 34.57 -14.02 32.08
C3 LMG YA . 36.30 -14.87 30.78
O3 LMG YA . 36.79 -13.56 30.57
C4 LMG YA . 37.44 -15.91 30.59
O4 LMG YA . 38.65 -15.44 31.17
C5 LMG YA . 37.04 -17.27 31.18
O5 LMG YA . 37.71 -19.48 31.84
C6 LMG YA . 38.21 -18.26 31.26
O6 LMG YA . 36.40 -17.11 32.47
C7 LMG YA . 33.42 -17.52 33.38
C8 LMG YA . 32.70 -17.91 34.67
C9 LMG YA . 33.49 -17.52 35.91
O7 LMG YA . 31.42 -17.30 34.75
C10 LMG YA . 30.33 -18.27 34.87
O9 LMG YA . 30.37 -19.26 35.62
C11 LMG YA . 29.11 -17.98 34.02
C12 LMG YA . 27.79 -17.97 34.80
C13 LMG YA . 26.65 -17.97 33.77
C14 LMG YA . 25.39 -18.68 34.23
C15 LMG YA . 25.08 -19.86 33.31
C16 LMG YA . 23.70 -19.80 32.68
C17 LMG YA . 22.71 -20.85 33.19
C18 LMG YA . 21.99 -20.25 34.40
C19 LMG YA . 20.85 -21.12 34.93
C20 LMG YA . 21.11 -21.70 36.33
C21 LMG YA . 22.07 -22.90 36.30
C22 LMG YA . 21.74 -24.00 37.32
C23 LMG YA . 20.69 -23.57 38.35
C24 LMG YA . 19.35 -24.27 38.14
C25 LMG YA . 19.15 -25.38 39.14
O8 LMG YA . 34.09 -18.71 36.44
C28 LMG YA . 34.88 -18.72 37.65
O10 LMG YA . 35.74 -17.86 37.83
C29 LMG YA . 34.67 -19.81 38.66
C30 LMG YA . 33.19 -20.06 38.91
C31 LMG YA . 33.04 -21.41 39.60
C32 LMG YA . 31.66 -21.94 39.25
C33 LMG YA . 31.49 -23.30 39.89
C34 LMG YA . 30.74 -24.22 38.94
C35 LMG YA . 29.52 -24.68 39.72
C36 LMG YA . 28.67 -25.72 38.99
C37 LMG YA . 27.77 -26.39 40.02
C38 LMG YA . 26.65 -27.24 39.43
C39 LMG YA . 25.30 -26.56 39.65
C40 LMG YA . 24.17 -27.55 39.45
C41 LMG YA . 22.98 -27.20 40.34
C42 LMG YA . 21.71 -27.55 39.59
C43 LMG YA . 20.55 -27.72 40.53
C2 PL9 ZA . -14.43 -33.97 35.51
C3 PL9 ZA . -13.98 -32.71 35.06
C4 PL9 ZA . -14.68 -31.50 35.58
C5 PL9 ZA . -15.83 -31.56 36.55
C6 PL9 ZA . -16.25 -32.93 36.99
C1 PL9 ZA . -15.51 -34.12 36.43
C7 PL9 ZA . -12.83 -32.48 34.06
C8 PL9 ZA . -11.79 -33.59 33.98
C9 PL9 ZA . -11.93 -34.64 33.18
C10 PL9 ZA . -13.12 -34.78 32.30
C11 PL9 ZA . -10.87 -35.72 33.14
C12 PL9 ZA . -11.23 -36.85 34.11
C13 PL9 ZA . -11.47 -38.09 33.29
C14 PL9 ZA . -10.86 -39.26 33.53
C15 PL9 ZA . -9.85 -39.41 34.66
C16 PL9 ZA . -11.16 -40.48 32.68
C17 PL9 ZA . -12.06 -40.17 31.48
C18 PL9 ZA . -12.18 -41.37 30.54
C19 PL9 ZA . -11.18 -41.74 29.71
C20 PL9 ZA . -9.88 -40.96 29.70
C21 PL9 ZA . -11.29 -42.93 28.77
C22 PL9 ZA . -12.45 -43.89 29.04
C23 PL9 ZA . -12.97 -44.41 27.70
C24 PL9 ZA . -14.01 -43.82 27.10
C25 PL9 ZA . -14.64 -42.63 27.76
C26 PL9 ZA . -14.60 -44.25 25.76
C27 PL9 ZA . -14.40 -45.72 25.36
C28 PL9 ZA . -15.73 -46.36 24.97
C29 PL9 ZA . -15.97 -47.19 23.94
C30 PL9 ZA . -14.87 -47.60 22.99
C31 PL9 ZA . -17.38 -47.73 23.75
C32 PL9 ZA . -17.36 -49.14 23.18
C33 PL9 ZA . -18.72 -49.78 22.94
C34 PL9 ZA . -19.13 -50.91 23.57
C35 PL9 ZA . -18.26 -51.54 24.62
C36 PL9 ZA . -20.47 -51.55 23.26
C37 PL9 ZA . -21.26 -51.78 24.54
C38 PL9 ZA . -22.65 -52.33 24.32
C39 PL9 ZA . -23.69 -51.93 25.10
C40 PL9 ZA . -23.46 -50.93 26.21
C41 PL9 ZA . -25.09 -52.47 24.92
C42 PL9 ZA . -26.16 -51.37 24.77
C43 PL9 ZA . -26.24 -51.01 23.29
C44 PL9 ZA . -27.39 -50.78 22.64
C45 PL9 ZA . -28.70 -50.88 23.35
C46 PL9 ZA . -27.36 -50.43 21.16
C47 PL9 ZA . -27.35 -51.69 20.34
C48 PL9 ZA . -27.51 -51.38 18.88
C49 PL9 ZA . -27.15 -52.26 17.90
C50 PL9 ZA . -27.34 -51.87 16.46
C51 PL9 ZA . -26.54 -53.62 18.21
C52 PL9 ZA . -16.50 -30.28 37.03
C53 PL9 ZA . -17.40 -33.10 37.97
O1 PL9 ZA . -14.31 -30.40 35.21
O2 PL9 ZA . -15.86 -35.27 36.78
O9 UNL AB . 14.79 1.28 50.86
C7 UNL AB . 14.36 2.42 50.78
C8 UNL AB . 15.19 3.46 50.05
C9 UNL AB . 16.61 2.94 49.79
C10 UNL AB . 16.77 2.38 48.38
C11 UNL AB . 18.11 2.69 47.68
C12 UNL AB . 18.14 2.23 46.21
C13 UNL AB . 19.45 1.55 45.77
C14 UNL AB . 19.44 0.02 45.90
C15 UNL AB . 20.55 -0.54 46.82
C16 UNL AB . 20.08 -0.84 48.25
C17 UNL AB . 21.22 -1.17 49.22
C18 UNL AB . 20.93 -0.65 50.64
O7 UNL AB . 13.07 2.78 51.40
C5 UNL AB . 11.87 2.05 51.04
C4 UNL AB . 10.69 2.47 51.92
O6 UNL AB . 10.17 1.40 52.71
C6 UNL AB . 11.48 2.28 49.57
O8 UNL AB . 12.20 1.38 48.71
C23 UNL AB . 12.53 1.64 47.30
O10 UNL AB . 11.68 2.21 46.62
C24 UNL AB . 13.87 1.23 46.72
C25 UNL AB . 13.81 1.04 45.22
C26 UNL AB . 14.86 0.07 44.70
C27 UNL AB . 15.81 0.66 43.66
C28 UNL AB . 15.28 0.62 42.22
C29 UNL AB . 15.92 1.73 41.39
C30 UNL AB . 15.80 1.60 39.88
C31 UNL AB . 17.09 2.07 39.20
C32 UNL AB . 17.15 1.77 37.70
C33 UNL AB . 18.58 1.53 37.21
C34 UNL AB . 18.67 1.13 35.74
C35 UNL AB . 19.91 0.26 35.46
C36 UNL AB . 20.18 0.10 33.96
C37 UNL AB . 21.60 -0.35 33.65
C38 UNL AB . 21.82 -0.35 32.15
C16 UNL BB . 23.02 -1.57 29.08
C15 UNL BB . 24.49 -1.89 28.89
C14 UNL BB . 24.74 -2.64 27.58
C13 UNL BB . 26.13 -3.22 27.50
C12 UNL BB . 26.81 -2.52 26.34
C11 UNL BB . 27.93 -3.24 25.65
C10 UNL BB . 29.15 -2.32 25.65
C9 UNL BB . 30.21 -2.64 24.61
C8 UNL BB . 31.52 -1.85 24.80
C7 UNL BB . 32.55 -2.11 23.68
C6 UNL BB . 33.92 -1.46 23.99
C5 UNL BB . 35.07 -2.12 23.24
C4 UNL BB . 35.85 -1.16 22.35
C3 UNL BB . 37.31 -1.59 22.21
C2 UNL BB . 37.89 -1.36 20.82
C1 UNL BB . 37.74 -2.59 19.91
C13 UNL CB . 25.30 -5.25 48.17
C12 UNL CB . 25.36 -6.01 49.49
C11 UNL CB . 24.69 -5.22 50.62
C10 UNL CB . 24.30 -6.14 51.76
C9 UNL CB . 24.38 -5.39 53.08
C8 UNL CB . 23.70 -6.16 54.20
C7 UNL CB . 24.60 -6.36 55.41
C6 UNL CB . 23.82 -6.19 56.70
C5 UNL CB . 23.73 -4.70 57.03
C4 UNL CB . 23.36 -4.43 58.49
C3 UNL CB . 23.76 -3.01 58.85
C2 UNL CB . 22.64 -2.02 58.51
C1 UNL CB . 22.96 -0.96 57.46
O6 SQD DB . 5.97 1.45 42.51
C44 SQD DB . 4.74 1.15 41.85
C45 SQD DB . 5.03 -0.05 40.93
C46 SQD DB . 4.97 0.34 39.43
O47 SQD DB . 6.31 -0.61 41.30
C7 SQD DB . 6.39 -2.01 41.69
O49 SQD DB . 5.38 -2.69 41.70
C8 SQD DB . 7.72 -2.61 42.06
C9 SQD DB . 8.59 -2.49 40.81
C10 SQD DB . 8.74 -3.78 40.03
C11 SQD DB . 9.31 -3.54 38.63
C12 SQD DB . 9.43 -4.90 37.93
C13 SQD DB . 10.02 -4.89 36.50
C14 SQD DB . 9.75 -6.24 35.84
C15 SQD DB . 10.56 -6.52 34.58
C16 SQD DB . 10.30 -7.95 34.15
C17 SQD DB . 11.25 -8.45 33.07
C18 SQD DB . 11.20 -7.69 31.75
C19 SQD DB . 9.88 -7.86 31.05
C20 SQD DB . 10.04 -7.30 29.65
C21 SQD DB . 8.73 -6.92 28.97
C22 SQD DB . 7.74 -8.06 28.92
O48 SQD DB . 6.10 1.12 38.94
C23 SQD DB . 6.99 0.70 37.85
O10 SQD DB . 7.20 -0.49 37.75
C24 SQD DB . 7.66 1.63 36.84
C25 SQD DB . 8.78 2.53 37.39
C26 SQD DB . 10.12 2.40 36.64
C27 SQD DB . 10.98 3.66 36.61
C28 SQD DB . 12.47 3.40 36.73
C29 SQD DB . 13.15 3.31 35.36
C30 SQD DB . 14.20 2.19 35.27
C31 SQD DB . 14.22 1.46 33.91
C32 SQD DB . 15.63 1.31 33.34
C33 SQD DB . 15.61 1.26 31.80
C34 SQD DB . 16.98 1.50 31.17
C35 SQD DB . 17.09 0.94 29.74
C36 SQD DB . 18.53 0.63 29.27
C37 SQD DB . 18.70 0.42 27.75
C38 SQD DB . 17.42 0.23 26.97
C1 SQD DB . 5.92 1.92 43.85
C2 SQD DB . 6.83 1.17 44.84
O2 SQD DB . 6.78 -0.26 44.67
C3 SQD DB . 6.34 1.63 46.22
O3 SQD DB . 7.08 1.09 47.31
C4 SQD DB . 6.30 3.17 46.36
O4 SQD DB . 5.42 3.46 47.44
C5 SQD DB . 5.75 3.86 45.09
C6 SQD DB . 5.89 5.38 45.10
O5 SQD DB . 6.35 3.29 43.93
S SQD DB . 5.09 6.12 43.81
O7 SQD DB . 4.84 7.52 44.24
O8 SQD DB . 5.95 6.03 42.63
O9 SQD DB . 3.81 5.47 43.46
C1B LMT EB . 21.31 -4.69 3.82
C2B LMT EB . 20.48 -5.89 3.37
C3B LMT EB . 21.09 -7.19 3.92
C4B LMT EB . 22.56 -7.27 3.50
C5B LMT EB . 23.29 -6.03 4.05
C6B LMT EB . 24.78 -6.07 3.74
O1B LMT EB . 21.22 -4.61 5.26
O2B LMT EB . 19.15 -5.75 3.88
O3B LMT EB . 20.33 -8.39 3.61
O4' LMT EB . 23.17 -8.44 4.04
O5B LMT EB . 22.69 -4.85 3.49
O6B LMT EB . 24.94 -6.22 2.33
C1' LMT EB . 20.42 -1.94 8.30
C2' LMT EB . 19.63 -1.73 6.97
C3' LMT EB . 19.73 -3.03 6.17
C4' LMT EB . 21.16 -3.30 5.77
C5' LMT EB . 22.04 -3.30 7.00
C6' LMT EB . 23.53 -3.25 6.61
O1' LMT EB . 20.47 -0.71 9.10
O2' LMT EB . 18.22 -1.35 7.03
O3' LMT EB . 18.88 -2.94 5.03
O5' LMT EB . 21.76 -2.22 7.90
O6' LMT EB . 23.81 -2.25 5.62
C1 LMT EB . 20.97 -0.79 10.45
C2 LMT EB . 20.78 0.56 11.14
C3 LMT EB . 19.34 0.83 11.46
C4 LMT EB . 19.02 0.41 12.87
C5 LMT EB . 17.53 0.27 13.14
C6 LMT EB . 17.41 -0.63 14.38
C7 LMT EB . 16.17 -0.45 15.25
C8 LMT EB . 16.34 -1.39 16.45
C9 LMT EB . 16.71 -0.67 17.73
C10 LMT EB . 15.46 -0.30 18.55
C11 LMT EB . 15.76 -0.25 20.05
C12 LMT EB . 16.56 0.97 20.42
C14 UNL FB . 15.10 0.86 24.72
C13 UNL FB . 15.58 -0.19 23.74
C12 UNL FB . 14.35 -0.82 23.09
C11 UNL FB . 14.12 -2.24 23.60
C1 GOL GB . 26.89 -3.99 13.99
O1 GOL GB . 26.32 -4.63 12.80
C2 GOL GB . 27.52 -2.61 13.71
O2 GOL GB . 28.69 -2.70 12.83
C3 GOL GB . 27.90 -1.91 15.03
O3 GOL GB . 29.02 -2.62 15.61
C1 GOL HB . 12.12 -53.81 0.89
O1 GOL HB . 12.82 -52.57 0.67
C2 GOL HB . 10.68 -53.48 1.25
O2 GOL HB . 10.06 -52.79 0.17
C3 GOL HB . 9.81 -54.70 1.59
O3 GOL HB . 8.66 -54.22 2.31
C1 GOL IB . 15.69 -68.03 9.99
O1 GOL IB . 16.38 -68.23 11.23
C2 GOL IB . 15.89 -69.31 9.23
O2 GOL IB . 15.13 -70.28 9.95
C3 GOL IB . 15.34 -69.16 7.81
O3 GOL IB . 13.91 -69.02 7.76
CA CA JB . 10.60 -10.14 -13.02
MG CLA KB . -35.91 -42.54 -12.37
CHA CLA KB . -37.42 -44.17 -15.07
CHB CLA KB . -38.89 -40.53 -12.21
CHC CLA KB . -35.11 -41.54 -9.12
CHD CLA KB . -33.51 -45.21 -12.06
NA CLA KB . -37.93 -42.33 -13.41
C1A CLA KB . -38.13 -42.95 -14.53
C2A CLA KB . -39.32 -42.41 -15.25
C3A CLA KB . -39.68 -41.18 -14.45
C4A CLA KB . -38.78 -41.34 -13.26
CMA CLA KB . -39.36 -39.95 -15.26
CAA CLA KB . -40.45 -43.44 -15.16
CBA CLA KB . -40.86 -43.80 -13.72
CGA CLA KB . -41.15 -45.27 -13.58
O1A CLA KB . -41.71 -45.63 -12.55
O2A CLA KB . -40.72 -46.22 -14.64
NB CLA KB . -36.89 -41.30 -10.95
C1B CLA KB . -37.96 -40.46 -11.07
C2B CLA KB . -38.11 -39.47 -10.00
C3B CLA KB . -37.01 -39.79 -9.11
C4B CLA KB . -36.31 -40.95 -9.77
CMB CLA KB . -39.14 -38.37 -9.86
CAB CLA KB . -36.59 -39.13 -7.81
CBB CLA KB . -35.32 -38.82 -7.63
NC CLA KB . -34.60 -43.24 -10.84
C1C CLA KB . -34.32 -42.66 -9.64
C2C CLA KB . -33.17 -43.26 -8.92
C3C CLA KB . -32.75 -44.32 -9.83
C4C CLA KB . -33.69 -44.23 -10.98
CMC CLA KB . -32.56 -42.88 -7.60
CAC CLA KB . -31.61 -45.29 -9.67
CBC CLA KB . -30.47 -44.78 -10.55
ND CLA KB . -35.45 -44.30 -13.18
C1D CLA KB . -34.51 -45.26 -13.13
C2D CLA KB . -34.59 -46.29 -14.21
C3D CLA KB . -35.75 -45.80 -14.94
C4D CLA KB . -36.24 -44.65 -14.31
CMD CLA KB . -33.76 -47.51 -14.52
CAD CLA KB . -36.59 -46.14 -16.10
OBD CLA KB . -36.38 -47.15 -16.85
CBD CLA KB . -37.65 -45.12 -16.20
CGD CLA KB . -37.48 -44.45 -17.51
O1D CLA KB . -38.37 -43.74 -17.91
O2D CLA KB . -36.19 -44.26 -18.12
CED CLA KB . -36.05 -43.26 -19.15
C1 CLA KB . -41.33 -47.48 -14.99
C2 CLA KB . -40.46 -48.37 -15.88
C3 CLA KB . -39.41 -49.15 -15.48
C4 CLA KB . -38.66 -49.98 -16.47
C5 CLA KB . -38.95 -49.26 -14.02
C6 CLA KB . -38.08 -48.10 -13.57
C7 CLA KB . -38.64 -47.47 -12.28
C8 CLA KB . -37.66 -46.52 -11.56
C9 CLA KB . -36.77 -47.28 -10.59
C10 CLA KB . -38.38 -45.36 -10.86
C11 CLA KB . -38.01 -45.19 -9.39
C12 CLA KB . -38.03 -43.72 -8.96
C13 CLA KB . -39.28 -43.24 -8.24
C14 CLA KB . -40.24 -42.58 -9.24
C15 CLA KB . -38.92 -42.37 -7.00
C16 CLA KB . -39.89 -41.26 -6.59
C17 CLA KB . -39.82 -40.77 -5.12
C18 CLA KB . -40.68 -39.53 -4.86
C19 CLA KB . -40.31 -38.38 -5.80
C20 CLA KB . -40.63 -39.03 -3.42
MG CLA LB . -31.82 -34.36 -7.76
CHA CLA LB . -28.50 -34.18 -6.51
CHB CLA LB . -30.34 -35.59 -10.71
CHC CLA LB . -34.92 -35.65 -8.71
CHD CLA LB . -33.06 -33.82 -4.43
NA CLA LB . -29.74 -34.82 -8.51
C1A CLA LB . -28.62 -34.56 -7.92
C2A CLA LB . -27.38 -34.74 -8.79
C3A CLA LB . -28.04 -34.81 -10.17
C4A CLA LB . -29.47 -35.12 -9.80
CMA CLA LB . -28.07 -33.48 -10.91
CAA CLA LB . -26.66 -36.05 -8.41
CBA CLA LB . -25.27 -36.18 -9.05
CGA CLA LB . -24.31 -35.37 -8.13
O1A CLA LB . -23.64 -34.45 -8.51
O2A CLA LB . -24.35 -35.66 -6.79
NB CLA LB . -32.47 -35.47 -9.48
C1B CLA LB . -31.81 -35.82 -10.58
C2B CLA LB . -32.73 -36.45 -11.63
C3B CLA LB . -34.06 -36.44 -10.97
C4B CLA LB . -33.79 -35.84 -9.63
CMB CLA LB . -32.33 -36.94 -12.99
CAB CLA LB . -35.43 -36.94 -11.37
CBB CLA LB . -35.55 -37.93 -12.23
NC CLA LB . -33.66 -34.71 -6.73
C1C CLA LB . -34.84 -35.12 -7.30
C2C CLA LB . -35.99 -35.05 -6.40
C3C CLA LB . -35.41 -34.52 -5.13
C4C CLA LB . -33.95 -34.38 -5.46
CMC CLA LB . -37.42 -35.45 -6.72
CAC CLA LB . -36.07 -34.22 -3.82
CBC CLA LB . -36.42 -32.72 -3.83
ND CLA LB . -31.09 -34.10 -5.83
C1D CLA LB . -31.60 -33.81 -4.65
C2D CLA LB . -30.57 -33.58 -3.60
C3D CLA LB . -29.34 -33.73 -4.39
C4D CLA LB . -29.72 -34.06 -5.70
CMD CLA LB . -30.75 -33.24 -2.15
CAD CLA LB . -27.86 -33.65 -4.28
OBD CLA LB . -27.20 -33.41 -3.23
CBD CLA LB . -27.32 -33.85 -5.64
CGD CLA LB . -26.71 -32.58 -6.15
O1D CLA LB . -27.23 -31.48 -6.14
O2D CLA LB . -25.48 -32.69 -6.84
CED CLA LB . -24.86 -31.52 -7.38
C1 CLA LB . -23.49 -34.99 -5.84
C2 CLA LB . -24.15 -35.13 -4.50
C3 CLA LB . -24.10 -36.30 -3.82
C4 CLA LB . -23.43 -37.51 -4.42
C5 CLA LB . -24.75 -36.35 -2.47
C6 CLA LB . -23.70 -36.37 -1.32
C7 CLA LB . -24.30 -36.83 -0.01
C8 CLA LB . -23.34 -36.67 1.21
C9 CLA LB . -22.14 -37.65 1.11
C10 CLA LB . -24.18 -36.88 2.46
C11 CLA LB . -23.45 -36.57 3.79
C12 CLA LB . -23.36 -35.05 3.96
C13 CLA LB . -22.45 -34.64 5.12
C14 CLA LB . -22.82 -33.16 5.30
C15 CLA LB . -21.00 -34.81 4.62
C16 CLA LB . -20.03 -34.57 5.74
C17 CLA LB . -18.74 -35.36 5.55
C18 CLA LB . -17.73 -34.82 4.56
C19 CLA LB . -16.51 -35.72 4.53
C20 CLA LB . -17.28 -33.38 4.86
MG CLA MB . -30.41 -25.93 -8.41
CHA CLA MB . -27.39 -25.02 -10.06
CHB CLA MB . -28.72 -28.76 -7.27
CHC CLA MB . -32.84 -26.37 -6.00
CHD CLA MB . -31.74 -22.72 -9.09
NA CLA MB . -28.39 -26.82 -8.63
C1A CLA MB . -27.43 -26.33 -9.36
C2A CLA MB . -26.17 -27.12 -9.27
C3A CLA MB . -26.71 -28.45 -8.71
C4A CLA MB . -28.01 -28.00 -8.14
CMA CLA MB . -26.96 -29.48 -9.85
CAA CLA MB . -25.24 -26.39 -8.24
CBA CLA MB . -25.78 -26.24 -6.84
CGA CLA MB . -25.65 -27.42 -5.90
O1A CLA MB . -24.84 -28.36 -5.95
O2A CLA MB . -26.53 -27.44 -4.77
NB CLA MB . -30.70 -27.27 -6.95
C1B CLA MB . -29.99 -28.38 -6.61
C2B CLA MB . -30.57 -29.20 -5.49
C3B CLA MB . -31.78 -28.47 -5.18
C4B CLA MB . -31.75 -27.32 -6.12
CMB CLA MB . -30.01 -30.47 -4.92
CAB CLA MB . -32.87 -28.69 -4.15
CBB CLA MB . -33.09 -29.91 -3.70
NC CLA MB . -31.99 -24.83 -7.65
C1C CLA MB . -32.88 -25.07 -6.69
C2C CLA MB . -33.83 -24.01 -6.37
C3C CLA MB . -33.46 -23.02 -7.36
C4C CLA MB . -32.33 -23.59 -8.07
CMC CLA MB . -34.99 -23.97 -5.37
CAC CLA MB . -34.07 -21.65 -7.57
CBC CLA MB . -33.46 -20.67 -6.55
ND CLA MB . -29.82 -24.22 -9.32
C1D CLA MB . -30.36 -23.00 -9.53
C2D CLA MB . -29.50 -22.10 -10.33
C3D CLA MB . -28.30 -22.94 -10.56
C4D CLA MB . -28.57 -24.17 -9.92
CMD CLA MB . -29.80 -20.73 -10.84
CAD CLA MB . -26.93 -22.95 -11.11
OBD CLA MB . -26.36 -22.02 -11.79
CBD CLA MB . -26.37 -24.28 -10.88
CGD CLA MB . -26.11 -24.99 -12.19
O1D CLA MB . -25.01 -25.34 -12.56
O2D CLA MB . -27.13 -25.08 -13.17
CED CLA MB . -26.80 -25.58 -14.47
C1 CLA MB . -26.37 -28.54 -3.86
C2 CLA MB . -27.69 -28.50 -3.07
C3 CLA MB . -27.99 -29.34 -2.03
C4 CLA MB . -27.07 -30.43 -1.62
C5 CLA MB . -29.39 -29.25 -1.39
C6 CLA MB . -29.60 -28.52 -0.09
C7 CLA MB . -31.05 -28.65 0.41
C8 CLA MB . -31.43 -30.09 0.83
C9 CLA MB . -32.89 -30.30 0.46
C10 CLA MB . -31.26 -30.29 2.35
C11 CLA MB . -31.21 -31.76 2.85
C12 CLA MB . -30.92 -31.77 4.35
C13 CLA MB . -31.00 -33.13 5.04
C14 CLA MB . -30.97 -32.86 6.53
C15 CLA MB . -29.89 -34.05 4.54
C16 CLA MB . -29.80 -35.42 5.22
C17 CLA MB . -30.97 -36.33 4.84
C18 CLA MB . -31.02 -37.63 5.65
C19 CLA MB . -30.16 -38.73 5.02
C20 CLA MB . -32.48 -38.05 5.77
MG CLA NB . -20.58 -19.62 -1.81
CHA CLA NB . -22.50 -20.83 -4.74
CHB CLA NB . -19.56 -17.02 -3.89
CHC CLA NB . -19.83 -17.90 0.97
CHD CLA NB . -22.38 -21.98 0.16
NA CLA NB . -20.95 -19.00 -3.96
C1A CLA NB . -21.62 -19.64 -4.91
C2A CLA NB . -21.39 -19.11 -6.30
C3A CLA NB . -20.64 -17.84 -6.00
C4A CLA NB . -20.35 -17.93 -4.51
CMA CLA NB . -19.36 -17.71 -6.87
CAA CLA NB . -22.63 -18.66 -7.08
CBA CLA NB . -23.64 -17.85 -6.22
CGA CLA NB . -24.87 -17.38 -6.96
O1A CLA NB . -24.96 -17.29 -8.18
O2A CLA NB . -26.01 -17.02 -6.21
NB CLA NB . -19.86 -17.73 -1.56
C1B CLA NB . -19.38 -16.83 -2.42
C2B CLA NB . -18.65 -15.72 -1.75
C3B CLA NB . -18.77 -16.05 -0.34
C4B CLA NB . -19.52 -17.31 -0.32
CMB CLA NB . -17.99 -14.52 -2.36
CAB CLA NB . -18.27 -15.32 0.87
CBB CLA NB . -17.20 -14.53 0.79
NC CLA NB . -21.06 -19.88 0.17
C1C CLA NB . -20.60 -19.12 1.22
C2C CLA NB . -20.93 -19.55 2.58
C3C CLA NB . -21.65 -20.79 2.30
C4C CLA NB . -21.70 -20.87 0.82
CMC CLA NB . -20.56 -18.92 3.92
CAC CLA NB . -22.31 -21.72 3.32
CBC CLA NB . -21.26 -22.52 4.09
ND CLA NB . -22.09 -21.05 -2.10
C1D CLA NB . -22.65 -21.95 -1.28
C2D CLA NB . -23.48 -22.94 -1.98
C3D CLA NB . -23.42 -22.46 -3.34
C4D CLA NB . -22.61 -21.32 -3.37
CMD CLA NB . -24.26 -24.12 -1.44
CAD CLA NB . -23.91 -22.70 -4.73
OBD CLA NB . -24.65 -23.62 -5.06
CBD CLA NB . -23.48 -21.59 -5.60
CGD CLA NB . -22.81 -22.34 -6.69
O1D CLA NB . -23.16 -22.29 -7.87
O2D CLA NB . -21.57 -22.97 -6.42
CED CLA NB . -20.95 -23.93 -7.25
C1 CLA NB . -27.07 -16.46 -6.94
C2 CLA NB . -28.11 -15.93 -6.01
C3 CLA NB . -28.96 -16.70 -5.33
C4 CLA NB . -28.94 -18.21 -5.37
C5 CLA NB . -29.97 -15.98 -4.46
C6 CLA NB . -31.37 -16.46 -4.85
C7 CLA NB . -31.99 -15.57 -5.90
C8 CLA NB . -33.41 -15.99 -6.29
C9 CLA NB . -33.68 -15.41 -7.67
C10 CLA NB . -34.43 -15.56 -5.25
C11 CLA NB . -35.87 -15.61 -5.77
C12 CLA NB . -36.95 -15.30 -4.71
C13 CLA NB . -38.40 -15.32 -5.22
C14 CLA NB . -39.40 -14.75 -4.20
C15 CLA NB . -38.88 -16.72 -5.63
C16 CLA NB . -40.29 -16.75 -6.26
C17 CLA NB . -40.28 -16.51 -7.77
C18 CLA NB . -41.62 -16.84 -8.45
C19 CLA NB . -41.74 -18.31 -8.81
C20 CLA NB . -41.84 -16.00 -9.70
MG CLA OB . -27.49 -12.95 -8.91
CHA CLA OB . -24.46 -14.61 -9.69
CHB CLA OB . -28.73 -14.21 -11.84
CHC CLA OB . -30.69 -12.23 -7.75
CHD CLA OB . -26.32 -12.60 -5.49
NA CLA OB . -26.71 -14.20 -10.57
C1A CLA OB . -25.52 -14.66 -10.72
C2A CLA OB . -25.27 -15.46 -11.96
C3A CLA OB . -26.56 -15.09 -12.76
C4A CLA OB . -27.42 -14.47 -11.68
CMA CLA OB . -26.23 -13.98 -13.72
CAA CLA OB . -25.11 -16.99 -11.74
CBA CLA OB . -26.25 -17.59 -10.92
CGA CLA OB . -25.91 -18.88 -10.26
O1A CLA OB . -24.98 -19.68 -10.47
O2A CLA OB . -26.81 -19.30 -9.24
NB CLA OB . -29.36 -13.23 -9.63
C1B CLA OB . -29.70 -13.65 -10.85
C2B CLA OB . -31.13 -13.53 -11.18
C3B CLA OB . -31.66 -12.95 -9.96
C4B CLA OB . -30.47 -12.78 -9.06
CMB CLA OB . -31.87 -13.98 -12.44
CAB CLA OB . -33.00 -12.55 -9.46
CBB CLA OB . -33.91 -12.09 -10.27
NC CLA OB . -28.36 -12.50 -6.97
C1C CLA OB . -29.63 -12.19 -6.70
C2C CLA OB . -29.91 -11.79 -5.33
C3C CLA OB . -28.60 -11.90 -4.67
C4C CLA OB . -27.73 -12.35 -5.78
CMC CLA OB . -31.24 -11.41 -4.75
CAC CLA OB . -28.24 -11.60 -3.23
CBC CLA OB . -28.31 -12.92 -2.43
ND CLA OB . -25.89 -13.45 -7.75
C1D CLA OB . -25.46 -13.21 -6.50
C2D CLA OB . -24.10 -13.66 -6.21
C3D CLA OB . -23.71 -14.19 -7.51
C4D CLA OB . -24.84 -14.05 -8.39
CMD CLA OB . -23.35 -13.55 -4.89
CAD CLA OB . -22.61 -14.80 -8.25
OBD CLA OB . -21.49 -15.11 -7.75
CBD CLA OB . -23.05 -15.06 -9.67
CGD CLA OB . -22.33 -14.11 -10.57
O1D CLA OB . -21.95 -14.40 -11.71
O2D CLA OB . -22.15 -12.75 -10.09
CED CLA OB . -21.86 -11.74 -11.07
C1 CLA OB . -26.40 -20.43 -8.49
C2 CLA OB . -27.61 -20.62 -7.55
C3 CLA OB . -27.91 -21.77 -6.92
C4 CLA OB . -27.10 -23.00 -7.17
C5 CLA OB . -29.17 -21.83 -6.05
C6 CLA OB . -29.12 -23.06 -5.19
C7 CLA OB . -30.42 -23.17 -4.40
C8 CLA OB . -30.31 -23.96 -3.09
C9 CLA OB . -29.69 -25.33 -3.20
C10 CLA OB . -31.76 -23.99 -2.55
C11 CLA OB . -32.02 -24.72 -1.24
C12 CLA OB . -33.32 -24.21 -0.57
C13 CLA OB . -34.58 -24.83 -1.20
C14 CLA OB . -35.76 -24.32 -0.38
C15 CLA OB . -34.50 -26.35 -1.17
C16 CLA OB . -35.80 -27.11 -1.58
C17 CLA OB . -36.10 -26.94 -3.05
C18 CLA OB . -37.23 -27.78 -3.66
C19 CLA OB . -37.10 -29.30 -3.47
C20 CLA OB . -37.30 -27.40 -5.15
MG CLA PB . -32.85 -17.56 -16.73
CHA CLA PB . -31.49 -15.14 -19.05
CHB CLA PB . -30.23 -16.69 -14.66
CHC CLA PB . -34.65 -18.85 -13.89
CHD CLA PB . -35.75 -17.60 -18.58
NA CLA PB . -31.06 -16.11 -16.83
C1A CLA PB . -30.70 -15.38 -17.82
C2A CLA PB . -29.39 -14.63 -17.58
C3A CLA PB . -28.95 -15.24 -16.26
C4A CLA PB . -30.13 -16.07 -15.85
CMA CLA PB . -27.73 -16.09 -16.48
CAA CLA PB . -29.56 -13.12 -17.50
CBA CLA PB . -30.62 -12.63 -16.50
CGA CLA PB . -29.96 -12.03 -15.27
O1A CLA PB . -28.75 -12.05 -15.01
O2A CLA PB . -30.80 -11.37 -14.33
NB CLA PB . -32.51 -17.73 -14.69
C1B CLA PB . -31.38 -17.34 -14.01
C2B CLA PB . -31.38 -17.73 -12.60
C3B CLA PB . -32.70 -18.36 -12.40
C4B CLA PB . -33.30 -18.33 -13.76
CMB CLA PB . -30.33 -17.47 -11.52
CAB CLA PB . -33.37 -18.98 -11.24
CBB CLA PB . -33.11 -18.49 -10.01
NC CLA PB . -34.80 -18.10 -16.26
C1C CLA PB . -35.39 -18.64 -15.16
C2C CLA PB . -36.84 -18.89 -15.29
C3C CLA PB . -37.11 -18.52 -16.68
C4C CLA PB . -35.79 -18.03 -17.18
CMC CLA PB . -37.74 -19.43 -14.22
CAC CLA PB . -38.42 -18.56 -17.48
CBC CLA PB . -39.17 -17.31 -17.11
ND CLA PB . -33.57 -16.62 -18.40
C1D CLA PB . -34.71 -16.76 -19.13
C2D CLA PB . -34.76 -15.99 -20.39
C3D CLA PB . -33.46 -15.34 -20.35
C4D CLA PB . -32.81 -15.75 -19.14
CMD CLA PB . -35.81 -15.84 -21.48
CAD CLA PB . -32.58 -14.45 -21.09
OBD CLA PB . -32.83 -13.86 -22.19
CBD CLA PB . -31.32 -14.30 -20.25
CGD CLA PB . -30.10 -14.72 -20.98
O1D CLA PB . -30.17 -15.53 -21.88
O2D CLA PB . -29.02 -13.77 -21.09
CED CLA PB . -27.82 -14.19 -21.77
C1 CLA PB . -30.33 -10.69 -13.16
C2 CLA PB . -31.53 -10.01 -12.55
C3 CLA PB . -31.43 -9.33 -11.40
C4 CLA PB . -30.09 -9.18 -10.68
C5 CLA PB . -32.65 -8.67 -10.85
C6 CLA PB . -32.65 -7.16 -11.29
C7 CLA PB . -33.85 -6.46 -10.61
C8 CLA PB . -33.98 -4.98 -11.02
C9 CLA PB . -35.33 -4.42 -10.52
C10 CLA PB . -34.12 -4.98 -12.52
C11 CLA PB . -33.23 -3.96 -13.21
C12 CLA PB . -33.66 -3.78 -14.68
C13 CLA PB . -32.47 -4.07 -15.57
C14 CLA PB . -31.51 -2.92 -15.27
C15 CLA PB . -32.98 -4.14 -17.03
C16 CLA PB . -33.67 -5.44 -17.44
C17 CLA PB . -33.57 -5.70 -18.97
C18 CLA PB . -34.81 -6.16 -19.74
C19 CLA PB . -35.41 -7.53 -19.35
C20 CLA PB . -34.54 -6.18 -21.24
MG CLA QB . -12.12 -13.05 -5.25
CHA CLA QB . -9.07 -12.50 -7.05
CHB CLA QB . -11.46 -16.40 -5.53
CHC CLA QB . -14.34 -13.67 -2.63
CHD CLA QB . -12.08 -9.60 -4.33
NA CLA QB . -10.56 -14.28 -6.26
C1A CLA QB . -9.46 -13.89 -6.86
C2A CLA QB . -8.49 -15.01 -7.23
C3A CLA QB . -9.39 -16.18 -6.98
C4A CLA QB . -10.55 -15.60 -6.18
CMA CLA QB . -10.06 -16.67 -8.31
CAA CLA QB . -7.25 -15.12 -6.28
CBA CLA QB . -7.72 -15.48 -4.88
CGA CLA QB . -6.55 -15.27 -3.93
O1A CLA QB . -5.44 -14.95 -4.31
O2A CLA QB . -6.83 -15.55 -2.63
NB CLA QB . -12.73 -14.76 -4.26
C1B CLA QB . -12.44 -16.02 -4.48
C2B CLA QB . -13.12 -16.99 -3.65
C3B CLA QB . -14.02 -16.20 -2.82
C4B CLA QB . -13.64 -14.81 -3.24
CMB CLA QB . -12.98 -18.47 -3.72
CAB CLA QB . -14.92 -16.58 -1.66
CBB CLA QB . -15.80 -17.61 -1.84
NC CLA QB . -13.05 -11.87 -3.70
C1C CLA QB . -13.94 -12.25 -2.78
C2C CLA QB . -14.45 -11.20 -1.93
C3C CLA QB . -13.80 -10.01 -2.47
C4C CLA QB . -12.93 -10.53 -3.55
CMC CLA QB . -15.45 -11.38 -0.79
CAC CLA QB . -13.87 -8.59 -1.94
CBC CLA QB . -12.68 -8.57 -0.92
ND CLA QB . -10.90 -11.35 -5.53
C1D CLA QB . -11.02 -10.06 -5.24
C2D CLA QB . -10.01 -9.18 -5.88
C3D CLA QB . -9.25 -10.20 -6.63
C4D CLA QB . -9.82 -11.45 -6.37
CMD CLA QB . -9.92 -7.72 -5.82
CAD CLA QB . -8.10 -10.36 -7.50
OBD CLA QB . -7.38 -9.42 -7.93
CBD CLA QB . -7.89 -11.84 -7.67
CGD CLA QB . -7.89 -11.99 -9.14
O1D CLA QB . -7.09 -12.69 -9.71
O2D CLA QB . -8.85 -11.23 -9.82
CED CLA QB . -9.03 -11.26 -11.27
C1 CLA QB . -5.85 -15.42 -1.59
C2 CLA QB . -6.51 -16.03 -0.37
C3 CLA QB . -5.87 -15.96 0.83
C4 CLA QB . -4.55 -15.26 0.97
C5 CLA QB . -6.45 -16.60 2.04
C6 CLA QB . -6.90 -15.53 3.05
C7 CLA QB . -7.07 -16.25 4.41
C8 CLA QB . -7.53 -15.28 5.49
C9 CLA QB . -6.58 -14.06 5.61
C10 CLA QB . -7.59 -16.04 6.82
C11 CLA QB . -7.93 -15.14 8.04
C12 CLA QB . -7.77 -15.89 9.39
C13 CLA QB . -8.61 -15.32 10.53
C14 CLA QB . -8.23 -13.86 10.72
C15 CLA QB . -8.42 -16.18 11.77
C16 CLA QB . -9.41 -15.83 12.85
C17 CLA QB . -9.01 -16.56 14.11
C18 CLA QB . -10.04 -16.35 15.21
C19 CLA QB . -9.46 -16.92 16.46
C20 CLA QB . -11.37 -17.05 14.87
MG CLA RB . -27.63 -31.85 13.44
CHA CLA RB . -30.82 -31.00 14.66
CHB CLA RB . -26.75 -32.47 16.62
CHC CLA RB . -24.79 -33.48 12.24
CHD CLA RB . -28.99 -31.98 10.12
NA CLA RB . -28.64 -31.89 15.34
C1A CLA RB . -29.81 -31.46 15.63
C2A CLA RB . -30.09 -31.27 17.08
C3A CLA RB . -28.67 -31.27 17.67
C4A CLA RB . -27.92 -31.86 16.49
CMA CLA RB . -28.11 -29.89 17.99
CAA CLA RB . -31.03 -32.39 17.61
CBA CLA RB . -30.49 -33.82 17.49
CGA CLA RB . -30.66 -34.32 16.07
O1A CLA RB . -31.57 -33.93 15.36
O2A CLA RB . -29.72 -35.22 15.47
NB CLA RB . -26.15 -32.82 14.21
C1B CLA RB . -25.86 -32.92 15.56
C2B CLA RB . -24.59 -33.56 15.89
C3B CLA RB . -24.00 -33.81 14.59
C4B CLA RB . -25.04 -33.33 13.65
CMB CLA RB . -24.03 -33.88 17.27
CAB CLA RB . -22.70 -34.44 14.20
CBB CLA RB . -21.64 -34.44 15.03
NC CLA RB . -26.99 -32.62 11.59
C1C CLA RB . -25.81 -33.19 11.27
C2C CLA RB . -25.58 -33.45 9.88
C3C CLA RB . -26.83 -33.02 9.28
C4C CLA RB . -27.64 -32.50 10.42
CMC CLA RB . -24.36 -34.07 9.20
CAC CLA RB . -27.16 -33.09 7.81
CBC CLA RB . -27.11 -31.77 7.06
ND CLA RB . -29.46 -31.78 12.47
C1D CLA RB . -29.86 -31.56 11.21
C2D CLA RB . -31.14 -30.89 11.07
C3D CLA RB . -31.49 -30.69 12.47
C4D CLA RB . -30.48 -31.23 13.25
CMD CLA RB . -31.85 -30.55 9.77
CAD CLA RB . -32.53 -30.14 13.35
OBD CLA RB . -33.57 -29.56 12.96
CBD CLA RB . -32.20 -30.50 14.74
CGD CLA RB . -32.26 -29.25 15.57
O1D CLA RB . -31.55 -28.31 15.26
O2D CLA RB . -33.39 -28.98 16.41
CED CLA RB . -33.40 -27.67 17.00
C1 CLA RB . -29.93 -35.70 14.12
C2 CLA RB . -29.31 -37.08 13.97
C3 CLA RB . -28.07 -37.36 13.54
C4 CLA RB . -27.04 -36.30 13.17
C5 CLA RB . -27.64 -38.80 13.39
C6 CLA RB . -27.94 -39.28 11.95
C7 CLA RB . -27.50 -40.75 11.81
C8 CLA RB . -27.53 -41.16 10.36
C9 CLA RB . -29.02 -41.19 9.95
C10 CLA RB . -26.82 -42.50 10.17
C11 CLA RB . -26.67 -42.79 8.68
C12 CLA RB . -25.84 -44.04 8.43
C13 CLA RB . -25.50 -44.11 6.93
C14 CLA RB . -26.75 -44.08 6.05
C15 CLA RB . -24.52 -45.22 6.59
C16 CLA RB . -24.09 -45.18 5.13
C17 CLA RB . -22.87 -44.24 4.97
C18 CLA RB . -22.30 -44.04 3.57
C19 CLA RB . -21.96 -45.35 2.90
C20 CLA RB . -20.99 -43.20 3.71
MG CLA SB . -41.60 -31.79 5.05
CHA CLA SB . -42.69 -32.48 8.37
CHB CLA SB . -39.00 -29.99 6.40
CHC CLA SB . -39.91 -31.87 1.90
CHD CLA SB . -43.59 -34.46 3.89
NA CLA SB . -40.97 -31.26 7.05
C1A CLA SB . -41.58 -31.50 8.18
C2A CLA SB . -41.14 -30.64 9.33
C3A CLA SB . -40.13 -29.73 8.61
C4A CLA SB . -40.00 -30.34 7.27
CMA CLA SB . -40.67 -28.32 8.39
CAA CLA SB . -40.52 -31.47 10.48
CBA CLA SB . -39.34 -32.25 9.94
CGA CLA SB . -38.76 -33.17 10.97
O1A CLA SB . -39.36 -33.62 11.96
O2A CLA SB . -37.42 -33.60 10.73
NB CLA SB . -39.72 -31.05 4.30
C1B CLA SB . -38.85 -30.31 4.98
C2B CLA SB . -37.68 -29.85 4.15
C3B CLA SB . -38.00 -30.41 2.85
C4B CLA SB . -39.28 -31.16 3.05
CMB CLA SB . -36.52 -28.98 4.61
CAB CLA SB . -37.37 -30.43 1.52
CBB CLA SB . -36.55 -29.50 1.13
NC CLA SB . -41.73 -32.90 3.23
C1C CLA SB . -41.02 -32.81 2.08
C2C CLA SB . -41.44 -33.72 1.02
C3C CLA SB . -42.56 -34.44 1.62
C4C CLA SB . -42.62 -33.91 2.99
CMC CLA SB . -40.85 -33.79 -0.35
CAC CLA SB . -43.40 -35.52 0.90
CBC CLA SB . -44.55 -34.74 0.32
ND CLA SB . -42.82 -33.25 5.84
C1D CLA SB . -43.61 -34.17 5.31
C2D CLA SB . -44.55 -34.77 6.27
C3D CLA SB . -44.18 -34.08 7.51
C4D CLA SB . -43.14 -33.18 7.17
CMD CLA SB . -45.59 -35.83 5.93
CAD CLA SB . -44.45 -33.93 8.96
OBD CLA SB . -45.32 -34.55 9.63
CBD CLA SB . -43.63 -32.79 9.47
CGD CLA SB . -44.54 -31.63 9.63
O1D CLA SB . -44.56 -30.86 10.55
O2D CLA SB . -45.29 -31.25 8.54
CED CLA SB . -46.21 -30.13 8.62
C1 CLA SB . -36.85 -34.55 11.66
C2 CLA SB . -35.39 -34.65 11.27
C3 CLA SB . -34.43 -34.06 12.07
C4 CLA SB . -34.78 -33.29 13.29
C5 CLA SB . -32.95 -34.14 11.76
C6 CLA SB . -32.52 -35.17 10.73
C7 CLA SB . -30.99 -35.28 10.61
C8 CLA SB . -30.53 -36.17 9.45
C9 CLA SB . -31.11 -37.62 9.56
C10 CLA SB . -29.03 -36.34 9.69
C11 CLA SB . -28.29 -37.21 8.64
C12 CLA SB . -26.77 -36.97 8.57
C13 CLA SB . -25.93 -38.14 7.97
C14 CLA SB . -24.45 -37.85 8.10
C15 CLA SB . -26.33 -38.39 6.52
C16 CLA SB . -25.55 -39.49 5.79
C17 CLA SB . -26.25 -39.81 4.46
C18 CLA SB . -25.51 -40.94 3.72
C19 CLA SB . -24.01 -40.63 3.64
C20 CLA SB . -26.04 -41.07 2.30
MG CLA TB . -36.23 -25.19 7.59
CHA CLA TB . -36.04 -22.73 4.93
CHB CLA TB . -34.14 -27.14 5.68
CHC CLA TB . -36.96 -27.81 9.67
CHD CLA TB . -39.13 -23.44 8.89
NA CLA TB . -35.19 -24.93 5.67
C1A CLA TB . -35.13 -23.91 4.88
C2A CLA TB . -34.10 -24.01 3.81
C3A CLA TB . -33.67 -25.46 3.98
C4A CLA TB . -34.39 -25.88 5.22
CMA CLA TB . -34.15 -26.38 2.83
CAA CLA TB . -32.89 -23.12 4.24
CBA CLA TB . -31.82 -23.04 3.14
CGA CLA TB . -32.31 -21.85 2.35
O1A CLA TB . -33.25 -21.13 2.69
O2A CLA TB . -31.74 -21.50 1.09
NB CLA TB . -35.67 -27.14 7.58
C1B CLA TB . -34.73 -27.78 6.86
C2B CLA TB . -34.39 -29.15 7.31
C3B CLA TB . -35.23 -29.32 8.48
C4B CLA TB . -35.98 -28.03 8.58
CMB CLA TB . -33.40 -30.13 6.74
CAB CLA TB . -35.31 -30.53 9.36
CBB CLA TB . -35.68 -30.52 10.64
NC CLA TB . -37.80 -25.59 8.98
C1C CLA TB . -37.86 -26.63 9.81
C2C CLA TB . -38.91 -26.57 10.81
C3C CLA TB . -39.54 -25.30 10.55
C4C CLA TB . -38.76 -24.76 9.40
CMC CLA TB . -39.18 -27.64 11.88
CAC CLA TB . -40.77 -24.67 11.25
CBC CLA TB . -40.34 -24.18 12.59
ND CLA TB . -37.35 -23.58 7.13
C1D CLA TB . -38.42 -22.91 7.70
C2D CLA TB . -38.77 -21.65 7.07
C3D CLA TB . -37.79 -21.62 5.96
C4D CLA TB . -37.01 -22.74 6.05
CMD CLA TB . -39.86 -20.65 7.39
CAD CLA TB . -37.40 -20.86 4.76
OBD CLA TB . -37.89 -19.75 4.39
CBD CLA TB . -36.24 -21.53 4.13
CGD CLA TB . -36.69 -21.97 2.79
O1D CLA TB . -36.42 -21.39 1.75
O2D CLA TB . -37.67 -22.98 2.70
CED CLA TB . -38.19 -23.23 1.37
C1 CLA TB . -32.10 -20.26 0.50
C2 CLA TB . -33.24 -20.51 -0.48
C3 CLA TB . -33.21 -20.35 -1.83
C4 CLA TB . -31.97 -19.94 -2.59
C5 CLA TB . -34.52 -20.63 -2.60
C6 CLA TB . -35.03 -19.29 -3.17
C7 CLA TB . -35.61 -18.36 -2.10
C8 CLA TB . -36.71 -19.04 -1.26
C9 CLA TB . -37.97 -19.27 -2.18
C10 CLA TB . -37.08 -18.11 -0.15
C11 CLA TB . -35.89 -17.86 0.85
C12 CLA TB . -36.48 -17.71 2.24
C13 CLA TB . -35.45 -17.10 3.24
C14 CLA TB . -34.19 -17.93 3.24
C15 CLA TB . -36.04 -17.21 4.63
C16 CLA TB . -36.31 -15.95 5.43
C17 CLA TB . -36.19 -16.06 6.98
C18 CLA TB . -37.13 -17.14 7.52
C19 CLA TB . -37.57 -16.81 8.94
C20 CLA TB . -36.39 -18.44 7.61
MG CLA UB . -24.59 -17.60 14.75
CHA CLA UB . -24.58 -15.84 17.72
CHB CLA UB . -27.04 -15.34 13.61
CHC CLA UB . -24.06 -18.67 11.49
CHD CLA UB . -21.41 -19.10 15.63
NA CLA UB . -25.66 -15.81 15.50
C1A CLA UB . -25.54 -15.37 16.75
C2A CLA UB . -26.52 -14.33 17.17
C3A CLA UB . -27.41 -14.36 15.89
C4A CLA UB . -26.67 -15.22 14.94
CMA CLA UB . -28.77 -15.00 16.15
CAA CLA UB . -25.87 -12.93 17.43
CBA CLA UB . -24.89 -12.57 16.25
CGA CLA UB . -24.21 -11.27 16.64
O1A CLA UB . -24.70 -10.34 17.28
O2A CLA UB . -22.88 -11.13 16.21
NB CLA UB . -25.36 -17.01 12.96
C1B CLA UB . -26.38 -16.19 12.65
C2B CLA UB . -26.90 -16.31 11.28
C3B CLA UB . -26.00 -17.25 10.71
C4B CLA UB . -25.08 -17.66 11.79
CMB CLA UB . -28.01 -15.54 10.60
CAB CLA UB . -25.92 -17.80 9.31
CBB CLA UB . -26.94 -17.61 8.51
NC CLA UB . -23.09 -18.65 13.76
C1C CLA UB . -23.00 -18.99 12.43
C2C CLA UB . -21.81 -19.72 12.03
C3C CLA UB . -21.08 -19.82 13.26
C4C CLA UB . -21.93 -19.13 14.26
CMC CLA UB . -21.34 -20.21 10.67
CAC CLA UB . -19.69 -20.41 13.47
CBC CLA UB . -18.69 -19.43 12.86
ND CLA UB . -23.17 -17.53 16.21
C1D CLA UB . -22.12 -18.25 16.58
C2D CLA UB . -21.70 -18.03 17.98
C3D CLA UB . -22.71 -17.06 18.40
C4D CLA UB . -23.55 -16.80 17.29
CMD CLA UB . -20.56 -18.71 18.70
CAD CLA UB . -23.17 -16.28 19.54
OBD CLA UB . -22.67 -16.27 20.72
CBD CLA UB . -24.30 -15.48 19.15
CGD CLA UB . -25.49 -15.87 20.02
O1D CLA UB . -26.01 -16.98 20.03
O2D CLA UB . -26.11 -14.90 20.81
CED CLA UB . -27.10 -15.42 21.79
C1 CLA UB . -22.29 -9.84 16.24
C2 CLA UB . -21.03 -9.98 15.46
C3 CLA UB . -20.16 -8.93 15.37
C4 CLA UB . -20.49 -7.60 16.04
C5 CLA UB . -18.88 -9.04 14.55
C6 CLA UB . -18.47 -10.45 14.10
C7 CLA UB . -17.22 -10.33 13.20
C8 CLA UB . -16.81 -11.64 12.49
C9 CLA UB . -16.36 -12.64 13.58
C10 CLA UB . -15.65 -11.40 11.52
C11 CLA UB . -16.13 -10.58 10.32
C12 CLA UB . -17.28 -11.30 9.63
C13 CLA UB . -17.47 -10.79 8.20
C14 CLA UB . -18.13 -9.39 8.23
C15 CLA UB . -18.34 -11.90 7.60
C16 CLA UB . -18.41 -12.13 6.11
C17 CLA UB . -19.49 -13.17 5.83
C18 CLA UB . -18.98 -14.58 5.68
C19 CLA UB . -17.83 -14.67 4.69
C20 CLA UB . -20.09 -15.53 5.32
MG CLA VB . -30.89 -14.10 9.61
CHA CLA VB . -31.10 -16.79 7.27
CHB CLA VB . -28.68 -12.65 7.43
CHC CLA VB . -29.84 -11.98 12.20
CHD CLA VB . -32.82 -15.97 11.81
NA CLA VB . -29.90 -14.67 7.64
C1A CLA VB . -30.21 -15.66 6.90
C2A CLA VB . -29.65 -15.57 5.52
C3A CLA VB . -28.64 -14.40 5.64
C4A CLA VB . -29.05 -13.86 6.98
CMA CLA VB . -27.16 -14.93 5.80
CAA CLA VB . -30.75 -15.27 4.48
CBA CLA VB . -31.60 -14.08 4.98
CGA CLA VB . -32.66 -13.87 3.96
O1A CLA VB . -33.82 -14.19 4.12
O2A CLA VB . -32.30 -13.31 2.72
NB CLA VB . -29.41 -12.60 9.79
C1B CLA VB . -28.74 -12.08 8.79
C2B CLA VB . -28.09 -10.80 9.12
C3B CLA VB . -28.44 -10.65 10.51
C4B CLA VB . -29.31 -11.82 10.83
CMB CLA VB . -27.21 -9.94 8.23
CAB CLA VB . -28.15 -9.64 11.53
CBB CLA VB . -27.92 -8.39 11.17
NC CLA VB . -31.18 -14.02 11.63
C1C CLA VB . -30.77 -13.10 12.54
C2C CLA VB . -31.32 -13.28 13.89
C3C CLA VB . -32.20 -14.43 13.77
C4C CLA VB . -32.04 -14.82 12.34
CMC CLA VB . -31.04 -12.44 15.12
CAC CLA VB . -33.03 -15.02 14.92
CBC CLA VB . -32.45 -16.35 15.40
ND CLA VB . -31.78 -15.99 9.68
C1D CLA VB . -32.61 -16.58 10.52
C2D CLA VB . -33.22 -17.83 10.03
C3D CLA VB . -32.61 -17.90 8.71
C4D CLA VB . -31.76 -16.77 8.56
CMD CLA VB . -34.20 -18.75 10.74
CAD CLA VB . -32.52 -18.68 7.49
OBD CLA VB . -33.10 -19.79 7.25
CBD CLA VB . -31.61 -17.97 6.53
CGD CLA VB . -30.50 -18.87 6.10
O1D CLA VB . -30.27 -19.18 4.96
O2D CLA VB . -29.75 -19.52 7.12
CED CLA VB . -28.74 -20.50 6.81
C1 CLA VB . -33.16 -13.34 1.56
C2 CLA VB . -32.88 -14.70 1.01
C3 CLA VB . -32.38 -14.98 -0.19
C4 CLA VB . -32.04 -13.90 -1.17
C5 CLA VB . -32.10 -16.44 -0.53
C6 CLA VB . -30.57 -16.74 -0.59
C7 CLA VB . -29.87 -16.46 0.78
C8 CLA VB . -28.33 -16.70 0.85
C9 CLA VB . -27.84 -16.62 2.28
C10 CLA VB . -27.63 -15.62 0.04
C11 CLA VB . -26.26 -15.99 -0.53
C12 CLA VB . -26.41 -16.91 -1.77
C13 CLA VB . -25.17 -17.81 -2.00
C14 CLA VB . -23.97 -16.96 -2.40
C15 CLA VB . -25.33 -18.90 -3.07
C16 CLA VB . -26.36 -19.97 -2.72
C17 CLA VB . -26.22 -20.46 -1.28
C18 CLA VB . -27.13 -21.66 -1.04
C19 CLA VB . -28.62 -21.34 -1.10
C20 CLA VB . -26.86 -22.21 0.34
MG CLA WB . -23.18 -13.05 4.45
CHA CLA WB . -22.73 -11.20 7.53
CHB CLA WB . -24.15 -15.73 6.47
CHC CLA WB . -22.85 -15.12 1.71
CHD CLA WB . -21.34 -10.54 2.81
NA CLA WB . -23.52 -13.37 6.63
C1A CLA WB . -23.33 -12.54 7.61
C2A CLA WB . -23.72 -13.08 8.98
C3A CLA WB . -23.96 -14.55 8.68
C4A CLA WB . -23.85 -14.58 7.16
CMA CLA WB . -22.91 -15.48 9.31
CAA CLA WB . -24.95 -12.33 9.52
CBA CLA WB . -25.66 -12.94 10.79
CGA CLA WB . -24.73 -12.69 11.98
O1A CLA WB . -24.91 -11.81 12.82
O2A CLA WB . -23.63 -13.55 12.15
NB CLA WB . -23.40 -15.06 4.21
C1B CLA WB . -24.01 -15.96 5.02
C2B CLA WB . -24.37 -17.21 4.34
C3B CLA WB . -23.92 -17.00 2.99
C4B CLA WB . -23.35 -15.64 2.99
CMB CLA WB . -25.05 -18.42 4.94
CAB CLA WB . -23.94 -17.84 1.75
CBB CLA WB . -24.52 -19.02 1.78
NC CLA WB . -22.19 -12.93 2.59
C1C CLA WB . -22.27 -13.77 1.56
C2C CLA WB . -21.68 -13.24 0.30
C3C CLA WB . -21.24 -11.89 0.67
C4C CLA WB . -21.63 -11.80 2.12
CMC CLA WB . -21.58 -14.00 -1.00
CAC CLA WB . -20.56 -10.86 -0.21
CBC CLA WB . -19.06 -11.13 -0.02
ND CLA WB . -22.16 -11.26 4.95
C1D CLA WB . -21.57 -10.29 4.21
C2D CLA WB . -21.19 -9.11 4.94
C3D CLA WB . -21.71 -9.47 6.27
C4D CLA WB . -22.24 -10.76 6.20
CMD CLA WB . -20.54 -7.81 4.53
CAD CLA WB . -21.79 -9.04 7.66
OBD CLA WB . -21.41 -7.92 8.11
CBD CLA WB . -22.62 -10.02 8.41
CGD CLA WB . -21.95 -10.36 9.68
O1D CLA WB . -21.04 -11.19 9.84
O2D CLA WB . -22.21 -9.40 10.67
CED CLA WB . -21.46 -9.49 11.90
C1 CLA WB . -22.66 -13.20 13.17
C2 CLA WB . -21.26 -13.53 12.67
C3 CLA WB . -20.79 -14.77 12.75
C4 CLA WB . -21.64 -15.91 13.25
C5 CLA WB . -19.38 -15.05 12.26
C6 CLA WB . -19.30 -15.56 10.80
C7 CLA WB . -17.85 -15.94 10.46
C8 CLA WB . -17.64 -16.40 8.99
C9 CLA WB . -18.48 -17.63 8.63
C10 CLA WB . -16.18 -16.74 8.68
C11 CLA WB . -15.22 -16.05 9.63
C12 CLA WB . -14.38 -15.08 8.83
C13 CLA WB . -13.02 -14.70 9.46
C14 CLA WB . -12.85 -14.95 10.94
C15 CLA WB . -12.81 -13.22 9.38
C16 CLA WB . -12.81 -12.61 8.00
C17 CLA WB . -11.38 -12.41 7.58
C18 CLA WB . -10.95 -10.96 7.57
C19 CLA WB . -11.75 -10.10 6.61
C20 CLA WB . -9.50 -10.96 7.15
MG CLA XB . -24.70 -5.14 13.24
CHA CLA XB . -26.27 -3.10 15.76
CHB CLA XB . -27.54 -4.76 11.43
CHC CLA XB . -22.90 -6.19 10.41
CHD CLA XB . -21.55 -4.57 14.87
NA CLA XB . -26.65 -4.16 13.58
C1A CLA XB . -27.08 -3.51 14.58
C2A CLA XB . -28.49 -2.99 14.42
C3A CLA XB . -28.98 -3.78 13.17
C4A CLA XB . -27.64 -4.28 12.67
CMA CLA XB . -29.75 -5.01 13.66
CAA CLA XB . -28.53 -1.46 14.21
CBA CLA XB . -27.56 -0.92 13.12
CGA CLA XB . -26.18 -0.64 13.74
O1A CLA XB . -25.93 -0.03 14.81
O2A CLA XB . -25.03 -1.13 13.03
NB CLA XB . -25.16 -5.39 11.27
C1B CLA XB . -26.33 -5.29 10.71
C2B CLA XB . -26.41 -5.74 9.30
C3B CLA XB . -25.07 -6.19 9.05
C4B CLA XB . -24.32 -5.87 10.34
CMB CLA XB . -27.60 -5.78 8.31
CAB CLA XB . -24.40 -6.74 7.86
CBB CLA XB . -25.03 -7.55 6.98
NC CLA XB . -22.58 -5.35 12.66
C1C CLA XB . -22.06 -5.80 11.58
C2C CLA XB . -20.59 -5.90 11.60
C3C CLA XB . -20.22 -5.41 12.92
C4C CLA XB . -21.53 -5.07 13.52
CMC CLA XB . -19.71 -6.41 10.49
CAC CLA XB . -18.80 -5.30 13.43
CBC CLA XB . -18.40 -3.88 12.97
ND CLA XB . -23.97 -4.14 14.89
C1D CLA XB . -22.77 -4.05 15.51
C2D CLA XB . -22.81 -3.30 16.77
C3D CLA XB . -24.23 -2.97 16.87
C4D CLA XB . -24.86 -3.48 15.71
CMD CLA XB . -21.70 -3.00 17.77
CAD CLA XB . -25.24 -2.26 17.70
OBD CLA XB . -24.98 -1.62 18.75
CBD CLA XB . -26.54 -2.30 16.95
CGD CLA XB . -27.57 -3.01 17.81
O1D CLA XB . -28.75 -2.99 17.58
O2D CLA XB . -27.17 -3.50 19.08
CED CLA XB . -28.14 -4.11 19.94
C1 CLA XB . -23.68 -0.87 13.46
C2 CLA XB . -22.81 -1.66 12.53
C3 CLA XB . -22.14 -1.09 11.55
C4 CLA XB . -22.27 0.38 11.39
C5 CLA XB . -21.31 -1.94 10.60
C6 CLA XB . -19.90 -1.37 10.38
C7 CLA XB . -19.46 -1.32 8.91
C8 CLA XB . -18.06 -1.89 8.57
C9 CLA XB . -16.95 -1.38 9.46
C10 CLA XB . -17.66 -1.56 7.14
C11 CLA XB . -18.56 -0.47 6.52
C12 CLA XB . -18.55 -0.49 4.98
C13 CLA XB . -17.61 0.54 4.36
C14 CLA XB . -18.48 1.58 3.65
C15 CLA XB . -16.61 -0.16 3.44
C16 CLA XB . -15.15 -0.31 3.94
C17 CLA XB . -14.22 -0.80 2.79
C18 CLA XB . -12.68 -0.78 3.00
C19 CLA XB . -12.13 0.56 3.52
C20 CLA XB . -11.92 -1.21 1.72
MG CLA YB . -41.83 -14.62 2.97
CHA CLA YB . -38.49 -13.38 3.17
CHB CLA YB . -41.51 -14.13 -0.50
CHC CLA YB . -45.14 -14.79 2.71
CHD CLA YB . -42.15 -14.06 6.57
NA CLA YB . -40.18 -13.95 1.49
C1A CLA YB . -38.99 -13.61 1.81
C2A CLA YB . -38.10 -13.32 0.62
C3A CLA YB . -39.07 -13.57 -0.56
C4A CLA YB . -40.35 -13.92 0.18
CMA CLA YB . -39.33 -12.28 -1.31
CAA CLA YB . -36.87 -14.20 0.69
CBA CLA YB . -36.16 -14.34 -0.67
CGA CLA YB . -35.52 -13.04 -1.10
O1A CLA YB . -35.33 -12.04 -0.37
O2A CLA YB . -35.14 -13.01 -2.49
NB CLA YB . -43.07 -14.45 1.32
C1B CLA YB . -42.87 -14.31 0.03
C2B CLA YB . -44.11 -14.37 -0.80
C3B CLA YB . -45.13 -14.55 0.21
C4B CLA YB . -44.40 -14.56 1.49
CMB CLA YB . -44.25 -14.24 -2.31
CAB CLA YB . -46.64 -14.68 0.12
CBB CLA YB . -47.25 -14.18 -0.92
NC CLA YB . -43.37 -14.42 4.39
C1C CLA YB . -44.67 -14.58 4.09
C2C CLA YB . -45.59 -14.49 5.23
C3C CLA YB . -44.69 -14.23 6.35
C4C CLA YB . -43.34 -14.24 5.70
CMC CLA YB . -47.13 -14.57 5.20
CAC CLA YB . -44.93 -14.02 7.84
CBC CLA YB . -45.18 -12.51 8.04
ND CLA YB . -40.72 -13.92 4.58
C1D CLA YB . -40.87 -13.81 5.92
C2D CLA YB . -39.65 -13.37 6.63
C3D CLA YB . -38.73 -13.19 5.50
C4D CLA YB . -39.40 -13.55 4.29
CMD CLA YB . -39.46 -13.13 8.12
CAD CLA YB . -37.33 -12.80 5.18
OBD CLA YB . -36.47 -12.38 6.03
CBD CLA YB . -37.18 -12.91 3.72
CGD CLA YB . -36.78 -11.55 3.19
O1D CLA YB . -37.54 -10.62 2.84
O2D CLA YB . -35.39 -11.46 2.84
CED CLA YB . -34.85 -10.18 2.42
C1 CLA YB . -34.41 -11.89 -3.01
C2 CLA YB . -35.37 -10.85 -3.47
C3 CLA YB . -35.68 -10.58 -4.76
C4 CLA YB . -35.05 -11.30 -5.92
C5 CLA YB . -36.69 -9.46 -5.00
C6 CLA YB . -38.14 -9.98 -5.02
C7 CLA YB . -39.09 -8.91 -5.54
C8 CLA YB . -39.98 -8.35 -4.43
C9 CLA YB . -40.68 -9.46 -3.67
C10 CLA YB . -41.06 -7.41 -4.96
C11 CLA YB . -41.32 -6.45 -3.80
C12 CLA YB . -42.67 -5.76 -3.84
C13 CLA YB . -43.73 -6.26 -2.88
C14 CLA YB . -44.93 -5.33 -3.05
C15 CLA YB . -43.22 -6.22 -1.45
C16 CLA YB . -43.93 -7.26 -0.56
C17 CLA YB . -43.43 -8.66 -0.86
C18 CLA YB . -43.82 -9.66 0.20
C19 CLA YB . -42.74 -10.73 0.22
C20 CLA YB . -45.12 -10.32 -0.18
MG CLA ZB . -41.97 -5.40 2.22
CHA CLA ZB . -44.32 -2.87 1.81
CHB CLA ZB . -40.27 -4.07 -0.52
CHC CLA ZB . -40.11 -8.31 1.99
CHD CLA ZB . -44.40 -7.19 4.24
NA CLA ZB . -42.17 -3.70 0.92
C1A CLA ZB . -43.07 -2.78 1.02
C2A CLA ZB . -42.85 -1.55 0.16
C3A CLA ZB . -41.70 -2.04 -0.74
C4A CLA ZB . -41.36 -3.36 -0.10
CMA CLA ZB . -42.00 -2.20 -2.25
CAA CLA ZB . -42.40 -0.44 1.13
CBA CLA ZB . -42.04 0.87 0.38
CGA CLA ZB . -43.22 1.45 -0.35
O1A CLA ZB . -44.40 1.35 0.05
O2A CLA ZB . -42.94 2.19 -1.55
NB CLA ZB . -40.46 -6.05 0.90
C1B CLA ZB . -39.87 -5.42 -0.12
C2B CLA ZB . -38.80 -6.19 -0.77
C3B CLA ZB . -38.84 -7.43 -0.01
C4B CLA ZB . -39.86 -7.22 1.05
CMB CLA ZB . -37.91 -5.82 -1.94
CAB CLA ZB . -38.07 -8.67 -0.04
CBB CLA ZB . -37.24 -8.97 -1.02
NC CLA ZB . -42.22 -7.36 2.90
C1C CLA ZB . -41.31 -8.38 2.84
C2C CLA ZB . -41.67 -9.59 3.61
C3C CLA ZB . -42.93 -9.22 4.29
C4C CLA ZB . -43.19 -7.85 3.76
CMC CLA ZB . -40.88 -10.85 3.74
CAC CLA ZB . -43.74 -10.13 5.20
CBC CLA ZB . -44.56 -11.01 4.25
ND CLA ZB . -43.93 -5.28 2.93
C1D CLA ZB . -44.76 -5.90 3.76
C2D CLA ZB . -46.02 -5.20 4.06
C3D CLA ZB . -45.82 -3.98 3.25
C4D CLA ZB . -44.56 -4.09 2.61
CMD CLA ZB . -47.18 -5.65 4.94
CAD CLA ZB . -46.43 -2.68 2.86
OBD CLA ZB . -47.56 -2.21 3.23
CBD CLA ZB . -45.43 -1.92 2.06
CGD CLA ZB . -46.03 -1.54 0.75
O1D CLA ZB . -46.65 -0.52 0.59
O2D CLA ZB . -46.37 -2.58 -0.16
CED CLA ZB . -47.25 -2.29 -1.26
C1 CLA ZB . -43.92 2.68 -2.50
C2 CLA ZB . -45.10 1.75 -2.79
C3 CLA ZB . -45.28 0.86 -3.83
C4 CLA ZB . -46.55 0.06 -3.92
C5 CLA ZB . -44.23 0.60 -4.91
C6 CLA ZB . -44.14 -0.90 -5.21
C7 CLA ZB . -43.48 -1.19 -6.55
C8 CLA ZB . -42.61 -2.44 -6.55
C9 CLA ZB . -41.35 -2.20 -7.38
C10 CLA ZB . -43.40 -3.64 -7.07
C11 CLA ZB . -42.48 -4.77 -7.57
C12 CLA ZB . -42.69 -5.01 -9.06
C13 CLA ZB . -41.55 -5.84 -9.66
C14 CLA ZB . -41.00 -5.15 -10.91
C15 CLA ZB . -42.01 -7.28 -9.94
C16 CLA ZB . -41.53 -8.32 -8.91
C17 CLA ZB . -41.16 -9.66 -9.57
C18 CLA ZB . -40.79 -10.80 -8.60
C19 CLA ZB . -39.50 -11.52 -9.00
C20 CLA ZB . -41.92 -11.80 -8.46
C1 BCR AC . -7.90 -7.18 -0.56
C2 BCR AC . -6.38 -7.37 -0.65
C3 BCR AC . -5.66 -6.85 0.60
C4 BCR AC . -5.93 -5.39 0.91
C5 BCR AC . -7.35 -5.00 0.65
C6 BCR AC . -8.24 -5.78 -0.05
C7 BCR AC . -9.60 -5.24 -0.29
C8 BCR AC . -10.65 -5.51 0.55
C9 BCR AC . -12.00 -4.98 0.28
C10 BCR AC . -12.98 -5.08 1.20
C11 BCR AC . -14.33 -4.58 1.03
C33 BCR AC . -7.74 -3.60 1.08
C31 BCR AC . -8.53 -8.25 0.32
C32 BCR AC . -8.42 -7.38 -2.03
C34 BCR AC . -12.31 -4.38 -1.09
C12 BCR AC . -15.16 -4.94 2.05
C13 BCR AC . -16.54 -4.42 2.14
C14 BCR AC . -17.32 -4.68 3.24
C15 BCR AC . -18.66 -4.07 3.43
C16 BCR AC . -19.32 -4.36 4.57
C17 BCR AC . -20.63 -3.73 4.81
C18 BCR AC . -21.34 -3.81 5.97
C19 BCR AC . -22.65 -3.10 6.02
C20 BCR AC . -23.47 -3.06 7.12
C21 BCR AC . -24.72 -2.31 7.00
C22 BCR AC . -25.53 -1.97 8.05
C23 BCR AC . -26.77 -1.29 7.70
C24 BCR AC . -27.70 -0.99 8.63
C25 BCR AC . -29.01 -0.35 8.28
C26 BCR AC . -29.19 0.72 7.46
C27 BCR AC . -30.59 1.31 7.15
C28 BCR AC . -31.74 0.83 8.07
C29 BCR AC . -31.58 -0.68 8.33
C30 BCR AC . -30.22 -1.06 8.96
C35 BCR AC . -16.96 -3.45 1.10
C36 BCR AC . -20.89 -4.57 7.16
C37 BCR AC . -25.20 -2.25 9.53
C38 BCR AC . -28.10 1.43 6.72
C39 BCR AC . -30.12 -2.59 8.76
C40 BCR AC . -30.13 -0.75 10.47
C1 BCR BC . -12.78 -12.91 3.08
C2 BCR BC . -11.34 -13.41 3.30
C3 BCR BC . -10.37 -12.56 2.45
C4 BCR BC . -10.42 -11.08 2.87
C5 BCR BC . -11.84 -10.56 3.04
C6 BCR BC . -12.92 -11.40 3.12
C7 BCR BC . -14.32 -10.86 3.20
C8 BCR BC . -14.78 -9.94 2.31
C9 BCR BC . -16.17 -9.42 2.34
C10 BCR BC . -16.47 -8.46 1.45
C11 BCR BC . -17.80 -7.84 1.25
C33 BCR BC . -11.94 -9.04 3.05
C31 BCR BC . -13.66 -13.51 4.16
C32 BCR BC . -13.30 -13.37 1.72
C34 BCR BC . -17.17 -10.02 3.33
C12 BCR BC . -17.99 -7.03 0.18
C13 BCR BC . -19.30 -6.41 -0.09
C14 BCR BC . -19.37 -5.46 -1.04
C15 BCR BC . -20.56 -4.68 -1.43
C16 BCR BC . -20.62 -3.79 -2.48
C17 BCR BC . -21.88 -3.06 -2.72
C18 BCR BC . -22.08 -2.07 -3.65
C19 BCR BC . -23.42 -1.46 -3.81
C20 BCR BC . -23.68 -0.50 -4.73
C21 BCR BC . -25.04 0.04 -4.84
C22 BCR BC . -25.40 1.19 -5.47
C23 BCR BC . -26.85 1.54 -5.45
C24 BCR BC . -27.42 2.62 -6.05
C25 BCR BC . -28.90 3.01 -6.05
C26 BCR BC . -29.59 3.34 -4.92
C27 BCR BC . -31.05 3.72 -4.96
C28 BCR BC . -31.77 2.99 -6.08
C29 BCR BC . -31.10 3.41 -7.36
C30 BCR BC . -29.61 3.06 -7.41
C35 BCR BC . -20.49 -6.82 0.81
C36 BCR BC . -20.96 -1.53 -4.54
C37 BCR BC . -24.37 2.08 -6.20
C38 BCR BC . -29.00 3.29 -3.53
C39 BCR BC . -28.86 4.09 -8.32
C40 BCR BC . -29.55 1.70 -8.02
C1 BCR CC . -36.16 -9.63 -14.26
C2 BCR CC . -36.54 -9.86 -15.74
C3 BCR CC . -37.89 -9.27 -16.16
C4 BCR CC . -38.97 -9.78 -15.21
C5 BCR CC . -38.62 -9.62 -13.74
C6 BCR CC . -37.33 -9.55 -13.30
C7 BCR CC . -37.03 -9.40 -11.84
C8 BCR CC . -37.44 -8.32 -11.12
C9 BCR CC . -37.08 -8.13 -9.69
C10 BCR CC . -37.50 -7.00 -9.06
C11 BCR CC . -37.17 -6.57 -7.68
C33 BCR CC . -39.80 -9.55 -12.82
C31 BCR CC . -35.25 -8.39 -14.17
C32 BCR CC . -35.39 -10.87 -13.88
C34 BCR CC . -36.19 -9.17 -9.05
C12 BCR CC . -37.69 -5.40 -7.28
C13 BCR CC . -37.42 -4.77 -5.98
C14 BCR CC . -38.14 -3.66 -5.61
C15 BCR CC . -37.86 -2.92 -4.36
C16 BCR CC . -38.51 -1.75 -4.13
C17 BCR CC . -38.26 -0.92 -2.97
C18 BCR CC . -38.95 0.22 -2.70
C19 BCR CC . -38.53 0.96 -1.47
C20 BCR CC . -39.07 2.13 -1.10
C21 BCR CC . -38.55 2.76 0.13
C22 BCR CC . -38.99 3.89 0.74
C23 BCR CC . -38.25 4.33 1.98
C24 BCR CC . -38.37 5.60 2.40
C25 BCR CC . -37.64 6.07 3.61
C26 BCR CC . -36.32 6.34 3.46
C27 BCR CC . -35.44 6.81 4.61
C28 BCR CC . -36.07 6.51 5.99
C29 BCR CC . -37.52 6.94 5.98
C30 BCR CC . -38.41 6.22 4.93
C35 BCR CC . -36.31 -5.35 -5.11
C36 BCR CC . -40.11 0.71 -3.55
C37 BCR CC . -40.20 4.72 0.32
C38 BCR CC . -35.69 6.16 2.09
C39 BCR CC . -39.68 7.07 4.68
C40 BCR CC . -38.89 4.84 5.43
O6 SQD DC . -33.50 6.01 12.49
C44 SQD DC . -32.75 4.80 12.26
C45 SQD DC . -31.33 5.07 11.74
C46 SQD DC . -30.47 5.75 12.81
O47 SQD DC . -30.74 3.92 11.06
C7 SQD DC . -29.50 3.28 11.54
O49 SQD DC . -29.41 2.87 12.71
C8 SQD DC . -28.39 3.08 10.53
C9 SQD DC . -27.00 2.98 11.15
C10 SQD DC . -26.02 2.29 10.21
C11 SQD DC . -25.04 3.25 9.55
C12 SQD DC . -23.81 2.60 8.94
C13 SQD DC . -24.02 2.26 7.47
C14 SQD DC . -22.70 2.06 6.72
C15 SQD DC . -22.82 1.22 5.43
C16 SQD DC . -23.97 1.56 4.47
C17 SQD DC . -23.57 1.32 3.02
C18 SQD DC . -24.43 0.25 2.34
C19 SQD DC . -23.54 -0.73 1.58
C20 SQD DC . -23.94 -0.89 0.12
C21 SQD DC . -25.26 -1.64 -0.05
C22 SQD DC . -26.07 -0.95 -1.13
O48 SQD DC . -30.01 7.02 12.33
C23 SQD DC . -28.62 7.32 12.61
O10 SQD DC . -28.24 7.06 13.72
C24 SQD DC . -27.66 7.87 11.61
C25 SQD DC . -26.31 7.23 11.91
C26 SQD DC . -25.18 7.92 11.21
C27 SQD DC . -24.78 7.24 9.92
C28 SQD DC . -23.29 7.58 9.73
C29 SQD DC . -22.62 6.88 8.56
C30 SQD DC . -22.58 7.73 7.29
C31 SQD DC . -21.35 7.47 6.42
C32 SQD DC . -21.65 6.65 5.19
C33 SQD DC . -20.42 5.89 4.70
C34 SQD DC . -19.19 6.75 5.06
C35 SQD DC . -18.08 5.89 5.62
C36 SQD DC . -16.92 6.70 6.23
C37 SQD DC . -15.94 5.74 6.90
C38 SQD DC . -15.00 5.26 5.80
C1 SQD DC . -33.25 6.56 13.80
C2 SQD DC . -33.39 8.07 14.04
O2 SQD DC . -32.50 8.80 13.19
C3 SQD DC . -33.07 8.42 15.50
O3 SQD DC . -33.80 9.59 15.87
C4 SQD DC . -33.31 7.30 16.55
O4 SQD DC . -32.38 7.48 17.63
C5 SQD DC . -33.12 5.89 15.93
C6 SQD DC . -33.29 4.66 16.83
O5 SQD DC . -34.00 5.86 14.81
S SQD DC . -33.35 3.17 16.02
O7 SQD DC . -32.01 2.49 15.91
O8 SQD DC . -34.33 2.32 16.77
O9 SQD DC . -33.86 3.31 14.65
C1 LMG EC . -3.49 -10.03 -6.47
O1 LMG EC . -4.22 -10.94 -5.64
C2 LMG EC . -2.01 -10.42 -6.47
O2 LMG EC . -1.46 -10.34 -5.16
C3 LMG EC . -1.23 -9.45 -7.38
O3 LMG EC . 0.07 -10.01 -7.51
C4 LMG EC . -1.87 -9.40 -8.77
O4 LMG EC . -1.68 -10.71 -9.33
C5 LMG EC . -3.37 -9.12 -8.69
O5 LMG EC . -5.40 -9.10 -9.77
C6 LMG EC . -4.00 -9.17 -10.09
O6 LMG EC . -4.00 -10.11 -7.82
C7 LMG EC . -5.44 -10.38 -5.14
C8 LMG EC . -5.64 -10.79 -3.72
C9 LMG EC . -4.63 -10.02 -2.91
O7 LMG EC . -6.90 -10.37 -3.23
C10 LMG EC . -7.83 -11.43 -3.03
O9 LMG EC . -7.58 -12.41 -3.71
C11 LMG EC . -9.03 -11.30 -2.10
C12 LMG EC . -9.94 -12.53 -2.20
C13 LMG EC . -9.47 -13.73 -1.44
C14 LMG EC . -10.62 -14.72 -1.28
C15 LMG EC . -10.16 -16.10 -0.90
C16 LMG EC . -11.22 -16.98 -0.25
C17 LMG EC . -10.79 -17.86 0.92
C18 LMG EC . -11.07 -17.30 2.31
C19 LMG EC . -11.66 -18.25 3.35
C20 LMG EC . -10.87 -18.20 4.66
C21 LMG EC . -11.71 -18.12 5.93
C22 LMG EC . -10.94 -18.56 7.14
C23 LMG EC . -11.73 -18.31 8.40
C24 LMG EC . -10.85 -18.67 9.57
C25 LMG EC . -11.48 -18.37 10.90
O8 LMG EC . -4.47 -10.68 -1.63
C28 LMG EC . -3.36 -10.09 -0.88
O10 LMG EC . -2.66 -9.32 -1.48
C29 LMG EC . -3.00 -10.36 0.54
C30 LMG EC . -3.84 -11.49 1.07
C31 LMG EC . -5.13 -10.78 1.36
C32 LMG EC . -5.81 -11.48 2.48
C33 LMG EC . -5.69 -10.55 3.66
C34 LMG EC . -7.04 -10.15 4.18
C35 LMG EC . -6.73 -8.80 4.80
C36 LMG EC . -7.89 -8.04 5.38
C37 LMG EC . -7.93 -6.63 4.83
C38 LMG EC . -9.01 -5.92 5.63
C39 LMG EC . -10.27 -5.60 4.84
C40 LMG EC . -11.24 -4.95 5.78
C41 LMG EC . -12.49 -4.48 5.05
C42 LMG EC . -12.86 -3.06 5.44
C43 LMG EC . -14.28 -2.93 5.96
C1B LMT FC . -43.17 -37.39 28.29
C2B LMT FC . -42.75 -36.76 29.60
C3B LMT FC . -41.49 -37.50 30.00
C4B LMT FC . -41.86 -38.92 30.40
C5B LMT FC . -42.73 -39.65 29.34
C6B LMT FC . -43.69 -40.67 30.03
O1B LMT FC . -42.07 -37.15 27.38
O2B LMT FC . -42.46 -35.38 29.41
O3B LMT FC . -40.77 -36.81 31.04
O4' LMT FC . -40.61 -39.58 30.62
O5B LMT FC . -43.54 -38.78 28.49
O6B LMT FC . -43.81 -41.92 29.05
C1' LMT FC . -41.82 -36.46 23.22
C2' LMT FC . -43.10 -35.94 23.93
C3' LMT FC . -42.88 -35.84 25.44
C4' LMT FC . -42.36 -37.17 25.99
C5' LMT FC . -41.07 -37.55 25.26
C6' LMT FC . -40.51 -38.89 25.75
O1' LMT FC . -42.05 -36.73 21.81
O2' LMT FC . -43.59 -34.67 23.47
O3' LMT FC . -44.16 -35.49 25.99
O5' LMT FC . -41.32 -37.64 23.85
O6' LMT FC . -41.50 -39.94 25.79
C1 LMT FC . -40.87 -37.23 21.15
C2 LMT FC . -40.26 -36.35 20.06
C3 LMT FC . -40.33 -37.02 18.68
C4 LMT FC . -39.07 -36.84 17.82
C5 LMT FC . -39.14 -37.75 16.58
C6 LMT FC . -38.36 -37.22 15.37
C7 LMT FC . -38.85 -37.93 14.12
C8 LMT FC . -37.73 -38.43 13.22
C9 LMT FC . -37.85 -39.92 12.97
C10 LMT FC . -37.50 -40.25 11.52
C11 LMT FC . -36.82 -41.62 11.44
C12 LMT FC . -36.73 -42.19 10.02
C1 HTG GC . -16.53 -2.55 -21.55
S1 HTG GC . -18.28 -2.20 -21.50
C2 HTG GC . -16.12 -4.04 -21.61
O2 HTG GC . -16.48 -4.70 -20.40
C3 HTG GC . -14.63 -4.18 -21.85
O3 HTG GC . -14.22 -5.50 -22.17
C4 HTG GC . -14.25 -3.36 -23.08
O4 HTG GC . -12.86 -3.48 -23.34
C5 HTG GC . -14.59 -1.89 -22.90
O5 HTG GC . -16.01 -1.84 -22.71
C6 HTG GC . -14.14 -1.05 -24.13
O6 HTG GC . -14.90 -1.51 -25.29
C1' HTG GC . -18.41 -0.46 -21.29
C2' HTG GC . -18.27 -0.10 -19.80
C3' HTG GC . -19.69 -0.40 -19.28
C4' HTG GC . -19.92 0.25 -17.94
C5' HTG GC . -21.37 0.09 -17.51
C6' HTG GC . -21.40 -1.11 -16.60
C7' HTG GC . -22.52 -0.90 -15.59
C1 HTG HC . 11.09 -21.57 -21.51
S1 HTG HC . 11.20 -23.21 -22.25
C2 HTG HC . 10.14 -20.58 -22.24
O2 HTG HC . 10.69 -20.11 -23.49
C3 HTG HC . 9.78 -19.32 -21.47
O3 HTG HC . 8.65 -18.71 -22.08
C4 HTG HC . 9.39 -19.63 -20.00
O4 HTG HC . 9.11 -18.38 -19.33
C5 HTG HC . 10.54 -20.46 -19.38
O5 HTG HC . 10.70 -21.71 -20.12
C6 HTG HC . 10.25 -20.83 -17.92
O6 HTG HC . 11.48 -21.27 -17.37
C1' HTG HC . 12.67 -24.01 -21.64
C2' HTG HC . 13.91 -23.14 -21.72
C3' HTG HC . 14.39 -22.96 -23.14
C4' HTG HC . 15.81 -23.49 -23.33
C5' HTG HC . 16.78 -22.35 -23.48
C6' HTG HC . 16.95 -21.60 -22.16
C7' HTG HC . 18.19 -22.04 -21.40
C1 HTG IC . -41.55 -38.36 -19.35
S1 HTG IC . -41.44 -36.94 -18.29
C2 HTG IC . -40.60 -38.24 -20.56
O2 HTG IC . -41.15 -37.33 -21.53
C3 HTG IC . -40.27 -39.59 -21.23
O3 HTG IC . -39.08 -39.50 -22.02
C4 HTG IC . -40.07 -40.69 -20.21
O4 HTG IC . -39.81 -41.93 -20.88
C5 HTG IC . -41.31 -40.76 -19.33
O5 HTG IC . -41.32 -39.55 -18.57
C6 HTG IC . -41.32 -41.97 -18.39
O6 HTG IC . -42.67 -42.32 -18.08
C1' HTG IC . -41.07 -37.34 -16.60
C2' HTG IC . -41.27 -36.16 -15.66
C3' HTG IC . -41.52 -36.69 -14.25
C4' HTG IC . -41.56 -35.60 -13.21
C5' HTG IC . -41.40 -36.24 -11.83
C6' HTG IC . -42.30 -35.63 -10.77
C7' HTG IC . -42.20 -36.31 -9.42
C16 UNL JC . -38.02 -13.40 -9.43
C15 UNL JC . -37.14 -14.54 -9.95
C14 UNL JC . -37.03 -14.58 -11.48
C13 UNL JC . -35.91 -15.47 -12.03
C12 UNL JC . -36.07 -15.49 -13.55
C11 UNL JC . -35.05 -14.66 -14.33
C10 UNL JC . -35.42 -14.70 -15.80
C9 UNL JC . -34.69 -13.71 -16.71
C8 UNL JC . -35.63 -13.27 -17.83
C7 UNL JC . -34.89 -12.61 -18.98
C6 UNL JC . -35.67 -11.46 -19.63
C5 UNL JC . -35.31 -11.21 -21.09
C4 UNL JC . -36.41 -11.81 -21.98
C3 UNL JC . -36.24 -11.51 -23.47
C2 UNL JC . -35.67 -12.71 -24.22
C1 UNL JC . -34.84 -12.27 -25.42
C15 UNL KC . -50.94 -31.84 -2.83
C14 UNL KC . -50.60 -31.36 -1.41
C13 UNL KC . -51.10 -32.27 -0.29
C12 UNL KC . -52.26 -31.61 0.45
C11 UNL KC . -53.02 -32.47 1.46
C10 UNL KC . -53.75 -31.57 2.45
C9 UNL KC . -55.11 -32.00 2.98
C8 UNL KC . -55.88 -30.74 3.39
C7 UNL KC . -57.16 -31.01 4.15
C6 UNL KC . -58.37 -30.51 3.38
C15 UNL LC . -44.17 -36.35 -3.58
C14 UNL LC . -45.35 -37.29 -3.78
C13 UNL LC . -46.02 -37.67 -2.46
C12 UNL LC . -47.44 -37.09 -2.31
C11 UNL LC . -47.98 -37.18 -0.86
C10 UNL LC . -48.68 -35.89 -0.37
C9 UNL LC . -48.80 -35.83 1.16
C8 UNL LC . -50.26 -35.63 1.63
C7 UNL LC . -50.59 -36.36 2.94
C6 UNL LC . -52.04 -36.08 3.40
C5 UNL LC . -52.21 -36.18 4.92
C4 UNL LC . -53.06 -35.04 5.48
C3 UNL LC . -54.35 -35.49 6.18
C2 UNL LC . -54.17 -35.77 7.67
C1 HTG MC . -26.78 -2.33 -25.10
S1 HTG MC . -27.71 -1.28 -24.04
C2 HTG MC . -27.75 -3.21 -25.90
O2 HTG MC . -28.69 -3.85 -24.99
C3 HTG MC . -26.91 -4.17 -26.77
O3 HTG MC . -27.75 -4.81 -27.72
C4 HTG MC . -25.78 -3.50 -27.56
O4 HTG MC . -24.84 -4.49 -28.02
C5 HTG MC . -25.05 -2.44 -26.74
O5 HTG MC . -25.97 -1.60 -26.00
C6 HTG MC . -24.10 -1.59 -27.61
O6 HTG MC . -22.98 -1.12 -26.81
C1' HTG MC . -26.60 -0.30 -23.05
C2' HTG MC . -27.41 0.30 -21.90
C3' HTG MC . -26.42 0.97 -21.00
C4' HTG MC . -26.88 2.27 -20.42
C5' HTG MC . -27.30 2.07 -18.99
C6' HTG MC . -27.01 3.29 -18.13
C7' HTG MC . -27.85 3.24 -16.87
C1 HTG NC . -32.77 -5.48 -25.59
S1 HTG NC . -31.89 -3.94 -25.40
C2 HTG NC . -32.24 -6.21 -26.84
O2 HTG NC . -32.52 -5.48 -28.03
C3 HTG NC . -32.78 -7.64 -26.97
O3 HTG NC . -32.18 -8.30 -28.10
C4 HTG NC . -32.50 -8.42 -25.69
O4 HTG NC . -32.93 -9.80 -25.76
C5 HTG NC . -33.21 -7.69 -24.55
O5 HTG NC . -32.66 -6.34 -24.43
C6 HTG NC . -33.10 -8.48 -23.26
O6 HTG NC . -34.40 -8.98 -22.88
C1' HTG NC . -32.69 -2.76 -24.33
C2' HTG NC . -31.74 -1.89 -23.49
C3' HTG NC . -32.33 -1.62 -22.09
C4' HTG NC . -31.51 -0.66 -21.23
C5' HTG NC . -31.98 -0.76 -19.77
C6' HTG NC . -31.56 0.46 -18.96
C7' HTG NC . -31.21 0.10 -17.53
C16 UNL OC . -43.70 -21.60 -13.43
C15 UNL OC . -42.65 -20.69 -12.81
C14 UNL OC . -42.06 -19.58 -13.68
C13 UNL OC . -42.33 -19.77 -15.18
C12 UNL OC . -42.59 -18.48 -15.97
C11 UNL OC . -43.43 -18.70 -17.25
C10 UNL OC . -42.61 -18.63 -18.55
C9 UNL OC . -43.36 -19.34 -19.68
C8 UNL OC . -42.67 -19.13 -21.05
C7 UNL OC . -43.27 -20.11 -22.07
C6 UNL OC . -42.74 -19.99 -23.50
C5 UNL OC . -43.48 -21.02 -24.36
C4 UNL OC . -42.62 -21.50 -25.52
C3 UNL OC . -43.18 -21.06 -26.88
C2 UNL OC . -42.35 -21.63 -28.02
C1 UNL OC . -43.11 -22.72 -28.76
C1 GOL PC . 1.95 -37.57 -13.09
O1 GOL PC . 2.05 -37.93 -14.48
C2 GOL PC . 1.38 -38.64 -12.19
O2 GOL PC . 0.16 -39.20 -12.63
C3 GOL PC . 2.32 -39.82 -12.07
O3 GOL PC . 3.19 -39.31 -11.07
C1 GOL QC . 32.19 -45.23 -1.38
O1 GOL QC . 32.24 -46.65 -1.60
C2 GOL QC . 32.52 -44.47 -2.67
O2 GOL QC . 31.59 -44.84 -3.74
C3 GOL QC . 33.98 -44.75 -3.05
O3 GOL QC . 34.79 -44.11 -1.99
C1 GOL RC . -12.31 -21.24 -24.16
O1 GOL RC . -11.78 -22.07 -23.12
C2 GOL RC . -13.39 -20.26 -23.64
O2 GOL RC . -14.47 -20.36 -24.53
C3 GOL RC . -14.05 -20.60 -22.33
O3 GOL RC . -13.31 -19.99 -21.29
C1 GOL SC . 6.23 -11.35 -6.18
O1 GOL SC . 5.23 -12.06 -6.90
C2 GOL SC . 6.16 -9.90 -6.66
O2 GOL SC . 6.13 -9.81 -8.10
C3 GOL SC . 4.85 -9.32 -6.17
O3 GOL SC . 4.94 -7.88 -6.27
C1 GOL TC . 33.08 -41.39 -14.42
O1 GOL TC . 32.08 -42.16 -15.09
C2 GOL TC . 32.35 -40.24 -13.80
O2 GOL TC . 31.23 -40.77 -13.04
C3 GOL TC . 33.31 -39.56 -12.83
O3 GOL TC . 32.51 -38.43 -12.38
C1 GOL UC . -41.24 -13.77 16.63
O1 GOL UC . -40.30 -12.97 15.91
C2 GOL UC . -40.91 -15.24 16.33
O2 GOL UC . -42.15 -15.95 16.34
C3 GOL UC . -39.90 -15.72 17.40
O3 GOL UC . -39.63 -17.14 17.35
MG CLA VC . 35.30 -39.30 45.58
CHA CLA VC . 35.87 -41.64 42.97
CHB CLA VC . 34.84 -36.87 43.14
CHC CLA VC . 34.06 -37.17 47.99
CHD CLA VC . 34.91 -42.07 47.88
NA CLA VC . 35.37 -39.22 43.42
C1A CLA VC . 35.67 -40.21 42.61
C2A CLA VC . 35.70 -39.83 41.17
C3A CLA VC . 35.57 -38.32 41.23
C4A CLA VC . 35.24 -38.10 42.69
CMA CLA VC . 36.86 -37.64 40.81
CAA CLA VC . 34.52 -40.47 40.39
CBA CLA VC . 33.15 -40.37 41.06
CGA CLA VC . 32.38 -39.16 40.57
O1A CLA VC . 32.06 -38.92 39.39
O2A CLA VC . 31.99 -38.26 41.60
NB CLA VC . 34.51 -37.31 45.53
C1B CLA VC . 34.56 -36.43 44.50
C2B CLA VC . 34.29 -35.03 44.88
C3B CLA VC . 34.08 -35.12 46.33
C4B CLA VC . 34.21 -36.60 46.63
CMB CLA VC . 34.27 -33.76 44.10
CAB CLA VC . 33.79 -33.98 47.25
CBB CLA VC . 32.74 -34.07 48.04
NC CLA VC . 34.59 -39.56 47.53
C1C CLA VC . 34.11 -38.62 48.35
C2C CLA VC . 33.61 -39.09 49.66
C3C CLA VC . 33.87 -40.52 49.60
C4C CLA VC . 34.48 -40.71 48.25
CMC CLA VC . 32.98 -38.28 50.77
CAC CLA VC . 33.51 -41.54 50.66
CBC CLA VC . 32.13 -41.98 50.25
ND CLA VC . 35.29 -41.41 45.57
C1D CLA VC . 35.28 -42.40 46.50
C2D CLA VC . 35.58 -43.75 45.96
C3D CLA VC . 35.83 -43.41 44.55
C4D CLA VC . 35.67 -42.01 44.39
CMD CLA VC . 35.62 -45.10 46.66
CAD CLA VC . 36.15 -43.98 43.24
OBD CLA VC . 36.34 -45.22 43.00
CBD CLA VC . 36.12 -42.88 42.20
CGD CLA VC . 37.45 -42.76 41.53
O1D CLA VC . 38.36 -42.26 42.13
O2D CLA VC . 38.09 -43.74 40.73
CED CLA VC . 39.52 -43.60 40.77
C1 CLA VC . 31.21 -37.09 41.36
C2 CLA VC . 31.22 -36.31 42.66
C3 CLA VC . 30.16 -35.65 43.12
C4 CLA VC . 28.88 -35.64 42.33
C5 CLA VC . 30.17 -34.89 44.41
C6 CLA VC . 30.27 -33.40 44.09
C7 CLA VC . 30.33 -32.65 45.42
C8 CLA VC . 30.13 -31.14 45.34
C9 CLA VC . 31.37 -30.49 44.71
C10 CLA VC . 29.92 -30.66 46.78
C11 CLA VC . 28.51 -30.93 47.33
C12 CLA VC . 28.40 -30.18 48.67
C13 CLA VC . 27.11 -30.48 49.41
C14 CLA VC . 25.96 -29.85 48.65
C15 CLA VC . 27.16 -30.06 50.91
C16 CLA VC . 27.48 -28.60 51.20
C17 CLA VC . 26.79 -28.25 52.52
C18 CLA VC . 27.47 -27.11 53.27
C19 CLA VC . 26.64 -26.66 54.46
C20 CLA VC . 27.75 -25.90 52.41
MG CLA WC . 23.57 -43.11 41.16
CHA CLA WC . 27.09 -43.00 40.65
CHB CLA WC . 23.78 -46.47 40.72
CHC CLA WC . 20.20 -43.40 42.21
CHD CLA WC . 23.69 -39.86 42.62
NA CLA WC . 25.21 -44.51 40.79
C1A CLA WC . 26.45 -44.31 40.50
C2A CLA WC . 27.28 -45.56 40.26
C3A CLA WC . 26.20 -46.59 40.27
C4A CLA WC . 24.97 -45.82 40.68
CMA CLA WC . 25.95 -47.10 38.83
CAA CLA WC . 28.37 -45.86 41.35
CBA CLA WC . 27.68 -45.94 42.71
CGA CLA WC . 28.74 -45.90 43.79
O1A CLA WC . 29.84 -46.39 43.69
O2A CLA WC . 28.43 -45.16 44.97
NB CLA WC . 22.25 -44.67 41.44
C1B CLA WC . 22.46 -45.96 41.16
C2B CLA WC . 21.27 -46.81 41.21
C3B CLA WC . 20.25 -45.89 41.67
C4B CLA WC . 20.96 -44.57 41.80
CMB CLA WC . 21.11 -48.27 40.94
CAB CLA WC . 18.82 -46.04 41.92
CBB CLA WC . 18.12 -46.79 41.06
NC CLA WC . 22.20 -41.92 42.20
C1C CLA WC . 20.90 -42.10 42.48
C2C CLA WC . 20.21 -40.90 42.94
C3C CLA WC . 21.26 -39.90 43.02
C4C CLA WC . 22.46 -40.62 42.57
CMC CLA WC . 18.78 -40.73 43.33
CAC CLA WC . 21.08 -38.45 43.48
CBC CLA WC . 20.40 -37.66 42.36
ND CLA WC . 24.97 -41.73 41.72
C1D CLA WC . 24.93 -40.43 42.10
C2D CLA WC . 26.21 -39.73 42.00
C3D CLA WC . 27.03 -40.75 41.35
C4D CLA WC . 26.24 -41.93 41.22
CMD CLA WC . 26.59 -38.30 42.33
CAD CLA WC . 28.37 -41.04 40.83
OBD CLA WC . 29.33 -40.20 40.80
CBD CLA WC . 28.44 -42.46 40.33
CGD CLA WC . 28.57 -42.54 38.84
O1D CLA WC . 29.04 -43.50 38.23
O2D CLA WC . 27.91 -41.51 38.07
CED CLA WC . 28.08 -41.59 36.64
C1 CLA WC . 29.50 -44.82 45.90
C2 CLA WC . 29.35 -45.73 47.11
C3 CLA WC . 29.06 -45.31 48.34
C4 CLA WC . 28.87 -43.84 48.72
C5 CLA WC . 28.99 -46.38 49.41
C6 CLA WC . 30.35 -46.39 50.12
C7 CLA WC . 31.54 -46.73 49.21
C8 CLA WC . 32.89 -46.84 49.98
C9 CLA WC . 33.45 -45.49 50.46
C10 CLA WC . 33.84 -47.43 48.96
C11 CLA WC . 35.26 -47.65 49.41
C12 CLA WC . 36.09 -48.25 48.29
C13 CLA WC . 37.58 -48.37 48.61
C14 CLA WC . 38.39 -48.76 47.37
C15 CLA WC . 37.77 -49.40 49.75
C16 CLA WC . 39.13 -50.12 49.72
C17 CLA WC . 39.58 -50.78 51.04
C18 CLA WC . 41.11 -50.62 51.04
C19 CLA WC . 41.83 -51.84 50.41
C20 CLA WC . 41.71 -50.15 52.37
MG CLA XC . 29.95 -50.45 48.38
CHA CLA XC . 30.23 -49.80 44.98
CHB CLA XC . 33.34 -50.96 48.48
CHC CLA XC . 29.80 -50.00 51.82
CHD CLA XC . 26.48 -49.22 48.26
NA CLA XC . 31.57 -50.38 46.96
C1A CLA XC . 31.48 -50.17 45.69
C2A CLA XC . 32.78 -50.36 44.93
C3A CLA XC . 33.76 -50.49 46.09
C4A CLA XC . 32.86 -50.61 47.25
CMA CLA XC . 34.65 -51.70 45.90
CAA CLA XC . 33.15 -49.22 43.96
CBA CLA XC . 33.16 -47.85 44.70
CGA CLA XC . 33.03 -46.70 43.72
O1A CLA XC . 33.16 -46.86 42.48
O2A CLA XC . 32.72 -45.39 44.25
NB CLA XC . 31.38 -50.45 49.86
C1B CLA XC . 32.69 -50.75 49.76
C2B CLA XC . 33.39 -50.87 51.07
C3B CLA XC . 32.30 -50.58 52.02
C4B CLA XC . 31.09 -50.32 51.16
CMB CLA XC . 34.84 -51.22 51.25
CAB CLA XC . 32.19 -50.52 53.51
CBB CLA XC . 33.32 -50.42 54.19
NC CLA XC . 28.39 -49.76 49.85
C1C CLA XC . 28.55 -49.57 51.18
C2C CLA XC . 27.40 -48.91 51.85
C3C CLA XC . 26.45 -48.69 50.74
C4C CLA XC . 27.17 -49.26 49.56
CMC CLA XC . 27.28 -48.53 53.31
CAC CLA XC . 25.10 -48.04 50.76
CBC CLA XC . 25.29 -46.56 50.41
ND CLA XC . 28.53 -49.62 47.07
C1D CLA XC . 27.23 -49.28 47.02
C2D CLA XC . 26.73 -49.03 45.64
C3D CLA XC . 27.95 -49.26 44.88
C4D CLA XC . 29.00 -49.59 45.77
CMD CLA XC . 25.37 -48.67 45.14
CAD CLA XC . 28.50 -49.25 43.52
OBD CLA XC . 27.83 -49.00 42.50
CBD CLA XC . 29.91 -49.54 43.55
CGD CLA XC . 30.07 -50.83 42.81
O1D CLA XC . 30.81 -50.99 41.89
O2D CLA XC . 29.40 -51.97 43.34
CED CLA XC . 29.77 -53.27 42.93
C1 CLA XC . 32.74 -44.23 43.39
C2 CLA XC . 32.55 -42.95 44.16
C3 CLA XC . 31.47 -42.14 44.17
C4 CLA XC . 30.21 -42.44 43.39
C5 CLA XC . 31.56 -40.88 44.99
C6 CLA XC . 30.94 -41.07 46.36
C7 CLA XC . 30.93 -39.70 47.10
C8 CLA XC . 30.06 -38.59 46.44
C9 CLA XC . 29.97 -37.38 47.38
C10 CLA XC . 28.64 -39.07 46.11
C11 CLA XC . 27.88 -39.63 47.35
C12 CLA XC . 26.97 -40.80 46.96
C13 CLA XC . 25.99 -40.38 45.87
C14 CLA XC . 25.19 -39.10 46.32
C15 CLA XC . 25.05 -41.54 45.56
C16 CLA XC . 25.82 -42.71 44.94
C17 CLA XC . 24.79 -43.78 44.48
C18 CLA XC . 24.08 -44.53 45.62
C19 CLA XC . 25.07 -45.11 46.68
C20 CLA XC . 23.15 -45.58 45.06
MG CLA YC . 20.78 -52.00 34.98
CHA CLA YC . 21.00 -54.06 32.15
CHB CLA YC . 22.11 -49.45 33.19
CHC CLA YC . 19.62 -49.69 37.45
CHD CLA YC . 18.85 -54.50 36.62
NA CLA YC . 21.43 -51.75 32.92
C1A CLA YC . 21.47 -52.66 31.99
C2A CLA YC . 21.96 -52.16 30.64
C3A CLA YC . 22.48 -50.77 31.05
C4A CLA YC . 21.98 -50.62 32.46
CMA CLA YC . 24.02 -50.70 31.10
CAA CLA YC . 20.78 -52.10 29.62
CBA CLA YC . 19.64 -51.21 30.21
CGA CLA YC . 18.40 -51.28 29.34
O1A CLA YC . 18.34 -51.93 28.32
O2A CLA YC . 17.29 -50.50 29.72
NB CLA YC . 20.83 -49.91 35.27
C1B CLA YC . 21.49 -49.07 34.47
C2B CLA YC . 21.64 -47.71 35.05
C3B CLA YC . 20.91 -47.80 36.32
C4B CLA YC . 20.38 -49.22 36.31
CMB CLA YC . 22.37 -46.56 34.43
CAB CLA YC . 20.59 -46.78 37.38
CBB CLA YC . 21.56 -45.91 37.69
NC CLA YC . 19.49 -52.03 36.80
C1C CLA YC . 19.06 -51.04 37.56
C2C CLA YC . 18.02 -51.35 38.52
C3C CLA YC . 17.82 -52.77 38.24
C4C CLA YC . 18.77 -53.10 37.17
CMC CLA YC . 17.35 -50.43 39.53
CAC CLA YC . 16.84 -53.64 38.95
CBC CLA YC . 15.59 -53.79 38.07
ND CLA YC . 20.03 -53.87 34.63
C1D CLA YC . 19.36 -54.81 35.31
C2D CLA YC . 19.24 -56.09 34.61
C3D CLA YC . 19.89 -55.77 33.33
C4D CLA YC . 20.33 -54.44 33.42
CMD CLA YC . 18.57 -57.37 35.04
CAD CLA YC . 20.26 -56.30 32.02
OBD CLA YC . 19.99 -57.45 31.59
CBD CLA YC . 20.93 -55.22 31.23
CGD CLA YC . 22.31 -55.64 30.92
O1D CLA YC . 22.90 -55.40 29.87
O2D CLA YC . 23.04 -56.29 31.95
CED CLA YC . 24.38 -56.70 31.52
C1 CLA YC . 16.00 -50.61 29.16
C2 CLA YC . 15.27 -49.35 29.62
C3 CLA YC . 14.23 -49.36 30.46
C4 CLA YC . 13.65 -50.62 31.07
C5 CLA YC . 13.64 -48.01 30.73
C6 CLA YC . 13.63 -47.56 32.17
C7 CLA YC . 12.59 -46.43 32.27
C8 CLA YC . 12.20 -46.04 33.70
C9 CLA YC . 10.93 -46.78 34.11
C10 CLA YC . 11.97 -44.53 33.76
C11 CLA YC . 12.26 -43.98 35.16
C12 CLA YC . 11.46 -42.71 35.51
C13 CLA YC . 11.60 -42.26 36.98
C14 CLA YC . 12.67 -43.04 37.74
C15 CLA YC . 10.21 -42.37 37.66
C16 CLA YC . 9.61 -41.06 38.19
C17 CLA YC . 8.09 -40.91 37.97
C18 CLA YC . 7.57 -39.51 38.33
C19 CLA YC . 8.20 -38.97 39.60
C20 CLA YC . 6.08 -39.47 38.51
MG CLA ZC . 16.64 -24.40 47.36
CHA CLA ZC . 15.59 -23.09 50.50
CHB CLA ZC . 14.13 -22.52 45.93
CHC CLA ZC . 18.02 -25.03 44.19
CHD CLA ZC . 19.53 -25.73 48.88
NA CLA ZC . 15.07 -23.07 48.09
C1A CLA ZC . 14.71 -22.86 49.31
C2A CLA ZC . 13.36 -22.29 49.47
C3A CLA ZC . 12.89 -22.14 48.02
C4A CLA ZC . 14.09 -22.61 47.28
CMA CLA ZC . 11.66 -23.03 47.80
CAA CLA ZC . 13.41 -20.93 50.24
CBA CLA ZC . 14.16 -19.80 49.59
CGA CLA ZC . 15.64 -19.92 49.70
O1A CLA ZC . 16.28 -19.90 50.75
O2A CLA ZC . 16.37 -20.04 48.48
NB CLA ZC . 16.12 -23.82 45.37
C1B CLA ZC . 15.12 -23.05 44.98
C2B CLA ZC . 15.08 -22.85 43.49
C3B CLA ZC . 16.24 -23.62 43.04
C4B CLA ZC . 16.84 -24.15 44.29
CMB CLA ZC . 14.09 -22.02 42.70
CAB CLA ZC . 16.88 -23.87 41.73
CBB CLA ZC . 16.15 -23.81 40.63
NC CLA ZC . 18.43 -25.12 46.64
C1C CLA ZC . 18.77 -25.49 45.36
C2C CLA ZC . 19.94 -26.36 45.22
C3C CLA ZC . 20.37 -26.55 46.62
C4C CLA ZC . 19.38 -25.74 47.41
CMC CLA ZC . 20.56 -26.95 44.00
CAC CLA ZC . 21.53 -27.41 47.10
CBC CLA ZC . 22.77 -26.56 47.36
ND CLA ZC . 17.49 -24.45 49.27
C1D CLA ZC . 18.61 -24.96 49.75
C2D CLA ZC . 18.74 -24.75 51.17
C3D CLA ZC . 17.52 -23.98 51.47
C4D CLA ZC . 16.81 -23.85 50.28
CMD CLA ZC . 19.89 -25.19 52.02
CAD CLA ZC . 16.76 -23.31 52.53
OBD CLA ZC . 17.17 -23.23 53.74
CBD CLA ZC . 15.51 -22.77 51.97
CGD CLA ZC . 14.33 -23.41 52.59
O1D CLA ZC . 13.47 -22.77 53.18
O2D CLA ZC . 14.31 -24.86 52.62
CED CLA ZC . 13.35 -25.61 53.42
C1 CLA ZC . 17.76 -20.34 48.51
C2 CLA ZC . 18.19 -20.57 47.07
C3 CLA ZC . 19.19 -21.39 46.69
C4 CLA ZC . 20.01 -22.18 47.67
C5 CLA ZC . 19.55 -21.56 45.23
C6 CLA ZC . 18.63 -20.79 44.24
C7 CLA ZC . 19.21 -20.91 42.81
C8 CLA ZC . 18.52 -20.04 41.75
C9 CLA ZC . 19.02 -20.41 40.34
C10 CLA ZC . 18.95 -18.60 42.01
C11 CLA ZC . 20.40 -18.32 41.54
C12 CLA ZC . 20.92 -17.08 42.28
C13 CLA ZC . 22.38 -16.66 42.07
C14 CLA ZC . 22.57 -15.51 43.05
C15 CLA ZC . 22.75 -16.26 40.64
C16 CLA ZC . 24.21 -16.56 40.25
C17 CLA ZC . 24.78 -15.73 39.09
C18 CLA ZC . 26.26 -16.00 38.76
C19 CLA ZC . 27.22 -15.54 39.87
C20 CLA ZC . 26.68 -15.32 37.46
MG CLA AD . 29.04 -27.26 58.54
CHA CLA AD . 28.03 -24.08 59.91
CHB CLA AD . 25.60 -27.79 57.86
CHC CLA AD . 29.96 -29.88 56.54
CHD CLA AD . 32.42 -26.31 58.88
NA CLA AD . 27.09 -26.11 58.83
C1A CLA AD . 26.94 -25.00 59.45
C2A CLA AD . 25.50 -24.61 59.61
C3A CLA AD . 24.76 -25.91 59.31
C4A CLA AD . 25.87 -26.69 58.62
CMA CLA AD . 24.24 -26.64 60.55
CAA CLA AD . 25.19 -23.48 58.59
CBA CLA AD . 25.60 -23.83 57.14
CGA CLA AD . 25.34 -22.77 56.08
O1A CLA AD . 24.85 -21.66 56.32
O2A CLA AD . 25.72 -23.05 54.70
NB CLA AD . 27.90 -28.59 57.35
C1B CLA AD . 26.59 -28.71 57.20
C2B CLA AD . 26.23 -29.81 56.28
C3B CLA AD . 27.55 -30.37 55.92
C4B CLA AD . 28.53 -29.55 56.65
CMB CLA AD . 24.85 -30.21 55.82
CAB CLA AD . 27.94 -31.48 55.01
CBB CLA AD . 27.02 -32.39 54.74
NC CLA AD . 30.79 -27.96 57.82
C1C CLA AD . 31.06 -29.06 57.09
C2C CLA AD . 32.49 -29.36 56.86
C3C CLA AD . 33.15 -28.27 57.53
C4C CLA AD . 32.04 -27.49 58.10
CMC CLA AD . 33.13 -30.48 56.08
CAC CLA AD . 34.64 -28.03 57.64
CBC CLA AD . 35.05 -27.15 56.47
ND CLA AD . 30.10 -25.66 59.20
C1D CLA AD . 31.40 -25.36 59.33
C2D CLA AD . 31.67 -24.05 59.94
C3D CLA AD . 30.30 -23.58 60.16
C4D CLA AD . 29.42 -24.55 59.68
CMD CLA AD . 32.99 -23.40 60.25
CAD CLA AD . 29.54 -22.44 60.69
OBD CLA AD . 30.04 -21.37 61.14
CBD CLA AD . 28.13 -22.87 60.77
CGD CLA AD . 27.76 -23.11 62.20
O1D CLA AD . 26.69 -22.74 62.63
O2D CLA AD . 28.55 -23.98 63.05
CED CLA AD . 27.90 -24.46 64.22
C1 CLA AD . 25.46 -22.11 53.67
C2 CLA AD . 26.77 -21.51 53.16
C3 CLA AD . 27.01 -20.19 53.26
C4 CLA AD . 26.02 -19.26 53.91
C5 CLA AD . 28.31 -19.64 52.69
C6 CLA AD . 28.00 -18.58 51.60
C7 CLA AD . 27.17 -19.12 50.43
C8 CLA AD . 27.91 -19.11 49.09
C9 CLA AD . 27.21 -18.12 48.17
C10 CLA AD . 27.96 -20.51 48.48
C11 CLA AD . 28.90 -20.62 47.26
C12 CLA AD . 28.92 -22.03 46.64
C13 CLA AD . 28.05 -22.23 45.38
C14 CLA AD . 26.68 -22.82 45.72
C15 CLA AD . 28.73 -23.05 44.28
C16 CLA AD . 29.34 -24.40 44.69
C17 CLA AD . 30.82 -24.54 44.30
C18 CLA AD . 31.76 -23.58 45.04
C19 CLA AD . 32.50 -22.63 44.11
C20 CLA AD . 32.74 -24.34 45.94
MG CLA BD . 21.82 -31.31 55.89
CHA CLA BD . 23.12 -34.73 55.93
CHB CLA BD . 22.90 -31.12 52.64
CHC CLA BD . 21.66 -27.91 56.21
CHD CLA BD . 20.85 -31.72 59.32
NA CLA BD . 22.81 -32.76 54.42
C1A CLA BD . 23.25 -33.97 54.63
C2A CLA BD . 23.88 -34.58 53.39
C3A CLA BD . 23.71 -33.47 52.34
C4A CLA BD . 23.13 -32.34 53.17
CMA CLA BD . 24.99 -33.07 51.63
CAA CLA BD . 23.23 -35.91 52.92
CBA CLA BD . 23.89 -36.59 51.69
CGA CLA BD . 25.41 -36.65 51.82
O1A CLA BD . 26.01 -36.94 52.87
O2A CLA BD . 26.20 -36.37 50.67
NB CLA BD . 22.22 -29.78 54.60
C1B CLA BD . 22.64 -29.84 53.30
C2B CLA BD . 22.77 -28.53 52.64
C3B CLA BD . 22.42 -27.62 53.77
C4B CLA BD . 22.07 -28.50 54.92
CMB CLA BD . 23.20 -28.24 51.22
CAB CLA BD . 22.33 -26.15 53.93
CBB CLA BD . 23.15 -25.39 53.25
NC CLA BD . 21.35 -30.01 57.46
C1C CLA BD . 21.29 -28.67 57.42
C2C CLA BD . 20.86 -28.03 58.71
C3C CLA BD . 20.61 -29.20 59.57
C4C CLA BD . 20.98 -30.38 58.73
CMC CLA BD . 20.68 -26.56 58.97
CAC CLA BD . 20.17 -29.20 61.03
CBC CLA BD . 21.54 -29.20 61.72
ND CLA BD . 21.92 -32.80 57.41
C1D CLA BD . 21.47 -32.89 58.68
C2D CLA BD . 21.69 -34.20 59.28
C3D CLA BD . 22.34 -34.92 58.17
C4D CLA BD . 22.45 -34.04 57.08
CMD CLA BD . 21.38 -34.69 60.67
CAD CLA BD . 22.94 -36.21 57.83
OBD CLA BD . 22.98 -37.21 58.61
CBD CLA BD . 23.31 -36.16 56.37
CGD CLA BD . 24.69 -36.57 56.14
O1D CLA BD . 25.04 -37.74 56.32
O2D CLA BD . 25.66 -35.54 56.00
CED CLA BD . 27.01 -35.92 55.89
C1 CLA BD . 27.58 -36.57 50.64
C2 CLA BD . 28.17 -35.48 51.51
C3 CLA BD . 29.01 -34.53 51.06
C4 CLA BD . 29.42 -34.50 49.60
C5 CLA BD . 29.57 -33.51 52.04
C6 CLA BD . 31.02 -33.21 51.69
C7 CLA BD . 31.64 -32.06 52.47
C8 CLA BD . 31.65 -30.73 51.75
C9 CLA BD . 32.37 -30.82 50.40
C10 CLA BD . 32.32 -29.69 52.67
C11 CLA BD . 31.58 -28.36 52.65
C12 CLA BD . 32.13 -27.40 53.71
C13 CLA BD . 31.40 -26.05 53.67
C14 CLA BD . 31.92 -25.28 52.46
C15 CLA BD . 31.62 -25.31 54.99
C16 CLA BD . 31.13 -23.85 54.95
C17 CLA BD . 30.50 -23.40 56.25
C18 CLA BD . 30.28 -21.88 56.21
C19 CLA BD . 31.02 -21.19 57.36
C20 CLA BD . 28.79 -21.59 56.25
MG CLA CD . 9.15 -36.85 48.86
CHA CLA CD . 5.77 -36.94 50.14
CHB CLA CD . 9.96 -38.83 51.61
CHC CLA CD . 12.29 -37.71 47.34
CHD CLA CD . 7.96 -35.88 45.77
NA CLA CD . 8.06 -37.74 50.64
C1A CLA CD . 6.85 -37.56 50.97
C2A CLA CD . 6.50 -38.19 52.30
C3A CLA CD . 7.84 -38.60 52.82
C4A CLA CD . 8.70 -38.40 51.62
CMA CLA CD . 8.36 -37.64 53.90
CAA CLA CD . 5.58 -39.40 52.03
CBA CLA CD . 6.22 -40.36 50.98
CGA CLA CD . 5.38 -41.61 50.70
O1A CLA CD . 4.71 -42.25 51.50
O2A CLA CD . 5.49 -42.15 49.39
NB CLA CD . 10.85 -38.11 49.38
C1B CLA CD . 11.04 -38.68 50.58
C2B CLA CD . 12.42 -39.11 50.80
C3B CLA CD . 13.09 -38.79 49.52
C4B CLA CD . 12.01 -38.18 48.70
CMB CLA CD . 13.00 -39.81 52.00
CAB CLA CD . 14.46 -38.99 49.03
CBB CLA CD . 15.47 -39.34 49.83
NC CLA CD . 10.05 -36.80 46.84
C1C CLA CD . 11.26 -37.15 46.43
C2C CLA CD . 11.50 -36.91 44.98
C3C CLA CD . 10.19 -36.34 44.54
C4C CLA CD . 9.35 -36.36 45.78
CMC CLA CD . 12.81 -37.18 44.29
CAC CLA CD . 9.78 -35.81 43.17
CBC CLA CD . 8.87 -36.78 42.53
ND CLA CD . 7.34 -36.56 48.05
C1D CLA CD . 6.98 -36.04 46.85
C2D CLA CD . 5.56 -35.67 46.76
C3D CLA CD . 5.06 -36.03 48.10
C4D CLA CD . 6.17 -36.52 48.79
CMD CLA CD . 4.82 -35.08 45.63
CAD CLA CD . 3.92 -36.05 49.03
OBD CLA CD . 2.74 -35.64 48.83
CBD CLA CD . 4.38 -36.56 50.37
CGD CLA CD . 4.46 -35.40 51.33
O1D CLA CD . 4.63 -34.25 50.92
O2D CLA CD . 4.43 -35.67 52.76
CED CLA CD . 4.94 -34.66 53.64
C1 CLA CD . 4.67 -43.29 49.02
C2 CLA CD . 5.19 -43.89 47.73
C3 CLA CD . 4.45 -44.11 46.62
C4 CLA CD . 2.98 -43.72 46.57
C5 CLA CD . 5.16 -44.73 45.43
C6 CLA CD . 5.43 -43.64 44.38
C7 CLA CD . 5.90 -44.33 43.09
C8 CLA CD . 6.73 -43.41 42.17
C9 CLA CD . 5.92 -42.21 41.73
C10 CLA CD . 7.07 -44.19 40.90
C11 CLA CD . 8.41 -44.89 41.00
C12 CLA CD . 8.78 -45.35 39.59
C13 CLA CD . 9.92 -46.36 39.59
C14 CLA CD . 11.24 -45.66 39.94
C15 CLA CD . 10.01 -47.13 38.26
C16 CLA CD . 8.80 -48.01 37.87
C17 CLA CD . 8.40 -49.09 38.91
C18 CLA CD . 7.78 -50.41 38.41
C19 CLA CD . 6.97 -50.31 37.10
C20 CLA CD . 6.93 -51.06 39.51
MG CLA DD . 14.85 -40.62 54.80
CHA CLA DD . 18.08 -39.31 53.54
CHB CLA DD . 15.33 -43.19 52.72
CHC CLA DD . 11.59 -41.37 55.36
CHD CLA DD . 14.36 -37.49 56.52
NA CLA DD . 16.49 -41.17 53.32
C1A CLA DD . 17.61 -40.61 53.02
C2A CLA DD . 18.46 -41.44 52.11
C3A CLA DD . 17.53 -42.60 51.80
C4A CLA DD . 16.37 -42.33 52.69
CMA CLA DD . 17.13 -42.64 50.32
CAA CLA DD . 19.76 -41.95 52.76
CBA CLA DD . 20.57 -42.91 51.85
CGA CLA DD . 21.32 -42.18 50.74
O1A CLA DD . 21.15 -40.99 50.51
O2A CLA DD . 22.29 -42.85 49.90
NB CLA DD . 13.67 -41.95 54.04
C1B CLA DD . 14.03 -43.06 53.40
C2B CLA DD . 13.03 -44.14 53.42
C3B CLA DD . 11.98 -43.53 54.19
C4B CLA DD . 12.47 -42.20 54.55
CMB CLA DD . 12.99 -45.53 52.81
CAB CLA DD . 10.67 -44.05 54.64
CBB CLA DD . 10.25 -45.23 54.20
NC CLA DD . 13.29 -39.60 55.79
C1C CLA DD . 12.03 -40.07 55.91
C2C CLA DD . 11.08 -39.21 56.61
C3C CLA DD . 11.91 -38.05 56.94
C4C CLA DD . 13.24 -38.41 56.36
CMC CLA DD . 9.63 -39.58 56.88
CAC CLA DD . 11.56 -36.79 57.72
CBC CLA DD . 10.95 -35.76 56.78
ND CLA DD . 15.85 -38.80 55.00
C1D CLA DD . 15.63 -37.70 55.77
C2D CLA DD . 16.76 -36.78 55.80
C3D CLA DD . 17.74 -37.44 54.92
C4D CLA DD . 17.13 -38.61 54.45
CMD CLA DD . 16.95 -35.49 56.55
CAD CLA DD . 19.08 -37.32 54.35
OBD CLA DD . 19.95 -36.38 54.53
CBD CLA DD . 19.26 -38.47 53.41
CGD CLA DD . 19.37 -38.02 51.98
O1D CLA DD . 20.43 -37.69 51.47
O2D CLA DD . 18.14 -37.65 51.31
CED CLA DD . 18.27 -36.93 50.06
C1 CLA DD . 23.08 -42.14 48.94
C2 CLA DD . 24.04 -41.17 49.64
C3 CLA DD . 25.11 -41.62 50.30
C4 CLA DD . 25.40 -43.08 50.43
C5 CLA DD . 26.03 -40.65 50.99
C6 CLA DD . 25.94 -40.89 52.49
C7 CLA DD . 24.54 -40.53 52.97
C8 CLA DD . 24.36 -40.40 54.49
C9 CLA DD . 24.93 -41.58 55.28
C10 CLA DD . 22.84 -40.31 54.67
C11 CLA DD . 22.36 -40.70 56.06
C12 CLA DD . 21.46 -39.60 56.52
C13 CLA DD . 20.46 -40.09 57.55
C14 CLA DD . 19.61 -41.21 56.99
C15 CLA DD . 19.61 -38.89 57.92
C16 CLA DD . 18.79 -39.23 59.18
C17 CLA DD . 19.12 -38.27 60.31
C18 CLA DD . 18.74 -38.76 61.71
C19 CLA DD . 17.37 -39.40 61.82
C20 CLA DD . 18.70 -37.55 62.61
MG CLA ED . 15.62 -46.00 46.92
CHA CLA ED . 12.12 -45.92 47.52
CHB CLA ED . 15.61 -42.55 47.46
CHC CLA ED . 18.91 -45.72 45.64
CHD CLA ED . 15.45 -49.25 45.81
NA CLA ED . 14.06 -44.42 47.32
C1A CLA ED . 12.86 -44.63 47.68
C2A CLA ED . 12.17 -43.41 48.25
C3A CLA ED . 13.21 -42.30 47.93
C4A CLA ED . 14.39 -43.12 47.53
CMA CLA ED . 12.75 -41.36 46.79
CAA CLA ED . 11.85 -43.59 49.77
CBA CLA ED . 11.20 -42.40 50.54
CGA CLA ED . 9.82 -42.12 50.01
O1A CLA ED . 8.75 -42.46 50.52
O2A CLA ED . 9.76 -41.41 48.76
NB CLA ED . 16.96 -44.40 46.56
C1B CLA ED . 16.87 -43.12 46.95
C2B CLA ED . 18.12 -42.38 46.93
C3B CLA ED . 19.06 -43.34 46.36
C4B CLA ED . 18.24 -44.54 46.17
CMB CLA ED . 18.34 -40.92 47.31
CAB CLA ED . 20.49 -43.31 45.99
CBB CLA ED . 21.15 -42.13 45.82
NC CLA ED . 16.98 -47.14 45.91
C1C CLA ED . 18.25 -46.99 45.53
C2C CLA ED . 18.88 -48.19 44.97
C3C CLA ED . 17.82 -49.21 45.05
C4C CLA ED . 16.67 -48.47 45.62
CMC CLA ED . 20.25 -48.36 44.44
CAC CLA ED . 17.93 -50.65 44.62
CBC CLA ED . 17.65 -50.80 43.11
ND CLA ED . 14.19 -47.34 46.65
C1D CLA ED . 14.20 -48.64 46.29
C2D CLA ED . 12.90 -49.29 46.42
C3D CLA ED . 12.08 -48.18 46.92
C4D CLA ED . 12.90 -47.08 47.04
CMD CLA ED . 12.46 -50.71 46.12
CAD CLA ED . 10.72 -47.81 47.38
OBD CLA ED . 9.71 -48.59 47.42
CBD CLA ED . 10.78 -46.40 47.87
CGD CLA ED . 9.88 -45.53 47.06
O1D CLA ED . 8.82 -45.14 47.51
O2D CLA ED . 10.00 -45.66 45.64
CED CLA ED . 9.09 -44.90 44.83
C1 CLA ED . 8.54 -41.39 47.99
C2 CLA ED . 8.91 -41.04 46.56
C3 CLA ED . 8.19 -40.25 45.75
C4 CLA ED . 6.88 -39.62 46.22
C5 CLA ED . 8.67 -40.02 44.34
C6 CLA ED . 10.03 -40.64 44.01
C7 CLA ED . 10.54 -40.24 42.59
C8 CLA ED . 11.93 -40.83 42.32
C9 CLA ED . 12.74 -40.00 41.31
C10 CLA ED . 11.81 -42.32 41.91
C11 CLA ED . 13.13 -43.11 42.00
C12 CLA ED . 13.38 -43.65 43.42
C13 CLA ED . 14.76 -44.26 43.69
C14 CLA ED . 15.88 -43.32 43.31
C15 CLA ED . 15.00 -45.57 42.95
C16 CLA ED . 13.85 -46.56 43.08
C17 CLA ED . 14.18 -47.81 42.23
C18 CLA ED . 13.34 -48.99 42.69
C19 CLA ED . 13.96 -50.33 42.25
C20 CLA ED . 11.90 -48.87 42.23
MG CLA FD . 6.36 -47.15 54.06
CHA CLA FD . 4.59 -47.38 57.18
CHB CLA FD . 9.14 -48.47 55.74
CHC CLA FD . 7.79 -47.73 51.01
CHD CLA FD . 3.19 -46.61 52.41
NA CLA FD . 6.84 -47.90 56.19
C1A CLA FD . 6.05 -47.81 57.19
C2A CLA FD . 6.75 -48.33 58.45
C3A CLA FD . 8.13 -48.83 57.99
C4A CLA FD . 8.06 -48.39 56.55
CMA CLA FD . 9.29 -48.12 58.71
CAA CLA FD . 5.88 -49.39 59.18
CBA CLA FD . 5.59 -50.63 58.35
CGA CLA FD . 4.61 -51.60 58.99
O1A CLA FD . 3.99 -51.35 60.03
O2A CLA FD . 4.40 -52.86 58.31
NB CLA FD . 8.08 -47.96 53.50
C1B CLA FD . 9.16 -48.39 54.24
C2B CLA FD . 10.37 -48.72 53.45
C3B CLA FD . 9.94 -48.45 52.09
C4B CLA FD . 8.52 -48.03 52.23
CMB CLA FD . 11.71 -49.23 53.87
CAB CLA FD . 10.66 -48.62 50.78
CBB CLA FD . 11.99 -48.58 50.74
NC CLA FD . 5.62 -47.19 52.07
C1C CLA FD . 6.36 -47.41 50.98
C2C CLA FD . 5.65 -47.25 49.71
C3C CLA FD . 4.30 -46.92 50.14
C4C CLA FD . 4.39 -46.95 51.63
CMC CLA FD . 6.23 -47.42 48.32
CAC CLA FD . 3.08 -46.66 49.27
CBC CLA FD . 2.50 -48.04 49.02
ND CLA FD . 4.31 -47.03 54.53
C1D CLA FD . 3.19 -46.73 53.87
C2D CLA FD . 2.02 -46.49 54.72
C3D CLA FD . 2.63 -46.76 56.05
C4D CLA FD . 3.96 -47.08 55.86
CMD CLA FD . 0.64 -46.11 54.31
CAD CLA FD . 2.30 -46.84 57.51
OBD CLA FD . 1.17 -46.63 58.06
CBD CLA FD . 3.52 -47.28 58.20
CGD CLA FD . 3.79 -46.27 59.26
O1D CLA FD . 4.36 -45.21 59.03
O2D CLA FD . 3.61 -46.64 60.64
CED CLA FD . 4.02 -45.68 61.64
C1 CLA FD . 3.38 -53.82 58.61
C2 CLA FD . 3.61 -54.91 57.58
C3 CLA FD . 3.97 -56.20 57.84
C4 CLA FD . 4.11 -56.74 59.25
C5 CLA FD . 4.19 -57.15 56.66
C6 CLA FD . 5.65 -57.51 56.49
C7 CLA FD . 6.52 -56.26 56.28
C8 CLA FD . 8.01 -56.66 56.29
C9 CLA FD . 8.88 -55.42 56.57
C10 CLA FD . 8.39 -57.28 54.97
C11 CLA FD . 9.83 -57.74 55.00
C12 CLA FD . 10.16 -58.63 53.82
C13 CLA FD . 11.65 -58.92 53.73
C14 CLA FD . 11.88 -59.70 52.44
C15 CLA FD . 12.14 -59.70 54.96
C16 CLA FD . 13.61 -60.08 54.90
C17 CLA FD . 14.07 -60.59 56.29
C18 CLA FD . 15.47 -61.17 56.24
C19 CLA FD . 15.76 -62.07 57.44
C20 CLA FD . 16.53 -60.07 56.16
MG CLA GD . 24.30 -42.89 61.84
CHA CLA GD . 23.49 -44.56 58.68
CHB CLA GD . 27.50 -44.19 61.35
CHC CLA GD . 24.93 -42.27 65.14
CHD CLA GD . 20.73 -42.56 62.43
NA CLA GD . 25.39 -44.14 60.23
C1A CLA GD . 24.91 -44.60 59.12
C2A CLA GD . 25.91 -45.34 58.30
C3A CLA GD . 27.08 -45.47 59.25
C4A CLA GD . 26.65 -44.56 60.36
CMA CLA GD . 27.29 -46.90 59.71
CAA CLA GD . 26.38 -44.61 57.03
CBA CLA GD . 27.00 -45.69 56.13
CGA CLA GD . 27.43 -45.13 54.79
O1A CLA GD . 26.63 -44.98 53.88
O2A CLA GD . 28.81 -44.75 54.64
NB CLA GD . 25.95 -43.23 63.04
C1B CLA GD . 27.16 -43.71 62.72
C2B CLA GD . 28.13 -43.69 63.85
C3B CLA GD . 27.33 -43.12 64.94
C4B CLA GD . 25.99 -42.86 64.34
CMB CLA GD . 29.57 -44.16 63.86
CAB CLA GD . 27.64 -42.83 66.37
CBB CLA GD . 28.86 -43.01 66.83
NC CLA GD . 23.06 -42.51 63.49
C1C CLA GD . 23.51 -42.18 64.74
C2C CLA GD . 22.43 -41.78 65.68
C3C CLA GD . 21.21 -41.90 64.85
C4C CLA GD . 21.71 -42.36 63.52
CMC CLA GD . 22.59 -41.38 67.14
CAC CLA GD . 19.78 -41.65 65.26
CBC CLA GD . 19.07 -42.98 65.42
ND CLA GD . 22.48 -43.45 60.93
C1D CLA GD . 21.18 -43.15 61.16
C2D CLA GD . 20.28 -43.51 60.07
C3D CLA GD . 21.25 -44.07 59.10
C4D CLA GD . 22.52 -44.00 59.66
CMD CLA GD . 18.76 -43.34 59.98
CAD CLA GD . 21.33 -44.67 57.73
OBD CLA GD . 20.32 -44.88 57.01
CBD CLA GD . 22.76 -44.88 57.40
CGD CLA GD . 22.90 -46.33 57.02
O1D CLA GD . 23.54 -46.65 56.03
O2D CLA GD . 22.74 -47.35 58.04
CED CLA GD . 22.59 -48.74 57.71
C1 CLA GD . 29.52 -44.49 53.44
C2 CLA GD . 30.97 -44.53 53.81
C3 CLA GD . 31.56 -45.72 53.98
C4 CLA GD . 30.76 -47.00 53.82
C5 CLA GD . 33.01 -45.74 54.36
C6 CLA GD . 33.34 -46.74 55.48
C7 CLA GD . 32.95 -46.19 56.84
C8 CLA GD . 33.50 -47.02 58.00
C9 CLA GD . 32.69 -48.29 58.18
C10 CLA GD . 33.45 -46.11 59.24
C11 CLA GD . 33.49 -46.81 60.61
C12 CLA GD . 33.19 -45.84 61.77
C13 CLA GD . 34.22 -45.82 62.92
C14 CLA GD . 34.58 -47.24 63.38
C15 CLA GD . 33.67 -44.99 64.10
C16 CLA GD . 33.74 -43.47 63.97
C17 CLA GD . 33.47 -42.84 65.35
C18 CLA GD . 32.84 -41.44 65.46
C19 CLA GD . 32.13 -41.28 66.79
C20 CLA GD . 31.89 -41.06 64.32
MG CLA HD . 19.90 -51.50 65.55
CHA CLA HD . 19.16 -52.19 68.95
CHB CLA HD . 20.68 -48.18 66.70
CHC CLA HD . 21.48 -50.86 62.54
CHD CLA HD . 19.93 -54.98 64.78
NA CLA HD . 20.02 -50.29 67.56
C1A CLA HD . 19.61 -50.79 68.68
C2A CLA HD . 19.62 -49.79 69.78
C3A CLA HD . 19.84 -48.48 69.05
C4A CLA HD . 20.22 -48.98 67.68
CMA CLA HD . 18.55 -47.68 68.99
CAA CLA HD . 20.79 -50.16 70.70
CBA CLA HD . 22.12 -50.29 69.97
CGA CLA HD . 23.27 -50.35 70.95
O1A CLA HD . 23.12 -50.18 72.16
O2A CLA HD . 24.60 -50.61 70.49
NB CLA HD . 20.94 -49.79 64.80
C1B CLA HD . 21.05 -48.54 65.30
C2B CLA HD . 21.58 -47.55 64.32
C3B CLA HD . 21.82 -48.39 63.13
C4B CLA HD . 21.38 -49.77 63.53
CMB CLA HD . 21.80 -46.08 64.53
CAB CLA HD . 22.31 -48.13 61.75
CBB CLA HD . 22.69 -46.93 61.39
NC CLA HD . 20.60 -52.72 63.88
C1C CLA HD . 21.27 -52.29 62.79
C2C CLA HD . 21.69 -53.40 61.90
C3C CLA HD . 21.20 -54.60 62.61
C4C CLA HD . 20.54 -54.05 63.82
CMC CLA HD . 22.48 -53.31 60.62
CAC CLA HD . 21.34 -56.06 62.23
CBC CLA HD . 22.65 -56.57 62.77
ND CLA HD . 19.79 -53.24 66.52
C1D CLA HD . 19.57 -54.52 66.13
C2D CLA HD . 18.97 -55.37 67.17
C3D CLA HD . 18.83 -54.39 68.28
C4D CLA HD . 19.32 -53.16 67.84
CMD CLA HD . 18.62 -56.83 67.08
CAD CLA HD . 18.37 -54.28 69.68
OBD CLA HD . 17.86 -55.24 70.34
CBD CLA HD . 18.57 -52.88 70.13
CGD CLA HD . 17.22 -52.32 70.46
O1D CLA HD . 16.63 -51.53 69.72
O2D CLA HD . 16.67 -52.53 71.77
CED CLA HD . 15.23 -52.58 71.91
C1 CLA HD . 25.71 -50.19 71.28
C2 CLA HD . 26.98 -50.56 70.56
C3 CLA HD . 27.33 -51.82 70.22
C4 CLA HD . 26.47 -53.01 70.56
C5 CLA HD . 28.64 -52.01 69.49
C6 CLA HD . 28.59 -51.51 68.04
C7 CLA HD . 29.62 -52.21 67.16
C8 CLA HD . 29.38 -51.91 65.67
C9 CLA HD . 28.68 -53.09 64.99
C10 CLA HD . 30.72 -51.60 65.00
C11 CLA HD . 30.53 -51.38 63.50
C12 CLA HD . 31.54 -50.40 62.90
C13 CLA HD . 31.03 -49.61 61.68
C14 CLA HD . 30.64 -48.19 62.10
C15 CLA HD . 29.89 -50.32 60.93
C16 CLA HD . 29.74 -49.82 59.49
C17 CLA HD . 28.52 -50.43 58.77
C18 CLA HD . 28.40 -49.95 57.32
C19 CLA HD . 27.08 -50.37 56.72
C20 CLA HD . 29.50 -50.52 56.48
C1 BCR ID . 34.04 -65.37 49.42
C2 BCR ID . 34.12 -66.43 48.33
C3 BCR ID . 32.75 -66.73 47.74
C4 BCR ID . 31.71 -67.05 48.77
C5 BCR ID . 31.80 -66.30 50.07
C6 BCR ID . 32.87 -65.54 50.37
C7 BCR ID . 32.97 -64.82 51.67
C8 BCR ID . 32.07 -63.92 52.06
C9 BCR ID . 32.21 -63.18 53.32
C10 BCR ID . 31.36 -62.17 53.53
C11 BCR ID . 31.40 -61.32 54.73
C33 BCR ID . 30.64 -66.49 51.01
C31 BCR ID . 33.92 -63.98 48.73
C32 BCR ID . 35.36 -65.53 50.20
C34 BCR ID . 33.26 -63.57 54.34
C12 BCR ID . 30.33 -60.59 55.05
C13 BCR ID . 30.29 -59.73 56.24
C14 BCR ID . 29.36 -58.73 56.27
C15 BCR ID . 29.18 -57.79 57.39
C16 BCR ID . 28.10 -57.01 57.46
C17 BCR ID . 27.86 -56.06 58.55
C18 BCR ID . 27.08 -54.95 58.54
C19 BCR ID . 27.05 -54.14 59.79
C20 BCR ID . 26.14 -53.19 60.07
C21 BCR ID . 26.23 -52.43 61.32
C22 BCR ID . 25.70 -51.17 61.49
C23 BCR ID . 25.90 -50.59 62.85
C24 BCR ID . 25.26 -49.51 63.33
C25 BCR ID . 25.46 -48.97 64.71
C26 BCR ID . 24.85 -49.55 65.79
C27 BCR ID . 24.97 -49.05 67.24
C28 BCR ID . 26.12 -48.06 67.41
C29 BCR ID . 26.23 -47.07 66.25
C30 BCR ID . 26.31 -47.71 64.87
C35 BCR ID . 31.25 -60.00 57.37
C36 BCR ID . 26.30 -54.45 57.33
C37 BCR ID . 24.95 -50.42 60.39
C38 BCR ID . 23.98 -50.76 65.64
C39 BCR ID . 27.77 -48.02 64.52
C40 BCR ID . 25.77 -46.68 63.88
C1 BCR JD . 20.39 -19.99 52.66
C2 BCR JD . 19.68 -18.66 52.89
C3 BCR JD . 20.61 -17.47 52.70
C4 BCR JD . 21.11 -17.43 51.28
C5 BCR JD . 21.64 -18.78 50.85
C6 BCR JD . 21.31 -19.94 51.47
C7 BCR JD . 21.88 -21.21 50.94
C8 BCR JD . 23.20 -21.41 50.84
C9 BCR JD . 23.67 -22.68 50.27
C10 BCR JD . 25.00 -22.85 50.06
C11 BCR JD . 25.67 -24.03 49.50
C33 BCR JD . 22.55 -18.76 49.64
C31 BCR JD . 19.26 -20.97 52.45
C32 BCR JD . 21.23 -20.38 53.90
C34 BCR JD . 22.64 -23.73 49.89
C12 BCR JD . 27.03 -24.00 49.42
C13 BCR JD . 27.79 -25.15 48.87
C14 BCR JD . 29.13 -25.27 49.07
C15 BCR JD . 29.96 -26.36 48.54
C16 BCR JD . 31.28 -26.41 48.78
C17 BCR JD . 32.07 -27.52 48.22
C18 BCR JD . 33.38 -27.80 48.48
C19 BCR JD . 33.99 -28.93 47.74
C20 BCR JD . 35.29 -29.22 47.74
C21 BCR JD . 35.80 -30.33 46.91
C22 BCR JD . 37.09 -30.71 46.80
C23 BCR JD . 37.35 -31.80 45.85
C24 BCR JD . 38.57 -32.09 45.39
C25 BCR JD . 38.76 -33.15 44.36
C26 BCR JD . 38.42 -34.46 44.54
C27 BCR JD . 38.66 -35.48 43.45
C28 BCR JD . 38.83 -34.84 42.08
C29 BCR JD . 39.84 -33.70 42.12
C30 BCR JD . 39.34 -32.61 43.07
C35 BCR JD . 27.03 -26.18 48.06
C36 BCR JD . 34.26 -26.95 49.39
C37 BCR JD . 38.23 -30.04 47.54
C38 BCR JD . 37.88 -35.01 45.85
C39 BCR JD . 38.34 -31.66 42.37
C40 BCR JD . 40.54 -31.75 43.44
C1A DGD KD . 28.41 -27.19 31.48
C2A DGD KD . 27.53 -26.40 32.44
C3A DGD KD . 27.58 -24.89 32.25
C4A DGD KD . 26.45 -24.20 33.04
C5A DGD KD . 26.76 -24.15 34.51
C6A DGD KD . 25.67 -23.51 35.35
C7A DGD KD . 26.16 -22.13 35.81
C8A DGD KD . 26.93 -22.08 37.14
C9A DGD KD . 27.07 -20.64 37.66
CAA DGD KD . 26.35 -20.42 38.99
CBA DGD KD . 24.82 -20.55 38.91
CCA DGD KD . 24.20 -20.66 40.30
CDA DGD KD . 24.08 -22.11 40.79
CEA DGD KD . 24.22 -22.24 42.32
CFA DGD KD . 23.22 -23.24 42.89
CGA DGD KD . 23.76 -23.86 44.18
O1A DGD KD . 28.73 -26.91 30.31
C1B DGD KD . 30.66 -29.17 34.91
C2B DGD KD . 29.93 -29.64 36.14
C3B DGD KD . 28.47 -29.81 35.78
C4B DGD KD . 27.61 -28.60 36.03
C5B DGD KD . 26.18 -29.09 36.26
C6B DGD KD . 25.32 -29.23 35.00
C7B DGD KD . 24.24 -28.14 34.97
C8B DGD KD . 22.84 -28.71 34.91
C9B DGD KD . 21.80 -27.78 35.51
CAB DGD KD . 20.45 -28.32 35.11
CBB DGD KD . 19.35 -27.55 35.78
CCB DGD KD . 17.99 -28.10 35.35
CDB DGD KD . 17.02 -27.07 35.96
CEB DGD KD . 15.54 -27.44 35.80
CFB DGD KD . 14.81 -26.26 36.47
CGB DGD KD . 13.33 -26.54 36.56
O1B DGD KD . 31.44 -28.25 34.94
O1G DGD KD . 28.90 -28.40 32.06
C1G DGD KD . 29.86 -29.23 31.44
C2G DGD KD . 30.97 -29.22 32.48
O2G DGD KD . 30.42 -29.81 33.65
C3G DGD KD . 32.04 -30.11 31.91
O3G DGD KD . 32.61 -29.25 30.91
C1D DGD KD . 33.44 -29.91 30.02
C2D DGD KD . 33.88 -28.92 28.94
O2D DGD KD . 32.71 -28.57 28.18
C3D DGD KD . 34.94 -29.56 28.07
O3D DGD KD . 35.41 -28.67 27.05
C4D DGD KD . 36.14 -30.01 28.93
O4D DGD KD . 36.81 -28.86 29.54
C5D DGD KD . 35.55 -30.99 29.98
O5D DGD KD . 37.14 -32.71 30.04
C6D DGD KD . 36.63 -31.65 30.83
O6D DGD KD . 34.55 -30.37 30.81
C1E DGD KD . 38.54 -32.50 29.82
C2E DGD KD . 38.85 -33.09 28.44
O2E DGD KD . 38.21 -32.25 27.51
C3E DGD KD . 38.36 -34.54 28.40
O3E DGD KD . 38.58 -35.10 27.08
C4E DGD KD . 39.14 -35.39 29.44
O4E DGD KD . 40.51 -35.50 29.01
C5E DGD KD . 38.99 -34.74 30.83
O6E DGD KD . 39.29 -33.30 30.75
C6E DGD KD . 39.87 -35.46 31.86
O5E DGD KD . 39.70 -36.91 31.74
C1A DGD LD . 13.79 -54.72 29.37
C2A DGD LD . 12.46 -55.37 29.64
C3A DGD LD . 11.55 -54.58 30.59
C4A DGD LD . 10.51 -53.74 29.86
C5A DGD LD . 9.51 -53.20 30.88
C6A DGD LD . 9.29 -51.68 30.77
C7A DGD LD . 9.20 -51.07 32.18
C8A DGD LD . 8.48 -49.73 32.20
C9A DGD LD . 8.01 -49.35 33.61
CAA DGD LD . 6.61 -48.71 33.63
CBA DGD LD . 5.47 -49.67 33.24
CCA DGD LD . 4.55 -49.09 32.15
CDA DGD LD . 4.40 -50.02 30.94
CEA DGD LD . 5.08 -49.50 29.68
CFA DGD LD . 5.65 -50.64 28.86
CGA DGD LD . 4.48 -51.49 28.41
O1A DGD LD . 14.23 -53.69 29.89
C1B DGD LD . 17.08 -54.54 31.24
C2B DGD LD . 16.57 -54.25 32.65
C3B DGD LD . 16.22 -52.76 32.79
C4B DGD LD . 16.99 -52.08 33.92
C5B DGD LD . 16.59 -50.62 34.17
C6B DGD LD . 17.14 -49.65 33.15
C7B DGD LD . 17.78 -48.48 33.86
C8B DGD LD . 18.53 -47.55 32.93
C9B DGD LD . 17.58 -46.52 32.41
CAB DGD LD . 18.23 -45.16 32.29
CBB DGD LD . 17.12 -44.12 32.48
CCB DGD LD . 17.12 -43.22 31.26
CDB DGD LD . 15.79 -42.74 30.79
CEB DGD LD . 15.13 -43.76 29.88
CFB DGD LD . 14.37 -43.18 28.71
CGB DGD LD . 13.25 -44.22 28.48
O1B DGD LD . 18.09 -54.09 30.71
O1G DGD LD . 14.65 -55.44 28.48
C1G DGD LD . 15.95 -54.93 28.19
C2G DGD LD . 16.88 -55.66 29.14
O2G DGD LD . 16.32 -55.44 30.43
C3G DGD LD . 16.88 -57.16 28.93
O3G DGD LD . 16.97 -57.50 27.55
C1D DGD LD . 18.30 -57.42 27.09
C2D DGD LD . 18.36 -58.26 25.81
O2D DGD LD . 18.17 -59.62 26.21
C3D DGD LD . 19.76 -58.12 25.20
O3D DGD LD . 19.69 -58.78 23.93
C4D DGD LD . 20.12 -56.61 25.04
O4D DGD LD . 19.35 -56.05 23.95
C5D DGD LD . 19.92 -55.87 26.38
O5D DGD LD . 21.46 -54.08 25.73
C6D DGD LD . 20.18 -54.34 26.32
O6D DGD LD . 18.58 -56.04 26.84
C1E DGD LD . 22.51 -54.15 26.69
C2E DGD LD . 23.49 -52.96 26.47
O2E DGD LD . 22.69 -51.78 26.49
C3E DGD LD . 24.18 -53.12 25.10
O3E DGD LD . 25.22 -52.13 24.93
C4E DGD LD . 24.85 -54.51 24.99
O4E DGD LD . 25.91 -54.56 25.96
C5E DGD LD . 23.80 -55.60 25.29
O6E DGD LD . 23.17 -55.44 26.57
C6E DGD LD . 24.29 -57.04 25.14
O5E DGD LD . 25.27 -57.28 26.12
C1A DGD MD . 8.53 -52.88 22.38
C2A DGD MD . 7.68 -51.64 22.18
C3A DGD MD . 7.02 -51.38 23.49
C4A DGD MD . 5.99 -50.27 23.31
C5A DGD MD . 6.29 -49.24 24.38
C6A DGD MD . 5.09 -48.29 24.55
C7A DGD MD . 5.55 -46.93 25.06
C8A DGD MD . 4.42 -45.91 25.27
C9A DGD MD . 4.71 -45.05 26.51
CAA DGD MD . 3.97 -43.73 26.39
CBA DGD MD . 2.47 -43.97 26.39
CCA DGD MD . 1.64 -42.81 25.85
CDA DGD MD . 0.19 -43.19 26.13
CEA DGD MD . -0.51 -42.19 27.04
CFA DGD MD . -1.69 -42.70 27.88
CGA DGD MD . -3.05 -42.11 27.50
O1A DGD MD . 8.03 -53.99 22.34
C1B DGD MD . 13.06 -52.79 24.95
C2B DGD MD . 13.16 -52.93 26.45
C3B DGD MD . 13.31 -51.52 27.06
C4B DGD MD . 11.90 -50.91 26.98
C5B DGD MD . 11.70 -49.62 27.73
C6B DGD MD . 10.23 -49.17 27.61
C7B DGD MD . 10.17 -47.90 28.45
C8B DGD MD . 8.81 -47.26 28.47
C9B DGD MD . 8.92 -46.10 29.44
CAB DGD MD . 7.55 -45.47 29.58
CBB DGD MD . 6.98 -45.66 30.98
CCB DGD MD . 7.64 -44.70 31.97
CDB DGD MD . 6.75 -44.60 33.21
CEB DGD MD . 7.55 -44.34 34.47
CFB DGD MD . 6.84 -44.94 35.68
CGB DGD MD . 6.81 -43.96 36.84
O1B DGD MD . 13.77 -52.04 24.31
O1G DGD MD . 9.93 -52.79 22.62
C1G DGD MD . 10.76 -53.94 22.35
C2G DGD MD . 12.14 -53.53 22.84
O2G DGD MD . 12.07 -53.51 24.24
C3G DGD MD . 13.19 -54.51 22.30
O3G DGD MD . 13.04 -54.33 20.88
C1D DGD MD . 13.85 -55.18 20.13
C2D DGD MD . 13.28 -55.22 18.73
O2D DGD MD . 11.98 -55.86 18.76
C3D DGD MD . 14.26 -56.02 17.87
O3D DGD MD . 13.70 -56.13 16.54
C4D DGD MD . 15.62 -55.33 17.88
O4D DGD MD . 15.49 -53.98 17.33
C5D DGD MD . 16.07 -55.31 19.35
O5D DGD MD . 18.32 -55.14 18.49
C6D DGD MD . 17.45 -54.65 19.55
O6D DGD MD . 15.12 -54.62 20.12
C1E DGD MD . 19.68 -55.11 18.81
C2E DGD MD . 20.42 -55.46 17.52
O2E DGD MD . 20.18 -54.45 16.53
C3E DGD MD . 20.12 -56.87 17.02
O3E DGD MD . 21.12 -57.18 16.04
C4E DGD MD . 20.28 -57.89 18.16
O4E DGD MD . 21.68 -57.96 18.46
C5E DGD MD . 19.51 -57.43 19.38
O6E DGD MD . 19.96 -56.09 19.79
C6E DGD MD . 19.77 -58.40 20.54
O5E DGD MD . 19.00 -57.88 21.63
C1 LMG ND . 20.99 -60.27 28.84
O1 LMG ND . 20.17 -60.49 29.93
C2 LMG ND . 21.80 -58.99 29.09
O2 LMG ND . 20.90 -57.87 29.24
C3 LMG ND . 22.81 -58.75 27.96
O3 LMG ND . 23.74 -57.74 28.41
C4 LMG ND . 23.61 -60.05 27.68
O4 LMG ND . 24.54 -60.34 28.75
C5 LMG ND . 22.71 -61.27 27.53
O5 LMG ND . 22.47 -63.46 26.96
C6 LMG ND . 23.51 -62.55 27.38
O6 LMG ND . 21.82 -61.41 28.69
C7 LMG ND . 18.97 -61.16 29.54
C8 LMG ND . 18.31 -61.26 30.90
C9 LMG ND . 17.50 -59.98 31.10
O7 LMG ND . 17.54 -62.44 30.82
C10 LMG ND . 17.41 -63.09 32.10
O9 LMG ND . 18.19 -62.75 32.97
C11 LMG ND . 16.33 -64.10 32.34
C12 LMG ND . 15.61 -63.75 33.64
C13 LMG ND . 14.23 -63.14 33.44
C14 LMG ND . 13.91 -62.21 34.60
C15 LMG ND . 12.39 -62.11 34.82
C16 LMG ND . 12.04 -60.78 35.47
C17 LMG ND . 10.90 -60.89 36.48
C18 LMG ND . 9.65 -60.13 36.03
C19 LMG ND . 9.69 -58.65 36.42
C20 LMG ND . 9.06 -58.43 37.79
C21 LMG ND . 9.00 -56.95 38.15
C22 LMG ND . 7.76 -56.66 39.00
C23 LMG ND . 7.30 -55.22 38.84
C24 LMG ND . 6.58 -54.98 37.51
C25 LMG ND . 7.24 -53.87 36.72
O8 LMG ND . 16.77 -59.90 32.30
C28 LMG ND . 15.55 -59.09 32.35
O10 LMG ND . 14.89 -59.08 31.32
C29 LMG ND . 15.07 -58.36 33.60
C30 LMG ND . 14.15 -57.17 33.29
C31 LMG ND . 13.26 -56.70 34.43
C32 LMG ND . 13.09 -55.18 34.45
C33 LMG ND . 11.72 -54.68 34.92
C34 LMG ND . 11.89 -53.59 35.99
C35 LMG ND . 11.77 -52.12 35.51
C36 LMG ND . 12.14 -51.09 36.60
C37 LMG ND . 13.27 -50.14 36.18
C38 LMG ND . 13.82 -49.28 37.31
C39 LMG ND . 14.78 -48.22 36.74
C40 LMG ND . 15.66 -47.46 37.77
C41 LMG ND . 15.52 -45.95 37.68
C42 LMG ND . 16.54 -45.35 36.72
C43 LMG ND . 16.08 -43.99 36.26
C1B LMT OD . 18.19 -9.02 59.82
C2B LMT OD . 17.71 -7.66 59.29
C3B LMT OD . 16.21 -7.45 59.44
C4B LMT OD . 15.46 -8.77 59.68
C5B LMT OD . 16.00 -9.51 60.92
C6B LMT OD . 15.57 -10.98 61.08
O1B LMT OD . 19.52 -8.77 60.25
O2B LMT OD . 18.44 -6.58 59.91
O3B LMT OD . 15.79 -6.78 58.22
O4' LMT OD . 14.06 -8.52 59.82
O5B LMT OD . 17.45 -9.50 60.97
O6B LMT OD . 14.31 -11.13 61.77
C1' LMT OD . 22.47 -11.77 59.58
C2' LMT OD . 21.60 -11.80 60.85
C3' LMT OD . 20.22 -11.25 60.50
C4' LMT OD . 20.54 -9.79 60.14
C5' LMT OD . 21.26 -9.82 58.80
C6' LMT OD . 21.48 -8.45 58.20
O1' LMT OD . 23.79 -12.28 59.84
O2' LMT OD . 21.51 -13.09 61.46
O3' LMT OD . 19.27 -11.48 61.54
O5' LMT OD . 22.53 -10.43 59.06
O6' LMT OD . 21.87 -7.50 59.20
C1 LMT OD . 24.62 -12.49 58.69
C2 LMT OD . 25.82 -13.37 59.04
C3 LMT OD . 26.49 -13.89 57.78
C4 LMT OD . 27.35 -15.14 58.03
C5 LMT OD . 27.47 -16.00 56.76
C6 LMT OD . 28.36 -15.35 55.70
C7 LMT OD . 28.00 -15.76 54.26
C8 LMT OD . 28.20 -14.60 53.27
C9 LMT OD . 28.77 -15.07 51.92
C10 LMT OD . 28.25 -14.17 50.78
C11 LMT OD . 29.22 -14.04 49.60
C12 LMT OD . 29.00 -15.10 48.54
C1 HTG PD . 45.28 -55.81 47.54
S1 HTG PD . 43.75 -55.24 48.21
C2 HTG PD . 45.31 -55.57 46.03
O2 HTG PD . 44.33 -56.41 45.41
C3 HTG PD . 46.66 -55.91 45.44
O3 HTG PD . 46.76 -55.49 44.08
C4 HTG PD . 47.77 -55.21 46.22
O4 HTG PD . 49.04 -55.51 45.63
C5 HTG PD . 47.68 -55.58 47.70
O5 HTG PD . 46.41 -55.18 48.21
C6 HTG PD . 48.80 -54.92 48.50
O6 HTG PD . 48.61 -55.27 49.88
C1' HTG PD . 43.62 -55.69 49.92
C2' HTG PD . 42.23 -56.25 50.26
C3' HTG PD . 41.56 -55.43 51.36
C4' HTG PD . 40.13 -55.88 51.69
C5' HTG PD . 39.21 -54.68 52.04
C6' HTG PD . 37.97 -55.06 52.85
C7' HTG PD . 37.37 -53.83 53.51
C1 HTG QD . 53.32 -37.54 50.84
S1 HTG QD . 51.64 -38.13 50.93
C2 HTG QD . 54.15 -38.54 50.06
O2 HTG QD . 54.40 -39.70 50.87
C3 HTG QD . 55.46 -37.86 49.65
O3 HTG QD . 56.41 -38.83 49.18
C4 HTG QD . 55.12 -36.87 48.55
O4 HTG QD . 56.29 -36.10 48.21
C5 HTG QD . 53.96 -35.94 48.94
O5 HTG QD . 53.40 -36.20 50.26
C6 HTG QD . 52.84 -35.97 47.91
O6 HTG QD . 53.26 -35.42 46.66
C1' HTG QD . 50.97 -38.14 52.58
C2' HTG QD . 49.52 -38.67 52.61
C3' HTG QD . 49.29 -40.01 53.33
C4' HTG QD . 47.79 -40.31 53.52
C5' HTG QD . 47.43 -41.72 54.04
C6' HTG QD . 45.92 -42.00 53.97
C7' HTG QD . 45.46 -43.19 54.78
O9 UNL RD . -8.71 -47.23 47.99
C7 UNL RD . -7.87 -46.66 47.30
C8 UNL RD . -7.49 -47.27 45.96
C9 UNL RD . -6.01 -47.63 45.89
C10 UNL RD . -5.56 -47.81 44.45
C11 UNL RD . -4.05 -47.97 44.40
C12 UNL RD . -3.47 -47.35 43.14
C13 UNL RD . -2.39 -48.23 42.54
C14 UNL RD . -2.42 -48.21 41.01
C15 UNL RD . -0.99 -48.27 40.47
C16 UNL RD . -0.95 -47.78 39.03
O7 UNL RD . -7.27 -45.41 47.81
C5 UNL RD . -8.05 -44.21 47.72
C4 UNL RD . -8.84 -43.84 49.00
O6 UNL RD . -8.86 -44.87 49.99
C6 UNL RD . -7.12 -43.06 47.33
O8 UNL RD . -6.77 -43.11 45.93
C23 UNL RD . -7.78 -43.00 44.83
O10 UNL RD . -8.98 -43.24 44.99
C24 UNL RD . -7.32 -42.57 43.45
C25 UNL RD . -6.39 -43.65 42.87
C26 UNL RD . -5.04 -43.11 42.40
C27 UNL RD . -4.48 -44.03 41.32
C28 UNL RD . -3.19 -43.50 40.71
C29 UNL RD . -2.59 -44.41 39.64
C30 UNL RD . -1.98 -43.58 38.51
C31 UNL RD . -0.88 -44.36 37.78
C32 UNL RD . -0.36 -43.57 36.57
C33 UNL RD . -0.88 -44.13 35.25
C34 UNL RD . -1.84 -43.15 34.55
C35 UNL RD . -2.03 -43.48 33.07
C36 UNL RD . -0.93 -42.85 32.21
C37 UNL RD . -0.34 -43.83 31.19
C38 UNL RD . 1.17 -43.98 31.35
C1 GOL SD . 41.98 -48.61 6.22
O1 GOL SD . 41.68 -48.84 4.86
C2 GOL SD . 42.47 -47.17 6.18
O2 GOL SD . 43.81 -47.09 5.64
C3 GOL SD . 42.37 -46.57 7.57
O3 GOL SD . 43.69 -46.06 7.62
C1 GOL TD . 29.28 -44.83 15.88
O1 GOL TD . 30.10 -45.59 16.78
C2 GOL TD . 28.29 -45.64 15.01
O2 GOL TD . 28.94 -46.33 13.93
C3 GOL TD . 27.31 -44.65 14.36
O3 GOL TD . 26.37 -45.33 13.44
C1 GOL UD . 29.18 -55.76 18.71
O1 GOL UD . 30.46 -55.08 18.67
C2 GOL UD . 29.20 -57.00 19.61
O2 GOL UD . 29.42 -56.54 20.95
C3 GOL UD . 27.86 -57.76 19.60
O3 GOL UD . 27.94 -59.11 20.17
C BCT VD . -13.51 -24.31 39.98
O1 BCT VD . -14.44 -23.76 40.72
O2 BCT VD . -13.75 -25.45 39.45
O3 BCT VD . -12.42 -23.67 39.88
MG CLA WD . 0.85 -30.65 14.81
CHA CLA WD . -2.19 -31.84 14.02
CHB CLA WD . -0.48 -29.74 17.98
CHC CLA WD . 4.12 -30.23 16.06
CHD CLA WD . 2.27 -32.33 11.93
NA CLA WD . -1.02 -30.73 15.90
C1A CLA WD . -2.15 -31.17 15.27
C2A CLA WD . -3.43 -30.97 16.01
C3A CLA WD . -2.89 -30.08 17.17
C4A CLA WD . -1.43 -30.17 17.00
CMA CLA WD . -3.30 -28.61 16.93
CAA CLA WD . -3.90 -32.34 16.63
CBA CLA WD . -5.19 -32.12 17.44
CGA CLA WD . -5.53 -33.51 18.04
O1A CLA WD . -5.54 -33.84 19.25
O2A CLA WD . -5.84 -34.57 17.09
NB CLA WD . 1.68 -30.12 16.61
C1B CLA WD . 0.94 -29.82 17.73
C2B CLA WD . 1.83 -29.41 18.87
C3B CLA WD . 3.18 -29.56 18.35
C4B CLA WD . 2.96 -30.03 16.94
CMB CLA WD . 1.33 -29.03 20.23
CAB CLA WD . 4.56 -29.33 18.99
CBB CLA WD . 4.76 -28.17 19.61
NC CLA WD . 2.73 -31.21 14.21
C1C CLA WD . 3.92 -30.80 14.75
C2C CLA WD . 5.07 -30.86 13.85
C3C CLA WD . 4.55 -31.43 12.64
C4C CLA WD . 3.08 -31.66 12.95
CMC CLA WD . 6.46 -30.42 14.10
CAC CLA WD . 5.34 -31.72 11.38
CBC CLA WD . 4.67 -30.96 10.16
ND CLA WD . 0.32 -31.93 13.24
C1D CLA WD . 0.87 -32.49 12.18
C2D CLA WD . -0.09 -33.11 11.31
C3D CLA WD . -1.30 -32.87 12.05
C4D CLA WD . -0.96 -32.13 13.26
CMD CLA WD . 0.22 -33.79 10.03
CAD CLA WD . -2.72 -33.11 12.03
OBD CLA WD . -3.30 -33.70 11.06
CBD CLA WD . -3.30 -32.41 13.20
CGD CLA WD . -4.24 -31.32 12.76
O1D CLA WD . -3.91 -30.21 12.32
O2D CLA WD . -5.57 -31.76 12.47
CED CLA WD . -6.52 -30.81 11.99
C1 CLA WD . -6.17 -35.91 17.61
C2 CLA WD . -7.43 -36.47 16.95
C3 CLA WD . -8.65 -36.00 17.21
C4 CLA WD . -8.93 -34.88 18.17
C5 CLA WD . -9.78 -36.63 16.46
C6 CLA WD . -10.82 -37.22 17.43
C7 CLA WD . -10.27 -38.37 18.29
C8 CLA WD . -11.40 -39.20 18.97
C9 CLA WD . -12.22 -38.39 19.98
C10 CLA WD . -10.65 -40.37 19.56
C11 CLA WD . -11.49 -41.35 20.42
C12 CLA WD . -10.59 -42.54 20.79
C13 CLA WD . -11.39 -43.71 21.39
C14 CLA WD . -12.09 -43.33 22.70
C15 CLA WD . -10.63 -45.03 21.62
C16 CLA WD . -9.12 -45.11 21.48
C17 CLA WD . -8.70 -46.54 21.75
C18 CLA WD . -7.21 -46.74 22.06
C19 CLA WD . -6.27 -45.86 21.26
C20 CLA WD . -6.83 -48.21 22.00
MG CLA XD . -21.91 -51.00 9.89
CHA CLA XD . -20.48 -51.09 6.57
CHB CLA XD . -23.01 -47.89 9.16
CHC CLA XD . -23.91 -51.26 12.73
CHD CLA XD . -21.25 -54.51 10.13
NA CLA XD . -21.79 -49.68 8.09
C1A CLA XD . -21.17 -49.85 7.00
C2A CLA XD . -21.16 -48.67 6.07
C3A CLA XD . -21.69 -47.60 7.03
C4A CLA XD . -22.23 -48.42 8.17
CMA CLA XD . -20.52 -46.81 7.70
CAA CLA XD . -22.16 -48.84 4.89
CBA CLA XD . -23.56 -49.32 5.41
CGA CLA XD . -24.54 -49.27 4.28
O1A CLA XD . -24.23 -48.98 3.12
O2A CLA XD . -25.91 -49.63 4.59
NB CLA XD . -23.24 -49.84 10.73
C1B CLA XD . -23.54 -48.54 10.40
C2B CLA XD . -24.38 -47.83 11.40
C3B CLA XD . -24.56 -48.84 12.43
C4B CLA XD . -23.84 -50.05 11.92
CMB CLA XD . -24.84 -46.39 11.38
CAB CLA XD . -25.31 -48.88 13.72
CBB CLA XD . -26.12 -47.89 14.05
NC CLA XD . -22.54 -52.65 11.21
C1C CLA XD . -23.34 -52.54 12.26
C2C CLA XD . -23.57 -53.82 12.97
C3C CLA XD . -22.74 -54.76 12.21
C4C CLA XD . -22.14 -53.91 11.13
CMC CLA XD . -24.43 -54.01 14.20
CAC CLA XD . -22.61 -56.25 12.46
CBC CLA XD . -23.66 -56.91 11.56
ND CLA XD . -21.17 -52.50 8.72
C1D CLA XD . -20.83 -53.80 8.93
C2D CLA XD . -20.01 -54.39 7.89
C3D CLA XD . -19.87 -53.27 6.96
C4D CLA XD . -20.61 -52.23 7.48
CMD CLA XD . -19.46 -55.80 7.79
CAD CLA XD . -19.30 -52.86 5.66
OBD CLA XD . -18.56 -53.54 4.89
CBD CLA XD . -19.60 -51.43 5.43
CGD CLA XD . -18.33 -50.60 5.58
O1D CLA XD . -17.93 -50.18 6.66
O2D CLA XD . -17.40 -50.69 4.53
CED CLA XD . -16.13 -50.00 4.46
C1 CLA XD . -26.91 -49.57 3.56
C2 CLA XD . -28.22 -49.76 4.30
C3 CLA XD . -28.87 -48.79 4.96
C4 CLA XD . -28.37 -47.38 5.01
C5 CLA XD . -30.17 -49.13 5.65
C6 CLA XD . -31.31 -48.44 4.93
C7 CLA XD . -32.54 -48.48 5.81
C8 CLA XD . -33.65 -47.74 5.07
C9 CLA XD . -33.90 -46.40 5.74
C10 CLA XD . -34.89 -48.65 4.91
C11 CLA XD . -34.95 -49.31 3.51
C12 CLA XD . -34.69 -50.82 3.44
C13 CLA XD . -35.60 -51.64 2.49
C14 CLA XD . -36.88 -52.09 3.21
C15 CLA XD . -34.88 -52.86 1.88
C16 CLA XD . -35.40 -53.20 0.48
C17 CLA XD . -34.32 -53.79 -0.45
C18 CLA XD . -34.88 -54.50 -1.70
C19 CLA XD . -34.09 -55.76 -2.06
C20 CLA XD . -34.96 -53.58 -2.93
C1 BCR YD . -17.29 -57.59 12.34
C2 BCR YD . -17.42 -57.40 10.82
C3 BCR YD . -16.19 -57.37 9.92
C4 BCR YD . -15.02 -56.53 10.52
C5 BCR YD . -15.03 -56.43 12.02
C6 BCR YD . -16.04 -56.91 12.85
C7 BCR YD . -15.91 -56.71 14.32
C8 BCR YD . -14.89 -57.20 15.07
C9 BCR YD . -14.83 -56.86 16.49
C10 BCR YD . -13.73 -57.18 17.17
C11 BCR YD . -13.46 -56.81 18.56
C33 BCR YD . -13.78 -55.72 12.57
C31 BCR YD . -17.31 -59.04 12.86
C32 BCR YD . -18.58 -56.95 12.80
C34 BCR YD . -15.98 -56.12 17.16
C12 BCR YD . -12.24 -57.20 18.98
C13 BCR YD . -11.71 -56.82 20.34
C14 BCR YD . -10.40 -57.13 20.63
C15 BCR YD . -9.73 -56.74 21.88
C16 BCR YD . -8.43 -56.97 22.06
C17 BCR YD . -7.72 -56.47 23.24
C18 BCR YD . -6.36 -56.47 23.45
C19 BCR YD . -5.87 -55.82 24.70
C20 BCR YD . -4.57 -55.83 25.05
C21 BCR YD . -4.23 -55.04 26.25
C22 BCR YD . -2.98 -54.89 26.75
C23 BCR YD . -2.79 -53.98 27.93
C24 BCR YD . -1.59 -53.40 28.16
C25 BCR YD . -1.33 -52.37 29.23
C26 BCR YD . -1.92 -51.16 29.11
C27 BCR YD . -1.73 -50.07 30.14
C28 BCR YD . -1.61 -50.74 31.51
C29 BCR YD . -0.32 -51.50 31.44
C30 BCR YD . -0.43 -52.61 30.40
C35 BCR YD . -12.60 -56.09 21.32
C36 BCR YD . -5.34 -57.05 22.49
C37 BCR YD . -1.80 -55.56 26.11
C38 BCR YD . -2.81 -50.87 27.95
C39 BCR YD . -0.95 -53.84 31.12
C40 BCR YD . 0.94 -52.76 29.76
C2 PL9 ZD . -5.14 -19.31 37.53
C3 PL9 ZD . -4.78 -17.98 37.38
C4 PL9 ZD . -5.50 -16.89 38.10
C5 PL9 ZD . -6.59 -17.25 39.02
C6 PL9 ZD . -6.97 -18.69 39.17
C1 PL9 ZD . -6.21 -19.69 38.32
C7 PL9 ZD . -3.61 -17.55 36.54
C8 PL9 ZD . -3.77 -17.73 35.05
C9 PL9 ZD . -3.73 -16.71 34.17
C10 PL9 ZD . -3.54 -15.27 34.52
C11 PL9 ZD . -3.92 -17.08 32.70
C12 PL9 ZD . -2.59 -16.91 31.93
C13 PL9 ZD . -2.83 -17.46 30.49
C14 PL9 ZD . -1.80 -17.66 29.62
C15 PL9 ZD . -0.35 -17.36 29.94
C16 PL9 ZD . -2.08 -18.25 28.21
C17 PL9 ZD . -3.58 -18.52 27.97
C18 PL9 ZD . -3.71 -19.08 26.54
C19 PL9 ZD . -3.68 -18.40 25.33
C20 PL9 ZD . -3.52 -16.89 25.24
C21 PL9 ZD . -3.79 -19.20 23.97
C22 PL9 ZD . -4.92 -18.68 23.06
C23 PL9 ZD . -4.96 -19.60 21.77
C24 PL9 ZD . -6.07 -19.68 20.99
C25 PL9 ZD . -7.38 -18.92 21.26
C26 PL9 ZD . -6.10 -20.64 19.79
C27 PL9 ZD . -6.09 -19.74 18.54
C28 PL9 ZD . -4.73 -19.05 18.41
C29 PL9 ZD . -4.67 -17.69 18.19
C30 PL9 ZD . -5.91 -16.84 18.08
C31 PL9 ZD . -3.35 -16.94 18.02
C32 PL9 ZD . -2.16 -17.81 18.34
C33 PL9 ZD . -0.96 -16.91 18.08
C34 PL9 ZD . 0.21 -17.29 17.53
C35 PL9 ZD . 0.46 -18.67 16.99
C36 PL9 ZD . 1.31 -16.21 17.32
C37 PL9 ZD . 2.45 -16.61 18.13
C38 PL9 ZD . 3.54 -15.65 17.66
C39 PL9 ZD . 3.97 -14.56 18.24
C40 PL9 ZD . 3.34 -14.22 19.56
C41 PL9 ZD . 5.16 -13.77 17.59
C42 PL9 ZD . 6.25 -13.87 18.64
C43 PL9 ZD . 7.27 -12.73 18.45
C44 PL9 ZD . 8.51 -12.92 17.99
C45 PL9 ZD . 9.11 -14.26 17.58
C46 PL9 ZD . 9.45 -11.73 17.84
C47 PL9 ZD . 8.83 -10.43 18.36
C48 PL9 ZD . 9.98 -9.44 18.48
C49 PL9 ZD . 10.15 -8.38 17.70
C50 PL9 ZD . 11.36 -7.53 17.97
C51 PL9 ZD . 9.22 -8.00 16.59
C52 PL9 ZD . -7.33 -16.17 39.77
C53 PL9 ZD . -8.14 -19.09 40.05
O1 PL9 ZD . -5.20 -15.67 37.93
O2 PL9 ZD . -6.51 -20.89 38.40
C1A DGD AE . -17.51 -64.54 3.17
C2A DGD AE . -17.82 -63.94 4.53
C3A DGD AE . -19.27 -63.48 4.67
C4A DGD AE . -19.38 -62.22 5.52
C5A DGD AE . -18.68 -62.30 6.89
C6A DGD AE . -18.56 -60.89 7.48
C7A DGD AE . -18.78 -60.85 8.98
C8A DGD AE . -20.12 -60.20 9.36
C9A DGD AE . -20.25 -60.17 10.89
CAA DGD AE . -21.57 -60.72 11.46
CBA DGD AE . -21.38 -61.30 12.87
CCA DGD AE . -22.14 -60.53 13.96
CDA DGD AE . -21.23 -59.92 15.04
CEA DGD AE . -21.63 -58.48 15.38
CFA DGD AE . -20.88 -57.82 16.55
CGA DGD AE . -21.55 -56.47 16.87
O1A DGD AE . -18.31 -65.29 2.62
C1B DGD AE . -14.50 -65.62 6.01
C2B DGD AE . -15.48 -64.73 6.77
C3B DGD AE . -15.27 -64.82 8.29
C4B DGD AE . -15.33 -63.48 9.01
C5B DGD AE . -14.60 -63.59 10.35
C6B DGD AE . -14.60 -62.27 11.13
C7B DGD AE . -13.53 -62.29 12.21
C8B DGD AE . -13.67 -61.14 13.21
C9B DGD AE . -12.51 -61.07 14.24
CAB DGD AE . -12.63 -61.94 15.50
CBB DGD AE . -11.81 -63.25 15.40
CCB DGD AE . -12.69 -64.49 15.60
CDB DGD AE . -12.28 -65.70 14.76
CEB DGD AE . -13.46 -66.50 14.14
CFB DGD AE . -13.57 -66.45 12.61
CGB DGD AE . -13.77 -67.82 11.96
O1B DGD AE . -13.53 -66.04 6.60
O1G DGD AE . -16.25 -64.21 2.52
C1G DGD AE . -15.22 -65.19 2.33
C2G DGD AE . -14.25 -65.13 3.51
O2G DGD AE . -14.66 -66.03 4.60
C3G DGD AE . -12.83 -65.36 2.99
O3G DGD AE . -12.49 -66.71 2.59
C1D DGD AE . -11.35 -67.29 3.29
C2D DGD AE . -11.84 -68.22 4.41
O2D DGD AE . -12.54 -67.52 5.43
C3D DGD AE . -10.71 -68.90 5.16
O3D DGD AE . -11.27 -69.88 6.05
C4D DGD AE . -9.70 -69.55 4.22
O4D DGD AE . -10.20 -70.84 3.83
C5D DGD AE . -9.33 -68.68 3.01
O5D DGD AE . -7.34 -70.09 2.57
C6D DGD AE . -8.51 -69.49 1.97
O6D DGD AE . -10.45 -67.99 2.39
C1E DGD AE . -7.42 -71.52 2.71
O6E DGD AE . -6.23 -72.14 2.27
O6 SQD BE . -32.85 -57.42 32.58
C44 SQD BE . -33.13 -56.57 31.46
C45 SQD BE . -33.38 -57.27 30.12
C46 SQD BE . -32.69 -56.39 29.08
O47 SQD BE . -32.90 -58.64 30.06
C7 SQD BE . -33.45 -59.52 29.00
O49 SQD BE . -34.65 -59.80 29.01
C8 SQD BE . -32.52 -60.12 27.94
C9 SQD BE . -33.18 -60.34 26.57
C10 SQD BE . -32.19 -60.88 25.54
C11 SQD BE . -31.78 -59.83 24.48
C12 SQD BE . -31.20 -60.45 23.21
C13 SQD BE . -30.04 -59.62 22.64
O48 SQD BE . -31.33 -56.11 29.40
C23 SQD BE . -30.29 -56.49 28.45
O10 SQD BE . -29.27 -56.96 28.90
C24 SQD BE . -30.49 -56.33 26.96
C25 SQD BE . -29.28 -55.66 26.31
C26 SQD BE . -29.11 -56.11 24.87
C27 SQD BE . -29.00 -54.93 23.91
C28 SQD BE . -28.70 -55.42 22.49
C29 SQD BE . -29.66 -54.85 21.45
C30 SQD BE . -29.29 -55.23 20.02
C31 SQD BE . -29.82 -56.61 19.58
C32 SQD BE . -29.82 -56.73 18.06
C33 SQD BE . -28.40 -56.87 17.51
C34 SQD BE . -28.34 -56.99 15.99
C35 SQD BE . -26.90 -56.98 15.44
C36 SQD BE . -26.49 -58.26 14.69
C37 SQD BE . -27.41 -58.60 13.50
C38 SQD BE . -27.02 -59.85 12.72
C1 SQD BE . -32.95 -56.59 33.74
C2 SQD BE . -33.43 -57.17 35.07
O2 SQD BE . -34.29 -58.29 34.85
C3 SQD BE . -34.14 -55.94 35.70
O3 SQD BE . -34.70 -56.19 37.00
C4 SQD BE . -33.23 -54.68 35.71
O4 SQD BE . -34.13 -53.57 35.76
C5 SQD BE . -32.31 -54.52 34.47
C6 SQD BE . -31.16 -53.48 34.51
O5 SQD BE . -31.79 -55.80 34.02
S SQD BE . -30.66 -53.06 32.93
O7 SQD BE . -31.79 -52.56 32.12
O8 SQD BE . -29.57 -52.06 33.08
O9 SQD BE . -30.23 -54.26 32.15
O1 LHG CE . -17.39 -16.03 29.06
C1 LHG CE . -17.54 -15.50 27.73
C2 LHG CE . -18.98 -15.59 27.32
O2 LHG CE . -19.80 -15.18 28.41
C3 LHG CE . -19.49 -16.93 26.84
O3 LHG CE . -20.83 -16.68 26.38
P LHG CE . -21.78 -17.83 25.78
O4 LHG CE . -21.69 -18.89 26.81
O5 LHG CE . -22.97 -17.13 25.27
O6 LHG CE . -20.87 -18.32 24.52
C4 LHG CE . -20.71 -17.55 23.35
C5 LHG CE . -19.43 -18.08 22.74
C6 LHG CE . -19.47 -19.57 22.41
O7 LHG CE . -19.24 -17.44 21.47
C7 LHG CE . -18.44 -16.31 21.47
O9 LHG CE . -17.81 -16.06 22.49
C8 LHG CE . -18.55 -15.48 20.23
C9 LHG CE . -17.23 -14.77 19.92
C10 LHG CE . -16.10 -15.71 19.50
O8 LHG CE . -18.17 -19.86 21.89
C23 LHG CE . -17.56 -21.16 21.88
O10 LHG CE . -18.37 -22.00 22.24
C24 LHG CE . -16.10 -21.49 21.48
C11 LHG CE . -15.17 -14.78 18.74
C12 LHG CE . -13.93 -15.47 18.22
C13 LHG CE . -12.88 -14.49 17.67
C14 LHG CE . -13.25 -13.60 16.49
C15 LHG CE . -12.03 -12.79 16.01
C16 LHG CE . -11.99 -12.45 14.52
C17 LHG CE . -10.89 -11.44 14.07
C18 LHG CE . -11.38 -10.75 12.79
C19 LHG CE . -10.40 -9.81 12.04
C20 LHG CE . -11.25 -8.96 11.07
C21 LHG CE . -10.38 -8.16 10.12
C22 LHG CE . -11.08 -7.08 9.31
C25 LHG CE . -15.65 -20.96 20.13
C26 LHG CE . -14.95 -21.99 19.22
C27 LHG CE . -15.52 -21.90 17.80
C28 LHG CE . -14.62 -22.24 16.61
C29 LHG CE . -15.30 -21.75 15.33
C30 LHG CE . -14.49 -20.91 14.32
C31 LHG CE . -14.16 -19.42 14.59
C32 LHG CE . -15.00 -18.28 13.95
C33 LHG CE . -15.85 -17.62 15.05
C34 LHG CE . -16.60 -16.30 14.81
C35 LHG CE . -17.76 -16.27 15.81
C36 LHG CE . -18.53 -14.96 15.83
C37 LHG CE . -19.73 -15.04 16.71
C38 LHG CE . -20.64 -13.82 16.91
O1 LHG DE . -15.18 -9.91 30.79
C1 LHG DE . -15.12 -10.96 31.77
C2 LHG DE . -14.39 -10.39 32.96
O2 LHG DE . -13.98 -9.08 32.52
C3 LHG DE . -13.23 -11.32 33.20
O3 LHG DE . -12.06 -10.64 33.62
P LHG DE . -11.00 -11.32 34.56
O4 LHG DE . -10.65 -10.20 35.56
O5 LHG DE . -11.39 -12.65 35.10
O6 LHG DE . -9.69 -11.52 33.64
C4 LHG DE . -8.66 -10.53 33.56
C5 LHG DE . -8.03 -10.69 32.18
C6 LHG DE . -7.12 -9.54 31.88
O7 LHG DE . -7.18 -11.83 32.28
C7 LHG DE . -7.51 -12.97 31.52
O9 LHG DE . -8.49 -12.91 30.76
C8 LHG DE . -6.58 -14.12 31.70
C9 LHG DE . -6.46 -14.91 30.40
C10 LHG DE . -5.84 -14.12 29.24
O8 LHG DE . -6.60 -9.82 30.58
C23 LHG DE . -6.07 -8.78 29.75
O10 LHG DE . -5.99 -7.67 30.23
C24 LHG DE . -5.74 -9.08 28.28
C11 LHG DE . -4.36 -14.28 29.27
C12 LHG DE . -3.65 -13.64 28.09
C13 LHG DE . -2.18 -13.96 28.38
C14 LHG DE . -1.38 -13.64 27.13
C15 LHG DE . 0.15 -13.69 27.26
C16 LHG DE . 0.78 -12.81 26.16
C17 LHG DE . 0.76 -13.45 24.77
C18 LHG DE . 1.20 -12.50 23.64
C19 LHG DE . 2.66 -12.48 23.38
C20 LHG DE . 3.02 -11.58 22.18
C21 LHG DE . 4.51 -11.47 22.12
C22 LHG DE . 4.92 -10.53 21.02
C25 LHG DE . -4.41 -8.43 27.90
C26 LHG DE . -3.25 -8.97 28.72
C27 LHG DE . -1.89 -8.45 28.27
C28 LHG DE . -0.86 -8.72 29.38
C29 LHG DE . -0.32 -10.13 29.37
C30 LHG DE . 0.86 -10.38 30.33
C31 LHG DE . 2.07 -9.42 30.07
C32 LHG DE . 3.16 -9.88 31.01
C33 LHG DE . 4.44 -9.05 31.13
C34 LHG DE . 5.19 -9.79 32.26
C35 LHG DE . 5.63 -9.03 33.53
C36 LHG DE . 6.35 -10.01 34.46
C37 LHG DE . 6.68 -9.38 35.83
C38 LHG DE . 7.75 -10.29 36.35
O1 LHG EE . -0.37 -34.92 52.48
C1 LHG EE . 1.03 -34.89 52.13
C2 LHG EE . 1.27 -33.63 51.26
O2 LHG EE . 1.04 -32.41 51.99
C3 LHG EE . 0.49 -33.61 49.90
O3 LHG EE . -0.93 -33.51 50.02
P LHG EE . -1.84 -32.15 50.07
O4 LHG EE . -3.25 -32.62 50.17
O5 LHG EE . -1.11 -31.14 50.89
O6 LHG EE . -1.72 -31.56 48.56
C4 LHG EE . -2.52 -32.26 47.55
C5 LHG EE . -1.70 -32.28 46.22
C6 LHG EE . -1.26 -30.88 45.85
O7 LHG EE . -0.53 -33.08 46.22
C7 LHG EE . -0.72 -34.48 46.04
O9 LHG EE . -1.85 -34.92 45.89
C8 LHG EE . 0.51 -35.32 46.05
C9 LHG EE . 0.20 -36.75 45.58
C10 LHG EE . 1.48 -37.57 45.68
O8 LHG EE . -0.69 -30.91 44.54
C23 LHG EE . -0.34 -29.67 43.93
O10 LHG EE . -0.29 -28.62 44.63
C24 LHG EE . -0.03 -29.71 42.42
C11 LHG EE . 1.24 -39.04 45.37
C12 LHG EE . 2.55 -39.83 45.44
C13 LHG EE . 3.38 -39.67 44.16
C14 LHG EE . 2.72 -40.48 43.05
C15 LHG EE . 2.91 -39.91 41.65
C16 LHG EE . 1.78 -40.23 40.66
C17 LHG EE . 2.32 -40.33 39.23
C18 LHG EE . 3.06 -41.64 38.94
C19 LHG EE . 2.72 -42.23 37.58
C20 LHG EE . 3.69 -41.77 36.49
C21 LHG EE . 3.72 -42.74 35.30
C22 LHG EE . 4.24 -42.10 34.03
C25 LHG EE . 1.32 -29.13 42.04
C26 LHG EE . 1.75 -29.27 40.54
C27 LHG EE . 1.51 -30.70 40.04
C28 LHG EE . 2.61 -31.60 40.60
C29 LHG EE . 2.44 -33.07 40.20
C30 LHG EE . 3.43 -33.87 41.05
C31 LHG EE . 2.75 -34.82 41.99
C32 LHG EE . 2.53 -36.12 41.19
C33 LHG EE . 3.65 -37.14 41.41
C34 LHG EE . 5.09 -36.62 41.44
C35 LHG EE . 5.92 -37.27 40.35
C1 LMG FE . 4.74 -58.30 19.73
O1 LMG FE . 4.24 -58.10 21.04
C2 LMG FE . 6.26 -58.13 19.73
O2 LMG FE . 6.54 -56.77 20.01
C3 LMG FE . 6.85 -58.40 18.36
O3 LMG FE . 8.27 -58.44 18.37
C4 LMG FE . 6.31 -59.77 17.85
O4 LMG FE . 6.85 -60.76 18.74
C5 LMG FE . 4.78 -59.87 17.94
O5 LMG FE . 4.71 -61.70 16.35
C6 LMG FE . 4.37 -61.31 17.69
O6 LMG FE . 4.29 -59.58 19.24
C7 LMG FE . 2.82 -58.05 21.09
C8 LMG FE . 2.41 -56.64 21.49
C9 LMG FE . 0.97 -56.66 21.83
O7 LMG FE . 3.08 -56.34 22.74
C10 LMG FE . 3.84 -55.11 22.83
O9 LMG FE . 3.98 -54.39 21.84
C11 LMG FE . 4.39 -54.82 24.20
C12 LMG FE . 3.86 -53.51 24.81
C13 LMG FE . 2.36 -53.30 24.82
C14 LMG FE . 1.97 -52.16 25.76
C15 LMG FE . 1.11 -51.08 25.10
C16 LMG FE . 0.80 -49.90 26.05
C17 LMG FE . 0.19 -48.69 25.35
C18 LMG FE . -0.95 -47.97 26.11
C19 LMG FE . -1.76 -47.03 25.22
C20 LMG FE . -3.18 -46.66 25.70
C21 LMG FE . -4.20 -47.82 25.67
C22 LMG FE . -4.81 -48.13 27.05
C23 LMG FE . -5.56 -49.49 27.13
C24 LMG FE . -6.13 -49.83 28.50
C25 LMG FE . -6.67 -51.26 28.58
O8 LMG FE . 0.55 -55.33 22.06
C28 LMG FE . -0.78 -55.06 22.46
O10 LMG FE . -1.49 -56.04 22.51
C29 LMG FE . -1.15 -53.66 22.85
C30 LMG FE . -2.61 -53.32 22.82
C31 LMG FE . -2.86 -51.95 23.49
C32 LMG FE . -4.23 -51.40 23.06
C33 LMG FE . -5.28 -52.03 23.97
C34 LMG FE . -6.63 -51.31 24.04
C35 LMG FE . -7.66 -52.11 24.87
C36 LMG FE . -9.16 -51.78 24.63
C37 LMG FE . -10.10 -52.96 24.89
C38 LMG FE . -10.70 -53.05 26.31
C39 LMG FE . -9.85 -53.83 27.33
C40 LMG FE . -10.72 -54.55 28.37
C41 LMG FE . -9.97 -55.65 29.16
C42 LMG FE . -10.81 -56.38 30.23
C43 LMG FE . -10.13 -57.63 30.78
O9 UNL GE . -34.45 -33.83 23.06
C7 UNL GE . -35.66 -33.77 22.78
C8 UNL GE . -36.14 -33.52 21.36
C9 UNL GE . -34.99 -33.44 20.37
C10 UNL GE . -35.44 -33.52 18.93
C11 UNL GE . -34.42 -34.37 18.20
C12 UNL GE . -34.96 -35.03 16.95
C13 UNL GE . -33.99 -36.10 16.44
C14 UNL GE . -34.35 -36.60 15.04
C15 UNL GE . -33.86 -38.03 14.78
C16 UNL GE . -33.22 -38.18 13.44
C17 UNL GE . -33.57 -39.40 12.61
C18 UNL GE . -32.39 -40.36 12.43
C19 UNL GE . -32.65 -41.44 11.37
C20 UNL GE . -33.16 -40.91 10.01
C21 UNL GE . -33.04 -41.87 8.82
C22 UNL GE . -34.37 -42.32 8.26
O7 UNL GE . -36.66 -33.94 23.86
C5 UNL GE . -36.38 -34.99 24.81
C4 UNL GE . -36.28 -34.42 26.22
O6 UNL GE . -35.73 -35.44 27.05
C6 UNL GE . -37.45 -36.10 24.81
O8 UNL GE . -37.91 -36.44 23.49
C23 UNL GE . -37.23 -37.42 22.64
O10 UNL GE . -37.02 -38.52 23.12
C24 UNL GE . -36.83 -37.07 21.21
C25 UNL GE . -35.46 -37.62 20.78
C26 UNL GE . -35.65 -39.01 20.20
C27 UNL GE . -35.16 -39.21 18.77
C28 UNL GE . -35.71 -40.48 18.14
C29 UNL GE . -34.72 -41.27 17.29
C30 UNL GE . -35.39 -41.93 16.09
C31 UNL GE . -34.45 -42.95 15.45
C32 UNL GE . -35.06 -43.58 14.19
C33 UNL GE . -34.18 -44.67 13.55
C34 UNL GE . -34.94 -45.54 12.53
C35 UNL GE . -36.45 -45.73 12.81
C36 UNL GE . -36.87 -47.18 13.10
C37 UNL GE . -38.18 -47.28 13.91
C38 UNL GE . -38.76 -48.67 13.87
C16 UNL HE . -30.75 -45.24 9.31
C15 UNL HE . -29.76 -45.66 10.39
C14 UNL HE . -30.24 -45.32 11.81
C13 UNL HE . -29.12 -45.39 12.87
C12 UNL HE . -29.63 -45.01 14.27
C11 UNL HE . -29.73 -43.48 14.50
C10 UNL HE . -30.07 -43.07 15.94
C9 UNL HE . -30.38 -41.57 16.00
C8 UNL HE . -30.12 -41.00 17.38
C7 UNL HE . -30.52 -39.51 17.43
C6 UNL HE . -30.50 -39.10 18.89
C5 UNL HE . -30.99 -37.71 19.22
C4 UNL HE . -30.80 -37.39 20.72
C3 UNL HE . -30.49 -35.89 20.90
C2 UNL HE . -31.17 -35.22 22.09
C1 UNL HE . -31.05 -33.69 22.10
C1 HTG IE . -47.60 -43.67 16.63
S1 HTG IE . -46.40 -43.49 15.35
C2 HTG IE . -49.02 -44.06 16.19
O2 HTG IE . -49.59 -43.05 15.33
C3 HTG IE . -49.93 -44.25 17.42
O3 HTG IE . -51.17 -44.85 17.01
C4 HTG IE . -49.28 -45.09 18.53
O4 HTG IE . -50.06 -44.97 19.73
C5 HTG IE . -47.84 -44.60 18.77
O5 HTG IE . -47.13 -44.68 17.53
C6 HTG IE . -47.05 -45.35 19.84
O6 HTG IE . -45.75 -44.77 20.01
C1' HTG IE . -44.91 -42.90 16.08
C2' HTG IE . -43.97 -42.37 15.00
C3' HTG IE . -42.57 -42.22 15.55
C4' HTG IE . -41.57 -42.75 14.52
C5' HTG IE . -40.13 -42.46 14.92
C6' HTG IE . -39.62 -43.43 15.99
C7' HTG IE . -38.53 -44.36 15.50
C1 GOL JE . 11.31 -9.03 3.59
O1 GOL JE . 11.90 -7.93 4.36
C2 GOL JE . 11.13 -10.14 4.59
O2 GOL JE . 10.43 -9.45 5.62
C3 GOL JE . 10.39 -11.36 3.96
O3 GOL JE . 11.30 -12.29 3.38
O1 LHG KE . -23.31 -51.09 42.30
C1 LHG KE . -22.23 -50.14 42.20
C2 LHG KE . -21.36 -50.45 40.98
O2 LHG KE . -22.26 -50.65 39.87
C3 LHG KE . -20.54 -51.72 41.21
O3 LHG KE . -19.10 -51.61 41.17
P LHG KE . -18.13 -51.44 42.48
O4 LHG KE . -17.48 -52.73 42.97
O5 LHG KE . -18.79 -50.54 43.51
O6 LHG KE . -16.92 -50.59 41.86
C4 LHG KE . -17.17 -49.42 41.06
C5 LHG KE . -15.84 -49.00 40.45
C6 LHG KE . -14.86 -48.68 41.58
O7 LHG KE . -15.39 -50.08 39.61
C7 LHG KE . -15.33 -49.75 38.18
O9 LHG KE . -16.11 -48.92 37.72
C8 LHG KE . -14.30 -50.46 37.32
C9 LHG KE . -14.56 -50.23 35.83
C10 LHG KE . -15.39 -51.35 35.22
O8 LHG KE . -13.57 -48.32 41.07
C23 LHG KE . -13.29 -47.03 40.44
O10 LHG KE . -13.64 -45.99 41.01
C24 LHG KE . -12.58 -47.02 39.11
C11 LHG KE . -16.35 -50.79 34.16
C12 LHG KE . -16.31 -51.56 32.83
C13 LHG KE . -17.54 -51.18 32.01
C14 LHG KE . -17.26 -51.03 30.51
C15 LHG KE . -18.47 -50.45 29.78
C16 LHG KE . -18.08 -49.53 28.61
C17 LHG KE . -18.17 -48.04 28.96
C18 LHG KE . -18.63 -47.20 27.76
C19 LHG KE . -19.25 -45.91 28.29
C20 LHG KE . -18.73 -44.66 27.61
C21 LHG KE . -19.68 -44.11 26.55
C22 LHG KE . -18.92 -44.20 25.25
C25 LHG KE . -13.13 -45.95 38.15
C26 LHG KE . -12.86 -46.29 36.68
C27 LHG KE . -11.39 -46.16 36.31
C28 LHG KE . -11.10 -45.15 35.20
C29 LHG KE . -11.53 -43.72 35.54
C30 LHG KE . -10.72 -43.05 36.65
C31 LHG KE . -11.30 -41.67 36.98
C32 LHG KE . -10.66 -41.07 38.23
C33 LHG KE . -11.73 -40.64 39.23
C34 LHG KE . -11.18 -40.67 40.64
C35 LHG KE . -12.30 -40.61 41.68
C36 LHG KE . -12.20 -41.78 42.66
C37 LHG KE . -13.57 -42.24 43.15
C38 LHG KE . -14.19 -43.24 42.21
C15 UNL LE . -4.95 -64.11 31.46
C14 UNL LE . -5.49 -65.51 31.15
C13 UNL LE . -4.59 -66.64 31.64
C12 UNL LE . -5.17 -68.04 31.35
C11 UNL LE . -4.11 -69.14 31.35
C10 UNL LE . -4.40 -70.23 30.30
C9 UNL LE . -3.36 -71.35 30.22
C8 UNL LE . -2.33 -71.12 29.11
C7 UNL LE . -1.93 -72.37 28.28
C6 UNL LE . -0.99 -72.13 27.08
C5 UNL LE . -1.57 -72.64 25.75
C4 UNL LE . -0.67 -73.68 25.03
C3 UNL LE . -1.35 -74.36 23.82
C2 UNL LE . -0.66 -75.66 23.41
C1 UNL LE . 0.63 -75.49 22.62
C13 UNL ME . -12.72 -51.73 43.65
C12 UNL ME . -13.54 -52.57 42.66
C11 UNL ME . -12.78 -52.96 41.39
C10 UNL ME . -13.53 -54.02 40.56
C9 UNL ME . -13.58 -53.71 39.05
C8 UNL ME . -13.59 -54.95 38.13
C7 UNL ME . -14.22 -54.69 36.75
C6 UNL ME . -13.52 -55.41 35.59
C5 UNL ME . -14.29 -55.20 34.27
C4 UNL ME . -13.47 -55.23 32.96
C3 UNL ME . -14.33 -54.78 31.76
C2 UNL ME . -13.54 -54.24 30.55
CHA HEM NE . -19.91 -62.07 35.17
CHB HEM NE . -20.41 -65.55 31.91
CHC HEM NE . -16.04 -64.37 30.07
CHD HEM NE . -15.53 -60.92 33.37
C1A HEM NE . -20.38 -63.23 34.59
C2A HEM NE . -21.46 -64.08 35.04
C3A HEM NE . -21.63 -65.07 34.12
C4A HEM NE . -20.63 -64.85 33.07
CMA HEM NE . -22.62 -66.27 34.14
CAA HEM NE . -22.21 -63.82 36.36
CBA HEM NE . -21.19 -64.18 37.45
CGA HEM NE . -21.85 -64.53 38.79
O1A HEM NE . -21.25 -65.32 39.55
O2A HEM NE . -22.95 -64.02 39.09
C1B HEM NE . -19.25 -65.48 31.14
C2B HEM NE . -18.98 -66.32 29.99
C3B HEM NE . -17.79 -65.99 29.47
C4B HEM NE . -17.26 -64.94 30.32
CMB HEM NE . -19.96 -67.41 29.48
CAB HEM NE . -17.04 -66.60 28.25
CBB HEM NE . -17.69 -67.19 27.25
C1C HEM NE . -15.47 -63.36 30.82
C2C HEM NE . -14.14 -62.80 30.68
C3C HEM NE . -14.00 -61.86 31.62
C4C HEM NE . -15.23 -61.78 32.36
CMC HEM NE . -13.13 -63.32 29.62
CAC HEM NE . -12.83 -60.93 31.94
CBC HEM NE . -11.57 -61.36 31.92
C1D HEM NE . -16.73 -60.81 34.00
C2D HEM NE . -17.13 -59.66 34.79
C3D HEM NE . -18.50 -59.99 35.35
C4D HEM NE . -18.79 -61.34 34.84
CMD HEM NE . -16.44 -58.31 35.04
CAD HEM NE . -19.35 -58.99 36.18
CBD HEM NE . -20.36 -58.57 35.08
CGD HEM NE . -21.39 -57.52 35.42
O1D HEM NE . -21.34 -56.40 34.80
O2D HEM NE . -22.27 -57.78 36.28
NA HEM NE . -19.93 -63.73 33.42
NB HEM NE . -18.17 -64.62 31.32
NC HEM NE . -16.08 -62.69 31.82
ND HEM NE . -17.72 -61.78 34.05
FE HEM NE . -17.98 -63.22 32.66
C1B LMT OE . 5.36 -73.71 17.11
C2B LMT OE . 6.77 -73.87 16.49
C3B LMT OE . 7.27 -72.55 15.89
C4B LMT OE . 6.30 -72.11 14.79
C5B LMT OE . 4.92 -71.83 15.47
C6B LMT OE . 3.83 -71.42 14.45
O1B LMT OE . 5.41 -73.06 18.40
O2B LMT OE . 7.74 -74.36 17.41
O3B LMT OE . 8.60 -72.67 15.36
O4' LMT OE . 6.91 -71.06 13.98
O5B LMT OE . 4.46 -72.98 16.22
O6B LMT OE . 2.53 -71.26 15.06
C1' LMT OE . 5.47 -73.22 22.47
C2' LMT OE . 6.64 -73.98 21.85
C3' LMT OE . 6.67 -73.87 20.31
C4' LMT OE . 5.29 -73.85 19.59
C5' LMT OE . 4.19 -73.23 20.44
C6' LMT OE . 2.79 -73.58 19.92
O1' LMT OE . 5.44 -73.52 23.87
O2' LMT OE . 7.90 -73.51 22.37
O3' LMT OE . 7.48 -74.94 19.81
O5' LMT OE . 4.27 -73.62 21.83
O6' LMT OE . 2.26 -72.43 19.28
C1 LMT OE . 4.39 -72.90 24.60
C2 LMT OE . 5.00 -72.14 25.76
C3 LMT OE . 4.02 -72.00 26.91
C4 LMT OE . 3.82 -70.55 27.32
C5 LMT OE . 2.81 -70.49 28.46
C6 LMT OE . 1.50 -69.85 28.04
C7 LMT OE . 1.37 -68.46 28.64
C8 LMT OE . 0.36 -68.39 29.80
C9 LMT OE . 0.22 -66.96 30.31
C10 LMT OE . -0.82 -66.86 31.44
C11 LMT OE . -1.26 -65.41 31.62
C12 LMT OE . -1.00 -64.95 33.05
CA CA PE . 12.85 -70.85 9.13
C1 RRX QE . -35.92 -33.68 5.06
C2 RRX QE . -36.34 -33.06 6.37
O2 RRX QE . -32.56 -51.82 -15.08
C3 RRX QE . -37.15 -33.98 7.31
C40 RRX QE . -35.14 -50.88 -11.75
C30 RRX QE . -33.73 -51.42 -11.51
C39 RRX QE . -33.70 -52.49 -10.43
C29 RRX QE . -33.25 -52.09 -12.79
C28 RRX QE . -32.90 -51.10 -13.88
C27 RRX QE . -31.67 -50.32 -13.38
C26 RRX QE . -31.86 -49.77 -11.98
C38 RRX QE . -30.91 -48.66 -11.60
C25 RRX QE . -32.79 -50.25 -11.12
C24 RRX QE . -32.94 -49.70 -9.75
C23 RRX QE . -33.63 -48.58 -9.52
C22 RRX QE . -33.75 -48.13 -8.11
C37 RRX QE . -33.28 -49.03 -7.01
C21 RRX QE . -34.30 -46.93 -7.87
C20 RRX QE . -34.50 -46.31 -6.55
C19 RRX QE . -35.05 -45.10 -6.54
C18 RRX QE . -35.31 -44.39 -5.29
C36 RRX QE . -35.06 -45.18 -4.04
C17 RRX QE . -35.74 -43.10 -5.38
C16 RRX QE . -36.06 -42.26 -4.20
C15 RRX QE . -36.38 -40.93 -4.28
C14 RRX QE . -36.73 -40.27 -3.01
C13 RRX QE . -36.91 -38.92 -2.81
C35 RRX QE . -36.68 -37.91 -3.90
C12 RRX QE . -37.19 -38.42 -1.44
C11 RRX QE . -37.42 -37.12 -1.20
C10 RRX QE . -37.59 -36.80 0.20
C9 RRX QE . -37.42 -35.56 0.77
C34 RRX QE . -37.01 -34.39 -0.09
C8 RRX QE . -37.53 -35.46 2.25
C7 RRX QE . -37.17 -34.35 2.88
C6 RRX QE . -37.22 -34.23 4.37
C32 RRX QE . -35.18 -32.62 4.22
C31 RRX QE . -34.90 -34.79 5.22
C5 RRX QE . -38.32 -34.60 5.11
C33 RRX QE . -39.64 -35.18 4.50
C4 RRX QE . -38.42 -34.51 6.62
C1A DGD RE . -16.34 -39.43 -2.26
C2A DGD RE . -16.73 -40.15 -0.98
C3A DGD RE . -17.54 -39.25 -0.05
C4A DGD RE . -17.64 -39.93 1.33
C5A DGD RE . -18.61 -39.24 2.27
C6A DGD RE . -18.81 -39.99 3.59
C7A DGD RE . -19.74 -39.26 4.58
C8A DGD RE . -19.74 -39.82 6.00
C9A DGD RE . -20.47 -38.93 7.03
CAA DGD RE . -19.55 -38.34 8.12
CBA DGD RE . -20.32 -37.33 9.02
CCA DGD RE . -19.67 -35.96 9.30
CDA DGD RE . -20.01 -35.24 10.63
CEA DGD RE . -20.53 -33.80 10.29
CFA DGD RE . -19.30 -32.87 10.21
CGA DGD RE . -19.30 -31.68 9.26
O1A DGD RE . -16.60 -38.26 -2.49
C1B DGD RE . -18.28 -38.72 -4.73
C2B DGD RE . -19.25 -37.65 -4.35
C3B DGD RE . -18.63 -36.26 -4.61
C4B DGD RE . -19.70 -35.22 -4.42
C5B DGD RE . -20.23 -35.15 -2.98
C6B DGD RE . -19.16 -34.94 -1.91
C7B DGD RE . -19.89 -34.51 -0.64
C8B DGD RE . -19.11 -35.02 0.58
C9B DGD RE . -17.60 -34.71 0.49
CAB DGD RE . -17.27 -33.25 0.74
CBB DGD RE . -15.76 -33.03 0.94
CCB DGD RE . -15.17 -32.51 -0.40
CDB DGD RE . -13.68 -32.67 -0.62
CEB DGD RE . -12.99 -31.33 -1.02
CFB DGD RE . -11.57 -31.18 -0.49
CGB DGD RE . -11.37 -29.81 0.19
O1B DGD RE . -18.40 -39.91 -4.41
O1G DGD RE . -15.59 -40.04 -3.30
C1G DGD RE . -15.19 -39.23 -4.42
C2G DGD RE . -16.18 -39.32 -5.59
O2G DGD RE . -17.15 -38.30 -5.48
C3G DGD RE . -15.42 -38.97 -6.85
O3G DGD RE . -14.55 -40.08 -7.07
C1D DGD RE . -13.26 -39.65 -7.50
C2D DGD RE . -12.40 -40.87 -7.47
O2D DGD RE . -12.37 -41.39 -6.16
C3D DGD RE . -11.00 -40.51 -7.94
O3D DGD RE . -10.22 -41.69 -7.91
C4D DGD RE . -10.98 -39.92 -9.34
O4D DGD RE . -11.44 -41.01 -10.19
C5D DGD RE . -11.95 -38.73 -9.33
O5D DGD RE . -12.81 -38.85 -11.52
C6D DGD RE . -12.13 -37.92 -10.61
O6D DGD RE . -13.28 -39.13 -8.85
C1E DGD RE . -13.27 -38.20 -12.76
C2E DGD RE . -14.02 -39.25 -13.62
O2E DGD RE . -15.01 -39.89 -12.75
C3E DGD RE . -13.03 -40.31 -14.14
O3E DGD RE . -13.71 -41.35 -14.90
C4E DGD RE . -11.89 -39.62 -14.95
O4E DGD RE . -12.50 -38.93 -16.09
C5E DGD RE . -11.21 -38.63 -13.95
O6E DGD RE . -12.18 -37.66 -13.53
C6E DGD RE . -9.87 -37.99 -14.39
O5E DGD RE . -10.17 -37.20 -15.51
C11 UNL SE . -38.23 -45.62 7.21
C10 UNL SE . -38.72 -45.77 8.65
C9 UNL SE . -40.24 -46.00 8.70
C8 UNL SE . -40.83 -45.78 10.10
C7 UNL SE . -42.36 -45.87 10.12
C6 UNL SE . -42.93 -45.60 11.52
C5 UNL SE . -44.23 -46.37 11.73
C4 UNL SE . -44.94 -46.11 13.06
C3 UNL SE . -46.44 -46.34 12.93
C2 UNL SE . -47.08 -46.65 14.28
C13 UNL TE . 27.26 -0.03 31.51
C12 UNL TE . 28.15 -0.02 30.29
C11 UNL TE . 29.64 -0.09 30.65
C10 UNL TE . 30.48 -0.21 29.39
C9 UNL TE . 31.79 0.56 29.46
C8 UNL TE . 32.76 0.21 28.36
C7 UNL TE . 33.61 1.43 28.01
C6 UNL TE . 34.97 1.07 27.42
C5 UNL TE . 36.10 2.04 27.79
C4 UNL TE . 37.26 1.83 26.82
C3 UNL TE . 38.54 1.46 27.56
C2 UNL TE . 39.00 0.04 27.25
C1 UNL TE . 38.97 -0.89 28.46
C13 UNL UE . 28.30 0.50 37.82
C12 UNL UE . 29.30 -0.12 38.80
C11 UNL UE . 30.67 0.56 38.75
C10 UNL UE . 31.55 0.09 37.60
C9 UNL UE . 32.88 0.86 37.56
C8 UNL UE . 34.05 0.09 36.95
C7 UNL UE . 35.17 1.01 36.45
C6 UNL UE . 36.35 0.24 35.85
C5 UNL UE . 37.44 1.18 35.31
C4 UNL UE . 38.82 0.53 35.38
C3 UNL UE . 39.63 0.70 34.09
MG MG VE . 8.74 -62.24 18.30
O1B LMT WE . 18.31 -65.95 23.04
C1' LMT WE . 16.31 -62.59 24.86
C2' LMT WE . 17.75 -62.43 24.31
C3' LMT WE . 18.18 -63.56 23.37
C4' LMT WE . 17.80 -64.93 23.91
C5' LMT WE . 16.28 -64.89 24.01
C6' LMT WE . 15.69 -66.28 24.27
O1' LMT WE . 16.12 -61.82 26.09
O2' LMT WE . 17.93 -61.18 23.58
O3' LMT WE . 19.60 -63.51 23.15
O5' LMT WE . 15.92 -63.96 25.06
O6' LMT WE . 15.31 -66.89 23.04
C1 LMT WE . 14.76 -61.52 26.38
C2 LMT WE . 14.77 -60.49 27.49
C3 LMT WE . 13.41 -59.83 27.72
C4 LMT WE . 12.95 -60.03 29.16
C5 LMT WE . 11.61 -59.35 29.43
C6 LMT WE . 11.43 -59.20 30.95
C7 LMT WE . 9.97 -59.24 31.38
C8 LMT WE . 9.73 -58.25 32.52
C9 LMT WE . 8.28 -57.81 32.72
C10 LMT WE . 8.07 -56.34 32.40
C11 LMT WE . 6.66 -55.90 32.69
C12 LMT WE . 6.74 -54.67 33.56
C16 UNL XE . 8.04 -62.56 33.36
C15 UNL XE . 8.31 -62.88 31.90
C14 UNL XE . 7.93 -64.32 31.60
C13 UNL XE . 7.99 -64.68 30.12
C12 UNL XE . 9.22 -65.54 29.83
C11 UNL XE . 9.48 -65.80 28.35
C10 UNL XE . 8.93 -67.14 27.83
C9 UNL XE . 10.05 -68.16 27.72
C8 UNL XE . 10.28 -68.72 26.31
C7 UNL XE . 11.63 -69.44 26.26
C6 UNL XE . 11.65 -70.56 25.24
C5 UNL XE . 12.86 -70.43 24.31
C4 UNL XE . 14.20 -70.74 24.99
C3 UNL XE . 15.20 -71.29 23.96
C13 UNL YE . -8.87 -52.72 49.37
C12 UNL YE . -8.93 -52.66 47.84
C11 UNL YE . -7.66 -53.17 47.16
C10 UNL YE . -7.86 -53.54 45.69
C9 UNL YE . -7.53 -52.41 44.68
C8 UNL YE . -8.08 -52.57 43.24
C7 UNL YE . -8.60 -53.95 42.85
C6 UNL YE . -9.16 -54.04 41.42
C5 UNL YE . -8.47 -55.12 40.56
C4 UNL YE . -9.43 -55.77 39.58
C3 UNL YE . -8.79 -56.96 38.85
C2 UNL YE . -9.67 -57.53 37.73
C1 BCR ZE . 17.04 -65.85 48.37
C2 BCR ZE . 18.17 -66.87 48.53
C3 BCR ZE . 19.27 -66.76 47.49
C4 BCR ZE . 19.89 -65.38 47.42
C5 BCR ZE . 18.91 -64.26 47.81
C6 BCR ZE . 17.63 -64.44 48.25
C7 BCR ZE . 16.77 -63.26 48.55
C8 BCR ZE . 15.43 -63.27 48.40
C9 BCR ZE . 14.58 -62.07 48.66
C10 BCR ZE . 13.29 -62.11 48.30
C11 BCR ZE . 12.33 -61.00 48.43
C33 BCR ZE . 19.54 -62.91 47.66
C31 BCR ZE . 16.12 -65.99 49.59
C32 BCR ZE . 16.27 -66.15 47.07
C34 BCR ZE . 15.13 -60.85 49.36
C12 BCR ZE . 11.17 -61.15 47.78
C13 BCR ZE . 10.12 -60.10 47.72
C14 BCR ZE . 9.05 -60.36 46.95
C15 BCR ZE . 7.90 -59.48 46.65
C16 BCR ZE . 6.96 -59.82 45.72
C17 BCR ZE . 5.87 -58.86 45.46
C18 BCR ZE . 4.94 -58.96 44.47
C19 BCR ZE . 3.93 -57.90 44.31
C20 BCR ZE . 3.08 -57.73 43.27
C21 BCR ZE . 2.11 -56.62 43.35
C22 BCR ZE . 1.08 -56.43 42.50
C23 BCR ZE . 0.19 -55.29 42.84
C24 BCR ZE . -1.08 -55.20 42.41
C25 BCR ZE . -2.03 -54.12 42.80
C26 BCR ZE . -2.45 -54.04 44.08
C27 BCR ZE . -3.41 -52.98 44.56
C28 BCR ZE . -3.37 -51.75 43.67
C29 BCR ZE . -3.66 -52.24 42.25
C30 BCR ZE . -2.52 -53.14 41.75
C35 BCR ZE . 10.32 -58.76 48.41
C36 BCR ZE . 4.88 -60.16 43.57
C37 BCR ZE . 0.87 -57.41 41.38
C38 BCR ZE . -1.93 -55.04 45.10
C39 BCR ZE . -1.33 -52.26 41.39
C40 BCR ZE . -2.99 -54.01 40.58
C1 BCR AF . 24.81 -67.20 45.51
C2 BCR AF . 25.92 -67.57 44.55
C3 BCR AF . 27.24 -66.84 44.83
C4 BCR AF . 27.71 -67.19 46.23
C5 BCR AF . 26.60 -66.96 47.25
C6 BCR AF . 25.29 -67.01 46.94
C7 BCR AF . 24.20 -66.73 47.90
C8 BCR AF . 24.21 -65.78 48.86
C9 BCR AF . 22.99 -65.52 49.67
C10 BCR AF . 22.71 -64.24 50.04
C11 BCR AF . 21.47 -63.93 50.77
C33 BCR AF . 27.05 -66.74 48.67
C31 BCR AF . 23.79 -68.32 45.50
C32 BCR AF . 24.05 -65.97 44.99
C34 BCR AF . 22.06 -66.66 50.08
C12 BCR AF . 21.06 -62.65 50.95
C13 BCR AF . 19.73 -62.22 51.51
C14 BCR AF . 19.43 -60.89 51.48
C15 BCR AF . 18.20 -60.21 51.96
C16 BCR AF . 18.08 -58.85 51.98
C17 BCR AF . 16.85 -58.23 52.49
C18 BCR AF . 16.65 -56.87 52.49
C19 BCR AF . 15.35 -56.40 52.99
C20 BCR AF . 14.89 -55.15 52.97
C21 BCR AF . 13.53 -54.91 53.46
C22 BCR AF . 12.79 -53.84 53.09
C23 BCR AF . 11.40 -53.72 53.58
C24 BCR AF . 10.66 -52.61 53.33
C25 BCR AF . 9.28 -52.44 53.81
C26 BCR AF . 9.05 -52.19 55.13
C27 BCR AF . 7.69 -52.00 55.70
C28 BCR AF . 6.61 -52.52 54.75
C29 BCR AF . 6.88 -51.97 53.32
C30 BCR AF . 8.15 -52.56 52.76
C35 BCR AF . 18.71 -63.23 51.92
C36 BCR AF . 17.64 -55.89 51.90
C37 BCR AF . 13.40 -52.79 52.17
C38 BCR AF . 10.22 -52.05 56.10
C39 BCR AF . 8.58 -51.72 51.53
C40 BCR AF . 7.93 -54.02 52.34
O1 LHG BF . -18.94 -7.22 25.09
C1 LHG BF . -18.26 -8.07 26.05
C2 LHG BF . -18.79 -7.71 27.49
O2 LHG BF . -18.30 -6.42 27.93
C3 LHG BF . -18.18 -8.74 28.47
O3 LHG BF . -18.90 -9.97 28.29
P LHG BF . -18.34 -11.44 28.57
O4 LHG BF . -17.47 -11.43 29.83
O5 LHG BF . -19.49 -12.38 28.12
O6 LHG BF . -17.34 -11.49 27.31
C4 LHG BF . -15.91 -11.53 27.45
C5 LHG BF . -15.32 -11.50 26.03
C6 LHG BF . -13.87 -11.07 26.25
O7 LHG BF . -15.47 -12.84 25.54
C7 LHG BF . -15.50 -13.14 24.15
O9 LHG BF . -15.71 -12.15 23.47
C8 LHG BF . -15.18 -14.58 23.68
C9 LHG BF . -14.00 -14.51 22.68
C10 LHG BF . -12.69 -14.83 23.40
O8 LHG BF . -13.16 -11.09 25.01
C23 LHG BF . -13.39 -10.12 24.01
O10 LHG BF . -14.32 -9.33 24.22
C24 LHG BF . -12.54 -10.19 22.76
C11 LHG BF . -11.46 -14.28 22.74
C12 LHG BF . -10.39 -14.00 23.76
C13 LHG BF . -9.25 -14.82 23.29
C14 LHG BF . -8.08 -13.88 23.17
C15 LHG BF . -6.94 -14.28 24.10
C16 LHG BF . -5.59 -13.75 23.61
C17 LHG BF . -5.21 -14.38 22.27
C18 LHG BF . -4.00 -13.73 21.58
C19 LHG BF . -2.67 -14.16 22.22
C20 LHG BF . -2.32 -15.58 21.87
C21 LHG BF . -0.87 -15.84 22.26
C22 LHG BF . -0.44 -17.23 21.83
C25 LHG BF . -13.29 -9.73 21.53
C26 LHG BF . -12.56 -10.05 20.22
C27 LHG BF . -13.22 -9.20 19.15
C28 LHG BF . -12.83 -9.35 17.68
C29 LHG BF . -13.94 -8.67 16.92
C30 LHG BF . -13.69 -8.49 15.45
C31 LHG BF . -14.49 -7.30 14.93
C32 LHG BF . -14.57 -7.47 13.44
C33 LHG BF . -15.08 -6.28 12.63
C34 LHG BF . -15.12 -6.83 11.22
C35 LHG BF . -15.55 -5.93 10.05
C36 LHG BF . -15.48 -6.85 8.80
C37 LHG BF . -15.75 -6.23 7.43
C38 LHG BF . -15.42 -7.16 6.27
C16 UNL CF . -17.62 2.42 8.72
C15 UNL CF . -18.55 3.61 8.64
C14 UNL CF . -19.87 3.43 9.38
C13 UNL CF . -19.78 3.73 10.87
C12 UNL CF . -20.97 4.58 11.35
C11 UNL CF . -21.29 4.28 12.82
C10 UNL CF . -22.51 5.03 13.36
C9 UNL CF . -23.51 4.04 13.96
C8 UNL CF . -24.23 4.59 15.19
C7 UNL CF . -25.73 4.44 15.00
C6 UNL CF . -26.44 3.58 16.06
C5 UNL CF . -27.75 3.04 15.46
C4 UNL CF . -28.74 2.47 16.46
C3 UNL CF . -28.03 1.45 17.35
O6 SQD DF . -6.32 5.34 35.06
C44 SQD DF . -5.85 6.57 34.47
C45 SQD DF . -5.84 6.56 32.93
C46 SQD DF . -7.17 6.03 32.39
O47 SQD DF . -5.63 7.87 32.38
C7 SQD DF . -5.93 8.02 30.94
O49 SQD DF . -6.87 8.76 30.62
C8 SQD DF . -5.06 7.29 29.92
C9 SQD DF . -5.82 7.03 28.64
C10 SQD DF . -4.91 7.26 27.47
C11 SQD DF . -4.87 5.99 26.65
C12 SQD DF . -4.51 6.29 25.21
C13 SQD DF . -3.05 5.97 24.94
C14 SQD DF . -2.83 5.66 23.47
C15 SQD DF . -1.45 6.09 23.01
C16 SQD DF . -0.35 5.28 23.72
C17 SQD DF . 0.90 5.15 22.84
C18 SQD DF . 2.03 5.96 23.47
C19 SQD DF . 3.18 6.20 22.49
C20 SQD DF . 4.50 6.14 23.25
C21 SQD DF . 5.48 7.20 22.81
C22 SQD DF . 6.12 7.80 24.03
O48 SQD DF . -6.88 5.09 31.37
C23 SQD DF . -7.55 3.81 31.33
O10 SQD DF . -8.48 3.61 32.08
C24 SQD DF . -7.08 2.78 30.34
C25 SQD DF . -7.67 3.19 28.99
C26 SQD DF . -7.42 2.15 27.92
C27 SQD DF . -6.15 2.31 27.11
C28 SQD DF . -6.37 1.40 25.90
C29 SQD DF . -5.35 1.45 24.77
C30 SQD DF . -4.17 0.47 24.94
C31 SQD DF . -3.57 -0.01 23.61
C32 SQD DF . -2.13 0.47 23.37
C33 SQD DF . -1.67 0.33 21.93
C34 SQD DF . -2.78 -0.29 21.05
C35 SQD DF . -2.74 0.20 19.59
C36 SQD DF . -3.71 -0.52 18.64
C37 SQD DF . -4.58 0.45 17.85
C38 SQD DF . -4.24 0.45 16.38
C1 SQD DF . -7.75 5.29 35.13
C2 SQD DF . -8.36 4.25 36.04
O2 SQD DF . -7.82 2.94 35.78
C3 SQD DF . -9.88 4.30 35.80
O3 SQD DF . -10.46 3.46 36.82
C4 SQD DF . -10.49 5.74 35.74
O4 SQD DF . -11.69 5.77 34.94
C5 SQD DF . -9.54 6.77 35.12
C6 SQD DF . -9.92 8.26 35.30
O5 SQD DF . -8.23 6.53 35.64
S SQD DF . -8.68 9.42 35.15
O7 SQD DF . -8.22 9.64 33.74
O8 SQD DF . -9.23 10.68 35.71
O9 SQD DF . -7.46 9.06 35.91
C1 GOL EF . -12.89 -6.93 35.73
O1 GOL EF . -13.20 -7.29 34.38
C2 GOL EF . -11.38 -6.70 35.78
O2 GOL EF . -10.83 -7.59 34.82
C3 GOL EF . -10.76 -6.96 37.17
O3 GOL EF . -9.32 -6.88 37.05
C1B LMT FF . 2.14 -3.76 -10.68
C2B LMT FF . 3.65 -3.59 -10.39
C3B LMT FF . 4.03 -2.10 -10.23
C4B LMT FF . 3.55 -1.29 -11.46
C5B LMT FF . 2.07 -1.55 -11.78
C6B LMT FF . 1.73 -0.88 -13.10
O1B LMT FF . 1.34 -3.42 -9.53
O2B LMT FF . 4.07 -4.35 -9.23
O3B LMT FF . 5.45 -1.97 -10.06
O4' LMT FF . 3.76 0.13 -11.29
O5B LMT FF . 1.76 -2.97 -11.82
O6B LMT FF . 0.37 -1.16 -13.46
C1' LMT FF . -1.93 -5.03 -7.34
C2' LMT FF . -0.56 -5.80 -7.24
C3' LMT FF . 0.61 -5.01 -7.88
C4' LMT FF . 0.28 -4.33 -9.22
C5' LMT FF . -1.06 -3.58 -9.10
C6' LMT FF . -1.40 -2.89 -10.44
O1' LMT FF . -3.09 -5.84 -7.02
O2' LMT FF . -0.11 -6.16 -5.92
O3' LMT FF . 1.80 -5.84 -8.00
O5' LMT FF . -2.10 -4.47 -8.65
O6' LMT FF . -2.81 -2.67 -10.58
C1 LMT FF . -4.34 -5.54 -7.64
C2 LMT FF . -5.20 -4.57 -6.84
C3 LMT FF . -6.30 -5.23 -6.00
C4 LMT FF . -7.38 -4.20 -5.62
C5 LMT FF . -7.28 -3.69 -4.18
C6 LMT FF . -8.20 -2.50 -3.91
C7 LMT FF . -8.09 -1.88 -2.50
C8 LMT FF . -9.07 -0.70 -2.31
C9 LMT FF . -9.28 -0.15 -0.88
C10 LMT FF . -9.91 1.25 -0.82
C11 LMT FF . -9.79 1.91 0.56
C12 LMT FF . -9.53 3.42 0.53
C1B LMT GF . -18.60 10.20 31.80
C2B LMT GF . -19.14 9.25 32.86
C3B LMT GF . -20.44 8.55 32.42
C4B LMT GF . -21.53 9.57 32.02
C5B LMT GF . -20.90 10.48 30.95
C6B LMT GF . -21.86 11.55 30.44
O1B LMT GF . -18.11 9.39 30.71
O2B LMT GF . -18.11 8.29 33.05
O3B LMT GF . -20.82 7.64 33.45
O4' LMT GF . -22.77 8.99 31.55
O5B LMT GF . -19.66 11.09 31.41
O6B LMT GF . -22.13 12.45 31.50
C1' LMT GF . -15.19 9.30 27.75
C2' LMT GF . -14.84 8.49 29.02
C3' LMT GF . -16.09 8.33 29.92
C4' LMT GF . -16.81 9.66 30.15
C5' LMT GF . -17.03 10.22 28.74
C6' LMT GF . -18.00 11.39 28.67
O1' LMT GF . -14.00 9.59 27.04
O2' LMT GF . -14.27 7.21 28.64
O3' LMT GF . -15.76 7.69 31.16
O5' LMT GF . -15.79 10.54 28.13
O6' LMT GF . -17.69 11.99 27.43
C1 LMT GF . -14.18 9.89 25.67
C2 LMT GF . -12.81 9.43 25.12
C3 LMT GF . -12.52 9.68 23.65
C4 LMT GF . -11.29 8.86 23.28
C5 LMT GF . -10.86 9.17 21.86
C6 LMT GF . -10.10 8.02 21.19
C7 LMT GF . -9.67 8.48 19.80
C8 LMT GF . -8.79 7.41 19.15
C9 LMT GF . -8.63 7.57 17.64
C10 LMT GF . -8.18 6.21 17.11
C11 LMT GF . -7.59 6.31 15.69
C12 LMT GF . -6.91 5.01 15.23
C16 UNL HF . -4.49 3.25 19.23
C15 UNL HF . -5.65 4.04 19.78
C14 UNL HF . -5.93 3.71 21.24
C13 UNL HF . -7.05 4.60 21.70
C12 UNL HF . -7.59 4.07 23.02
C11 UNL HF . -8.73 4.97 23.46
C10 UNL HF . -9.13 4.59 24.85
C9 UNL HF . -9.17 5.83 25.72
C8 UNL HF . -10.46 5.80 26.51
C7 UNL HF . -10.39 6.50 27.86
C6 UNL HF . -10.32 8.02 27.76
C5 UNL HF . -11.03 8.71 28.94
C4 UNL HF . -10.31 9.95 29.45
C3 UNL HF . -9.89 9.75 30.90
C2 UNL HF . -11.03 10.05 31.87
C1 UNL HF . -10.80 11.36 32.61
CA CA IF . 65.48 -6.06 5.93
S SO4 JF . 34.30 -13.45 -11.11
O1 SO4 JF . 32.95 -13.71 -10.50
O2 SO4 JF . 34.51 -12.02 -11.41
O3 SO4 JF . 34.49 -14.20 -12.39
O4 SO4 JF . 35.37 -13.84 -10.16
C1 HTG KF . 24.58 0.04 11.91
S1 HTG KF . 24.87 0.18 13.70
C2 HTG KF . 24.89 1.34 11.12
O2 HTG KF . 23.98 2.38 11.48
C3 HTG KF . 24.85 1.10 9.61
O3 HTG KF . 25.44 2.20 8.91
C4 HTG KF . 25.70 -0.14 9.27
O4 HTG KF . 25.67 -0.49 7.87
C5 HTG KF . 25.29 -1.36 10.06
O5 HTG KF . 25.45 -1.02 11.41
C6 HTG KF . 26.16 -2.61 9.79
O6 HTG KF . 27.55 -2.45 10.20
C1' HTG KF . 24.24 -1.30 14.48
C2' HTG KF . 22.72 -1.29 14.64
C3' HTG KF . 22.39 -0.36 15.78
C4' HTG KF . 21.23 -0.76 16.66
C5' HTG KF . 20.62 0.48 17.31
C6' HTG KF . 20.89 0.53 18.81
C7' HTG KF . 20.20 1.78 19.36
C1 GOL LF . 58.88 -21.99 19.18
O1 GOL LF . 57.59 -21.75 18.55
C2 GOL LF . 59.79 -22.80 18.23
O2 GOL LF . 59.59 -24.22 18.33
C3 GOL LF . 61.25 -22.46 18.53
O3 GOL LF . 61.50 -21.21 17.89
C1 BCR MF . 5.81 -4.23 31.74
C2 BCR MF . 5.91 -5.47 32.65
C3 BCR MF . 6.02 -5.15 34.11
C4 BCR MF . 7.13 -4.15 34.40
C5 BCR MF . 7.01 -2.90 33.55
C6 BCR MF . 6.42 -2.95 32.32
C7 BCR MF . 6.39 -1.68 31.54
C8 BCR MF . 6.16 -1.57 30.22
C9 BCR MF . 6.16 -0.25 29.55
C10 BCR MF . 5.84 -0.23 28.24
C11 BCR MF . 5.84 0.97 27.41
C33 BCR MF . 7.58 -1.65 34.14
C31 BCR MF . 4.36 -3.97 31.38
C32 BCR MF . 6.54 -4.65 30.45
C34 BCR MF . 6.51 1.01 30.31
C12 BCR MF . 5.62 0.84 26.08
C13 BCR MF . 5.68 1.95 25.09
C14 BCR MF . 5.66 1.54 23.81
C15 BCR MF . 5.83 2.35 22.59
C16 BCR MF . 5.08 2.28 21.47
C17 BCR MF . 5.52 3.11 20.33
C18 BCR MF . 4.97 3.03 19.07
C19 BCR MF . 5.63 3.88 18.04
C20 BCR MF . 5.34 3.89 16.73
C21 BCR MF . 6.23 4.71 15.88
C22 BCR MF . 6.08 4.76 14.53
C23 BCR MF . 7.09 5.55 13.83
C24 BCR MF . 7.16 5.61 12.48
C25 BCR MF . 8.27 6.39 11.84
C26 BCR MF . 8.59 7.66 12.22
C27 BCR MF . 9.73 8.44 11.61
C28 BCR MF . 10.74 7.49 10.92
C29 BCR MF . 9.92 6.65 9.93
C30 BCR MF . 8.99 5.67 10.68
C35 BCR MF . 5.80 3.41 25.47
C36 BCR MF . 3.85 2.07 18.72
C37 BCR MF . 5.00 4.00 13.75
C38 BCR MF . 7.89 8.39 13.31
C39 BCR MF . 9.81 4.48 11.18
C40 BCR MF . 7.92 5.20 9.65
C14 UNL NF . 11.70 1.29 18.50
C13 UNL NF . 11.73 0.38 19.74
C12 UNL NF . 10.61 -0.66 19.66
C11 UNL NF . 10.56 -1.60 20.87
C10 UNL NF . 9.28 -1.40 21.70
C9 UNL NF . 9.53 -1.35 23.21
C8 UNL NF . 10.41 -2.51 23.68
C7 UNL NF . 10.85 -2.43 25.15
C6 UNL NF . 11.26 -3.79 25.72
C5 UNL NF . 10.61 -4.08 27.08
C4 UNL NF . 10.68 -2.89 28.06
C3 UNL NF . 10.45 -3.29 29.51
C2 UNL NF . 10.41 -2.06 30.42
C1 HTG OF . 50.40 -30.58 -17.66
S1 HTG OF . 50.16 -32.03 -18.66
C1' HTG OF . 48.44 -32.33 -18.91
C2' HTG OF . 48.11 -32.58 -20.38
C3' HTG OF . 47.16 -33.77 -20.51
C4' HTG OF . 46.04 -33.41 -21.47
C5' HTG OF . 45.59 -34.60 -22.28
C6' HTG OF . 44.56 -34.11 -23.29
C7' HTG OF . 43.98 -35.24 -24.11
CHA HEM PF . 38.27 -54.83 4.81
CHB HEM PF . 36.21 -58.75 6.71
CHC HEM PF . 36.30 -56.82 11.15
CHD HEM PF . 37.61 -52.61 9.07
C1A HEM PF . 37.72 -56.07 4.94
C2A HEM PF . 37.54 -57.04 3.86
C3A HEM PF . 36.99 -58.14 4.41
C4A HEM PF . 36.80 -57.88 5.81
CMA HEM PF . 36.66 -59.51 3.68
CAA HEM PF . 38.00 -56.87 2.40
CBA HEM PF . 36.87 -56.20 1.58
CGA HEM PF . 37.08 -56.26 0.07
O1A HEM PF . 38.08 -56.89 -0.41
O2A HEM PF . 36.18 -55.76 -0.67
C1B HEM PF . 36.10 -58.60 8.09
C2B HEM PF . 35.62 -59.63 9.02
C3B HEM PF . 35.68 -59.10 10.26
C4B HEM PF . 36.14 -57.73 10.11
CMB HEM PF . 35.20 -61.07 8.53
CAB HEM PF . 35.33 -59.72 11.65
CBB HEM PF . 36.02 -60.87 12.04
C1C HEM PF . 36.58 -55.46 10.93
C2C HEM PF . 36.46 -54.43 11.94
C3C HEM PF . 36.86 -53.28 11.35
C4C HEM PF . 37.15 -53.55 9.98
CMC HEM PF . 35.96 -54.62 13.40
CAC HEM PF . 36.86 -51.88 12.01
CBC HEM PF . 37.67 -51.65 13.13
C1D HEM PF . 38.06 -52.86 7.79
C2D HEM PF . 38.77 -51.90 6.97
C3D HEM PF . 38.92 -52.58 5.65
C4D HEM PF . 38.34 -53.90 5.78
CMD HEM PF . 39.23 -50.47 7.37
CAD HEM PF . 39.70 -52.08 4.43
CBD HEM PF . 41.16 -52.44 4.81
CGD HEM PF . 42.06 -52.05 3.67
O1D HEM PF . 41.95 -52.64 2.57
O2D HEM PF . 42.91 -51.13 3.83
NA HEM PF . 37.21 -56.57 6.12
NB HEM PF . 36.39 -57.47 8.80
NC HEM PF . 37.00 -54.90 9.73
ND HEM PF . 37.81 -53.99 7.03
FE HEM PF . 37.10 -55.76 7.94
C1 HTG QF . 53.08 -57.19 15.58
S1 HTG QF . 54.81 -56.92 15.15
C2 HTG QF . 52.41 -56.41 16.71
O2 HTG QF . 53.27 -55.93 17.75
C3 HTG QF . 51.49 -57.50 17.27
O3 HTG QF . 50.86 -57.06 18.46
C4 HTG QF . 50.49 -57.97 16.20
O4 HTG QF . 49.79 -59.16 16.56
C5 HTG QF . 51.21 -58.25 14.88
O5 HTG QF . 52.07 -57.13 14.54
C6 HTG QF . 50.18 -58.61 13.82
O6 HTG QF . 50.86 -59.26 12.76
C1' HTG QF . 55.81 -58.38 15.30
C1 GOL RF . 26.17 -46.09 5.57
O1 GOL RF . 25.61 -45.36 4.43
C2 GOL RF . 26.46 -45.24 6.80
O2 GOL RF . 27.50 -45.82 7.62
C3 GOL RF . 25.13 -45.00 7.58
O3 GOL RF . 25.22 -44.04 8.68
C1 GOL SF . 35.17 -67.79 -6.51
O1 GOL SF . 36.46 -67.15 -6.54
C2 GOL SF . 34.45 -67.60 -7.84
O2 GOL SF . 35.21 -68.23 -8.87
C3 GOL SF . 33.10 -68.30 -7.84
O3 GOL SF . 32.46 -68.03 -9.08
C1 GOL TF . 26.69 -74.91 13.29
O1 GOL TF . 28.06 -74.83 12.84
C2 GOL TF . 26.59 -75.60 14.68
O2 GOL TF . 27.54 -74.99 15.56
C3 GOL TF . 26.88 -77.10 14.59
O3 GOL TF . 27.17 -77.57 15.94
C16 UNL UF . -27.09 -49.16 9.40
C15 UNL UF . -26.35 -49.93 8.31
C14 UNL UF . -26.03 -51.32 8.76
C13 UNL UF . -25.13 -52.06 7.78
C12 UNL UF . -24.94 -53.50 8.25
C11 UNL UF . -24.35 -54.41 7.18
C10 UNL UF . -23.95 -55.78 7.70
C9 UNL UF . -23.28 -56.57 6.60
C8 UNL UF . -22.76 -57.88 7.11
C7 UNL UF . -22.66 -58.91 5.98
C6 UNL UF . -22.80 -58.40 4.55
C5 UNL UF . -22.19 -59.47 3.64
C4 UNL UF . -22.74 -59.47 2.21
C3 UNL UF . -21.87 -60.34 1.30
C2 UNL UF . -22.20 -60.17 -0.18
C1 UNL UF . -22.17 -61.51 -0.87
C1 LMG VF . 42.71 -65.52 44.91
O1 LMG VF . 43.73 -64.90 45.70
C2 LMG VF . 43.12 -65.39 43.46
O2 LMG VF . 43.46 -64.03 43.20
C3 LMG VF . 41.94 -65.80 42.58
O3 LMG VF . 42.37 -65.86 41.21
C4 LMG VF . 41.27 -67.13 42.99
O4 LMG VF . 41.68 -68.20 42.15
C5 LMG VF . 41.40 -67.50 44.49
O5 LMG VF . 40.04 -69.54 44.62
C6 LMG VF . 41.38 -69.02 44.70
O6 LMG VF . 42.54 -66.92 45.16
C7 LMG VF . 43.36 -64.44 47.01
C8 LMG VF . 42.39 -63.24 47.07
C9 LMG VF . 42.08 -63.11 48.56
O7 LMG VF . 42.93 -62.00 46.53
C10 LMG VF . 41.96 -60.98 46.07
O9 LMG VF . 40.84 -61.34 45.73
C11 LMG VF . 42.32 -59.49 46.01
C12 LMG VF . 41.10 -58.62 45.64
C13 LMG VF . 40.26 -58.24 46.85
C14 LMG VF . 38.99 -57.47 46.49
C15 LMG VF . 38.50 -56.76 47.75
C16 LMG VF . 36.97 -56.79 47.87
C17 LMG VF . 36.41 -55.60 48.65
C18 LMG VF . 35.08 -55.96 49.25
C19 LMG VF . 34.19 -54.75 49.49
C20 LMG VF . 33.42 -54.79 50.80
C21 LMG VF . 31.94 -54.50 50.59
C22 LMG VF . 31.36 -53.95 51.87
C23 LMG VF . 29.85 -53.79 51.91
C24 LMG VF . 29.44 -53.12 53.21
C25 LMG VF . 27.94 -52.85 53.38
O8 LMG VF . 40.98 -62.23 48.78
C28 LMG VF . 39.75 -62.70 49.44
O10 LMG VF . 39.49 -63.88 49.37
C29 LMG VF . 38.87 -61.70 50.18
C30 LMG VF . 37.66 -62.31 50.87
C31 LMG VF . 37.38 -61.53 52.15
C32 LMG VF . 36.05 -60.80 52.17
C33 LMG VF . 36.20 -59.35 52.67
C34 LMG VF . 35.42 -59.12 53.96
C35 LMG VF . 35.06 -57.64 54.15
C36 LMG VF . 33.71 -57.46 54.86
C37 LMG VF . 33.43 -55.98 55.16
C38 LMG VF . 31.96 -55.69 55.43
C39 LMG VF . 31.74 -54.30 56.04
C40 LMG VF . 30.78 -54.38 57.22
C41 LMG VF . 31.04 -53.29 58.27
C42 LMG VF . 31.86 -53.76 59.48
C43 LMG VF . 31.06 -53.73 60.78
C1B LMT WF . 14.22 -57.92 71.59
C2B LMT WF . 12.75 -58.10 71.18
C3B LMT WF . 11.84 -58.23 72.39
C4B LMT WF . 12.53 -57.70 73.65
C5B LMT WF . 13.46 -56.49 73.40
C6B LMT WF . 14.20 -56.01 74.66
O1B LMT WF . 15.08 -57.90 70.45
O2B LMT WF . 12.27 -56.98 70.42
O3B LMT WF . 11.43 -59.60 72.52
O4' LMT WF . 11.51 -57.35 74.59
O5B LMT WF . 14.38 -56.69 72.32
O6B LMT WF . 15.56 -56.51 74.71
C1' LMT WF . 17.07 -60.58 67.82
C2' LMT WF . 15.59 -60.86 68.10
C3' LMT WF . 14.90 -59.67 68.79
C4' LMT WF . 15.66 -59.14 70.01
C5' LMT WF . 17.14 -58.93 69.63
C6' LMT WF . 18.04 -58.50 70.79
O1' LMT WF . 17.72 -61.80 67.38
O2' LMT WF . 14.94 -61.21 66.89
O3' LMT WF . 13.62 -60.11 69.25
O5' LMT WF . 17.70 -60.10 69.03
O6' LMT WF . 17.66 -59.18 71.98
C1 LMT WF . 18.45 -61.69 66.16
C2 LMT WF . 19.97 -61.63 66.31
C3 LMT WF . 20.58 -60.60 65.36
C4 LMT WF . 21.65 -61.18 64.44
C5 LMT WF . 21.73 -60.50 63.06
C6 LMT WF . 22.97 -60.99 62.29
C7 LMT WF . 22.73 -61.34 60.81
C8 LMT WF . 21.67 -62.40 60.55
C9 LMT WF . 21.41 -62.50 59.04
C10 LMT WF . 20.21 -63.38 58.64
C11 LMT WF . 20.11 -63.41 57.13
C12 LMT WF . 18.91 -64.10 56.50
C16 UNL XF . 28.37 -62.07 58.55
C15 UNL XF . 27.38 -61.31 59.44
C14 UNL XF . 28.00 -60.39 60.50
C13 UNL XF . 26.98 -59.80 61.46
C12 UNL XF . 27.63 -59.00 62.59
C11 UNL XF . 27.35 -57.49 62.55
C10 UNL XF . 27.26 -56.79 63.93
C9 UNL XF . 26.15 -55.71 63.99
C8 UNL XF . 25.77 -55.20 65.40
C7 UNL XF . 24.28 -54.82 65.60
C6 UNL XF . 24.05 -54.08 66.93
C5 UNL XF . 23.17 -54.78 67.99
C4 UNL XF . 23.20 -54.08 69.37
C3 UNL XF . 22.21 -54.69 70.38
C2 UNL XF . 22.13 -54.00 71.76
C1 UNL XF . 21.05 -54.67 72.58
O6 SQD YF . -41.98 9.35 0.76
C44 SQD YF . -41.18 9.91 1.79
C45 SQD YF . -40.06 10.73 1.14
C46 SQD YF . -38.73 10.01 1.39
O47 SQD YF . -40.33 10.93 -0.26
C7 SQD YF . -40.62 12.29 -0.77
O49 SQD YF . -40.34 13.29 -0.12
C8 SQD YF . -41.25 12.48 -2.13
C9 SQD YF . -40.31 12.17 -3.28
C10 SQD YF . -38.90 12.64 -3.06
C11 SQD YF . -38.16 13.02 -4.32
C12 SQD YF . -36.83 12.28 -4.38
C13 SQD YF . -36.09 12.36 -5.72
C14 SQD YF . -35.07 13.50 -5.81
C15 SQD YF . -33.88 13.18 -6.71
C16 SQD YF . -33.70 14.22 -7.79
C17 SQD YF . -32.31 14.83 -7.92
C18 SQD YF . -31.24 13.85 -7.51
C19 SQD YF . -30.10 13.83 -8.50
C20 SQD YF . -28.92 13.10 -7.88
C21 SQD YF . -28.44 13.71 -6.59
C22 SQD YF . -27.46 12.74 -5.93
O48 SQD YF . -38.42 8.95 0.48
C23 SQD YF . -37.57 9.16 -0.70
O10 SQD YF . -37.39 10.32 -1.07
C24 SQD YF . -36.92 8.00 -1.45
C25 SQD YF . -37.93 6.94 -1.91
C26 SQD YF . -37.73 6.46 -3.36
C27 SQD YF . -38.05 4.98 -3.60
C28 SQD YF . -38.64 4.65 -4.98
C29 SQD YF . -37.89 3.58 -5.77
C30 SQD YF . -37.68 3.96 -7.24
C31 SQD YF . -36.31 4.61 -7.57
C32 SQD YF . -35.88 4.49 -9.06
C33 SQD YF . -34.39 4.80 -9.34
C34 SQD YF . -33.68 3.75 -10.22
C35 SQD YF . -32.44 4.28 -10.97
C36 SQD YF . -31.65 3.26 -11.84
C37 SQD YF . -31.37 3.70 -13.28
C38 SQD YF . -30.33 2.88 -14.03
C1 SQD YF . -43.35 9.28 1.12
C2 SQD YF . -44.33 10.03 0.22
O2 SQD YF . -43.83 11.30 -0.24
C3 SQD YF . -45.60 10.20 1.04
O3 SQD YF . -46.66 10.53 0.17
C4 SQD YF . -46.01 8.95 1.83
O4 SQD YF . -46.65 9.40 3.04
C5 SQD YF . -44.86 8.02 2.23
C6 SQD YF . -45.37 6.66 2.69
O5 SQD YF . -43.83 7.94 1.21
S SQD YF . -44.15 5.54 2.96
O7 SQD YF . -44.73 4.48 3.85
O8 SQD YF . -43.76 5.03 1.62
O9 SQD YF . -42.98 6.18 3.61
C1B LMT ZF . -7.16 0.35 -20.74
C2B LMT ZF . -6.34 1.62 -20.45
C3B LMT ZF . -6.65 2.67 -21.52
C4B LMT ZF . -6.42 2.12 -22.91
C5B LMT ZF . -7.22 0.81 -23.11
C6B LMT ZF . -7.10 0.19 -24.52
O1B LMT ZF . -8.56 0.65 -20.61
O2B LMT ZF . -6.63 2.23 -19.16
O3B LMT ZF . -5.86 3.86 -21.29
O4' LMT ZF . -6.86 3.14 -23.79
O5B LMT ZF . -6.92 -0.15 -22.07
O6B LMT ZF . -5.91 -0.60 -24.62
C1' LMT ZF . -11.92 -0.81 -18.66
C2' LMT ZF . -10.55 -1.10 -17.99
C3' LMT ZF . -9.49 -0.18 -18.58
C4' LMT ZF . -9.32 -0.41 -20.07
C5' LMT ZF . -10.67 -0.33 -20.77
C6' LMT ZF . -10.62 -0.94 -22.20
O1' LMT ZF . -12.95 -1.80 -18.39
O2' LMT ZF . -10.48 -0.94 -16.58
O3' LMT ZF . -8.23 -0.30 -17.87
O5' LMT ZF . -11.72 -0.96 -20.07
O6' LMT ZF . -9.72 -2.07 -22.28
C1 LMT ZF . -14.34 -1.45 -18.41
C2 LMT ZF . -15.09 -2.30 -17.36
C3 LMT ZF . -16.23 -1.50 -16.75
C4 LMT ZF . -16.23 -1.64 -15.23
C5 LMT ZF . -16.36 -0.36 -14.40
C6 LMT ZF . -17.66 0.41 -14.58
C7 LMT ZF . -18.07 1.28 -13.39
C8 LMT ZF . -19.31 1.99 -13.88
C9 LMT ZF . -20.11 2.65 -12.76
C10 LMT ZF . -21.07 1.68 -12.08
C11 LMT ZF . -22.40 1.54 -12.82
C12 LMT ZF . -23.17 0.35 -12.31
C16 UNL AG . -28.04 3.33 -11.98
C15 UNL AG . -26.82 2.59 -11.52
C14 UNL AG . -25.56 3.20 -12.09
C13 UNL AG . -24.55 3.47 -10.98
C12 UNL AG . -24.12 4.93 -10.96
C11 UNL AG . -25.27 5.84 -10.53
O1 OEX BG . -10.75 29.56 -30.83
CA1 OEX BG . -12.65 28.43 -29.78
MN1 OEX BG . -9.22 28.78 -30.31
O2 OEX BG . -12.02 27.06 -31.75
MN2 OEX BG . -10.82 28.41 -32.53
O3 OEX BG . -9.51 27.27 -31.49
MN3 OEX BG . -10.69 25.92 -31.00
O4 OEX BG . -12.05 24.46 -30.46
MN4 OEX BG . -11.76 24.97 -28.49
O5 OEX BG . -10.68 26.97 -29.01
FE FE2 CG . -27.64 37.10 9.38
CL CL DG . -6.03 23.37 -25.59
CL CL EG . -8.35 26.57 -39.25
C BCT FG . -29.25 37.38 11.36
O1 BCT FG . -30.05 37.23 12.40
O2 BCT FG . -28.35 38.32 11.24
O3 BCT FG . -29.48 36.48 10.50
MG CLA GG . -12.17 34.32 -13.42
CHA CLA GG . -15.32 32.93 -14.15
CHB CLA GG . -13.38 34.77 -10.27
CHC CLA GG . -8.91 34.54 -12.36
CHD CLA GG . -11.00 33.09 -16.57
NA CLA GG . -14.05 33.91 -12.36
C1A CLA GG . -15.14 33.40 -12.79
C2A CLA GG . -16.23 33.27 -11.77
C3A CLA GG . -15.76 34.28 -10.77
C4A CLA GG . -14.31 34.35 -11.13
CMA CLA GG . -16.41 35.69 -10.93
CAA CLA GG . -16.22 31.84 -11.25
CBA CLA GG . -17.35 31.66 -10.20
CGA CLA GG . -18.65 31.52 -10.91
O1A CLA GG . -18.76 31.31 -12.11
O2A CLA GG . -19.84 31.58 -10.17
NB CLA GG . -11.31 34.59 -11.66
C1B CLA GG . -11.94 34.86 -10.48
C2B CLA GG . -11.02 35.30 -9.39
C3B CLA GG . -9.73 35.19 -10.07
C4B CLA GG . -10.02 34.72 -11.43
CMB CLA GG . -11.30 35.70 -7.95
CAB CLA GG . -8.33 35.39 -9.59
CBB CLA GG . -8.06 35.57 -8.30
NC CLA GG . -10.30 33.87 -14.27
C1C CLA GG . -9.11 34.13 -13.72
C2C CLA GG . -7.96 33.87 -14.60
C3C CLA GG . -8.60 33.42 -15.83
C4C CLA GG . -10.05 33.47 -15.52
CMC CLA GG . -6.53 34.05 -14.21
CAC CLA GG . -7.79 33.05 -17.09
CBC CLA GG . -6.87 31.89 -16.71
ND CLA GG . -12.85 33.28 -15.01
C1D CLA GG . -12.38 32.91 -16.23
C2D CLA GG . -13.36 32.27 -17.14
C3D CLA GG . -14.51 32.29 -16.27
C4D CLA GG . -14.14 32.89 -15.03
CMD CLA GG . -13.19 31.77 -18.55
CAD CLA GG . -15.92 31.87 -16.22
OBD CLA GG . -16.60 31.29 -17.16
CBD CLA GG . -16.42 32.22 -14.86
CGD CLA GG . -17.61 33.08 -14.94
O1D CLA GG . -17.57 34.31 -15.11
O2D CLA GG . -18.82 32.40 -15.21
CED CLA GG . -19.93 33.20 -15.66
C1 CLA GG . -21.04 31.26 -10.90
C2 CLA GG . -21.53 29.99 -10.29
C3 CLA GG . -21.54 28.82 -10.97
C4 CLA GG . -21.01 28.65 -12.37
C5 CLA GG . -22.06 27.61 -10.27
C6 CLA GG . -23.30 27.10 -11.03
C7 CLA GG . -23.86 25.99 -10.14
C8 CLA GG . -25.06 25.27 -10.78
C9 CLA GG . -26.28 26.18 -11.00
C10 CLA GG . -25.47 24.12 -9.85
C11 CLA GG . -24.39 23.00 -9.85
C12 CLA GG . -24.88 21.80 -9.02
C13 CLA GG . -23.73 20.76 -8.86
C14 CLA GG . -23.54 19.99 -10.19
C15 CLA GG . -24.01 19.78 -7.74
C16 CLA GG . -23.95 20.36 -6.34
C17 CLA GG . -23.63 19.19 -5.41
C18 CLA GG . -24.79 18.70 -4.57
C19 CLA GG . -24.58 17.26 -4.18
C20 CLA GG . -26.17 18.92 -5.16
MG CLA HG . -15.59 24.89 -10.99
CHA CLA HG . -13.27 24.28 -8.37
CHB CLA HG . -17.65 22.54 -9.41
CHC CLA HG . -18.26 26.03 -12.84
CHD CLA HG . -13.59 27.63 -12.07
NA CLA HG . -15.53 23.67 -9.15
C1A CLA HG . -14.55 23.54 -8.30
C2A CLA HG . -14.83 22.58 -7.17
C3A CLA HG . -15.96 21.75 -7.77
C4A CLA HG . -16.42 22.69 -8.84
CMA CLA HG . -15.42 20.40 -8.32
CAA CLA HG . -15.22 23.40 -5.89
CBA CLA HG . -16.28 24.44 -6.24
CGA CLA HG . -16.84 25.16 -5.02
O1A CLA HG . -16.56 24.84 -3.88
O2A CLA HG . -17.74 26.24 -5.25
NB CLA HG . -17.58 24.38 -11.03
C1B CLA HG . -18.25 23.39 -10.44
C2B CLA HG . -19.58 23.10 -11.04
C3B CLA HG . -19.68 24.14 -12.05
C4B CLA HG . -18.41 24.89 -11.95
CMB CLA HG . -20.61 22.05 -10.66
CAB CLA HG . -20.72 24.50 -13.05
CBB CLA HG . -21.95 24.08 -12.85
NC CLA HG . -15.90 26.51 -12.17
C1C CLA HG . -16.97 26.78 -12.94
C2C CLA HG . -16.79 27.87 -13.90
C3C CLA HG . -15.40 28.27 -13.69
C4C CLA HG . -14.95 27.39 -12.58
CMC CLA HG . -17.82 28.42 -14.86
CAC CLA HG . -14.60 29.34 -14.39
CBC CLA HG . -14.60 28.85 -15.87
ND CLA HG . -13.94 25.85 -10.43
C1D CLA HG . -13.16 26.79 -10.95
C2D CLA HG . -11.81 26.92 -10.33
C3D CLA HG . -11.91 25.90 -9.32
C4D CLA HG . -13.18 25.32 -9.38
CMD CLA HG . -10.69 27.92 -10.71
CAD CLA HG . -11.15 25.24 -8.24
OBD CLA HG . -9.96 25.57 -7.92
CBD CLA HG . -12.04 24.28 -7.54
CGD CLA HG . -11.37 22.94 -7.79
O1D CLA HG . -10.95 22.56 -8.89
O2D CLA HG . -11.49 22.05 -6.74
CED CLA HG . -11.05 20.68 -6.92
C1 CLA HG . -18.53 26.89 -4.15
C2 CLA HG . -19.79 25.96 -4.05
C3 CLA HG . -20.06 25.11 -3.02
C4 CLA HG . -19.12 25.03 -1.84
C5 CLA HG . -21.32 24.25 -3.02
C6 CLA HG . -20.94 22.77 -3.24
C7 CLA HG . -20.60 22.53 -4.74
C8 CLA HG . -19.94 21.13 -4.89
C9 CLA HG . -18.53 21.03 -4.27
C10 CLA HG . -19.81 20.81 -6.35
C11 CLA HG . -19.55 19.30 -6.63
C12 CLA HG . -19.66 19.08 -8.17
C13 CLA HG . -19.49 17.58 -8.50
C14 CLA HG . -18.89 17.44 -9.90
C15 CLA HG . -20.87 16.89 -8.36
C16 CLA HG . -20.82 15.35 -8.30
C17 CLA HG . -22.06 14.84 -7.53
C18 CLA HG . -23.26 14.84 -8.45
C19 CLA HG . -24.48 14.25 -7.77
C20 CLA HG . -22.89 14.02 -9.68
MG CLA IG . -7.09 42.87 -6.62
CHA CLA IG . -9.82 43.46 -8.66
CHB CLA IG . -7.84 45.86 -5.03
CHC CLA IG . -4.72 42.10 -4.13
CHD CLA IG . -6.81 39.56 -7.78
NA CLA IG . -8.62 44.39 -6.72
C1A CLA IG . -9.63 44.41 -7.60
C2A CLA IG . -10.61 45.53 -7.48
C3A CLA IG . -9.75 46.45 -6.58
C4A CLA IG . -8.69 45.54 -6.07
CMA CLA IG . -9.14 47.52 -7.47
CAA CLA IG . -11.97 45.07 -6.88
CBA CLA IG . -11.62 44.40 -5.53
CGA CLA IG . -12.85 43.99 -4.75
O1A CLA IG . -13.97 44.36 -5.04
O2A CLA IG . -12.71 43.17 -3.61
NB CLA IG . -6.42 43.77 -4.94
C1B CLA IG . -6.82 44.98 -4.47
C2B CLA IG . -6.04 45.44 -3.30
C3B CLA IG . -5.13 44.35 -3.06
C4B CLA IG . -5.45 43.35 -4.11
CMB CLA IG . -6.14 46.72 -2.50
CAB CLA IG . -4.12 44.27 -1.96
CBB CLA IG . -2.87 44.54 -2.19
NC CLA IG . -6.01 41.16 -6.05
C1C CLA IG . -5.08 41.02 -5.07
C2C CLA IG . -4.41 39.72 -4.97
C3C CLA IG . -5.06 38.97 -6.05
C4C CLA IG . -6.01 39.97 -6.63
CMC CLA IG . -3.36 39.32 -4.01
CAC CLA IG . -4.69 37.53 -6.44
CBC CLA IG . -3.26 37.67 -7.07
ND CLA IG . -8.10 41.63 -7.83
C1D CLA IG . -7.78 40.45 -8.35
C2D CLA IG . -8.54 40.14 -9.58
C3D CLA IG . -9.35 41.38 -9.68
C4D CLA IG . -9.01 42.21 -8.60
CMD CLA IG . -8.52 38.94 -10.48
CAD CLA IG . -10.35 42.07 -10.46
OBD CLA IG . -10.84 41.60 -11.52
CBD CLA IG . -10.71 43.34 -9.82
CGD CLA IG . -10.31 44.40 -10.82
O1D CLA IG . -9.15 44.51 -11.23
O2D CLA IG . -11.21 45.47 -11.04
CED CLA IG . -10.90 46.52 -11.99
C1 CLA IG . -13.70 42.99 -2.60
C2 CLA IG . -13.70 44.12 -1.61
C3 CLA IG . -14.77 44.92 -1.46
C4 CLA IG . -15.97 44.71 -2.28
C5 CLA IG . -14.70 46.02 -0.42
C6 CLA IG . -14.39 47.39 -1.06
C7 CLA IG . -12.91 47.46 -1.46
C8 CLA IG . -12.54 48.78 -2.14
C9 CLA IG . -11.74 48.53 -3.41
C10 CLA IG . -11.80 49.73 -1.16
C11 CLA IG . -12.36 51.16 -1.13
C12 CLA IG . -11.59 52.10 -0.17
C13 CLA IG . -11.85 53.60 -0.38
C14 CLA IG . -11.22 54.15 -1.66
C15 CLA IG . -11.38 54.40 0.85
C16 CLA IG . -11.92 55.84 0.91
C17 CLA IG . -13.14 56.02 1.84
C18 CLA IG . -13.53 57.48 2.09
C19 CLA IG . -14.31 57.61 3.39
C20 CLA IG . -14.32 58.08 0.93
CHA PHO JG . -27.29 27.09 -4.85
CHB PHO JG . -23.26 24.92 -6.43
CHC PHO JG . -21.18 29.37 -6.76
CHD PHO JG . -25.22 31.62 -5.02
NA PHO JG . -25.14 26.24 -5.67
C1A PHO JG . -26.35 26.00 -5.25
C2A PHO JG . -26.68 24.55 -5.10
C3A PHO JG . -25.34 23.88 -5.43
C4A PHO JG . -24.50 25.05 -5.88
CMA PHO JG . -24.73 23.31 -4.09
CAA PHO JG . -27.69 24.16 -6.24
CBA PHO JG . -28.04 22.69 -5.95
CGA PHO JG . -28.68 22.17 -7.23
O1A PHO JG . -28.81 22.80 -8.30
O2A PHO JG . -29.18 20.88 -7.13
NB PHO JG . -22.51 27.29 -6.49
C1B PHO JG . -22.33 25.99 -6.81
C2B PHO JG . -21.03 25.71 -7.45
C3B PHO JG . -20.45 27.05 -7.52
C4B PHO JG . -21.44 27.93 -6.91
CMB PHO JG . -20.54 24.36 -7.91
CAB PHO JG . -19.13 27.53 -8.08
CBB PHO JG . -18.44 26.74 -8.93
NC PHO JG . -23.36 30.08 -5.87
C1C PHO JG . -22.10 30.38 -6.26
C2C PHO JG . -21.67 31.80 -6.16
C3C PHO JG . -22.90 32.47 -5.67
C4C PHO JG . -23.83 31.33 -5.52
CMC PHO JG . -20.35 32.44 -6.50
CAC PHO JG . -23.12 33.93 -5.36
CBC PHO JG . -24.10 34.60 -6.35
ND PHO JG . -25.79 29.25 -5.07
C1D PHO JG . -26.18 30.52 -4.82
C2D PHO JG . -27.57 30.69 -4.37
C3D PHO JG . -27.97 29.28 -4.39
C4D PHO JG . -26.93 28.52 -4.84
CMD PHO JG . -28.37 31.91 -3.97
CAD PHO JG . -29.13 28.40 -4.18
OBD PHO JG . -30.28 28.73 -3.77
CBD PHO JG . -28.74 26.95 -4.49
CGD PHO JG . -28.97 26.16 -3.25
O1D PHO JG . -29.86 25.37 -3.10
O2D PHO JG . -28.03 26.23 -2.16
CED PHO JG . -28.35 25.38 -1.03
C1 PHO JG . -29.72 20.27 -8.31
C2 PHO JG . -28.63 19.34 -8.85
C3 PHO JG . -28.21 18.18 -8.24
C4 PHO JG . -28.78 17.64 -6.95
C5 PHO JG . -27.11 17.30 -8.87
C6 PHO JG . -26.67 17.76 -10.27
C7 PHO JG . -25.50 16.81 -10.71
C8 PHO JG . -25.06 17.12 -12.14
C9 PHO JG . -26.13 16.63 -13.14
C10 PHO JG . -23.69 16.44 -12.42
C11 PHO JG . -23.32 16.53 -13.91
C12 PHO JG . -23.36 17.95 -14.55
C13 PHO JG . -22.43 18.95 -13.80
C14 PHO JG . -22.62 20.40 -14.25
C15 PHO JG . -20.96 18.53 -13.95
C16 PHO JG . -19.96 19.48 -13.31
C17 PHO JG . -18.50 18.97 -13.29
C18 PHO JG . -17.61 20.00 -12.56
C19 PHO JG . -17.49 21.28 -13.40
C20 PHO JG . -16.17 19.47 -12.23
CHA PHO KG . -11.94 44.16 5.92
CHB PHO KG . -10.56 45.18 1.44
CHC PHO KG . -10.85 40.34 0.40
CHD PHO KG . -12.32 39.27 4.98
NA PHO KG . -11.25 44.43 3.58
C1A PHO KG . -11.45 44.91 4.75
C2A PHO KG . -11.28 46.41 4.81
C3A PHO KG . -11.14 46.77 3.34
C4A PHO KG . -10.96 45.38 2.71
CMA PHO KG . -12.44 47.37 2.83
CAA PHO KG . -9.98 46.67 5.57
CBA PHO KG . -9.86 48.17 5.75
CGA PHO KG . -8.44 48.53 6.10
O1A PHO KG . -7.52 47.75 6.33
O2A PHO KG . -8.12 49.93 6.14
NB PHO KG . -10.73 42.65 1.26
C1B PHO KG . -10.40 43.86 0.71
C2B PHO KG . -10.02 43.82 -0.73
C3B PHO KG . -10.09 42.39 -1.00
C4B PHO KG . -10.49 41.75 0.28
CMB PHO KG . -9.62 44.94 -1.65
CAB PHO KG . -9.81 41.70 -2.26
CBB PHO KG . -9.04 42.20 -3.21
NC PHO KG . -11.47 40.18 2.83
C1C PHO KG . -11.40 39.64 1.58
C2C PHO KG . -11.85 38.24 1.47
C3C PHO KG . -12.23 37.90 2.83
C4C PHO KG . -11.92 39.14 3.59
CMC PHO KG . -11.83 37.39 0.23
CAC PHO KG . -12.85 36.64 3.39
CBC PHO KG . -12.07 36.06 4.54
ND PHO KG . -11.93 41.69 4.92
C1D PHO KG . -12.35 40.58 5.64
C2D PHO KG . -12.83 40.82 7.02
C3D PHO KG . -12.69 42.29 7.04
C4D PHO KG . -12.13 42.70 5.89
CMD PHO KG . -13.40 39.98 8.12
CAD PHO KG . -12.80 43.46 7.96
OBD PHO KG . -13.25 43.39 9.14
CBD PHO KG . -12.36 44.72 7.28
CGD PHO KG . -13.60 45.55 7.15
O1D PHO KG . -13.93 46.40 7.94
O2D PHO KG . -14.45 45.43 6.01
CED PHO KG . -15.63 46.23 5.99
C1 PHO KG . -6.79 50.27 6.52
C2 PHO KG . -5.93 50.35 5.30
C3 PHO KG . -4.74 49.79 5.26
C4 PHO KG . -4.23 49.00 6.44
C5 PHO KG . -3.91 49.96 4.02
C6 PHO KG . -3.61 48.58 3.42
C7 PHO KG . -2.57 48.67 2.31
C8 PHO KG . -2.57 47.45 1.37
C9 PHO KG . -2.45 46.19 2.21
C10 PHO KG . -1.45 47.53 0.32
C11 PHO KG . -1.56 48.71 -0.68
C12 PHO KG . -2.78 48.55 -1.62
C13 PHO KG . -2.88 49.79 -2.56
C14 PHO KG . -3.21 51.10 -1.81
C15 PHO KG . -3.91 49.60 -3.69
C16 PHO KG . -3.44 48.52 -4.62
C17 PHO KG . -4.52 48.28 -5.71
C18 PHO KG . -3.93 47.50 -6.87
C19 PHO KG . -5.09 47.30 -7.90
C20 PHO KG . -3.49 46.10 -6.36
MG CLA LG . -34.16 12.69 -21.57
CHA CLA LG . -32.47 13.04 -24.66
CHB CLA LG . -35.42 15.91 -22.05
CHC CLA LG . -36.46 12.06 -19.09
CHD CLA LG . -33.30 9.20 -21.61
NA CLA LG . -34.11 14.20 -23.14
C1A CLA LG . -33.31 14.18 -24.17
C2A CLA LG . -33.25 15.51 -24.86
C3A CLA LG . -33.86 16.47 -23.87
C4A CLA LG . -34.50 15.48 -22.95
CMA CLA LG . -32.77 17.19 -23.08
CAA CLA LG . -34.06 15.51 -26.16
CBA CLA LG . -35.43 14.95 -25.89
CGA CLA LG . -36.30 15.02 -27.12
O1A CLA LG . -35.84 14.94 -28.26
O2A CLA LG . -37.73 15.10 -26.96
NB CLA LG . -35.62 13.78 -20.77
C1B CLA LG . -36.04 15.04 -21.01
C2B CLA LG . -37.17 15.49 -20.15
C3B CLA LG . -37.43 14.32 -19.30
C4B CLA LG . -36.43 13.33 -19.77
CMB CLA LG . -37.88 16.83 -20.23
CAB CLA LG . -38.43 14.04 -18.21
CBB CLA LG . -38.90 15.09 -17.47
NC CLA LG . -34.76 11.03 -20.57
C1C CLA LG . -35.64 10.93 -19.55
C2C CLA LG . -35.82 9.62 -18.95
C3C CLA LG . -34.86 8.80 -19.71
C4C CLA LG . -34.31 9.75 -20.69
CMC CLA LG . -36.68 9.18 -17.78
CAC CLA LG . -34.66 7.31 -19.49
CBC CLA LG . -35.66 6.56 -20.43
ND CLA LG . -33.24 11.27 -22.81
C1D CLA LG . -32.78 10.03 -22.68
C2D CLA LG . -31.76 9.66 -23.69
C3D CLA LG . -31.60 10.88 -24.43
C4D CLA LG . -32.53 11.79 -23.89
CMD CLA LG . -31.07 8.32 -23.80
CAD CLA LG . -30.91 11.51 -25.57
OBD CLA LG . -30.03 10.92 -26.29
CBD CLA LG . -31.44 12.87 -25.73
CGD CLA LG . -30.26 13.77 -25.50
O1D CLA LG . -29.94 14.14 -24.39
O2D CLA LG . -29.62 14.38 -26.61
CED CLA LG . -28.38 15.05 -26.45
C1 CLA LG . -38.52 15.16 -28.14
C2 CLA LG . -39.99 15.14 -27.86
C3 CLA LG . -40.75 16.19 -28.20
C4 CLA LG . -40.13 17.41 -28.86
C5 CLA LG . -42.25 16.11 -27.94
C6 CLA LG . -42.75 16.92 -26.73
C7 CLA LG . -44.28 16.80 -26.66
C8 CLA LG . -44.99 18.08 -26.24
C9 CLA LG . -46.52 17.89 -26.31
C10 CLA LG . -44.51 19.27 -27.08
C11 CLA LG . -44.19 20.52 -26.24
C12 CLA LG . -42.69 20.87 -26.18
C13 CLA LG . -42.34 22.33 -26.52
C14 CLA LG . -40.93 22.47 -27.09
C15 CLA LG . -42.56 23.38 -25.39
C16 CLA LG . -42.89 22.87 -23.98
C17 CLA LG . -43.87 23.77 -23.22
C18 CLA LG . -43.40 24.12 -21.81
C19 CLA LG . -44.08 23.24 -20.81
C20 CLA LG . -43.67 25.57 -21.42
C1 BCR MG . -42.01 12.07 -10.13
C2 BCR MG . -43.43 12.64 -10.06
C3 BCR MG . -44.18 12.48 -11.37
C4 BCR MG . -44.26 11.00 -11.81
C5 BCR MG . -42.93 10.29 -11.69
C6 BCR MG . -41.91 10.79 -10.93
C7 BCR MG . -40.60 10.05 -10.81
C8 BCR MG . -39.75 9.98 -11.85
C9 BCR MG . -38.41 9.26 -11.74
C10 BCR MG . -37.62 9.28 -12.87
C11 BCR MG . -36.31 8.63 -13.00
C33 BCR MG . -42.84 9.00 -12.45
C31 BCR MG . -41.63 11.76 -8.68
C32 BCR MG . -41.11 13.13 -10.76
C34 BCR MG . -37.98 8.65 -10.45
C12 BCR MG . -35.68 8.63 -14.18
C13 BCR MG . -34.34 7.98 -14.33
C14 BCR MG . -33.67 8.24 -15.48
C15 BCR MG . -32.33 7.77 -15.77
C16 BCR MG . -31.82 8.09 -16.96
C17 BCR MG . -30.46 7.65 -17.30
C18 BCR MG . -29.79 7.82 -18.47
C19 BCR MG . -28.43 7.22 -18.55
C20 BCR MG . -27.70 7.29 -19.69
C21 BCR MG . -26.34 6.71 -19.71
C22 BCR MG . -25.66 6.16 -20.76
C23 BCR MG . -24.29 5.67 -20.56
C24 BCR MG . -23.54 5.10 -21.52
C25 BCR MG . -22.12 4.63 -21.34
C26 BCR MG . -21.13 5.52 -20.95
C27 BCR MG . -19.62 5.15 -20.79
C28 BCR MG . -19.54 3.65 -20.52
C29 BCR MG . -20.31 2.88 -21.59
C30 BCR MG . -21.84 3.15 -21.61
C35 BCR MG . -33.71 7.19 -13.22
C36 BCR MG . -30.37 8.47 -19.74
C37 BCR MG . -26.31 6.00 -22.11
C38 BCR MG . -21.44 6.97 -20.77
C39 BCR MG . -22.55 2.30 -20.54
C40 BCR MG . -22.46 2.77 -22.99
O6 SQD NG . -32.32 51.17 2.31
C44 SQD NG . -33.30 50.51 1.49
C45 SQD NG . -32.60 49.53 0.56
C46 SQD NG . -33.23 49.49 -0.81
O47 SQD NG . -31.23 49.91 0.40
C7 SQD NG . -30.38 49.03 1.17
O49 SQD NG . -30.91 48.06 1.67
C8 SQD NG . -28.89 49.26 1.31
C9 SQD NG . -28.31 49.73 0.00
C10 SQD NG . -27.85 48.54 -0.84
C11 SQD NG . -27.36 49.02 -2.20
C12 SQD NG . -28.07 48.26 -3.32
C13 SQD NG . -27.12 47.90 -4.47
C14 SQD NG . -26.03 46.93 -3.99
C15 SQD NG . -25.83 45.80 -4.99
C16 SQD NG . -25.27 46.36 -6.30
C17 SQD NG . -23.79 46.05 -6.37
C18 SQD NG . -23.21 46.87 -7.50
C19 SQD NG . -22.05 46.13 -8.15
C20 SQD NG . -21.85 44.78 -7.50
C21 SQD NG . -20.56 44.32 -8.10
C22 SQD NG . -19.96 43.29 -7.23
O48 SQD NG . -32.71 50.64 -1.42
C23 SQD NG . -32.09 50.58 -2.72
O10 SQD NG . -31.62 49.52 -3.08
C24 SQD NG . -32.03 51.83 -3.55
C25 SQD NG . -30.97 51.70 -4.63
C26 SQD NG . -31.05 52.79 -5.69
C27 SQD NG . -30.26 52.32 -6.92
C28 SQD NG . -30.32 53.30 -8.09
C29 SQD NG . -28.92 53.52 -8.65
C30 SQD NG . -28.90 53.41 -10.18
C31 SQD NG . -27.51 53.73 -10.74
C32 SQD NG . -27.55 54.51 -12.05
C33 SQD NG . -28.33 55.82 -11.95
C34 SQD NG . -27.48 56.98 -11.43
C35 SQD NG . -28.00 58.31 -11.96
C36 SQD NG . -27.01 58.94 -12.92
C37 SQD NG . -26.54 60.30 -12.39
C38 SQD NG . -25.03 60.46 -12.47
C1 SQD NG . -32.97 51.66 3.46
C2 SQD NG . -32.20 52.03 4.70
O2 SQD NG . -31.00 51.30 4.87
C3 SQD NG . -33.24 51.62 5.75
O3 SQD NG . -32.75 51.87 7.07
C4 SQD NG . -34.52 52.41 5.56
O4 SQD NG . -35.54 51.78 6.35
C5 SQD NG . -34.96 52.44 4.08
C6 SQD NG . -36.14 53.34 3.80
O5 SQD NG . -33.85 52.76 3.26
S SQD NG . -36.85 52.95 2.35
O7 SQD NG . -38.23 53.45 2.41
O8 SQD NG . -36.13 53.60 1.23
O9 SQD NG . -37.02 51.49 2.06
O1 LHG OG . -24.04 63.42 12.63
C1 LHG OG . -23.83 62.24 11.81
C2 LHG OG . -22.45 62.34 11.10
O2 LHG OG . -22.07 63.72 10.85
C3 LHG OG . -22.57 61.62 9.76
O3 LHG OG . -22.68 62.58 8.71
P LHG OG . -24.10 62.97 8.04
O4 LHG OG . -24.11 64.48 7.82
O5 LHG OG . -25.21 62.33 8.83
O6 LHG OG . -24.00 62.23 6.61
C4 LHG OG . -24.73 61.03 6.31
C5 LHG OG . -23.76 59.87 6.05
C6 LHG OG . -24.46 58.84 5.16
O7 LHG OG . -22.56 60.33 5.42
C7 LHG OG . -21.33 60.32 6.23
O9 LHG OG . -21.32 59.88 7.37
C8 LHG OG . -20.05 60.87 5.65
C9 LHG OG . -19.20 59.75 5.02
C10 LHG OG . -17.86 60.29 4.51
O8 LHG OG . -23.75 57.61 5.24
C23 LHG OG . -22.95 57.07 4.14
O10 LHG OG . -23.10 57.53 3.02
C24 LHG OG . -21.94 55.95 4.38
C11 LHG OG . -17.10 61.02 5.62
C12 LHG OG . -15.60 60.75 5.56
C13 LHG OG . -15.06 60.30 6.92
C14 LHG OG . -13.55 60.51 7.09
C15 LHG OG . -12.72 59.52 6.25
C16 LHG OG . -11.80 58.64 7.11
C17 LHG OG . -12.22 57.18 7.01
C18 LHG OG . -11.37 56.29 7.91
C19 LHG OG . -12.16 55.60 9.03
C20 LHG OG . -11.80 54.11 9.14
C21 LHG OG . -10.50 53.85 9.88
C22 LHG OG . -9.52 53.09 9.00
C25 LHG OG . -20.85 55.89 3.31
C26 LHG OG . -20.89 54.60 2.48
C27 LHG OG . -19.83 53.58 2.88
C28 LHG OG . -18.52 53.77 2.12
C29 LHG OG . -17.38 54.20 3.05
C1 LMG PG . -34.15 15.92 -33.39
O1 LMG PG . -35.04 16.55 -32.50
C2 LMG PG . -34.35 14.40 -33.41
O2 LMG PG . -34.19 13.78 -32.12
C3 LMG PG . -33.31 13.81 -34.36
O3 LMG PG . -33.61 12.42 -34.51
C4 LMG PG . -33.31 14.50 -35.75
O4 LMG PG . -34.44 14.07 -36.52
C5 LMG PG . -33.32 16.03 -35.62
O5 LMG PG . -33.35 18.17 -36.75
C6 LMG PG . -33.49 16.75 -36.97
O6 LMG PG . -34.37 16.40 -34.72
C7 LMG PG . -35.54 17.77 -33.01
C8 LMG PG . -35.88 18.67 -31.84
C9 LMG PG . -37.41 18.86 -31.83
O7 LMG PG . -35.39 18.10 -30.61
C10 LMG PG . -35.14 19.11 -29.58
O9 LMG PG . -35.14 20.28 -29.94
C11 LMG PG . -34.87 18.75 -28.11
C12 LMG PG . -34.54 20.04 -27.34
C13 LMG PG . -34.19 19.89 -25.85
C14 LMG PG . -32.86 20.57 -25.56
C15 LMG PG . -32.85 21.31 -24.24
C16 LMG PG . -31.55 22.09 -24.10
C17 LMG PG . -31.42 22.52 -22.65
C18 LMG PG . -31.49 24.00 -22.44
C19 LMG PG . -32.60 24.35 -21.45
C20 LMG PG . -33.18 25.71 -21.85
C21 LMG PG . -34.47 25.97 -21.10
C22 LMG PG . -34.84 27.44 -21.18
C23 LMG PG . -34.81 28.05 -19.78
C24 LMG PG . -34.52 29.54 -19.89
C25 LMG PG . -35.79 30.31 -20.14
O8 LMG PG . -37.76 20.17 -32.31
C28 LMG PG . -39.01 20.38 -33.00
O10 LMG PG . -39.41 19.52 -33.76
C29 LMG PG . -39.76 21.66 -32.78
C30 LMG PG . -38.79 22.63 -32.14
C31 LMG PG . -39.48 23.88 -31.65
C32 LMG PG . -38.52 24.53 -30.67
C33 LMG PG . -38.35 26.01 -30.96
C34 LMG PG . -37.16 26.62 -30.26
C35 LMG PG . -37.70 27.66 -29.33
C36 LMG PG . -36.60 28.45 -28.64
C37 LMG PG . -37.17 29.80 -28.19
C38 LMG PG . -36.25 30.58 -27.26
C39 LMG PG . -36.70 30.35 -25.82
C40 LMG PG . -35.99 31.31 -24.87
C41 LMG PG . -36.13 30.77 -23.45
C42 LMG PG . -35.47 31.72 -22.46
C43 LMG PG . -36.27 32.97 -22.21
C2 PL9 QG . -22.56 45.28 9.39
C3 PL9 QG . -22.45 43.91 9.10
C4 PL9 QG . -23.13 42.92 10.01
C5 PL9 QG . -23.92 43.38 11.21
C6 PL9 QG . -24.01 44.86 11.44
C1 PL9 QG . -23.28 45.77 10.49
C7 PL9 QG . -21.60 43.43 7.90
C8 PL9 QG . -21.81 44.27 6.66
C9 PL9 QG . -20.89 44.75 5.81
C10 PL9 QG . -19.41 44.54 5.95
C11 PL9 QG . -21.40 45.58 4.67
C12 PL9 QG . -21.35 47.05 5.09
C13 PL9 QG . -20.19 47.64 4.35
C14 PL9 QG . -20.28 48.71 3.54
C15 PL9 QG . -21.57 49.47 3.30
C16 PL9 QG . -19.02 49.16 2.86
C17 PL9 QG . -17.79 48.52 3.50
C18 PL9 QG . -16.96 49.65 4.05
C19 PL9 QG . -15.97 50.21 3.33
C20 PL9 QG . -15.64 49.75 1.94
C21 PL9 QG . -15.21 51.35 3.98
C22 PL9 QG . -13.87 50.87 4.51
C23 PL9 QG . -12.85 51.91 4.10
C24 PL9 QG . -11.84 52.31 4.88
C25 PL9 QG . -11.64 51.73 6.26
C26 PL9 QG . -10.93 53.37 4.32
C27 PL9 QG . -9.45 52.99 4.44
C28 PL9 QG . -8.83 53.85 5.52
C29 PL9 QG . -7.77 54.65 5.30
C30 PL9 QG . -7.14 54.71 3.94
C31 PL9 QG . -7.21 55.47 6.44
C32 PL9 QG . -6.29 56.52 5.84
C33 PL9 QG . -5.69 57.48 6.86
C34 PL9 QG . -6.15 58.73 7.10
C35 PL9 QG . -7.36 59.25 6.35
C36 PL9 QG . -5.43 59.61 8.09
C37 PL9 QG . -6.42 60.16 9.10
C38 PL9 QG . -5.70 60.92 10.19
C39 PL9 QG . -6.28 61.02 11.40
C40 PL9 QG . -7.61 60.36 11.65
C41 PL9 QG . -5.58 61.79 12.52
C42 PL9 QG . -5.34 60.86 13.70
C43 PL9 QG . -3.99 60.18 13.57
C44 PL9 QG . -3.25 59.93 14.67
C45 PL9 QG . -3.78 60.32 16.01
C46 PL9 QG . -1.90 59.25 14.55
C47 PL9 QG . -0.80 60.24 14.19
C48 PL9 QG . 0.50 59.50 14.01
C49 PL9 QG . 1.56 59.94 13.27
C50 PL9 QG . 2.80 59.09 13.18
C51 PL9 QG . 1.54 61.26 12.54
C52 PL9 QG . -24.62 42.36 12.12
C53 PL9 QG . -24.79 45.42 12.60
O1 PL9 QG . -23.04 41.70 9.78
O2 PL9 QG . -23.34 47.01 10.65
O9 UNL RG . -50.70 10.34 -4.99
C7 UNL RG . -51.78 9.78 -4.78
C8 UNL RG . -52.43 9.04 -5.93
C9 UNL RG . -51.38 8.37 -6.82
C10 UNL RG . -51.86 7.93 -8.21
C11 UNL RG . -50.70 7.68 -9.20
C12 UNL RG . -50.93 8.32 -10.58
C13 UNL RG . -49.69 8.49 -11.49
C14 UNL RG . -49.64 9.80 -12.31
C15 UNL RG . -50.49 9.84 -13.58
C16 UNL RG . -51.91 10.37 -13.30
C17 UNL RG . -52.84 10.33 -14.51
C18 UNL RG . -54.28 9.96 -14.15
C19 UNL RG . -55.31 10.78 -14.94
C20 UNL RG . -56.14 9.96 -15.94
C21 UNL RG . -56.90 10.86 -16.93
C22 UNL RG . -56.92 10.36 -18.37
O7 UNL RG . -52.38 9.87 -3.43
C5 UNL RG . -51.84 10.80 -2.46
C4 UNL RG . -52.96 11.50 -1.67
O6 UNL RG . -53.05 12.88 -2.09
C6 UNL RG . -50.81 10.16 -1.51
O8 UNL RG . -50.20 8.98 -2.07
C23 UNL RG . -48.83 8.78 -2.58
O10 UNL RG . -47.95 8.53 -1.77
C24 UNL RG . -48.55 8.84 -4.09
C25 UNL RG . -47.13 8.54 -4.61
C26 UNL RG . -47.01 9.10 -6.04
C27 UNL RG . -46.27 8.16 -6.99
C28 UNL RG . -45.20 8.84 -7.86
C29 UNL RG . -44.49 7.87 -8.80
C30 UNL RG . -43.04 7.49 -8.45
C31 UNL RG . -42.49 6.46 -9.45
C32 UNL RG . -40.97 6.18 -9.44
C33 UNL RG . -40.58 5.07 -10.45
C34 UNL RG . -39.17 5.14 -11.08
C35 UNL RG . -39.16 5.06 -12.61
C36 UNL RG . -37.77 4.82 -13.24
C37 UNL RG . -37.68 5.21 -14.73
C38 UNL RG . -36.35 4.86 -15.42
C10 UNL SG . -60.38 13.98 -15.36
C9 UNL SG . -59.54 15.23 -15.13
C8 UNL SG . -58.09 14.99 -15.53
C7 UNL SG . -57.56 16.13 -16.41
C6 UNL SG . -56.04 16.24 -16.56
C5 UNL SG . -55.31 14.93 -16.86
C4 UNL SG . -53.96 15.17 -17.54
C3 UNL SG . -53.06 13.94 -17.48
C2 UNL SG . -51.66 14.23 -18.05
C1 UNL SG . -50.86 12.97 -18.39
C1 GOL TG . -18.01 1.21 -24.67
O1 GOL TG . -16.65 1.71 -24.46
C2 GOL TG . -18.18 -0.30 -24.89
O2 GOL TG . -17.71 -0.68 -26.19
C3 GOL TG . -19.67 -0.67 -24.86
O3 GOL TG . -20.36 -0.16 -26.04
C1 GOL UG . -3.77 6.52 -12.83
O1 GOL UG . -4.84 5.56 -12.85
C2 GOL UG . -4.33 7.91 -12.86
O2 GOL UG . -5.36 7.95 -11.87
C3 GOL UG . -3.17 8.89 -12.52
O3 GOL UG . -2.80 9.62 -13.71
C1 GOL VG . 9.42 48.94 -24.57
O1 GOL VG . 9.05 48.60 -23.21
C2 GOL VG . 9.84 47.75 -25.48
O2 GOL VG . 10.15 46.56 -24.74
C3 GOL VG . 8.75 47.50 -26.53
O3 GOL VG . 8.91 46.20 -27.14
C1 HTG WG . 29.94 1.32 21.16
S1 HTG WG . 28.88 0.79 22.47
C2 HTG WG . 31.20 1.96 21.72
O2 HTG WG . 30.83 3.10 22.49
C3 HTG WG . 32.13 2.44 20.61
O3 HTG WG . 33.38 2.80 21.19
C4 HTG WG . 32.40 1.39 19.52
O4 HTG WG . 32.94 2.07 18.37
C5 HTG WG . 31.12 0.59 19.18
O5 HTG WG . 30.33 0.21 20.34
C6 HTG WG . 31.40 -0.68 18.35
O6 HTG WG . 30.12 -1.27 17.98
C1' HTG WG . 27.45 0.10 21.68
C2' HTG WG . 26.46 -0.18 22.81
C3' HTG WG . 25.31 -1.10 22.44
C4' HTG WG . 24.19 -0.73 23.40
C5' HTG WG . 23.01 -1.64 23.30
C6' HTG WG . 22.42 -1.85 24.70
C7' HTG WG . 21.06 -1.20 24.89
C1 HTG XG . 32.96 4.90 25.65
S1 HTG XG . 31.92 3.49 25.26
C2 HTG XG . 34.16 5.06 24.70
O2 HTG XG . 34.98 3.89 24.65
C3 HTG XG . 34.97 6.28 25.13
O3 HTG XG . 36.13 6.45 24.31
C4 HTG XG . 34.09 7.52 25.08
O4 HTG XG . 34.83 8.72 25.39
C5 HTG XG . 32.88 7.34 26.00
O5 HTG XG . 32.18 6.12 25.66
C6 HTG XG . 31.89 8.51 25.91
O6 HTG XG . 31.60 8.75 24.53
C1' HTG XG . 30.52 3.54 26.37
C2' HTG XG . 29.44 2.47 26.18
C3' HTG XG . 28.18 2.86 26.96
C4' HTG XG . 27.02 1.89 26.76
C5' HTG XG . 25.82 2.27 27.65
C6' HTG XG . 24.52 2.19 26.85
C7' HTG XG . 23.30 1.96 27.70
CA CA YG . 12.53 2.74 -14.75
MG CLA ZG . 29.43 44.38 20.23
CHA CLA ZG . 32.75 45.55 20.70
CHB CLA ZG . 29.53 43.20 23.41
CHC CLA ZG . 25.96 44.21 20.04
CHD CLA ZG . 29.30 46.40 17.07
NA CLA ZG . 30.88 44.38 21.86
C1A CLA ZG . 32.11 44.75 21.77
C2A CLA ZG . 32.90 44.38 22.99
C3A CLA ZG . 31.96 43.49 23.78
C4A CLA ZG . 30.70 43.68 22.98
CMA CLA ZG . 32.48 42.05 23.81
CAA CLA ZG . 33.26 45.62 23.82
CBA CLA ZG . 32.11 46.61 23.94
CGA CLA ZG . 32.53 47.77 24.82
O1A CLA ZG . 31.65 48.41 25.37
O2A CLA ZG . 33.94 48.11 25.07
NB CLA ZG . 28.01 43.81 21.52
C1B CLA ZG . 28.20 43.29 22.75
C2B CLA ZG . 26.99 42.77 23.40
C3B CLA ZG . 25.96 43.05 22.39
C4B CLA ZG . 26.69 43.72 21.26
CMB CLA ZG . 26.83 42.08 24.73
CAB CLA ZG . 24.48 42.73 22.45
CBB CLA ZG . 23.84 42.22 21.38
NC CLA ZG . 27.88 45.20 18.83
C1C CLA ZG . 26.56 44.92 18.89
C2C CLA ZG . 25.78 45.39 17.71
C3C CLA ZG . 26.80 46.01 16.87
C4C CLA ZG . 28.06 45.85 17.67
CMC CLA ZG . 24.30 45.24 17.40
CAC CLA ZG . 26.67 46.69 15.53
CBC CLA ZG . 27.13 45.73 14.47
ND CLA ZG . 30.57 45.75 19.06
C1D CLA ZG . 30.53 46.37 17.87
C2D CLA ZG . 31.79 47.05 17.50
C3D CLA ZG . 32.66 46.69 18.65
C4D CLA ZG . 31.89 45.93 19.54
CMD CLA ZG . 32.03 47.84 16.24
CAD CLA ZG . 34.04 46.87 19.24
OBD CLA ZG . 35.00 47.50 18.68
CBD CLA ZG . 34.14 46.06 20.46
CGD CLA ZG . 35.15 44.94 20.27
O1D CLA ZG . 35.74 44.45 21.23
O2D CLA ZG . 35.41 44.37 18.96
CED CLA ZG . 36.28 43.23 18.81
C1 CLA ZG . 34.81 48.80 24.14
C2 CLA ZG . 34.01 49.59 23.13
C3 CLA ZG . 34.41 49.88 21.87
C4 CLA ZG . 35.75 49.42 21.37
C5 CLA ZG . 33.46 50.68 21.00
C6 CLA ZG . 32.37 49.79 20.41
C7 CLA ZG . 31.04 49.85 21.17
C8 CLA ZG . 30.01 48.77 20.78
C9 CLA ZG . 29.08 49.26 19.68
C10 CLA ZG . 29.23 48.25 22.00
C11 CLA ZG . 27.76 47.89 21.77
C12 CLA ZG . 27.22 47.09 22.96
C13 CLA ZG . 25.76 47.39 23.35
C14 CLA ZG . 25.58 48.71 24.14
C15 CLA ZG . 25.18 46.13 24.05
C16 CLA ZG . 24.04 46.35 25.06
C17 CLA ZG . 23.56 45.06 25.75
C18 CLA ZG . 22.27 45.33 26.54
C19 CLA ZG . 22.53 46.09 27.84
C20 CLA ZG . 21.46 44.07 26.84
MG CLA AH . 22.29 37.14 19.14
CHA CLA AH . 20.40 36.57 16.35
CHB CLA AH . 25.10 37.05 17.09
CHC CLA AH . 24.12 38.81 21.63
CHD CLA AH . 19.23 37.92 20.99
NA CLA AH . 22.72 36.76 17.14
C1A CLA AH . 21.86 36.54 16.22
C2A CLA AH . 22.48 36.25 14.88
C3A CLA AH . 23.93 35.99 15.22
C4A CLA AH . 23.93 36.64 16.56
CMA CLA AH . 24.34 34.54 15.50
CAA CLA AH . 22.27 37.39 13.86
CBA CLA AH . 22.61 36.88 12.45
CGA CLA AH . 21.36 36.23 11.83
O1A CLA AH . 21.37 35.18 11.20
O2A CLA AH . 20.08 36.85 12.02
NB CLA AH . 24.28 37.82 19.32
C1B CLA AH . 25.27 37.69 18.41
C2B CLA AH . 26.58 38.26 18.86
C3B CLA AH . 26.26 38.74 20.21
C4B CLA AH . 24.80 38.45 20.40
CMB CLA AH . 27.85 38.21 18.01
CAB CLA AH . 27.08 39.48 21.25
CBB CLA AH . 28.20 40.07 20.85
NC CLA AH . 21.77 38.25 20.98
C1C CLA AH . 22.67 38.72 21.92
C2C CLA AH . 22.06 39.18 23.16
C3C CLA AH . 20.61 38.90 22.94
C4C CLA AH . 20.56 38.34 21.55
CMC CLA AH . 22.77 39.78 24.37
CAC CLA AH . 19.44 39.14 23.85
CBC CLA AH . 19.06 37.94 24.69
ND CLA AH . 20.25 37.31 18.91
C1D CLA AH . 19.15 37.55 19.58
C2D CLA AH . 17.90 37.33 18.82
C3D CLA AH . 18.44 36.95 17.53
C4D CLA AH . 19.83 36.97 17.65
CMD CLA AH . 16.51 37.52 19.37
CAD CLA AH . 18.04 36.55 16.15
OBD CLA AH . 16.81 36.48 15.70
CBD CLA AH . 19.28 36.28 15.42
CGD CLA AH . 19.31 34.77 15.14
O1D CLA AH . 18.95 33.93 15.92
O2D CLA AH . 19.58 34.33 13.87
CED CLA AH . 19.51 32.92 13.54
C1 CLA AH . 18.89 36.32 11.38
C2 CLA AH . 17.75 36.94 12.14
C3 CLA AH . 17.36 38.21 11.89
C4 CLA AH . 18.08 39.06 10.86
C5 CLA AH . 16.22 38.79 12.70
C6 CLA AH . 14.97 39.03 11.85
C7 CLA AH . 14.03 39.97 12.59
C8 CLA AH . 12.63 39.84 12.03
C9 CLA AH . 12.60 40.35 10.58
C10 CLA AH . 11.58 40.55 12.92
C11 CLA AH . 10.11 40.46 12.45
C12 CLA AH . 9.64 38.99 12.50
C13 CLA AH . 8.11 38.85 12.54
C14 CLA AH . 7.62 37.48 13.04
C15 CLA AH . 7.57 39.10 11.17
C16 CLA AH . 8.19 38.37 10.01
C17 CLA AH . 7.20 38.62 8.85
C18 CLA AH . 7.69 37.75 7.71
C19 CLA AH . 7.64 38.38 6.31
C20 CLA AH . 6.88 36.47 7.70
MG CLA BH . 20.60 28.83 20.29
CHA CLA BH . 21.31 26.81 17.45
CHB CLA BH . 19.91 31.38 18.03
CHC CLA BH . 18.91 30.51 22.73
CHD CLA BH . 20.80 25.94 22.32
NA CLA BH . 20.54 29.04 18.12
C1A CLA BH . 20.93 28.21 17.21
C2A CLA BH . 20.79 28.69 15.81
C3A CLA BH . 20.71 30.18 16.04
C4A CLA BH . 20.36 30.22 17.48
CMA CLA BH . 22.12 30.75 15.78
CAA CLA BH . 19.46 28.15 15.18
CBA CLA BH . 18.22 28.48 16.03
CGA CLA BH . 17.55 29.80 15.69
O1A CLA BH . 17.66 30.40 14.60
O2A CLA BH . 16.67 30.35 16.65
NB CLA BH . 19.60 30.61 20.33
C1B CLA BH . 19.41 31.54 19.39
C2B CLA BH . 18.64 32.73 19.84
C3B CLA BH . 18.38 32.42 21.22
C4B CLA BH . 19.00 31.08 21.42
CMB CLA BH . 18.27 33.92 18.96
CAB CLA BH . 17.68 33.11 22.35
CBB CLA BH . 17.56 34.45 22.26
NC CLA BH . 19.98 28.35 22.14
C1C CLA BH . 19.32 29.11 23.05
C2C CLA BH . 18.98 28.47 24.31
C3C CLA BH . 19.57 27.13 24.13
C4C CLA BH . 20.17 27.17 22.78
CMC CLA BH . 18.23 28.99 25.50
CAC CLA BH . 19.56 26.03 25.13
CBC CLA BH . 18.33 25.15 24.84
ND CLA BH . 20.93 26.76 20.10
C1D CLA BH . 21.01 25.72 20.90
C2D CLA BH . 21.38 24.47 20.24
C3D CLA BH . 21.50 24.93 18.85
C4D CLA BH . 21.23 26.31 18.84
CMD CLA BH . 21.54 23.10 20.86
CAD CLA BH . 21.72 24.49 17.46
OBD CLA BH . 22.04 23.30 17.08
CBD CLA BH . 21.63 25.69 16.56
CGD CLA BH . 22.92 25.94 15.90
O1D CLA BH . 23.16 25.79 14.72
O2D CLA BH . 24.08 25.91 16.74
CED CLA BH . 25.35 25.66 16.06
C1 CLA BH . 15.97 31.57 16.34
C2 CLA BH . 15.55 32.01 17.73
C3 CLA BH . 14.88 33.15 17.96
C4 CLA BH . 14.51 34.11 16.84
C5 CLA BH . 14.60 33.43 19.42
C6 CLA BH . 13.18 33.76 19.75
C7 CLA BH . 13.17 34.17 21.22
C8 CLA BH . 13.00 35.68 21.34
C9 CLA BH . 13.52 36.08 22.71
C10 CLA BH . 11.52 36.11 21.24
C11 CLA BH . 11.29 37.62 20.95
C12 CLA BH . 9.82 38.04 20.94
C13 CLA BH . 9.61 39.52 20.69
C14 CLA BH . 8.12 39.82 20.76
C15 CLA BH . 10.26 39.98 19.37
C16 CLA BH . 9.92 41.43 18.99
C17 CLA BH . 10.76 42.40 19.82
C18 CLA BH . 10.26 43.83 19.65
C19 CLA BH . 10.85 44.41 18.37
C20 CLA BH . 10.66 44.69 20.85
MG CLA CH . 10.80 22.54 13.74
CHA CLA CH . 14.16 23.23 14.63
CHB CLA CH . 11.77 19.25 13.15
CHC CLA CH . 7.44 21.52 13.78
CHD CLA CH . 9.78 25.65 14.98
NA CLA CH . 12.72 21.36 13.82
C1A CLA CH . 13.92 21.84 14.14
C2A CLA CH . 15.04 20.83 14.00
C3A CLA CH . 14.21 19.54 13.63
C4A CLA CH . 12.80 20.05 13.51
CMA CLA CH . 14.71 18.88 12.37
CAA CLA CH . 15.94 20.66 15.24
CBA CLA CH . 15.07 20.41 16.48
CGA CLA CH . 15.95 20.04 17.65
O1A CLA CH . 17.08 19.58 17.57
O2A CLA CH . 15.43 20.20 18.93
NB CLA CH . 9.79 20.71 13.52
C1B CLA CH . 10.32 19.50 13.25
C2B CLA CH . 9.31 18.44 13.01
C3B CLA CH . 8.06 19.14 13.22
C4B CLA CH . 8.46 20.56 13.51
CMB CLA CH . 9.57 16.98 12.73
CAB CLA CH . 6.61 18.69 13.16
CBB CLA CH . 6.31 17.70 12.33
NC CLA CH . 8.92 23.41 14.29
C1C CLA CH . 7.68 22.91 14.22
C2C CLA CH . 6.59 23.83 14.62
C3C CLA CH . 7.34 25.04 14.97
C4C CLA CH . 8.74 24.67 14.72
CMC CLA CH . 5.14 23.60 14.72
CAC CLA CH . 6.73 26.33 15.51
CBC CLA CH . 6.10 27.10 14.34
ND CLA CH . 11.63 24.07 14.64
C1D CLA CH . 11.19 25.29 15.03
C2D CLA CH . 12.26 26.23 15.46
C3D CLA CH . 13.43 25.36 15.31
C4D CLA CH . 13.00 24.09 14.81
CMD CLA CH . 12.17 27.66 15.97
CAD CLA CH . 14.87 25.34 15.50
OBD CLA CH . 15.60 26.28 15.91
CBD CLA CH . 15.35 23.94 15.22
CGD CLA CH . 16.44 24.12 14.26
O1D CLA CH . 17.65 23.98 14.51
O2D CLA CH . 16.14 24.67 12.98
CED CLA CH . 17.16 25.01 12.03
C1 CLA CH . 16.26 19.78 19.98
C2 CLA CH . 15.56 19.88 21.29
C3 CLA CH . 15.30 21.00 21.97
C4 CLA CH . 15.66 22.37 21.52
C5 CLA CH . 14.61 20.87 23.32
C6 CLA CH . 15.61 21.46 24.31
C7 CLA CH . 15.63 20.53 25.49
C8 CLA CH . 16.57 21.06 26.52
C9 CLA CH . 17.84 20.22 26.42
C10 CLA CH . 15.82 20.97 27.85
C11 CLA CH . 16.71 21.40 29.01
C12 CLA CH . 15.93 21.60 30.31
C13 CLA CH . 16.87 21.71 31.52
C14 CLA CH . 16.06 21.70 32.80
C15 CLA CH . 17.71 22.99 31.46
C16 CLA CH . 18.69 23.18 32.62
C17 CLA CH . 20.14 23.15 32.15
C18 CLA CH . 21.15 23.31 33.30
C19 CLA CH . 20.60 24.41 34.20
C20 CLA CH . 22.55 23.65 32.81
MG CLA DH . 17.31 15.99 21.16
CHA CLA DH . 17.81 16.58 17.65
CHB CLA DH . 20.65 16.59 21.53
CHC CLA DH . 16.80 16.42 24.58
CHD CLA DH . 13.91 16.26 20.66
NA CLA DH . 18.96 16.46 19.83
C1A CLA DH . 19.01 16.59 18.53
C2A CLA DH . 20.37 16.93 17.90
C3A CLA DH . 21.20 16.61 19.13
C4A CLA DH . 20.24 16.55 20.24
CMA CLA DH . 21.90 15.25 18.95
CAA CLA DH . 20.56 18.40 17.41
CBA CLA DH . 20.04 19.35 18.48
CGA CLA DH . 19.67 20.67 17.86
O1A CLA DH . 19.95 21.01 16.73
O2A CLA DH . 18.94 21.56 18.69
NB CLA DH . 18.56 16.48 22.76
C1B CLA DH . 19.88 16.55 22.76
C2B CLA DH . 20.47 16.72 24.12
C3B CLA DH . 19.32 16.66 24.98
C4B CLA DH . 18.14 16.51 24.04
CMB CLA DH . 21.94 16.89 24.54
CAB CLA DH . 19.35 16.81 26.49
CBB CLA DH . 18.69 16.16 27.40
NC CLA DH . 15.69 16.31 22.42
C1C CLA DH . 15.59 16.41 23.75
C2C CLA DH . 14.23 16.49 24.29
C3C CLA DH . 13.39 16.39 23.10
C4C CLA DH . 14.39 16.30 22.02
CMC CLA DH . 13.74 16.64 25.70
CAC CLA DH . 11.89 16.47 23.12
CBC CLA DH . 11.42 17.94 22.92
ND CLA DH . 16.01 16.32 19.59
C1D CLA DH . 14.71 16.40 19.48
C2D CLA DH . 14.23 16.54 18.11
C3D CLA DH . 15.48 16.59 17.40
C4D CLA DH . 16.52 16.53 18.33
CMD CLA DH . 12.82 16.61 17.51
CAD CLA DH . 16.09 16.72 16.08
OBD CLA DH . 15.44 16.82 14.99
CBD CLA DH . 17.58 16.57 16.19
CGD CLA DH . 18.12 15.24 15.70
O1D CLA DH . 19.16 15.15 15.05
O2D CLA DH . 17.42 14.02 16.04
CED CLA DH . 18.04 12.75 15.76
C1 CLA DH . 18.51 22.79 18.08
C2 CLA DH . 17.93 23.54 19.25
C3 CLA DH . 17.70 24.87 19.23
C4 CLA DH . 18.01 25.64 17.99
C5 CLA DH . 17.18 25.51 20.52
C6 CLA DH . 16.40 26.79 20.32
C7 CLA DH . 16.09 27.44 21.68
C8 CLA DH . 15.09 28.60 21.49
C9 CLA DH . 15.56 29.57 20.41
C10 CLA DH . 14.87 29.27 22.84
C11 CLA DH . 13.64 30.20 22.93
C12 CLA DH . 13.24 30.31 24.39
C13 CLA DH . 14.37 30.86 25.29
C14 CLA DH . 13.82 30.67 26.68
C15 CLA DH . 14.68 32.32 24.95
C16 CLA DH . 15.50 33.14 26.01
C17 CLA DH . 16.91 32.65 26.00
C18 CLA DH . 17.91 33.42 26.84
C19 CLA DH . 18.18 34.82 26.29
C20 CLA DH . 19.23 32.64 26.78
MG CLA EH . 27.02 19.24 23.73
CHA CLA EH . 28.32 15.94 22.89
CHB CLA EH . 24.27 18.42 21.89
CHC CLA EH . 25.08 21.66 25.58
CHD CLA EH . 29.46 19.43 26.31
NA CLA EH . 26.34 17.38 22.55
C1A CLA EH . 27.05 16.37 22.23
C2A CLA EH . 26.36 15.46 21.21
C3A CLA EH . 25.17 16.33 20.84
C4A CLA EH . 25.23 17.48 21.81
CMA CLA EH . 25.33 16.84 19.42
CAA CLA EH . 26.03 14.09 21.88
CBA CLA EH . 25.11 14.09 23.11
CGA CLA EH . 23.65 13.75 22.86
O1A CLA EH . 23.12 13.64 21.75
O2A CLA EH . 22.80 13.55 23.96
NB CLA EH . 25.02 19.91 23.78
C1B CLA EH . 24.05 19.50 22.87
C2B CLA EH . 22.78 20.24 22.96
C3B CLA EH . 23.03 21.19 24.06
C4B CLA EH . 24.44 20.90 24.49
CMB CLA EH . 21.51 20.07 22.12
CAB CLA EH . 22.18 22.26 24.66
CBB CLA EH . 20.84 22.19 24.83
NC CLA EH . 27.19 20.36 25.59
C1C CLA EH . 26.36 21.25 26.15
C2C CLA EH . 26.85 21.84 27.42
C3C CLA EH . 28.15 21.17 27.61
C4C CLA EH . 28.26 20.28 26.43
CMC CLA EH . 26.10 22.88 28.18
CAC CLA EH . 29.14 21.32 28.75
CBC CLA EH . 28.68 20.34 29.81
ND CLA EH . 28.53 18.03 24.54
C1D CLA EH . 29.48 18.21 25.51
C2D CLA EH . 30.50 17.15 25.57
C3D CLA EH . 30.02 16.26 24.51
C4D CLA EH . 28.86 16.82 23.97
CMD CLA EH . 31.73 17.01 26.47
CAD CLA EH . 30.29 14.98 23.84
OBD CLA EH . 31.26 14.20 24.08
CBD CLA EH . 29.22 14.78 22.81
CGD CLA EH . 29.82 14.73 21.46
O1D CLA EH . 30.84 15.31 21.16
O2D CLA EH . 29.38 13.67 20.59
CED CLA EH . 30.01 13.57 19.33
C1 CLA EH . 21.40 13.36 23.86
C2 CLA EH . 20.88 13.17 25.25
C3 CLA EH . 19.64 12.75 25.52
C4 CLA EH . 18.66 12.40 24.42
C5 CLA EH . 19.22 12.59 26.93
C6 CLA EH . 19.19 11.12 27.35
C7 CLA EH . 19.12 11.03 28.90
C8 CLA EH . 18.60 9.70 29.49
C9 CLA EH . 19.06 9.45 30.96
C10 CLA EH . 18.91 8.53 28.61
C11 CLA EH . 20.44 8.24 28.60
C12 CLA EH . 20.91 7.39 27.40
C13 CLA EH . 22.34 6.85 27.35
C14 CLA EH . 22.22 5.35 27.63
C15 CLA EH . 23.40 7.58 28.22
C16 CLA EH . 24.75 7.82 27.51
C17 CLA EH . 26.06 7.47 28.27
C18 CLA EH . 27.24 8.40 27.92
C19 CLA EH . 28.56 7.69 27.60
C20 CLA EH . 27.48 9.49 28.98
MG CLA FH . 10.67 13.41 7.06
CHA CLA FH . 11.55 11.66 4.08
CHB CLA FH . 11.54 16.32 5.44
CHC CLA FH . 8.75 15.34 9.42
CHD CLA FH . 8.94 10.50 8.22
NA CLA FH . 11.55 13.95 5.09
C1A CLA FH . 11.81 13.14 4.09
C2A CLA FH . 12.33 13.84 2.84
C3A CLA FH . 12.65 15.23 3.43
C4A CLA FH . 11.91 15.18 4.74
CMA CLA FH . 14.15 15.42 3.72
CAA CLA FH . 11.18 13.88 1.79
CBA CLA FH . 9.96 14.64 2.30
CGA CLA FH . 8.79 14.55 1.34
O1A CLA FH . 8.75 13.87 0.31
O2A CLA FH . 7.65 15.24 1.78
NB CLA FH . 10.21 15.47 7.36
C1B CLA FH . 10.68 16.48 6.62
C2B CLA FH . 10.31 17.84 7.17
C3B CLA FH . 9.53 17.54 8.34
C4B CLA FH . 9.49 16.03 8.36
CMB CLA FH . 10.72 19.16 6.60
CAB CLA FH . 8.75 18.38 9.32
CBB CLA FH . 9.25 19.53 9.76
NC CLA FH . 9.14 13.01 8.58
C1C CLA FH . 8.47 13.87 9.37
C2C CLA FH . 7.51 13.23 10.27
C3C CLA FH . 7.60 11.79 9.91
C4C CLA FH . 8.64 11.78 8.86
CMC CLA FH . 6.64 13.91 11.29
CAC CLA FH . 6.73 10.66 10.47
CBC CLA FH . 5.53 10.54 9.49
ND CLA FH . 10.21 11.45 6.39
C1D CLA FH . 9.62 10.40 6.93
C2D CLA FH . 9.80 9.17 6.15
C3D CLA FH . 10.55 9.71 4.99
C4D CLA FH . 10.76 11.09 5.19
CMD CLA FH . 9.29 7.74 6.42
CAD CLA FH . 11.17 9.35 3.71
OBD CLA FH . 11.21 8.22 3.19
CBD CLA FH . 11.68 10.60 3.03
CGD CLA FH . 13.12 10.29 2.80
O1D CLA FH . 13.75 10.57 1.81
O2D CLA FH . 13.83 9.75 3.92
CED CLA FH . 15.19 9.30 3.77
C1 CLA FH . 6.46 15.18 0.99
C2 CLA FH . 5.54 16.21 1.63
C3 CLA FH . 4.27 16.40 1.21
C4 CLA FH . 3.69 15.53 0.11
C5 CLA FH . 3.43 17.49 1.87
C6 CLA FH . 2.30 16.88 2.70
C7 CLA FH . 1.16 17.93 2.74
C8 CLA FH . 0.00 17.51 3.63
C9 CLA FH . -0.55 16.12 3.23
C10 CLA FH . -1.09 18.57 3.55
C11 CLA FH . -2.32 18.24 4.42
C12 CLA FH . -3.42 19.29 4.13
C13 CLA FH . -4.54 19.26 5.16
C14 CLA FH . -5.08 17.82 5.32
C15 CLA FH . -5.61 20.29 4.84
C16 CLA FH . -6.57 20.54 5.99
C17 CLA FH . -7.66 21.56 5.65
C18 CLA FH . -8.55 21.91 6.87
C19 CLA FH . -9.76 22.69 6.40
C20 CLA FH . -7.85 22.71 7.99
MG CLA GH . 0.79 40.01 18.95
CHA CLA GH . 0.05 40.27 22.42
CHB CLA GH . -2.42 41.22 18.45
CHC CLA GH . 1.55 40.39 15.70
CHD CLA GH . 4.20 39.49 19.74
NA CLA GH . -0.90 40.74 20.22
C1A CLA GH . -1.02 40.70 21.52
C2A CLA GH . -2.40 41.02 22.05
C3A CLA GH . -3.20 40.95 20.78
C4A CLA GH . -2.13 41.00 19.74
CMA CLA GH . -3.94 39.60 20.70
CAA CLA GH . -2.45 42.47 22.68
CBA CLA GH . -1.90 43.57 21.77
CGA CLA GH . -0.41 43.68 21.64
O1A CLA GH . 0.42 43.38 22.49
O2A CLA GH . 0.11 44.15 20.43
NB CLA GH . -0.31 40.70 17.32
C1B CLA GH . -1.56 41.13 17.26
C2B CLA GH . -2.00 41.53 15.91
C3B CLA GH . -0.81 41.28 15.09
C4B CLA GH . 0.19 40.79 16.11
CMB CLA GH . -3.33 42.10 15.53
CAB CLA GH . -0.52 41.46 13.65
CBB CLA GH . -1.50 41.35 12.71
NC CLA GH . 2.54 39.96 17.90
C1C CLA GH . 2.69 40.12 16.57
C2C CLA GH . 4.07 39.94 16.08
C3C CLA GH . 4.79 39.66 17.31
C4C CLA GH . 3.76 39.71 18.35
CMC CLA GH . 4.55 40.02 14.67
CAC CLA GH . 6.27 39.44 17.45
CBC CLA GH . 6.55 37.94 17.56
ND CLA GH . 2.00 40.04 20.60
C1D CLA GH . 3.23 39.60 20.83
C2D CLA GH . 3.51 39.27 22.24
C3D CLA GH . 2.22 39.58 22.85
C4D CLA GH . 1.37 40.00 21.82
CMD CLA GH . 4.80 38.75 22.88
CAD CLA GH . 1.50 39.53 24.11
OBD CLA GH . 1.97 39.16 25.25
CBD CLA GH . 0.16 40.11 23.87
CGD CLA GH . -0.87 39.17 24.38
O1D CLA GH . -1.13 38.09 23.84
O2D CLA GH . -1.52 39.44 25.60
CED CLA GH . -2.44 38.47 26.09
C1 CLA GH . 1.50 44.18 20.18
C2 CLA GH . 1.77 45.28 19.19
C3 CLA GH . 1.96 45.15 17.86
C4 CLA GH . 1.91 43.83 17.11
C5 CLA GH . 2.29 46.41 17.07
C6 CLA GH . 3.78 46.37 16.73
C7 CLA GH . 4.22 47.70 16.07
C8 CLA GH . 5.75 47.68 15.91
C9 CLA GH . 6.43 47.98 17.25
C10 CLA GH . 6.12 48.62 14.77
C11 CLA GH . 7.60 48.45 14.37
C12 CLA GH . 7.97 49.32 13.16
C13 CLA GH . 9.35 48.90 12.63
C14 CLA GH . 10.45 49.25 13.61
C15 CLA GH . 9.66 49.54 11.30
C16 CLA GH . 10.91 48.90 10.68
C17 CLA GH . 10.57 47.83 9.64
C18 CLA GH . 11.82 47.20 9.04
C19 CLA GH . 12.72 48.16 8.24
C20 CLA GH . 11.38 46.05 8.13
MG CLA HH . 11.64 40.80 31.04
CHA CLA HH . 8.91 42.66 32.38
CHB CLA HH . 9.37 38.83 29.48
CHC CLA HH . 14.19 39.71 28.75
CHD CLA HH . 13.86 43.46 31.99
NA CLA HH . 9.49 40.76 30.93
C1A CLA HH . 8.62 41.42 31.58
C2A CLA HH . 7.23 40.88 31.55
C3A CLA HH . 7.45 39.51 30.87
C4A CLA HH . 8.84 39.66 30.39
CMA CLA HH . 7.36 38.37 31.88
CAA CLA HH . 6.24 41.86 30.85
CBA CLA HH . 6.70 42.19 29.44
CGA CLA HH . 5.76 43.18 28.80
O1A CLA HH . 4.93 43.91 29.38
O2A CLA HH . 5.88 43.30 27.37
NB CLA HH . 11.74 39.50 29.34
C1B CLA HH . 10.73 38.75 28.91
C2B CLA HH . 11.11 37.81 27.79
C3B CLA HH . 12.52 38.10 27.60
C4B CLA HH . 12.83 39.16 28.66
CMB CLA HH . 10.23 36.86 27.00
CAB CLA HH . 13.56 37.58 26.66
CBB CLA HH . 13.78 36.29 26.66
NC CLA HH . 13.67 41.46 30.46
C1C CLA HH . 14.57 40.87 29.64
C2C CLA HH . 15.92 41.40 29.70
C3C CLA HH . 15.83 42.52 30.66
C4C CLA HH . 14.40 42.45 31.08
CMC CLA HH . 17.10 40.93 28.92
CAC CLA HH . 16.98 43.44 31.12
CBC CLA HH . 17.42 42.92 32.49
ND CLA HH . 11.53 42.72 31.88
C1D CLA HH . 12.43 43.60 32.33
C2D CLA HH . 11.84 44.66 33.18
C3D CLA HH . 10.43 44.26 33.24
C4D CLA HH . 10.32 43.09 32.42
CMD CLA HH . 12.56 45.80 33.85
CAD CLA HH . 9.06 44.57 33.76
OBD CLA HH . 8.71 45.52 34.53
CBD CLA HH . 8.15 43.43 33.37
CGD CLA HH . 7.98 42.56 34.56
O1D CLA HH . 6.87 42.31 35.01
O2D CLA HH . 9.14 42.22 35.38
CED CLA HH . 8.81 41.48 36.51
C1 CLA HH . 5.04 44.22 26.67
C2 CLA HH . 5.11 43.84 25.21
C3 CLA HH . 4.06 43.24 24.61
C4 CLA HH . 2.85 42.90 25.40
C5 CLA HH . 4.10 42.88 23.12
C6 CLA HH . 5.37 43.31 22.39
C7 CLA HH . 5.07 43.11 20.88
C8 CLA HH . 6.22 43.51 19.96
C9 CLA HH . 6.61 45.01 20.10
C10 CLA HH . 5.69 43.25 18.54
C11 CLA HH . 6.74 43.62 17.47
C12 CLA HH . 6.29 43.16 16.08
C13 CLA HH . 7.01 43.82 14.92
C14 CLA HH . 6.46 43.20 13.63
C15 CLA HH . 8.52 43.60 15.02
C16 CLA HH . 9.23 44.39 13.92
C17 CLA HH . 10.77 44.25 14.08
C18 CLA HH . 11.55 45.05 13.00
C19 CLA HH . 11.33 44.47 11.60
C20 CLA HH . 13.04 45.10 13.31
MG CLA IH . 6.55 34.17 28.31
CHA CLA IH . 8.38 31.17 28.44
CHB CLA IH . 8.27 34.94 25.38
CHC CLA IH . 5.32 37.38 28.47
CHD CLA IH . 5.41 33.60 31.66
NA CLA IH . 7.98 33.15 26.98
C1A CLA IH . 8.53 31.98 27.22
C2A CLA IH . 9.34 31.49 26.05
C3A CLA IH . 9.47 32.77 25.25
C4A CLA IH . 8.51 33.70 25.90
CMA CLA IH . 10.88 33.36 25.31
CAA CLA IH . 8.51 30.44 25.22
CBA CLA IH . 9.31 29.72 24.14
CGA CLA IH . 9.84 28.48 24.84
O1A CLA IH . 9.56 28.16 25.99
O2A CLA IH . 10.74 27.66 24.14
NB CLA IH . 6.82 35.85 27.13
C1B CLA IH . 7.46 36.01 25.97
C2B CLA IH . 7.35 37.34 25.36
C3B CLA IH . 6.46 38.01 26.27
C4B CLA IH . 6.19 37.01 27.34
CMB CLA IH . 7.94 37.87 24.06
CAB CLA IH . 6.00 39.42 26.15
CBB CLA IH . 4.79 39.87 26.42
NC CLA IH . 5.56 35.33 29.80
C1C CLA IH . 5.06 36.57 29.65
C2C CLA IH . 4.33 37.10 30.82
C3C CLA IH . 4.38 35.95 31.76
C4C CLA IH . 5.19 34.91 31.02
CMC CLA IH . 3.68 38.48 30.99
CAC CLA IH . 3.83 35.87 33.18
CBC CLA IH . 2.38 35.53 33.18
ND CLA IH . 6.76 32.85 29.74
C1D CLA IH . 6.26 32.61 30.98
C2D CLA IH . 6.65 31.36 31.60
C3D CLA IH . 7.49 30.79 30.56
C4D CLA IH . 7.50 31.71 29.48
CMD CLA IH . 6.24 30.79 32.94
CAD CLA IH . 8.35 29.64 30.26
OBD CLA IH . 8.51 28.60 31.01
CBD CLA IH . 8.88 29.85 28.90
CGD CLA IH . 10.34 29.91 29.06
O1D CLA IH . 11.09 29.08 28.55
O2D CLA IH . 10.91 31.11 29.65
CED CLA IH . 12.30 31.10 29.94
C1 CLA IH . 11.23 26.47 24.76
C2 CLA IH . 12.44 26.74 25.64
C3 CLA IH . 13.65 26.19 25.43
C4 CLA IH . 13.95 25.30 24.24
C5 CLA IH . 14.80 26.48 26.41
C6 CLA IH . 15.08 25.26 27.33
C7 CLA IH . 13.92 24.91 28.29
C8 CLA IH . 13.47 25.95 29.36
C9 CLA IH . 14.59 26.20 30.35
C10 CLA IH . 12.21 25.54 30.10
C11 CLA IH . 10.93 25.57 29.21
C12 CLA IH . 9.64 25.68 30.02
C13 CLA IH . 8.41 25.27 29.15
C14 CLA IH . 8.55 25.66 27.69
C15 CLA IH . 7.07 25.84 29.56
C16 CLA IH . 6.57 25.26 30.86
C17 CLA IH . 5.08 25.55 31.14
C18 CLA IH . 4.83 27.00 31.50
C19 CLA IH . 3.51 27.19 32.25
C20 CLA IH . 4.64 27.76 30.21
MG CLA JH . -4.58 26.37 20.38
CHA CLA JH . -7.93 25.64 21.34
CHB CLA JH . -3.59 24.56 23.13
CHC CLA JH . -1.35 26.33 19.13
CHD CLA JH . -5.77 27.31 17.08
NA CLA JH . -5.63 25.25 22.02
C1A CLA JH . -6.88 25.17 22.26
C2A CLA JH . -7.25 24.55 23.57
C3A CLA JH . -5.86 24.43 24.19
C4A CLA JH . -4.95 24.78 23.08
CMA CLA JH . -5.66 25.42 25.38
CAA CLA JH . -7.98 23.17 23.43
CBA CLA JH . -7.20 22.29 22.40
CGA CLA JH . -7.91 20.98 22.13
O1A CLA JH . -8.63 20.42 22.95
O2A CLA JH . -7.77 20.42 20.82
NB CLA JH . -2.82 25.54 20.97
C1B CLA JH . -2.54 24.94 22.14
C2B CLA JH . -1.10 24.75 22.40
C3B CLA JH . -0.44 25.26 21.20
C4B CLA JH . -1.60 25.71 20.37
CMB CLA JH . -0.44 24.13 23.62
CAB CLA JH . 1.02 25.39 20.85
CBB CLA JH . 1.96 25.34 21.80
NC CLA JH . -3.72 26.79 18.50
C1C CLA JH . -2.40 26.66 18.16
C2C CLA JH . -2.11 26.89 16.74
C3C CLA JH . -3.41 27.19 16.19
C4C CLA JH . -4.34 27.06 17.32
CMC CLA JH . -0.78 26.85 16.00
CAC CLA JH . -3.76 27.46 14.72
CBC CLA JH . -3.60 26.06 14.08
ND CLA JH . -6.34 26.40 19.30
C1D CLA JH . -6.74 26.92 18.14
C2D CLA JH . -8.16 27.05 18.02
C3D CLA JH . -8.62 26.53 19.31
C4D CLA JH . -7.48 26.18 20.04
CMD CLA JH . -8.99 27.62 16.86
CAD CLA JH . -9.80 26.26 20.11
OBD CLA JH . -10.99 26.48 19.81
CBD CLA JH . -9.41 25.66 21.40
CGD CLA JH . -9.98 26.60 22.46
O1D CLA JH . -9.53 27.75 22.64
O2D CLA JH . -10.74 26.01 23.53
CED CLA JH . -11.41 26.94 24.45
C1 CLA JH . -8.32 19.14 20.62
C2 CLA JH . -7.79 18.72 19.26
C3 CLA JH . -8.16 17.54 18.76
C4 CLA JH . -9.00 16.55 19.50
C5 CLA JH . -7.68 17.12 17.40
C6 CLA JH . -6.94 18.16 16.57
C7 CLA JH . -6.42 17.45 15.29
C8 CLA JH . -5.61 18.32 14.33
C9 CLA JH . -6.46 19.41 13.70
C10 CLA JH . -4.86 17.51 13.26
C11 CLA JH . -3.81 16.60 13.88
C12 CLA JH . -2.59 17.39 14.47
C13 CLA JH . -1.34 16.54 14.69
C14 CLA JH . -1.77 15.46 15.64
C15 CLA JH . -0.28 17.28 15.53
C16 CLA JH . 1.14 17.48 15.07
C17 CLA JH . 1.45 18.92 15.45
C18 CLA JH . 2.71 19.56 14.90
C19 CLA JH . 2.59 21.04 15.24
C20 CLA JH . 2.94 19.23 13.42
MG CLA KH . 0.76 23.19 26.64
CHA CLA KH . 3.80 25.11 25.73
CHB CLA KH . 1.95 20.70 24.56
CHC CLA KH . -2.42 21.75 26.63
CHD CLA KH . -0.44 25.96 28.21
NA CLA KH . 2.57 22.97 25.22
C1A CLA KH . 3.65 23.73 25.16
C2A CLA KH . 4.81 23.05 24.49
C3A CLA KH . 4.11 21.79 23.92
C4A CLA KH . 2.79 21.79 24.57
CMA CLA KH . 3.90 21.96 22.40
CAA CLA KH . 5.93 22.76 25.50
CBA CLA KH . 5.42 21.92 26.68
CGA CLA KH . 6.56 21.70 27.64
O1A CLA KH . 6.68 22.38 28.64
O2A CLA KH . 7.59 20.76 27.33
NB CLA KH . -0.08 21.55 25.69
C1B CLA KH . 0.57 20.57 25.05
C2B CLA KH . -0.27 19.31 24.90
C3B CLA KH . -1.52 19.67 25.49
C4B CLA KH . -1.30 21.07 25.98
CMB CLA KH . 0.10 17.99 24.24
CAB CLA KH . -2.79 18.90 25.67
CBB CLA KH . -2.81 17.57 25.60
NC CLA KH . -1.06 23.72 27.22
C1C CLA KH . -2.24 23.07 27.23
C2C CLA KH . -3.32 23.77 27.92
C3C CLA KH . -2.72 25.02 28.42
C4C CLA KH . -1.36 24.89 27.89
CMC CLA KH . -4.69 23.31 28.17
CAC CLA KH . -3.49 26.10 29.24
CBC CLA KH . -3.90 27.25 28.31
ND CLA KH . 1.44 25.08 26.91
C1D CLA KH . 0.88 26.07 27.63
C2D CLA KH . 1.73 27.25 27.81
C3D CLA KH . 2.91 26.86 27.02
C4D CLA KH . 2.65 25.58 26.51
CMD CLA KH . 1.42 28.53 28.60
CAD CLA KH . 4.24 27.28 26.56
OBD CLA KH . 4.79 28.40 26.82
CBD CLA KH . 4.88 26.14 25.77
CGD CLA KH . 5.18 26.52 24.35
O1D CLA KH . 6.28 26.44 23.80
O2D CLA KH . 4.19 27.28 23.66
CED CLA KH . 4.40 27.74 22.31
C1 CLA KH . 8.88 20.91 27.89
C2 CLA KH . 9.63 21.94 27.09
C3 CLA KH . 10.61 21.56 26.29
C4 CLA KH . 10.98 20.10 26.09
C5 CLA KH . 11.32 22.64 25.50
C6 CLA KH . 10.99 22.76 24.02
C7 CLA KH . 9.52 22.51 23.75
C8 CLA KH . 9.24 22.41 22.23
C9 CLA KH . 7.82 22.85 21.94
C10 CLA KH . 9.51 20.97 21.82
C11 CLA KH . 9.98 20.83 20.38
C12 CLA KH . 11.40 21.34 20.03
C13 CLA KH . 11.48 21.88 18.59
C14 CLA KH . 11.32 20.78 17.52
C15 CLA KH . 12.81 22.61 18.31
C16 CLA KH . 12.95 23.97 18.96
C17 CLA KH . 11.65 24.78 18.87
C18 CLA KH . 11.90 26.18 19.41
C19 CLA KH . 12.19 26.17 20.91
C20 CLA KH . 10.69 27.09 19.17
MG CLA LH . 3.71 18.88 18.89
CHA CLA LH . 0.33 17.96 19.40
CHB CLA LH . 2.78 22.15 19.34
CHC CLA LH . 6.81 19.92 17.60
CHD CLA LH . 4.35 15.64 17.64
NA CLA LH . 1.84 19.94 19.36
C1A CLA LH . 0.70 19.40 19.60
C2A CLA LH . -0.39 20.37 20.02
C3A CLA LH . 0.31 21.71 19.71
C4A CLA LH . 1.73 21.26 19.40
CMA CLA LH . -0.33 22.54 18.59
CAA CLA LH . -0.80 20.11 21.51
CBA CLA LH . -1.73 21.22 22.10
CGA CLA LH . -3.10 21.11 21.55
O1A CLA LH . -3.98 20.56 22.20
O2A CLA LH . -3.39 21.58 20.20
NB CLA LH . 4.58 20.70 18.53
C1B CLA LH . 4.13 21.91 18.89
C2B CLA LH . 5.13 23.00 18.81
C3B CLA LH . 6.32 22.32 18.32
C4B CLA LH . 5.86 20.90 18.14
CMB CLA LH . 4.91 24.44 19.16
CAB CLA LH . 7.66 22.81 17.91
CBB CLA LH . 8.00 24.06 18.11
NC CLA LH . 5.25 18.00 17.76
C1C CLA LH . 6.45 18.50 17.39
C2C CLA LH . 7.38 17.54 16.81
C3C CLA LH . 6.66 16.29 16.84
C4C CLA LH . 5.36 16.67 17.46
CMC CLA LH . 8.76 17.84 16.29
CAC CLA LH . 7.17 14.95 16.30
CBC CLA LH . 6.61 14.76 14.87
ND CLA LH . 2.69 17.15 18.51
C1D CLA LH . 3.03 15.91 18.14
C2D CLA LH . 1.96 14.92 18.26
C3D CLA LH . 0.90 15.76 18.79
C4D CLA LH . 1.39 17.06 18.90
CMD CLA LH . 1.95 13.44 17.98
CAD CLA LH . -0.50 15.76 19.17
OBD CLA LH . -1.28 14.74 19.22
CBD CLA LH . -0.80 17.11 19.77
CGD CLA LH . -2.09 17.62 19.18
O1D CLA LH . -2.23 18.22 18.11
O2D CLA LH . -3.28 17.11 19.84
CED CLA LH . -4.54 17.35 19.23
C1 CLA LH . -4.67 21.51 19.58
C2 CLA LH . -4.46 21.24 18.08
C3 CLA LH . -4.21 22.27 17.29
C4 CLA LH . -4.16 23.67 17.84
C5 CLA LH . -4.03 22.14 15.82
C6 CLA LH . -2.54 22.15 15.40
C7 CLA LH . -2.48 22.21 13.87
C8 CLA LH . -1.03 22.01 13.43
C9 CLA LH . -0.19 23.24 13.78
C10 CLA LH . -0.99 21.87 11.93
C11 CLA LH . -1.63 20.54 11.57
C12 CLA LH . -2.19 20.81 10.19
C13 CLA LH . -2.76 19.62 9.41
C14 CLA LH . -4.27 19.62 9.53
C15 CLA LH . -2.07 18.32 9.78
C16 CLA LH . -2.76 17.11 9.13
C17 CLA LH . -1.83 15.93 9.29
C18 CLA LH . -2.26 14.88 8.29
C19 CLA LH . -1.81 13.55 8.86
C20 CLA LH . -1.68 15.14 6.90
MG CLA MH . -6.09 14.44 23.81
CHA CLA MH . -8.65 13.68 26.24
CHB CLA MH . -3.84 14.19 26.34
CHC CLA MH . -3.49 14.18 21.39
CHD CLA MH . -8.44 13.75 21.25
NA CLA MH . -6.26 14.10 25.97
C1A CLA MH . -7.28 13.90 26.70
C2A CLA MH . -6.93 13.76 28.16
C3A CLA MH . -5.48 14.23 28.19
C4A CLA MH . -5.14 14.19 26.73
CMA CLA MH . -5.38 15.66 28.73
CAA CLA MH . -7.08 12.29 28.61
CBA CLA MH . -6.36 11.23 27.74
CGA CLA MH . -7.26 10.74 26.57
O1A CLA MH . -8.45 10.42 26.66
O2A CLA MH . -6.73 10.70 25.21
NB CLA MH . -4.05 14.18 23.88
C1B CLA MH . -3.27 14.22 24.97
C2B CLA MH . -1.84 14.26 24.68
C3B CLA MH . -1.79 14.29 23.24
C4B CLA MH . -3.20 14.21 22.83
CMB CLA MH . -0.66 14.31 25.62
CAB CLA MH . -0.65 14.31 22.28
CBB CLA MH . 0.51 14.92 22.68
NC CLA MH . -5.94 14.03 21.73
C1C CLA MH . -4.86 13.98 20.93
C2C CLA MH . -5.16 13.74 19.51
C3C CLA MH . -6.60 13.62 19.50
C4C CLA MH . -7.00 13.77 20.93
CMC CLA MH . -4.17 13.65 18.40
CAC CLA MH . -7.49 13.30 18.28
CBC CLA MH . -7.44 11.76 18.12
ND CLA MH . -7.97 13.82 23.67
C1D CLA MH . -8.86 13.65 22.66
C2D CLA MH . -10.23 13.35 23.04
C3D CLA MH . -10.11 13.39 24.47
C4D CLA MH . -8.78 13.66 24.78
CMD CLA MH . -11.47 13.10 22.19
CAD CLA MH . -10.89 13.15 25.71
OBD CLA MH . -12.12 12.86 25.75
CBD CLA MH . -9.98 13.30 26.87
CGD CLA MH . -10.47 14.37 27.82
O1D CLA MH . -9.84 14.64 28.86
O2D CLA MH . -11.44 15.33 27.46
CED CLA MH . -12.04 16.23 28.44
C1 CLA MH . -7.46 10.19 24.08
C2 CLA MH . -6.63 9.09 23.38
C3 CLA MH . -6.02 9.40 22.22
C4 CLA MH . -6.23 10.79 21.74
C5 CLA MH . -5.20 8.43 21.39
C6 CLA MH . -4.58 9.20 20.21
C7 CLA MH . -4.69 8.58 18.81
C8 CLA MH . -3.35 8.28 18.15
C9 CLA MH . -3.27 8.73 16.70
C10 CLA MH . -3.07 6.78 18.22
C11 CLA MH . -1.61 6.49 18.51
C12 CLA MH . -1.29 4.99 18.49
C13 CLA MH . 0.11 4.67 17.93
C14 CLA MH . 1.23 5.05 18.95
C15 CLA MH . 0.33 5.29 16.53
C16 CLA MH . -0.62 4.87 15.39
C17 CLA MH . -0.43 5.70 14.09
C18 CLA MH . -0.67 5.04 12.69
C19 CLA MH . -1.64 3.84 12.71
C20 CLA MH . 0.62 4.71 11.91
MG CLA NH . 9.56 24.34 35.93
CHA CLA NH . 8.37 22.47 33.18
CHB CLA NH . 12.78 22.87 35.30
CHC CLA NH . 10.55 25.17 39.08
CHD CLA NH . 6.06 24.94 36.92
NA CLA NH . 10.49 22.91 34.45
C1A CLA NH . 9.83 22.44 33.39
C2A CLA NH . 10.74 21.66 32.44
C3A CLA NH . 12.09 21.77 33.17
C4A CLA NH . 11.78 22.55 34.38
CMA CLA NH . 12.58 20.42 33.69
CAA CLA NH . 10.71 22.15 30.99
CBA CLA NH . 11.92 21.72 30.14
CGA CLA NH . 11.80 20.22 29.80
O1A CLA NH . 10.85 19.51 30.09
O2A CLA NH . 12.87 19.62 29.10
NB CLA NH . 11.30 24.00 36.92
C1B CLA NH . 12.51 23.49 36.59
C2B CLA NH . 13.57 23.59 37.64
C3B CLA NH . 12.84 24.27 38.72
C4B CLA NH . 11.47 24.49 38.19
CMB CLA NH . 14.97 23.08 37.52
CAB CLA NH . 13.23 24.69 40.10
CBB CLA NH . 14.52 24.92 40.31
NC CLA NH . 8.50 24.93 37.67
C1C CLA NH . 9.11 25.28 38.86
C2C CLA NH . 8.22 25.75 39.90
C3C CLA NH . 6.90 25.63 39.24
C4C CLA NH . 7.19 25.13 37.87
CMC CLA NH . 8.49 26.17 41.34
CAC CLA NH . 5.61 25.95 39.88
CBC CLA NH . 5.14 24.70 40.60
ND CLA NH . 7.61 23.88 35.36
C1D CLA NH . 6.36 24.19 35.73
C2D CLA NH . 5.32 23.72 34.79
C3D CLA NH . 6.16 23.03 33.77
C4D CLA NH . 7.51 23.17 34.15
CMD CLA NH . 3.85 23.92 35.00
CAD CLA NH . 6.08 22.23 32.52
OBD CLA NH . 4.96 21.94 31.93
CBD CLA NH . 7.46 21.96 32.09
CGD CLA NH . 7.63 20.47 31.95
O1D CLA NH . 7.69 19.71 32.90
O2D CLA NH . 7.34 19.86 30.68
CED CLA NH . 7.65 18.46 30.61
C1 CLA NH . 12.91 18.20 28.87
C2 CLA NH . 13.28 17.42 30.10
C3 CLA NH . 14.50 16.90 30.31
C4 CLA NH . 15.64 17.06 29.33
C5 CLA NH . 14.69 16.12 31.60
C6 CLA NH . 15.39 16.97 32.64
C7 CLA NH . 15.84 16.07 33.80
C8 CLA NH . 14.78 15.97 34.88
C9 CLA NH . 14.27 17.34 35.28
C10 CLA NH . 15.27 15.16 36.10
C11 CLA NH . 14.05 14.60 36.82
C12 CLA NH . 14.27 14.40 38.33
C13 CLA NH . 13.67 15.48 39.24
C14 CLA NH . 14.08 15.12 40.67
C15 CLA NH . 12.16 15.54 39.22
C16 CLA NH . 11.53 16.92 39.38
C17 CLA NH . 12.13 18.03 38.53
C18 CLA NH . 11.43 19.36 38.76
C19 CLA NH . 11.39 20.13 37.47
C20 CLA NH . 12.16 20.24 39.78
MG CLA OH . 8.18 15.67 38.51
CHA CLA OH . 8.42 13.66 41.43
CHB CLA OH . 10.05 13.24 36.87
CHC CLA OH . 8.62 17.87 35.87
CHD CLA OH . 7.21 18.42 40.59
NA CLA OH . 9.00 13.68 38.99
C1A CLA OH . 8.89 13.07 40.12
C2A CLA OH . 9.36 11.64 40.09
C3A CLA OH . 10.08 11.59 38.75
C4A CLA OH . 9.70 12.90 38.13
CMA CLA OH . 11.59 11.41 38.87
CAA CLA OH . 8.11 10.75 40.24
CBA CLA OH . 8.38 9.23 40.11
CGA CLA OH . 9.21 8.69 41.26
O1A CLA OH . 9.06 9.18 42.35
O2A CLA OH . 10.16 7.60 41.13
NB CLA OH . 9.16 15.55 36.69
C1B CLA OH . 9.88 14.52 36.18
C2B CLA OH . 10.49 14.78 34.86
C3B CLA OH . 10.06 16.16 34.61
C4B CLA OH . 9.26 16.54 35.82
CMB CLA OH . 11.31 13.81 34.03
CAB CLA OH . 10.20 17.12 33.50
CBB CLA OH . 11.01 16.84 32.52
NC CLA OH . 8.01 17.75 38.26
C1C CLA OH . 8.11 18.48 37.14
C2C CLA OH . 7.72 19.91 37.31
C3C CLA OH . 7.32 20.02 38.72
C4C CLA OH . 7.54 18.63 39.19
CMC CLA OH . 7.77 20.98 36.27
CAC CLA OH . 6.85 21.24 39.47
CBC CLA OH . 8.09 22.10 39.66
ND CLA OH . 7.91 16.12 40.57
C1D CLA OH . 7.44 17.13 41.26
C2D CLA OH . 7.22 16.87 42.69
C3D CLA OH . 7.62 15.45 42.76
C4D CLA OH . 8.01 15.08 41.45
CMD CLA OH . 6.69 17.80 43.74
CAD CLA OH . 7.77 14.27 43.65
OBD CLA OH . 7.49 14.23 44.88
CBD CLA OH . 8.28 13.14 42.81
CGD CLA OH . 9.64 12.71 43.27
O1D CLA OH . 9.69 11.81 44.05
O2D CLA OH . 10.81 13.52 43.08
CED CLA OH . 12.10 13.09 43.49
C1 CLA OH . 11.13 7.27 42.14
C2 CLA OH . 12.52 7.71 41.70
C3 CLA OH . 13.32 8.65 42.26
C4 CLA OH . 12.97 9.43 43.50
C5 CLA OH . 14.68 8.92 41.64
C6 CLA OH . 14.68 10.15 40.74
C7 CLA OH . 16.08 10.31 40.13
C8 CLA OH . 16.18 11.23 38.92
C9 CLA OH . 15.31 10.73 37.79
C10 CLA OH . 17.63 11.23 38.47
C11 CLA OH . 17.90 12.03 37.20
C12 CLA OH . 19.33 12.57 37.28
C13 CLA OH . 19.62 13.79 36.40
C14 CLA OH . 21.12 13.88 36.14
C15 CLA OH . 19.06 15.11 36.99
C16 CLA OH . 19.52 15.51 38.40
C17 CLA OH . 18.33 15.71 39.36
C18 CLA OH . 18.30 17.06 40.09
C19 CLA OH . 17.28 18.04 39.48
C20 CLA OH . 19.68 17.70 40.24
C1 BCR PH . 3.95 8.27 5.42
C2 BCR PH . 3.69 8.17 3.92
C3 BCR PH . 2.23 7.90 3.57
C4 BCR PH . 1.75 6.61 4.21
C5 BCR PH . 2.17 6.50 5.67
C6 BCR PH . 3.17 7.26 6.21
C7 BCR PH . 3.55 7.08 7.66
C8 BCR PH . 2.97 7.76 8.62
C9 BCR PH . 3.38 7.55 10.02
C10 BCR PH . 2.69 8.17 10.99
C11 BCR PH . 2.99 8.00 12.42
C33 BCR PH . 1.47 5.49 6.54
C31 BCR PH . 3.51 9.67 5.84
C32 BCR PH . 5.47 8.05 5.65
C34 BCR PH . 4.59 6.68 10.29
C12 BCR PH . 2.28 8.71 13.32
C13 BCR PH . 2.44 8.58 14.80
C14 BCR PH . 1.59 9.29 15.58
C15 BCR PH . 1.59 9.22 17.06
C16 BCR PH . 0.61 9.86 17.77
C17 BCR PH . 0.58 9.70 19.23
C18 BCR PH . -0.35 10.29 20.04
C19 BCR PH . -0.25 9.99 21.48
C20 BCR PH . -1.20 10.35 22.37
C21 BCR PH . -0.93 10.00 23.78
C22 BCR PH . -1.82 10.18 24.80
C23 BCR PH . -1.36 9.79 26.18
C24 BCR PH . -2.14 9.95 27.24
C25 BCR PH . -1.68 9.64 28.61
C26 BCR PH . -1.08 8.45 28.97
C27 BCR PH . -0.56 8.19 30.39
C28 BCR PH . -1.09 9.19 31.41
C29 BCR PH . -1.09 10.61 30.88
C30 BCR PH . -1.90 10.79 29.60
C35 BCR PH . 3.51 7.71 15.44
C36 BCR PH . -1.40 11.30 19.56
C37 BCR PH . -3.19 10.78 24.57
C38 BCR PH . -0.79 7.31 28.01
C39 BCR PH . -1.33 12.17 29.13
C40 BCR PH . -3.42 10.87 29.86
C1 BCR QH . 2.87 15.85 8.91
C2 BCR QH . 2.42 15.94 7.42
C3 BCR QH . 2.82 14.70 6.63
C4 BCR QH . 2.05 13.48 7.14
C5 BCR QH . 2.08 13.42 8.67
C6 BCR QH . 2.47 14.49 9.48
C7 BCR QH . 2.50 14.37 10.98
C8 BCR QH . 3.25 13.42 11.52
C9 BCR QH . 3.40 13.25 12.99
C10 BCR QH . 4.06 12.13 13.38
C11 BCR QH . 4.37 11.73 14.76
C33 BCR QH . 1.64 12.06 9.21
C31 BCR QH . 2.05 16.91 9.65
C32 BCR QH . 4.37 16.15 9.08
C34 BCR QH . 2.85 14.32 13.93
C12 BCR QH . 5.29 10.78 15.02
C13 BCR QH . 5.62 10.40 16.41
C14 BCR QH . 6.38 9.30 16.70
C15 BCR QH . 6.78 8.83 18.05
C16 BCR QH . 7.60 7.73 18.15
C17 BCR QH . 7.98 7.21 19.45
C18 BCR QH . 8.65 6.11 19.81
C19 BCR QH . 8.92 5.86 21.25
C20 BCR QH . 9.55 4.75 21.75
C21 BCR QH . 9.75 4.56 23.21
C22 BCR QH . 10.27 3.45 23.80
C23 BCR QH . 10.46 3.41 25.27
C24 BCR QH . 10.84 2.33 25.99
C25 BCR QH . 11.05 2.38 27.50
C26 BCR QH . 10.05 2.67 28.40
C27 BCR QH . 10.30 2.72 29.90
C28 BCR QH . 11.73 3.13 30.24
C29 BCR QH . 12.71 2.26 29.49
C30 BCR QH . 12.48 2.11 27.98
C35 BCR QH . 5.13 11.30 17.55
C36 BCR QH . 9.20 5.12 18.82
C37 BCR QH . 10.72 2.23 22.96
C38 BCR QH . 8.64 2.94 27.99
C39 BCR QH . 12.88 0.68 27.57
C40 BCR QH . 13.45 3.03 27.28
C1 BCR RH . 23.53 13.39 29.58
C2 BCR RH . 25.04 13.20 29.77
C3 BCR RH . 25.67 14.01 30.89
C4 BCR RH . 24.98 13.62 32.18
C5 BCR RH . 23.49 13.90 32.06
C6 BCR RH . 22.83 13.80 30.87
C7 BCR RH . 21.37 14.04 30.73
C8 BCR RH . 20.51 13.42 31.54
C9 BCR RH . 19.05 13.55 31.44
C10 BCR RH . 18.31 12.82 32.27
C11 BCR RH . 16.85 12.77 32.32
C33 BCR RH . 22.84 14.30 33.35
C31 BCR RH . 22.92 12.08 29.01
C32 BCR RH . 23.31 14.48 28.52
C34 BCR RH . 18.44 14.47 30.39
C12 BCR RH . 16.26 11.90 33.15
C13 BCR RH . 14.78 11.65 33.23
C14 BCR RH . 14.31 10.89 34.26
C15 BCR RH . 12.91 10.46 34.47
C16 BCR RH . 12.61 9.55 35.39
C17 BCR RH . 11.24 9.06 35.60
C18 BCR RH . 10.75 8.29 36.60
C19 BCR RH . 9.32 7.89 36.52
C20 BCR RH . 8.82 6.98 37.38
C21 BCR RH . 7.41 6.61 37.30
C22 BCR RH . 6.67 5.88 38.14
C23 BCR RH . 5.25 5.67 37.72
C24 BCR RH . 4.49 4.75 38.34
C25 BCR RH . 3.10 4.41 37.90
C26 BCR RH . 2.93 3.84 36.66
C27 BCR RH . 1.58 3.43 36.14
C28 BCR RH . 0.45 4.08 36.91
C29 BCR RH . 0.68 3.96 38.40
C30 BCR RH . 1.95 4.69 38.85
C35 BCR RH . 13.85 12.14 32.14
C36 BCR RH . 11.56 7.82 37.80
C37 BCR RH . 7.21 5.27 39.42
C38 BCR RH . 4.09 3.55 35.70
C39 BCR RH . 2.21 4.14 40.25
C40 BCR RH . 1.74 6.23 38.83
C1 LMG SH . 9.20 8.25 -0.51
O1 LMG SH . 8.71 9.44 0.05
C2 LMG SH . 8.95 8.20 -2.03
O2 LMG SH . 7.56 8.35 -2.33
C3 LMG SH . 9.43 6.88 -2.61
O3 LMG SH . 9.28 6.95 -4.03
C4 LMG SH . 10.89 6.68 -2.18
O4 LMG SH . 11.67 7.69 -2.83
C5 LMG SH . 11.05 6.79 -0.65
O5 LMG SH . 12.60 6.73 1.23
C6 LMG SH . 12.50 6.53 -0.20
O6 LMG SH . 10.60 8.10 -0.21
C7 LMG SH . 8.40 9.36 1.47
C8 LMG SH . 7.22 10.26 1.74
C9 LMG SH . 6.00 9.60 1.13
O7 LMG SH . 6.96 10.31 3.14
C10 LMG SH . 7.36 11.53 3.78
O9 LMG SH . 8.17 12.18 3.16
C11 LMG SH . 6.85 11.87 5.16
C12 LMG SH . 7.11 13.29 5.67
C13 LMG SH . 6.76 14.52 4.87
C14 LMG SH . 6.77 15.78 5.74
C15 LMG SH . 7.07 17.01 4.93
C16 LMG SH . 6.76 18.30 5.68
C17 LMG SH . 5.66 19.10 5.00
C18 LMG SH . 4.55 19.33 6.01
C19 LMG SH . 3.75 20.61 5.85
C20 LMG SH . 2.27 20.28 5.80
C21 LMG SH . 1.44 21.16 6.72
C22 LMG SH . 0.43 21.91 5.89
C23 LMG SH . -1.00 21.55 6.19
C24 LMG SH . -1.68 22.58 7.07
C25 LMG SH . -3.17 22.70 6.75
O8 LMG SH . 4.88 10.52 1.06
C28 LMG SH . 3.79 10.03 0.26
O10 LMG SH . 3.86 8.86 0.02
C29 LMG SH . 2.71 10.88 -0.36
C30 LMG SH . 1.64 11.34 0.59
C31 LMG SH . 2.19 12.44 1.48
C32 LMG SH . 1.93 12.05 2.91
C33 LMG SH . 0.51 12.42 3.30
C34 LMG SH . 0.12 11.65 4.55
C35 LMG SH . -1.36 11.48 4.43
C36 LMG SH . -2.00 10.88 5.64
C37 LMG SH . -1.38 9.58 6.11
C38 LMG SH . -2.31 9.13 7.21
C39 LMG SH . -1.92 9.70 8.56
C40 LMG SH . -1.01 8.73 9.30
C41 LMG SH . -1.81 7.99 10.36
C42 LMG SH . -1.69 8.66 11.70
C43 LMG SH . -1.20 10.08 11.51
C1B LMT TH . -10.09 51.28 32.25
O1B LMT TH . -8.79 50.70 32.37
C1' LMT TH . -4.98 50.76 32.40
C2' LMT TH . -5.43 51.04 33.84
C3' LMT TH . -6.95 50.95 33.96
C4' LMT TH . -7.75 51.60 32.81
C5' LMT TH . -6.94 52.07 31.58
C6' LMT TH . -7.25 53.56 31.33
O1' LMT TH . -3.54 50.65 32.39
O2' LMT TH . -4.79 50.15 34.79
O3' LMT TH . -7.30 51.56 35.22
O5' LMT TH . -5.50 51.81 31.56
O6' LMT TH . -6.24 54.44 31.85
C1 LMT TH . -3.03 50.37 31.09
C2 LMT TH . -1.93 49.33 31.24
C3 LMT TH . -1.39 48.98 29.87
C4 LMT TH . 0.10 49.28 29.83
C5 LMT TH . 0.88 48.37 28.90
C6 LMT TH . 2.12 49.10 28.42
C7 LMT TH . 3.01 48.13 27.66
C8 LMT TH . 4.43 48.63 27.69
C9 LMT TH . 4.86 49.18 26.34
C10 LMT TH . 6.26 49.71 26.48
C11 LMT TH . 7.00 49.75 25.15
C12 LMT TH . 7.42 51.15 24.77
O1B LMT UH . 16.39 -0.68 -0.16
C1' LMT UH . 14.65 -0.85 3.77
C2' LMT UH . 13.86 -1.42 2.55
C3' LMT UH . 14.74 -1.73 1.32
C4' LMT UH . 15.65 -0.53 1.06
C5' LMT UH . 16.51 -0.43 2.31
C6' LMT UH . 17.71 0.50 2.16
O1' LMT UH . 13.70 -0.09 4.49
O2' LMT UH . 13.08 -2.58 2.89
O3' LMT UH . 13.94 -2.06 0.16
O5' LMT UH . 15.73 0.01 3.43
O6' LMT UH . 18.74 -0.03 3.00
C1 LMT UH . 14.16 0.64 5.61
C2 LMT UH . 13.85 -0.04 6.90
C3 LMT UH . 13.27 0.92 7.90
C4 LMT UH . 13.80 0.64 9.27
C5 LMT UH . 12.90 0.92 10.44
C6 LMT UH . 13.58 1.46 11.68
C7 LMT UH . 12.85 1.05 12.98
C8 LMT UH . 11.79 2.08 13.41
C9 LMT UH . 11.18 1.84 14.81
C10 LMT UH . 9.83 2.54 14.97
C11 LMT UH . 8.82 1.84 15.88
C12 LMT UH . 7.65 1.41 15.03
C1 HTG VH . 23.20 11.05 -19.67
S1 HTG VH . 24.24 12.38 -20.34
C2 HTG VH . 23.84 10.16 -18.56
O2 HTG VH . 24.74 9.23 -19.19
C3 HTG VH . 22.88 9.34 -17.70
O3 HTG VH . 23.55 8.84 -16.53
C4 HTG VH . 21.67 10.20 -17.27
O4 HTG VH . 20.82 9.33 -16.47
C5 HTG VH . 21.01 10.77 -18.55
O5 HTG VH . 21.92 11.60 -19.27
C6 HTG VH . 19.80 11.67 -18.29
O6 HTG VH . 19.02 11.85 -19.51
C1' HTG VH . 23.41 12.85 -21.85
C2' HTG VH . 23.23 11.65 -22.78
C3' HTG VH . 24.08 11.68 -24.05
C4' HTG VH . 24.30 10.25 -24.52
C5' HTG VH . 23.89 10.07 -25.96
C6' HTG VH . 23.33 8.66 -26.17
C7' HTG VH . 22.08 8.37 -25.36
C1 HTG WH . 36.75 40.67 25.48
S1 HTG WH . 35.79 39.27 25.92
C2 HTG WH . 37.33 40.51 24.06
O2 HTG WH . 38.37 39.50 24.02
C3 HTG WH . 37.90 41.82 23.48
O3 HTG WH . 37.99 41.71 22.06
C4 HTG WH . 37.12 43.08 23.89
O4 HTG WH . 37.95 44.22 23.67
C5 HTG WH . 36.66 43.06 25.36
O5 HTG WH . 35.92 41.83 25.58
C6 HTG WH . 35.80 44.25 25.80
O6 HTG WH . 36.57 45.29 26.43
C1' HTG WH . 34.10 39.69 26.19
C2' HTG WH . 33.36 38.38 26.47
C3' HTG WH . 32.14 38.52 27.37
C4' HTG WH . 30.95 39.19 26.68
C5' HTG WH . 29.83 39.35 27.71
C6' HTG WH . 28.54 39.86 27.08
C7' HTG WH . 27.36 39.68 28.01
O9 UNL XH . -5.60 50.67 28.70
C7 UNL XH . -4.83 49.99 28.02
C8 UNL XH . -3.85 50.66 27.09
C9 UNL XH . -3.57 49.80 25.86
C10 UNL XH . -2.08 49.52 25.69
C11 UNL XH . -1.42 50.55 24.79
C12 UNL XH . 0.09 50.50 24.85
C13 UNL XH . 0.73 51.24 23.69
C14 UNL XH . 2.14 51.76 24.01
C15 UNL XH . 2.94 51.95 22.73
C16 UNL XH . 4.21 52.79 22.93
C17 UNL XH . 4.87 53.09 21.57
C18 UNL XH . 6.10 54.00 21.69
O7 UNL XH . -4.82 48.51 28.13
C5 UNL XH . -6.05 47.75 27.95
C4 UNL XH . -6.66 47.90 26.55
O6 UNL XH . -8.10 48.02 26.57
C6 UNL XH . -5.81 46.26 28.20
O8 UNL XH . -4.44 45.82 28.02
C23 UNL XH . -3.94 45.18 26.80
O10 UNL XH . -4.65 45.11 25.81
C24 UNL XH . -2.54 44.61 26.73
C25 UNL XH . -1.89 45.23 25.50
C26 UNL XH . -0.39 45.47 25.69
C27 UNL XH . 0.08 46.24 24.48
C28 UNL XH . 1.57 46.42 24.49
C29 UNL XH . 2.01 47.16 23.23
C30 UNL XH . 3.48 47.48 23.36
C31 UNL XH . 4.24 47.37 22.07
C32 UNL XH . 4.15 48.62 21.22
C33 UNL XH . 5.48 48.97 20.55
C34 UNL XH . 6.72 48.70 21.41
C35 UNL XH . 7.92 49.58 21.04
C36 UNL XH . 9.23 49.19 21.73
C37 UNL XH . 9.77 50.28 22.68
C38 UNL XH . 10.11 51.62 22.05
C16 UNL YH . 19.91 18.23 32.06
C15 UNL YH . 19.82 18.96 30.73
C14 UNL YH . 21.19 19.32 30.12
C13 UNL YH . 21.24 19.31 28.58
C12 UNL YH . 22.59 19.59 27.86
C11 UNL YH . 23.69 18.57 28.19
C10 UNL YH . 24.52 18.01 27.02
C9 UNL YH . 25.59 17.12 27.66
C8 UNL YH . 26.33 16.18 26.74
C7 UNL YH . 27.59 15.69 27.47
C6 UNL YH . 28.04 14.27 27.11
C5 UNL YH . 29.24 13.90 27.99
C4 UNL YH . 30.11 12.79 27.46
C3 UNL YH . 31.54 13.06 27.87
C2 UNL YH . 32.49 12.22 27.01
C1 UNL YH . 33.67 13.07 26.53
C16 UNL ZH . 28.24 32.96 33.64
C15 UNL ZH . 29.65 33.10 34.18
C14 UNL ZH . 30.23 34.51 34.01
C13 UNL ZH . 31.52 34.57 33.19
C12 UNL ZH . 31.94 36.01 32.83
C11 UNL ZH . 31.89 36.37 31.33
C10 UNL ZH . 33.07 35.85 30.50
C9 UNL ZH . 32.64 35.09 29.25
C8 UNL ZH . 33.19 33.65 29.20
C7 UNL ZH . 33.99 33.37 27.92
C6 UNL ZH . 34.64 31.99 27.91
C5 UNL ZH . 34.61 31.28 26.55
C4 UNL ZH . 35.73 31.63 25.58
C3 UNL ZH . 36.45 30.38 25.01
C2 UNL ZH . 37.50 30.79 23.98
C1 UNL ZH . 37.71 29.80 22.86
C16 UNL AI . 21.11 42.67 30.81
C15 UNL AI . 22.10 43.49 31.62
C14 UNL AI . 21.71 44.97 31.61
C13 UNL AI . 22.24 45.80 32.79
C12 UNL AI . 21.79 45.32 34.19
C11 UNL AI . 20.38 45.76 34.60
C10 UNL AI . 19.69 44.85 35.63
C9 UNL AI . 18.24 45.28 35.85
C8 UNL AI . 17.88 45.39 37.34
C7 UNL AI . 16.95 46.57 37.68
C6 UNL AI . 16.35 46.45 39.09
C5 UNL AI . 15.25 47.48 39.41
C4 UNL AI . 14.34 46.97 40.55
C3 UNL AI . 13.86 48.02 41.54
C2 UNL AI . 12.71 47.48 42.39
C1 UNL AI . 13.15 47.18 43.81
C1 GOL BI . 21.12 30.64 -14.00
O1 GOL BI . 22.25 30.54 -14.90
C2 GOL BI . 20.35 31.96 -13.89
O2 GOL BI . 20.84 32.85 -12.87
C3 GOL BI . 20.39 32.78 -15.16
O3 GOL BI . 19.38 32.19 -15.96
C1 GOL CI . 30.53 15.56 2.26
O1 GOL CI . 29.59 16.48 1.71
C2 GOL CI . 30.07 15.08 3.65
O2 GOL CI . 31.17 15.18 4.53
C3 GOL CI . 28.98 15.87 4.34
O3 GOL CI . 27.70 15.52 3.84
C1 GOL DI . 7.25 7.11 -10.09
O1 GOL DI . 8.02 8.01 -9.26
C2 GOL DI . 7.42 5.68 -9.56
O2 GOL DI . 8.80 5.29 -9.70
C3 GOL DI . 7.05 5.60 -8.07
O3 GOL DI . 7.04 4.22 -7.66
C1 GOL EI . 16.74 26.30 -45.07
O1 GOL EI . 17.61 27.30 -44.50
C2 GOL EI . 15.89 25.69 -43.96
O2 GOL EI . 15.43 26.68 -42.97
C3 GOL EI . 14.65 25.02 -44.56
O3 GOL EI . 14.13 24.28 -43.41
C1 GOL FI . -3.78 27.42 37.48
O1 GOL FI . -3.19 26.27 36.90
C2 GOL FI . -3.15 28.63 36.78
O2 GOL FI . -2.67 29.51 37.83
C3 GOL FI . -4.27 29.23 35.91
O3 GOL FI . -3.86 30.44 35.22
CA CA GI . -48.63 61.77 1.41
MG CLA HI . -41.22 41.07 -38.41
CHA CLA HI . -38.25 42.39 -40.02
CHB CLA HI . -39.37 38.31 -37.74
CHC CLA HI . -43.82 40.03 -36.33
CHD CLA HI . -42.62 44.28 -38.52
NA CLA HI . -39.12 40.38 -38.86
C1A CLA HI . -38.20 41.01 -39.48
C2A CLA HI . -36.92 40.21 -39.57
C3A CLA HI . -37.36 38.85 -39.07
C4A CLA HI . -38.74 39.17 -38.52
CMA CLA HI . -37.50 37.82 -40.19
CAA CLA HI . -35.79 40.92 -38.79
CBA CLA HI . -36.08 41.40 -37.35
CGA CLA HI . -35.90 40.26 -36.34
O1A CLA HI . -34.82 39.69 -36.14
O2A CLA HI . -37.05 39.80 -35.61
NB CLA HI . -41.49 39.49 -37.22
C1B CLA HI . -40.72 38.39 -37.10
C2B CLA HI . -41.31 37.28 -36.31
C3B CLA HI . -42.62 37.86 -35.93
C4B CLA HI . -42.62 39.20 -36.52
CMB CLA HI . -40.80 35.90 -35.98
CAB CLA HI . -43.77 37.38 -35.11
CBB CLA HI . -44.10 36.11 -35.10
NC CLA HI . -42.94 41.97 -37.56
C1C CLA HI . -43.86 41.42 -36.76
C2C CLA HI . -44.92 42.35 -36.31
C3C CLA HI . -44.52 43.58 -36.96
C4C CLA HI . -43.27 43.23 -37.72
CMC CLA HI . -46.06 42.06 -35.38
CAC CLA HI . -45.18 44.95 -36.86
CBC CLA HI . -44.50 45.61 -35.67
ND CLA HI . -40.69 42.91 -39.06
C1D CLA HI . -41.31 44.11 -39.15
C2D CLA HI . -40.56 45.17 -39.86
C3D CLA HI . -39.36 44.44 -40.23
C4D CLA HI . -39.49 43.14 -39.73
CMD CLA HI . -40.89 46.57 -40.20
CAD CLA HI . -38.06 44.58 -40.90
OBD CLA HI . -37.58 45.63 -41.42
CBD CLA HI . -37.38 43.25 -40.86
CGD CLA HI . -37.26 42.67 -42.25
O1D CLA HI . -37.80 41.65 -42.63
O2D CLA HI . -36.28 43.20 -43.14
CED CLA HI . -36.41 42.87 -44.53
C1 CLA HI . -36.95 38.81 -34.58
C2 CLA HI . -38.36 38.40 -34.27
C3 CLA HI . -38.80 38.19 -33.03
C4 CLA HI . -37.88 38.33 -31.87
C5 CLA HI . -40.23 37.77 -32.80
C6 CLA HI . -40.26 36.39 -32.18
C7 CLA HI . -41.68 36.11 -31.75
C8 CLA HI . -41.87 34.68 -31.28
C9 CLA HI . -41.74 33.65 -32.41
C10 CLA HI . -43.28 34.53 -30.68
C11 CLA HI . -43.55 35.37 -29.42
C12 CLA HI . -44.97 35.06 -28.89
C13 CLA HI . -45.32 35.93 -27.67
C14 CLA HI . -44.58 35.41 -26.44
C15 CLA HI . -46.85 35.95 -27.43
C16 CLA HI . -47.60 34.62 -27.28
C17 CLA HI . -48.82 34.78 -26.35
C18 CLA HI . -49.85 33.68 -26.50
C19 CLA HI . -51.05 33.91 -25.59
C20 CLA HI . -49.39 32.29 -26.13
MG CLA II . -33.71 46.20 -29.09
CHA CLA II . -33.99 45.14 -32.42
CHB CLA II . -32.48 49.19 -30.36
CHC CLA II . -33.89 47.52 -25.92
CHD CLA II . -35.78 43.49 -28.03
NA CLA II . -33.29 47.08 -31.10
C1A CLA II . -33.40 46.46 -32.23
C2A CLA II . -32.94 47.30 -33.43
C3A CLA II . -32.41 48.53 -32.75
C4A CLA II . -32.74 48.26 -31.29
CMA CLA II . -30.89 48.69 -32.86
CAA CLA II . -34.12 47.64 -34.33
CBA CLA II . -35.34 48.26 -33.60
CGA CLA II . -36.56 48.19 -34.46
O1A CLA II . -36.55 48.26 -35.69
O2A CLA II . -37.84 48.03 -33.84
NB CLA II . -33.32 48.04 -28.32
C1B CLA II . -32.69 49.11 -28.89
C2B CLA II . -32.26 50.18 -27.98
C3B CLA II . -32.70 49.63 -26.68
C4B CLA II . -33.32 48.33 -26.99
CMB CLA II . -31.57 51.50 -28.28
CAB CLA II . -32.59 50.16 -25.28
CBB CLA II . -31.71 51.12 -25.00
NC CLA II . -34.67 45.64 -27.33
C1C CLA II . -34.58 46.25 -26.14
C2C CLA II . -35.17 45.50 -25.03
C3C CLA II . -35.71 44.32 -25.67
C4C CLA II . -35.33 44.51 -27.10
CMC CLA II . -35.24 45.89 -23.58
CAC CLA II . -36.41 43.15 -25.03
CBC CLA II . -35.41 42.20 -24.35
ND CLA II . -34.74 44.78 -29.85
C1D CLA II . -35.42 43.68 -29.44
C2D CLA II . -35.71 42.68 -30.44
C3D CLA II . -35.11 43.28 -31.62
C4D CLA II . -34.58 44.51 -31.22
CMD CLA II . -36.46 41.37 -30.26
CAD CLA II . -34.89 43.10 -33.08
OBD CLA II . -35.25 42.10 -33.82
CBD CLA II . -34.13 44.21 -33.56
CGD CLA II . -32.78 43.67 -33.96
O1D CLA II . -32.02 44.29 -34.69
O2D CLA II . -32.20 42.52 -33.28
CED CLA II . -30.79 42.29 -33.45
C1 CLA II . -38.95 47.88 -34.69
C2 CLA II . -39.90 49.06 -34.56
C3 CLA II . -41.12 48.87 -34.02
C4 CLA II . -41.61 47.56 -33.50
C5 CLA II . -42.08 50.05 -33.99
C6 CLA II . -43.05 49.93 -35.18
C7 CLA II . -42.28 49.96 -36.51
C8 CLA II . -43.18 49.83 -37.76
C9 CLA II . -44.02 48.58 -37.74
C10 CLA II . -42.28 49.82 -38.99
C11 CLA II . -42.99 49.81 -40.35
C12 CLA II . -41.94 50.03 -41.44
C13 CLA II . -42.55 49.81 -42.84
C14 CLA II . -41.51 49.27 -43.83
C15 CLA II . -43.09 51.14 -43.39
C16 CLA II . -43.72 50.94 -44.77
C17 CLA II . -44.52 52.16 -45.26
C18 CLA II . -44.71 51.93 -46.77
C19 CLA II . -44.10 53.01 -47.63
C20 CLA II . -46.16 51.64 -47.06
MG CLA JI . -40.02 53.45 -36.28
CHA CLA JI . -37.03 51.78 -36.85
CHB CLA JI . -40.72 53.05 -39.69
CHC CLA JI . -43.38 53.97 -35.56
CHD CLA JI . -39.50 53.06 -32.64
NA CLA JI . -39.08 52.43 -38.10
C1A CLA JI . -37.89 51.99 -38.06
C2A CLA JI . -37.35 51.71 -39.44
C3A CLA JI . -38.54 51.99 -40.34
C4A CLA JI . -39.53 52.51 -39.35
CMA CLA JI . -38.16 53.09 -41.32
CAA CLA JI . -36.82 50.28 -39.54
CBA CLA JI . -37.82 49.24 -39.05
CGA CLA JI . -37.21 47.88 -38.77
O1A CLA JI . -36.06 47.60 -39.09
O2A CLA JI . -38.00 46.88 -38.15
NB CLA JI . -41.75 53.45 -37.47
C1B CLA JI . -41.86 53.41 -38.80
C2B CLA JI . -43.20 53.76 -39.30
C3B CLA JI . -43.95 54.00 -38.05
C4B CLA JI . -42.96 53.80 -36.97
CMB CLA JI . -43.69 53.81 -40.73
CAB CLA JI . -45.36 54.42 -37.82
CBB CLA JI . -46.23 54.26 -38.82
NC CLA JI . -41.26 53.54 -34.39
C1C CLA JI . -42.60 53.67 -34.34
C2C CLA JI . -43.19 53.57 -32.99
C3C CLA JI . -42.00 53.30 -32.14
C4C CLA JI . -40.87 53.29 -33.12
CMC CLA JI . -44.64 53.68 -32.62
CAC CLA JI . -41.92 53.05 -30.65
CBC CLA JI . -42.06 51.55 -30.50
ND CLA JI . -38.72 52.54 -34.90
C1D CLA JI . -38.47 52.60 -33.59
C2D CLA JI . -37.12 52.17 -33.21
C3D CLA JI . -36.58 51.87 -34.54
C4D CLA JI . -37.57 52.09 -35.50
CMD CLA JI . -36.52 52.06 -31.82
CAD CLA JI . -35.38 51.35 -35.23
OBD CLA JI . -34.33 51.08 -34.59
CBD CLA JI . -35.64 51.27 -36.71
CGD CLA JI . -34.73 52.21 -37.42
O1D CLA JI . -33.80 51.85 -38.14
O2D CLA JI . -34.84 53.58 -37.03
CED CLA JI . -34.00 54.57 -37.59
C1 CLA JI . -37.41 45.75 -37.53
C2 CLA JI . -38.48 44.79 -37.09
C3 CLA JI . -38.43 44.26 -35.85
C4 CLA JI . -37.32 44.61 -34.87
C5 CLA JI . -39.47 43.25 -35.42
C6 CLA JI . -40.68 43.87 -34.76
C7 CLA JI . -41.61 42.69 -34.36
C8 CLA JI . -41.08 41.74 -33.26
C9 CLA JI . -42.18 41.01 -32.49
C10 CLA JI . -40.23 42.54 -32.28
C11 CLA JI . -41.13 43.50 -31.49
C12 CLA JI . -40.39 44.72 -30.97
C13 CLA JI . -39.30 44.31 -29.96
C14 CLA JI . -39.88 43.51 -28.78
C15 CLA JI . -38.64 45.58 -29.48
C16 CLA JI . -37.82 46.29 -30.58
C17 CLA JI . -36.94 47.34 -29.91
C18 CLA JI . -37.70 48.54 -29.33
C19 CLA JI . -38.77 49.13 -30.29
C20 CLA JI . -36.77 49.65 -28.93
MG CLA KI . -25.21 53.31 -29.90
CHA CLA KI . -21.99 54.26 -31.11
CHB CLA KI . -24.24 50.06 -30.48
CHC CLA KI . -27.85 52.15 -27.89
CHD CLA KI . -25.65 56.48 -28.50
NA CLA KI . -23.35 52.27 -30.67
C1A CLA KI . -22.29 52.83 -31.14
C2A CLA KI . -21.22 51.83 -31.59
C3A CLA KI . -22.02 50.56 -31.60
C4A CLA KI . -23.30 50.96 -30.86
CMA CLA KI . -22.41 50.29 -33.05
CAA CLA KI . -20.07 51.93 -30.54
CBA CLA KI . -20.54 51.31 -29.23
CGA CLA KI . -19.49 51.52 -28.18
O1A CLA KI . -18.33 51.84 -28.40
O2A CLA KI . -19.92 51.31 -26.83
NB CLA KI . -25.87 51.41 -29.22
C1B CLA KI . -25.49 50.23 -29.71
C2B CLA KI . -26.37 49.10 -29.36
C3B CLA KI . -27.43 49.74 -28.58
C4B CLA KI . -27.01 51.18 -28.56
CMB CLA KI . -26.21 47.66 -29.75
CAB CLA KI . -28.65 49.19 -27.94
CBB CLA KI . -29.37 48.23 -28.56
NC CLA KI . -26.58 54.16 -28.42
C1C CLA KI . -27.47 53.55 -27.67
C2C CLA KI . -28.09 54.39 -26.62
C3C CLA KI . -27.40 55.71 -26.82
C4C CLA KI . -26.47 55.42 -27.95
CMC CLA KI . -29.13 53.98 -25.62
CAC CLA KI . -27.59 56.97 -26.01
CBC CLA KI . -26.44 57.09 -25.03
ND CLA KI . -24.20 54.93 -29.72
C1D CLA KI . -24.45 56.19 -29.27
C2D CLA KI . -23.47 57.23 -29.63
C3D CLA KI . -22.48 56.40 -30.36
C4D CLA KI . -22.97 55.10 -30.38
CMD CLA KI . -23.47 58.71 -29.35
CAD CLA KI . -21.19 56.48 -31.05
OBD CLA KI . -20.47 57.51 -31.20
CBD CLA KI . -20.84 55.08 -31.44
CGD CLA KI . -20.77 54.99 -32.92
O1D CLA KI . -19.90 54.32 -33.48
O2D CLA KI . -21.60 55.87 -33.68
CED CLA KI . -21.63 55.70 -35.12
C1 CLA KI . -18.98 51.47 -25.77
C2 CLA KI . -19.54 50.58 -24.67
C3 CLA KI . -20.12 51.05 -23.55
C4 CLA KI . -20.24 52.53 -23.30
C5 CLA KI . -20.64 50.06 -22.53
C6 CLA KI . -22.12 50.08 -22.25
C7 CLA KI . -22.31 49.16 -21.02
C8 CLA KI . -23.48 49.51 -20.10
C9 CLA KI . -23.23 50.84 -19.39
C10 CLA KI . -23.74 48.36 -19.10
C11 CLA KI . -25.02 47.53 -19.36
C12 CLA KI . -25.86 47.27 -18.08
C13 CLA KI . -27.27 46.72 -18.36
C14 CLA KI . -27.98 47.53 -19.45
C15 CLA KI . -28.23 46.58 -17.15
C16 CLA KI . -27.77 46.83 -15.69
C17 CLA KI . -28.90 46.43 -14.71
C18 CLA KI . -28.45 45.81 -13.37
C19 CLA KI . -29.64 45.23 -12.62
C20 CLA KI . -27.70 46.75 -12.44
MG CLA LI . -42.55 32.23 -16.24
CHA CLA LI . -45.64 32.17 -14.48
CHB CLA LI . -41.16 30.62 -13.52
CHC CLA LI . -39.79 31.55 -18.17
CHD CLA LI . -44.41 33.11 -19.25
NA CLA LI . -43.24 31.54 -14.26
C1A CLA LI . -44.40 31.80 -13.73
C2A CLA LI . -44.42 31.62 -12.23
C3A CLA LI . -43.00 31.18 -11.92
C4A CLA LI . -42.41 31.10 -13.30
CMA CLA LI . -42.30 32.23 -11.11
CAA CLA LI . -45.51 30.63 -11.79
CBA CLA LI . -45.34 29.16 -12.16
CGA CLA LI . -45.66 28.94 -13.60
O1A CLA LI . -46.79 29.02 -14.08
O2A CLA LI . -44.58 28.68 -14.51
NB CLA LI . -40.73 31.23 -15.87
C1B CLA LI . -40.33 30.62 -14.75
C2B CLA LI . -38.99 29.99 -14.85
C3B CLA LI . -38.62 30.31 -16.22
C4B CLA LI . -39.78 31.08 -16.78
CMB CLA LI . -38.24 29.30 -13.72
CAB CLA LI . -37.42 30.05 -17.04
CBB CLA LI . -36.37 29.52 -16.48
NC CLA LI . -42.18 32.19 -18.33
C1C CLA LI . -40.94 32.13 -18.87
C2C CLA LI . -40.86 32.65 -20.26
C3C CLA LI . -42.20 33.09 -20.55
C4C CLA LI . -42.96 32.79 -19.29
CMC CLA LI . -39.68 32.72 -21.16
CAC CLA LI . -42.68 33.73 -21.86
CBC CLA LI . -43.29 32.54 -22.57
ND CLA LI . -44.54 32.57 -16.88
C1D CLA LI . -45.18 32.94 -18.01
C2D CLA LI . -46.63 33.13 -17.86
C3D CLA LI . -46.80 32.78 -16.45
C4D CLA LI . -45.52 32.48 -15.92
CMD CLA LI . -47.64 33.52 -18.93
CAD CLA LI . -47.78 32.69 -15.37
OBD CLA LI . -49.04 32.91 -15.52
CBD CLA LI . -47.08 32.28 -14.11
CGD CLA LI . -47.24 33.33 -13.06
O1D CLA LI . -47.82 33.19 -12.02
O2D CLA LI . -47.04 34.67 -13.43
CED CLA LI . -47.45 35.73 -12.56
C1 CLA LI . -44.83 28.40 -15.88
C2 CLA LI . -43.48 28.20 -16.55
C3 CLA LI . -43.18 28.57 -17.82
C4 CLA LI . -44.24 29.26 -18.63
C5 CLA LI . -41.80 28.34 -18.43
C6 CLA LI . -40.98 27.34 -17.61
C7 CLA LI . -39.65 27.00 -18.33
C8 CLA LI . -38.66 26.18 -17.50
C9 CLA LI . -37.41 25.98 -18.39
C10 CLA LI . -39.34 24.85 -17.28
C11 CLA LI . -39.57 24.19 -18.65
C12 CLA LI . -40.21 22.82 -18.52
C13 CLA LI . -40.58 22.32 -19.93
C14 CLA LI . -41.81 21.42 -19.81
C15 CLA LI . -39.38 21.61 -20.58
C16 CLA LI . -39.62 21.05 -21.99
C17 CLA LI . -38.40 20.28 -22.54
C18 CLA LI . -38.42 20.02 -24.04
C19 CLA LI . -39.70 19.34 -24.56
C20 CLA LI . -37.24 19.12 -24.42
MG CLA MI . -55.16 35.14 -27.38
CHA CLA MI . -56.97 32.88 -25.36
CHB CLA MI . -53.63 36.25 -24.35
CHC CLA MI . -52.63 36.77 -29.13
CHD CLA MI . -56.27 33.56 -30.25
NA CLA MI . -55.29 34.69 -25.24
C1A CLA MI . -56.09 33.86 -24.68
C2A CLA MI . -55.99 33.83 -23.17
C3A CLA MI . -55.15 35.06 -22.90
C4A CLA MI . -54.63 35.38 -24.27
CMA CLA MI . -56.05 36.18 -22.40
CAA CLA MI . -55.27 32.58 -22.62
CBA CLA MI . -53.95 32.31 -23.35
CGA CLA MI . -53.10 31.15 -22.87
O1A CLA MI . -53.43 30.33 -22.05
O2A CLA MI . -51.78 30.99 -23.44
NB CLA MI . -53.41 36.27 -26.76
C1B CLA MI . -52.93 36.69 -25.57
C2B CLA MI . -51.76 37.58 -25.62
C3B CLA MI . -51.52 37.66 -27.07
C4B CLA MI . -52.58 36.83 -27.67
CMB CLA MI . -50.96 38.25 -24.50
CAB CLA MI . -50.51 38.36 -27.88
CBB CLA MI . -49.77 39.36 -27.38
NC CLA MI . -54.46 35.17 -29.27
C1C CLA MI . -53.59 35.98 -29.88
C2C CLA MI . -53.67 35.93 -31.37
C3C CLA MI . -54.74 34.96 -31.61
C4C CLA MI . -55.16 34.55 -30.28
CMC CLA MI . -52.91 36.67 -32.41
CAC CLA MI . -55.32 34.45 -32.92
CBC CLA MI . -54.70 33.08 -33.21
ND CLA MI . -56.26 33.67 -27.83
C1D CLA MI . -56.74 33.09 -28.97
C2D CLA MI . -57.72 32.01 -28.76
C3D CLA MI . -57.78 31.98 -27.32
C4D CLA MI . -56.91 32.96 -26.82
CMD CLA MI . -58.52 31.13 -29.72
CAD CLA MI . -58.43 31.28 -26.21
OBD CLA MI . -59.25 30.33 -26.32
CBD CLA MI . -57.98 31.88 -24.94
CGD CLA MI . -59.22 32.56 -24.36
O1D CLA MI . -59.46 32.57 -23.14
O2D CLA MI . -59.91 33.48 -25.25
CED CLA MI . -61.07 34.21 -24.83
C1 CLA MI . -51.05 29.90 -22.91
C2 CLA MI . -51.12 28.69 -23.83
C3 CLA MI . -51.53 27.50 -23.36
C4 CLA MI . -51.99 27.29 -21.93
C5 CLA MI . -51.52 26.31 -24.29
C6 CLA MI . -50.13 25.64 -24.17
C7 CLA MI . -49.17 26.14 -25.26
C8 CLA MI . -47.87 25.36 -25.45
C9 CLA MI . -47.63 24.45 -24.24
C10 CLA MI . -46.69 26.32 -25.74
C11 CLA MI . -45.75 25.93 -26.90
C12 CLA MI . -45.01 27.16 -27.49
C13 CLA MI . -43.49 27.28 -27.26
C14 CLA MI . -43.17 27.58 -25.79
C15 CLA MI . -42.74 28.33 -28.14
C16 CLA MI . -43.31 28.70 -29.53
C17 CLA MI . -42.91 27.78 -30.69
C18 CLA MI . -43.98 26.73 -31.06
C19 CLA MI . -43.40 25.33 -31.28
C20 CLA MI . -44.83 27.19 -32.23
MG CLA NI . -49.92 39.92 -21.93
CHA CLA NI . -49.57 42.72 -24.18
CHB CLA NI . -47.27 38.54 -23.33
CHC CLA NI . -51.18 36.78 -20.83
CHD CLA NI . -53.06 41.38 -20.82
NA CLA NI . -48.61 40.48 -23.62
C1A CLA NI . -48.56 41.59 -24.30
C2A CLA NI . -47.42 41.64 -25.30
C3A CLA NI . -46.64 40.35 -24.95
C4A CLA NI . -47.56 39.70 -23.93
CMA CLA NI . -46.32 39.42 -26.09
CAA CLA NI . -46.59 42.89 -25.15
CBA CLA NI . -45.32 42.99 -26.02
CGA CLA NI . -45.73 42.77 -27.46
O1A CLA NI . -46.80 43.17 -27.91
O2A CLA NI . -44.87 42.05 -28.35
NB CLA NI . -49.33 37.99 -22.08
C1B CLA NI . -48.18 37.58 -22.67
C2B CLA NI . -47.94 36.11 -22.55
C3B CLA NI . -49.11 35.69 -21.83
C4B CLA NI . -49.90 36.92 -21.58
CMB CLA NI . -46.77 35.25 -23.02
CAB CLA NI . -49.59 34.40 -21.32
CBB CLA NI . -49.36 33.28 -21.99
NC CLA NI . -51.80 39.14 -21.04
C1C CLA NI . -52.07 37.92 -20.56
C2C CLA NI . -53.33 37.83 -19.76
C3C CLA NI . -53.85 39.21 -19.80
C4C CLA NI . -52.82 39.93 -20.61
CMC CLA NI . -53.92 36.62 -19.11
CAC CLA NI . -55.15 39.78 -19.20
CBC CLA NI . -56.21 39.54 -20.27
ND CLA NI . -51.21 41.62 -22.35
C1D CLA NI . -52.32 42.13 -21.82
C2D CLA NI . -52.66 43.49 -22.30
C3D CLA NI . -51.55 43.69 -23.27
C4D CLA NI . -50.72 42.55 -23.25
CMD CLA NI . -53.83 44.38 -21.92
CAD CLA NI . -51.01 44.64 -24.26
OBD CLA NI . -51.48 45.80 -24.53
CBD CLA NI . -49.70 44.07 -24.77
CGD CLA NI . -49.72 43.97 -26.25
O1D CLA NI . -49.62 44.95 -26.93
O2D CLA NI . -50.30 42.87 -26.93
CED CLA NI . -50.09 42.83 -28.32
C1 CLA NI . -45.22 41.80 -29.72
C2 CLA NI . -46.29 40.75 -29.85
C3 CLA NI . -46.09 39.54 -30.38
C4 CLA NI . -44.70 39.07 -30.79
C5 CLA NI . -47.31 38.64 -30.47
C6 CLA NI . -47.57 38.10 -31.87
C7 CLA NI . -48.74 37.11 -31.80
C8 CLA NI . -48.38 35.67 -31.52
C9 CLA NI . -47.18 35.23 -32.36
C10 CLA NI . -49.55 34.75 -31.86
C11 CLA NI . -49.97 33.93 -30.64
C12 CLA NI . -51.14 33.05 -31.02
C13 CLA NI . -51.32 31.99 -29.93
C14 CLA NI . -50.65 30.68 -30.30
C15 CLA NI . -52.79 31.73 -29.72
C16 CLA NI . -53.02 31.03 -28.39
C17 CLA NI . -54.36 30.31 -28.44
C18 CLA NI . -54.53 29.24 -27.38
C19 CLA NI . -56.00 28.88 -27.31
C20 CLA NI . -54.04 29.66 -26.01
MG CLA OI . -39.51 45.99 -12.62
CHA CLA OI . -39.99 47.23 -9.30
CHB CLA OI . -41.83 48.41 -13.61
CHC CLA OI . -38.49 45.60 -15.90
CHD CLA OI . -36.46 44.51 -11.57
NA CLA OI . -40.75 47.62 -11.62
C1A CLA OI . -40.81 47.82 -10.37
C2A CLA OI . -41.80 48.94 -10.04
C3A CLA OI . -42.58 49.11 -11.32
C4A CLA OI . -41.67 48.33 -12.28
CMA CLA OI . -43.88 48.29 -11.34
CAA CLA OI . -41.04 50.18 -9.61
CBA CLA OI . -39.95 50.53 -10.62
CGA CLA OI . -39.21 51.80 -10.23
O1A CLA OI . -39.70 52.75 -9.61
O2A CLA OI . -37.88 51.91 -10.67
NB CLA OI . -40.08 46.91 -14.44
C1B CLA OI . -41.10 47.74 -14.69
C2B CLA OI . -41.46 47.87 -16.13
C3B CLA OI . -40.45 47.03 -16.79
C4B CLA OI . -39.62 46.52 -15.64
CMB CLA OI . -42.55 48.67 -16.82
CAB CLA OI . -40.23 46.76 -18.21
CBB CLA OI . -41.17 46.90 -19.14
NC CLA OI . -37.72 45.19 -13.60
C1C CLA OI . -37.55 45.05 -14.91
C2C CLA OI . -36.32 44.29 -15.27
C3C CLA OI . -35.73 43.97 -13.96
C4C CLA OI . -36.70 44.61 -13.00
CMC CLA OI . -35.90 43.99 -16.70
CAC CLA OI . -34.48 43.15 -13.58
CBC CLA OI . -33.36 44.10 -13.29
ND CLA OI . -38.37 45.95 -10.92
C1D CLA OI . -37.30 45.19 -10.55
C2D CLA OI . -36.98 45.16 -9.12
C3D CLA OI . -38.12 45.98 -8.61
C4D CLA OI . -38.85 46.40 -9.73
CMD CLA OI . -35.88 44.40 -8.44
CAD CLA OI . -38.78 46.52 -7.40
OBD CLA OI . -38.40 46.33 -6.21
CBD CLA OI . -40.02 47.23 -7.83
CGD CLA OI . -41.19 46.44 -7.39
O1D CLA OI . -41.19 45.21 -7.34
O2D CLA OI . -42.46 47.17 -7.33
CED CLA OI . -43.65 46.42 -7.03
C1 CLA OI . -37.17 53.13 -10.44
C2 CLA OI . -35.89 53.14 -11.24
C3 CLA OI . -34.68 53.21 -10.63
C4 CLA OI . -34.55 53.21 -9.13
C5 CLA OI . -33.42 53.29 -11.48
C6 CLA OI . -32.81 51.89 -11.63
C7 CLA OI . -31.53 52.03 -12.48
C8 CLA OI . -30.92 50.68 -12.87
C9 CLA OI . -30.64 49.82 -11.65
C10 CLA OI . -29.62 50.91 -13.65
C11 CLA OI . -29.90 51.22 -15.12
C12 CLA OI . -28.55 51.49 -15.79
C13 CLA OI . -28.70 51.97 -17.23
C14 CLA OI . -29.60 51.04 -18.03
C15 CLA OI . -27.33 52.13 -17.91
C16 CLA OI . -26.31 53.03 -17.19
C17 CLA OI . -26.74 54.51 -17.06
C18 CLA OI . -25.79 55.42 -16.27
C19 CLA OI . -25.21 54.79 -15.01
C20 CLA OI . -26.50 56.72 -15.92
MG CLA PI . -45.46 49.72 -18.37
CHA CLA PI . -45.22 47.51 -21.14
CHB CLA PI . -42.86 51.51 -19.81
CHC CLA PI . -45.06 51.41 -15.38
CHD CLA PI . -47.66 47.50 -16.72
NA CLA PI . -44.15 49.52 -20.18
C1A CLA PI . -44.29 48.67 -21.13
C2A CLA PI . -43.38 48.95 -22.31
C3A CLA PI . -42.61 50.14 -21.84
C4A CLA PI . -43.26 50.43 -20.52
CMA CLA PI . -41.14 49.81 -21.58
CAA CLA PI . -44.16 49.28 -23.58
CBA CLA PI . -43.32 49.67 -24.81
CGA CLA PI . -42.62 48.46 -25.40
O1A CLA PI . -42.65 47.33 -24.91
O2A CLA PI . -41.88 48.63 -26.62
NB CLA PI . -44.15 51.11 -17.76
C1B CLA PI . -43.28 51.88 -18.46
C2B CLA PI . -42.79 53.08 -17.76
C3B CLA PI . -43.49 52.99 -16.47
C4B CLA PI . -44.27 51.75 -16.56
CMB CLA PI . -41.90 54.21 -18.24
CAB CLA PI . -43.53 53.90 -15.27
CBB CLA PI . -42.75 54.99 -15.20
NC CLA PI . -46.23 49.54 -16.38
C1C CLA PI . -45.94 50.26 -15.29
C2C CLA PI . -46.72 49.88 -14.08
C3C CLA PI . -47.50 48.76 -14.53
C4C CLA PI . -47.10 48.61 -15.95
CMC CLA PI . -46.69 50.52 -12.73
CAC CLA PI . -48.44 47.85 -13.76
CBC CLA PI . -47.66 46.95 -12.78
ND CLA PI . -46.21 47.98 -18.67
C1D CLA PI . -47.14 47.20 -18.06
C2D CLA PI . -47.65 46.12 -18.88
C3D CLA PI . -46.84 46.25 -20.10
C4D CLA PI . -46.01 47.35 -19.92
CMD CLA PI . -48.68 45.04 -18.59
CAD CLA PI . -46.63 45.62 -21.42
OBD CLA PI . -47.28 44.53 -21.88
CBD CLA PI . -45.53 46.39 -22.05
CGD CLA PI . -44.25 45.58 -22.15
O1D CLA PI . -44.09 44.85 -23.09
O2D CLA PI . -43.55 45.26 -20.92
CED CLA PI . -42.39 44.40 -20.88
C1 CLA PI . -41.31 47.53 -27.31
C2 CLA PI . -42.38 46.60 -27.81
C3 CLA PI . -43.11 46.92 -28.87
C4 CLA PI . -42.92 48.22 -29.57
C5 CLA PI . -44.15 45.94 -29.33
C6 CLA PI . -45.55 46.53 -29.16
C7 CLA PI . -45.86 46.77 -27.69
C8 CLA PI . -47.23 47.40 -27.42
C9 CLA PI . -47.31 48.81 -27.97
C10 CLA PI . -47.41 47.31 -25.90
C11 CLA PI . -48.24 48.41 -25.23
C12 CLA PI . -48.79 47.82 -23.94
C13 CLA PI . -49.27 48.84 -22.94
C14 CLA PI . -48.15 49.80 -22.61
C15 CLA PI . -49.62 48.08 -21.68
C16 CLA PI . -51.11 47.84 -21.49
C17 CLA PI . -51.60 48.60 -20.29
C18 CLA PI . -52.95 49.28 -20.55
C19 CLA PI . -52.92 50.66 -19.90
C20 CLA PI . -54.13 48.43 -20.05
MG CLA QI . -36.87 52.24 -21.61
CHA CLA QI . -36.71 53.30 -18.29
CHB CLA QI . -38.16 49.31 -20.47
CHC CLA QI . -36.40 51.00 -24.79
CHD CLA QI . -34.90 55.16 -22.58
NA CLA QI . -37.37 51.41 -19.66
C1A CLA QI . -37.32 52.00 -18.55
C2A CLA QI . -37.94 51.22 -17.44
C3A CLA QI . -38.16 49.87 -18.06
C4A CLA QI . -37.87 50.19 -19.49
CMA CLA QI . -37.15 48.81 -17.58
CAA CLA QI . -39.22 51.96 -17.00
CBA CLA QI . -40.10 51.19 -16.00
CGA CLA QI . -39.40 51.07 -14.67
O1A CLA QI . -39.71 51.73 -13.68
O2A CLA QI . -38.32 50.12 -14.55
NB CLA QI . -37.16 50.43 -22.43
C1B CLA QI . -37.79 49.39 -21.89
C2B CLA QI . -38.22 48.39 -22.89
C3B CLA QI . -37.69 48.92 -24.15
C4B CLA QI . -37.03 50.20 -23.75
CMB CLA QI . -38.95 47.13 -22.69
CAB CLA QI . -37.65 48.39 -25.51
CBB CLA QI . -37.96 47.13 -25.81
NC CLA QI . -35.78 52.95 -23.40
C1C CLA QI . -35.81 52.34 -24.59
C2C CLA QI . -35.17 53.09 -25.67
C3C CLA QI . -34.71 54.30 -24.99
C4C CLA QI . -35.17 54.11 -23.60
CMC CLA QI . -35.03 52.66 -27.09
CAC CLA QI . -34.01 55.50 -25.57
CBC CLA QI . -32.49 55.30 -25.50
ND CLA QI . -35.97 53.82 -20.82
C1D CLA QI . -35.33 54.95 -21.21
C2D CLA QI . -35.03 55.90 -20.12
C3D CLA QI . -35.59 55.20 -18.97
C4D CLA QI . -36.15 54.00 -19.45
CMD CLA QI . -34.28 57.19 -20.22
CAD CLA QI . -35.82 55.32 -17.52
OBD CLA QI . -35.43 56.30 -16.78
CBD CLA QI . -36.62 54.17 -17.12
CGD CLA QI . -35.79 53.43 -16.13
O1D CLA QI . -36.17 53.27 -14.97
O2D CLA QI . -34.43 53.10 -16.49
CED CLA QI . -33.73 52.21 -15.60
C1 CLA QI . -37.49 50.09 -13.39
C2 CLA QI . -36.23 49.41 -13.91
C3 CLA QI . -35.53 48.56 -13.16
C4 CLA QI . -36.01 48.27 -11.77
C5 CLA QI . -34.25 47.88 -13.72
C6 CLA QI . -34.21 47.84 -15.25
C7 CLA QI . -32.92 47.12 -15.75
C8 CLA QI . -32.83 47.15 -17.28
C9 CLA QI . -32.10 45.93 -17.85
C10 CLA QI . -32.11 48.44 -17.65
C11 CLA QI . -32.40 48.85 -19.08
C12 CLA QI . -33.44 49.97 -19.21
C13 CLA QI . -33.89 50.21 -20.68
C14 CLA QI . -34.11 48.92 -21.43
C15 CLA QI . -32.87 51.09 -21.40
C16 CLA QI . -32.59 52.37 -20.64
C17 CLA QI . -31.44 53.16 -21.27
C18 CLA QI . -31.52 54.64 -20.89
C19 CLA QI . -30.85 55.57 -21.90
C20 CLA QI . -30.87 54.92 -19.55
MG CLA RI . -41.39 57.65 -12.26
CHA CLA RI . -43.88 59.24 -10.21
CHB CLA RI . -43.11 58.83 -15.02
CHC CLA RI . -38.60 57.00 -14.17
CHD CLA RI . -39.21 57.49 -9.25
NA CLA RI . -43.20 58.95 -12.58
C1A CLA RI . -44.05 59.31 -11.67
C2A CLA RI . -45.28 59.96 -12.31
C3A CLA RI . -44.94 60.01 -13.81
C4A CLA RI . -43.66 59.21 -13.84
CMA CLA RI . -46.06 59.46 -14.67
CAA CLA RI . -45.54 61.38 -11.81
CBA CLA RI . -44.31 62.31 -11.87
CGA CLA RI . -44.57 63.71 -11.30
O1A CLA RI . -45.54 63.96 -10.61
O2A CLA RI . -43.63 64.77 -11.55
NB CLA RI . -40.92 57.95 -14.27
C1B CLA RI . -41.76 58.26 -15.28
C2B CLA RI . -41.22 57.96 -16.63
C3B CLA RI . -39.87 57.44 -16.34
C4B CLA RI . -39.79 57.48 -14.84
CMB CLA RI . -41.85 58.21 -17.94
CAB CLA RI . -38.78 56.98 -17.27
CBB CLA RI . -39.13 56.66 -18.52
NC CLA RI . -39.31 57.33 -11.81
C1C CLA RI . -38.35 57.04 -12.73
C2C CLA RI . -37.04 56.70 -12.17
C3C CLA RI . -37.27 56.85 -10.74
C4C CLA RI . -38.69 57.26 -10.63
CMC CLA RI . -35.79 56.30 -12.91
CAC CLA RI . -36.31 56.66 -9.61
CBC CLA RI . -35.53 57.93 -9.55
ND CLA RI . -41.37 58.25 -10.22
C1D CLA RI . -40.60 58.01 -9.14
C2D CLA RI . -41.27 58.31 -7.86
C3D CLA RI . -42.58 58.81 -8.32
C4D CLA RI . -42.57 58.73 -9.71
CMD CLA RI . -40.70 58.15 -6.49
CAD CLA RI . -43.89 59.35 -7.82
OBD CLA RI . -44.22 59.54 -6.58
CBD CLA RI . -44.66 59.71 -9.01
CGD CLA RI . -45.99 59.04 -8.92
O1D CLA RI . -46.11 57.85 -9.12
O2D CLA RI . -47.19 59.83 -9.07
CED CLA RI . -48.43 59.30 -8.58
C1 CLA RI . -43.51 65.95 -10.77
C2 CLA RI . -42.26 66.59 -11.35
C3 CLA RI . -42.24 67.70 -12.11
C4 CLA RI . -43.49 68.50 -12.44
C5 CLA RI . -40.87 68.14 -12.61
C6 CLA RI . -40.83 68.16 -14.15
C7 CLA RI . -41.32 66.84 -14.77
C8 CLA RI . -41.49 66.86 -16.30
C9 CLA RI . -42.17 65.58 -16.79
C10 CLA RI . -40.16 67.12 -17.01
C11 CLA RI . -40.34 67.10 -18.54
C12 CLA RI . -39.02 67.35 -19.28
C13 CLA RI . -39.20 67.24 -20.80
C14 CLA RI . -37.89 67.65 -21.50
C15 CLA RI . -40.40 68.08 -21.23
C16 CLA RI . -40.32 68.62 -22.65
C17 CLA RI . -41.72 68.50 -23.25
C18 CLA RI . -41.87 68.98 -24.69
C19 CLA RI . -42.81 70.18 -24.79
C20 CLA RI . -42.45 67.88 -25.55
MG CLA SI . -53.43 51.75 -26.82
CHA CLA SI . -49.96 52.54 -27.03
CHB CLA SI . -53.44 52.02 -30.34
CHC CLA SI . -56.95 51.81 -26.81
CHD CLA SI . -53.42 52.44 -23.36
NA CLA SI . -51.92 52.17 -28.48
C1A CLA SI . -50.67 52.39 -28.32
C2A CLA SI . -49.96 52.63 -29.63
C3A CLA SI . -51.09 52.71 -30.64
C4A CLA SI . -52.24 52.28 -29.79
CMA CLA SI . -51.27 54.16 -31.08
CAA CLA SI . -48.96 51.51 -29.96
CBA CLA SI . -47.99 52.08 -31.00
CGA CLA SI . -47.08 50.99 -31.50
O1A CLA SI . -46.21 50.53 -30.76
O2A CLA SI . -47.22 50.50 -32.87
NB CLA SI . -54.93 51.93 -28.39
C1B CLA SI . -54.79 51.99 -29.73
C2B CLA SI . -56.07 52.00 -30.48
C3B CLA SI . -57.06 51.93 -29.40
C4B CLA SI . -56.26 51.92 -28.13
CMB CLA SI . -56.37 52.04 -31.97
CAB CLA SI . -58.55 51.92 -29.46
CBB CLA SI . -59.14 52.97 -30.00
NC CLA SI . -54.98 52.10 -25.34
C1C CLA SI . -56.31 52.03 -25.49
C2C CLA SI . -57.07 52.21 -24.23
C3C CLA SI . -56.00 52.42 -23.22
C4C CLA SI . -54.74 52.31 -24.03
CMC CLA SI . -58.58 52.20 -24.07
CAC CLA SI . -56.13 52.66 -21.74
CBC CLA SI . -55.69 54.10 -21.53
ND CLA SI . -52.14 52.40 -25.46
C1D CLA SI . -52.16 52.50 -24.12
C2D CLA SI . -50.85 52.70 -23.51
C3D CLA SI . -49.98 52.68 -24.71
C4D CLA SI . -50.80 52.50 -25.82
CMD CLA SI . -50.44 52.83 -22.03
CAD CLA SI . -48.58 52.78 -25.14
OBD CLA SI . -47.59 52.96 -24.36
CBD CLA SI . -48.55 52.62 -26.61
CGD CLA SI . -47.93 53.81 -27.28
O1D CLA SI . -46.94 53.69 -27.99
O2D CLA SI . -48.57 55.12 -27.23
CED CLA SI . -47.99 56.25 -27.86
C1 CLA SI . -46.52 49.42 -33.50
C2 CLA SI . -47.21 49.26 -34.85
C3 CLA SI . -47.09 50.27 -35.74
C4 CLA SI . -46.26 51.51 -35.47
C5 CLA SI . -47.79 50.18 -37.09
C6 CLA SI . -48.65 51.44 -37.22
C7 CLA SI . -50.14 51.11 -37.10
C8 CLA SI . -51.10 52.26 -37.46
C9 CLA SI . -50.48 53.64 -37.39
C10 CLA SI . -52.32 52.23 -36.52
C11 CLA SI . -53.65 52.24 -37.27
C12 CLA SI . -54.81 51.80 -36.37
C13 CLA SI . -56.16 52.19 -36.95
C14 CLA SI . -56.19 53.68 -37.28
C15 CLA SI . -57.25 51.78 -35.95
C16 CLA SI . -57.52 50.27 -35.89
C17 CLA SI . -58.88 49.96 -35.25
C18 CLA SI . -58.83 49.92 -33.71
C19 CLA SI . -58.13 48.66 -33.25
C20 CLA SI . -60.18 50.10 -33.03
MG CLA TI . -54.14 61.64 -24.70
CHA CLA TI . -56.92 63.61 -23.83
CHB CLA TI . -56.07 58.91 -24.45
CHC CLA TI . -51.56 59.95 -26.36
CHD CLA TI . -52.48 64.81 -25.94
NA CLA TI . -56.14 61.29 -24.19
C1A CLA TI . -57.06 62.14 -23.91
C2A CLA TI . -58.36 61.49 -23.51
C3A CLA TI . -57.92 60.04 -23.25
C4A CLA TI . -56.62 60.05 -24.00
CMA CLA TI . -57.72 59.77 -21.76
CAA CLA TI . -59.42 61.55 -24.60
CBA CLA TI . -58.88 61.45 -26.03
CGA CLA TI . -60.05 61.62 -26.96
O1A CLA TI . -60.82 62.54 -26.74
O2A CLA TI . -60.27 60.73 -28.09
NB CLA TI . -53.90 59.76 -25.34
C1B CLA TI . -54.72 58.73 -25.07
C2B CLA TI . -54.18 57.40 -25.43
C3B CLA TI . -52.85 57.75 -25.96
C4B CLA TI . -52.77 59.25 -25.89
CMB CLA TI . -54.86 56.08 -25.25
CAB CLA TI . -51.74 56.92 -26.51
CBB CLA TI . -51.87 55.61 -26.45
NC CLA TI . -52.26 62.27 -25.95
C1C CLA TI . -51.43 61.42 -26.58
C2C CLA TI . -50.41 62.09 -27.43
C3C CLA TI . -50.74 63.52 -27.26
C4C CLA TI . -51.90 63.52 -26.34
CMC CLA TI . -49.31 61.49 -28.29
CAC CLA TI . -50.08 64.73 -27.89
CBC CLA TI . -50.71 65.01 -29.25
ND CLA TI . -54.51 63.78 -25.04
C1D CLA TI . -53.79 64.88 -25.26
C2D CLA TI . -54.46 66.11 -24.78
C3D CLA TI . -55.71 65.57 -24.21
C4D CLA TI . -55.68 64.19 -24.38
CMD CLA TI . -53.93 67.52 -24.86
CAD CLA TI . -56.98 65.95 -23.51
OBD CLA TI . -57.33 67.15 -23.19
CBD CLA TI . -57.76 64.72 -23.28
CGD CLA TI . -57.96 64.55 -21.79
O1D CLA TI . -57.07 64.17 -21.06
O2D CLA TI . -59.05 65.28 -21.18
CED CLA TI . -58.93 65.87 -19.88
C1 CLA TI . -60.80 61.12 -29.35
C2 CLA TI . -59.71 61.45 -30.37
C3 CLA TI . -59.76 61.09 -31.68
C4 CLA TI . -60.91 60.32 -32.27
C5 CLA TI . -58.61 61.48 -32.58
C6 CLA TI . -57.71 60.26 -32.83
C7 CLA TI . -57.00 60.38 -34.17
C8 CLA TI . -55.49 60.26 -34.04
C9 CLA TI . -54.88 61.66 -33.88
C10 CLA TI . -54.90 59.56 -35.26
C11 CLA TI . -55.19 58.06 -35.28
C12 CLA TI . -54.24 57.32 -36.24
C13 CLA TI . -53.26 56.34 -35.55
C14 CLA TI . -53.98 55.34 -34.64
C15 CLA TI . -52.12 57.12 -34.85
C16 CLA TI . -51.03 56.20 -34.26
C17 CLA TI . -49.74 56.92 -33.86
C18 CLA TI . -48.56 55.95 -33.67
C19 CLA TI . -47.58 56.40 -32.59
C20 CLA TI . -47.82 55.73 -34.98
C1 BCR UI . -38.43 66.50 -44.44
C2 BCR UI . -37.16 67.18 -44.92
C3 BCR UI . -36.23 67.53 -43.78
C4 BCR UI . -36.87 68.46 -42.73
C5 BCR UI . -38.35 68.15 -42.53
C6 BCR UI . -39.05 67.28 -43.30
C7 BCR UI . -40.49 67.02 -43.03
C8 BCR UI . -40.88 66.31 -41.96
C9 BCR UI . -42.29 66.00 -41.61
C10 BCR UI . -42.59 65.63 -40.34
C11 BCR UI . -43.95 65.27 -39.90
C33 BCR UI . -39.03 68.86 -41.41
C31 BCR UI . -38.09 65.09 -43.96
C32 BCR UI . -39.43 66.34 -45.61
C34 BCR UI . -43.33 66.07 -42.70
C12 BCR UI . -44.16 64.52 -38.81
C13 BCR UI . -45.49 64.06 -38.29
C14 BCR UI . -45.56 63.62 -37.01
C15 BCR UI . -46.80 63.11 -36.39
C16 BCR UI . -46.80 62.54 -35.18
C17 BCR UI . -48.04 62.04 -34.58
C18 BCR UI . -48.12 61.26 -33.46
C19 BCR UI . -49.46 60.80 -33.03
C20 BCR UI . -49.79 60.40 -31.80
C21 BCR UI . -51.17 59.98 -31.50
C22 BCR UI . -51.52 58.96 -30.70
C23 BCR UI . -52.97 58.69 -30.51
C24 BCR UI . -53.46 58.02 -29.46
C25 BCR UI . -54.92 57.77 -29.27
C26 BCR UI . -55.71 58.80 -28.85
C27 BCR UI . -57.21 58.66 -28.62
C28 BCR UI . -57.74 57.41 -29.32
C29 BCR UI . -56.87 56.21 -28.99
C30 BCR UI . -55.47 56.38 -29.57
C35 BCR UI . -46.73 64.09 -39.16
C36 BCR UI . -46.91 60.83 -32.71
C37 BCR UI . -50.49 58.10 -30.00
C38 BCR UI . -55.14 60.17 -28.57
C39 BCR UI . -55.57 56.16 -31.09
C40 BCR UI . -54.57 55.32 -28.95
C1 BCR VI . -49.40 28.80 -17.77
C2 BCR VI . -49.85 27.87 -16.66
C3 BCR VI . -50.39 26.57 -17.25
C4 BCR VI . -49.24 25.83 -17.91
C5 BCR VI . -48.43 26.74 -18.82
C6 BCR VI . -48.48 28.10 -18.76
C7 BCR VI . -47.69 28.94 -19.68
C8 BCR VI . -47.98 28.96 -20.99
C9 BCR VI . -47.22 29.77 -21.98
C10 BCR VI . -47.38 29.50 -23.31
C11 BCR VI . -46.69 30.25 -24.38
C33 BCR VI . -47.54 26.00 -19.79
C31 BCR VI . -48.62 29.91 -17.10
C32 BCR VI . -50.62 29.30 -18.53
C34 BCR VI . -46.31 30.88 -21.53
C12 BCR VI . -46.82 29.93 -25.69
C13 BCR VI . -46.15 30.68 -26.81
C14 BCR VI . -46.65 30.53 -28.07
C15 BCR VI . -46.08 31.18 -29.28
C16 BCR VI . -46.61 30.99 -30.51
C17 BCR VI . -45.95 31.67 -31.64
C18 BCR VI . -46.36 31.65 -32.93
C19 BCR VI . -45.49 32.40 -33.88
C20 BCR VI . -45.73 32.37 -35.19
C21 BCR VI . -44.80 33.05 -36.08
C22 BCR VI . -44.84 33.01 -37.45
C23 BCR VI . -43.74 33.69 -38.18
C24 BCR VI . -43.49 33.56 -39.49
C25 BCR VI . -42.32 34.21 -40.13
C26 BCR VI . -42.09 35.56 -40.15
C27 BCR VI . -40.86 36.20 -40.76
C28 BCR VI . -39.76 35.15 -41.06
C29 BCR VI . -40.34 33.85 -41.63
C30 BCR VI . -41.34 33.19 -40.70
C35 BCR VI . -44.95 31.59 -26.57
C36 BCR VI . -47.56 30.90 -33.44
C37 BCR VI . -45.91 32.25 -38.20
C38 BCR VI . -43.10 36.52 -39.53
C39 BCR VI . -40.67 32.45 -39.51
C40 BCR VI . -42.03 32.14 -41.53
C1A DGD WI . -29.39 27.44 -30.44
C2A DGD WI . -30.31 27.10 -29.30
C3A DGD WI . -30.06 25.69 -28.81
C4A DGD WI . -31.34 25.26 -28.09
C5A DGD WI . -31.79 26.18 -26.95
C6A DGD WI . -32.91 25.56 -26.09
C7A DGD WI . -34.32 25.63 -26.70
C8A DGD WI . -35.44 25.66 -25.65
C9A DGD WI . -36.01 24.27 -25.33
CAA DGD WI . -37.51 24.32 -25.00
CBA DGD WI . -37.79 24.29 -23.50
CCA DGD WI . -37.93 25.70 -22.92
CDA DGD WI . -39.28 26.36 -23.22
CEA DGD WI . -39.41 27.73 -22.55
CFA DGD WI . -40.43 28.63 -23.25
CGA DGD WI . -41.72 28.80 -22.45
O1A DGD WI . -28.43 26.76 -30.77
C1B DGD WI . -32.52 29.85 -32.63
C2B DGD WI . -33.34 30.93 -31.96
C3B DGD WI . -33.76 30.51 -30.55
C4B DGD WI . -32.64 30.10 -29.64
C5B DGD WI . -32.73 31.04 -28.44
C6B DGD WI . -31.47 31.08 -27.59
C7B DGD WI . -31.82 30.51 -26.23
C8B DGD WI . -31.05 31.22 -25.11
C9B DGD WI . -31.58 30.73 -23.77
CAB DGD WI . -30.97 31.62 -22.69
CBB DGD WI . -31.22 30.95 -21.36
CCB DGD WI . -30.65 31.84 -20.26
CDB DGD WI . -31.42 31.38 -19.02
CEB DGD WI . -30.88 32.06 -17.75
CFB DGD WI . -31.55 31.33 -16.57
CGB DGD WI . -31.16 32.07 -15.28
O1B DGD WI . -32.89 28.74 -32.92
O1G DGD WI . -29.72 28.63 -31.14
C1G DGD WI . -29.21 28.93 -32.44
C2G DGD WI . -30.43 29.06 -33.35
O2G DGD WI . -31.17 30.17 -32.86
C3G DGD WI . -29.89 29.40 -34.75
O3G DGD WI . -29.22 28.17 -35.09
C1D DGD WI . -28.39 28.32 -36.22
C2D DGD WI . -27.66 26.97 -36.48
O2D DGD WI . -26.74 26.70 -35.39
C3D DGD WI . -26.85 27.11 -37.79
O3D DGD WI . -26.25 25.84 -38.08
C4D DGD WI . -27.79 27.58 -38.90
O4D DGD WI . -28.85 26.62 -38.98
C5D DGD WI . -28.43 28.90 -38.50
O5D DGD WI . -28.44 30.08 -40.49
C6D DGD WI . -29.34 29.36 -39.65
O6D DGD WI . -29.24 28.70 -37.33
C1E DGD WI . -28.54 29.53 -41.83
C2E DGD WI . -27.15 29.52 -42.48
O2E DGD WI . -26.29 28.72 -41.66
C3E DGD WI . -26.71 30.95 -42.44
O3E DGD WI . -25.36 31.11 -42.92
C4E DGD WI . -27.70 31.87 -43.21
O4E DGD WI . -27.69 31.51 -44.61
C5E DGD WI . -29.12 31.73 -42.63
O6E DGD WI . -29.45 30.33 -42.59
C6E DGD WI . -30.12 32.49 -43.59
O5E DGD WI . -29.62 33.81 -43.82
C1A DGD XI . -17.61 55.89 -24.67
C2A DGD XI . -17.28 56.66 -23.41
C3A DGD XI . -18.40 56.45 -22.39
C4A DGD XI . -17.93 55.95 -21.04
C5A DGD XI . -19.20 55.58 -20.28
C6A DGD XI . -19.06 54.42 -19.31
C7A DGD XI . -20.44 53.88 -18.90
C8A DGD XI . -20.56 53.78 -17.39
C9A DGD XI . -22.00 53.46 -16.93
CAA DGD XI . -22.18 53.76 -15.43
CBA DGD XI . -21.43 52.79 -14.50
CCA DGD XI . -20.96 53.35 -13.15
CDA DGD XI . -19.62 54.12 -13.17
CEA DGD XI . -18.44 53.45 -13.88
CFA DGD XI . -17.51 54.49 -14.53
CGA DGD XI . -16.59 53.94 -15.61
O1A DGD XI . -18.54 55.12 -24.78
C1B DGD XI . -20.13 55.46 -27.52
C2B DGD XI . -21.32 55.60 -26.60
C3B DGD XI . -22.33 54.53 -26.98
C4B DGD XI . -23.33 54.10 -25.92
C5B DGD XI . -22.98 52.67 -25.50
C6B DGD XI . -24.07 51.64 -25.70
C7B DGD XI . -23.51 50.40 -26.36
C8B DGD XI . -23.70 49.09 -25.57
C9B DGD XI . -23.88 47.87 -26.47
CAB DGD XI . -23.34 46.58 -25.82
CBB DGD XI . -23.66 46.44 -24.35
CCB DGD XI . -23.65 44.96 -23.90
CDB DGD XI . -22.26 44.41 -23.58
CEB DGD XI . -21.47 45.43 -22.81
CFB DGD XI . -20.30 44.75 -22.12
CGB DGD XI . -19.50 45.86 -21.44
O1B DGD XI . -20.05 54.69 -28.43
O1G DGD XI . -16.77 56.04 -25.84
C1G DGD XI . -17.05 55.18 -26.97
C2G DGD XI . -17.85 55.99 -27.97
O2G DGD XI . -19.03 56.33 -27.30
C3G DGD XI . -17.17 57.32 -28.26
O3G DGD XI . -15.82 57.17 -28.73
C1D DGD XI . -15.75 56.62 -30.04
C2D DGD XI . -14.38 56.92 -30.53
O2D DGD XI . -14.28 58.33 -30.63
C3D DGD XI . -14.28 56.36 -31.96
O3D DGD XI . -12.93 56.62 -32.35
C4D DGD XI . -14.57 54.87 -31.97
O4D DGD XI . -13.59 54.18 -31.22
C5D DGD XI . -15.96 54.62 -31.38
O5D DGD XI . -16.11 52.37 -32.34
C6D DGD XI . -16.25 53.14 -31.18
O6D DGD XI . -15.96 55.18 -30.08
C1E DGD XI . -17.21 52.46 -33.27
C2E DGD XI . -17.36 51.07 -33.81
O2E DGD XI . -17.42 50.17 -32.69
C3E DGD XI . -16.17 50.67 -34.73
O3E DGD XI . -16.56 49.47 -35.46
C4E DGD XI . -15.81 51.85 -35.67
O4E DGD XI . -16.85 51.91 -36.61
C5E DGD XI . -15.67 53.21 -35.00
O6E DGD XI . -16.92 53.40 -34.34
C6E DGD XI . -15.36 54.41 -35.96
O5E DGD XI . -16.45 54.48 -36.88
C1A DGD YI . -10.52 53.32 -20.07
C2A DGD YI . -10.50 52.27 -18.97
C3A DGD YI . -11.37 52.60 -17.77
C4A DGD YI . -12.01 51.25 -17.43
C5A DGD YI . -13.09 51.24 -16.38
C6A DGD YI . -13.14 49.86 -15.76
C7A DGD YI . -13.81 49.83 -14.41
C8A DGD YI . -14.24 48.40 -14.17
C9A DGD YI . -15.67 48.29 -13.66
CAA DGD YI . -15.65 47.17 -12.60
CBA DGD YI . -14.72 47.50 -11.42
CCA DGD YI . -14.75 46.53 -10.27
CDA DGD YI . -14.39 47.34 -9.03
CEA DGD YI . -15.52 47.36 -7.98
CFA DGD YI . -14.94 47.99 -6.69
CGA DGD YI . -15.76 47.76 -5.41
O1A DGD YI . -9.98 54.39 -19.94
C1B DGD YI . -13.72 52.95 -24.01
C2B DGD YI . -15.05 53.60 -23.79
C3B DGD YI . -16.24 52.73 -24.09
C4B DGD YI . -16.40 51.63 -23.10
C5B DGD YI . -16.00 51.99 -21.69
C6B DGD YI . -16.95 51.03 -21.02
C7B DGD YI . -16.89 51.07 -19.50
C8B DGD YI . -17.79 49.89 -19.10
C9B DGD YI . -17.99 49.77 -17.60
CAB DGD YI . -19.12 48.78 -17.32
CBB DGD YI . -19.79 49.10 -15.99
CCB DGD YI . -21.28 48.83 -16.15
CDB DGD YI . -22.07 49.02 -14.86
CEB DGD YI . -23.56 49.18 -15.15
CFB DGD YI . -24.09 50.55 -14.70
CGB DGD YI . -25.45 50.42 -14.03
O1B DGD YI . -13.56 51.89 -24.57
O1G DGD YI . -11.11 53.07 -21.35
C1G DGD YI . -10.58 53.74 -22.52
C2G DGD YI . -11.37 53.10 -23.65
O2G DGD YI . -12.63 53.64 -23.45
C3G DGD YI . -10.84 53.49 -25.04
O3G DGD YI . -9.43 53.29 -24.92
C1D DGD YI . -8.71 53.65 -26.08
C2D DGD YI . -7.30 53.39 -25.74
O2D DGD YI . -6.89 54.39 -24.73
C3D DGD YI . -6.49 53.57 -27.04
O3D DGD YI . -5.10 53.46 -26.81
C4D DGD YI . -7.00 52.70 -28.19
O4D DGD YI . -6.90 51.27 -27.88
C5D DGD YI . -8.47 53.01 -28.36
O5D DGD YI . -8.18 52.02 -30.48
C6D DGD YI . -9.13 52.08 -29.41
O6D DGD YI . -9.20 52.80 -27.16
C1E DGD YI . -8.77 51.72 -31.76
C2E DGD YI . -7.66 51.43 -32.79
O2E DGD YI . -6.80 50.32 -32.39
C3E DGD YI . -6.80 52.69 -33.09
O3E DGD YI . -5.93 52.43 -34.17
C4E DGD YI . -7.63 53.96 -33.47
O4E DGD YI . -8.31 53.73 -34.70
C5E DGD YI . -8.68 54.11 -32.36
O6E DGD YI . -9.46 52.90 -32.23
C6E DGD YI . -9.58 55.34 -32.61
O5E DGD YI . -10.59 55.42 -31.56
C1 LMG ZI . -17.30 59.09 -33.24
O1 LMG ZI . -18.14 59.80 -32.31
C2 LMG ZI . -18.02 57.79 -33.66
O2 LMG ZI . -18.33 56.97 -32.51
C3 LMG ZI . -17.29 57.00 -34.74
O3 LMG ZI . -18.16 55.99 -35.36
C4 LMG ZI . -16.84 57.96 -35.87
O4 LMG ZI . -18.01 58.27 -36.68
C5 LMG ZI . -16.20 59.24 -35.37
O5 LMG ZI . -15.07 61.08 -36.00
C6 LMG ZI . -15.98 60.16 -36.56
O6 LMG ZI . -17.02 59.89 -34.40
C7 LMG ZI . -17.44 60.71 -31.46
C8 LMG ZI . -18.51 61.30 -30.54
C9 LMG ZI . -18.95 60.29 -29.48
O7 LMG ZI . -17.99 62.46 -29.89
C10 LMG ZI . -18.87 63.63 -30.04
O9 LMG ZI . -19.82 63.55 -30.81
C11 LMG ZI . -18.62 64.88 -29.24
C12 LMG ZI . -19.88 65.19 -28.43
C13 LMG ZI . -20.17 64.17 -27.33
C14 LMG ZI . -20.94 64.79 -26.16
C15 LMG ZI . -20.45 64.31 -24.80
C16 LMG ZI . -21.57 63.55 -24.05
C17 LMG ZI . -21.43 63.64 -22.53
C18 LMG ZI . -22.16 62.50 -21.82
C19 LMG ZI . -22.99 62.98 -20.63
C20 LMG ZI . -24.11 61.98 -20.32
C21 LMG ZI . -24.05 61.52 -18.87
C22 LMG ZI . -23.41 60.13 -18.75
C23 LMG ZI . -23.33 59.67 -17.30
C24 LMG ZI . -23.36 58.14 -17.18
C25 LMG ZI . -22.99 57.73 -15.76
O8 LMG ZI . -19.92 60.75 -28.53
C28 LMG ZI . -19.94 60.23 -27.16
O10 LMG ZI . -18.95 60.43 -26.47
C29 LMG ZI . -21.12 59.47 -26.59
C30 LMG ZI . -21.52 59.92 -25.18
C31 LMG ZI . -21.35 58.87 -24.08
C32 LMG ZI . -22.64 58.19 -23.66
C33 LMG ZI . -22.49 57.65 -22.25
C34 LMG ZI . -23.79 57.07 -21.69
C35 LMG ZI . -23.76 55.53 -21.61
C36 LMG ZI . -25.16 54.91 -21.51
C37 LMG ZI . -25.17 53.40 -21.74
C38 LMG ZI . -26.13 53.00 -22.87
C39 LMG ZI . -26.91 51.70 -22.58
C40 LMG ZI . -27.04 50.79 -23.82
C41 LMG ZI . -27.88 49.54 -23.56
C42 LMG ZI . -27.14 48.59 -22.64
C43 LMG ZI . -27.30 47.17 -23.11
C1 LMG AJ . -35.33 63.26 -53.09
O1 LMG AJ . -36.48 62.70 -53.74
C2 LMG AJ . -34.02 62.73 -53.65
O2 LMG AJ . -34.05 61.30 -53.67
C3 LMG AJ . -32.90 63.14 -52.71
O3 LMG AJ . -31.62 62.71 -53.21
C4 LMG AJ . -32.88 64.65 -52.41
O4 LMG AJ . -32.08 65.34 -53.38
C5 LMG AJ . -34.30 65.25 -52.26
O5 LMG AJ . -34.91 67.21 -53.55
C6 LMG AJ . -34.29 66.78 -52.33
O6 LMG AJ . -35.25 64.68 -53.19
C7 LMG AJ . -37.74 63.11 -53.19
C8 LMG AJ . -38.13 62.41 -51.87
C9 LMG AJ . -39.47 63.05 -51.40
O7 LMG AJ . -38.24 60.97 -52.03
C10 LMG AJ . -37.87 60.16 -50.85
O9 LMG AJ . -37.32 60.69 -49.88
C11 LMG AJ . -38.16 58.65 -50.86
C12 LMG AJ . -37.69 58.01 -49.54
C13 LMG AJ . -38.82 57.45 -48.65
C14 LMG AJ . -38.54 57.64 -47.16
C15 LMG AJ . -39.76 57.21 -46.33
C16 LMG AJ . -39.53 57.35 -44.83
C17 LMG AJ . -40.79 57.00 -44.01
C18 LMG AJ . -40.46 57.05 -42.50
C19 LMG AJ . -41.66 57.19 -41.56
C20 LMG AJ . -41.26 57.50 -40.10
C21 LMG AJ . -42.38 57.25 -39.08
C22 LMG AJ . -42.03 57.64 -37.64
C23 LMG AJ . -43.27 57.53 -36.73
C24 LMG AJ . -42.84 57.72 -35.26
C25 LMG AJ . -44.01 57.72 -34.27
O8 LMG AJ . -40.21 62.28 -50.43
C28 LMG AJ . -40.40 62.75 -49.07
O10 LMG AJ . -39.78 63.74 -48.70
C29 LMG AJ . -41.32 62.00 -48.12
C30 LMG AJ . -41.46 62.70 -46.77
C31 LMG AJ . -42.42 61.87 -45.93
C32 LMG AJ . -42.91 62.57 -44.66
C33 LMG AJ . -43.99 61.69 -43.99
C34 LMG AJ . -44.41 62.18 -42.61
C35 LMG AJ . -45.69 61.51 -42.11
C36 LMG AJ . -45.44 60.14 -41.47
C37 LMG AJ . -46.51 59.79 -40.42
C38 LMG AJ . -46.07 60.07 -38.99
C39 LMG AJ . -46.72 59.12 -37.99
C40 LMG AJ . -48.16 59.52 -37.65
C41 LMG AJ . -49.15 58.40 -37.99
C42 LMG AJ . -50.62 58.84 -37.93
C43 LMG AJ . -51.47 58.09 -38.93
C1B LMT BJ . -59.64 21.12 -11.65
C2B LMT BJ . -59.28 21.76 -10.32
C3B LMT BJ . -58.08 21.04 -9.68
C4B LMT BJ . -58.32 19.51 -9.57
C5B LMT BJ . -58.70 18.96 -10.96
C6B LMT BJ . -59.05 17.46 -11.01
O1B LMT BJ . -58.60 21.44 -12.57
O2B LMT BJ . -58.94 23.13 -10.54
O3B LMT BJ . -57.74 21.70 -8.43
O4' LMT BJ . -57.16 18.84 -9.04
O5B LMT BJ . -59.81 19.69 -11.54
O6B LMT BJ . -59.84 17.02 -9.89
C1' LMT BJ . -58.50 22.42 -16.63
C2' LMT BJ . -59.48 23.19 -15.71
C3' LMT BJ . -58.96 23.06 -14.28
C4' LMT BJ . -59.00 21.58 -13.92
C5' LMT BJ . -58.00 20.84 -14.84
C6' LMT BJ . -57.86 19.37 -14.46
O1' LMT BJ . -58.85 22.50 -18.02
O2' LMT BJ . -59.64 24.57 -16.03
O3' LMT BJ . -59.67 23.87 -13.30
O5' LMT BJ . -58.38 21.04 -16.21
O6' LMT BJ . -59.01 18.60 -14.81
C1 LMT BJ . -57.72 22.50 -18.91
C2 LMT BJ . -58.16 22.70 -20.36
C3 LMT BJ . -57.10 23.44 -21.20
C4 LMT BJ . -57.56 23.71 -22.64
C5 LMT BJ . -56.41 24.20 -23.55
C6 LMT BJ . -56.78 24.28 -25.03
C7 LMT BJ . -55.62 24.85 -25.88
C8 LMT BJ . -55.61 24.42 -27.35
C9 LMT BJ . -54.26 23.88 -27.83
C10 LMT BJ . -53.14 24.92 -27.74
C11 LMT BJ . -52.08 24.80 -28.84
C12 LMT BJ . -51.25 26.07 -28.98
C1 HTG CJ . -41.55 54.66 -52.46
S1 HTG CJ . -42.11 54.59 -50.80
C2 HTG CJ . -40.21 53.92 -52.48
O2 HTG CJ . -39.24 54.64 -51.70
C3 HTG CJ . -39.73 53.75 -53.93
O3 HTG CJ . -38.51 53.00 -53.97
C4 HTG CJ . -40.83 53.05 -54.74
O4 HTG CJ . -40.42 52.95 -56.10
C5 HTG CJ . -42.15 53.81 -54.66
O5 HTG CJ . -42.52 54.02 -53.29
C6 HTG CJ . -43.25 53.04 -55.42
O6 HTG CJ . -44.47 53.79 -55.33
C1' HTG CJ . -43.34 55.83 -50.46
C2' HTG CJ . -43.01 56.63 -49.19
C3' HTG CJ . -44.17 56.55 -48.19
C4' HTG CJ . -43.82 57.21 -46.84
C5' HTG CJ . -44.37 56.37 -45.68
C6' HTG CJ . -44.94 57.22 -44.54
C7' HTG CJ . -45.69 56.37 -43.52
C1 HTG DJ . -50.60 36.49 -54.36
S1 HTG DJ . -50.22 37.63 -53.05
C2 HTG DJ . -49.57 36.72 -55.47
O2 HTG DJ . -49.75 38.04 -55.99
C3 HTG DJ . -49.71 35.68 -56.57
O3 HTG DJ . -48.73 35.91 -57.58
C4 HTG DJ . -49.50 34.26 -56.02
O4 HTG DJ . -50.09 33.33 -56.93
C5 HTG DJ . -50.01 34.02 -54.58
O5 HTG DJ . -50.60 35.14 -53.86
C6 HTG DJ . -48.91 33.39 -53.71
O6 HTG DJ . -47.70 34.15 -53.78
C1' HTG DJ . -51.58 37.87 -51.95
C2' HTG DJ . -51.13 38.67 -50.73
C3' HTG DJ . -51.06 40.19 -50.93
C4' HTG DJ . -51.17 40.91 -49.57
C5' HTG DJ . -50.89 42.42 -49.64
C6' HTG DJ . -51.25 43.19 -48.35
C7' HTG DJ . -50.30 44.34 -48.05
O9 UNL EJ . -32.31 60.16 2.04
C7 UNL EJ . -32.79 59.23 1.42
C8 UNL EJ . -32.40 59.00 -0.03
C9 UNL EJ . -31.03 58.36 -0.21
C10 UNL EJ . -30.35 58.93 -1.46
C11 UNL EJ . -30.42 58.01 -2.68
C12 UNL EJ . -29.31 58.27 -3.70
C13 UNL EJ . -28.81 57.02 -4.41
C14 UNL EJ . -28.59 57.17 -5.92
C15 UNL EJ . -27.17 56.73 -6.34
C16 UNL EJ . -27.03 56.71 -7.87
C17 UNL EJ . -25.58 56.54 -8.35
O7 UNL EJ . -33.77 58.35 2.08
C5 UNL EJ . -33.29 57.02 2.31
C4 UNL EJ . -33.26 56.62 3.79
O6 UNL EJ . -34.54 56.84 4.39
C6 UNL EJ . -34.11 56.01 1.49
O8 UNL EJ . -33.31 55.33 0.50
C23 UNL EJ . -31.93 54.91 0.79
O10 UNL EJ . -31.44 55.12 1.89
C24 UNL EJ . -31.11 54.22 -0.28
C25 UNL EJ . -29.62 54.55 -0.08
C26 UNL EJ . -28.74 53.44 -0.64
C27 UNL EJ . -27.83 53.94 -1.75
C28 UNL EJ . -28.24 53.37 -3.11
C29 UNL EJ . -27.11 52.57 -3.76
C30 UNL EJ . -26.64 53.19 -5.08
C31 UNL EJ . -25.40 52.51 -5.68
C32 UNL EJ . -25.75 51.81 -7.00
C33 UNL EJ . -24.53 51.54 -7.87
C10 UNL FJ . -58.99 55.78 -33.20
C9 UNL FJ . -60.24 55.50 -32.35
C8 UNL FJ . -60.67 56.65 -31.44
C7 UNL FJ . -61.45 56.15 -30.21
C6 UNL FJ . -61.99 57.27 -29.33
C5 UNL FJ . -63.10 56.80 -28.41
C4 UNL FJ . -64.16 57.88 -28.17
C3 UNL FJ . -64.76 57.92 -26.76
C2 UNL FJ . -65.97 56.99 -26.59
C1 UNL FJ . -66.51 57.09 -25.17
C1 GOL GJ . -10.56 52.66 -40.27
O1 GOL GJ . -11.34 53.44 -39.35
C2 GOL GJ . -11.20 51.28 -40.45
O2 GOL GJ . -12.35 51.46 -41.28
C3 GOL GJ . -10.24 50.23 -41.06
O3 GOL GJ . -10.92 49.30 -41.95
C1 GOL HJ . -3.00 36.27 -52.56
O1 GOL HJ . -1.72 36.53 -53.11
C2 GOL HJ . -3.90 35.60 -53.59
O2 GOL HJ . -3.18 34.69 -54.43
C3 GOL HJ . -4.96 34.87 -52.83
O3 GOL HJ . -5.68 34.13 -53.81
C1 GOL IJ . -10.35 39.08 -38.33
O1 GOL IJ . -11.19 39.86 -39.19
C2 GOL IJ . -9.16 39.83 -37.72
O2 GOL IJ . -8.14 40.07 -38.72
C3 GOL IJ . -8.56 38.88 -36.67
O3 GOL IJ . -7.44 39.52 -36.07
C1 GOL JJ . -24.37 10.45 -55.26
O1 GOL JJ . -23.07 11.03 -55.05
C2 GOL JJ . -25.55 11.44 -55.12
O2 GOL JJ . -25.12 12.77 -54.80
C3 GOL JJ . -26.53 10.96 -54.06
O3 GOL JJ . -26.01 9.72 -53.52
C1 HTG KJ . 4.62 56.68 35.97
S1 HTG KJ . 5.57 56.10 34.60
C2 HTG KJ . 5.52 56.93 37.19
O2 HTG KJ . 6.06 55.68 37.67
C3 HTG KJ . 4.77 57.62 38.33
O3 HTG KJ . 5.70 57.98 39.36
C4 HTG KJ . 4.00 58.85 37.81
O4 HTG KJ . 3.22 59.47 38.84
C5 HTG KJ . 3.10 58.47 36.64
O5 HTG KJ . 3.86 57.85 35.59
C6 HTG KJ . 2.42 59.71 36.11
O6 HTG KJ . 2.49 59.72 34.67
C1' HTG KJ . 4.53 55.87 33.19
C2' HTG KJ . 5.03 54.65 32.42
C3' HTG KJ . 4.26 54.52 31.12
C4' HTG KJ . 5.03 53.61 30.16
C5' HTG KJ . 4.30 53.38 28.82
C6' HTG KJ . 5.24 53.62 27.62
C7' HTG KJ . 4.61 54.39 26.45
MG CLA LJ . -7.00 32.40 -7.57
CHA CLA LJ . -5.17 34.10 -4.98
CHB CLA LJ . -9.78 32.86 -5.57
CHC CLA LJ . -8.98 31.59 -10.28
CHD CLA LJ . -4.24 32.75 -9.74
NA CLA LJ . -7.39 33.29 -5.62
C1A CLA LJ . -6.56 33.78 -4.74
C2A CLA LJ . -7.18 34.07 -3.40
C3A CLA LJ . -8.54 33.41 -3.54
C4A CLA LJ . -8.59 33.19 -5.01
CMA CLA LJ . -8.55 32.05 -2.82
CAA CLA LJ . -7.24 35.59 -3.21
CBA CLA LJ . -7.84 35.99 -1.85
CGA CLA LJ . -8.00 37.50 -1.84
O1A CLA LJ . -9.09 38.07 -1.67
O2A CLA LJ . -6.79 38.31 -1.99
NB CLA LJ . -8.94 32.31 -7.79
C1B CLA LJ . -9.96 32.50 -6.95
C2B CLA LJ . -11.30 32.23 -7.48
C3B CLA LJ . -11.03 31.88 -8.87
C4B CLA LJ . -9.54 31.95 -8.96
CMB CLA LJ . -12.62 32.41 -6.79
CAB CLA LJ . -11.92 31.54 -10.01
CBB CLA LJ . -12.93 30.64 -9.91
NC CLA LJ . -6.70 32.26 -9.58
C1C CLA LJ . -7.53 31.75 -10.51
C2C CLA LJ . -6.92 31.32 -11.79
C3C CLA LJ . -5.52 31.66 -11.56
C4C CLA LJ . -5.48 32.22 -10.19
CMC CLA LJ . -7.60 30.63 -12.95
CAC CLA LJ . -4.31 31.41 -12.51
CBC CLA LJ . -3.38 30.36 -11.88
ND CLA LJ . -5.13 33.29 -7.51
C1D CLA LJ . -4.10 33.31 -8.37
C2D CLA LJ . -2.88 33.89 -7.79
C3D CLA LJ . -3.33 34.21 -6.43
C4D CLA LJ . -4.67 33.80 -6.32
CMD CLA LJ . -1.55 34.04 -8.48
CAD CLA LJ . -2.94 34.76 -5.13
OBD CLA LJ . -1.76 35.15 -4.93
CBD CLA LJ . -4.05 34.68 -4.17
CGD CLA LJ . -3.76 33.74 -3.08
O1D CLA LJ . -3.72 32.48 -3.15
O2D CLA LJ . -3.13 34.27 -1.98
CED CLA LJ . -2.77 33.39 -0.95
C1 CLA LJ . -6.90 39.74 -2.06
C2 CLA LJ . -5.93 40.36 -1.06
C3 CLA LJ . -6.07 40.35 0.25
C4 CLA LJ . -7.25 39.72 0.93
C5 CLA LJ . -4.93 41.01 1.01
C6 CLA LJ . -5.41 42.08 2.03
C7 CLA LJ . -6.10 43.21 1.31
C8 CLA LJ . -6.37 44.44 2.22
C9 CLA LJ . -7.39 44.11 3.33
C10 CLA LJ . -6.86 45.51 1.27
C11 CLA LJ . -7.11 46.89 1.91
C12 CLA LJ . -7.31 47.91 0.80
C13 CLA LJ . -7.24 49.34 1.33
C14 CLA LJ . -8.53 49.70 2.10
C15 CLA LJ . -7.01 50.28 0.14
C16 CLA LJ . -7.96 50.17 -1.05
C17 CLA LJ . -7.48 51.19 -2.11
C18 CLA LJ . -8.17 51.21 -3.47
C19 CLA LJ . -7.68 50.14 -4.45
C20 CLA LJ . -7.98 52.55 -4.16
MG CLA MJ . 7.39 55.27 7.53
CHA CLA MJ . 10.29 54.01 5.69
CHB CLA MJ . 7.50 52.49 9.26
CHC CLA MJ . 5.25 56.83 9.82
CHD CLA MJ . 7.95 58.43 5.98
NA CLA MJ . 8.78 53.56 7.57
C1A CLA MJ . 9.72 53.20 6.79
C2A CLA MJ . 10.26 51.79 7.04
C3A CLA MJ . 9.23 51.27 8.00
C4A CLA MJ . 8.45 52.53 8.34
CMA CLA MJ . 8.29 50.30 7.25
CAA CLA MJ . 11.64 51.83 7.71
CBA CLA MJ . 11.57 52.69 8.96
CGA CLA MJ . 12.89 52.68 9.73
O1A CLA MJ . 13.89 52.04 9.40
O2A CLA MJ . 12.96 53.49 10.93
NB CLA MJ . 6.55 54.75 9.24
C1B CLA MJ . 6.61 53.54 9.81
C2B CLA MJ . 5.78 53.34 11.01
C3B CLA MJ . 5.14 54.67 11.12
C4B CLA MJ . 5.69 55.43 9.99
CMB CLA MJ . 5.59 52.17 11.92
CAB CLA MJ . 4.15 55.20 12.10
CBB CLA MJ . 3.95 54.49 13.24
NC CLA MJ . 6.76 57.31 7.94
C1C CLA MJ . 5.82 57.72 8.81
C2C CLA MJ . 5.43 59.14 8.68
C3C CLA MJ . 6.24 59.57 7.52
C4C CLA MJ . 7.05 58.36 7.14
CMC CLA MJ . 4.43 59.87 9.53
CAC CLA MJ . 6.27 60.96 6.89
CBC CLA MJ . 7.40 61.67 7.58
ND CLA MJ . 8.77 56.16 6.23
C1D CLA MJ . 8.82 57.33 5.56
C2D CLA MJ . 9.79 57.38 4.43
C3D CLA MJ . 10.33 56.01 4.48
C4D CLA MJ . 9.74 55.37 5.58
CMD CLA MJ . 10.12 58.47 3.43
CAD CLA MJ . 11.30 55.09 3.87
OBD CLA MJ . 12.05 55.32 2.88
CBD CLA MJ . 11.26 53.80 4.62
CGD CLA MJ . 10.70 52.82 3.61
O1D CLA MJ . 9.52 52.68 3.58
O2D CLA MJ . 11.50 52.31 2.56
CED CLA MJ . 11.00 51.33 1.63
C1 CLA MJ . 14.18 53.44 11.73
C2 CLA MJ . 13.89 54.14 13.02
C3 CLA MJ . 13.22 53.62 14.05
C4 CLA MJ . 12.66 52.21 14.01
C5 CLA MJ . 13.03 54.52 15.26
C6 CLA MJ . 13.09 53.74 16.55
C7 CLA MJ . 13.42 54.63 17.75
C8 CLA MJ . 13.95 53.77 18.90
C9 CLA MJ . 12.80 52.96 19.54
C10 CLA MJ . 14.72 54.64 19.90
C11 CLA MJ . 15.64 53.85 20.85
C12 CLA MJ . 15.54 54.38 22.29
C13 CLA MJ . 16.30 53.56 23.33
C14 CLA MJ . 15.33 53.00 24.35
C15 CLA MJ . 17.33 54.47 24.00
C16 CLA MJ . 18.12 53.85 25.16
C17 CLA MJ . 19.16 54.81 25.74
C18 CLA MJ . 20.43 54.07 26.14
C19 CLA MJ . 20.65 54.18 27.65
C20 CLA MJ . 21.64 54.57 25.34
C1 BCR NJ . 5.77 60.92 1.72
C2 BCR NJ . 7.20 60.37 1.72
C3 BCR NJ . 7.71 59.99 0.35
C4 BCR NJ . 6.76 59.01 -0.35
C5 BCR NJ . 5.29 59.31 -0.16
C6 BCR NJ . 4.83 60.19 0.78
C7 BCR NJ . 3.38 60.39 0.93
C8 BCR NJ . 2.55 60.73 -0.05
C9 BCR NJ . 1.08 60.87 0.15
C10 BCR NJ . 0.29 61.10 -0.93
C11 BCR NJ . -1.18 61.17 -0.88
C33 BCR NJ . 4.34 58.51 -1.07
C31 BCR NJ . 5.73 62.43 1.48
C32 BCR NJ . 5.38 60.66 3.19
C34 BCR NJ . 0.46 60.73 1.52
C12 BCR NJ . -1.82 61.18 -2.08
C13 BCR NJ . -3.31 61.15 -2.31
C14 BCR NJ . -3.76 61.25 -3.58
C15 BCR NJ . -5.19 61.11 -3.89
C16 BCR NJ . -5.49 60.97 -5.20
C17 BCR NJ . -6.86 60.72 -5.59
C18 BCR NJ . -7.32 60.51 -6.86
C19 BCR NJ . -8.72 60.19 -6.98
C20 BCR NJ . -9.30 59.84 -8.14
C21 BCR NJ . -10.71 59.46 -8.05
C22 BCR NJ . -11.55 59.27 -9.11
C23 BCR NJ . -12.96 58.82 -8.85
C24 BCR NJ . -13.53 57.88 -9.64
C25 BCR NJ . -14.88 57.22 -9.50
C26 BCR NJ . -14.98 56.14 -8.70
C27 BCR NJ . -16.29 55.37 -8.46
C28 BCR NJ . -17.44 55.78 -9.39
C29 BCR NJ . -17.41 57.27 -9.62
C30 BCR NJ . -16.10 57.68 -10.28
C35 BCR NJ . -4.30 60.99 -1.15
C36 BCR NJ . -6.48 60.59 -8.10
C37 BCR NJ . -11.07 59.51 -10.50
C38 BCR NJ . -13.77 55.67 -7.91
C39 BCR NJ . -16.13 59.19 -10.28
C40 BCR NJ . -15.92 57.10 -11.68
C2 PL9 OJ . -29.97 29.96 4.62
C3 PL9 OJ . -30.21 28.58 4.62
C4 PL9 OJ . -31.01 28.00 5.71
C5 PL9 OJ . -31.63 28.85 6.76
C6 PL9 OJ . -31.29 30.31 6.73
C1 PL9 OJ . -30.43 30.82 5.62
C7 PL9 OJ . -29.71 27.64 3.50
C8 PL9 OJ . -28.23 27.46 3.41
C9 PL9 OJ . -27.64 26.27 3.50
C10 PL9 OJ . -28.34 24.99 3.73
C11 PL9 OJ . -26.12 26.24 3.38
C12 PL9 OJ . -25.75 25.56 2.07
C13 PL9 OJ . -24.27 25.65 1.83
C14 PL9 OJ . -23.62 25.25 0.67
C15 PL9 OJ . -24.39 24.69 -0.52
C16 PL9 OJ . -22.11 25.47 0.63
C17 PL9 OJ . -21.46 25.98 1.97
C18 PL9 OJ . -19.91 26.15 1.75
C19 PL9 OJ . -18.96 25.15 1.81
C20 PL9 OJ . -19.36 23.70 2.07
C21 PL9 OJ . -17.46 25.44 1.48
C22 PL9 OJ . -16.44 25.10 2.58
C23 PL9 OJ . -15.04 25.59 2.14
C24 PL9 OJ . -14.04 25.71 3.05
C25 PL9 OJ . -14.25 25.34 4.50
C26 PL9 OJ . -12.67 26.20 2.61
C27 PL9 OJ . -11.65 25.04 2.67
C28 PL9 OJ . -11.95 23.93 1.66
C29 PL9 OJ . -12.05 22.62 1.95
C30 PL9 OJ . -11.91 22.12 3.38
C31 PL9 OJ . -12.36 21.58 0.86
C32 PL9 OJ . -12.81 22.24 -0.44
C33 PL9 OJ . -12.96 21.05 -1.39
C34 PL9 OJ . -12.51 20.97 -2.66
C35 PL9 OJ . -11.73 22.05 -3.35
C36 PL9 OJ . -12.73 19.66 -3.42
C37 PL9 OJ . -13.84 19.98 -4.36
C38 PL9 OJ . -13.85 18.76 -5.26
C39 PL9 OJ . -14.78 17.82 -5.32
C40 PL9 OJ . -15.95 17.96 -4.38
C41 PL9 OJ . -14.60 16.65 -6.36
C42 PL9 OJ . -15.82 16.65 -7.31
C43 PL9 OJ . -16.07 15.29 -7.95
C44 PL9 OJ . -15.85 15.02 -9.28
C45 PL9 OJ . -15.21 16.04 -10.22
C46 PL9 OJ . -16.12 13.66 -9.86
C47 PL9 OJ . -17.04 12.82 -8.96
C48 PL9 OJ . -17.45 11.54 -9.66
C49 PL9 OJ . -16.88 10.34 -9.52
C50 PL9 OJ . -17.47 9.23 -10.30
C51 PL9 OJ . -15.72 9.99 -8.66
C52 PL9 OJ . -32.47 28.19 7.85
C53 PL9 OJ . -31.86 31.25 7.77
O1 PL9 OJ . -31.17 26.79 5.74
O2 PL9 OJ . -30.16 32.06 5.54
C1A DGD PJ . 16.32 64.62 -3.27
C2A DGD PJ . 16.09 64.07 -1.89
C3A DGD PJ . 15.60 65.10 -0.87
C4A DGD PJ . 14.90 64.37 0.26
C5A DGD PJ . 13.38 64.22 0.02
C6A DGD PJ . 12.68 63.59 1.23
C7A DGD PJ . 11.17 63.47 1.08
C8A DGD PJ . 10.58 62.81 2.33
C9A DGD PJ . 9.25 63.45 2.73
CAA DGD PJ . 8.78 63.11 4.16
CBA DGD PJ . 7.99 64.24 4.85
CCA DGD PJ . 6.59 64.58 4.26
CDA DGD PJ . 5.46 64.72 5.30
CEA DGD PJ . 4.10 64.11 4.87
CFA DGD PJ . 2.96 64.32 5.87
CGA DGD PJ . 2.47 63.04 6.54
O1A DGD PJ . 17.27 65.38 -3.45
C1B DGD PJ . 12.08 66.44 -4.18
C2B DGD PJ . 11.40 65.81 -2.95
C3B DGD PJ . 9.90 66.13 -2.90
C4B DGD PJ . 9.01 64.96 -2.45
C5B DGD PJ . 7.53 65.17 -2.81
C6B DGD PJ . 6.73 63.87 -3.01
C7B DGD PJ . 5.32 63.88 -2.41
C8B DGD PJ . 4.20 63.53 -3.41
C9B DGD PJ . 3.20 64.65 -3.72
CAB DGD PJ . 3.85 66.04 -3.62
CBB DGD PJ . 3.33 67.15 -4.56
CCB DGD PJ . 4.06 68.47 -4.28
CDB DGD PJ . 5.47 68.50 -4.90
CEB DGD PJ . 6.55 69.15 -4.02
CFB DGD PJ . 7.95 68.87 -4.54
CGB DGD PJ . 8.72 70.06 -5.12
O1B DGD PJ . 11.46 67.02 -5.07
O1G DGD PJ . 15.44 64.24 -4.39
C1G DGD PJ . 15.25 65.01 -5.59
C2G DGD PJ . 14.06 66.01 -5.61
O2G DGD PJ . 13.53 66.37 -4.31
C3G DGD PJ . 14.52 67.30 -6.30
O3G DGD PJ . 13.78 67.49 -7.50
C1D DGD PJ . 14.42 67.04 -8.70
C2D DGD PJ . 14.90 68.26 -9.46
O2D DGD PJ . 13.84 69.23 -9.41
C3D DGD PJ . 15.32 67.82 -10.87
O3D DGD PJ . 16.01 68.87 -11.57
C4D DGD PJ . 16.16 66.52 -10.95
O4D DGD PJ . 17.55 66.84 -11.13
C5D DGD PJ . 15.96 65.51 -9.79
C6D DGD PJ . 17.16 64.57 -9.58
O6D DGD PJ . 15.55 66.14 -8.55
O1 LHG QJ . -19.89 27.56 16.05
C1 LHG QJ . -18.91 26.53 16.23
C2 LHG QJ . -18.21 26.83 17.53
O2 LHG QJ . -19.24 27.07 18.48
C3 LHG QJ . -17.38 28.10 17.51
O3 LHG QJ . -16.61 27.92 18.69
P LHG QJ . -15.68 29.10 19.11
O4 LHG QJ . -16.38 30.42 18.98
O5 LHG QJ . -15.03 28.67 20.38
O6 LHG QJ . -14.50 29.11 18.00
C4 LHG QJ . -13.61 28.01 17.89
C5 LHG QJ . -13.18 27.96 16.41
C6 LHG QJ . -12.40 29.21 16.07
O7 LHG QJ . -12.19 26.94 16.31
C7 LHG QJ . -12.60 25.70 15.81
O9 LHG QJ . -13.71 25.61 15.33
C8 LHG QJ . -11.57 24.58 15.90
C9 LHG QJ . -11.77 23.53 14.83
C10 LHG QJ . -11.34 23.95 13.45
O8 LHG QJ . -12.21 29.11 14.66
C23 LHG QJ . -11.99 30.16 13.74
O10 LHG QJ . -11.90 31.23 14.28
C24 LHG QJ . -11.84 29.96 12.22
C11 LHG QJ . -11.06 22.61 12.78
C12 LHG QJ . -10.78 22.76 11.31
C13 LHG QJ . -10.60 21.42 10.55
C14 LHG QJ . -9.49 20.45 10.97
C15 LHG QJ . -9.45 19.27 9.95
C16 LHG QJ . -8.20 18.40 9.95
C17 LHG QJ . -8.16 17.23 8.94
C18 LHG QJ . -7.11 16.25 9.51
C19 LHG QJ . -6.83 14.94 8.77
C20 LHG QJ . -5.87 14.07 9.62
C21 LHG QJ . -5.58 12.71 8.97
C22 LHG QJ . -4.85 11.70 9.83
C25 LHG QJ . -10.61 29.10 11.93
C26 LHG QJ . -9.68 29.52 10.78
C27 LHG QJ . -8.30 28.88 11.03
C28 LHG QJ . -7.32 28.62 9.86
C29 LHG QJ . -5.97 28.01 10.34
C30 LHG QJ . -5.52 26.62 9.84
C31 LHG QJ . -6.38 25.36 10.04
C32 LHG QJ . -6.00 24.38 11.17
C33 LHG QJ . -6.89 24.57 12.42
C34 LHG QJ . -6.84 23.44 13.48
C35 LHG QJ . -7.46 23.95 14.78
C36 LHG QJ . -7.67 22.87 15.83
C37 LHG QJ . -7.86 23.51 17.20
C38 LHG QJ . -8.47 22.58 18.21
O1 LHG RJ . -23.74 21.75 16.39
C1 LHG RJ . -24.01 22.27 15.07
C2 LHG RJ . -25.49 22.58 15.11
O2 LHG RJ . -25.99 21.26 15.29
C3 LHG RJ . -25.92 23.17 13.79
O3 LHG RJ . -26.86 22.36 13.13
P LHG RJ . -27.80 23.00 12.02
O4 LHG RJ . -29.08 22.25 12.14
O5 LHG RJ . -27.96 24.49 12.06
O6 LHG RJ . -27.12 22.66 10.62
C4 LHG RJ . -27.53 21.40 9.98
C5 LHG RJ . -26.31 21.02 9.10
C6 LHG RJ . -26.43 19.62 8.52
O7 LHG RJ . -26.32 21.88 7.97
C7 LHG RJ . -25.28 22.82 7.79
O9 LHG RJ . -24.39 22.83 8.63
C8 LHG RJ . -25.38 23.72 6.59
C9 LHG RJ . -24.06 24.11 5.98
C10 LHG RJ . -23.22 22.91 5.50
O8 LHG RJ . -25.20 19.42 7.79
C23 LHG RJ . -24.86 18.11 7.43
O10 LHG RJ . -25.69 17.28 7.65
C24 LHG RJ . -23.51 17.85 6.74
C11 LHG RJ . -23.49 22.64 4.05
C12 LHG RJ . -22.61 21.58 3.36
C13 LHG RJ . -23.23 21.56 1.91
C14 LHG RJ . -22.34 20.63 1.09
C15 LHG RJ . -22.63 20.59 -0.41
C16 LHG RJ . -21.98 19.31 -0.96
C17 LHG RJ . -20.48 19.35 -1.01
C18 LHG RJ . -19.83 18.00 -1.31
C19 LHG RJ . -19.79 17.69 -2.79
C20 LHG RJ . -18.94 16.44 -3.00
C21 LHG RJ . -19.34 15.95 -4.38
C22 LHG RJ . -18.44 14.72 -4.68
C25 LHG RJ . -23.62 16.83 5.62
C26 LHG RJ . -24.51 17.42 4.53
C27 LHG RJ . -24.55 16.46 3.36
C28 LHG RJ . -25.69 16.74 2.36
C29 LHG RJ . -25.42 17.95 1.47
C30 LHG RJ . -26.57 18.02 0.43
C31 LHG RJ . -26.74 16.80 -0.50
C32 LHG RJ . -27.84 17.30 -1.40
C33 LHG RJ . -28.45 16.25 -2.31
C34 LHG RJ . -29.26 17.17 -3.19
C35 LHG RJ . -30.75 16.91 -3.08
C36 LHG RJ . -31.51 17.78 -4.10
C37 LHG RJ . -32.96 17.42 -3.96
C38 LHG RJ . -33.68 17.97 -5.18
O1 LHG SJ . -41.35 47.53 -2.43
C1 LHG SJ . -41.14 47.00 -3.75
C2 LHG SJ . -40.84 45.50 -3.77
O2 LHG SJ . -41.83 44.80 -2.97
C3 LHG SJ . -39.42 45.18 -3.29
O3 LHG SJ . -39.25 45.65 -1.94
P LHG SJ . -39.48 44.68 -0.67
O4 LHG SJ . -39.18 45.37 0.60
O5 LHG SJ . -40.66 43.81 -1.01
O6 LHG SJ . -38.16 43.70 -0.75
C4 LHG SJ . -36.86 44.21 -0.35
C5 LHG SJ . -35.75 43.57 -1.27
C6 LHG SJ . -35.92 42.06 -1.36
O7 LHG SJ . -35.87 44.01 -2.61
C7 LHG SJ . -35.32 45.28 -2.90
O9 LHG SJ . -34.81 45.93 -2.00
C8 LHG SJ . -35.38 45.75 -4.31
C9 LHG SJ . -34.63 47.09 -4.44
C10 LHG SJ . -34.73 47.57 -5.89
O8 LHG SJ . -34.70 41.62 -1.96
C23 LHG SJ . -34.46 40.23 -2.11
O10 LHG SJ . -35.36 39.45 -1.83
C24 LHG SJ . -33.07 39.78 -2.57
C11 LHG SJ . -34.02 48.92 -6.00
C12 LHG SJ . -32.52 48.93 -5.72
C13 LHG SJ . -31.65 47.79 -6.25
C14 LHG SJ . -30.15 48.09 -6.10
C15 LHG SJ . -29.25 47.70 -7.27
C16 LHG SJ . -29.09 48.85 -8.27
C17 LHG SJ . -28.14 48.40 -9.36
C18 LHG SJ . -26.88 49.25 -9.38
C19 LHG SJ . -25.67 48.38 -9.64
C20 LHG SJ . -24.94 48.73 -10.94
C21 LHG SJ . -23.44 48.96 -10.73
C22 LHG SJ . -22.61 47.85 -11.35
C25 LHG SJ . -33.27 38.78 -3.73
C26 LHG SJ . -31.96 38.41 -4.49
C27 LHG SJ . -31.08 39.65 -4.81
C28 LHG SJ . -31.57 40.33 -6.10
C29 LHG SJ . -30.89 41.67 -6.39
C30 LHG SJ . -31.97 42.56 -7.02
C31 LHG SJ . -31.82 44.06 -6.77
C32 LHG SJ . -30.69 44.70 -7.59
C33 LHG SJ . -30.87 44.48 -9.12
C34 LHG SJ . -31.21 45.75 -9.91
C35 LHG SJ . -32.68 46.14 -9.73
C36 LHG SJ . -33.01 47.60 -10.10
C37 LHG SJ . -33.02 48.55 -8.89
C38 LHG SJ . -34.38 49.14 -8.61
C1 LMG TJ . -5.79 58.45 -18.43
O1 LMG TJ . -6.99 58.81 -17.75
C2 LMG TJ . -6.14 57.99 -19.84
O2 LMG TJ . -6.82 56.76 -19.68
C3 LMG TJ . -4.89 57.75 -20.63
O3 LMG TJ . -5.26 57.40 -21.95
C4 LMG TJ . -4.02 59.01 -20.65
O4 LMG TJ . -4.77 60.07 -21.33
C5 LMG TJ . -3.71 59.44 -19.20
O5 LMG TJ . -1.76 60.68 -19.71
C6 LMG TJ . -3.07 60.81 -19.14
O6 LMG TJ . -4.90 59.57 -18.41
C7 LMG TJ . -6.71 59.15 -16.40
C8 LMG TJ . -7.40 58.06 -15.55
C9 LMG TJ . -7.24 58.45 -14.11
O7 LMG TJ . -8.76 57.92 -15.84
C10 LMG TJ . -9.24 56.64 -16.30
O9 LMG TJ . -8.45 55.70 -16.31
C11 LMG TJ . -10.67 56.46 -16.74
C12 LMG TJ . -11.63 56.62 -15.56
C13 LMG TJ . -11.10 56.04 -14.25
C14 LMG TJ . -12.04 54.95 -13.74
C15 LMG TJ . -11.83 54.63 -12.26
C16 LMG TJ . -12.76 53.52 -11.83
C17 LMG TJ . -12.48 53.10 -10.40
C18 LMG TJ . -13.07 51.73 -10.10
C19 LMG TJ . -13.21 51.45 -8.58
C20 LMG TJ . -11.95 50.85 -7.95
C21 LMG TJ . -11.90 51.02 -6.42
C22 LMG TJ . -11.68 52.48 -6.03
C23 LMG TJ . -12.91 53.14 -5.39
C24 LMG TJ . -12.64 54.62 -5.05
C25 LMG TJ . -13.76 55.33 -4.32
O8 LMG TJ . -8.01 57.46 -13.42
C28 LMG TJ . -8.07 57.55 -11.99
O10 LMG TJ . -7.62 58.58 -11.50
C29 LMG TJ . -8.67 56.40 -11.19
C30 LMG TJ . -8.45 56.55 -9.69
C31 LMG TJ . -8.93 55.29 -8.92
C32 LMG TJ . -9.64 55.61 -7.61
C33 LMG TJ . -8.74 56.09 -6.48
C34 LMG TJ . -9.54 56.44 -5.20
C35 LMG TJ . -8.61 56.83 -4.04
C36 LMG TJ . -9.24 57.15 -2.66
C37 LMG TJ . -9.18 58.63 -2.25
C38 LMG TJ . -10.56 59.32 -2.34
C39 LMG TJ . -10.80 60.31 -1.18
C40 LMG TJ . -12.17 61.02 -1.26
C41 LMG TJ . -12.34 62.33 -0.46
C42 LMG TJ . -12.23 62.21 1.07
C43 LMG TJ . -13.54 62.10 1.83
C16 UNL UJ . 7.57 51.90 16.99
C15 UNL UJ . 6.34 52.72 17.31
C14 UNL UJ . 5.03 52.40 16.56
C13 UNL UJ . 3.86 53.11 17.27
C12 UNL UJ . 2.50 52.41 17.26
C11 UNL UJ . 2.28 51.30 18.30
C10 UNL UJ . 0.90 51.35 18.99
C9 UNL UJ . 0.09 50.06 18.85
C8 UNL UJ . -0.44 49.38 20.11
C7 UNL UJ . -1.95 49.11 20.02
C6 UNL UJ . -2.47 48.15 21.09
C5 UNL UJ . -4.00 48.23 21.31
C4 UNL UJ . -4.49 46.79 21.51
C3 UNL UJ . -5.32 46.49 22.76
C2 UNL UJ . -6.03 45.15 22.53
C1 UNL UJ . -7.17 44.95 23.51
C16 UNL VJ . -13.07 70.86 -9.63
C15 UNL VJ . -12.26 72.13 -9.83
C14 UNL VJ . -12.48 72.76 -11.20
C13 UNL VJ . -11.76 74.11 -11.36
C12 UNL VJ . -11.65 74.50 -12.85
C11 UNL VJ . -10.46 75.40 -13.16
C10 UNL VJ . -9.93 75.17 -14.59
C9 UNL VJ . -8.41 74.96 -14.69
C8 UNL VJ . -7.93 74.44 -16.05
C7 UNL VJ . -6.76 75.20 -16.69
C6 UNL VJ . -5.66 75.68 -15.71
CHA HEM WJ . -14.22 71.97 6.15
CHB HEM WJ . -10.40 74.70 4.93
CHC HEM WJ . -9.76 71.88 1.03
CHD HEM WJ . -13.89 69.48 2.00
C1A HEM WJ . -13.35 73.03 6.07
C2A HEM WJ . -13.37 74.22 6.90
C3A HEM WJ . -12.30 74.98 6.56
C4A HEM WJ . -11.57 74.27 5.53
CMA HEM WJ . -11.89 76.37 7.13
CAA HEM WJ . -14.49 74.51 7.91
CBA HEM WJ . -15.66 74.91 6.96
CGA HEM WJ . -16.82 75.59 7.63
O1A HEM WJ . -17.97 75.38 7.16
O2A HEM WJ . -16.61 76.36 8.60
C1B HEM WJ . -9.84 74.14 3.82
C2B HEM WJ . -8.56 74.51 3.24
C3B HEM WJ . -8.36 73.73 2.14
C4B HEM WJ . -9.53 72.85 2.01
CMB HEM WJ . -7.65 75.63 3.82
CAB HEM WJ . -7.13 73.77 1.18
CBB HEM WJ . -5.94 74.29 1.54
C1C HEM WJ . -10.87 71.04 0.91
C2C HEM WJ . -11.17 70.17 -0.23
C3C HEM WJ . -12.31 69.50 0.03
C4C HEM WJ . -12.77 69.92 1.34
CMC HEM WJ . -10.22 70.12 -1.47
CAC HEM WJ . -13.12 68.47 -0.78
CBC HEM WJ . -13.12 68.50 -2.12
C1D HEM WJ . -14.26 69.83 3.28
C2D HEM WJ . -15.23 69.11 4.11
C3D HEM WJ . -15.33 69.89 5.41
C4D HEM WJ . -14.42 70.99 5.22
CMD HEM WJ . -16.00 67.84 3.78
CAD HEM WJ . -16.15 69.53 6.70
CBD HEM WJ . -15.05 68.88 7.60
CGD HEM WJ . -15.44 68.39 9.00
O1D HEM WJ . -14.88 67.35 9.51
O2D HEM WJ . -16.30 69.03 9.65
NA HEM WJ . -12.24 73.09 5.27
NB HEM WJ . -10.41 73.11 3.06
NC HEM WJ . -11.89 70.84 1.83
ND HEM WJ . -13.78 70.93 3.98
FE HEM WJ . -12.11 72.00 3.57
O6 SQD XJ . -10.72 70.27 20.05
C44 SQD XJ . -9.44 70.32 20.68
C45 SQD XJ . -8.32 69.58 19.95
C46 SQD XJ . -8.79 68.33 19.21
O47 SQD XJ . -7.62 70.45 19.04
C7 SQD XJ . -7.88 71.87 19.17
O49 SQD XJ . -7.97 72.56 18.17
O48 SQD XJ . -7.70 67.51 18.77
C23 SQD XJ . -7.18 67.45 17.40
O10 SQD XJ . -7.73 68.09 16.53
C24 SQD XJ . -5.98 66.60 17.04
C25 SQD XJ . -5.90 66.33 15.55
C26 SQD XJ . -5.13 65.05 15.27
C27 SQD XJ . -3.66 65.35 15.00
C28 SQD XJ . -2.80 64.08 14.99
C29 SQD XJ . -1.47 64.33 15.73
C30 SQD XJ . -0.23 63.89 14.94
C31 SQD XJ . 0.55 65.09 14.42
C32 SQD XJ . 2.05 64.91 14.71
C33 SQD XJ . 2.94 65.65 13.72
C34 SQD XJ . 4.32 64.98 13.55
C35 SQD XJ . 4.32 63.71 12.68
C36 SQD XJ . 4.27 63.95 11.17
C37 SQD XJ . 5.52 64.64 10.58
C38 SQD XJ . 5.21 65.36 9.28
C1 SQD XJ . -11.73 69.93 21.00
C5 SQD XJ . -12.46 67.70 20.55
C6 SQD XJ . -12.88 66.99 19.25
O5 SQD XJ . -12.72 69.10 20.41
S SQD XJ . -11.70 65.91 18.77
O7 SQD XJ . -11.22 65.21 19.99
O8 SQD XJ . -12.29 65.01 17.75
O9 SQD XJ . -10.55 66.58 18.13
CA CA YJ . 5.70 65.14 -31.12
C1 GOL ZJ . 3.24 62.10 -33.17
O1 GOL ZJ . 1.94 62.63 -33.40
C2 GOL ZJ . 4.36 63.03 -33.68
O2 GOL ZJ . 4.19 64.33 -33.09
C3 GOL ZJ . 5.73 62.45 -33.32
O3 GOL ZJ . 6.24 62.96 -32.05
C1 RRX AK . 10.79 41.23 25.12
C2 RRX AK . 9.41 41.13 25.74
O2 RRX AK . 33.45 51.46 13.52
C3 RRX AK . 8.99 42.46 26.41
C40 RRX AK . 30.90 52.07 17.13
C30 RRX AK . 30.51 52.40 15.68
C39 RRX AK . 29.83 53.76 15.70
C29 RRX AK . 31.72 52.53 14.76
C28 RRX AK . 32.40 51.19 14.47
C27 RRX AK . 31.45 50.23 13.78
C26 RRX AK . 30.03 50.28 14.31
C38 RRX AK . 29.12 49.18 13.82
C25 RRX AK . 29.59 51.24 15.17
C24 RRX AK . 28.16 51.21 15.61
C23 RRX AK . 27.70 50.36 16.55
C22 RRX AK . 26.30 50.35 16.98
C37 RRX AK . 25.33 51.41 16.50
C21 RRX AK . 25.94 49.39 17.85
C20 RRX AK . 24.59 49.22 18.41
C19 RRX AK . 24.39 48.26 19.31
C18 RRX AK . 23.08 48.07 19.94
C36 RRX AK . 22.01 49.13 19.78
C17 RRX AK . 22.90 46.95 20.67
C16 RRX AK . 21.65 46.63 21.38
C15 RRX AK . 21.41 45.44 21.98
C14 RRX AK . 20.13 45.22 22.67
C13 RRX AK . 19.73 44.07 23.32
C35 RRX AK . 20.56 42.79 23.38
C12 RRX AK . 18.39 44.08 23.94
C11 RRX AK . 17.82 43.06 24.63
C10 RRX AK . 16.45 43.22 25.11
C9 RRX AK . 15.59 42.19 25.33
C34 RRX AK . 16.04 40.73 25.11
C8 RRX AK . 14.22 42.52 25.73
C7 RRX AK . 13.22 41.61 25.76
C6 RRX AK . 11.81 41.86 26.11
C32 RRX AK . 11.23 39.82 24.66
C31 RRX AK . 10.74 42.12 23.89
C5 RRX AK . 11.40 42.61 27.18
C33 RRX AK . 12.40 43.24 28.15
C4 RRX AK . 9.98 42.84 27.56
C1A DGD BK . 14.97 39.69 3.91
C2A DGD BK . 14.05 40.86 4.21
C3A DGD BK . 13.22 40.59 5.46
C4A DGD BK . 12.03 41.54 5.57
C5A DGD BK . 11.32 41.47 6.91
C6A DGD BK . 10.08 42.38 6.92
C7A DGD BK . 9.24 42.29 8.21
C8A DGD BK . 8.13 43.34 8.14
C9A DGD BK . 7.00 43.18 9.18
CAA DGD BK . 5.75 42.43 8.67
CBA DGD BK . 4.82 42.10 9.85
CCA DGD BK . 3.65 41.13 9.57
CDA DGD BK . 3.24 40.53 10.92
CEA DGD BK . 2.32 39.31 10.94
CFA DGD BK . 3.10 37.99 11.05
CGA DGD BK . 2.51 36.81 10.26
O1A DGD BK . 14.93 38.64 4.52
C1B DGD BK . 17.57 38.89 5.57
C2B DGD BK . 17.21 38.31 6.89
C3B DGD BK . 17.17 36.79 6.69
C4B DGD BK . 16.85 36.08 8.01
C5B DGD BK . 15.56 36.47 8.73
C6B DGD BK . 14.30 36.35 7.87
C7B DGD BK . 13.06 36.44 8.78
C8B DGD BK . 11.87 37.19 8.15
C9B DGD BK . 11.42 36.51 6.82
CAB DGD BK . 10.82 35.12 7.04
CBB DGD BK . 10.36 34.46 5.73
CCB DGD BK . 11.54 33.79 4.98
CDB DGD BK . 11.19 33.50 3.52
CEB DGD BK . 11.65 32.12 3.03
CFB DGD BK . 10.73 31.59 1.92
CGB DGD BK . 9.64 30.68 2.46
O1B DGD BK . 17.56 40.10 5.32
O1G DGD BK . 15.97 39.76 2.89
C1G DGD BK . 16.69 38.59 2.47
C2G DGD BK . 18.00 38.56 3.22
O2G DGD BK . 17.84 37.97 4.51
C3G DGD BK . 19.05 37.74 2.50
O3G DGD BK . 19.40 38.52 1.35
C1D DGD BK . 19.34 37.77 0.16
C2D DGD BK . 19.36 38.71 -1.05
O2D DGD BK . 18.17 39.48 -1.00
C3D DGD BK . 19.48 37.91 -2.35
O3D DGD BK . 19.64 38.77 -3.50
C4D DGD BK . 20.61 36.90 -2.32
O4D DGD BK . 21.85 37.65 -2.29
C5D DGD BK . 20.44 36.00 -1.09
O5D DGD BK . 22.80 35.51 -0.74
C6D DGD BK . 21.50 34.88 -0.88
O6D DGD BK . 20.44 36.84 0.10
C1E DGD BK . 23.86 34.76 -0.07
C2E DGD BK . 25.06 35.69 0.25
O2E DGD BK . 24.69 36.78 1.12
C3E DGD BK . 25.59 36.28 -1.07
O3E DGD BK . 26.62 37.22 -0.74
C4E DGD BK . 26.05 35.19 -2.04
O4E DGD BK . 27.17 34.43 -1.43
C5E DGD BK . 24.77 34.35 -2.24
O6E DGD BK . 24.38 33.78 -0.98
C6E DGD BK . 24.80 33.25 -3.29
O5E DGD BK . 25.95 32.44 -3.04
C1 GOL CK . 14.17 12.31 52.49
O1 GOL CK . 13.02 12.20 53.35
C2 GOL CK . 14.01 11.33 51.32
O2 GOL CK . 12.70 11.41 50.76
C3 GOL CK . 15.03 11.64 50.22
O3 GOL CK . 14.53 11.11 48.97
C16 UNL DK . -33.22 3.80 -18.26
C15 UNL DK . -31.80 4.09 -18.69
C14 UNL DK . -31.73 4.51 -20.16
C13 UNL DK . -30.33 4.41 -20.69
C12 UNL DK . -30.30 4.53 -22.21
C11 UNL DK . -29.83 3.21 -22.80
C10 UNL DK . -29.42 3.34 -24.26
C9 UNL DK . -29.87 2.11 -25.06
C8 UNL DK . -29.01 2.02 -26.32
C7 UNL DK . -29.69 1.28 -27.48
C6 UNL DK . -28.76 0.83 -28.61
C5 UNL DK . -29.41 -0.26 -29.46
C4 UNL DK . -28.60 -0.72 -30.68
C3 UNL DK . -28.85 0.15 -31.90
C2 UNL DK . -29.26 -0.63 -33.17
C1 UNL DK . -29.91 0.24 -34.25
C16 UNL EK . -36.02 1.83 -19.38
C15 UNL EK . -35.79 1.41 -20.81
C14 UNL EK . -35.32 2.58 -21.69
C13 UNL EK . -34.43 2.13 -22.84
C12 UNL EK . -35.17 1.57 -24.04
C11 UNL EK . -34.16 1.19 -25.12
C10 UNL EK . -34.67 0.11 -26.07
C9 UNL EK . -33.62 -0.23 -27.11
C8 UNL EK . -34.18 -1.09 -28.22
C7 UNL EK . -33.19 -2.09 -28.80
C6 UNL EK . -33.53 -2.56 -30.21
C5 UNL EK . -34.88 -3.27 -30.28
C4 UNL EK . -35.30 -3.43 -31.73
C3 UNL EK . -36.54 -4.34 -31.87
C2 UNL EK . -37.80 -3.52 -32.17
C1 UNL EK . -38.28 -3.73 -33.59
C13 UNL FK . -45.26 6.76 -19.65
C12 UNL FK . -44.03 5.95 -20.00
C11 UNL FK . -44.17 5.24 -21.37
C10 UNL FK . -42.96 4.42 -21.86
C9 UNL FK . -43.28 3.84 -23.25
C8 UNL FK . -42.12 3.12 -23.94
C7 UNL FK . -42.63 2.08 -24.96
C6 UNL FK . -42.42 2.49 -26.43
C5 UNL FK . -41.67 1.44 -27.27
C4 UNL FK . -42.42 1.02 -28.55
C3 UNL FK . -41.49 0.83 -29.75
C2 UNL FK . -42.22 0.50 -31.06
C1 UNL FK . -41.69 -0.76 -31.72
C10 UNL GK . -39.20 5.28 -17.75
C9 UNL GK . -38.69 4.06 -18.51
C8 UNL GK . -39.80 3.31 -19.29
C7 UNL GK . -39.22 2.57 -20.49
C6 UNL GK . -39.64 1.10 -20.62
C5 UNL GK . -40.05 0.77 -22.07
C4 UNL GK . -39.19 -0.33 -22.72
C3 UNL GK . -39.25 -0.22 -24.24
C2 UNL GK . -39.20 -1.58 -24.91
C1 UNL GK . -40.03 -1.62 -26.19
MG MG HK . -4.26 60.81 -23.51
C16 UNL IK . -19.47 58.54 -15.74
C15 UNL IK . -19.63 58.59 -17.26
C14 UNL IK . -18.83 59.68 -17.98
C13 UNL IK . -19.31 59.85 -19.43
C12 UNL IK . -18.51 60.85 -20.27
C11 UNL IK . -18.44 60.52 -21.79
C10 UNL IK . -17.32 61.23 -22.57
C9 UNL IK . -16.84 60.44 -23.81
C8 UNL IK . -15.97 61.21 -24.81
C7 UNL IK . -15.13 60.30 -25.73
C6 UNL IK . -14.91 60.84 -27.17
C5 UNL IK . -13.46 60.99 -27.63
C4 UNL IK . -13.34 61.08 -29.16
C3 UNL IK . -12.16 61.96 -29.61
C2 UNL IK . -11.94 61.93 -31.13
C1 UNL IK . -10.72 62.77 -31.49
C16 UNL JK . -19.17 65.77 -20.29
C15 UNL JK . -18.25 65.80 -21.52
C14 UNL JK . -16.75 65.95 -21.19
C13 UNL JK . -15.85 65.85 -22.44
C12 UNL JK . -14.64 66.82 -22.45
C11 UNL JK . -13.91 66.84 -23.80
C10 UNL JK . -12.90 68.00 -23.99
C9 UNL JK . -12.36 68.11 -25.43
C8 UNL JK . -11.13 69.00 -25.67
C7 UNL JK . -10.84 69.16 -27.17
C6 UNL JK . -9.46 69.79 -27.44
C5 UNL JK . -9.21 70.09 -28.92
C1 BCR KK . -33.70 70.74 -28.60
C2 BCR KK . -33.65 71.37 -29.98
C3 BCR KK . -32.85 70.50 -30.96
C4 BCR KK . -33.67 69.25 -31.19
C5 BCR KK . -34.08 68.61 -29.88
C6 BCR KK . -34.11 69.27 -28.69
C7 BCR KK . -34.54 68.48 -27.49
C8 BCR KK . -34.16 68.76 -26.24
C9 BCR KK . -34.55 67.92 -25.06
C10 BCR KK . -33.82 68.13 -23.94
C11 BCR KK . -33.93 67.43 -22.65
C33 BCR KK . -34.49 67.16 -30.01
C31 BCR KK . -34.79 71.53 -27.84
C32 BCR KK . -32.33 70.91 -27.92
C34 BCR KK . -35.69 66.94 -25.16
C12 BCR KK . -33.04 67.75 -21.69
C13 BCR KK . -32.99 67.06 -20.38
C14 BCR KK . -31.97 67.35 -19.55
C15 BCR KK . -31.71 66.71 -18.26
C16 BCR KK . -30.52 66.91 -17.65
C17 BCR KK . -30.25 66.22 -16.38
C18 BCR KK . -29.10 66.25 -15.65
C19 BCR KK . -29.06 65.45 -14.40
C20 BCR KK . -27.98 65.19 -13.64
C21 BCR KK . -28.15 64.41 -12.42
C22 BCR KK . -27.19 64.26 -11.47
C23 BCR KK . -27.53 63.52 -10.23
C24 BCR KK . -26.78 63.64 -9.11
C25 BCR KK . -27.21 62.96 -7.86
C26 BCR KK . -28.41 63.32 -7.31
C27 BCR KK . -28.95 62.71 -6.03
C28 BCR KK . -28.33 61.34 -5.77
C29 BCR KK . -26.82 61.44 -5.83
C30 BCR KK . -26.30 61.93 -7.20
C35 BCR KK . -33.96 65.97 -20.04
C36 BCR KK . -27.96 67.13 -16.03
C37 BCR KK . -25.83 64.89 -11.62
C38 BCR KK . -29.29 64.37 -7.97
C39 BCR KK . -26.19 60.74 -8.15
C40 BCR KK . -24.94 62.56 -7.01
C1 BCR LK . -32.27 69.36 -36.68
C2 BCR LK . -31.48 69.04 -37.96
C3 BCR LK . -32.26 68.10 -38.87
C4 BCR LK . -33.55 68.78 -39.33
C5 BCR LK . -34.37 69.19 -38.11
C6 BCR LK . -33.78 69.46 -36.91
C7 BCR LK . -34.52 69.81 -35.65
C8 BCR LK . -35.63 69.18 -35.19
C9 BCR LK . -36.18 69.56 -33.85
C10 BCR LK . -36.82 68.57 -33.15
C11 BCR LK . -37.32 68.68 -31.77
C33 BCR LK . -35.84 69.25 -38.37
C31 BCR LK . -31.72 70.67 -36.12
C32 BCR LK . -31.93 68.28 -35.62
C34 BCR LK . -36.00 70.95 -33.28
C12 BCR LK . -37.71 67.58 -31.08
C13 BCR LK . -38.15 67.64 -29.65
C14 BCR LK . -38.37 66.49 -28.98
C15 BCR LK . -38.75 66.35 -27.55
C16 BCR LK . -39.11 65.13 -27.06
C17 BCR LK . -39.46 64.93 -25.64
C18 BCR LK . -39.70 63.74 -25.01
C19 BCR LK . -40.00 63.75 -23.55
C20 BCR LK . -40.38 62.71 -22.81
C21 BCR LK . -40.56 62.94 -21.36
C22 BCR LK . -40.25 62.03 -20.40
C23 BCR LK . -40.44 62.42 -19.00
C24 BCR LK . -40.22 61.58 -17.98
C25 BCR LK . -40.38 61.91 -16.54
C26 BCR LK . -41.65 62.13 -16.06
C27 BCR LK . -41.95 62.43 -14.61
C28 BCR LK . -40.66 62.86 -13.88
C29 BCR LK . -39.46 61.94 -14.18
C30 BCR LK . -39.12 61.97 -15.66
C35 BCR LK . -38.25 68.98 -28.94
C36 BCR LK . -39.54 62.42 -25.74
C37 BCR LK . -39.70 60.66 -20.77
C38 BCR LK . -42.88 62.00 -16.91
C39 BCR LK . -38.15 60.80 -15.93
C40 BCR LK . -38.39 63.25 -15.99
O1 LHG MK . -18.03 18.40 19.35
C1 LHG MK . -18.97 19.27 18.61
C2 LHG MK . -20.24 19.54 19.47
O2 LHG MK . -21.14 18.39 19.46
C3 LHG MK . -21.07 20.70 18.98
O3 LHG MK . -20.35 21.91 19.15
P LHG MK . -20.46 23.12 18.12
O4 LHG MK . -21.83 23.32 17.56
O5 LHG MK . -19.67 24.19 18.85
O6 LHG MK . -19.49 22.69 16.92
C4 LHG MK . -19.95 22.43 15.62
C5 LHG MK . -18.78 21.79 14.88
C6 LHG MK . -19.36 21.03 13.66
O7 LHG MK . -18.00 22.90 14.46
C7 LHG MK . -16.60 22.77 14.37
O9 LHG MK . -16.14 21.70 14.69
C8 LHG MK . -15.81 23.99 13.90
C9 LHG MK . -14.92 23.76 12.69
C10 LHG MK . -15.45 22.77 11.64
O8 LHG MK . -18.28 20.58 12.78
C23 LHG MK . -17.49 19.47 13.20
O10 LHG MK . -17.72 19.02 14.34
C24 LHG MK . -16.45 18.97 12.22
C11 LHG MK . -16.17 23.38 10.48
C12 LHG MK . -15.96 22.42 9.35
C13 LHG MK . -17.16 22.26 8.43
C14 LHG MK . -16.79 21.65 7.06
C15 LHG MK . -17.82 21.81 5.93
C16 LHG MK . -17.67 20.77 4.79
C17 LHG MK . -16.43 20.96 3.95
C18 LHG MK . -16.32 19.90 2.87
C19 LHG MK . -17.21 20.28 1.69
C20 LHG MK . -16.43 21.30 0.88
C21 LHG MK . -17.14 21.40 -0.46
C22 LHG MK . -16.47 22.38 -1.44
C25 LHG MK . -15.25 18.27 12.81
C26 LHG MK . -14.10 17.99 11.86
C27 LHG MK . -12.87 17.62 12.66
C28 LHG MK . -12.12 16.38 12.25
C29 LHG MK . -10.62 16.40 12.48
C30 LHG MK . -10.12 15.40 13.51
C31 LHG MK . -8.68 14.91 13.24
C32 LHG MK . -8.18 13.85 14.21
C33 LHG MK . -7.04 12.95 13.67
C34 LHG MK . -5.66 13.24 14.28
C35 LHG MK . -4.66 12.09 14.38
C36 LHG MK . -3.37 12.38 13.58
C37 LHG MK . -2.09 12.06 14.36
C38 LHG MK . -0.78 12.23 13.60
C1 GOL NK . -31.43 19.78 13.53
O1 GOL NK . -31.57 19.36 12.15
C2 GOL NK . -30.02 19.35 13.98
O2 GOL NK . -29.07 19.76 13.00
C3 GOL NK . -29.55 19.91 15.31
O3 GOL NK . -28.12 19.72 15.23
C1B LMT OK . -28.89 4.07 24.95
C2B LMT OK . -29.53 5.39 25.40
C3B LMT OK . -28.63 6.19 26.38
C4B LMT OK . -28.24 5.34 27.61
C5B LMT OK . -27.59 4.05 27.05
C6B LMT OK . -27.17 3.14 28.19
O1B LMT OK . -27.76 4.37 24.12
O2B LMT OK . -29.71 6.16 24.21
O3B LMT OK . -29.22 7.44 26.73
O4' LMT OK . -27.36 5.98 28.60
O5B LMT OK . -28.47 3.36 26.13
O6B LMT OK . -28.38 2.56 28.68
C1' LMT OK . -25.49 2.96 20.92
C2' LMT OK . -26.64 3.93 20.59
C3' LMT OK . -27.18 4.61 21.88
C4' LMT OK . -27.50 3.61 22.97
C5' LMT OK . -26.16 2.87 23.14
C6' LMT OK . -25.92 2.03 24.39
O1' LMT OK . -25.16 2.11 19.80
O2' LMT OK . -26.28 4.92 19.60
O3' LMT OK . -28.33 5.42 21.57
O5' LMT OK . -25.89 2.08 21.97
O6' LMT OK . -25.00 0.96 24.03
C1 LMT OK . -23.80 1.66 19.77
C2 LMT OK . -23.46 1.71 18.26
C3 LMT OK . -22.28 0.83 17.83
C4 LMT OK . -21.68 1.27 16.50
C5 LMT OK . -20.56 0.33 16.09
C6 LMT OK . -19.87 0.87 14.82
C7 LMT OK . -18.58 0.10 14.53
C8 LMT OK . -17.81 0.81 13.42
C9 LMT OK . -16.60 -0.02 12.94
C10 LMT OK . -15.87 0.92 12.00
C11 LMT OK . -14.72 0.35 11.16
C12 LMT OK . -14.23 1.43 10.19
C1B LMT PK . 10.46 -0.22 -4.63
C2B LMT PK . 9.84 -0.64 -5.98
C3B LMT PK . 9.17 -2.01 -5.85
C4B LMT PK . 10.15 -3.06 -5.29
C5B LMT PK . 10.80 -2.55 -3.98
C6B LMT PK . 11.84 -3.54 -3.46
O1B LMT PK . 9.44 0.05 -3.64
O2B LMT PK . 8.92 0.36 -6.51
O3B LMT PK . 8.65 -2.46 -7.12
O4' LMT PK . 9.48 -4.31 -5.07
O5B LMT PK . 11.37 -1.23 -4.15
O6B LMT PK . 12.72 -3.96 -4.50
C1' LMT PK . 8.46 2.85 -0.78
C2' LMT PK . 8.40 3.38 -2.24
C3' LMT PK . 8.45 2.16 -3.18
C4' LMT PK . 9.65 1.26 -2.91
C5' LMT PK . 9.92 1.01 -1.41
C6' LMT PK . 11.38 0.64 -1.15
O1' LMT PK . 8.43 3.89 0.21
O2' LMT PK . 7.22 4.13 -2.58
O3' LMT PK . 8.43 2.56 -4.56
O5' LMT PK . 9.67 2.14 -0.58
O6' LMT PK . 11.52 -0.78 -1.06
C1 LMT PK . 9.12 3.58 1.43
C2 LMT PK . 8.82 4.63 2.49
C3 LMT PK . 8.49 3.88 3.81
C4 LMT PK . 7.07 4.18 4.33
C5 LMT PK . 6.74 3.50 5.68
C6 LMT PK . 5.25 3.43 6.06
C7 LMT PK . 5.05 2.58 7.32
C8 LMT PK . 3.64 2.57 7.89
C9 LMT PK . 3.46 1.46 8.95
C10 LMT PK . 2.08 1.40 9.60
C11 LMT PK . 1.80 -0.07 9.97
C12 LMT PK . 0.35 -0.35 10.25
CA CA QK . -18.00 -8.28 -62.98
C1 BCR RK . -30.38 11.67 -2.22
C2 BCR RK . -31.12 13.01 -2.34
C3 BCR RK . -32.18 12.94 -3.44
C4 BCR RK . -33.23 11.97 -2.92
C5 BCR RK . -32.62 10.61 -2.64
C6 BCR RK . -31.31 10.46 -2.30
C7 BCR RK . -30.89 9.06 -2.07
C8 BCR RK . -29.64 8.68 -1.95
C9 BCR RK . -29.23 7.27 -1.78
C10 BCR RK . -27.89 7.04 -1.67
C11 BCR RK . -27.38 5.66 -1.54
C33 BCR RK . -33.55 9.41 -2.70
C31 BCR RK . -29.66 11.71 -0.86
C32 BCR RK . -29.31 11.61 -3.32
C34 BCR RK . -30.26 6.15 -1.79
C12 BCR RK . -26.05 5.43 -1.32
C13 BCR RK . -25.44 4.06 -1.25
C14 BCR RK . -24.10 4.05 -1.46
C15 BCR RK . -23.17 2.92 -1.58
C16 BCR RK . -21.89 2.87 -1.16
C17 BCR RK . -21.08 1.68 -1.47
C18 BCR RK . -19.77 1.50 -1.17
C19 BCR RK . -19.15 0.26 -1.70
C20 BCR RK . -17.92 -0.19 -1.50
C21 BCR RK . -17.52 -1.39 -2.27
C22 BCR RK . -16.23 -1.78 -2.41
C23 BCR RK . -15.94 -2.95 -3.31
C24 BCR RK . -14.72 -3.47 -3.52
C25 BCR RK . -14.55 -4.60 -4.46
C26 BCR RK . -15.27 -5.75 -4.31
C27 BCR RK . -15.13 -6.95 -5.26
C28 BCR RK . -14.47 -6.44 -6.56
C29 BCR RK . -13.14 -5.79 -6.10
C30 BCR RK . -13.43 -4.43 -5.51
C35 BCR RK . -26.25 2.78 -0.95
C36 BCR RK . -18.90 2.51 -0.43
C37 BCR RK . -15.11 -0.99 -1.76
C38 BCR RK . -16.28 -5.88 -3.18
C39 BCR RK . -13.79 -3.38 -6.56
C40 BCR RK . -12.14 -4.00 -4.78
O1B LMT SK . -3.51 -2.55 -16.09
C1' LMT SK . -6.82 -1.78 -13.47
C2' LMT SK . -5.38 -1.47 -12.92
C3' LMT SK . -4.32 -1.44 -14.04
C4' LMT SK . -4.49 -2.60 -15.04
C5' LMT SK . -5.94 -2.54 -15.56
C6' LMT SK . -6.25 -3.49 -16.72
O1' LMT SK . -7.74 -2.23 -12.48
O2' LMT SK . -5.30 -0.19 -12.27
O3' LMT SK . -2.98 -1.37 -13.50
O5' LMT SK . -6.80 -2.82 -14.46
O6' LMT SK . -5.96 -4.84 -16.34
C1 LMT SK . -8.98 -1.53 -12.62
C2 LMT SK . -9.87 -1.85 -11.42
C3 LMT SK . -11.18 -1.15 -11.67
C4 LMT SK . -12.28 -1.36 -10.66
C5 LMT SK . -13.62 -1.23 -11.34
C6 LMT SK . -14.66 -0.44 -10.58
C7 LMT SK . -15.57 -1.33 -9.73
C8 LMT SK . -16.78 -0.55 -9.17
C9 LMT SK . -17.27 -0.95 -7.78
C10 LMT SK . -16.41 -0.32 -6.69
C11 LMT SK . -17.24 0.51 -5.72
C12 LMT SK . -16.24 1.13 -4.75
C16 UNL TK . -21.18 2.12 -8.58
C15 UNL TK . -20.69 3.19 -7.63
C14 UNL TK . -21.45 4.51 -7.77
C13 UNL TK . -21.67 5.19 -6.39
C12 UNL TK . -23.09 5.58 -6.03
C11 UNL TK . -23.96 5.86 -7.26
C10 UNL TK . -25.18 6.73 -6.99
C9 UNL TK . -25.46 7.76 -8.11
C8 UNL TK . -26.69 8.66 -7.89
C7 UNL TK . -27.64 8.11 -6.82
C6 UNL TK . -29.02 8.76 -6.93
C5 UNL TK . -30.05 7.99 -6.10
C4 UNL TK . -31.29 7.60 -6.94
C3 UNL TK . -32.58 8.24 -6.43
C2 UNL TK . -33.81 7.35 -6.69
C1 UNL TK . -35.08 8.10 -6.32
C1 HTG UK . 14.90 11.72 -61.24
S1 HTG UK . 14.81 13.01 -60.02
C2 HTG UK . 14.40 12.23 -62.59
O2 HTG UK . 13.22 13.02 -62.45
C3 HTG UK . 14.13 11.06 -63.52
O3 HTG UK . 14.86 11.31 -64.75
O5 HTG UK . 16.24 11.24 -61.43
C1' HTG UK . 15.42 12.45 -58.43
C2' HTG UK . 15.96 13.58 -57.57
C3' HTG UK . 17.37 13.35 -57.02
C4' HTG UK . 18.22 14.61 -56.70
C5' HTG UK . 19.68 14.17 -56.73
C6' HTG UK . 20.65 15.02 -55.91
C7' HTG UK . 21.26 14.25 -54.76
CHA HEM VK . 0.53 43.20 -51.29
CHB HEM VK . 0.28 47.95 -50.10
CHC HEM VK . -4.40 47.11 -49.16
CHD HEM VK . -3.92 42.29 -49.46
C1A HEM VK . 0.86 44.56 -51.09
C2A HEM VK . 2.17 45.16 -51.33
C3A HEM VK . 2.09 46.47 -51.03
C4A HEM VK . 0.75 46.74 -50.56
CMA HEM VK . 3.23 47.51 -51.10
CAA HEM VK . 3.45 44.46 -51.86
CBA HEM VK . 4.24 43.86 -50.73
CGA HEM VK . 5.59 43.38 -51.22
O1A HEM VK . 5.77 43.33 -52.47
O2A HEM VK . 6.51 43.12 -50.37
C1B HEM VK . -1.04 48.14 -49.78
C2B HEM VK . -1.66 49.40 -49.49
C3B HEM VK . -2.98 49.18 -49.27
C4B HEM VK . -3.20 47.76 -49.37
CMB HEM VK . -0.90 50.74 -49.48
CAB HEM VK . -4.07 50.29 -48.94
CBB HEM VK . -4.27 51.26 -49.88
C1C HEM VK . -4.66 45.75 -49.03
C2C HEM VK . -5.88 45.15 -48.50
C3C HEM VK . -5.74 43.82 -48.60
C4C HEM VK . -4.44 43.53 -49.20
CMC HEM VK . -7.13 45.90 -47.93
CAC HEM VK . -6.74 42.69 -48.22
CBC HEM VK . -7.97 42.52 -48.81
C1D HEM VK . -2.71 42.08 -50.10
C2D HEM VK . -2.27 40.83 -50.63
C3D HEM VK . -0.88 41.13 -51.18
C4D HEM VK . -0.61 42.52 -50.93
CMD HEM VK . -3.02 39.48 -50.66
CAD HEM VK . -0.02 40.12 -51.95
CBD HEM VK . -0.57 40.23 -53.41
CGD HEM VK . 0.24 39.31 -54.30
O1D HEM VK . 1.47 39.53 -54.49
O2D HEM VK . -0.37 38.32 -54.79
NA HEM VK . 0.03 45.56 -50.60
NB HEM VK . -1.99 47.16 -49.74
NC HEM VK . -3.80 44.72 -49.47
ND HEM VK . -1.71 43.04 -50.25
FE HEM VK . -1.89 45.14 -50.01
C1 GOL WK . 5.27 33.86 -43.68
O1 GOL WK . 6.02 35.00 -44.16
C2 GOL WK . 6.14 32.63 -43.92
O2 GOL WK . 7.45 32.89 -43.38
C3 GOL WK . 6.21 32.36 -45.41
O3 GOL WK . 4.94 31.83 -45.90
C1 GOL XK . 0.32 38.01 -37.20
O1 GOL XK . 1.25 37.18 -36.54
C2 GOL XK . -1.09 37.48 -37.01
O2 GOL XK . -1.84 38.02 -38.06
C3 GOL XK . -1.69 37.94 -35.64
O3 GOL XK . -2.94 37.24 -35.32
C1 GOL YK . 15.40 52.67 -53.40
O1 GOL YK . 14.89 51.88 -54.49
C2 GOL YK . 16.75 52.19 -52.95
O2 GOL YK . 17.60 52.05 -54.08
C3 GOL YK . 17.35 53.29 -52.09
O3 GOL YK . 18.53 52.74 -51.49
C16 UNL ZK . 8.34 53.88 14.12
C15 UNL ZK . 9.00 54.00 12.77
C14 UNL ZK . 8.81 55.41 12.28
C13 UNL ZK . 9.85 55.58 11.21
C12 UNL ZK . 9.58 56.81 10.38
C11 UNL ZK . 10.77 57.12 9.48
C10 UNL ZK . 10.50 58.45 8.83
C9 UNL ZK . 11.47 58.75 7.68
C8 UNL ZK . 11.46 60.24 7.31
C7 UNL ZK . 12.19 60.53 6.01
C6 UNL ZK . 13.70 60.72 6.22
C5 UNL ZK . 14.40 61.26 4.97
C4 UNL ZK . 15.93 61.09 5.07
C3 UNL ZK . 16.68 61.37 3.75
C2 UNL ZK . 18.20 61.09 3.80
C1 UNL ZK . 19.05 62.15 3.12
C1B LMT AL . -57.61 70.69 -20.90
C2B LMT AL . -56.95 70.96 -19.54
C3B LMT AL . -57.81 71.93 -18.76
C4B LMT AL . -59.21 71.88 -19.37
C5B LMT AL . -59.61 70.42 -19.67
C6B LMT AL . -61.10 70.27 -19.97
O1B LMT AL . -56.71 70.13 -21.87
O2B LMT AL . -56.76 69.74 -18.78
O3B LMT AL . -57.25 73.27 -18.80
O4' LMT AL . -60.14 72.45 -18.44
O5B LMT AL . -58.77 69.87 -20.70
O6B LMT AL . -61.30 69.83 -21.31
C1' LMT AL . -53.62 71.59 -24.40
C2' LMT AL . -53.67 72.17 -22.99
C3' LMT AL . -54.49 71.25 -22.09
C4' LMT AL . -55.94 71.08 -22.63
C5' LMT AL . -55.90 70.66 -24.12
C6' LMT AL . -57.28 70.66 -24.78
O1' LMT AL . -52.79 72.44 -25.19
O2' LMT AL . -52.34 72.39 -22.52
O3' LMT AL . -54.47 71.77 -20.76
O5' LMT AL . -54.99 71.51 -24.87
O6' LMT AL . -57.21 70.02 -26.06
C1 LMT AL . -52.11 71.78 -26.25
C3 LMT AL . -50.25 68.74 -29.86
C4 LMT AL . -48.97 68.56 -30.67
C5 LMT AL . -47.95 69.60 -30.27
C6 LMT AL . -46.51 69.20 -30.54
C7 LMT AL . -45.61 70.41 -30.39
C8 LMT AL . -44.63 70.34 -29.21
C9 LMT AL . -43.17 70.38 -29.67
C10 LMT AL . -42.19 71.09 -28.71
C16 UNL BL . -46.36 67.87 -36.70
C15 UNL BL . -47.67 67.13 -36.60
C14 UNL BL . -48.25 67.15 -35.17
C13 UNL BL . -49.46 66.20 -35.13
C12 UNL BL . -50.33 66.32 -33.87
C11 UNL BL . -51.55 65.39 -33.97
C10 UNL BL . -51.90 64.70 -32.63
C9 UNL BL . -53.39 64.72 -32.25
C8 UNL BL . -53.77 63.78 -31.06
C7 UNL BL . -54.47 64.50 -29.90
C6 UNL BL . -55.83 63.90 -29.47
C5 UNL BL . -56.41 64.59 -28.23
C4 UNL BL . -57.94 64.65 -28.28
C3 UNL BL . -58.60 65.12 -26.97
C2 UNL BL . -59.93 65.83 -27.14
C1 UNL BL . -60.31 66.55 -25.85
#